data_9M6H
#
_entry.id   9M6H
#
_cell.length_a   1.00
_cell.length_b   1.00
_cell.length_c   1.00
_cell.angle_alpha   90.00
_cell.angle_beta   90.00
_cell.angle_gamma   90.00
#
_symmetry.space_group_name_H-M   'P 1'
#
loop_
_entity.id
_entity.type
_entity.pdbx_description
1 polymer 'Flagellar hook-associated protein 2'
2 polymer Flagellin
#
loop_
_entity_poly.entity_id
_entity_poly.type
_entity_poly.pdbx_seq_one_letter_code
_entity_poly.pdbx_strand_id
1 'polypeptide(L)'
;DLTKNEKGRLTPITKQQSANSAKLTAYGTLKSALEKFQTANTALNKADLFKSTVASSTTEDLKVSTTAGAAAGTYKINVT
QLAAAQSLATKTTFATTKEQLGDTSVTSRTIKIEQPGRKEPLEIKLDKGDTSMEAIRDAINDADSGIAASIVKVKENEFQ
LVLTANSGTDNTMKITVEGDTKLNDLLAYDSTTNTGNMQELVKAENAKLNVNGIDIERQSNTVTDAPQGITLTLTKKVTD
ATVTVTKDDTKAKEAIKSWVDAYNSLVDTFSSLTKYTAVEPGEEASDKNGALLGDSVVRTIQTGIRAQFANSGSNSAFKT
MAEIGITQDGTSGKLKIDDDKLTKVLKDNTAAARELLVGDGKETGITTKIATEVKSYLADDGIIDNAQDNVNATLKSLTK
QYLSVSNSIDETVARYKAQFTQLDTMMSKL
;
A,C,E,G,I,K,M,O,Q,S
2 'polypeptide(L)'
;FTANIKGLTQASRNANDGISIAQTTEGALNEINNNLQRVRELAVQSANSTNSQSDLDSIQAEITQRLNEIDRVSGQTQFN
GVKVLAQDNTLTIQVGANDGETIDIDLKQINSQTLGLDTLNVQQKYKVSDTAATVTGYADTTIALDNSTFKASATGLGGT
DQKIDGDLKFDDTTGKYYAKVTVTGGTGKDGYYEVSVDKTNGEVTLAGGATSPLTGGLPATATEDVKNVQVANADLTEAK
AALTAAGVTGTASVVKMSYTDNNGKTIDGGLAVKVGDDYYSATQNKDGSISINTTKYTADDGTSKTALNKLGGADGKTEV
VSIGGKTYAASKAEGHNFKAQPDLAEAAATTTENPLQKIDAALAQVDTLRSDLGAVQNRFNSAITNLGNTVNNLTSARSR
I
;
B,D,F,H,J,L,N,P,R,T
#
# COMPACT_ATOMS: atom_id res chain seq x y z
N ASP A 1 17.57 -19.02 22.65
CA ASP A 1 16.60 -19.24 23.72
C ASP A 1 17.26 -19.13 25.09
N LEU A 2 18.58 -18.99 25.11
CA LEU A 2 19.30 -18.82 26.36
C LEU A 2 19.11 -17.43 26.94
N THR A 3 18.72 -16.46 26.13
CA THR A 3 18.47 -15.11 26.64
C THR A 3 17.32 -15.11 27.64
N LYS A 4 16.22 -15.82 27.33
CA LYS A 4 15.12 -15.93 28.27
C LYS A 4 15.56 -16.66 29.54
N ASN A 5 16.40 -17.69 29.38
CA ASN A 5 16.90 -18.42 30.54
C ASN A 5 17.70 -17.52 31.47
N GLU A 6 18.62 -16.72 30.92
CA GLU A 6 19.41 -15.84 31.78
C GLU A 6 18.57 -14.71 32.35
N LYS A 7 17.58 -14.22 31.61
CA LYS A 7 16.69 -13.21 32.16
C LYS A 7 15.88 -13.76 33.34
N GLY A 8 15.42 -15.01 33.24
CA GLY A 8 14.76 -15.63 34.37
C GLY A 8 15.71 -15.87 35.53
N ARG A 9 16.97 -16.22 35.24
CA ARG A 9 17.96 -16.45 36.28
C ARG A 9 18.48 -15.15 36.89
N LEU A 10 18.17 -14.00 36.31
CA LEU A 10 18.64 -12.72 36.87
C LEU A 10 18.21 -12.56 38.32
N THR A 11 16.92 -12.71 38.61
CA THR A 11 16.37 -12.40 39.94
C THR A 11 15.46 -13.52 40.44
N PRO A 12 16.05 -14.64 40.87
CA PRO A 12 15.27 -15.61 41.66
C PRO A 12 15.32 -15.32 43.15
N ILE A 13 15.78 -14.14 43.56
CA ILE A 13 16.03 -13.83 44.96
C ILE A 13 15.16 -12.69 45.48
N THR A 14 14.57 -11.88 44.59
CA THR A 14 13.79 -10.72 45.04
C THR A 14 12.55 -11.15 45.82
N LYS A 15 11.96 -12.28 45.47
CA LYS A 15 10.82 -12.78 46.24
C LYS A 15 11.23 -13.08 47.67
N GLN A 16 12.43 -13.64 47.86
CA GLN A 16 12.89 -13.96 49.21
C GLN A 16 13.09 -12.70 50.05
N GLN A 17 13.70 -11.66 49.46
CA GLN A 17 13.93 -10.43 50.24
C GLN A 17 12.61 -9.71 50.51
N SER A 18 11.67 -9.78 49.57
CA SER A 18 10.33 -9.25 49.84
C SER A 18 9.69 -9.99 51.00
N ALA A 19 9.82 -11.32 51.03
CA ALA A 19 9.26 -12.10 52.13
C ALA A 19 9.91 -11.75 53.45
N ASN A 20 11.22 -11.56 53.47
CA ASN A 20 11.91 -11.22 54.71
C ASN A 20 11.51 -9.83 55.21
N SER A 21 11.37 -8.87 54.29
CA SER A 21 10.90 -7.54 54.69
C SER A 21 9.47 -7.61 55.22
N ALA A 22 8.61 -8.41 54.59
CA ALA A 22 7.26 -8.59 55.08
C ALA A 22 7.26 -9.23 56.47
N LYS A 23 8.18 -10.15 56.72
CA LYS A 23 8.29 -10.77 58.04
C LYS A 23 8.73 -9.75 59.08
N LEU A 24 9.68 -8.88 58.74
CA LEU A 24 10.08 -7.84 59.68
C LEU A 24 8.93 -6.89 60.00
N THR A 25 8.18 -6.49 58.97
CA THR A 25 6.99 -5.66 59.21
C THR A 25 5.96 -6.40 60.05
N ALA A 26 5.82 -7.71 59.83
CA ALA A 26 4.91 -8.51 60.63
C ALA A 26 5.31 -8.50 62.09
N TYR A 27 6.61 -8.65 62.37
CA TYR A 27 7.05 -8.65 63.76
C TYR A 27 6.89 -7.28 64.40
N GLY A 28 7.08 -6.21 63.63
CA GLY A 28 6.80 -4.88 64.15
C GLY A 28 5.34 -4.70 64.54
N THR A 29 4.43 -5.15 63.65
CA THR A 29 3.01 -5.07 63.96
C THR A 29 2.65 -5.93 65.16
N LEU A 30 3.25 -7.12 65.26
CA LEU A 30 3.01 -7.99 66.40
C LEU A 30 3.43 -7.31 67.69
N LYS A 31 4.62 -6.71 67.70
CA LYS A 31 5.06 -6.01 68.90
C LYS A 31 4.10 -4.89 69.26
N SER A 32 3.64 -4.11 68.27
CA SER A 32 2.72 -3.02 68.57
C SER A 32 1.43 -3.54 69.20
N ALA A 33 0.80 -4.53 68.57
CA ALA A 33 -0.48 -5.03 69.06
C ALA A 33 -0.34 -5.67 70.42
N LEU A 34 0.74 -6.43 70.63
CA LEU A 34 0.91 -7.13 71.90
C LEU A 34 1.23 -6.15 73.03
N GLU A 35 1.94 -5.05 72.72
CA GLU A 35 2.13 -4.00 73.72
C GLU A 35 0.82 -3.31 74.06
N LYS A 36 -0.03 -3.08 73.07
CA LYS A 36 -1.33 -2.47 73.37
C LYS A 36 -2.17 -3.38 74.27
N PHE A 37 -2.15 -4.67 74.00
CA PHE A 37 -2.85 -5.60 74.90
C PHE A 37 -2.21 -5.58 76.28
N GLN A 38 -0.88 -5.46 76.36
CA GLN A 38 -0.23 -5.38 77.66
C GLN A 38 -0.71 -4.16 78.45
N THR A 39 -0.85 -3.02 77.79
CA THR A 39 -1.26 -1.84 78.55
C THR A 39 -2.71 -1.94 79.00
N ALA A 40 -3.58 -2.53 78.17
CA ALA A 40 -4.96 -2.74 78.65
C ALA A 40 -5.02 -3.76 79.78
N ASN A 41 -4.20 -4.81 79.70
CA ASN A 41 -4.14 -5.78 80.77
C ASN A 41 -3.71 -5.14 82.09
N THR A 42 -2.74 -4.23 82.04
CA THR A 42 -2.23 -3.65 83.33
C THR A 42 -3.36 -2.88 84.02
N ALA A 43 -4.24 -2.23 83.24
CA ALA A 43 -5.33 -1.41 83.83
C ALA A 43 -6.29 -2.29 84.63
N LEU A 44 -6.63 -3.48 84.12
CA LEU A 44 -7.54 -4.41 84.83
C LEU A 44 -6.88 -4.95 86.11
N ASN A 45 -5.55 -5.08 86.15
CA ASN A 45 -4.91 -5.71 87.33
C ASN A 45 -4.83 -4.68 88.47
N LYS A 46 -5.96 -4.03 88.80
CA LYS A 46 -6.01 -3.09 89.95
C LYS A 46 -7.20 -3.51 90.81
N ALA A 47 -6.96 -3.85 92.07
CA ALA A 47 -8.05 -4.29 92.98
C ALA A 47 -9.02 -3.15 93.25
N ASP A 48 -8.54 -1.90 93.24
CA ASP A 48 -9.39 -0.72 93.60
C ASP A 48 -10.58 -0.57 92.65
N LEU A 49 -10.51 -1.11 91.44
CA LEU A 49 -11.64 -1.04 90.48
C LEU A 49 -12.84 -1.76 91.10
N PHE A 50 -12.59 -2.86 91.82
CA PHE A 50 -13.68 -3.68 92.40
C PHE A 50 -14.11 -3.13 93.77
N LYS A 51 -13.41 -2.12 94.29
CA LYS A 51 -13.79 -1.48 95.58
C LYS A 51 -14.06 0.00 95.27
N SER A 52 -15.17 0.31 94.61
CA SER A 52 -15.47 1.70 94.18
C SER A 52 -16.89 2.08 94.58
N THR A 53 -17.10 3.29 95.07
CA THR A 53 -18.45 3.71 95.56
C THR A 53 -18.75 5.14 95.12
N VAL A 54 -20.02 5.53 95.13
CA VAL A 54 -20.41 6.93 94.78
C VAL A 54 -21.18 7.53 95.96
N ALA A 55 -20.87 8.76 96.35
CA ALA A 55 -21.49 9.38 97.51
C ALA A 55 -22.31 10.59 97.09
N SER A 56 -23.39 10.83 97.81
CA SER A 56 -24.26 11.97 97.53
C SER A 56 -24.74 12.59 98.84
N SER A 57 -24.81 13.91 98.87
CA SER A 57 -25.20 14.63 100.07
C SER A 57 -26.50 15.38 99.85
N THR A 58 -27.25 15.58 100.93
CA THR A 58 -28.53 16.28 100.81
C THR A 58 -28.39 17.79 100.93
N THR A 59 -27.22 18.27 101.34
CA THR A 59 -26.98 19.70 101.51
C THR A 59 -25.95 20.17 100.49
N GLU A 60 -25.93 21.48 100.27
CA GLU A 60 -24.90 22.10 99.45
C GLU A 60 -23.82 22.79 100.28
N ASP A 61 -24.00 22.87 101.60
CA ASP A 61 -22.93 23.38 102.45
C ASP A 61 -21.90 22.30 102.77
N LEU A 62 -22.22 21.05 102.46
CA LEU A 62 -21.30 19.95 102.67
C LEU A 62 -21.04 19.27 101.34
N LYS A 63 -19.77 19.13 100.98
CA LYS A 63 -19.41 18.47 99.74
C LYS A 63 -18.73 17.15 100.06
N VAL A 64 -19.03 16.12 99.29
CA VAL A 64 -18.60 14.77 99.61
C VAL A 64 -18.00 14.12 98.37
N SER A 65 -16.84 13.51 98.53
CA SER A 65 -16.17 12.76 97.49
C SER A 65 -15.72 11.43 98.08
N THR A 66 -15.54 10.44 97.23
CA THR A 66 -15.23 9.10 97.73
C THR A 66 -13.99 8.56 97.05
N THR A 67 -13.06 8.05 97.85
CA THR A 67 -11.88 7.38 97.34
C THR A 67 -12.19 5.88 97.21
N ALA A 68 -11.16 5.07 97.01
CA ALA A 68 -11.34 3.64 96.79
C ALA A 68 -11.25 2.89 98.10
N GLY A 69 -12.33 2.20 98.45
CA GLY A 69 -12.37 1.39 99.65
C GLY A 69 -13.44 1.72 100.64
N ALA A 70 -14.38 2.62 100.30
CA ALA A 70 -15.41 3.01 101.23
C ALA A 70 -16.37 1.85 101.50
N ALA A 71 -17.31 2.09 102.40
CA ALA A 71 -18.37 1.14 102.71
C ALA A 71 -19.71 1.81 102.49
N ALA A 72 -20.66 1.05 101.96
CA ALA A 72 -21.98 1.62 101.69
C ALA A 72 -22.70 1.93 102.99
N GLY A 73 -23.56 2.94 102.96
CA GLY A 73 -24.33 3.27 104.13
C GLY A 73 -24.83 4.69 104.10
N THR A 74 -25.36 5.12 105.24
CA THR A 74 -25.88 6.47 105.45
C THR A 74 -25.23 7.04 106.69
N TYR A 75 -24.68 8.25 106.56
CA TYR A 75 -24.01 8.93 107.65
C TYR A 75 -24.71 10.24 107.94
N LYS A 76 -24.86 10.58 109.23
CA LYS A 76 -25.55 11.79 109.65
C LYS A 76 -24.53 12.75 110.24
N ILE A 77 -24.08 13.69 109.43
CA ILE A 77 -23.03 14.63 109.81
C ILE A 77 -23.66 15.85 110.46
N ASN A 78 -23.10 16.26 111.61
CA ASN A 78 -23.38 17.56 112.22
C ASN A 78 -22.06 18.31 112.33
N VAL A 79 -22.01 19.50 111.75
CA VAL A 79 -20.81 20.34 111.83
C VAL A 79 -21.03 21.39 112.90
N THR A 80 -20.10 21.49 113.82
CA THR A 80 -20.21 22.38 114.97
C THR A 80 -19.34 23.62 114.86
N GLN A 81 -18.18 23.50 114.24
CA GLN A 81 -17.22 24.59 114.15
C GLN A 81 -16.45 24.45 112.86
N LEU A 82 -15.82 25.54 112.44
CA LEU A 82 -15.07 25.57 111.20
C LEU A 82 -13.65 26.06 111.46
N ALA A 83 -12.69 25.46 110.77
CA ALA A 83 -11.31 25.84 110.95
C ALA A 83 -11.07 27.26 110.50
N ALA A 84 -10.17 27.95 111.20
CA ALA A 84 -9.78 29.30 110.86
C ALA A 84 -8.26 29.37 110.85
N ALA A 85 -7.72 30.53 110.53
CA ALA A 85 -6.29 30.70 110.37
C ALA A 85 -5.86 32.02 110.97
N GLN A 86 -4.71 32.02 111.64
CA GLN A 86 -4.28 33.20 112.36
C GLN A 86 -3.76 34.27 111.41
N SER A 87 -4.22 35.50 111.59
CA SER A 87 -3.80 36.63 110.77
C SER A 87 -3.22 37.69 111.66
N LEU A 88 -2.00 38.14 111.36
CA LEU A 88 -1.33 39.15 112.16
C LEU A 88 -1.13 40.40 111.33
N ALA A 89 -1.53 41.53 111.87
CA ALA A 89 -1.43 42.80 111.17
C ALA A 89 -0.52 43.75 111.93
N THR A 90 0.36 44.43 111.20
CA THR A 90 1.18 45.46 111.84
C THR A 90 0.30 46.59 112.35
N LYS A 91 0.64 47.10 113.54
CA LYS A 91 -0.15 48.19 114.11
C LYS A 91 0.11 49.50 113.38
N THR A 92 1.36 49.73 112.97
CA THR A 92 1.80 51.05 112.49
C THR A 92 1.62 51.12 110.98
N THR A 93 0.49 51.65 110.54
CA THR A 93 0.24 51.84 109.12
C THR A 93 1.25 52.79 108.52
N PHE A 94 1.71 52.47 107.31
CA PHE A 94 2.77 53.21 106.65
C PHE A 94 2.23 54.09 105.54
N ALA A 95 3.14 54.76 104.85
CA ALA A 95 2.74 55.74 103.83
C ALA A 95 2.78 55.14 102.43
N THR A 96 3.83 54.38 102.12
CA THR A 96 3.98 53.81 100.78
C THR A 96 4.49 52.38 100.90
N THR A 97 4.23 51.60 99.85
CA THR A 97 4.72 50.25 99.76
C THR A 97 6.13 50.18 99.19
N LYS A 98 6.88 51.28 99.24
CA LYS A 98 8.30 51.28 98.89
C LYS A 98 9.16 52.04 99.89
N GLU A 99 8.57 52.80 100.80
CA GLU A 99 9.33 53.40 101.90
C GLU A 99 9.96 52.31 102.76
N GLN A 100 11.22 52.52 103.14
CA GLN A 100 11.97 51.51 103.86
C GLN A 100 11.45 51.33 105.27
N LEU A 101 11.35 50.07 105.70
CA LEU A 101 10.83 49.72 107.01
C LEU A 101 11.92 49.43 108.03
N GLY A 102 12.89 48.59 107.68
CA GLY A 102 14.02 48.33 108.56
C GLY A 102 15.16 49.31 108.34
N ASP A 103 16.12 49.28 109.25
CA ASP A 103 17.22 50.23 109.17
C ASP A 103 18.09 49.97 107.95
N THR A 104 18.73 51.03 107.46
CA THR A 104 19.60 50.94 106.31
C THR A 104 21.06 50.76 106.68
N SER A 105 21.37 50.64 107.98
CA SER A 105 22.73 50.37 108.40
C SER A 105 23.14 48.93 108.12
N VAL A 106 22.21 47.99 108.25
CA VAL A 106 22.49 46.57 108.11
C VAL A 106 22.29 46.17 106.65
N THR A 107 23.08 45.20 106.21
CA THR A 107 23.00 44.74 104.82
C THR A 107 22.32 43.39 104.66
N SER A 108 22.01 42.70 105.75
CA SER A 108 21.34 41.41 105.67
C SER A 108 20.66 41.10 106.99
N ARG A 109 19.40 40.67 106.91
CA ARG A 109 18.63 40.37 108.10
C ARG A 109 17.76 39.15 107.84
N THR A 110 17.25 38.56 108.92
CA THR A 110 16.51 37.31 108.80
C THR A 110 15.20 37.41 109.55
N ILE A 111 14.13 36.90 108.93
CA ILE A 111 12.84 36.70 109.55
C ILE A 111 12.75 35.21 109.88
N LYS A 112 12.40 34.90 111.12
CA LYS A 112 12.41 33.54 111.62
C LYS A 112 11.02 33.25 112.18
N ILE A 113 10.34 32.27 111.58
CA ILE A 113 8.97 31.94 111.95
C ILE A 113 8.96 30.52 112.50
N GLU A 114 8.36 30.34 113.66
CA GLU A 114 8.25 29.02 114.26
C GLU A 114 6.79 28.72 114.58
N GLN A 115 6.36 27.52 114.22
CA GLN A 115 5.01 27.07 114.46
C GLN A 115 5.04 25.74 115.19
N PRO A 116 4.05 25.44 116.02
CA PRO A 116 4.03 24.15 116.72
C PRO A 116 3.94 22.96 115.79
N GLY A 117 3.52 23.15 114.55
CA GLY A 117 3.42 22.05 113.61
C GLY A 117 4.72 21.75 112.89
N ARG A 118 5.34 22.76 112.29
CA ARG A 118 6.59 22.53 111.59
C ARG A 118 7.72 22.30 112.58
N LYS A 119 8.62 21.38 112.24
CA LYS A 119 9.69 21.00 113.15
C LYS A 119 10.82 22.02 113.14
N GLU A 120 11.43 22.24 111.98
CA GLU A 120 12.55 23.18 111.86
C GLU A 120 12.04 24.56 111.47
N PRO A 121 12.51 25.60 112.14
CA PRO A 121 11.93 26.94 111.91
C PRO A 121 12.21 27.42 110.50
N LEU A 122 11.37 28.35 110.05
CA LEU A 122 11.46 28.88 108.70
C LEU A 122 12.27 30.17 108.71
N GLU A 123 13.36 30.19 107.95
CA GLU A 123 14.20 31.36 107.79
C GLU A 123 13.96 31.99 106.43
N ILE A 124 13.67 33.28 106.42
CA ILE A 124 13.53 34.07 105.21
C ILE A 124 14.53 35.21 105.29
N LYS A 125 15.28 35.44 104.21
CA LYS A 125 16.45 36.29 104.28
C LYS A 125 16.29 37.51 103.41
N LEU A 126 16.60 38.69 103.95
CA LEU A 126 16.50 39.96 103.25
C LEU A 126 17.88 40.56 103.09
N ASP A 127 18.27 40.82 101.83
CA ASP A 127 19.57 41.38 101.50
C ASP A 127 19.56 42.89 101.70
N LYS A 128 20.58 43.57 101.18
CA LYS A 128 20.75 44.99 101.43
C LYS A 128 19.67 45.81 100.75
N GLY A 129 19.21 46.84 101.45
CA GLY A 129 18.35 47.86 100.89
C GLY A 129 16.91 47.48 100.70
N ASP A 130 16.60 46.20 100.56
CA ASP A 130 15.23 45.75 100.34
C ASP A 130 14.53 45.40 101.63
N THR A 131 14.17 46.40 102.44
CA THR A 131 13.20 46.23 103.50
C THR A 131 11.94 47.05 103.27
N SER A 132 11.55 47.23 102.02
CA SER A 132 10.28 47.86 101.75
C SER A 132 9.17 46.85 101.91
N MET A 133 7.94 47.36 102.09
CA MET A 133 6.80 46.48 102.32
C MET A 133 6.62 45.50 101.18
N GLU A 134 6.90 45.94 99.95
CA GLU A 134 6.82 45.05 98.79
C GLU A 134 7.95 44.05 98.79
N ALA A 135 9.14 44.43 99.28
CA ALA A 135 10.25 43.49 99.36
C ALA A 135 9.97 42.41 100.41
N ILE A 136 9.46 42.79 101.58
CA ILE A 136 9.09 41.81 102.59
C ILE A 136 8.00 40.90 102.06
N ARG A 137 6.99 41.47 101.39
CA ARG A 137 5.91 40.64 100.89
C ARG A 137 6.42 39.65 99.86
N ASP A 138 7.32 40.09 98.98
CA ASP A 138 7.82 39.18 97.95
C ASP A 138 8.70 38.10 98.55
N ALA A 139 9.51 38.44 99.56
CA ALA A 139 10.33 37.41 100.21
C ALA A 139 9.45 36.36 100.88
N ILE A 140 8.50 36.80 101.71
CA ILE A 140 7.67 35.84 102.43
C ILE A 140 6.83 35.02 101.48
N ASN A 141 6.37 35.63 100.39
CA ASN A 141 5.54 34.89 99.45
C ASN A 141 6.35 33.98 98.54
N ASP A 142 7.64 34.26 98.34
CA ASP A 142 8.48 33.39 97.53
C ASP A 142 9.02 32.20 98.31
N ALA A 143 9.29 32.37 99.60
CA ALA A 143 9.73 31.23 100.39
C ALA A 143 8.72 30.08 100.31
N ASP A 144 7.43 30.41 100.22
CA ASP A 144 6.38 29.45 99.87
C ASP A 144 6.33 28.28 100.84
N SER A 145 6.18 28.58 102.13
CA SER A 145 6.14 27.52 103.14
C SER A 145 4.94 27.64 104.07
N GLY A 146 3.81 28.16 103.59
CA GLY A 146 2.63 28.21 104.41
C GLY A 146 2.18 29.61 104.76
N ILE A 147 3.11 30.49 105.08
CA ILE A 147 2.76 31.85 105.43
C ILE A 147 2.59 32.67 104.15
N ALA A 148 1.66 33.62 104.17
CA ALA A 148 1.27 34.34 102.97
C ALA A 148 1.03 35.79 103.32
N ALA A 149 1.99 36.66 103.02
CA ALA A 149 1.88 38.07 103.34
C ALA A 149 1.03 38.80 102.32
N SER A 150 0.18 39.71 102.80
CA SER A 150 -0.69 40.53 101.98
C SER A 150 -0.38 41.99 102.27
N ILE A 151 -1.06 42.89 101.56
CA ILE A 151 -1.05 44.31 101.89
C ILE A 151 -2.47 44.83 101.81
N VAL A 152 -2.82 45.76 102.68
CA VAL A 152 -4.15 46.34 102.76
C VAL A 152 -4.00 47.85 102.70
N LYS A 153 -4.78 48.50 101.86
CA LYS A 153 -4.81 49.95 101.79
C LYS A 153 -6.00 50.42 102.60
N VAL A 154 -5.78 50.74 103.87
CA VAL A 154 -6.88 51.17 104.73
C VAL A 154 -7.54 52.41 104.14
N LYS A 155 -6.74 53.38 103.74
CA LYS A 155 -7.18 54.50 102.93
C LYS A 155 -5.95 55.11 102.29
N GLU A 156 -6.16 56.20 101.56
CA GLU A 156 -5.07 56.83 100.85
C GLU A 156 -3.95 57.21 101.82
N ASN A 157 -2.77 56.65 101.57
CA ASN A 157 -1.58 56.86 102.40
C ASN A 157 -1.66 56.17 103.76
N GLU A 158 -2.30 55.00 103.83
CA GLU A 158 -2.25 54.15 105.02
C GLU A 158 -2.28 52.69 104.57
N PHE A 159 -1.12 52.05 104.50
CA PHE A 159 -1.01 50.64 104.15
C PHE A 159 -0.69 49.82 105.39
N GLN A 160 -1.18 48.57 105.42
CA GLN A 160 -0.84 47.64 106.48
C GLN A 160 -0.29 46.35 105.90
N LEU A 161 0.54 45.68 106.68
CA LEU A 161 1.09 44.38 106.33
C LEU A 161 0.40 43.31 107.15
N VAL A 162 -0.10 42.29 106.47
CA VAL A 162 -0.89 41.21 107.05
C VAL A 162 -0.23 39.89 106.71
N LEU A 163 0.11 39.10 107.72
CA LEU A 163 0.69 37.77 107.52
C LEU A 163 -0.33 36.73 107.99
N THR A 164 -0.70 35.82 107.11
CA THR A 164 -1.71 34.82 107.40
C THR A 164 -1.09 33.43 107.29
N ALA A 165 -1.44 32.54 108.20
CA ALA A 165 -0.94 31.19 108.16
C ALA A 165 -2.06 30.27 107.69
N ASN A 166 -1.78 28.96 107.69
CA ASN A 166 -2.77 27.97 107.28
C ASN A 166 -3.77 27.75 108.41
N SER A 167 -4.73 26.85 108.19
CA SER A 167 -5.78 26.60 109.16
C SER A 167 -5.29 25.72 110.30
N GLY A 168 -5.97 25.80 111.42
CA GLY A 168 -5.68 24.96 112.56
C GLY A 168 -4.93 25.70 113.65
N THR A 169 -4.87 25.08 114.83
CA THR A 169 -4.18 25.63 115.98
C THR A 169 -2.75 25.14 116.12
N ASP A 170 -2.29 24.28 115.24
CA ASP A 170 -0.89 23.89 115.19
C ASP A 170 -0.10 24.76 114.25
N ASN A 171 -0.70 25.85 113.77
CA ASN A 171 -0.07 26.74 112.81
C ASN A 171 -0.01 28.18 113.32
N THR A 172 -0.21 28.39 114.61
CA THR A 172 0.01 29.70 115.17
C THR A 172 1.48 30.05 115.08
N MET A 173 1.77 31.33 114.88
CA MET A 173 3.12 31.76 114.53
C MET A 173 3.81 32.42 115.72
N LYS A 174 5.12 32.22 115.79
CA LYS A 174 6.02 32.97 116.67
C LYS A 174 7.12 33.54 115.77
N ILE A 175 7.13 34.83 115.60
CA ILE A 175 7.98 35.51 114.63
C ILE A 175 9.11 36.22 115.37
N THR A 176 10.26 36.34 114.72
CA THR A 176 11.38 37.08 115.26
C THR A 176 12.21 37.61 114.10
N VAL A 177 12.87 38.74 114.31
CA VAL A 177 13.72 39.34 113.30
C VAL A 177 15.11 39.50 113.88
N GLU A 178 16.09 38.86 113.26
CA GLU A 178 17.46 38.85 113.75
C GLU A 178 18.37 39.54 112.75
N GLY A 179 19.23 40.43 113.26
CA GLY A 179 20.08 41.24 112.45
C GLY A 179 19.59 42.66 112.23
N ASP A 180 18.33 42.93 112.54
CA ASP A 180 17.73 44.24 112.41
C ASP A 180 16.97 44.55 113.69
N THR A 181 16.82 45.84 113.99
CA THR A 181 16.19 46.25 115.24
C THR A 181 14.86 46.97 115.02
N LYS A 182 14.81 47.94 114.11
CA LYS A 182 13.55 48.60 113.82
C LYS A 182 12.54 47.61 113.24
N LEU A 183 13.00 46.76 112.33
CA LEU A 183 12.12 45.75 111.75
C LEU A 183 11.60 44.82 112.84
N ASN A 184 12.48 44.41 113.76
CA ASN A 184 12.03 43.58 114.87
C ASN A 184 11.00 44.31 115.72
N ASP A 185 11.15 45.62 115.88
CA ASP A 185 10.09 46.39 116.53
C ASP A 185 8.81 46.33 115.74
N LEU A 186 8.90 46.10 114.43
CA LEU A 186 7.71 46.02 113.59
C LEU A 186 7.15 44.60 113.47
N LEU A 187 8.00 43.60 113.30
CA LEU A 187 7.61 42.21 113.07
C LEU A 187 8.11 41.37 114.25
N ALA A 188 7.29 41.23 115.29
CA ALA A 188 7.67 40.34 116.39
C ALA A 188 6.41 39.97 117.16
N TYR A 189 6.08 38.69 117.16
CA TYR A 189 4.90 38.21 117.86
C TYR A 189 5.27 36.92 118.57
N ASP A 190 4.54 36.62 119.64
CA ASP A 190 4.72 35.36 120.36
C ASP A 190 3.34 34.86 120.75
N SER A 191 2.92 33.75 120.16
CA SER A 191 1.56 33.27 120.34
C SER A 191 1.39 32.39 121.56
N THR A 192 2.49 31.88 122.12
CA THR A 192 2.39 31.15 123.39
C THR A 192 1.95 32.07 124.51
N THR A 193 2.49 33.30 124.54
CA THR A 193 2.11 34.28 125.55
C THR A 193 1.12 35.31 125.03
N ASN A 194 0.78 35.27 123.74
CA ASN A 194 -0.18 36.20 123.13
C ASN A 194 0.23 37.66 123.31
N THR A 195 1.53 37.94 123.15
CA THR A 195 2.04 39.29 123.20
C THR A 195 3.04 39.49 122.08
N GLY A 196 3.04 40.69 121.51
CA GLY A 196 3.99 40.99 120.44
C GLY A 196 3.83 42.42 119.97
N ASN A 197 4.44 42.71 118.85
CA ASN A 197 4.33 44.02 118.22
C ASN A 197 3.26 44.07 117.14
N MET A 198 2.54 42.97 116.92
CA MET A 198 1.57 42.85 115.85
C MET A 198 0.24 42.41 116.42
N GLN A 199 -0.84 43.04 115.98
CA GLN A 199 -2.15 42.66 116.48
C GLN A 199 -2.66 41.43 115.75
N GLU A 200 -3.64 40.77 116.34
CA GLU A 200 -4.19 39.51 115.83
C GLU A 200 -5.61 39.74 115.34
N LEU A 201 -5.79 39.77 114.02
CA LEU A 201 -7.11 40.01 113.47
C LEU A 201 -8.01 38.79 113.56
N VAL A 202 -7.47 37.60 113.29
CA VAL A 202 -8.25 36.36 113.26
C VAL A 202 -7.60 35.38 114.22
N LYS A 203 -8.41 34.48 114.77
CA LYS A 203 -7.95 33.53 115.78
C LYS A 203 -8.04 32.12 115.21
N ALA A 204 -7.02 31.30 115.51
CA ALA A 204 -6.95 29.97 114.94
C ALA A 204 -7.95 29.03 115.59
N GLU A 205 -8.49 28.12 114.80
CA GLU A 205 -9.47 27.16 115.30
C GLU A 205 -9.31 25.84 114.57
N ASN A 206 -9.92 24.80 115.13
CA ASN A 206 -9.95 23.48 114.53
C ASN A 206 -11.38 23.16 114.14
N ALA A 207 -11.52 22.23 113.19
CA ALA A 207 -12.84 21.82 112.75
C ALA A 207 -13.37 20.75 113.68
N LYS A 208 -14.58 20.96 114.19
CA LYS A 208 -15.24 19.98 115.04
C LYS A 208 -16.51 19.51 114.35
N LEU A 209 -16.66 18.19 114.22
CA LEU A 209 -17.88 17.66 113.63
C LEU A 209 -18.22 16.34 114.31
N ASN A 210 -19.34 15.76 113.89
CA ASN A 210 -19.93 14.61 114.56
C ASN A 210 -20.55 13.72 113.51
N VAL A 211 -19.99 12.52 113.34
CA VAL A 211 -20.43 11.58 112.30
C VAL A 211 -20.97 10.33 112.99
N ASN A 212 -22.26 10.04 112.80
CA ASN A 212 -22.95 8.95 113.50
C ASN A 212 -22.54 8.86 114.96
N GLY A 213 -22.59 9.98 115.66
CA GLY A 213 -22.33 9.95 117.08
C GLY A 213 -20.89 9.81 117.50
N ILE A 214 -19.94 9.85 116.56
CA ILE A 214 -18.52 9.89 116.88
C ILE A 214 -18.04 11.32 116.66
N ASP A 215 -17.37 11.88 117.66
CA ASP A 215 -16.94 13.26 117.63
C ASP A 215 -15.53 13.36 117.05
N ILE A 216 -15.42 14.00 115.89
CA ILE A 216 -14.18 14.13 115.14
C ILE A 216 -13.69 15.57 115.27
N GLU A 217 -12.38 15.75 115.31
CA GLU A 217 -11.79 17.09 115.33
C GLU A 217 -10.54 17.10 114.47
N ARG A 218 -10.56 17.90 113.42
CA ARG A 218 -9.50 18.00 112.43
C ARG A 218 -8.93 19.41 112.44
N GLN A 219 -7.94 19.65 111.57
CA GLN A 219 -7.27 20.93 111.50
C GLN A 219 -7.70 21.78 110.31
N SER A 220 -8.18 21.18 109.25
CA SER A 220 -8.67 21.93 108.11
C SER A 220 -10.13 21.58 107.85
N ASN A 221 -10.68 22.14 106.78
CA ASN A 221 -12.05 21.89 106.40
C ASN A 221 -12.18 20.76 105.40
N THR A 222 -11.09 20.08 105.08
CA THR A 222 -11.12 18.90 104.22
C THR A 222 -10.88 17.70 105.11
N VAL A 223 -11.96 17.17 105.67
CA VAL A 223 -11.90 16.03 106.56
C VAL A 223 -11.81 14.77 105.73
N THR A 224 -10.76 13.97 105.96
CA THR A 224 -10.52 12.81 105.10
C THR A 224 -10.89 11.48 105.76
N ASP A 225 -10.31 11.14 106.90
CA ASP A 225 -10.56 9.84 107.49
C ASP A 225 -11.72 9.86 108.46
N ALA A 226 -12.86 10.41 108.07
CA ALA A 226 -14.01 10.34 108.97
C ALA A 226 -14.48 8.91 109.07
N PRO A 227 -15.15 8.28 108.05
CA PRO A 227 -15.04 6.83 107.93
C PRO A 227 -13.99 6.33 106.94
N GLN A 228 -12.76 6.83 106.99
CA GLN A 228 -11.58 6.27 106.35
C GLN A 228 -11.73 6.12 104.83
N GLY A 229 -12.86 6.48 104.24
CA GLY A 229 -12.96 6.36 102.80
C GLY A 229 -13.69 7.49 102.11
N ILE A 230 -14.13 8.48 102.88
CA ILE A 230 -14.95 9.57 102.39
C ILE A 230 -14.30 10.89 102.74
N THR A 231 -14.13 11.75 101.73
CA THR A 231 -13.54 13.07 101.89
C THR A 231 -14.65 14.10 101.96
N LEU A 232 -14.73 14.82 103.07
CA LEU A 232 -15.76 15.82 103.30
C LEU A 232 -15.13 17.20 103.25
N THR A 233 -15.76 18.12 102.53
CA THR A 233 -15.34 19.50 102.48
C THR A 233 -16.44 20.35 103.10
N LEU A 234 -16.12 20.99 104.22
CA LEU A 234 -17.08 21.75 105.00
C LEU A 234 -17.06 23.22 104.59
N THR A 235 -18.24 23.80 104.48
CA THR A 235 -18.37 25.21 104.12
C THR A 235 -19.09 26.04 105.18
N LYS A 236 -20.18 25.53 105.74
CA LYS A 236 -20.92 26.20 106.79
C LYS A 236 -21.28 25.18 107.85
N LYS A 237 -21.93 25.65 108.91
CA LYS A 237 -22.36 24.78 110.00
C LYS A 237 -23.70 24.17 109.63
N VAL A 238 -23.67 22.93 109.14
CA VAL A 238 -24.89 22.20 108.80
C VAL A 238 -25.46 21.57 110.06
N THR A 239 -26.70 21.09 109.97
CA THR A 239 -27.36 20.39 111.08
C THR A 239 -28.11 19.21 110.51
N ASP A 240 -27.79 18.01 110.98
CA ASP A 240 -28.36 16.77 110.48
C ASP A 240 -28.28 16.69 108.95
N ALA A 241 -27.09 16.92 108.43
CA ALA A 241 -26.86 16.62 107.02
C ALA A 241 -26.72 15.12 106.87
N THR A 242 -27.01 14.63 105.68
CA THR A 242 -26.97 13.20 105.41
C THR A 242 -26.08 12.95 104.20
N VAL A 243 -25.29 11.88 104.26
CA VAL A 243 -24.43 11.46 103.18
C VAL A 243 -24.69 10.00 102.91
N THR A 244 -24.95 9.66 101.64
CA THR A 244 -25.30 8.30 101.26
C THR A 244 -24.24 7.76 100.32
N VAL A 245 -23.61 6.65 100.71
CA VAL A 245 -22.56 6.01 99.93
C VAL A 245 -23.13 4.72 99.38
N THR A 246 -23.17 4.61 98.05
CA THR A 246 -23.75 3.46 97.38
C THR A 246 -22.71 2.81 96.47
N LYS A 247 -22.71 1.49 96.43
CA LYS A 247 -21.72 0.77 95.65
C LYS A 247 -21.87 1.09 94.16
N ASP A 248 -20.75 1.10 93.47
CA ASP A 248 -20.70 1.42 92.04
C ASP A 248 -19.85 0.39 91.32
N ASP A 249 -20.17 0.16 90.04
CA ASP A 249 -19.47 -0.85 89.26
C ASP A 249 -19.11 -0.40 87.85
N THR A 250 -19.49 0.81 87.45
CA THR A 250 -19.24 1.22 86.07
C THR A 250 -17.76 1.24 85.74
N LYS A 251 -16.91 1.54 86.73
CA LYS A 251 -15.47 1.54 86.48
C LYS A 251 -14.97 0.16 86.11
N ALA A 252 -15.43 -0.87 86.83
CA ALA A 252 -14.99 -2.23 86.52
C ALA A 252 -15.55 -2.68 85.17
N LYS A 253 -16.77 -2.27 84.84
CA LYS A 253 -17.33 -2.63 83.53
C LYS A 253 -16.55 -1.98 82.40
N GLU A 254 -16.18 -0.71 82.54
CA GLU A 254 -15.37 -0.07 81.51
C GLU A 254 -14.01 -0.74 81.37
N ALA A 255 -13.38 -1.07 82.50
CA ALA A 255 -12.09 -1.74 82.43
C ALA A 255 -12.20 -3.09 81.73
N ILE A 256 -13.22 -3.88 82.09
CA ILE A 256 -13.39 -5.19 81.48
C ILE A 256 -13.70 -5.06 79.99
N LYS A 257 -14.56 -4.11 79.63
CA LYS A 257 -14.92 -3.93 78.22
C LYS A 257 -13.70 -3.55 77.39
N SER A 258 -12.88 -2.61 77.88
CA SER A 258 -11.69 -2.27 77.13
C SER A 258 -10.70 -3.43 77.09
N TRP A 259 -10.68 -4.27 78.12
CA TRP A 259 -9.82 -5.45 78.07
C TRP A 259 -10.22 -6.38 76.93
N VAL A 260 -11.52 -6.70 76.85
CA VAL A 260 -11.93 -7.63 75.80
C VAL A 260 -11.78 -6.99 74.43
N ASP A 261 -11.97 -5.68 74.31
CA ASP A 261 -11.76 -5.04 73.02
C ASP A 261 -10.29 -5.09 72.61
N ALA A 262 -9.37 -4.86 73.55
CA ALA A 262 -7.96 -5.00 73.23
C ALA A 262 -7.64 -6.41 72.78
N TYR A 263 -8.19 -7.41 73.47
CA TYR A 263 -7.91 -8.78 73.07
C TYR A 263 -8.51 -9.10 71.71
N ASN A 264 -9.68 -8.54 71.40
CA ASN A 264 -10.28 -8.75 70.09
C ASN A 264 -9.40 -8.17 69.00
N SER A 265 -8.85 -6.99 69.23
CA SER A 265 -7.92 -6.42 68.25
C SER A 265 -6.67 -7.29 68.14
N LEU A 266 -6.18 -7.84 69.24
CA LEU A 266 -5.00 -8.70 69.17
C LEU A 266 -5.27 -9.97 68.37
N VAL A 267 -6.44 -10.58 68.58
CA VAL A 267 -6.73 -11.80 67.82
C VAL A 267 -7.00 -11.47 66.36
N ASP A 268 -7.54 -10.28 66.07
CA ASP A 268 -7.62 -9.84 64.68
C ASP A 268 -6.24 -9.69 64.05
N THR A 269 -5.28 -9.16 64.80
CA THR A 269 -3.92 -9.07 64.28
C THR A 269 -3.34 -10.46 64.02
N PHE A 270 -3.58 -11.40 64.95
CA PHE A 270 -3.16 -12.78 64.69
C PHE A 270 -3.78 -13.33 63.41
N SER A 271 -5.07 -13.08 63.19
CA SER A 271 -5.74 -13.65 62.03
C SER A 271 -5.25 -13.00 60.73
N SER A 272 -5.06 -11.68 60.75
CA SER A 272 -4.62 -10.98 59.53
C SER A 272 -3.15 -11.28 59.23
N LEU A 273 -2.34 -11.53 60.25
CA LEU A 273 -0.93 -11.78 60.03
C LEU A 273 -0.65 -13.22 59.60
N THR A 274 -1.67 -14.07 59.61
CA THR A 274 -1.56 -15.43 59.09
C THR A 274 -2.58 -15.70 57.99
N LYS A 275 -3.15 -14.64 57.41
CA LYS A 275 -4.26 -14.79 56.48
C LYS A 275 -3.85 -15.56 55.23
N TYR A 276 -4.77 -16.37 54.72
CA TYR A 276 -4.66 -17.02 53.43
C TYR A 276 -5.89 -16.70 52.60
N THR A 277 -5.68 -16.47 51.31
CA THR A 277 -6.75 -16.16 50.38
C THR A 277 -7.05 -17.42 49.58
N ALA A 278 -8.32 -17.84 49.58
CA ALA A 278 -8.70 -19.09 48.93
C ALA A 278 -8.47 -19.01 47.43
N VAL A 279 -7.79 -20.03 46.89
CA VAL A 279 -7.59 -20.18 45.46
C VAL A 279 -7.80 -21.64 45.11
N GLU A 280 -8.17 -21.89 43.86
CA GLU A 280 -8.42 -23.25 43.41
C GLU A 280 -7.11 -24.03 43.36
N PRO A 281 -7.18 -25.36 43.48
CA PRO A 281 -5.96 -26.17 43.30
C PRO A 281 -5.37 -26.04 41.91
N GLY A 282 -6.15 -25.64 40.91
CA GLY A 282 -5.61 -25.49 39.58
C GLY A 282 -4.54 -24.40 39.49
N GLU A 283 -4.75 -23.31 40.22
CA GLU A 283 -3.90 -22.13 40.11
C GLU A 283 -2.84 -22.11 41.21
N GLU A 284 -1.95 -21.13 41.10
CA GLU A 284 -0.86 -20.97 42.06
C GLU A 284 -1.36 -20.45 43.40
N ALA A 285 -0.48 -20.45 44.39
CA ALA A 285 -0.81 -19.95 45.71
C ALA A 285 -1.07 -18.45 45.67
N SER A 286 -1.96 -17.99 46.53
CA SER A 286 -2.31 -16.58 46.59
C SER A 286 -1.10 -15.74 46.98
N ASP A 287 -0.91 -14.62 46.30
CA ASP A 287 0.21 -13.73 46.63
C ASP A 287 0.04 -13.12 48.01
N LYS A 288 -1.15 -12.65 48.34
CA LYS A 288 -1.41 -11.97 49.61
C LYS A 288 -1.63 -13.02 50.69
N ASN A 289 -0.56 -13.38 51.40
CA ASN A 289 -0.61 -14.36 52.48
C ASN A 289 0.10 -13.81 53.70
N GLY A 290 -0.23 -14.36 54.87
CA GLY A 290 0.47 -13.99 56.08
C GLY A 290 1.93 -14.37 56.06
N ALA A 291 2.80 -13.40 56.34
CA ALA A 291 4.24 -13.68 56.34
C ALA A 291 4.63 -14.66 57.44
N LEU A 292 3.74 -14.86 58.42
CA LEU A 292 3.96 -15.80 59.51
C LEU A 292 3.19 -17.10 59.34
N LEU A 293 2.70 -17.37 58.14
CA LEU A 293 1.97 -18.60 57.91
C LEU A 293 2.92 -19.79 57.98
N GLY A 294 2.55 -20.81 58.76
CA GLY A 294 3.45 -21.91 59.03
C GLY A 294 4.48 -21.65 60.10
N ASP A 295 4.45 -20.47 60.73
CA ASP A 295 5.37 -20.12 61.79
C ASP A 295 4.71 -20.39 63.13
N SER A 296 5.49 -20.94 64.08
CA SER A 296 4.96 -21.38 65.36
C SER A 296 4.87 -20.26 66.39
N VAL A 297 5.34 -19.05 66.07
CA VAL A 297 5.30 -17.96 67.04
C VAL A 297 3.87 -17.62 67.41
N VAL A 298 3.02 -17.38 66.41
CA VAL A 298 1.63 -17.02 66.68
C VAL A 298 0.92 -18.16 67.38
N ARG A 299 1.22 -19.39 66.98
CA ARG A 299 0.66 -20.55 67.66
C ARG A 299 0.98 -20.53 69.15
N THR A 300 2.27 -20.36 69.47
CA THR A 300 2.68 -20.37 70.88
C THR A 300 2.05 -19.22 71.65
N ILE A 301 2.02 -18.02 71.05
CA ILE A 301 1.48 -16.86 71.75
C ILE A 301 0.00 -17.09 72.08
N GLN A 302 -0.79 -17.46 71.06
CA GLN A 302 -2.21 -17.66 71.30
C GLN A 302 -2.46 -18.77 72.30
N THR A 303 -1.71 -19.87 72.19
CA THR A 303 -1.92 -20.99 73.10
C THR A 303 -1.62 -20.59 74.54
N GLY A 304 -0.51 -19.88 74.78
CA GLY A 304 -0.18 -19.49 76.14
C GLY A 304 -1.19 -18.51 76.73
N ILE A 305 -1.52 -17.46 75.95
CA ILE A 305 -2.46 -16.46 76.44
C ILE A 305 -3.79 -17.11 76.79
N ARG A 306 -4.31 -17.96 75.91
CA ARG A 306 -5.62 -18.55 76.18
C ARG A 306 -5.55 -19.71 77.17
N ALA A 307 -4.39 -20.31 77.38
CA ALA A 307 -4.29 -21.31 78.43
C ALA A 307 -4.21 -20.69 79.79
N GLN A 308 -3.85 -19.39 79.86
CA GLN A 308 -3.90 -18.72 81.17
C GLN A 308 -5.32 -18.39 81.62
N PHE A 309 -6.33 -18.53 80.76
CA PHE A 309 -7.70 -18.22 81.17
C PHE A 309 -8.24 -19.21 82.19
N ALA A 310 -7.61 -20.37 82.36
CA ALA A 310 -8.07 -21.36 83.33
C ALA A 310 -7.02 -21.44 84.42
N ASN A 311 -7.13 -20.54 85.38
CA ASN A 311 -6.17 -20.42 86.48
C ASN A 311 -6.41 -21.56 87.47
N SER A 312 -5.34 -21.94 88.18
CA SER A 312 -5.46 -22.81 89.34
C SER A 312 -5.12 -22.09 90.64
N GLY A 313 -4.36 -21.00 90.56
CA GLY A 313 -3.87 -20.35 91.77
C GLY A 313 -4.96 -19.70 92.59
N SER A 314 -5.88 -19.00 91.94
CA SER A 314 -6.89 -18.24 92.67
C SER A 314 -7.83 -19.17 93.40
N ASN A 315 -8.14 -18.84 94.65
CA ASN A 315 -8.99 -19.66 95.49
C ASN A 315 -10.43 -19.16 95.55
N SER A 316 -10.87 -18.43 94.53
CA SER A 316 -12.23 -17.94 94.49
C SER A 316 -13.20 -19.09 94.23
N ALA A 317 -14.49 -18.77 94.37
CA ALA A 317 -15.52 -19.75 94.04
C ALA A 317 -15.50 -20.08 92.55
N PHE A 318 -15.28 -19.07 91.70
CA PHE A 318 -15.27 -19.29 90.27
C PHE A 318 -14.03 -20.09 89.88
N LYS A 319 -14.07 -20.66 88.68
CA LYS A 319 -12.92 -21.38 88.15
C LYS A 319 -12.61 -21.04 86.69
N THR A 320 -13.43 -20.22 86.04
CA THR A 320 -13.16 -19.80 84.67
C THR A 320 -13.88 -18.48 84.43
N MET A 321 -13.37 -17.71 83.49
CA MET A 321 -13.94 -16.39 83.24
C MET A 321 -15.20 -16.44 82.41
N ALA A 322 -15.69 -17.63 82.06
CA ALA A 322 -17.03 -17.74 81.50
C ALA A 322 -18.10 -17.69 82.59
N GLU A 323 -17.71 -17.89 83.85
CA GLU A 323 -18.64 -17.75 84.96
C GLU A 323 -19.15 -16.33 85.06
N ILE A 324 -18.25 -15.36 84.90
CA ILE A 324 -18.65 -13.96 84.96
C ILE A 324 -19.54 -13.62 83.77
N GLY A 325 -19.29 -14.23 82.62
CA GLY A 325 -20.06 -13.93 81.43
C GLY A 325 -19.20 -13.45 80.28
N ILE A 326 -17.94 -13.85 80.28
CA ILE A 326 -17.02 -13.55 79.18
C ILE A 326 -16.67 -14.86 78.51
N THR A 327 -17.06 -15.01 77.25
CA THR A 327 -16.99 -16.29 76.56
C THR A 327 -16.37 -16.10 75.19
N GLN A 328 -15.67 -17.15 74.72
CA GLN A 328 -15.13 -17.14 73.38
C GLN A 328 -16.20 -17.51 72.36
N ASP A 329 -16.01 -17.05 71.12
CA ASP A 329 -16.83 -17.50 70.01
C ASP A 329 -16.27 -18.81 69.48
N GLY A 330 -17.17 -19.68 69.02
CA GLY A 330 -16.75 -21.03 68.64
C GLY A 330 -15.73 -21.04 67.51
N THR A 331 -16.03 -20.31 66.44
CA THR A 331 -15.16 -20.36 65.25
C THR A 331 -13.82 -19.69 65.52
N SER A 332 -13.84 -18.39 65.79
CA SER A 332 -12.64 -17.65 66.13
C SER A 332 -12.63 -17.40 67.64
N GLY A 333 -11.46 -17.54 68.25
CA GLY A 333 -11.37 -17.35 69.68
C GLY A 333 -11.52 -15.90 70.11
N LYS A 334 -12.62 -15.29 69.70
CA LYS A 334 -12.92 -13.91 70.04
C LYS A 334 -13.70 -13.87 71.35
N LEU A 335 -13.40 -12.87 72.18
CA LEU A 335 -14.06 -12.76 73.47
C LEU A 335 -15.27 -11.84 73.36
N LYS A 336 -16.36 -12.24 74.01
CA LYS A 336 -17.60 -11.48 74.03
C LYS A 336 -18.19 -11.55 75.42
N ILE A 337 -18.66 -10.42 75.93
CA ILE A 337 -19.25 -10.32 77.25
C ILE A 337 -20.74 -10.05 77.10
N ASP A 338 -21.52 -10.48 78.09
CA ASP A 338 -22.96 -10.28 78.09
C ASP A 338 -23.36 -9.39 79.25
N ASP A 339 -24.30 -8.49 79.00
CA ASP A 339 -24.69 -7.51 80.02
C ASP A 339 -25.29 -8.20 81.24
N ASP A 340 -26.16 -9.19 81.02
CA ASP A 340 -26.94 -9.75 82.12
C ASP A 340 -26.05 -10.46 83.13
N LYS A 341 -25.30 -11.47 82.68
CA LYS A 341 -24.50 -12.26 83.62
C LYS A 341 -23.42 -11.43 84.27
N LEU A 342 -22.72 -10.60 83.49
CA LEU A 342 -21.66 -9.78 84.03
C LEU A 342 -22.19 -8.79 85.06
N THR A 343 -23.26 -8.06 84.71
CA THR A 343 -23.82 -7.10 85.64
C THR A 343 -24.31 -7.78 86.91
N LYS A 344 -24.96 -8.93 86.77
CA LYS A 344 -25.45 -9.66 87.93
C LYS A 344 -24.30 -10.08 88.85
N VAL A 345 -23.20 -10.57 88.27
CA VAL A 345 -22.09 -11.01 89.10
C VAL A 345 -21.41 -9.82 89.77
N LEU A 346 -21.26 -8.72 89.04
CA LEU A 346 -20.61 -7.56 89.63
C LEU A 346 -21.44 -6.96 90.76
N LYS A 347 -22.76 -6.90 90.60
CA LYS A 347 -23.61 -6.35 91.65
C LYS A 347 -23.71 -7.30 92.84
N ASP A 348 -23.95 -8.58 92.59
CA ASP A 348 -24.24 -9.50 93.69
C ASP A 348 -22.97 -10.02 94.34
N ASN A 349 -22.14 -10.74 93.58
CA ASN A 349 -20.97 -11.42 94.12
C ASN A 349 -19.73 -10.87 93.41
N THR A 350 -19.16 -9.80 93.97
CA THR A 350 -18.01 -9.12 93.36
C THR A 350 -16.68 -9.51 93.97
N ALA A 351 -16.67 -10.06 95.18
CA ALA A 351 -15.40 -10.48 95.77
C ALA A 351 -14.80 -11.63 95.00
N ALA A 352 -15.62 -12.58 94.55
CA ALA A 352 -15.08 -13.70 93.79
C ALA A 352 -14.63 -13.26 92.41
N ALA A 353 -15.34 -12.33 91.79
CA ALA A 353 -14.88 -11.77 90.53
C ALA A 353 -13.53 -11.09 90.69
N ARG A 354 -13.35 -10.32 91.76
CA ARG A 354 -12.05 -9.70 91.98
C ARG A 354 -10.96 -10.74 92.25
N GLU A 355 -11.25 -11.74 93.06
CA GLU A 355 -10.24 -12.74 93.34
C GLU A 355 -9.90 -13.59 92.13
N LEU A 356 -10.81 -13.68 91.16
CA LEU A 356 -10.52 -14.41 89.93
C LEU A 356 -9.75 -13.55 88.94
N LEU A 357 -10.35 -12.45 88.49
CA LEU A 357 -9.69 -11.56 87.55
C LEU A 357 -8.39 -11.03 88.12
N VAL A 358 -8.48 -10.22 89.18
CA VAL A 358 -7.32 -9.50 89.68
C VAL A 358 -6.40 -10.42 90.46
N GLY A 359 -6.97 -11.30 91.26
CA GLY A 359 -6.12 -12.21 91.99
C GLY A 359 -5.34 -11.52 93.08
N ASP A 360 -4.39 -12.26 93.63
CA ASP A 360 -3.52 -11.72 94.68
C ASP A 360 -2.72 -10.51 94.21
N GLY A 361 -2.53 -10.36 92.92
CA GLY A 361 -1.76 -9.27 92.37
C GLY A 361 -0.30 -9.59 92.13
N LYS A 362 0.19 -10.71 92.66
CA LYS A 362 1.59 -11.08 92.52
C LYS A 362 1.78 -12.39 91.76
N GLU A 363 1.09 -13.45 92.16
CA GLU A 363 1.33 -14.77 91.57
C GLU A 363 0.07 -15.56 91.28
N THR A 364 -1.11 -15.01 91.47
CA THR A 364 -2.35 -15.71 91.17
C THR A 364 -3.31 -14.76 90.47
N GLY A 365 -4.32 -15.34 89.85
CA GLY A 365 -5.31 -14.56 89.12
C GLY A 365 -5.09 -14.64 87.62
N ILE A 366 -6.18 -14.55 86.87
CA ILE A 366 -6.09 -14.57 85.42
C ILE A 366 -5.23 -13.41 84.93
N THR A 367 -5.53 -12.20 85.40
CA THR A 367 -4.88 -11.02 84.86
C THR A 367 -3.39 -11.01 85.22
N THR A 368 -3.04 -11.46 86.41
CA THR A 368 -1.64 -11.50 86.81
C THR A 368 -0.84 -12.50 85.97
N LYS A 369 -1.38 -13.69 85.77
CA LYS A 369 -0.67 -14.70 85.00
C LYS A 369 -0.51 -14.27 83.55
N ILE A 370 -1.57 -13.72 82.95
CA ILE A 370 -1.46 -13.18 81.60
C ILE A 370 -0.42 -12.08 81.56
N ALA A 371 -0.37 -11.24 82.59
CA ALA A 371 0.58 -10.14 82.59
C ALA A 371 2.01 -10.64 82.58
N THR A 372 2.32 -11.61 83.45
CA THR A 372 3.70 -12.12 83.47
C THR A 372 4.05 -12.84 82.18
N GLU A 373 3.12 -13.62 81.61
CA GLU A 373 3.42 -14.29 80.36
C GLU A 373 3.67 -13.31 79.23
N VAL A 374 2.74 -12.37 79.01
CA VAL A 374 2.90 -11.42 77.92
C VAL A 374 4.11 -10.54 78.16
N LYS A 375 4.51 -10.34 79.42
CA LYS A 375 5.78 -9.67 79.68
C LYS A 375 6.95 -10.50 79.20
N SER A 376 6.90 -11.83 79.43
CA SER A 376 7.97 -12.69 78.95
C SER A 376 8.06 -12.68 77.43
N TYR A 377 6.92 -12.79 76.75
CA TYR A 377 6.94 -12.86 75.29
C TYR A 377 7.23 -11.52 74.66
N LEU A 378 7.18 -10.43 75.43
CA LEU A 378 7.56 -9.13 74.92
C LEU A 378 8.97 -8.71 75.34
N ALA A 379 9.71 -9.60 76.00
CA ALA A 379 11.06 -9.27 76.43
C ALA A 379 12.01 -9.24 75.24
N ASP A 380 13.23 -8.74 75.49
CA ASP A 380 14.24 -8.67 74.44
C ASP A 380 14.83 -10.03 74.12
N ASP A 381 14.58 -11.04 74.95
CA ASP A 381 15.09 -12.39 74.73
C ASP A 381 13.97 -13.42 74.57
N GLY A 382 12.83 -12.98 74.05
CA GLY A 382 11.68 -13.86 73.91
C GLY A 382 11.75 -14.73 72.68
N ILE A 383 10.65 -15.43 72.43
CA ILE A 383 10.51 -16.19 71.19
C ILE A 383 10.59 -15.26 70.00
N ILE A 384 10.03 -14.06 70.13
CA ILE A 384 10.11 -13.05 69.08
C ILE A 384 11.56 -12.73 68.75
N ASP A 385 12.44 -12.71 69.77
CA ASP A 385 13.84 -12.39 69.53
C ASP A 385 14.51 -13.45 68.66
N ASN A 386 14.28 -14.73 68.97
CA ASN A 386 14.85 -15.79 68.15
C ASN A 386 14.30 -15.73 66.73
N ALA A 387 12.99 -15.52 66.60
CA ALA A 387 12.41 -15.41 65.26
C ALA A 387 13.03 -14.26 64.48
N GLN A 388 13.20 -13.10 65.12
CA GLN A 388 13.65 -11.93 64.38
C GLN A 388 15.14 -11.99 64.07
N ASP A 389 15.97 -12.57 64.95
CA ASP A 389 17.38 -12.63 64.59
C ASP A 389 17.63 -13.72 63.56
N ASN A 390 16.81 -14.79 63.56
CA ASN A 390 16.85 -15.71 62.43
C ASN A 390 16.47 -15.01 61.13
N VAL A 391 15.45 -14.14 61.19
CA VAL A 391 15.08 -13.37 60.01
C VAL A 391 16.25 -12.51 59.55
N ASN A 392 16.94 -11.86 60.48
CA ASN A 392 18.06 -11.00 60.11
C ASN A 392 19.21 -11.80 59.51
N ALA A 393 19.50 -12.98 60.06
CA ALA A 393 20.54 -13.83 59.49
C ALA A 393 20.17 -14.29 58.09
N THR A 394 18.90 -14.63 57.87
CA THR A 394 18.45 -14.96 56.53
C THR A 394 18.63 -13.78 55.59
N LEU A 395 18.33 -12.57 56.08
CA LEU A 395 18.50 -11.38 55.26
C LEU A 395 19.97 -11.17 54.87
N LYS A 396 20.89 -11.37 55.82
CA LYS A 396 22.30 -11.14 55.51
C LYS A 396 22.84 -12.21 54.55
N SER A 397 22.42 -13.47 54.72
CA SER A 397 22.80 -14.49 53.77
C SER A 397 22.24 -14.19 52.39
N LEU A 398 20.99 -13.70 52.33
CA LEU A 398 20.39 -13.29 51.08
C LEU A 398 21.21 -12.19 50.42
N THR A 399 21.63 -11.20 51.20
CA THR A 399 22.42 -10.10 50.63
C THR A 399 23.75 -10.60 50.08
N LYS A 400 24.42 -11.50 50.82
CA LYS A 400 25.69 -12.04 50.33
C LYS A 400 25.50 -12.82 49.03
N GLN A 401 24.52 -13.71 49.00
CA GLN A 401 24.27 -14.49 47.78
C GLN A 401 23.88 -13.60 46.63
N TYR A 402 23.09 -12.55 46.91
CA TYR A 402 22.72 -11.61 45.87
C TYR A 402 23.93 -10.88 45.31
N LEU A 403 24.87 -10.49 46.18
CA LEU A 403 26.06 -9.82 45.68
C LEU A 403 26.92 -10.74 44.82
N SER A 404 27.08 -12.00 45.24
CA SER A 404 27.87 -12.95 44.46
C SER A 404 27.23 -13.21 43.10
N VAL A 405 25.94 -13.55 43.09
CA VAL A 405 25.26 -13.79 41.83
C VAL A 405 25.19 -12.50 41.02
N SER A 406 25.26 -11.34 41.67
CA SER A 406 25.22 -10.09 40.95
C SER A 406 26.51 -9.84 40.19
N ASN A 407 27.66 -10.11 40.82
CA ASN A 407 28.90 -9.97 40.06
C ASN A 407 28.99 -11.01 38.95
N SER A 408 28.51 -12.23 39.20
CA SER A 408 28.50 -13.24 38.14
C SER A 408 27.61 -12.79 36.97
N ILE A 409 26.43 -12.26 37.28
CA ILE A 409 25.50 -11.79 36.26
C ILE A 409 26.11 -10.59 35.53
N ASP A 410 26.83 -9.74 36.26
CA ASP A 410 27.49 -8.59 35.65
C ASP A 410 28.47 -9.06 34.59
N GLU A 411 29.31 -10.04 34.94
CA GLU A 411 30.27 -10.57 33.97
C GLU A 411 29.55 -11.18 32.76
N THR A 412 28.53 -11.99 33.01
CA THR A 412 27.85 -12.68 31.91
C THR A 412 27.16 -11.69 30.98
N VAL A 413 26.41 -10.74 31.55
CA VAL A 413 25.70 -9.75 30.75
C VAL A 413 26.68 -8.84 30.04
N ALA A 414 27.82 -8.53 30.65
CA ALA A 414 28.84 -7.74 29.95
C ALA A 414 29.35 -8.50 28.73
N ARG A 415 29.60 -9.80 28.86
CA ARG A 415 30.03 -10.59 27.71
C ARG A 415 28.95 -10.62 26.63
N TYR A 416 27.68 -10.74 27.04
CA TYR A 416 26.59 -10.77 26.07
C TYR A 416 26.45 -9.44 25.34
N LYS A 417 26.58 -8.33 26.06
CA LYS A 417 26.53 -7.02 25.42
C LYS A 417 27.70 -6.83 24.47
N ALA A 418 28.88 -7.30 24.86
CA ALA A 418 30.01 -7.26 23.95
C ALA A 418 29.72 -8.05 22.68
N GLN A 419 29.16 -9.27 22.83
CA GLN A 419 28.76 -10.07 21.68
C GLN A 419 27.78 -9.32 20.79
N PHE A 420 26.82 -8.61 21.39
CA PHE A 420 25.92 -7.76 20.62
C PHE A 420 26.70 -6.70 19.85
N THR A 421 27.73 -6.12 20.48
CA THR A 421 28.55 -5.13 19.78
C THR A 421 29.26 -5.74 18.57
N GLN A 422 29.88 -6.91 18.72
CA GLN A 422 30.58 -7.47 17.55
C GLN A 422 29.59 -7.87 16.46
N LEU A 423 28.42 -8.40 16.83
CA LEU A 423 27.46 -8.73 15.78
C LEU A 423 26.91 -7.48 15.09
N ASP A 424 26.74 -6.37 15.82
CA ASP A 424 26.36 -5.12 15.17
C ASP A 424 27.46 -4.63 14.23
N THR A 425 28.72 -4.76 14.63
CA THR A 425 29.82 -4.39 13.74
C THR A 425 29.86 -5.24 12.49
N MET A 426 29.61 -6.55 12.61
CA MET A 426 29.52 -7.38 11.41
C MET A 426 28.31 -7.03 10.55
N MET A 427 27.16 -6.72 11.16
CA MET A 427 26.00 -6.29 10.39
C MET A 427 26.22 -4.94 9.74
N SER A 428 27.17 -4.15 10.24
CA SER A 428 27.49 -2.88 9.61
C SER A 428 28.09 -3.08 8.22
N LYS A 429 28.72 -4.23 8.00
CA LYS A 429 29.25 -4.57 6.68
C LYS A 429 28.12 -5.10 5.80
N LEU A 430 27.28 -4.17 5.36
CA LEU A 430 26.10 -4.50 4.58
C LEU A 430 26.47 -4.93 3.17
N PHE B 1 13.34 -29.99 29.38
CA PHE B 1 12.15 -30.84 29.39
C PHE B 1 10.98 -30.11 30.05
N THR B 2 9.81 -30.76 30.02
CA THR B 2 8.57 -30.15 30.49
C THR B 2 8.08 -30.73 31.82
N ALA B 3 8.61 -31.88 32.23
CA ALA B 3 8.21 -32.47 33.51
C ALA B 3 8.54 -31.55 34.68
N ASN B 4 9.51 -30.64 34.51
CA ASN B 4 9.83 -29.69 35.57
C ASN B 4 8.64 -28.82 35.90
N ILE B 5 7.90 -28.38 34.88
CA ILE B 5 6.71 -27.57 35.13
C ILE B 5 5.66 -28.38 35.89
N LYS B 6 5.47 -29.64 35.51
CA LYS B 6 4.50 -30.48 36.22
C LYS B 6 4.89 -30.66 37.67
N GLY B 7 6.17 -30.92 37.93
CA GLY B 7 6.62 -31.05 39.31
C GLY B 7 6.47 -29.77 40.11
N LEU B 8 6.76 -28.63 39.48
CA LEU B 8 6.58 -27.35 40.14
C LEU B 8 5.11 -27.13 40.52
N THR B 9 4.20 -27.42 39.57
CA THR B 9 2.78 -27.29 39.86
C THR B 9 2.36 -28.21 40.98
N GLN B 10 2.83 -29.46 40.96
CA GLN B 10 2.47 -30.41 42.00
C GLN B 10 2.96 -29.96 43.38
N ALA B 11 4.21 -29.49 43.45
CA ALA B 11 4.76 -29.04 44.73
C ALA B 11 4.02 -27.82 45.25
N SER B 12 3.72 -26.86 44.37
CA SER B 12 2.95 -25.70 44.80
C SER B 12 1.55 -26.11 45.27
N ARG B 13 0.94 -27.07 44.57
CA ARG B 13 -0.39 -27.54 44.96
C ARG B 13 -0.35 -28.21 46.32
N ASN B 14 0.72 -28.96 46.59
CA ASN B 14 0.85 -29.60 47.90
C ASN B 14 1.10 -28.56 48.99
N ALA B 15 1.83 -27.50 48.67
CA ALA B 15 1.97 -26.40 49.63
C ALA B 15 0.60 -25.78 49.94
N ASN B 16 -0.23 -25.62 48.90
CA ASN B 16 -1.60 -25.15 49.14
C ASN B 16 -2.37 -26.13 50.01
N ASP B 17 -2.15 -27.43 49.80
CA ASP B 17 -2.78 -28.44 50.65
C ASP B 17 -2.36 -28.25 52.10
N GLY B 18 -1.08 -28.02 52.34
CA GLY B 18 -0.61 -27.77 53.70
C GLY B 18 -1.22 -26.52 54.31
N ILE B 19 -1.39 -25.48 53.50
CA ILE B 19 -2.05 -24.29 53.99
C ILE B 19 -3.48 -24.60 54.43
N SER B 20 -4.21 -25.38 53.62
CA SER B 20 -5.56 -25.78 54.00
C SER B 20 -5.55 -26.63 55.26
N ILE B 21 -4.52 -27.47 55.43
CA ILE B 21 -4.35 -28.24 56.66
C ILE B 21 -4.28 -27.30 57.86
N ALA B 22 -3.45 -26.27 57.74
CA ALA B 22 -3.29 -25.33 58.84
C ALA B 22 -4.61 -24.64 59.17
N GLN B 23 -5.36 -24.21 58.14
CA GLN B 23 -6.61 -23.49 58.40
C GLN B 23 -7.63 -24.38 59.09
N THR B 24 -7.82 -25.60 58.58
CA THR B 24 -8.81 -26.48 59.20
C THR B 24 -8.40 -26.88 60.61
N THR B 25 -7.10 -27.09 60.85
CA THR B 25 -6.67 -27.43 62.19
C THR B 25 -6.86 -26.26 63.15
N GLU B 26 -6.65 -25.02 62.68
CA GLU B 26 -6.93 -23.86 63.50
C GLU B 26 -8.40 -23.78 63.89
N GLY B 27 -9.28 -23.99 62.92
CA GLY B 27 -10.70 -23.98 63.24
C GLY B 27 -11.07 -25.05 64.24
N ALA B 28 -10.54 -26.26 64.07
CA ALA B 28 -10.81 -27.34 65.02
C ALA B 28 -10.32 -26.98 66.41
N LEU B 29 -9.12 -26.43 66.51
CA LEU B 29 -8.56 -26.09 67.82
C LEU B 29 -9.39 -25.02 68.52
N ASN B 30 -9.80 -23.99 67.79
CA ASN B 30 -10.59 -22.93 68.41
C ASN B 30 -11.91 -23.48 68.93
N GLU B 31 -12.62 -24.26 68.11
CA GLU B 31 -13.90 -24.80 68.55
C GLU B 31 -13.73 -25.75 69.72
N ILE B 32 -12.63 -26.51 69.75
CA ILE B 32 -12.47 -27.42 70.87
C ILE B 32 -12.02 -26.70 72.13
N ASN B 33 -11.34 -25.57 72.01
CA ASN B 33 -11.08 -24.74 73.20
C ASN B 33 -12.38 -24.22 73.77
N ASN B 34 -13.28 -23.77 72.89
CA ASN B 34 -14.63 -23.43 73.35
C ASN B 34 -15.24 -24.60 74.12
N ASN B 35 -15.10 -25.81 73.59
CA ASN B 35 -15.63 -26.98 74.29
C ASN B 35 -14.98 -27.17 75.65
N LEU B 36 -13.67 -26.94 75.75
CA LEU B 36 -12.98 -27.12 77.02
C LEU B 36 -13.48 -26.12 78.06
N GLN B 37 -13.67 -24.86 77.66
CA GLN B 37 -14.21 -23.89 78.59
C GLN B 37 -15.62 -24.27 79.01
N ARG B 38 -16.43 -24.77 78.08
CA ARG B 38 -17.81 -25.15 78.42
C ARG B 38 -17.82 -26.33 79.40
N VAL B 39 -16.97 -27.32 79.18
CA VAL B 39 -16.97 -28.48 80.06
C VAL B 39 -16.46 -28.11 81.45
N ARG B 40 -15.44 -27.23 81.52
CA ARG B 40 -14.98 -26.81 82.85
C ARG B 40 -16.04 -25.99 83.57
N GLU B 41 -16.71 -25.09 82.84
CA GLU B 41 -17.82 -24.37 83.45
C GLU B 41 -18.84 -25.33 84.02
N LEU B 42 -19.31 -26.29 83.21
CA LEU B 42 -20.36 -27.19 83.68
C LEU B 42 -19.89 -28.06 84.83
N ALA B 43 -18.62 -28.45 84.83
CA ALA B 43 -18.09 -29.16 85.99
C ALA B 43 -18.18 -28.29 87.22
N VAL B 44 -17.96 -26.98 87.07
CA VAL B 44 -18.07 -26.08 88.22
C VAL B 44 -19.52 -26.01 88.71
N GLN B 45 -20.48 -25.78 87.80
CA GLN B 45 -21.87 -25.71 88.27
C GLN B 45 -22.33 -27.06 88.83
N SER B 46 -21.77 -28.15 88.35
CA SER B 46 -22.03 -29.44 88.98
C SER B 46 -21.48 -29.47 90.39
N ALA B 47 -20.29 -28.90 90.59
CA ALA B 47 -19.78 -28.72 91.94
C ALA B 47 -20.63 -27.73 92.73
N ASN B 48 -21.13 -26.70 92.06
CA ASN B 48 -22.00 -25.74 92.73
C ASN B 48 -23.34 -26.39 93.09
N SER B 49 -23.81 -26.11 94.30
CA SER B 49 -25.18 -26.44 94.65
C SER B 49 -26.16 -25.43 94.07
N THR B 50 -25.67 -24.35 93.50
CA THR B 50 -26.54 -23.28 93.01
C THR B 50 -27.30 -23.71 91.77
N ASN B 51 -26.61 -24.32 90.80
CA ASN B 51 -27.21 -24.60 89.50
C ASN B 51 -27.94 -25.94 89.51
N SER B 52 -28.93 -26.06 88.64
CA SER B 52 -29.73 -27.26 88.48
C SER B 52 -29.39 -27.95 87.17
N GLN B 53 -30.02 -29.10 86.94
CA GLN B 53 -29.69 -29.95 85.81
C GLN B 53 -30.12 -29.36 84.47
N SER B 54 -31.07 -28.42 84.47
CA SER B 54 -31.53 -27.84 83.21
C SER B 54 -30.41 -27.12 82.48
N ASP B 55 -29.64 -26.31 83.21
CA ASP B 55 -28.52 -25.61 82.59
C ASP B 55 -27.43 -26.58 82.15
N LEU B 56 -27.20 -27.64 82.94
CA LEU B 56 -26.27 -28.67 82.51
C LEU B 56 -26.68 -29.27 81.18
N ASP B 57 -27.97 -29.59 81.03
CA ASP B 57 -28.44 -30.17 79.78
C ASP B 57 -28.32 -29.18 78.63
N SER B 58 -28.63 -27.91 78.88
CA SER B 58 -28.54 -26.90 77.83
C SER B 58 -27.11 -26.73 77.36
N ILE B 59 -26.16 -26.65 78.28
CA ILE B 59 -24.78 -26.44 77.87
C ILE B 59 -24.18 -27.72 77.30
N GLN B 60 -24.67 -28.90 77.72
CA GLN B 60 -24.26 -30.13 77.05
C GLN B 60 -24.78 -30.18 75.63
N ALA B 61 -26.00 -29.68 75.40
CA ALA B 61 -26.49 -29.54 74.04
C ALA B 61 -25.61 -28.59 73.24
N GLU B 62 -25.13 -27.52 73.88
CA GLU B 62 -24.19 -26.64 73.21
C GLU B 62 -22.90 -27.37 72.87
N ILE B 63 -22.42 -28.23 73.76
CA ILE B 63 -21.23 -29.04 73.49
C ILE B 63 -21.46 -29.93 72.27
N THR B 64 -22.62 -30.58 72.21
CA THR B 64 -22.92 -31.44 71.07
C THR B 64 -23.00 -30.65 69.79
N GLN B 65 -23.62 -29.46 69.83
CA GLN B 65 -23.69 -28.63 68.64
C GLN B 65 -22.31 -28.20 68.18
N ARG B 66 -21.43 -27.85 69.12
CA ARG B 66 -20.06 -27.50 68.76
C ARG B 66 -19.34 -28.68 68.14
N LEU B 67 -19.52 -29.87 68.69
CA LEU B 67 -18.89 -31.06 68.10
C LEU B 67 -19.39 -31.32 66.69
N ASN B 68 -20.69 -31.14 66.46
CA ASN B 68 -21.24 -31.31 65.13
C ASN B 68 -20.65 -30.29 64.16
N GLU B 69 -20.50 -29.05 64.61
CA GLU B 69 -19.85 -28.03 63.77
C GLU B 69 -18.42 -28.42 63.47
N ILE B 70 -17.73 -29.00 64.45
CA ILE B 70 -16.36 -29.47 64.24
C ILE B 70 -16.33 -30.50 63.12
N ASP B 71 -17.22 -31.49 63.20
CA ASP B 71 -17.23 -32.54 62.19
C ASP B 71 -17.63 -32.00 60.82
N ARG B 72 -18.58 -31.08 60.79
CA ARG B 72 -19.02 -30.49 59.52
C ARG B 72 -17.89 -29.74 58.83
N VAL B 73 -17.22 -28.86 59.57
CA VAL B 73 -16.11 -28.12 58.95
C VAL B 73 -14.95 -29.08 58.63
N SER B 74 -14.82 -30.16 59.40
CA SER B 74 -13.80 -31.15 59.11
C SER B 74 -14.05 -31.82 57.76
N GLY B 75 -15.31 -32.19 57.50
CA GLY B 75 -15.65 -32.82 56.24
C GLY B 75 -15.70 -31.85 55.08
N GLN B 76 -15.91 -30.56 55.37
CA GLN B 76 -16.05 -29.58 54.30
C GLN B 76 -14.74 -29.40 53.54
N THR B 77 -13.61 -29.68 54.18
CA THR B 77 -12.31 -29.47 53.55
C THR B 77 -12.15 -30.37 52.34
N GLN B 78 -11.76 -29.78 51.21
CA GLN B 78 -11.55 -30.52 49.97
C GLN B 78 -10.54 -29.81 49.11
N PHE B 79 -9.65 -30.59 48.50
CA PHE B 79 -8.56 -30.03 47.70
C PHE B 79 -8.03 -31.12 46.77
N ASN B 80 -8.04 -30.85 45.47
CA ASN B 80 -7.61 -31.80 44.44
C ASN B 80 -8.36 -33.13 44.57
N GLY B 81 -9.62 -33.08 44.99
CA GLY B 81 -10.43 -34.27 45.08
C GLY B 81 -10.14 -35.15 46.27
N VAL B 82 -9.26 -34.73 47.17
CA VAL B 82 -8.90 -35.51 48.34
C VAL B 82 -9.10 -34.66 49.58
N LYS B 83 -9.41 -35.32 50.70
CA LYS B 83 -9.73 -34.64 51.94
C LYS B 83 -8.55 -34.79 52.90
N VAL B 84 -8.32 -33.75 53.70
CA VAL B 84 -7.15 -33.67 54.56
C VAL B 84 -7.11 -34.82 55.55
N LEU B 85 -8.25 -35.20 56.10
CA LEU B 85 -8.30 -36.15 57.20
C LEU B 85 -9.24 -37.32 56.95
N ALA B 86 -9.72 -37.50 55.72
CA ALA B 86 -10.53 -38.67 55.41
C ALA B 86 -9.71 -39.95 55.55
N GLN B 87 -8.51 -39.96 55.00
CA GLN B 87 -7.63 -41.12 55.05
C GLN B 87 -6.23 -40.69 55.50
N ASP B 88 -5.54 -41.60 56.16
CA ASP B 88 -4.18 -41.36 56.65
C ASP B 88 -3.20 -41.95 55.64
N ASN B 89 -2.92 -41.20 54.58
CA ASN B 89 -2.02 -41.62 53.52
C ASN B 89 -0.79 -40.74 53.51
N THR B 90 0.38 -41.37 53.40
CA THR B 90 1.63 -40.63 53.23
C THR B 90 1.72 -40.17 51.78
N LEU B 91 1.02 -39.07 51.49
CA LEU B 91 0.94 -38.58 50.13
C LEU B 91 2.32 -38.12 49.65
N THR B 92 2.75 -38.66 48.51
CA THR B 92 4.09 -38.41 47.99
C THR B 92 3.99 -37.34 46.91
N ILE B 93 4.78 -36.29 47.05
CA ILE B 93 4.73 -35.17 46.10
C ILE B 93 5.40 -35.60 44.81
N GLN B 94 4.65 -35.52 43.71
CA GLN B 94 5.22 -35.82 42.41
C GLN B 94 6.08 -34.65 41.93
N VAL B 95 7.34 -34.94 41.61
CA VAL B 95 8.32 -33.91 41.27
C VAL B 95 8.95 -34.25 39.93
N GLY B 96 8.99 -33.27 39.04
CA GLY B 96 9.61 -33.45 37.73
C GLY B 96 11.06 -33.02 37.71
N ALA B 97 11.87 -33.66 38.56
CA ALA B 97 13.30 -33.39 38.65
C ALA B 97 13.59 -31.95 39.06
N ASN B 98 12.64 -31.31 39.76
CA ASN B 98 12.93 -30.00 40.34
C ASN B 98 13.78 -30.12 41.58
N ASP B 99 13.54 -31.16 42.40
CA ASP B 99 14.34 -31.44 43.57
C ASP B 99 15.02 -32.80 43.43
N GLY B 100 16.00 -33.05 44.29
CA GLY B 100 16.71 -34.32 44.25
C GLY B 100 15.83 -35.50 44.63
N GLU B 101 15.04 -35.33 45.69
CA GLU B 101 14.20 -36.41 46.20
C GLU B 101 12.78 -35.90 46.39
N THR B 102 11.81 -36.77 46.13
CA THR B 102 10.41 -36.38 46.27
C THR B 102 10.07 -36.10 47.72
N ILE B 103 9.07 -35.26 47.93
CA ILE B 103 8.66 -34.82 49.26
C ILE B 103 7.43 -35.61 49.68
N ASP B 104 7.33 -35.91 50.98
CA ASP B 104 6.24 -36.70 51.53
C ASP B 104 5.48 -35.90 52.59
N ILE B 105 4.16 -36.10 52.63
CA ILE B 105 3.27 -35.45 53.59
C ILE B 105 2.46 -36.54 54.27
N ASP B 106 2.67 -36.72 55.57
CA ASP B 106 1.99 -37.77 56.33
C ASP B 106 0.76 -37.19 57.00
N LEU B 107 -0.41 -37.48 56.45
CA LEU B 107 -1.65 -37.00 57.05
C LEU B 107 -2.07 -37.90 58.20
N LYS B 108 -3.14 -37.52 58.88
CA LYS B 108 -3.61 -38.23 60.05
C LYS B 108 -5.12 -38.17 60.13
N GLN B 109 -5.68 -39.08 60.94
CA GLN B 109 -7.14 -39.23 61.08
C GLN B 109 -7.57 -38.48 62.33
N ILE B 110 -8.22 -37.34 62.12
CA ILE B 110 -8.72 -36.51 63.22
C ILE B 110 -10.22 -36.31 63.01
N ASN B 111 -11.01 -37.14 63.68
CA ASN B 111 -12.46 -37.07 63.63
C ASN B 111 -13.04 -37.09 65.04
N SER B 112 -14.26 -36.58 65.16
CA SER B 112 -14.91 -36.54 66.48
C SER B 112 -15.13 -37.94 67.02
N GLN B 113 -15.43 -38.90 66.15
CA GLN B 113 -15.52 -40.29 66.57
C GLN B 113 -14.17 -40.84 66.99
N THR B 114 -13.10 -40.44 66.29
CA THR B 114 -11.77 -40.93 66.61
C THR B 114 -11.32 -40.46 67.98
N LEU B 115 -11.47 -39.16 68.25
CA LEU B 115 -11.04 -38.60 69.54
C LEU B 115 -11.92 -39.03 70.69
N GLY B 116 -13.10 -39.58 70.40
CA GLY B 116 -13.98 -40.11 71.42
C GLY B 116 -14.82 -39.06 72.12
N LEU B 117 -14.65 -37.78 71.80
CA LEU B 117 -15.39 -36.72 72.47
C LEU B 117 -16.87 -36.76 72.13
N ASP B 118 -17.28 -37.53 71.12
CA ASP B 118 -18.70 -37.69 70.84
C ASP B 118 -19.40 -38.38 72.00
N THR B 119 -18.76 -39.39 72.59
CA THR B 119 -19.29 -40.06 73.76
C THR B 119 -19.11 -39.26 75.03
N LEU B 120 -18.30 -38.19 74.99
CA LEU B 120 -18.01 -37.41 76.18
C LEU B 120 -19.23 -36.57 76.56
N ASN B 121 -19.79 -36.84 77.74
CA ASN B 121 -21.02 -36.23 78.18
C ASN B 121 -20.84 -35.66 79.58
N VAL B 122 -21.57 -34.57 79.85
CA VAL B 122 -21.46 -33.89 81.12
C VAL B 122 -22.77 -33.87 81.91
N GLN B 123 -23.91 -34.07 81.26
CA GLN B 123 -25.19 -34.03 81.96
C GLN B 123 -25.25 -35.06 83.07
N GLN B 124 -25.56 -34.60 84.28
CA GLN B 124 -25.63 -35.43 85.47
C GLN B 124 -26.98 -36.10 85.57
N LYS B 125 -27.01 -37.29 86.17
CA LYS B 125 -28.25 -38.04 86.33
C LYS B 125 -28.84 -37.83 87.72
N TYR B 126 -30.09 -37.40 87.77
CA TYR B 126 -30.88 -37.37 88.99
C TYR B 126 -32.15 -38.19 88.79
N LYS B 127 -32.67 -38.71 89.89
CA LYS B 127 -33.82 -39.61 89.84
C LYS B 127 -35.03 -38.89 89.26
N VAL B 128 -35.85 -39.65 88.53
CA VAL B 128 -36.98 -39.10 87.80
C VAL B 128 -38.21 -39.07 88.72
N SER B 129 -38.93 -37.96 88.70
CA SER B 129 -40.20 -37.85 89.40
C SER B 129 -41.32 -38.43 88.52
N ASP B 130 -41.11 -39.67 88.10
CA ASP B 130 -42.04 -40.34 87.21
C ASP B 130 -43.32 -40.70 87.95
N THR B 131 -44.40 -40.82 87.18
CA THR B 131 -45.72 -41.15 87.73
C THR B 131 -46.09 -42.57 87.29
N ALA B 132 -45.99 -43.51 88.22
CA ALA B 132 -46.42 -44.87 87.97
C ALA B 132 -47.94 -44.95 87.96
N ALA B 133 -48.48 -45.63 86.95
CA ALA B 133 -49.92 -45.75 86.76
C ALA B 133 -50.57 -44.37 86.69
N THR B 134 -50.06 -43.54 85.78
CA THR B 134 -50.54 -42.16 85.66
C THR B 134 -51.98 -42.12 85.15
N VAL B 135 -52.37 -43.10 84.33
CA VAL B 135 -53.71 -43.17 83.74
C VAL B 135 -53.99 -41.87 82.99
N THR B 136 -53.13 -41.53 82.04
CA THR B 136 -53.33 -40.38 81.15
C THR B 136 -53.54 -40.93 79.75
N GLY B 137 -54.79 -41.26 79.44
CA GLY B 137 -55.08 -41.91 78.16
C GLY B 137 -55.25 -43.40 78.31
N TYR B 138 -56.05 -43.98 77.42
CA TYR B 138 -56.37 -45.40 77.45
C TYR B 138 -55.80 -46.06 76.20
N ALA B 139 -55.50 -47.35 76.32
CA ALA B 139 -55.00 -48.12 75.19
C ALA B 139 -56.09 -48.29 74.14
N ASP B 140 -55.67 -48.60 72.92
CA ASP B 140 -56.58 -48.81 71.81
C ASP B 140 -56.39 -50.21 71.25
N THR B 141 -57.48 -50.79 70.75
CA THR B 141 -57.46 -52.11 70.14
C THR B 141 -57.51 -51.98 68.63
N THR B 142 -56.64 -52.73 67.95
CA THR B 142 -56.58 -52.70 66.50
C THR B 142 -57.18 -53.95 65.86
N ILE B 143 -56.93 -55.12 66.44
CA ILE B 143 -57.48 -56.35 65.88
C ILE B 143 -58.97 -56.45 66.20
N ALA B 144 -59.65 -57.32 65.46
CA ALA B 144 -61.09 -57.50 65.60
C ALA B 144 -61.40 -58.73 66.45
N LEU B 145 -62.67 -58.88 66.79
CA LEU B 145 -63.11 -60.00 67.60
C LEU B 145 -63.03 -61.30 66.82
N ASP B 146 -62.98 -62.41 67.55
CA ASP B 146 -62.95 -63.73 66.92
C ASP B 146 -64.28 -64.01 66.22
N ASN B 147 -64.18 -64.48 64.98
CA ASN B 147 -65.39 -64.78 64.21
C ASN B 147 -66.16 -65.97 64.76
N SER B 148 -65.44 -66.99 65.24
CA SER B 148 -66.11 -68.20 65.72
C SER B 148 -66.98 -67.91 66.94
N THR B 149 -66.44 -67.15 67.90
CA THR B 149 -67.21 -66.85 69.10
C THR B 149 -68.45 -66.01 68.78
N PHE B 150 -68.29 -65.00 67.90
CA PHE B 150 -69.42 -64.17 67.53
C PHE B 150 -70.48 -64.97 66.79
N LYS B 151 -70.06 -65.86 65.89
CA LYS B 151 -71.00 -66.70 65.17
C LYS B 151 -71.73 -67.64 66.12
N ALA B 152 -71.01 -68.22 67.08
CA ALA B 152 -71.66 -69.09 68.07
C ALA B 152 -72.67 -68.31 68.91
N SER B 153 -72.32 -67.09 69.32
CA SER B 153 -73.25 -66.28 70.08
C SER B 153 -74.49 -65.93 69.27
N ALA B 154 -74.30 -65.57 68.00
CA ALA B 154 -75.44 -65.25 67.14
C ALA B 154 -76.35 -66.45 66.94
N THR B 155 -75.76 -67.64 66.75
CA THR B 155 -76.57 -68.84 66.59
C THR B 155 -77.31 -69.18 67.88
N GLY B 156 -76.63 -69.07 69.03
CA GLY B 156 -77.27 -69.39 70.29
C GLY B 156 -78.38 -68.44 70.65
N LEU B 157 -78.23 -67.16 70.30
CA LEU B 157 -79.25 -66.17 70.62
C LEU B 157 -80.56 -66.45 69.88
N GLY B 158 -80.51 -67.19 68.79
CA GLY B 158 -81.70 -67.57 68.05
C GLY B 158 -81.81 -66.81 66.73
N GLY B 159 -82.82 -67.21 65.97
CA GLY B 159 -83.11 -66.57 64.70
C GLY B 159 -82.25 -67.06 63.56
N THR B 160 -82.61 -66.64 62.35
CA THR B 160 -81.85 -67.02 61.17
C THR B 160 -80.51 -66.29 61.12
N ASP B 161 -80.51 -64.99 61.43
CA ASP B 161 -79.31 -64.18 61.36
C ASP B 161 -79.39 -63.07 62.39
N GLN B 162 -78.26 -62.81 63.06
CA GLN B 162 -78.19 -61.76 64.08
C GLN B 162 -76.90 -60.96 64.01
N LYS B 163 -76.09 -61.11 62.95
CA LYS B 163 -74.84 -60.37 62.88
C LYS B 163 -75.12 -58.89 62.70
N ILE B 164 -74.40 -58.06 63.45
CA ILE B 164 -74.65 -56.63 63.44
C ILE B 164 -74.09 -56.02 62.16
N ASP B 165 -74.92 -55.25 61.47
CA ASP B 165 -74.50 -54.56 60.26
C ASP B 165 -73.85 -53.23 60.62
N GLY B 166 -72.76 -52.91 59.94
CA GLY B 166 -72.06 -51.67 60.20
C GLY B 166 -71.15 -51.76 61.41
N ASP B 167 -70.68 -50.59 61.85
CA ASP B 167 -69.77 -50.52 62.98
C ASP B 167 -70.45 -50.93 64.27
N LEU B 168 -69.70 -51.59 65.14
CA LEU B 168 -70.19 -52.01 66.43
C LEU B 168 -70.20 -50.85 67.42
N LYS B 169 -71.00 -50.98 68.46
CA LYS B 169 -71.20 -49.93 69.45
C LYS B 169 -70.64 -50.39 70.80
N PHE B 170 -69.75 -49.57 71.37
CA PHE B 170 -69.19 -49.81 72.69
C PHE B 170 -69.32 -48.54 73.52
N ASP B 171 -69.77 -48.69 74.76
CA ASP B 171 -69.82 -47.58 75.71
C ASP B 171 -69.12 -47.99 77.00
N ASP B 172 -68.28 -47.10 77.51
CA ASP B 172 -67.51 -47.41 78.71
C ASP B 172 -68.40 -47.47 79.94
N THR B 173 -69.39 -46.58 80.03
CA THR B 173 -70.26 -46.55 81.21
C THR B 173 -71.09 -47.81 81.32
N THR B 174 -71.61 -48.32 80.19
CA THR B 174 -72.43 -49.52 80.23
C THR B 174 -71.61 -50.75 80.65
N GLY B 175 -70.48 -50.97 80.00
CA GLY B 175 -69.60 -52.07 80.33
C GLY B 175 -70.03 -53.42 79.79
N LYS B 176 -71.12 -53.49 79.03
CA LYS B 176 -71.62 -54.74 78.49
C LYS B 176 -71.97 -54.55 77.02
N TYR B 177 -71.85 -55.63 76.25
CA TYR B 177 -72.03 -55.56 74.81
C TYR B 177 -73.50 -55.38 74.46
N TYR B 178 -73.75 -54.91 73.24
CA TYR B 178 -75.11 -54.74 72.73
C TYR B 178 -75.39 -55.80 71.67
N ALA B 179 -76.55 -56.44 71.79
CA ALA B 179 -77.00 -57.42 70.81
C ALA B 179 -78.30 -56.93 70.20
N LYS B 180 -78.39 -56.95 68.88
CA LYS B 180 -79.55 -56.47 68.14
C LYS B 180 -80.22 -57.65 67.45
N VAL B 181 -81.50 -57.85 67.72
CA VAL B 181 -82.28 -58.94 67.16
C VAL B 181 -83.39 -58.33 66.32
N THR B 182 -83.45 -58.74 65.04
CA THR B 182 -84.51 -58.25 64.15
C THR B 182 -85.87 -58.81 64.58
N VAL B 183 -86.90 -57.98 64.41
CA VAL B 183 -88.27 -58.35 64.77
C VAL B 183 -89.13 -58.29 63.52
N THR B 184 -90.02 -59.26 63.36
CA THR B 184 -90.94 -59.32 62.24
C THR B 184 -92.32 -58.87 62.68
N GLY B 185 -92.98 -58.07 61.84
CA GLY B 185 -94.32 -57.60 62.15
C GLY B 185 -94.39 -56.64 63.32
N GLY B 186 -93.40 -55.76 63.46
CA GLY B 186 -93.43 -54.78 64.54
C GLY B 186 -92.50 -53.63 64.25
N THR B 187 -92.84 -52.48 64.81
CA THR B 187 -92.05 -51.26 64.66
C THR B 187 -91.62 -50.76 66.04
N GLY B 188 -90.32 -50.51 66.20
CA GLY B 188 -89.79 -50.06 67.46
C GLY B 188 -89.46 -51.19 68.41
N LYS B 189 -89.93 -52.40 68.09
CA LYS B 189 -89.65 -53.56 68.93
C LYS B 189 -88.18 -53.93 68.90
N ASP B 190 -87.49 -53.65 67.79
CA ASP B 190 -86.08 -54.00 67.62
C ASP B 190 -85.23 -52.97 68.37
N GLY B 191 -84.43 -53.44 69.32
CA GLY B 191 -83.54 -52.56 70.05
C GLY B 191 -82.38 -53.34 70.60
N TYR B 192 -81.28 -52.63 70.85
CA TYR B 192 -80.09 -53.28 71.40
C TYR B 192 -80.32 -53.67 72.86
N TYR B 193 -80.01 -54.92 73.19
CA TYR B 193 -80.11 -55.41 74.56
C TYR B 193 -78.71 -55.64 75.11
N GLU B 194 -78.59 -55.49 76.42
CA GLU B 194 -77.30 -55.64 77.10
C GLU B 194 -77.01 -57.11 77.34
N VAL B 195 -75.87 -57.57 76.82
CA VAL B 195 -75.44 -58.96 76.96
C VAL B 195 -73.98 -58.99 77.35
N SER B 196 -73.56 -60.13 77.90
CA SER B 196 -72.18 -60.36 78.32
C SER B 196 -71.60 -61.50 77.50
N VAL B 197 -70.41 -61.27 76.94
CA VAL B 197 -69.72 -62.25 76.12
C VAL B 197 -68.41 -62.61 76.81
N ASP B 198 -68.20 -63.90 77.04
CA ASP B 198 -66.97 -64.41 77.64
C ASP B 198 -66.13 -65.04 76.54
N LYS B 199 -64.96 -64.45 76.26
CA LYS B 199 -64.10 -64.95 75.20
C LYS B 199 -63.40 -66.24 75.58
N THR B 200 -62.94 -66.34 76.83
CA THR B 200 -62.24 -67.55 77.26
C THR B 200 -63.16 -68.77 77.25
N ASN B 201 -64.42 -68.59 77.67
CA ASN B 201 -65.35 -69.71 77.71
C ASN B 201 -65.60 -70.29 76.33
N GLY B 202 -65.86 -69.44 75.33
CA GLY B 202 -66.04 -69.90 73.96
C GLY B 202 -67.39 -70.49 73.64
N GLU B 203 -68.32 -70.53 74.59
CA GLU B 203 -69.63 -71.11 74.37
C GLU B 203 -70.70 -70.22 75.00
N VAL B 204 -71.93 -70.39 74.53
CA VAL B 204 -73.04 -69.56 74.99
C VAL B 204 -73.58 -70.12 76.30
N THR B 205 -73.54 -69.30 77.35
CA THR B 205 -74.09 -69.65 78.65
C THR B 205 -75.01 -68.52 79.12
N LEU B 206 -76.15 -68.91 79.69
CA LEU B 206 -77.16 -67.97 80.16
C LEU B 206 -77.12 -67.91 81.68
N ALA B 207 -77.02 -66.70 82.23
CA ALA B 207 -76.95 -66.49 83.66
C ALA B 207 -78.33 -66.17 84.23
N GLY B 208 -78.77 -66.98 85.18
CA GLY B 208 -80.04 -66.75 85.85
C GLY B 208 -81.25 -67.32 85.13
N GLY B 209 -81.08 -67.86 83.93
CA GLY B 209 -82.21 -68.41 83.20
C GLY B 209 -83.25 -67.37 82.84
N ALA B 210 -82.83 -66.21 82.34
CA ALA B 210 -83.74 -65.12 82.00
C ALA B 210 -84.16 -65.28 80.54
N THR B 211 -85.18 -66.10 80.31
CA THR B 211 -85.69 -66.31 78.96
C THR B 211 -86.48 -65.09 78.47
N SER B 212 -87.23 -64.46 79.35
CA SER B 212 -88.02 -63.29 78.96
C SER B 212 -87.10 -62.11 78.68
N PRO B 213 -87.34 -61.35 77.61
CA PRO B 213 -86.50 -60.18 77.34
C PRO B 213 -86.75 -59.08 78.36
N LEU B 214 -85.80 -58.15 78.44
CA LEU B 214 -85.93 -57.02 79.35
C LEU B 214 -87.14 -56.17 78.98
N THR B 215 -87.87 -55.75 80.01
CA THR B 215 -89.13 -55.02 79.81
C THR B 215 -88.83 -53.58 79.40
N GLY B 216 -89.87 -52.77 79.31
CA GLY B 216 -89.76 -51.39 78.90
C GLY B 216 -89.94 -51.16 77.41
N GLY B 217 -90.22 -52.20 76.64
CA GLY B 217 -90.30 -52.05 75.19
C GLY B 217 -88.93 -51.71 74.62
N LEU B 218 -88.85 -50.59 73.94
CA LEU B 218 -87.57 -50.12 73.41
C LEU B 218 -86.70 -49.67 74.58
N PRO B 219 -85.47 -50.19 74.71
CA PRO B 219 -84.64 -49.80 75.85
C PRO B 219 -84.05 -48.40 75.68
N ALA B 220 -84.17 -47.61 76.75
CA ALA B 220 -83.68 -46.24 76.71
C ALA B 220 -82.16 -46.16 76.80
N THR B 221 -81.51 -47.19 77.36
CA THR B 221 -80.07 -47.17 77.52
C THR B 221 -79.36 -47.26 76.17
N ALA B 222 -80.04 -47.81 75.15
CA ALA B 222 -79.47 -47.96 73.81
C ALA B 222 -80.38 -47.20 72.84
N THR B 223 -80.12 -45.91 72.67
CA THR B 223 -80.90 -45.07 71.78
C THR B 223 -80.07 -44.18 70.87
N GLU B 224 -78.79 -43.95 71.19
CA GLU B 224 -77.94 -43.05 70.43
C GLU B 224 -76.87 -43.86 69.71
N ASP B 225 -76.70 -43.59 68.41
CA ASP B 225 -75.64 -44.21 67.64
C ASP B 225 -74.37 -43.36 67.71
N VAL B 226 -73.28 -43.98 68.15
CA VAL B 226 -71.99 -43.31 68.29
C VAL B 226 -70.94 -44.11 67.52
N LYS B 227 -70.13 -43.40 66.73
CA LYS B 227 -69.09 -44.04 65.93
C LYS B 227 -67.75 -44.15 66.67
N ASN B 228 -67.65 -43.60 67.88
CA ASN B 228 -66.38 -43.62 68.59
C ASN B 228 -66.02 -45.03 69.03
N VAL B 229 -64.74 -45.39 68.84
CA VAL B 229 -64.23 -46.71 69.19
C VAL B 229 -63.09 -46.51 70.19
N GLN B 230 -63.28 -46.98 71.41
CA GLN B 230 -62.24 -46.98 72.44
C GLN B 230 -62.31 -48.27 73.23
N VAL B 231 -61.17 -48.71 73.76
CA VAL B 231 -61.09 -49.89 74.59
C VAL B 231 -60.34 -49.51 75.88
N ALA B 232 -60.51 -50.34 76.90
CA ALA B 232 -59.92 -50.07 78.21
C ALA B 232 -58.39 -50.12 78.14
N ASN B 233 -57.74 -49.40 79.04
CA ASN B 233 -56.29 -49.35 79.07
C ASN B 233 -55.67 -50.68 79.45
N ALA B 234 -56.42 -51.57 80.10
CA ALA B 234 -55.85 -52.86 80.50
C ALA B 234 -55.60 -53.76 79.31
N ASP B 235 -56.11 -53.40 78.13
CA ASP B 235 -55.94 -54.24 76.95
C ASP B 235 -54.50 -54.20 76.45
N LEU B 236 -54.01 -53.01 76.11
CA LEU B 236 -52.62 -52.80 75.69
C LEU B 236 -52.26 -53.69 74.50
N THR B 237 -53.18 -53.77 73.53
CA THR B 237 -52.95 -54.63 72.37
C THR B 237 -51.72 -54.19 71.57
N GLU B 238 -51.66 -52.90 71.23
CA GLU B 238 -50.53 -52.40 70.45
C GLU B 238 -49.23 -52.50 71.23
N ALA B 239 -49.28 -52.24 72.54
CA ALA B 239 -48.09 -52.36 73.37
C ALA B 239 -47.57 -53.80 73.41
N LYS B 240 -48.47 -54.76 73.59
CA LYS B 240 -48.05 -56.16 73.59
C LYS B 240 -47.52 -56.58 72.22
N ALA B 241 -48.15 -56.09 71.14
CA ALA B 241 -47.66 -56.40 69.81
C ALA B 241 -46.26 -55.86 69.59
N ALA B 242 -46.01 -54.62 70.03
CA ALA B 242 -44.67 -54.05 69.91
C ALA B 242 -43.66 -54.82 70.75
N LEU B 243 -44.05 -55.22 71.96
CA LEU B 243 -43.16 -56.02 72.80
C LEU B 243 -42.83 -57.35 72.16
N THR B 244 -43.83 -58.02 71.58
CA THR B 244 -43.56 -59.29 70.91
C THR B 244 -42.71 -59.10 69.67
N ALA B 245 -42.86 -57.96 68.98
CA ALA B 245 -41.95 -57.63 67.89
C ALA B 245 -40.52 -57.48 68.40
N ALA B 246 -40.36 -56.84 69.56
CA ALA B 246 -39.05 -56.78 70.19
C ALA B 246 -38.65 -58.12 70.79
N GLY B 247 -39.60 -58.87 71.31
CA GLY B 247 -39.35 -60.18 71.86
C GLY B 247 -39.25 -60.28 73.38
N VAL B 248 -39.77 -59.29 74.11
CA VAL B 248 -39.71 -59.29 75.57
C VAL B 248 -41.13 -59.16 76.12
N THR B 249 -41.46 -60.01 77.09
CA THR B 249 -42.78 -60.02 77.69
C THR B 249 -42.66 -59.97 79.21
N GLY B 250 -43.55 -59.23 79.85
CA GLY B 250 -43.55 -59.13 81.29
C GLY B 250 -44.32 -57.91 81.75
N THR B 251 -44.07 -57.53 83.00
CA THR B 251 -44.70 -56.34 83.57
C THR B 251 -44.03 -55.08 83.02
N ALA B 252 -44.83 -54.14 82.55
CA ALA B 252 -44.34 -52.93 81.90
C ALA B 252 -44.60 -51.71 82.78
N SER B 253 -43.59 -50.85 82.89
CA SER B 253 -43.64 -49.68 83.76
C SER B 253 -43.54 -48.41 82.92
N VAL B 254 -44.34 -47.42 83.28
CA VAL B 254 -44.35 -46.12 82.60
C VAL B 254 -43.62 -45.11 83.45
N VAL B 255 -42.94 -44.15 82.80
CA VAL B 255 -42.17 -43.12 83.48
C VAL B 255 -42.48 -41.77 82.83
N LYS B 256 -42.10 -40.71 83.54
CA LYS B 256 -42.29 -39.35 83.09
C LYS B 256 -40.94 -38.63 83.03
N MET B 257 -40.79 -37.74 82.06
CA MET B 257 -39.54 -37.00 81.86
C MET B 257 -39.42 -35.94 82.96
N SER B 258 -39.02 -36.41 84.14
CA SER B 258 -38.99 -35.58 85.33
C SER B 258 -37.66 -35.78 86.06
N TYR B 259 -37.40 -34.88 87.01
CA TYR B 259 -36.21 -34.93 87.86
C TYR B 259 -36.62 -34.74 89.31
N THR B 260 -36.04 -35.54 90.20
CA THR B 260 -36.19 -35.34 91.63
C THR B 260 -35.06 -34.41 92.08
N ASP B 261 -35.39 -33.14 92.28
CA ASP B 261 -34.40 -32.14 92.68
C ASP B 261 -35.12 -31.11 93.55
N ASN B 262 -34.47 -29.96 93.75
CA ASN B 262 -35.07 -28.90 94.56
C ASN B 262 -36.38 -28.43 93.95
N ASN B 263 -36.44 -28.30 92.62
CA ASN B 263 -37.66 -27.85 91.97
C ASN B 263 -38.72 -28.94 91.92
N GLY B 264 -38.31 -30.20 91.79
CA GLY B 264 -39.26 -31.28 91.64
C GLY B 264 -40.00 -31.23 90.33
N LYS B 265 -39.28 -31.45 89.23
CA LYS B 265 -39.85 -31.33 87.91
C LYS B 265 -40.87 -32.44 87.64
N THR B 266 -41.84 -32.14 86.78
CA THR B 266 -42.85 -33.12 86.36
C THR B 266 -43.27 -32.78 84.94
N ILE B 267 -42.78 -33.57 83.98
CA ILE B 267 -43.14 -33.41 82.57
C ILE B 267 -43.56 -34.78 82.04
N ASP B 268 -44.72 -34.83 81.39
CA ASP B 268 -45.28 -36.12 80.96
C ASP B 268 -44.43 -36.76 79.89
N GLY B 269 -44.24 -38.07 80.01
CA GLY B 269 -43.47 -38.84 79.05
C GLY B 269 -44.32 -39.79 78.22
N GLY B 270 -45.63 -39.56 78.21
CA GLY B 270 -46.51 -40.39 77.43
C GLY B 270 -46.69 -41.77 78.03
N LEU B 271 -47.26 -42.66 77.20
CA LEU B 271 -47.50 -44.05 77.60
C LEU B 271 -46.27 -44.91 77.33
N ALA B 272 -45.17 -44.57 78.00
CA ALA B 272 -43.94 -45.34 77.91
C ALA B 272 -43.98 -46.54 78.85
N VAL B 273 -45.04 -47.35 78.72
CA VAL B 273 -45.27 -48.50 79.58
C VAL B 273 -44.42 -49.64 79.01
N LYS B 274 -43.19 -49.75 79.48
CA LYS B 274 -42.22 -50.68 78.94
C LYS B 274 -41.70 -51.60 80.04
N VAL B 275 -41.36 -52.83 79.65
CA VAL B 275 -40.91 -53.82 80.63
C VAL B 275 -39.44 -53.59 80.97
N GLY B 276 -38.56 -53.70 79.98
CA GLY B 276 -37.14 -53.60 80.23
C GLY B 276 -36.71 -52.22 80.67
N ASP B 277 -35.51 -52.15 81.25
CA ASP B 277 -34.97 -50.87 81.69
C ASP B 277 -34.87 -49.88 80.54
N ASP B 278 -34.62 -50.36 79.33
CA ASP B 278 -34.70 -49.51 78.16
C ASP B 278 -36.15 -49.16 77.85
N TYR B 279 -36.57 -47.98 78.29
CA TYR B 279 -37.96 -47.54 78.21
C TYR B 279 -38.19 -46.92 76.84
N TYR B 280 -38.87 -47.64 75.97
CA TYR B 280 -39.25 -47.09 74.68
C TYR B 280 -40.23 -45.94 74.86
N SER B 281 -40.15 -44.97 73.94
CA SER B 281 -41.01 -43.79 73.97
C SER B 281 -42.22 -44.06 73.07
N ALA B 282 -43.36 -44.36 73.69
CA ALA B 282 -44.62 -44.52 73.00
C ALA B 282 -45.48 -43.29 73.26
N THR B 283 -46.04 -42.71 72.20
CA THR B 283 -46.67 -41.40 72.27
C THR B 283 -48.17 -41.53 72.49
N GLN B 284 -48.69 -40.82 73.49
CA GLN B 284 -50.12 -40.69 73.63
C GLN B 284 -50.66 -39.74 72.56
N ASN B 285 -51.75 -40.14 71.90
CA ASN B 285 -52.29 -39.37 70.80
C ASN B 285 -53.32 -38.36 71.30
N LYS B 286 -53.92 -37.63 70.36
CA LYS B 286 -54.97 -36.69 70.70
C LYS B 286 -56.21 -37.39 71.23
N ASP B 287 -56.55 -38.54 70.65
CA ASP B 287 -57.68 -39.34 71.11
C ASP B 287 -57.28 -40.37 72.16
N GLY B 288 -56.01 -40.40 72.57
CA GLY B 288 -55.54 -41.32 73.57
C GLY B 288 -54.86 -42.57 73.03
N SER B 289 -54.85 -42.75 71.71
CA SER B 289 -54.24 -43.93 71.12
C SER B 289 -52.73 -43.95 71.35
N ILE B 290 -52.21 -45.11 71.71
CA ILE B 290 -50.76 -45.27 71.85
C ILE B 290 -50.13 -45.44 70.47
N SER B 291 -49.11 -44.65 70.19
CA SER B 291 -48.49 -44.58 68.88
C SER B 291 -47.02 -44.95 68.97
N ILE B 292 -46.56 -45.72 68.00
CA ILE B 292 -45.21 -46.25 67.96
C ILE B 292 -44.36 -45.30 67.11
N ASN B 293 -43.48 -44.55 67.76
CA ASN B 293 -42.58 -43.62 67.08
C ASN B 293 -41.20 -44.26 67.01
N THR B 294 -40.91 -44.92 65.89
CA THR B 294 -39.62 -45.51 65.64
C THR B 294 -38.94 -44.80 64.49
N THR B 295 -37.74 -44.27 64.73
CA THR B 295 -37.03 -43.51 63.72
C THR B 295 -36.58 -44.41 62.59
N LYS B 296 -36.70 -43.91 61.36
CA LYS B 296 -36.35 -44.67 60.17
C LYS B 296 -34.86 -44.53 59.87
N TYR B 297 -34.21 -45.65 59.56
CA TYR B 297 -32.80 -45.66 59.20
C TYR B 297 -32.59 -46.54 57.99
N THR B 298 -31.66 -46.17 57.14
CA THR B 298 -31.29 -47.00 55.98
C THR B 298 -30.10 -47.87 56.38
N ALA B 299 -30.31 -49.18 56.42
CA ALA B 299 -29.28 -50.13 56.82
C ALA B 299 -28.37 -50.42 55.62
N ASP B 300 -27.55 -51.47 55.76
CA ASP B 300 -26.67 -51.88 54.66
C ASP B 300 -27.47 -52.26 53.41
N ASP B 301 -28.74 -52.64 53.58
CA ASP B 301 -29.58 -52.94 52.42
C ASP B 301 -29.99 -51.68 51.66
N GLY B 302 -29.90 -50.51 52.29
CA GLY B 302 -30.35 -49.29 51.66
C GLY B 302 -31.82 -49.00 51.78
N THR B 303 -32.57 -49.82 52.53
CA THR B 303 -34.00 -49.66 52.70
C THR B 303 -34.31 -49.06 54.06
N SER B 304 -35.24 -48.12 54.09
CA SER B 304 -35.66 -47.49 55.34
C SER B 304 -36.38 -48.51 56.21
N LYS B 305 -35.79 -48.84 57.36
CA LYS B 305 -36.37 -49.76 58.33
C LYS B 305 -36.46 -49.07 59.68
N THR B 306 -37.33 -49.60 60.53
CA THR B 306 -37.60 -49.04 61.85
C THR B 306 -37.22 -50.05 62.92
N ALA B 307 -36.63 -49.55 64.01
CA ALA B 307 -36.27 -50.37 65.15
C ALA B 307 -36.78 -49.69 66.42
N LEU B 308 -36.98 -50.50 67.45
CA LEU B 308 -37.54 -49.98 68.70
C LEU B 308 -36.62 -48.94 69.32
N ASN B 309 -37.20 -47.80 69.68
CA ASN B 309 -36.44 -46.70 70.25
C ASN B 309 -36.27 -46.91 71.75
N LYS B 310 -35.52 -46.00 72.36
CA LYS B 310 -35.19 -46.10 73.77
C LYS B 310 -34.90 -44.70 74.30
N LEU B 311 -35.27 -44.45 75.54
CA LEU B 311 -34.92 -43.19 76.18
C LEU B 311 -33.41 -43.06 76.24
N GLY B 312 -32.91 -41.89 75.84
CA GLY B 312 -31.48 -41.64 75.74
C GLY B 312 -30.90 -41.22 77.07
N GLY B 313 -29.74 -41.81 77.41
CA GLY B 313 -29.10 -41.54 78.67
C GLY B 313 -29.79 -42.21 79.83
N ALA B 314 -29.16 -42.11 81.00
CA ALA B 314 -29.77 -42.63 82.22
C ALA B 314 -31.05 -41.87 82.55
N ASP B 315 -31.01 -40.54 82.40
CA ASP B 315 -32.21 -39.74 82.60
C ASP B 315 -33.27 -40.00 81.54
N GLY B 316 -32.85 -40.24 80.30
CA GLY B 316 -33.78 -40.55 79.25
C GLY B 316 -34.43 -39.37 78.56
N LYS B 317 -33.96 -38.14 78.85
CA LYS B 317 -34.55 -36.97 78.21
C LYS B 317 -34.37 -37.02 76.69
N THR B 318 -33.19 -37.43 76.25
CA THR B 318 -32.96 -37.64 74.82
C THR B 318 -33.54 -38.98 74.38
N GLU B 319 -33.48 -39.22 73.07
CA GLU B 319 -34.00 -40.44 72.48
C GLU B 319 -32.91 -41.14 71.68
N VAL B 320 -32.91 -42.47 71.74
CA VAL B 320 -31.94 -43.27 71.00
C VAL B 320 -32.66 -44.42 70.31
N VAL B 321 -32.04 -44.91 69.24
CA VAL B 321 -32.50 -46.08 68.49
C VAL B 321 -31.44 -47.15 68.60
N SER B 322 -31.85 -48.36 68.99
CA SER B 322 -30.97 -49.51 69.09
C SER B 322 -31.19 -50.41 67.88
N ILE B 323 -30.16 -50.56 67.06
CA ILE B 323 -30.19 -51.44 65.90
C ILE B 323 -29.18 -52.55 66.13
N GLY B 324 -29.66 -53.79 66.20
CA GLY B 324 -28.77 -54.92 66.41
C GLY B 324 -27.98 -54.87 67.69
N GLY B 325 -28.53 -54.23 68.73
CA GLY B 325 -27.82 -54.06 69.97
C GLY B 325 -26.85 -52.89 70.00
N LYS B 326 -26.71 -52.16 68.89
CA LYS B 326 -25.83 -51.00 68.81
C LYS B 326 -26.68 -49.75 68.85
N THR B 327 -26.34 -48.83 69.74
CA THR B 327 -27.17 -47.67 70.03
C THR B 327 -26.66 -46.44 69.29
N TYR B 328 -27.57 -45.71 68.66
CA TYR B 328 -27.28 -44.41 68.09
C TYR B 328 -28.35 -43.44 68.56
N ALA B 329 -28.09 -42.15 68.41
CA ALA B 329 -29.07 -41.15 68.82
C ALA B 329 -30.26 -41.16 67.85
N ALA B 330 -31.47 -41.21 68.40
CA ALA B 330 -32.66 -41.28 67.56
C ALA B 330 -32.83 -40.02 66.73
N SER B 331 -32.52 -38.86 67.32
CA SER B 331 -32.67 -37.60 66.60
C SER B 331 -31.82 -37.58 65.33
N LYS B 332 -30.56 -38.01 65.44
CA LYS B 332 -29.69 -38.05 64.27
C LYS B 332 -29.86 -39.34 63.48
N ALA B 333 -30.65 -40.29 63.98
CA ALA B 333 -30.96 -41.48 63.20
C ALA B 333 -31.84 -41.17 62.00
N GLU B 334 -32.43 -39.98 61.94
CA GLU B 334 -33.15 -39.55 60.75
C GLU B 334 -32.16 -39.27 59.63
N GLY B 335 -32.42 -39.82 58.45
CA GLY B 335 -31.47 -39.69 57.35
C GLY B 335 -30.16 -40.39 57.62
N HIS B 336 -30.21 -41.62 58.15
CA HIS B 336 -29.03 -42.36 58.55
C HIS B 336 -28.81 -43.52 57.58
N ASN B 337 -27.54 -43.76 57.23
CA ASN B 337 -27.16 -44.85 56.36
C ASN B 337 -25.91 -45.51 56.90
N PHE B 338 -25.98 -46.83 57.15
CA PHE B 338 -24.80 -47.56 57.58
C PHE B 338 -23.72 -47.53 56.49
N LYS B 339 -24.13 -47.66 55.23
CA LYS B 339 -23.19 -47.60 54.13
C LYS B 339 -22.52 -46.23 54.03
N ALA B 340 -23.32 -45.17 54.09
CA ALA B 340 -22.78 -43.82 53.99
C ALA B 340 -22.07 -43.39 55.26
N GLN B 341 -22.66 -43.68 56.43
CA GLN B 341 -22.07 -43.33 57.71
C GLN B 341 -21.58 -44.58 58.41
N PRO B 342 -20.27 -44.73 58.62
CA PRO B 342 -19.77 -45.96 59.26
C PRO B 342 -20.20 -46.11 60.72
N ASP B 343 -19.99 -45.06 61.53
CA ASP B 343 -20.32 -45.13 62.95
C ASP B 343 -20.77 -43.75 63.42
N LEU B 344 -21.63 -43.75 64.43
CA LEU B 344 -22.18 -42.52 65.01
C LEU B 344 -22.08 -42.58 66.53
N ALA B 345 -22.65 -41.57 67.19
CA ALA B 345 -22.55 -41.46 68.63
C ALA B 345 -23.31 -42.59 69.33
N GLU B 346 -22.67 -43.16 70.34
CA GLU B 346 -23.24 -44.23 71.14
C GLU B 346 -23.68 -43.67 72.50
N ALA B 347 -24.90 -43.99 72.90
CA ALA B 347 -25.45 -43.46 74.14
C ALA B 347 -24.62 -43.89 75.33
N ALA B 348 -24.39 -42.95 76.25
CA ALA B 348 -23.62 -43.19 77.47
C ALA B 348 -24.50 -42.96 78.68
N ALA B 349 -24.39 -43.87 79.65
CA ALA B 349 -25.19 -43.76 80.86
C ALA B 349 -24.66 -42.63 81.74
N THR B 350 -25.58 -41.78 82.21
CA THR B 350 -25.24 -40.61 83.03
C THR B 350 -24.22 -39.72 82.34
N THR B 351 -23.56 -38.85 83.11
CA THR B 351 -22.43 -38.12 82.58
C THR B 351 -21.28 -39.07 82.30
N THR B 352 -20.34 -38.61 81.47
CA THR B 352 -19.16 -39.42 81.20
C THR B 352 -18.33 -39.53 82.47
N GLU B 353 -17.99 -40.77 82.82
CA GLU B 353 -17.47 -41.05 84.15
C GLU B 353 -16.15 -40.33 84.40
N ASN B 354 -15.92 -39.98 85.68
CA ASN B 354 -14.68 -39.38 86.17
C ASN B 354 -14.32 -38.12 85.40
N PRO B 355 -15.01 -36.99 85.63
CA PRO B 355 -14.69 -35.73 84.95
C PRO B 355 -13.20 -35.46 84.73
N LEU B 356 -12.36 -35.96 85.64
CA LEU B 356 -10.91 -35.82 85.47
C LEU B 356 -10.46 -36.40 84.14
N GLN B 357 -11.05 -37.52 83.70
CA GLN B 357 -10.69 -38.03 82.39
C GLN B 357 -11.27 -37.17 81.27
N LYS B 358 -12.36 -36.43 81.53
CA LYS B 358 -12.78 -35.43 80.54
C LYS B 358 -11.70 -34.37 80.36
N ILE B 359 -11.15 -33.90 81.48
CA ILE B 359 -10.02 -32.98 81.42
C ILE B 359 -8.87 -33.60 80.63
N ASP B 360 -8.55 -34.85 80.96
CA ASP B 360 -7.41 -35.52 80.34
C ASP B 360 -7.63 -35.70 78.84
N ALA B 361 -8.85 -36.08 78.44
CA ALA B 361 -9.13 -36.29 77.03
C ALA B 361 -9.05 -34.99 76.25
N ALA B 362 -9.66 -33.92 76.76
CA ALA B 362 -9.59 -32.65 76.06
C ALA B 362 -8.14 -32.17 75.94
N LEU B 363 -7.40 -32.24 77.04
CA LEU B 363 -6.01 -31.77 77.03
C LEU B 363 -5.15 -32.61 76.09
N ALA B 364 -5.29 -33.94 76.15
CA ALA B 364 -4.46 -34.81 75.32
C ALA B 364 -4.79 -34.64 73.84
N GLN B 365 -6.08 -34.50 73.50
CA GLN B 365 -6.40 -34.33 72.10
C GLN B 365 -5.91 -32.98 71.60
N VAL B 366 -5.98 -31.93 72.43
CA VAL B 366 -5.44 -30.63 72.03
C VAL B 366 -3.94 -30.75 71.80
N ASP B 367 -3.26 -31.49 72.67
CA ASP B 367 -1.82 -31.71 72.51
C ASP B 367 -1.52 -32.40 71.18
N THR B 368 -2.29 -33.45 70.86
CA THR B 368 -2.06 -34.16 69.61
C THR B 368 -2.31 -33.26 68.42
N LEU B 369 -3.39 -32.46 68.47
CA LEU B 369 -3.69 -31.56 67.36
C LEU B 369 -2.58 -30.52 67.16
N ARG B 370 -2.10 -29.94 68.26
CA ARG B 370 -1.04 -28.93 68.15
C ARG B 370 0.26 -29.56 67.65
N SER B 371 0.58 -30.77 68.11
CA SER B 371 1.78 -31.44 67.61
C SER B 371 1.67 -31.74 66.12
N ASP B 372 0.48 -32.16 65.68
CA ASP B 372 0.26 -32.41 64.26
C ASP B 372 0.46 -31.13 63.46
N LEU B 373 -0.13 -30.01 63.93
CA LEU B 373 0.04 -28.76 63.21
C LEU B 373 1.49 -28.33 63.16
N GLY B 374 2.21 -28.49 64.27
CA GLY B 374 3.61 -28.11 64.29
C GLY B 374 4.44 -28.92 63.32
N ALA B 375 4.25 -30.24 63.32
CA ALA B 375 4.97 -31.11 62.40
C ALA B 375 4.66 -30.72 60.95
N VAL B 376 3.38 -30.54 60.64
CA VAL B 376 2.99 -30.22 59.27
C VAL B 376 3.61 -28.90 58.83
N GLN B 377 3.51 -27.87 59.68
CA GLN B 377 3.99 -26.55 59.30
C GLN B 377 5.50 -26.53 59.13
N ASN B 378 6.25 -27.16 60.05
CA ASN B 378 7.70 -27.14 59.91
C ASN B 378 8.15 -27.95 58.71
N ARG B 379 7.52 -29.10 58.47
CA ARG B 379 7.91 -29.92 57.33
C ARG B 379 7.62 -29.19 56.03
N PHE B 380 6.49 -28.47 55.96
CA PHE B 380 6.16 -27.75 54.74
C PHE B 380 7.06 -26.54 54.52
N ASN B 381 7.44 -25.85 55.60
CA ASN B 381 8.41 -24.76 55.45
C ASN B 381 9.74 -25.29 54.94
N SER B 382 10.19 -26.43 55.48
CA SER B 382 11.42 -27.04 54.97
C SER B 382 11.27 -27.41 53.50
N ALA B 383 10.10 -27.94 53.12
CA ALA B 383 9.88 -28.31 51.72
C ALA B 383 9.94 -27.10 50.80
N ILE B 384 9.32 -25.99 51.20
CA ILE B 384 9.28 -24.82 50.33
C ILE B 384 10.68 -24.19 50.23
N THR B 385 11.43 -24.16 51.34
CA THR B 385 12.79 -23.67 51.28
C THR B 385 13.67 -24.55 50.40
N ASN B 386 13.49 -25.87 50.51
CA ASN B 386 14.23 -26.79 49.64
C ASN B 386 13.86 -26.56 48.18
N LEU B 387 12.58 -26.33 47.90
CA LEU B 387 12.15 -26.01 46.55
C LEU B 387 12.89 -24.80 46.01
N GLY B 388 12.88 -23.70 46.77
CA GLY B 388 13.55 -22.49 46.30
C GLY B 388 15.03 -22.70 46.08
N ASN B 389 15.69 -23.34 47.05
CA ASN B 389 17.14 -23.54 46.97
C ASN B 389 17.51 -24.42 45.78
N THR B 390 16.82 -25.55 45.61
CA THR B 390 17.14 -26.43 44.50
C THR B 390 16.81 -25.79 43.16
N VAL B 391 15.72 -25.01 43.07
CA VAL B 391 15.39 -24.38 41.80
C VAL B 391 16.47 -23.39 41.40
N ASN B 392 16.88 -22.52 42.34
CA ASN B 392 17.92 -21.55 41.98
C ASN B 392 19.25 -22.24 41.70
N ASN B 393 19.59 -23.28 42.45
CA ASN B 393 20.85 -23.98 42.20
C ASN B 393 20.86 -24.65 40.83
N LEU B 394 19.79 -25.35 40.47
CA LEU B 394 19.75 -26.03 39.18
C LEU B 394 19.74 -25.02 38.04
N THR B 395 18.99 -23.93 38.19
CA THR B 395 18.96 -22.93 37.12
C THR B 395 20.30 -22.25 36.94
N SER B 396 20.99 -21.94 38.05
CA SER B 396 22.33 -21.37 37.94
C SER B 396 23.30 -22.34 37.30
N ALA B 397 23.22 -23.62 37.67
CA ALA B 397 24.13 -24.61 37.11
C ALA B 397 23.90 -24.81 35.61
N ARG B 398 22.63 -24.84 35.19
CA ARG B 398 22.34 -25.20 33.81
C ARG B 398 22.37 -24.00 32.87
N SER B 399 22.16 -22.79 33.39
CA SER B 399 22.08 -21.64 32.48
C SER B 399 23.01 -20.49 32.85
N ARG B 400 23.20 -20.23 34.14
CA ARG B 400 23.98 -19.05 34.53
C ARG B 400 25.44 -19.21 34.19
N ILE B 401 25.97 -20.42 34.30
CA ILE B 401 27.36 -20.69 33.96
C ILE B 401 27.44 -21.78 32.89
N ASP C 1 30.50 -7.22 1.04
CA ASP C 1 31.82 -7.10 0.43
C ASP C 1 32.19 -8.37 -0.32
N LEU C 2 31.25 -9.32 -0.39
CA LEU C 2 31.49 -10.55 -1.12
C LEU C 2 31.62 -10.28 -2.62
N THR C 3 30.73 -9.45 -3.16
CA THR C 3 30.73 -9.19 -4.59
C THR C 3 32.01 -8.48 -5.03
N LYS C 4 32.45 -7.49 -4.26
CA LYS C 4 33.67 -6.76 -4.61
C LYS C 4 34.88 -7.69 -4.59
N ASN C 5 35.00 -8.51 -3.54
CA ASN C 5 36.13 -9.43 -3.43
C ASN C 5 36.11 -10.45 -4.57
N GLU C 6 34.94 -10.99 -4.89
CA GLU C 6 34.84 -11.95 -5.99
C GLU C 6 35.25 -11.30 -7.31
N LYS C 7 34.66 -10.13 -7.62
CA LYS C 7 34.98 -9.46 -8.88
C LYS C 7 36.46 -9.15 -8.97
N GLY C 8 37.10 -8.83 -7.84
CA GLY C 8 38.55 -8.64 -7.85
C GLY C 8 39.30 -9.93 -8.09
N ARG C 9 38.83 -11.05 -7.52
CA ARG C 9 39.63 -12.27 -7.50
C ARG C 9 39.41 -13.16 -8.73
N LEU C 10 38.35 -12.97 -9.50
CA LEU C 10 38.11 -13.86 -10.64
C LEU C 10 39.18 -13.67 -11.73
N THR C 11 39.27 -12.43 -12.23
CA THR C 11 40.17 -12.15 -13.39
C THR C 11 41.28 -11.15 -12.97
N PRO C 12 42.31 -11.53 -12.17
CA PRO C 12 43.41 -10.60 -11.87
C PRO C 12 44.56 -10.67 -12.86
N ILE C 13 44.78 -11.84 -13.46
CA ILE C 13 45.96 -12.06 -14.29
C ILE C 13 45.55 -12.67 -15.63
N THR C 14 44.26 -12.98 -15.78
CA THR C 14 43.79 -13.71 -16.96
C THR C 14 44.06 -12.95 -18.24
N LYS C 15 44.08 -11.61 -18.19
CA LYS C 15 44.36 -10.83 -19.38
C LYS C 15 45.75 -11.13 -19.94
N GLN C 16 46.73 -11.37 -19.06
CA GLN C 16 48.08 -11.66 -19.52
C GLN C 16 48.14 -12.99 -20.26
N GLN C 17 47.51 -14.04 -19.71
CA GLN C 17 47.48 -15.32 -20.39
C GLN C 17 46.71 -15.22 -21.70
N SER C 18 45.63 -14.43 -21.72
CA SER C 18 44.89 -14.21 -22.97
C SER C 18 45.77 -13.53 -24.00
N ALA C 19 46.56 -12.54 -23.59
CA ALA C 19 47.48 -11.88 -24.51
C ALA C 19 48.53 -12.86 -25.04
N ASN C 20 49.05 -13.72 -24.16
CA ASN C 20 50.03 -14.71 -24.60
C ASN C 20 49.41 -15.68 -25.62
N SER C 21 48.18 -16.12 -25.37
CA SER C 21 47.51 -17.01 -26.31
C SER C 21 47.25 -16.32 -27.64
N ALA C 22 46.87 -15.04 -27.61
CA ALA C 22 46.69 -14.28 -28.84
C ALA C 22 48.00 -14.14 -29.59
N LYS C 23 49.10 -13.92 -28.87
CA LYS C 23 50.41 -13.86 -29.51
C LYS C 23 50.77 -15.19 -30.16
N LEU C 24 50.47 -16.30 -29.48
CA LEU C 24 50.73 -17.61 -30.06
C LEU C 24 49.90 -17.82 -31.33
N THR C 25 48.65 -17.39 -31.31
CA THR C 25 47.80 -17.51 -32.51
C THR C 25 48.34 -16.65 -33.64
N ALA C 26 48.84 -15.45 -33.32
CA ALA C 26 49.46 -14.61 -34.32
C ALA C 26 50.70 -15.27 -34.91
N TYR C 27 51.50 -15.92 -34.05
CA TYR C 27 52.65 -16.68 -34.53
C TYR C 27 52.21 -17.77 -35.49
N GLY C 28 51.13 -18.48 -35.16
CA GLY C 28 50.63 -19.51 -36.06
C GLY C 28 50.17 -18.95 -37.39
N THR C 29 49.48 -17.80 -37.36
CA THR C 29 49.01 -17.19 -38.60
C THR C 29 50.19 -16.75 -39.48
N LEU C 30 51.19 -16.11 -38.88
CA LEU C 30 52.35 -15.71 -39.67
C LEU C 30 53.14 -16.92 -40.14
N LYS C 31 53.11 -18.02 -39.39
CA LYS C 31 53.72 -19.25 -39.85
C LYS C 31 53.02 -19.78 -41.09
N SER C 32 51.68 -19.76 -41.10
CA SER C 32 50.94 -20.15 -42.29
C SER C 32 51.29 -19.24 -43.46
N ALA C 33 51.42 -17.94 -43.20
CA ALA C 33 51.82 -17.00 -44.24
C ALA C 33 53.18 -17.36 -44.81
N LEU C 34 54.14 -17.69 -43.94
CA LEU C 34 55.47 -18.02 -44.46
C LEU C 34 55.46 -19.34 -45.21
N GLU C 35 54.59 -20.29 -44.81
CA GLU C 35 54.43 -21.50 -45.63
C GLU C 35 53.89 -21.16 -47.02
N LYS C 36 52.92 -20.25 -47.12
CA LYS C 36 52.42 -19.92 -48.45
C LYS C 36 53.48 -19.20 -49.27
N PHE C 37 54.36 -18.44 -48.62
CA PHE C 37 55.51 -17.90 -49.33
C PHE C 37 56.50 -18.99 -49.75
N GLN C 38 56.66 -20.04 -48.94
CA GLN C 38 57.46 -21.17 -49.41
C GLN C 38 56.86 -21.78 -50.67
N THR C 39 55.53 -21.94 -50.69
CA THR C 39 54.88 -22.50 -51.87
C THR C 39 55.10 -21.61 -53.09
N ALA C 40 54.93 -20.30 -52.91
CA ALA C 40 55.14 -19.37 -54.01
C ALA C 40 56.59 -19.41 -54.49
N ASN C 41 57.54 -19.46 -53.55
CA ASN C 41 58.95 -19.49 -53.91
C ASN C 41 59.27 -20.76 -54.70
N THR C 42 58.74 -21.90 -54.27
CA THR C 42 58.93 -23.13 -55.03
C THR C 42 58.32 -23.02 -56.42
N ALA C 43 57.17 -22.36 -56.52
CA ALA C 43 56.52 -22.19 -57.81
C ALA C 43 57.37 -21.36 -58.77
N LEU C 44 57.97 -20.27 -58.28
CA LEU C 44 58.62 -19.30 -59.15
C LEU C 44 60.11 -19.55 -59.35
N ASN C 45 60.82 -20.07 -58.36
CA ASN C 45 62.28 -20.14 -58.42
C ASN C 45 62.76 -21.01 -59.58
N LYS C 46 61.88 -21.84 -60.14
CA LYS C 46 62.21 -22.61 -61.32
C LYS C 46 62.65 -21.69 -62.43
N ALA C 47 63.93 -21.77 -62.82
CA ALA C 47 64.49 -20.87 -63.81
C ALA C 47 64.15 -21.26 -65.25
N ASP C 48 63.71 -22.50 -65.46
CA ASP C 48 63.39 -22.94 -66.82
C ASP C 48 62.06 -22.40 -67.31
N LEU C 49 61.16 -22.01 -66.39
CA LEU C 49 59.81 -21.65 -66.82
C LEU C 49 59.80 -20.34 -67.61
N PHE C 50 60.78 -19.47 -67.37
CA PHE C 50 60.91 -18.25 -68.17
C PHE C 50 61.33 -18.54 -69.61
N LYS C 51 61.71 -19.78 -69.91
CA LYS C 51 62.14 -20.16 -71.26
C LYS C 51 60.97 -20.63 -72.13
N SER C 52 59.74 -20.46 -71.66
CA SER C 52 58.58 -20.98 -72.39
C SER C 52 58.33 -20.17 -73.67
N THR C 53 58.29 -20.88 -74.80
CA THR C 53 58.02 -20.30 -76.11
C THR C 53 57.03 -21.17 -76.89
N VAL C 54 55.95 -21.56 -76.22
CA VAL C 54 55.00 -22.48 -76.83
C VAL C 54 54.30 -21.81 -78.01
N ALA C 55 53.89 -22.63 -78.99
CA ALA C 55 53.23 -22.15 -80.18
C ALA C 55 52.48 -23.31 -80.83
N SER C 56 51.68 -22.97 -81.85
CA SER C 56 50.87 -23.94 -82.57
C SER C 56 51.16 -23.85 -84.07
N SER C 57 50.91 -24.95 -84.77
CA SER C 57 51.15 -25.02 -86.22
C SER C 57 49.88 -24.66 -86.98
N THR C 58 50.08 -24.14 -88.19
CA THR C 58 48.95 -23.81 -89.05
C THR C 58 48.21 -25.05 -89.51
N THR C 59 48.93 -26.10 -89.86
CA THR C 59 48.31 -27.32 -90.36
C THR C 59 47.62 -28.08 -89.23
N GLU C 60 46.53 -28.77 -89.58
CA GLU C 60 45.74 -29.50 -88.59
C GLU C 60 46.02 -31.00 -88.62
N ASP C 61 46.47 -31.55 -89.75
CA ASP C 61 46.73 -32.98 -89.82
C ASP C 61 47.84 -33.40 -88.88
N LEU C 62 48.92 -32.62 -88.84
CA LEU C 62 50.05 -32.87 -87.96
C LEU C 62 50.12 -31.77 -86.90
N LYS C 63 50.39 -32.16 -85.67
CA LYS C 63 50.41 -31.21 -84.56
C LYS C 63 51.77 -31.24 -83.88
N VAL C 64 52.11 -30.12 -83.24
CA VAL C 64 53.35 -29.99 -82.50
C VAL C 64 53.03 -29.52 -81.08
N SER C 65 53.88 -29.90 -80.15
CA SER C 65 53.72 -29.53 -78.73
C SER C 65 55.07 -29.02 -78.25
N THR C 66 55.11 -27.77 -77.81
CA THR C 66 56.35 -27.11 -77.41
C THR C 66 56.52 -27.19 -75.91
N THR C 67 57.69 -27.67 -75.48
CA THR C 67 58.05 -27.65 -74.08
C THR C 67 58.95 -26.45 -73.79
N ALA C 68 59.14 -26.16 -72.50
CA ALA C 68 59.96 -25.04 -72.11
C ALA C 68 61.43 -25.31 -72.45
N GLY C 69 62.19 -24.22 -72.59
CA GLY C 69 63.58 -24.32 -72.98
C GLY C 69 63.84 -24.25 -74.46
N ALA C 70 62.80 -24.26 -75.29
CA ALA C 70 62.97 -24.15 -76.73
C ALA C 70 62.86 -22.69 -77.17
N ALA C 71 63.48 -22.39 -78.31
CA ALA C 71 63.44 -21.05 -78.85
C ALA C 71 62.27 -20.88 -79.80
N ALA C 72 62.19 -19.70 -80.42
CA ALA C 72 61.11 -19.36 -81.33
C ALA C 72 61.69 -19.20 -82.73
N GLY C 73 61.04 -19.83 -83.71
CA GLY C 73 61.48 -19.71 -85.09
C GLY C 73 60.61 -20.54 -86.00
N THR C 74 60.44 -20.04 -87.22
CA THR C 74 59.64 -20.75 -88.21
C THR C 74 60.49 -21.78 -88.96
N TYR C 75 59.82 -22.83 -89.42
CA TYR C 75 60.50 -23.92 -90.09
C TYR C 75 59.47 -24.72 -90.89
N LYS C 76 59.86 -25.13 -92.10
CA LYS C 76 58.98 -25.84 -93.01
C LYS C 76 59.48 -27.27 -93.16
N ILE C 77 58.56 -28.23 -93.03
CA ILE C 77 58.89 -29.65 -92.99
C ILE C 77 58.17 -30.34 -94.12
N ASN C 78 58.80 -31.40 -94.66
CA ASN C 78 58.18 -32.22 -95.68
C ASN C 78 58.32 -33.69 -95.29
N VAL C 79 57.25 -34.44 -95.48
CA VAL C 79 57.24 -35.88 -95.25
C VAL C 79 56.86 -36.56 -96.56
N THR C 80 57.72 -37.47 -97.03
CA THR C 80 57.46 -38.15 -98.29
C THR C 80 56.65 -39.43 -98.09
N GLN C 81 57.07 -40.28 -97.15
CA GLN C 81 56.35 -41.51 -96.82
C GLN C 81 55.89 -41.44 -95.38
N LEU C 82 54.62 -41.80 -95.15
CA LEU C 82 54.09 -41.82 -93.80
C LEU C 82 54.82 -42.87 -92.96
N ALA C 83 54.94 -42.58 -91.66
CA ALA C 83 55.63 -43.49 -90.76
C ALA C 83 54.98 -44.87 -90.78
N ALA C 84 55.81 -45.90 -90.87
CA ALA C 84 55.35 -47.28 -90.95
C ALA C 84 55.92 -48.07 -89.78
N ALA C 85 55.07 -48.86 -89.13
CA ALA C 85 55.46 -49.67 -87.99
C ALA C 85 55.61 -51.12 -88.42
N GLN C 86 56.77 -51.70 -88.11
CA GLN C 86 57.01 -53.11 -88.44
C GLN C 86 56.11 -54.00 -87.60
N SER C 87 55.55 -55.03 -88.25
CA SER C 87 54.63 -55.96 -87.59
C SER C 87 55.07 -57.38 -87.87
N LEU C 88 55.00 -58.24 -86.85
CA LEU C 88 55.34 -59.65 -86.99
C LEU C 88 54.13 -60.49 -86.60
N ALA C 89 53.75 -61.42 -87.47
CA ALA C 89 52.61 -62.29 -87.25
C ALA C 89 53.09 -63.72 -87.07
N THR C 90 52.41 -64.46 -86.19
CA THR C 90 52.77 -65.84 -85.91
C THR C 90 51.75 -66.79 -86.53
N LYS C 91 52.24 -67.87 -87.13
CA LYS C 91 51.40 -68.86 -87.79
C LYS C 91 50.91 -69.86 -86.74
N THR C 92 49.80 -69.53 -86.11
CA THR C 92 49.17 -70.36 -85.09
C THR C 92 47.81 -70.86 -85.58
N THR C 93 47.75 -71.27 -86.85
CA THR C 93 46.50 -71.71 -87.46
C THR C 93 46.16 -73.11 -86.97
N PHE C 94 45.32 -73.14 -85.94
CA PHE C 94 44.77 -74.39 -85.41
C PHE C 94 43.24 -74.33 -85.53
N ALA C 95 42.66 -75.48 -85.90
CA ALA C 95 41.22 -75.54 -86.10
C ALA C 95 40.48 -75.23 -84.80
N THR C 96 40.94 -75.80 -83.69
CA THR C 96 40.34 -75.56 -82.38
C THR C 96 41.42 -75.06 -81.43
N THR C 97 41.27 -73.83 -80.96
CA THR C 97 42.17 -73.25 -79.98
C THR C 97 41.68 -73.44 -78.55
N LYS C 98 40.53 -74.09 -78.37
CA LYS C 98 40.02 -74.35 -77.03
C LYS C 98 40.87 -75.36 -76.28
N GLU C 99 41.54 -76.25 -77.01
CA GLU C 99 42.47 -77.18 -76.38
C GLU C 99 43.65 -76.43 -75.80
N GLN C 100 44.20 -76.97 -74.70
CA GLN C 100 45.28 -76.29 -74.00
C GLN C 100 46.51 -76.15 -74.88
N LEU C 101 46.98 -74.92 -75.08
CA LEU C 101 48.10 -74.67 -75.96
C LEU C 101 49.36 -75.36 -75.45
N GLY C 102 49.62 -75.29 -74.15
CA GLY C 102 50.75 -75.96 -73.54
C GLY C 102 50.30 -77.18 -72.77
N ASP C 103 51.18 -78.18 -72.70
CA ASP C 103 50.87 -79.39 -71.95
C ASP C 103 51.07 -79.14 -70.46
N THR C 104 50.36 -79.92 -69.65
CA THR C 104 50.45 -79.81 -68.20
C THR C 104 51.72 -80.42 -67.64
N SER C 105 52.46 -81.20 -68.42
CA SER C 105 53.72 -81.77 -67.96
C SER C 105 54.76 -80.68 -67.74
N VAL C 106 54.81 -79.70 -68.63
CA VAL C 106 55.80 -78.63 -68.52
C VAL C 106 55.48 -77.75 -67.31
N THR C 107 56.46 -77.60 -66.43
CA THR C 107 56.24 -76.80 -65.22
C THR C 107 56.22 -75.31 -65.54
N SER C 108 56.93 -74.89 -66.58
CA SER C 108 57.01 -73.49 -66.94
C SER C 108 57.32 -73.35 -68.42
N ARG C 109 56.51 -72.56 -69.12
CA ARG C 109 56.75 -72.30 -70.54
C ARG C 109 58.08 -71.58 -70.72
N THR C 110 58.80 -71.95 -71.77
CA THR C 110 60.13 -71.41 -72.05
C THR C 110 60.07 -70.57 -73.32
N ILE C 111 60.01 -69.25 -73.16
CA ILE C 111 60.03 -68.32 -74.27
C ILE C 111 61.16 -67.33 -74.05
N LYS C 112 62.07 -67.25 -75.02
CA LYS C 112 63.35 -66.56 -74.88
C LYS C 112 63.45 -65.52 -75.99
N ILE C 113 63.31 -64.24 -75.62
CA ILE C 113 63.22 -63.14 -76.58
C ILE C 113 64.33 -62.16 -76.29
N GLU C 114 65.08 -61.76 -77.33
CA GLU C 114 66.16 -60.78 -77.19
C GLU C 114 66.13 -59.73 -78.28
N GLN C 115 66.63 -58.55 -77.94
CA GLN C 115 66.89 -57.41 -78.81
C GLN C 115 68.30 -56.86 -78.54
N PRO C 116 68.95 -56.26 -79.54
CA PRO C 116 70.30 -55.72 -79.31
C PRO C 116 70.34 -54.59 -78.30
N GLY C 117 69.30 -53.75 -78.28
CA GLY C 117 69.31 -52.60 -77.40
C GLY C 117 69.27 -52.96 -75.93
N ARG C 118 68.45 -53.95 -75.57
CA ARG C 118 68.31 -54.37 -74.19
C ARG C 118 69.22 -55.57 -73.91
N LYS C 119 70.06 -55.44 -72.89
CA LYS C 119 70.97 -56.53 -72.56
C LYS C 119 70.24 -57.69 -71.87
N GLU C 120 69.27 -57.38 -71.03
CA GLU C 120 68.56 -58.43 -70.29
C GLU C 120 67.59 -59.16 -71.19
N PRO C 121 67.64 -60.48 -71.28
CA PRO C 121 66.66 -61.21 -72.08
C PRO C 121 65.27 -61.15 -71.47
N LEU C 122 64.27 -61.37 -72.32
CA LEU C 122 62.88 -61.48 -71.90
C LEU C 122 62.50 -62.95 -71.82
N GLU C 123 62.06 -63.37 -70.64
CA GLU C 123 61.65 -64.74 -70.38
C GLU C 123 60.51 -64.73 -69.37
N ILE C 124 59.52 -65.59 -69.58
CA ILE C 124 58.35 -65.65 -68.70
C ILE C 124 58.40 -66.93 -67.90
N LYS C 125 57.77 -66.89 -66.73
CA LYS C 125 57.81 -67.96 -65.75
C LYS C 125 56.40 -68.42 -65.40
N LEU C 126 55.59 -68.66 -66.43
CA LEU C 126 54.23 -69.16 -66.23
C LEU C 126 54.25 -70.47 -65.45
N ASP C 127 53.32 -70.59 -64.50
CA ASP C 127 53.23 -71.76 -63.65
C ASP C 127 52.17 -72.72 -64.18
N LYS C 128 52.05 -73.86 -63.51
CA LYS C 128 51.09 -74.88 -63.93
C LYS C 128 49.66 -74.41 -63.66
N GLY C 129 48.72 -75.04 -64.37
CA GLY C 129 47.32 -74.70 -64.23
C GLY C 129 46.84 -73.54 -65.08
N ASP C 130 47.73 -72.91 -65.85
CA ASP C 130 47.40 -71.79 -66.71
C ASP C 130 47.87 -72.06 -68.14
N THR C 131 47.59 -73.28 -68.63
CA THR C 131 47.99 -73.68 -69.97
C THR C 131 46.95 -73.36 -71.03
N SER C 132 45.79 -72.83 -70.63
CA SER C 132 44.79 -72.40 -71.60
C SER C 132 45.25 -71.16 -72.33
N MET C 133 44.80 -71.01 -73.58
CA MET C 133 45.25 -69.89 -74.41
C MET C 133 44.85 -68.56 -73.79
N GLU C 134 43.62 -68.45 -73.30
CA GLU C 134 43.20 -67.23 -72.60
C GLU C 134 43.99 -67.03 -71.32
N ALA C 135 44.30 -68.11 -70.59
CA ALA C 135 45.14 -68.00 -69.41
C ALA C 135 46.55 -67.53 -69.78
N ILE C 136 47.09 -68.03 -70.89
CA ILE C 136 48.41 -67.58 -71.34
C ILE C 136 48.38 -66.11 -71.70
N ARG C 137 47.32 -65.66 -72.39
CA ARG C 137 47.21 -64.25 -72.75
C ARG C 137 47.10 -63.38 -71.50
N ASP C 138 46.31 -63.83 -70.52
CA ASP C 138 46.18 -63.08 -69.28
C ASP C 138 47.51 -63.00 -68.53
N ALA C 139 48.27 -64.10 -68.51
CA ALA C 139 49.58 -64.09 -67.88
C ALA C 139 50.54 -63.16 -68.61
N ILE C 140 50.46 -63.13 -69.94
CA ILE C 140 51.29 -62.22 -70.72
C ILE C 140 50.96 -60.78 -70.36
N ASN C 141 49.67 -60.46 -70.24
CA ASN C 141 49.28 -59.11 -69.83
C ASN C 141 49.76 -58.80 -68.42
N ASP C 142 49.67 -59.78 -67.52
CA ASP C 142 50.06 -59.55 -66.13
C ASP C 142 51.57 -59.33 -66.01
N ALA C 143 52.34 -59.98 -66.86
CA ALA C 143 53.80 -59.94 -66.78
C ALA C 143 54.41 -58.68 -67.39
N ASP C 144 53.58 -57.78 -67.92
CA ASP C 144 54.04 -56.53 -68.51
C ASP C 144 54.99 -56.78 -69.68
N SER C 145 54.76 -57.88 -70.39
CA SER C 145 55.59 -58.20 -71.54
C SER C 145 55.38 -57.17 -72.65
N GLY C 146 56.50 -56.77 -73.28
CA GLY C 146 56.41 -55.83 -74.38
C GLY C 146 55.60 -56.36 -75.54
N ILE C 147 55.66 -57.68 -75.76
CA ILE C 147 54.91 -58.30 -76.84
C ILE C 147 53.42 -58.09 -76.61
N ALA C 148 52.70 -57.85 -77.70
CA ALA C 148 51.25 -57.73 -77.67
C ALA C 148 50.66 -58.74 -78.63
N ALA C 149 49.66 -59.47 -78.16
CA ALA C 149 48.97 -60.47 -78.93
C ALA C 149 47.52 -60.05 -79.13
N SER C 150 47.18 -59.68 -80.35
CA SER C 150 45.85 -59.13 -80.65
C SER C 150 45.04 -60.18 -81.40
N ILE C 151 43.75 -59.90 -81.55
CA ILE C 151 42.82 -60.76 -82.25
C ILE C 151 42.38 -60.06 -83.53
N VAL C 152 42.88 -60.54 -84.66
CA VAL C 152 42.60 -59.94 -85.97
C VAL C 152 41.97 -61.01 -86.86
N LYS C 153 40.87 -60.64 -87.54
CA LYS C 153 40.16 -61.53 -88.44
C LYS C 153 40.81 -61.45 -89.82
N VAL C 154 41.85 -62.25 -90.04
CA VAL C 154 42.36 -62.40 -91.40
C VAL C 154 41.38 -63.22 -92.24
N LYS C 155 40.75 -64.22 -91.62
CA LYS C 155 39.73 -65.11 -92.17
C LYS C 155 38.76 -65.47 -91.06
N GLU C 156 37.58 -65.93 -91.46
CA GLU C 156 36.60 -66.38 -90.48
C GLU C 156 36.83 -67.86 -90.16
N ASN C 157 36.46 -68.24 -88.94
CA ASN C 157 36.55 -69.62 -88.47
C ASN C 157 38.00 -70.12 -88.43
N GLU C 158 38.96 -69.21 -88.38
CA GLU C 158 40.36 -69.56 -88.27
C GLU C 158 41.04 -68.65 -87.26
N PHE C 159 42.15 -69.12 -86.69
CA PHE C 159 42.88 -68.40 -85.66
C PHE C 159 44.30 -68.14 -86.13
N GLN C 160 44.70 -66.88 -86.16
CA GLN C 160 46.08 -66.48 -86.42
C GLN C 160 46.44 -65.37 -85.44
N LEU C 161 47.71 -65.33 -85.02
CA LEU C 161 48.13 -64.43 -83.96
C LEU C 161 49.24 -63.51 -84.46
N VAL C 162 49.24 -62.27 -83.96
CA VAL C 162 50.27 -61.29 -84.25
C VAL C 162 51.21 -61.22 -83.05
N LEU C 163 52.46 -60.85 -83.31
CA LEU C 163 53.50 -60.79 -82.28
C LEU C 163 54.29 -59.50 -82.51
N THR C 164 53.88 -58.43 -81.83
CA THR C 164 54.48 -57.11 -82.03
C THR C 164 54.82 -56.52 -80.67
N ALA C 165 56.08 -56.65 -80.25
CA ALA C 165 56.51 -56.05 -79.00
C ALA C 165 56.61 -54.53 -79.14
N ASN C 166 57.24 -54.06 -80.20
CA ASN C 166 57.41 -52.64 -80.46
C ASN C 166 57.50 -52.44 -81.97
N SER C 167 58.00 -51.28 -82.38
CA SER C 167 58.18 -50.95 -83.78
C SER C 167 59.61 -50.47 -84.00
N GLY C 168 60.12 -50.75 -85.20
CA GLY C 168 61.44 -50.27 -85.55
C GLY C 168 62.38 -51.40 -85.93
N THR C 169 63.15 -51.15 -87.00
CA THR C 169 64.17 -52.11 -87.41
C THR C 169 65.38 -52.06 -86.48
N ASP C 170 65.55 -50.97 -85.73
CA ASP C 170 66.63 -50.88 -84.76
C ASP C 170 66.48 -51.93 -83.68
N ASN C 171 65.24 -52.15 -83.21
CA ASN C 171 64.96 -53.15 -82.20
C ASN C 171 64.55 -54.44 -82.92
N THR C 172 65.54 -55.27 -83.22
CA THR C 172 65.30 -56.56 -83.85
C THR C 172 64.96 -57.58 -82.77
N MET C 173 63.88 -58.31 -82.99
CA MET C 173 63.30 -59.20 -81.99
C MET C 173 63.58 -60.64 -82.42
N LYS C 174 64.27 -61.38 -81.56
CA LYS C 174 64.59 -62.79 -81.80
C LYS C 174 63.93 -63.61 -80.70
N ILE C 175 62.93 -64.40 -81.07
CA ILE C 175 62.16 -65.19 -80.13
C ILE C 175 62.37 -66.67 -80.43
N THR C 176 62.68 -67.44 -79.40
CA THR C 176 62.86 -68.88 -79.51
C THR C 176 62.22 -69.56 -78.30
N VAL C 177 62.21 -70.89 -78.33
CA VAL C 177 61.72 -71.70 -77.22
C VAL C 177 62.79 -72.72 -76.88
N GLU C 178 63.17 -72.77 -75.59
CA GLU C 178 64.12 -73.79 -75.15
C GLU C 178 63.51 -75.18 -75.24
N GLY C 179 62.31 -75.35 -74.67
CA GLY C 179 61.61 -76.61 -74.77
C GLY C 179 60.12 -76.46 -74.49
N ASP C 180 59.29 -76.97 -75.40
CA ASP C 180 57.84 -76.91 -75.23
C ASP C 180 57.21 -78.08 -75.98
N THR C 181 56.02 -78.46 -75.55
CA THR C 181 55.31 -79.56 -76.20
C THR C 181 54.91 -79.20 -77.62
N LYS C 182 54.39 -77.99 -77.83
CA LYS C 182 53.94 -77.57 -79.15
C LYS C 182 54.54 -76.24 -79.56
N LEU C 183 54.84 -75.39 -78.56
CA LEU C 183 55.35 -74.06 -78.85
C LEU C 183 56.81 -74.07 -79.30
N ASN C 184 57.50 -75.20 -79.15
CA ASN C 184 58.91 -75.25 -79.53
C ASN C 184 59.08 -75.03 -81.03
N ASP C 185 58.30 -75.74 -81.84
CA ASP C 185 58.35 -75.55 -83.29
C ASP C 185 57.60 -74.28 -83.72
N LEU C 186 56.63 -73.84 -82.91
CA LEU C 186 55.81 -72.69 -83.29
C LEU C 186 56.63 -71.41 -83.34
N LEU C 187 57.55 -71.23 -82.39
CA LEU C 187 58.23 -69.96 -82.20
C LEU C 187 59.59 -69.88 -82.90
N ALA C 188 59.96 -70.89 -83.70
CA ALA C 188 61.24 -70.88 -84.37
C ALA C 188 61.15 -70.12 -85.69
N TYR C 189 61.74 -68.93 -85.73
CA TYR C 189 61.71 -68.08 -86.92
C TYR C 189 62.70 -66.95 -86.74
N ASP C 190 63.25 -66.46 -87.87
CA ASP C 190 64.21 -65.36 -87.86
C ASP C 190 63.64 -64.23 -88.70
N SER C 191 63.47 -63.06 -88.08
CA SER C 191 62.95 -61.90 -88.79
C SER C 191 63.98 -61.30 -89.74
N THR C 192 65.27 -61.54 -89.48
CA THR C 192 66.31 -60.96 -90.31
C THR C 192 66.24 -61.48 -91.74
N THR C 193 65.99 -62.78 -91.91
CA THR C 193 65.94 -63.35 -93.24
C THR C 193 64.66 -62.99 -93.99
N ASN C 194 63.63 -62.55 -93.28
CA ASN C 194 62.33 -62.17 -93.84
C ASN C 194 61.62 -63.33 -94.53
N THR C 195 62.13 -64.54 -94.41
CA THR C 195 61.50 -65.74 -94.95
C THR C 195 61.47 -66.81 -93.86
N GLY C 196 60.29 -67.37 -93.62
CA GLY C 196 60.16 -68.35 -92.56
C GLY C 196 58.76 -68.92 -92.49
N ASN C 197 58.53 -69.71 -91.44
CA ASN C 197 57.26 -70.40 -91.29
C ASN C 197 56.11 -69.45 -91.04
N MET C 198 56.35 -68.33 -90.35
CA MET C 198 55.28 -67.42 -89.99
C MET C 198 54.98 -66.42 -91.09
N GLN C 199 53.70 -66.12 -91.29
CA GLN C 199 53.25 -65.13 -92.24
C GLN C 199 53.57 -63.71 -91.74
N GLU C 200 53.63 -62.77 -92.67
CA GLU C 200 53.90 -61.38 -92.36
C GLU C 200 52.69 -60.53 -92.67
N LEU C 201 52.25 -59.72 -91.70
CA LEU C 201 51.19 -58.76 -91.97
C LEU C 201 51.74 -57.47 -92.55
N VAL C 202 52.72 -56.87 -91.89
CA VAL C 202 53.40 -55.68 -92.38
C VAL C 202 54.88 -56.00 -92.51
N LYS C 203 55.41 -55.85 -93.72
CA LYS C 203 56.83 -56.09 -93.94
C LYS C 203 57.66 -54.96 -93.33
N ALA C 204 58.97 -55.18 -93.26
CA ALA C 204 59.85 -54.18 -92.71
C ALA C 204 59.84 -52.93 -93.57
N GLU C 205 59.31 -51.84 -93.01
CA GLU C 205 59.25 -50.56 -93.71
C GLU C 205 59.76 -49.49 -92.76
N ASN C 206 60.30 -48.42 -93.35
CA ASN C 206 60.99 -47.38 -92.60
C ASN C 206 60.37 -46.02 -92.91
N ALA C 207 60.45 -45.12 -91.92
CA ALA C 207 59.98 -43.76 -92.12
C ALA C 207 60.86 -43.05 -93.14
N LYS C 208 60.25 -42.14 -93.90
CA LYS C 208 60.95 -41.40 -94.94
C LYS C 208 60.51 -39.94 -94.88
N LEU C 209 61.49 -39.04 -95.00
CA LEU C 209 61.21 -37.61 -94.96
C LEU C 209 62.31 -36.87 -95.71
N ASN C 210 62.10 -35.57 -95.92
CA ASN C 210 63.05 -34.74 -96.65
C ASN C 210 63.17 -33.42 -95.91
N VAL C 211 64.29 -33.22 -95.20
CA VAL C 211 64.55 -32.00 -94.44
C VAL C 211 65.98 -31.58 -94.71
N ASN C 212 66.25 -30.27 -94.59
CA ASN C 212 67.56 -29.70 -94.86
C ASN C 212 67.99 -29.95 -96.31
N GLY C 213 67.00 -30.09 -97.19
CA GLY C 213 67.27 -30.44 -98.57
C GLY C 213 67.83 -31.84 -98.75
N ILE C 214 67.73 -32.69 -97.74
CA ILE C 214 68.33 -34.02 -97.74
C ILE C 214 67.25 -35.03 -97.37
N ASP C 215 67.28 -36.18 -98.04
CA ASP C 215 66.31 -37.24 -97.82
C ASP C 215 66.82 -38.20 -96.74
N ILE C 216 65.93 -38.61 -95.85
CA ILE C 216 66.25 -39.55 -94.78
C ILE C 216 65.26 -40.70 -94.83
N GLU C 217 65.78 -41.92 -94.82
CA GLU C 217 64.99 -43.14 -94.81
C GLU C 217 65.06 -43.85 -93.47
N ARG C 218 65.55 -43.19 -92.42
CA ARG C 218 65.75 -43.86 -91.14
C ARG C 218 64.42 -44.26 -90.53
N GLN C 219 64.43 -45.34 -89.75
CA GLN C 219 63.20 -46.01 -89.36
C GLN C 219 62.42 -45.23 -88.31
N SER C 220 63.12 -44.63 -87.33
CA SER C 220 62.46 -44.19 -86.11
C SER C 220 61.34 -43.19 -86.41
N ASN C 221 60.18 -43.44 -85.80
CA ASN C 221 59.04 -42.56 -86.02
C ASN C 221 59.11 -41.32 -85.13
N THR C 222 59.07 -41.51 -83.81
CA THR C 222 59.14 -40.38 -82.90
C THR C 222 60.58 -40.10 -82.50
N VAL C 223 60.98 -38.84 -82.61
CA VAL C 223 62.32 -38.39 -82.23
C VAL C 223 62.19 -37.12 -81.40
N THR C 224 62.89 -37.08 -80.26
CA THR C 224 62.86 -35.92 -79.38
C THR C 224 64.25 -35.47 -78.96
N ASP C 225 65.30 -36.14 -79.42
CA ASP C 225 66.67 -35.75 -79.04
C ASP C 225 67.12 -34.54 -79.84
N ALA C 226 67.16 -34.67 -81.17
CA ALA C 226 67.52 -33.57 -82.06
C ALA C 226 66.61 -32.36 -81.94
N PRO C 227 65.27 -32.53 -81.90
CA PRO C 227 64.41 -31.34 -81.83
C PRO C 227 64.68 -30.43 -80.63
N GLN C 228 64.97 -31.00 -79.46
CA GLN C 228 65.35 -30.25 -78.27
C GLN C 228 64.24 -29.27 -77.85
N GLY C 229 63.03 -29.78 -77.70
CA GLY C 229 61.95 -28.98 -77.14
C GLY C 229 60.66 -28.93 -77.93
N ILE C 230 60.50 -29.80 -78.91
CA ILE C 230 59.26 -29.90 -79.67
C ILE C 230 58.93 -31.37 -79.86
N THR C 231 57.65 -31.73 -79.70
CA THR C 231 57.19 -33.08 -79.96
C THR C 231 56.17 -33.07 -81.09
N LEU C 232 56.39 -33.90 -82.10
CA LEU C 232 55.56 -33.92 -83.31
C LEU C 232 54.67 -35.15 -83.27
N THR C 233 53.36 -34.93 -83.38
CA THR C 233 52.39 -36.01 -83.47
C THR C 233 51.74 -35.98 -84.85
N LEU C 234 51.78 -37.12 -85.53
CA LEU C 234 51.30 -37.23 -86.90
C LEU C 234 50.22 -38.29 -86.97
N THR C 235 49.13 -37.97 -87.65
CA THR C 235 48.05 -38.92 -87.91
C THR C 235 47.84 -39.17 -89.40
N LYS C 236 48.07 -38.16 -90.23
CA LYS C 236 47.93 -38.28 -91.67
C LYS C 236 49.15 -37.67 -92.35
N LYS C 237 49.31 -38.00 -93.62
CA LYS C 237 50.39 -37.43 -94.42
C LYS C 237 50.19 -35.93 -94.61
N VAL C 238 51.30 -35.19 -94.61
CA VAL C 238 51.26 -33.75 -94.77
C VAL C 238 52.25 -33.34 -95.87
N THR C 239 52.01 -32.18 -96.44
CA THR C 239 52.87 -31.61 -97.47
C THR C 239 53.39 -30.26 -97.00
N ASP C 240 54.71 -30.09 -97.09
CA ASP C 240 55.45 -28.84 -96.86
C ASP C 240 54.78 -27.96 -95.79
N ALA C 241 54.50 -28.59 -94.65
CA ALA C 241 53.84 -27.88 -93.55
C ALA C 241 54.80 -26.89 -92.91
N THR C 242 54.35 -25.65 -92.76
CA THR C 242 55.17 -24.59 -92.17
C THR C 242 54.67 -24.30 -90.76
N VAL C 243 55.58 -24.37 -89.79
CA VAL C 243 55.26 -24.12 -88.40
C VAL C 243 56.04 -22.90 -87.94
N THR C 244 55.32 -21.88 -87.47
CA THR C 244 55.93 -20.66 -86.96
C THR C 244 55.78 -20.63 -85.44
N VAL C 245 56.90 -20.53 -84.73
CA VAL C 245 56.93 -20.53 -83.28
C VAL C 245 56.96 -19.08 -82.81
N THR C 246 56.07 -18.75 -81.88
CA THR C 246 55.95 -17.40 -81.33
C THR C 246 56.13 -17.48 -79.82
N LYS C 247 56.92 -16.54 -79.27
CA LYS C 247 57.21 -16.53 -77.84
C LYS C 247 55.97 -16.11 -77.06
N ASP C 248 55.69 -16.83 -75.97
CA ASP C 248 54.60 -16.51 -75.07
C ASP C 248 55.16 -15.97 -73.77
N ASP C 249 54.57 -14.89 -73.26
CA ASP C 249 55.03 -14.25 -72.03
C ASP C 249 53.91 -13.98 -71.04
N THR C 250 52.68 -14.41 -71.34
CA THR C 250 51.57 -14.16 -70.43
C THR C 250 51.64 -15.06 -69.20
N LYS C 251 52.29 -16.22 -69.31
CA LYS C 251 52.44 -17.09 -68.14
C LYS C 251 53.39 -16.49 -67.14
N ALA C 252 54.46 -15.86 -67.60
CA ALA C 252 55.29 -15.06 -66.71
C ALA C 252 54.47 -13.92 -66.09
N LYS C 253 53.60 -13.32 -66.89
CA LYS C 253 52.76 -12.20 -66.40
C LYS C 253 51.91 -12.69 -65.23
N GLU C 254 51.17 -13.79 -65.41
CA GLU C 254 50.27 -14.31 -64.35
C GLU C 254 51.10 -14.75 -63.13
N ALA C 255 52.26 -15.35 -63.37
CA ALA C 255 53.15 -15.76 -62.24
C ALA C 255 53.59 -14.51 -61.47
N ILE C 256 53.94 -13.45 -62.19
CA ILE C 256 54.33 -12.17 -61.52
C ILE C 256 53.11 -11.64 -60.75
N LYS C 257 51.92 -11.73 -61.35
CA LYS C 257 50.70 -11.20 -60.68
C LYS C 257 50.44 -11.97 -59.39
N SER C 258 50.58 -13.30 -59.42
CA SER C 258 50.42 -14.10 -58.18
C SER C 258 51.51 -13.70 -57.18
N TRP C 259 52.74 -13.49 -57.66
CA TRP C 259 53.88 -13.14 -56.78
C TRP C 259 53.62 -11.79 -56.10
N VAL C 260 53.16 -10.79 -56.86
CA VAL C 260 52.83 -9.46 -56.27
C VAL C 260 51.65 -9.61 -55.32
N ASP C 261 50.66 -10.45 -55.66
CA ASP C 261 49.48 -10.66 -54.80
C ASP C 261 49.92 -11.25 -53.46
N ALA C 262 50.92 -12.14 -53.49
CA ALA C 262 51.42 -12.75 -52.24
C ALA C 262 51.96 -11.63 -51.34
N TYR C 263 52.65 -10.67 -51.93
CA TYR C 263 53.18 -9.53 -51.14
C TYR C 263 52.02 -8.65 -50.63
N ASN C 264 51.03 -8.37 -51.49
CA ASN C 264 49.90 -7.55 -51.07
C ASN C 264 49.14 -8.20 -49.93
N SER C 265 48.94 -9.52 -49.99
CA SER C 265 48.31 -10.23 -48.89
C SER C 265 49.15 -10.17 -47.63
N LEU C 266 50.47 -10.29 -47.77
CA LEU C 266 51.34 -10.20 -46.60
C LEU C 266 51.24 -8.83 -45.94
N VAL C 267 51.25 -7.77 -46.75
CA VAL C 267 51.14 -6.42 -46.19
C VAL C 267 49.78 -6.22 -45.55
N ASP C 268 48.72 -6.74 -46.17
CA ASP C 268 47.39 -6.64 -45.56
C ASP C 268 47.35 -7.37 -44.22
N THR C 269 47.96 -8.55 -44.15
CA THR C 269 47.98 -9.30 -42.91
C THR C 269 48.75 -8.55 -41.84
N PHE C 270 49.91 -7.99 -42.19
CA PHE C 270 50.73 -7.30 -41.19
C PHE C 270 50.05 -6.02 -40.71
N SER C 271 49.44 -5.28 -41.64
CA SER C 271 48.67 -4.09 -41.25
C SER C 271 47.45 -4.47 -40.41
N SER C 272 46.89 -5.66 -40.63
CA SER C 272 45.80 -6.14 -39.79
C SER C 272 46.26 -6.48 -38.38
N LEU C 273 47.55 -6.75 -38.19
CA LEU C 273 48.08 -7.05 -36.86
C LEU C 273 48.16 -5.82 -35.97
N THR C 274 47.97 -4.63 -36.53
CA THR C 274 48.02 -3.38 -35.76
C THR C 274 46.66 -3.14 -35.13
N LYS C 275 46.55 -3.35 -33.82
CA LYS C 275 45.33 -3.11 -33.06
C LYS C 275 45.60 -1.97 -32.09
N TYR C 276 44.86 -0.87 -32.23
CA TYR C 276 45.07 0.27 -31.33
C TYR C 276 43.78 1.05 -31.19
N THR C 277 43.48 1.44 -29.95
CA THR C 277 42.33 2.29 -29.62
C THR C 277 42.84 3.39 -28.70
N ALA C 278 43.19 4.54 -29.28
CA ALA C 278 43.72 5.65 -28.49
C ALA C 278 42.63 6.23 -27.59
N VAL C 279 43.02 6.60 -26.38
CA VAL C 279 42.09 7.14 -25.39
C VAL C 279 42.65 8.45 -24.84
N GLU C 280 41.79 9.45 -24.73
CA GLU C 280 42.16 10.76 -24.19
C GLU C 280 42.17 10.72 -22.67
N PRO C 281 42.82 11.70 -22.03
CA PRO C 281 42.84 11.73 -20.56
C PRO C 281 41.47 11.84 -19.92
N GLY C 282 40.46 12.35 -20.62
CA GLY C 282 39.15 12.51 -20.02
C GLY C 282 38.52 11.19 -19.61
N GLU C 283 38.60 10.19 -20.48
CA GLU C 283 38.01 8.90 -20.17
C GLU C 283 38.92 8.07 -19.28
N GLU C 284 38.35 7.03 -18.67
CA GLU C 284 39.05 6.18 -17.73
C GLU C 284 39.92 5.17 -18.49
N ALA C 285 40.53 4.25 -17.74
CA ALA C 285 41.38 3.23 -18.35
C ALA C 285 40.55 2.25 -19.17
N SER C 286 41.16 1.72 -20.22
CA SER C 286 40.52 0.77 -21.13
C SER C 286 40.99 -0.63 -20.81
N ASP C 287 40.04 -1.57 -20.72
CA ASP C 287 40.34 -2.97 -20.44
C ASP C 287 40.91 -3.71 -21.65
N LYS C 288 40.42 -3.40 -22.85
CA LYS C 288 40.84 -4.12 -24.04
C LYS C 288 42.31 -3.86 -24.36
N ASN C 289 43.03 -4.93 -24.71
CA ASN C 289 44.43 -4.86 -25.05
C ASN C 289 44.65 -5.43 -26.44
N GLY C 290 45.50 -4.75 -27.21
CA GLY C 290 45.74 -5.18 -28.58
C GLY C 290 46.39 -6.55 -28.65
N ALA C 291 46.07 -7.28 -29.73
CA ALA C 291 46.55 -8.65 -29.86
C ALA C 291 48.06 -8.72 -30.00
N LEU C 292 48.64 -7.81 -30.79
CA LEU C 292 50.07 -7.85 -31.10
C LEU C 292 50.87 -6.85 -30.28
N LEU C 293 50.26 -6.27 -29.25
CA LEU C 293 50.93 -5.26 -28.43
C LEU C 293 51.83 -5.91 -27.39
N GLY C 294 52.76 -5.11 -26.86
CA GLY C 294 53.77 -5.62 -25.96
C GLY C 294 54.70 -6.61 -26.63
N ASP C 295 54.85 -6.50 -27.95
CA ASP C 295 55.64 -7.46 -28.72
C ASP C 295 56.15 -6.77 -29.97
N SER C 296 57.48 -6.69 -30.10
CA SER C 296 58.09 -6.01 -31.24
C SER C 296 58.75 -6.95 -32.23
N VAL C 297 58.74 -8.27 -31.97
CA VAL C 297 59.46 -9.20 -32.85
C VAL C 297 58.78 -9.25 -34.22
N VAL C 298 57.45 -9.15 -34.26
CA VAL C 298 56.76 -9.14 -35.55
C VAL C 298 57.11 -7.90 -36.34
N ARG C 299 57.31 -6.77 -35.66
CA ARG C 299 57.74 -5.55 -36.33
C ARG C 299 59.14 -5.73 -36.91
N THR C 300 60.03 -6.38 -36.16
CA THR C 300 61.37 -6.65 -36.67
C THR C 300 61.32 -7.57 -37.89
N ILE C 301 60.45 -8.58 -37.86
CA ILE C 301 60.28 -9.46 -39.00
C ILE C 301 59.78 -8.68 -40.21
N GLN C 302 58.81 -7.79 -39.99
CA GLN C 302 58.31 -6.96 -41.10
C GLN C 302 59.42 -6.10 -41.69
N THR C 303 60.21 -5.46 -40.83
CA THR C 303 61.29 -4.60 -41.31
C THR C 303 62.30 -5.42 -42.10
N GLY C 304 62.68 -6.59 -41.60
CA GLY C 304 63.64 -7.42 -42.30
C GLY C 304 63.13 -7.91 -43.63
N ILE C 305 61.87 -8.33 -43.67
CA ILE C 305 61.26 -8.80 -44.91
C ILE C 305 61.22 -7.68 -45.93
N ARG C 306 60.80 -6.48 -45.51
CA ARG C 306 60.72 -5.35 -46.42
C ARG C 306 62.09 -4.97 -46.93
N ALA C 307 63.10 -4.96 -46.06
CA ALA C 307 64.46 -4.61 -46.48
C ALA C 307 65.01 -5.65 -47.47
N GLN C 308 64.77 -6.94 -47.20
CA GLN C 308 65.24 -7.97 -48.12
C GLN C 308 64.48 -7.91 -49.44
N PHE C 309 63.24 -7.40 -49.42
CA PHE C 309 62.48 -7.23 -50.64
C PHE C 309 63.17 -6.26 -51.58
N ALA C 310 63.94 -5.33 -51.02
CA ALA C 310 64.74 -4.41 -51.83
C ALA C 310 65.93 -5.14 -52.43
N ASN C 311 65.77 -5.61 -53.66
CA ASN C 311 66.81 -6.41 -54.30
C ASN C 311 67.99 -5.54 -54.70
N SER C 312 69.20 -5.97 -54.33
CA SER C 312 70.42 -5.26 -54.66
C SER C 312 71.53 -6.17 -55.17
N GLY C 313 71.33 -7.49 -55.16
CA GLY C 313 72.32 -8.44 -55.60
C GLY C 313 72.19 -8.88 -57.04
N SER C 314 71.40 -8.18 -57.86
CA SER C 314 71.18 -8.59 -59.24
C SER C 314 72.48 -8.51 -60.04
N ASN C 315 72.67 -9.48 -60.94
CA ASN C 315 73.84 -9.45 -61.80
C ASN C 315 73.76 -8.31 -62.80
N SER C 316 72.55 -8.02 -63.30
CA SER C 316 72.37 -6.93 -64.24
C SER C 316 72.51 -5.58 -63.54
N ALA C 317 72.75 -4.55 -64.35
CA ALA C 317 72.86 -3.20 -63.82
C ALA C 317 71.55 -2.74 -63.17
N PHE C 318 70.42 -3.27 -63.64
CA PHE C 318 69.12 -2.96 -63.04
C PHE C 318 68.96 -3.80 -61.78
N LYS C 319 69.63 -3.37 -60.72
CA LYS C 319 69.50 -4.06 -59.44
C LYS C 319 68.08 -3.98 -58.91
N THR C 320 67.43 -2.84 -59.10
CA THR C 320 66.06 -2.60 -58.66
C THR C 320 65.09 -3.06 -59.74
N MET C 321 63.84 -3.35 -59.32
CA MET C 321 62.79 -3.73 -60.27
C MET C 321 62.21 -2.53 -61.02
N ALA C 322 62.97 -1.43 -61.01
CA ALA C 322 62.54 -0.16 -61.58
C ALA C 322 61.96 -0.30 -62.98
N GLU C 323 62.71 -0.92 -63.89
CA GLU C 323 62.28 -0.97 -65.29
C GLU C 323 61.03 -1.81 -65.48
N ILE C 324 60.81 -2.82 -64.64
CA ILE C 324 59.66 -3.70 -64.83
C ILE C 324 58.35 -2.95 -64.56
N GLY C 325 58.29 -2.24 -63.44
CA GLY C 325 57.10 -1.51 -63.04
C GLY C 325 56.45 -1.97 -61.76
N ILE C 326 57.17 -2.66 -60.88
CA ILE C 326 56.62 -3.11 -59.61
C ILE C 326 56.75 -1.99 -58.59
N THR C 327 55.64 -1.31 -58.30
CA THR C 327 55.64 -0.12 -57.46
C THR C 327 54.85 -0.38 -56.18
N GLN C 328 55.47 -0.10 -55.04
CA GLN C 328 54.79 -0.21 -53.75
C GLN C 328 53.84 0.97 -53.56
N ASP C 329 52.86 0.78 -52.69
CA ASP C 329 51.87 1.82 -52.44
C ASP C 329 52.52 3.04 -51.77
N GLY C 330 51.86 4.18 -51.92
CA GLY C 330 52.41 5.42 -51.38
C GLY C 330 52.52 5.42 -49.86
N THR C 331 51.48 4.91 -49.19
CA THR C 331 51.45 4.91 -47.74
C THR C 331 51.68 3.53 -47.11
N SER C 332 51.57 2.45 -47.89
CA SER C 332 51.69 1.10 -47.35
C SER C 332 52.50 0.24 -48.32
N GLY C 333 52.65 -1.03 -47.95
CA GLY C 333 53.43 -1.97 -48.73
C GLY C 333 52.73 -2.68 -49.86
N LYS C 334 51.45 -2.41 -50.10
CA LYS C 334 50.78 -2.99 -51.26
C LYS C 334 51.46 -2.56 -52.54
N LEU C 335 51.68 -3.51 -53.44
CA LEU C 335 52.34 -3.24 -54.71
C LEU C 335 51.30 -2.69 -55.67
N LYS C 336 51.28 -1.37 -55.85
CA LYS C 336 50.35 -0.76 -56.81
C LYS C 336 50.93 -1.02 -58.20
N ILE C 337 50.75 -2.26 -58.65
CA ILE C 337 51.35 -2.68 -59.91
C ILE C 337 50.69 -1.94 -61.06
N ASP C 338 51.50 -1.48 -62.01
CA ASP C 338 51.01 -0.80 -63.21
C ASP C 338 50.85 -1.87 -64.28
N ASP C 339 49.61 -2.27 -64.54
CA ASP C 339 49.35 -3.42 -65.41
C ASP C 339 49.89 -3.15 -66.81
N ASP C 340 49.56 -1.99 -67.39
CA ASP C 340 50.01 -1.69 -68.74
C ASP C 340 51.52 -1.54 -68.80
N LYS C 341 52.11 -0.91 -67.77
CA LYS C 341 53.57 -0.76 -67.77
C LYS C 341 54.27 -2.10 -67.65
N LEU C 342 53.81 -2.95 -66.73
CA LEU C 342 54.41 -4.28 -66.60
C LEU C 342 54.26 -5.07 -67.88
N THR C 343 53.09 -4.99 -68.50
CA THR C 343 52.84 -5.71 -69.75
C THR C 343 53.75 -5.22 -70.87
N LYS C 344 53.86 -3.91 -71.03
CA LYS C 344 54.69 -3.36 -72.10
C LYS C 344 56.15 -3.68 -71.88
N VAL C 345 56.60 -3.68 -70.62
CA VAL C 345 57.98 -4.03 -70.34
C VAL C 345 58.24 -5.50 -70.64
N LEU C 346 57.32 -6.38 -70.26
CA LEU C 346 57.59 -7.81 -70.46
C LEU C 346 57.49 -8.20 -71.93
N LYS C 347 56.61 -7.54 -72.71
CA LYS C 347 56.69 -7.67 -74.16
C LYS C 347 57.92 -7.00 -74.75
N ASP C 348 58.49 -6.01 -74.08
CA ASP C 348 59.75 -5.44 -74.55
C ASP C 348 60.88 -6.45 -74.42
N ASN C 349 61.02 -7.05 -73.24
CA ASN C 349 62.08 -8.02 -73.01
C ASN C 349 61.78 -8.80 -71.74
N THR C 350 61.86 -10.14 -71.83
CA THR C 350 61.78 -10.97 -70.64
C THR C 350 63.15 -11.22 -70.04
N ALA C 351 64.22 -10.96 -70.80
CA ALA C 351 65.57 -11.22 -70.30
C ALA C 351 65.90 -10.35 -69.11
N ALA C 352 65.40 -9.11 -69.10
CA ALA C 352 65.59 -8.24 -67.94
C ALA C 352 64.96 -8.85 -66.70
N ALA C 353 63.77 -9.42 -66.84
CA ALA C 353 63.14 -10.11 -65.70
C ALA C 353 63.94 -11.33 -65.29
N ARG C 354 64.47 -12.08 -66.26
CA ARG C 354 65.28 -13.26 -65.94
C ARG C 354 66.51 -12.86 -65.14
N GLU C 355 67.20 -11.80 -65.56
CA GLU C 355 68.44 -11.39 -64.90
C GLU C 355 68.20 -10.50 -63.69
N LEU C 356 66.97 -10.08 -63.44
CA LEU C 356 66.72 -9.11 -62.38
C LEU C 356 66.69 -9.79 -61.01
N LEU C 357 65.74 -10.69 -60.80
CA LEU C 357 65.55 -11.33 -59.50
C LEU C 357 66.08 -12.75 -59.45
N VAL C 358 66.03 -13.49 -60.56
CA VAL C 358 66.59 -14.84 -60.56
C VAL C 358 68.10 -14.79 -60.40
N GLY C 359 68.77 -13.88 -61.11
CA GLY C 359 70.21 -13.81 -61.03
C GLY C 359 70.87 -15.07 -61.56
N ASP C 360 71.89 -15.52 -60.82
CA ASP C 360 72.55 -16.77 -61.17
C ASP C 360 71.61 -17.97 -61.05
N GLY C 361 70.72 -17.95 -60.05
CA GLY C 361 69.83 -19.04 -59.79
C GLY C 361 70.34 -20.08 -58.81
N LYS C 362 71.64 -20.10 -58.55
CA LYS C 362 72.20 -21.02 -57.58
C LYS C 362 72.06 -20.48 -56.16
N GLU C 363 72.65 -19.33 -55.89
CA GLU C 363 72.59 -18.68 -54.59
C GLU C 363 72.00 -17.28 -54.65
N THR C 364 72.31 -16.51 -55.68
CA THR C 364 71.75 -15.17 -55.81
C THR C 364 70.25 -15.25 -56.12
N GLY C 365 69.50 -14.27 -55.61
CA GLY C 365 68.08 -14.24 -55.82
C GLY C 365 67.29 -14.05 -54.54
N ILE C 366 66.11 -13.43 -54.68
CA ILE C 366 65.27 -13.17 -53.51
C ILE C 366 64.77 -14.48 -52.92
N THR C 367 64.34 -15.41 -53.78
CA THR C 367 63.77 -16.67 -53.30
C THR C 367 64.77 -17.45 -52.45
N THR C 368 66.04 -17.48 -52.87
CA THR C 368 67.04 -18.26 -52.15
C THR C 368 67.22 -17.73 -50.73
N LYS C 369 67.41 -16.41 -50.59
CA LYS C 369 67.63 -15.85 -49.26
C LYS C 369 66.38 -15.96 -48.39
N ILE C 370 65.20 -15.74 -48.98
CA ILE C 370 63.96 -15.87 -48.21
C ILE C 370 63.82 -17.29 -47.69
N ALA C 371 64.05 -18.29 -48.56
CA ALA C 371 63.93 -19.67 -48.14
C ALA C 371 64.96 -20.02 -47.07
N THR C 372 66.20 -19.57 -47.23
CA THR C 372 67.23 -19.86 -46.23
C THR C 372 66.88 -19.25 -44.88
N GLU C 373 66.42 -17.99 -44.88
CA GLU C 373 66.08 -17.34 -43.62
C GLU C 373 64.85 -17.98 -42.98
N VAL C 374 63.88 -18.44 -43.78
CA VAL C 374 62.72 -19.12 -43.22
C VAL C 374 63.13 -20.45 -42.60
N LYS C 375 64.01 -21.18 -43.29
CA LYS C 375 64.54 -22.42 -42.71
C LYS C 375 65.29 -22.15 -41.41
N SER C 376 65.98 -21.02 -41.33
CA SER C 376 66.60 -20.61 -40.07
C SER C 376 65.54 -20.34 -39.01
N TYR C 377 64.46 -19.65 -39.39
CA TYR C 377 63.42 -19.28 -38.43
C TYR C 377 62.73 -20.50 -37.85
N LEU C 378 62.41 -21.50 -38.68
CA LEU C 378 61.66 -22.66 -38.19
C LEU C 378 62.47 -23.44 -37.16
N ALA C 379 63.79 -23.39 -37.24
CA ALA C 379 64.63 -24.11 -36.30
C ALA C 379 64.59 -23.45 -34.92
N ASP C 380 65.26 -24.09 -33.96
CA ASP C 380 65.30 -23.56 -32.60
C ASP C 380 65.96 -22.20 -32.55
N ASP C 381 67.05 -22.01 -33.31
CA ASP C 381 67.75 -20.73 -33.33
C ASP C 381 66.92 -19.63 -33.97
N GLY C 382 65.82 -19.98 -34.63
CA GLY C 382 65.00 -18.99 -35.30
C GLY C 382 64.37 -18.00 -34.33
N ILE C 383 64.22 -16.77 -34.84
CA ILE C 383 63.73 -15.68 -34.00
C ILE C 383 62.27 -15.89 -33.62
N ILE C 384 61.46 -16.42 -34.54
CA ILE C 384 60.07 -16.70 -34.21
C ILE C 384 59.97 -17.84 -33.20
N ASP C 385 60.78 -18.88 -33.39
CA ASP C 385 60.77 -19.99 -32.43
C ASP C 385 61.24 -19.54 -31.06
N ASN C 386 62.31 -18.72 -31.02
CA ASN C 386 62.76 -18.18 -29.74
C ASN C 386 61.70 -17.29 -29.10
N ALA C 387 61.00 -16.49 -29.91
CA ALA C 387 59.95 -15.64 -29.38
C ALA C 387 58.82 -16.46 -28.76
N GLN C 388 58.40 -17.54 -29.44
CA GLN C 388 57.33 -18.34 -28.87
C GLN C 388 57.80 -19.15 -27.67
N ASP C 389 59.07 -19.56 -27.65
CA ASP C 389 59.62 -20.20 -26.45
C ASP C 389 59.59 -19.23 -25.27
N ASN C 390 60.00 -17.99 -25.49
CA ASN C 390 59.94 -16.99 -24.43
C ASN C 390 58.51 -16.74 -24.00
N VAL C 391 57.57 -16.77 -24.96
CA VAL C 391 56.16 -16.57 -24.64
C VAL C 391 55.66 -17.69 -23.73
N ASN C 392 56.00 -18.94 -24.04
CA ASN C 392 55.51 -20.03 -23.22
C ASN C 392 56.17 -20.03 -21.85
N ALA C 393 57.45 -19.64 -21.78
CA ALA C 393 58.11 -19.51 -20.48
C ALA C 393 57.45 -18.43 -19.64
N THR C 394 57.13 -17.29 -20.27
CA THR C 394 56.47 -16.20 -19.55
C THR C 394 55.09 -16.63 -19.06
N LEU C 395 54.33 -17.35 -19.90
CA LEU C 395 52.99 -17.75 -19.47
C LEU C 395 53.05 -18.85 -18.42
N LYS C 396 54.10 -19.67 -18.40
CA LYS C 396 54.25 -20.64 -17.32
C LYS C 396 54.60 -19.94 -16.00
N SER C 397 55.45 -18.92 -16.05
CA SER C 397 55.71 -18.13 -14.85
C SER C 397 54.42 -17.45 -14.38
N LEU C 398 53.63 -16.94 -15.31
CA LEU C 398 52.34 -16.34 -14.96
C LEU C 398 51.37 -17.37 -14.40
N THR C 399 51.46 -18.62 -14.86
CA THR C 399 50.64 -19.68 -14.29
C THR C 399 51.06 -19.99 -12.86
N LYS C 400 52.36 -19.96 -12.59
CA LYS C 400 52.83 -20.08 -11.20
C LYS C 400 52.29 -18.95 -10.34
N GLN C 401 52.32 -17.73 -10.88
CA GLN C 401 51.73 -16.59 -10.16
C GLN C 401 50.23 -16.80 -9.93
N TYR C 402 49.54 -17.34 -10.94
CA TYR C 402 48.12 -17.64 -10.79
C TYR C 402 47.88 -18.67 -9.69
N LEU C 403 48.74 -19.68 -9.60
CA LEU C 403 48.62 -20.66 -8.52
C LEU C 403 48.82 -20.00 -7.16
N SER C 404 49.80 -19.11 -7.06
CA SER C 404 50.03 -18.40 -5.80
C SER C 404 48.81 -17.58 -5.41
N VAL C 405 48.26 -16.82 -6.36
CA VAL C 405 47.09 -16.00 -6.08
C VAL C 405 45.89 -16.87 -5.76
N SER C 406 45.77 -18.03 -6.40
CA SER C 406 44.67 -18.94 -6.13
C SER C 406 44.73 -19.50 -4.72
N ASN C 407 45.91 -19.90 -4.25
CA ASN C 407 45.99 -20.41 -2.90
C ASN C 407 45.79 -19.30 -1.86
N SER C 408 46.27 -18.09 -2.15
CA SER C 408 45.97 -16.97 -1.26
C SER C 408 44.47 -16.69 -1.21
N ILE C 409 43.79 -16.74 -2.36
CA ILE C 409 42.35 -16.56 -2.41
C ILE C 409 41.65 -17.64 -1.61
N ASP C 410 42.12 -18.89 -1.75
CA ASP C 410 41.51 -19.99 -1.00
C ASP C 410 41.65 -19.79 0.50
N GLU C 411 42.83 -19.35 0.95
CA GLU C 411 43.03 -19.12 2.38
C GLU C 411 42.13 -17.99 2.88
N THR C 412 42.05 -16.90 2.12
CA THR C 412 41.21 -15.77 2.52
C THR C 412 39.74 -16.17 2.56
N VAL C 413 39.30 -16.96 1.58
CA VAL C 413 37.92 -17.42 1.54
C VAL C 413 37.65 -18.37 2.71
N ALA C 414 38.64 -19.18 3.08
CA ALA C 414 38.49 -20.05 4.25
C ALA C 414 38.28 -19.23 5.51
N ARG C 415 39.07 -18.17 5.68
CA ARG C 415 38.88 -17.29 6.84
C ARG C 415 37.49 -16.63 6.80
N TYR C 416 37.07 -16.18 5.62
CA TYR C 416 35.77 -15.53 5.49
C TYR C 416 34.64 -16.49 5.83
N LYS C 417 34.75 -17.73 5.39
CA LYS C 417 33.72 -18.72 5.72
C LYS C 417 33.73 -19.08 7.20
N ALA C 418 34.91 -19.10 7.82
CA ALA C 418 34.97 -19.28 9.27
C ALA C 418 34.24 -18.14 9.98
N GLN C 419 34.46 -16.91 9.53
CA GLN C 419 33.76 -15.77 10.11
C GLN C 419 32.25 -15.86 9.87
N PHE C 420 31.84 -16.33 8.69
CA PHE C 420 30.42 -16.45 8.39
C PHE C 420 29.76 -17.50 9.29
N THR C 421 30.43 -18.64 9.50
CA THR C 421 29.91 -19.64 10.41
C THR C 421 29.88 -19.13 11.84
N GLN C 422 30.89 -18.35 12.24
CA GLN C 422 30.87 -17.73 13.57
C GLN C 422 29.69 -16.80 13.73
N LEU C 423 29.42 -15.99 12.70
CA LEU C 423 28.27 -15.07 12.74
C LEU C 423 26.97 -15.86 12.83
N ASP C 424 26.87 -16.96 12.08
CA ASP C 424 25.67 -17.79 12.15
C ASP C 424 25.48 -18.36 13.54
N THR C 425 26.58 -18.81 14.17
CA THR C 425 26.48 -19.34 15.52
C THR C 425 26.04 -18.26 16.51
N MET C 426 26.60 -17.06 16.41
CA MET C 426 26.19 -15.96 17.27
C MET C 426 24.73 -15.59 17.08
N MET C 427 24.24 -15.56 15.84
CA MET C 427 22.83 -15.28 15.61
C MET C 427 21.94 -16.40 16.11
N SER C 428 22.42 -17.64 16.06
CA SER C 428 21.64 -18.76 16.61
C SER C 428 21.56 -18.68 18.13
N LYS C 429 22.64 -18.24 18.79
CA LYS C 429 22.62 -18.11 20.24
C LYS C 429 21.57 -17.09 20.69
N LEU C 430 21.44 -15.98 19.96
CA LEU C 430 20.45 -14.97 20.28
C LEU C 430 19.05 -15.46 19.92
N PHE D 1 44.48 7.90 0.00
CA PHE D 1 45.21 8.70 -0.97
C PHE D 1 44.35 9.04 -2.19
N THR D 2 44.11 10.34 -2.40
CA THR D 2 43.44 10.83 -3.59
C THR D 2 44.39 11.03 -4.75
N ALA D 3 45.67 11.32 -4.47
CA ALA D 3 46.64 11.53 -5.54
C ALA D 3 46.93 10.23 -6.28
N ASN D 4 46.65 9.09 -5.65
CA ASN D 4 46.88 7.80 -6.29
C ASN D 4 46.01 7.65 -7.53
N ILE D 5 44.76 8.09 -7.46
CA ILE D 5 43.84 7.93 -8.59
C ILE D 5 44.33 8.72 -9.80
N LYS D 6 44.68 9.99 -9.59
CA LYS D 6 45.14 10.82 -10.71
C LYS D 6 46.48 10.33 -11.23
N GLY D 7 47.35 9.86 -10.33
CA GLY D 7 48.61 9.31 -10.77
C GLY D 7 48.44 8.09 -11.64
N LEU D 8 47.53 7.18 -11.25
CA LEU D 8 47.26 6.01 -12.07
C LEU D 8 46.66 6.39 -13.41
N THR D 9 45.73 7.35 -13.42
CA THR D 9 45.13 7.76 -14.69
C THR D 9 46.18 8.36 -15.62
N GLN D 10 47.02 9.25 -15.11
CA GLN D 10 48.02 9.87 -15.96
C GLN D 10 49.09 8.87 -16.39
N ALA D 11 49.42 7.89 -15.55
CA ALA D 11 50.34 6.83 -15.95
C ALA D 11 49.74 5.99 -17.08
N SER D 12 48.45 5.67 -16.99
CA SER D 12 47.80 4.92 -18.04
C SER D 12 47.78 5.70 -19.35
N ARG D 13 47.46 7.00 -19.28
CA ARG D 13 47.50 7.81 -20.49
C ARG D 13 48.91 7.98 -21.03
N ASN D 14 49.92 8.00 -20.16
CA ASN D 14 51.30 8.06 -20.63
C ASN D 14 51.69 6.77 -21.35
N ALA D 15 51.26 5.63 -20.83
CA ALA D 15 51.50 4.36 -21.52
C ALA D 15 50.77 4.33 -22.86
N ASN D 16 49.54 4.84 -22.89
CA ASN D 16 48.81 4.93 -24.15
C ASN D 16 49.50 5.84 -25.15
N ASP D 17 50.05 6.96 -24.67
CA ASP D 17 50.83 7.84 -25.53
C ASP D 17 52.08 7.15 -26.04
N GLY D 18 52.72 6.32 -25.20
CA GLY D 18 53.85 5.54 -25.67
C GLY D 18 53.48 4.55 -26.76
N ILE D 19 52.32 3.90 -26.60
CA ILE D 19 51.84 2.99 -27.63
C ILE D 19 51.54 3.76 -28.92
N SER D 20 50.94 4.94 -28.80
CA SER D 20 50.70 5.78 -29.96
C SER D 20 52.01 6.21 -30.62
N ILE D 21 53.03 6.48 -29.82
CA ILE D 21 54.35 6.80 -30.36
C ILE D 21 54.89 5.61 -31.16
N ALA D 22 54.74 4.41 -30.61
CA ALA D 22 55.21 3.22 -31.33
C ALA D 22 54.48 3.05 -32.65
N GLN D 23 53.15 3.20 -32.64
CA GLN D 23 52.39 3.00 -33.88
C GLN D 23 52.69 4.08 -34.91
N THR D 24 52.83 5.34 -34.48
CA THR D 24 53.13 6.40 -35.42
C THR D 24 54.57 6.30 -35.91
N THR D 25 55.47 5.75 -35.11
CA THR D 25 56.81 5.46 -35.59
C THR D 25 56.80 4.35 -36.63
N GLU D 26 55.95 3.34 -36.45
CA GLU D 26 55.78 2.34 -37.50
C GLU D 26 55.25 2.96 -38.78
N GLY D 27 54.25 3.84 -38.66
CA GLY D 27 53.73 4.51 -39.84
C GLY D 27 54.78 5.37 -40.54
N ALA D 28 55.55 6.12 -39.77
CA ALA D 28 56.62 6.94 -40.33
C ALA D 28 57.68 6.08 -41.00
N LEU D 29 58.04 4.95 -40.37
CA LEU D 29 59.02 4.05 -40.94
C LEU D 29 58.53 3.47 -42.26
N ASN D 30 57.25 3.06 -42.31
CA ASN D 30 56.68 2.58 -43.55
C ASN D 30 56.74 3.65 -44.62
N GLU D 31 56.37 4.88 -44.28
CA GLU D 31 56.35 5.95 -45.27
C GLU D 31 57.76 6.24 -45.79
N ILE D 32 58.74 6.33 -44.87
CA ILE D 32 60.09 6.70 -45.29
C ILE D 32 60.74 5.56 -46.07
N ASN D 33 60.42 4.30 -45.74
CA ASN D 33 61.00 3.22 -46.53
C ASN D 33 60.34 3.11 -47.89
N ASN D 34 59.04 3.43 -48.00
CA ASN D 34 58.43 3.56 -49.31
C ASN D 34 59.11 4.64 -50.13
N ASN D 35 59.40 5.78 -49.49
CA ASN D 35 60.11 6.85 -50.17
C ASN D 35 61.50 6.41 -50.60
N LEU D 36 62.20 5.66 -49.74
CA LEU D 36 63.53 5.17 -50.09
C LEU D 36 63.47 4.21 -51.27
N GLN D 37 62.46 3.33 -51.30
CA GLN D 37 62.29 2.45 -52.43
C GLN D 37 62.06 3.24 -53.71
N ARG D 38 61.20 4.26 -53.64
CA ARG D 38 60.95 5.10 -54.81
C ARG D 38 62.21 5.83 -55.25
N VAL D 39 63.01 6.31 -54.29
CA VAL D 39 64.20 7.07 -54.61
C VAL D 39 65.25 6.17 -55.27
N ARG D 40 65.45 4.96 -54.74
CA ARG D 40 66.39 4.06 -55.38
C ARG D 40 65.89 3.58 -56.74
N GLU D 41 64.56 3.44 -56.88
CA GLU D 41 63.96 3.18 -58.19
C GLU D 41 64.32 4.28 -59.17
N LEU D 42 64.17 5.54 -58.74
CA LEU D 42 64.49 6.68 -59.59
C LEU D 42 65.98 6.71 -59.93
N ALA D 43 66.83 6.40 -58.95
CA ALA D 43 68.27 6.40 -59.20
C ALA D 43 68.66 5.34 -60.22
N VAL D 44 68.09 4.13 -60.10
CA VAL D 44 68.38 3.09 -61.08
C VAL D 44 67.85 3.48 -62.45
N GLN D 45 66.65 4.07 -62.51
CA GLN D 45 66.08 4.48 -63.78
C GLN D 45 66.92 5.56 -64.46
N SER D 46 67.40 6.53 -63.69
CA SER D 46 68.16 7.64 -64.23
C SER D 46 69.64 7.33 -64.42
N ALA D 47 70.12 6.21 -63.89
CA ALA D 47 71.51 5.83 -64.12
C ALA D 47 71.78 5.62 -65.61
N ASN D 48 70.86 4.95 -66.29
CA ASN D 48 70.97 4.78 -67.74
C ASN D 48 70.62 6.09 -68.45
N SER D 49 71.34 6.38 -69.52
CA SER D 49 71.16 7.61 -70.28
C SER D 49 70.25 7.44 -71.49
N THR D 50 69.75 6.22 -71.75
CA THR D 50 68.92 6.00 -72.92
C THR D 50 67.54 6.63 -72.77
N ASN D 51 67.03 6.70 -71.55
CA ASN D 51 65.71 7.27 -71.32
C ASN D 51 65.73 8.77 -71.51
N SER D 52 64.56 9.33 -71.83
CA SER D 52 64.45 10.77 -72.05
C SER D 52 64.64 11.53 -70.75
N GLN D 53 65.35 12.65 -70.83
CA GLN D 53 65.61 13.47 -69.65
C GLN D 53 64.36 14.18 -69.15
N SER D 54 63.45 14.55 -70.05
CA SER D 54 62.22 15.22 -69.63
C SER D 54 61.38 14.33 -68.73
N ASP D 55 61.25 13.05 -69.08
CA ASP D 55 60.50 12.12 -68.25
C ASP D 55 61.16 11.95 -66.89
N LEU D 56 62.49 11.87 -66.86
CA LEU D 56 63.20 11.75 -65.59
C LEU D 56 62.98 12.98 -64.72
N ASP D 57 63.02 14.17 -65.32
CA ASP D 57 62.78 15.39 -64.55
C ASP D 57 61.35 15.43 -64.03
N SER D 58 60.38 15.00 -64.84
CA SER D 58 58.99 14.95 -64.40
C SER D 58 58.83 13.98 -63.23
N ILE D 59 59.49 12.82 -63.30
CA ILE D 59 59.41 11.86 -62.21
C ILE D 59 60.07 12.42 -60.95
N GLN D 60 61.20 13.12 -61.09
CA GLN D 60 61.84 13.75 -59.95
C GLN D 60 60.91 14.78 -59.30
N ALA D 61 60.24 15.59 -60.13
CA ALA D 61 59.32 16.58 -59.62
C ALA D 61 58.15 15.93 -58.90
N GLU D 62 57.60 14.85 -59.47
CA GLU D 62 56.51 14.14 -58.81
C GLU D 62 56.95 13.53 -57.48
N ILE D 63 58.16 12.96 -57.44
CA ILE D 63 58.68 12.40 -56.20
C ILE D 63 58.80 13.49 -55.13
N THR D 64 59.37 14.63 -55.50
CA THR D 64 59.51 15.73 -54.56
C THR D 64 58.14 16.22 -54.08
N GLN D 65 57.17 16.34 -55.00
CA GLN D 65 55.89 16.91 -54.61
C GLN D 65 55.11 15.97 -53.69
N ARG D 66 55.11 14.65 -53.95
CA ARG D 66 54.32 13.86 -53.03
C ARG D 66 55.10 13.59 -51.74
N LEU D 67 56.44 13.69 -51.78
CA LEU D 67 57.20 13.68 -50.54
C LEU D 67 56.82 14.88 -49.67
N ASN D 68 56.71 16.05 -50.27
CA ASN D 68 56.22 17.22 -49.56
C ASN D 68 54.80 17.00 -49.04
N GLU D 69 53.93 16.39 -49.85
CA GLU D 69 52.56 16.15 -49.43
C GLU D 69 52.50 15.22 -48.22
N ILE D 70 53.25 14.13 -48.26
CA ILE D 70 53.23 13.18 -47.14
C ILE D 70 53.86 13.79 -45.91
N ASP D 71 54.94 14.56 -46.07
CA ASP D 71 55.56 15.21 -44.93
C ASP D 71 54.61 16.21 -44.28
N ARG D 72 53.88 16.98 -45.09
CA ARG D 72 52.98 17.98 -44.52
C ARG D 72 51.75 17.34 -43.90
N VAL D 73 51.22 16.26 -44.48
CA VAL D 73 50.08 15.60 -43.86
C VAL D 73 50.51 14.89 -42.58
N SER D 74 51.75 14.40 -42.52
CA SER D 74 52.26 13.85 -41.26
C SER D 74 52.46 14.93 -40.22
N GLY D 75 52.91 16.12 -40.63
CA GLY D 75 53.13 17.22 -39.72
C GLY D 75 51.90 17.99 -39.31
N GLN D 76 50.78 17.79 -39.99
CA GLN D 76 49.52 18.42 -39.58
C GLN D 76 48.64 17.48 -38.76
N THR D 77 49.08 16.26 -38.50
CA THR D 77 48.36 15.33 -37.64
C THR D 77 49.02 15.32 -36.28
N GLN D 78 48.42 16.05 -35.33
CA GLN D 78 48.92 16.10 -33.96
C GLN D 78 47.77 15.80 -33.02
N PHE D 79 47.71 14.56 -32.52
CA PHE D 79 46.71 14.15 -31.54
C PHE D 79 47.42 13.96 -30.21
N ASN D 80 46.88 14.58 -29.16
CA ASN D 80 47.46 14.57 -27.82
C ASN D 80 48.84 15.22 -27.77
N GLY D 81 49.20 15.96 -28.82
CA GLY D 81 50.45 16.69 -28.84
C GLY D 81 51.70 15.88 -29.05
N VAL D 82 51.58 14.67 -29.60
CA VAL D 82 52.74 13.81 -29.85
C VAL D 82 52.97 13.74 -31.35
N LYS D 83 54.18 14.07 -31.78
CA LYS D 83 54.57 14.07 -33.18
C LYS D 83 56.07 14.28 -33.27
N VAL D 84 56.72 13.52 -34.15
CA VAL D 84 58.18 13.49 -34.21
C VAL D 84 58.73 14.50 -35.21
N LEU D 85 58.22 14.47 -36.45
CA LEU D 85 58.84 15.24 -37.53
C LEU D 85 58.62 16.74 -37.40
N ALA D 86 57.76 17.19 -36.49
CA ALA D 86 57.37 18.60 -36.43
C ALA D 86 58.03 19.35 -35.30
N GLN D 87 57.91 18.87 -34.06
CA GLN D 87 58.30 19.66 -32.90
C GLN D 87 59.28 18.88 -32.03
N ASP D 88 60.04 19.63 -31.24
CA ASP D 88 60.89 19.08 -30.20
C ASP D 88 60.15 19.13 -28.87
N ASN D 89 59.97 17.97 -28.25
CA ASN D 89 59.27 17.93 -26.97
C ASN D 89 59.85 16.82 -26.10
N THR D 90 59.89 17.08 -24.79
CA THR D 90 60.37 16.12 -23.82
C THR D 90 59.20 15.67 -22.96
N LEU D 91 59.05 14.36 -22.81
CA LEU D 91 57.98 13.77 -22.02
C LEU D 91 58.61 12.89 -20.94
N THR D 92 58.26 13.17 -19.68
CA THR D 92 58.78 12.41 -18.55
C THR D 92 57.62 11.78 -17.78
N ILE D 93 57.80 10.51 -17.42
CA ILE D 93 56.78 9.82 -16.63
C ILE D 93 56.92 10.23 -15.17
N GLN D 94 55.78 10.53 -14.54
CA GLN D 94 55.80 10.99 -13.16
C GLN D 94 56.29 9.89 -12.24
N VAL D 95 57.05 10.28 -11.22
CA VAL D 95 57.50 9.36 -10.18
C VAL D 95 56.54 9.53 -9.00
N GLY D 96 55.44 8.80 -9.06
CA GLY D 96 54.45 8.82 -8.00
C GLY D 96 54.42 7.52 -7.23
N ALA D 97 55.60 6.91 -7.07
CA ALA D 97 55.80 5.61 -6.45
C ALA D 97 55.24 4.49 -7.32
N ASN D 98 54.60 4.85 -8.44
CA ASN D 98 54.14 3.85 -9.39
C ASN D 98 55.27 3.32 -10.25
N ASP D 99 56.21 4.19 -10.65
CA ASP D 99 57.34 3.82 -11.50
C ASP D 99 58.62 3.87 -10.68
N GLY D 100 59.41 2.79 -10.75
CA GLY D 100 60.64 2.75 -9.98
C GLY D 100 61.62 3.84 -10.38
N GLU D 101 61.82 4.00 -11.69
CA GLU D 101 62.68 5.06 -12.22
C GLU D 101 61.92 5.81 -13.30
N THR D 102 62.06 7.13 -13.30
CA THR D 102 61.41 7.95 -14.31
C THR D 102 62.27 8.03 -15.57
N ILE D 103 61.64 7.81 -16.72
CA ILE D 103 62.33 7.83 -18.00
C ILE D 103 61.83 9.03 -18.80
N ASP D 104 62.75 9.74 -19.43
CA ASP D 104 62.44 10.93 -20.22
C ASP D 104 62.71 10.64 -21.69
N ILE D 105 61.73 10.91 -22.53
CA ILE D 105 61.82 10.68 -23.97
C ILE D 105 61.84 12.03 -24.68
N ASP D 106 62.75 12.19 -25.63
CA ASP D 106 62.90 13.42 -26.40
C ASP D 106 62.51 13.13 -27.85
N LEU D 107 61.55 13.87 -28.36
CA LEU D 107 61.13 13.80 -29.76
C LEU D 107 61.66 15.07 -30.43
N LYS D 108 62.75 14.90 -31.18
CA LYS D 108 63.43 16.00 -31.84
C LYS D 108 62.97 16.13 -33.29
N GLN D 109 63.43 17.21 -33.94
CA GLN D 109 63.17 17.43 -35.35
C GLN D 109 63.82 16.32 -36.18
N ILE D 110 63.00 15.45 -36.76
CA ILE D 110 63.48 14.31 -37.54
C ILE D 110 62.75 14.36 -38.89
N ASN D 111 63.50 14.71 -39.94
CA ASN D 111 62.96 14.77 -41.29
C ASN D 111 64.01 14.33 -42.29
N SER D 112 63.54 13.79 -43.42
CA SER D 112 64.46 13.32 -44.46
C SER D 112 64.84 14.42 -45.44
N GLN D 113 64.09 15.53 -45.46
CA GLN D 113 64.41 16.61 -46.39
C GLN D 113 65.71 17.31 -45.99
N THR D 114 66.11 17.20 -44.73
CA THR D 114 67.39 17.75 -44.30
C THR D 114 68.54 17.03 -44.98
N LEU D 115 68.36 15.75 -45.29
CA LEU D 115 69.41 14.98 -45.94
C LEU D 115 69.69 15.45 -47.35
N GLY D 116 68.81 16.26 -47.93
CA GLY D 116 69.04 16.82 -49.25
C GLY D 116 68.59 15.97 -50.42
N LEU D 117 67.71 15.00 -50.19
CA LEU D 117 67.23 14.16 -51.30
C LEU D 117 66.43 14.99 -52.31
N ASP D 118 65.61 15.92 -51.83
CA ASP D 118 64.86 16.79 -52.73
C ASP D 118 65.79 17.68 -53.53
N THR D 119 66.94 18.04 -52.96
CA THR D 119 67.90 18.90 -53.65
C THR D 119 68.48 18.22 -54.89
N LEU D 120 68.40 16.90 -54.96
CA LEU D 120 68.99 16.17 -56.08
C LEU D 120 68.25 16.45 -57.37
N ASN D 121 68.99 16.48 -58.48
CA ASN D 121 68.43 16.57 -59.82
C ASN D 121 69.08 15.51 -60.70
N VAL D 122 68.27 14.77 -61.44
CA VAL D 122 68.79 13.70 -62.29
C VAL D 122 69.54 14.24 -63.51
N GLN D 123 69.13 15.37 -64.06
CA GLN D 123 69.72 15.90 -65.29
C GLN D 123 70.39 17.23 -65.02
N GLN D 124 71.62 17.36 -65.52
CA GLN D 124 72.36 18.61 -65.38
C GLN D 124 71.78 19.68 -66.29
N LYS D 125 71.84 20.93 -65.82
CA LYS D 125 71.26 22.04 -66.56
C LYS D 125 72.05 22.30 -67.84
N TYR D 126 71.33 22.56 -68.93
CA TYR D 126 71.93 22.89 -70.21
C TYR D 126 71.62 24.35 -70.56
N LYS D 127 72.56 25.00 -71.24
CA LYS D 127 72.37 26.40 -71.63
C LYS D 127 71.23 26.51 -72.63
N VAL D 128 70.43 27.56 -72.48
CA VAL D 128 69.25 27.75 -73.30
C VAL D 128 69.65 28.32 -74.66
N SER D 129 68.89 27.96 -75.69
CA SER D 129 69.13 28.50 -77.03
C SER D 129 68.67 29.95 -77.07
N ASP D 130 69.63 30.87 -77.19
CA ASP D 130 69.35 32.30 -77.13
C ASP D 130 69.24 32.86 -78.55
N THR D 131 68.18 33.62 -78.80
CA THR D 131 67.97 34.30 -80.08
C THR D 131 68.10 35.80 -79.84
N ALA D 132 68.98 36.44 -80.61
CA ALA D 132 69.22 37.87 -80.48
C ALA D 132 68.27 38.65 -81.37
N ALA D 133 67.78 39.78 -80.84
CA ALA D 133 66.85 40.66 -81.56
C ALA D 133 65.62 39.89 -82.04
N THR D 134 65.00 39.14 -81.13
CA THR D 134 63.80 38.38 -81.48
C THR D 134 62.63 39.31 -81.82
N VAL D 135 62.55 40.47 -81.15
CA VAL D 135 61.52 41.47 -81.40
C VAL D 135 60.14 40.84 -81.27
N THR D 136 59.82 40.33 -80.08
CA THR D 136 58.51 39.75 -79.81
C THR D 136 57.97 40.34 -78.51
N GLY D 137 56.64 40.48 -78.45
CA GLY D 137 56.00 41.02 -77.27
C GLY D 137 56.05 42.53 -77.21
N TYR D 138 55.49 43.06 -76.13
CA TYR D 138 55.48 44.49 -75.86
C TYR D 138 55.61 44.73 -74.37
N ALA D 139 55.69 46.00 -73.99
CA ALA D 139 55.72 46.42 -72.60
C ALA D 139 54.55 47.36 -72.34
N ASP D 140 53.83 47.12 -71.24
CA ASP D 140 52.69 47.95 -70.89
C ASP D 140 53.17 49.27 -70.29
N THR D 141 52.63 50.38 -70.80
CA THR D 141 52.99 51.71 -70.32
C THR D 141 51.74 52.56 -70.19
N THR D 142 51.78 53.50 -69.24
CA THR D 142 50.69 54.43 -69.01
C THR D 142 51.12 55.88 -69.17
N ILE D 143 52.30 56.13 -69.74
CA ILE D 143 52.77 57.49 -69.92
C ILE D 143 51.94 58.20 -70.98
N ALA D 144 51.82 59.53 -70.84
CA ALA D 144 51.06 60.34 -71.79
C ALA D 144 51.77 61.67 -71.98
N LEU D 145 51.33 62.42 -72.97
CA LEU D 145 51.91 63.72 -73.25
C LEU D 145 51.67 64.67 -72.07
N ASP D 146 52.63 65.57 -71.86
CA ASP D 146 52.56 66.49 -70.74
C ASP D 146 51.31 67.36 -70.83
N ASN D 147 50.62 67.51 -69.70
CA ASN D 147 49.37 68.26 -69.69
C ASN D 147 49.60 69.74 -69.97
N SER D 148 50.65 70.32 -69.40
CA SER D 148 50.86 71.76 -69.53
C SER D 148 51.13 72.16 -70.97
N THR D 149 52.11 71.50 -71.62
CA THR D 149 52.46 71.87 -72.98
C THR D 149 51.34 71.58 -73.96
N PHE D 150 50.67 70.43 -73.80
CA PHE D 150 49.55 70.10 -74.68
C PHE D 150 48.41 71.09 -74.52
N LYS D 151 48.09 71.46 -73.27
CA LYS D 151 47.04 72.44 -73.04
C LYS D 151 47.39 73.80 -73.62
N ALA D 152 48.66 74.22 -73.45
CA ALA D 152 49.08 75.50 -74.03
C ALA D 152 48.98 75.48 -75.54
N SER D 153 49.41 74.38 -76.17
CA SER D 153 49.32 74.27 -77.62
C SER D 153 47.87 74.28 -78.08
N ALA D 154 46.99 73.59 -77.36
CA ALA D 154 45.58 73.57 -77.73
C ALA D 154 44.95 74.96 -77.61
N THR D 155 45.28 75.68 -76.54
CA THR D 155 44.75 77.03 -76.37
C THR D 155 45.27 77.97 -77.45
N GLY D 156 46.56 77.86 -77.77
CA GLY D 156 47.13 78.74 -78.79
C GLY D 156 46.59 78.46 -80.18
N LEU D 157 46.41 77.18 -80.51
CA LEU D 157 45.96 76.81 -81.85
C LEU D 157 44.54 77.26 -82.14
N GLY D 158 43.72 77.48 -81.11
CA GLY D 158 42.35 77.90 -81.30
C GLY D 158 41.38 76.74 -81.28
N GLY D 159 40.14 77.05 -81.64
CA GLY D 159 39.09 76.05 -81.65
C GLY D 159 37.97 76.36 -80.68
N THR D 160 36.73 76.20 -81.12
CA THR D 160 35.59 76.50 -80.25
C THR D 160 35.55 75.56 -79.06
N ASP D 161 35.85 74.29 -79.27
CA ASP D 161 35.80 73.28 -78.22
C ASP D 161 37.21 72.97 -77.73
N GLN D 162 37.46 73.26 -76.45
CA GLN D 162 38.71 72.91 -75.80
C GLN D 162 38.56 71.71 -74.86
N LYS D 163 37.34 71.21 -74.67
CA LYS D 163 37.13 70.03 -73.84
C LYS D 163 37.64 68.78 -74.55
N ILE D 164 38.36 67.95 -73.81
CA ILE D 164 38.92 66.72 -74.35
C ILE D 164 37.81 65.67 -74.40
N ASP D 165 37.68 65.02 -75.56
CA ASP D 165 36.64 64.01 -75.79
C ASP D 165 37.31 62.64 -75.72
N GLY D 166 37.12 61.94 -74.60
CA GLY D 166 37.68 60.62 -74.43
C GLY D 166 39.15 60.64 -74.08
N ASP D 167 39.71 59.44 -73.95
CA ASP D 167 41.12 59.28 -73.63
C ASP D 167 41.97 59.56 -74.86
N LEU D 168 43.23 59.94 -74.61
CA LEU D 168 44.16 60.21 -75.69
C LEU D 168 44.40 58.95 -76.52
N LYS D 169 44.47 59.12 -77.83
CA LYS D 169 44.59 57.99 -78.75
C LYS D 169 46.06 57.74 -79.09
N PHE D 170 46.49 56.49 -78.91
CA PHE D 170 47.81 56.04 -79.31
C PHE D 170 47.66 54.74 -80.09
N ASP D 171 48.42 54.60 -81.18
CA ASP D 171 48.33 53.44 -82.04
C ASP D 171 49.61 52.62 -81.91
N ASP D 172 49.47 51.34 -81.57
CA ASP D 172 50.63 50.48 -81.42
C ASP D 172 51.26 50.14 -82.77
N THR D 173 50.44 50.05 -83.83
CA THR D 173 50.97 49.74 -85.14
C THR D 173 51.90 50.85 -85.65
N THR D 174 51.46 52.10 -85.53
CA THR D 174 52.31 53.21 -85.94
C THR D 174 53.41 53.49 -84.92
N GLY D 175 53.08 53.38 -83.63
CA GLY D 175 54.04 53.62 -82.57
C GLY D 175 54.31 55.07 -82.28
N LYS D 176 53.53 55.99 -82.81
CA LYS D 176 53.72 57.42 -82.61
C LYS D 176 52.44 58.04 -82.06
N TYR D 177 52.62 59.07 -81.23
CA TYR D 177 51.47 59.82 -80.73
C TYR D 177 50.85 60.65 -81.85
N TYR D 178 49.55 60.93 -81.70
CA TYR D 178 48.79 61.71 -82.66
C TYR D 178 48.21 62.95 -81.99
N ALA D 179 48.26 64.06 -82.72
CA ALA D 179 47.71 65.34 -82.27
C ALA D 179 46.50 65.69 -83.13
N LYS D 180 45.49 66.29 -82.51
CA LYS D 180 44.25 66.66 -83.19
C LYS D 180 44.14 68.17 -83.23
N VAL D 181 43.83 68.71 -84.41
CA VAL D 181 43.66 70.14 -84.61
C VAL D 181 42.28 70.39 -85.19
N THR D 182 41.51 71.26 -84.55
CA THR D 182 40.19 71.62 -85.05
C THR D 182 40.32 72.55 -86.26
N VAL D 183 39.40 72.39 -87.20
CA VAL D 183 39.37 73.20 -88.42
C VAL D 183 38.10 74.03 -88.42
N THR D 184 38.25 75.34 -88.56
CA THR D 184 37.11 76.25 -88.57
C THR D 184 36.50 76.32 -89.97
N GLY D 185 35.18 76.27 -90.03
CA GLY D 185 34.46 76.36 -91.28
C GLY D 185 34.37 75.08 -92.08
N GLY D 186 34.86 73.97 -91.56
CA GLY D 186 34.82 72.71 -92.28
C GLY D 186 34.34 71.58 -91.39
N THR D 187 33.52 70.71 -91.98
CA THR D 187 32.98 69.56 -91.26
C THR D 187 33.71 68.30 -91.70
N GLY D 188 34.24 67.56 -90.73
CA GLY D 188 34.96 66.34 -91.02
C GLY D 188 36.42 66.51 -91.37
N LYS D 189 36.92 67.74 -91.43
CA LYS D 189 38.33 67.95 -91.73
C LYS D 189 39.22 67.66 -90.54
N ASP D 190 38.66 67.58 -89.33
CA ASP D 190 39.45 67.26 -88.15
C ASP D 190 40.00 65.85 -88.24
N GLY D 191 41.22 65.66 -87.74
CA GLY D 191 41.85 64.35 -87.78
C GLY D 191 43.09 64.33 -86.93
N TYR D 192 43.54 63.12 -86.62
CA TYR D 192 44.75 62.91 -85.83
C TYR D 192 45.94 62.75 -86.76
N TYR D 193 46.98 63.55 -86.52
CA TYR D 193 48.20 63.53 -87.31
C TYR D 193 49.35 63.06 -86.42
N GLU D 194 50.16 62.14 -86.94
CA GLU D 194 51.24 61.55 -86.17
C GLU D 194 52.39 62.53 -86.02
N VAL D 195 52.89 62.66 -84.79
CA VAL D 195 54.04 63.50 -84.48
C VAL D 195 54.99 62.73 -83.58
N SER D 196 56.25 63.15 -83.59
CA SER D 196 57.26 62.57 -82.72
C SER D 196 57.58 63.55 -81.60
N VAL D 197 57.56 63.07 -80.36
CA VAL D 197 57.80 63.89 -79.18
C VAL D 197 59.16 63.55 -78.61
N ASP D 198 60.03 64.55 -78.54
CA ASP D 198 61.37 64.37 -77.98
C ASP D 198 61.32 64.63 -76.48
N LYS D 199 61.55 63.58 -75.69
CA LYS D 199 61.52 63.73 -74.23
C LYS D 199 62.64 64.65 -73.75
N THR D 200 63.83 64.51 -74.33
CA THR D 200 64.96 65.36 -73.93
C THR D 200 64.69 66.82 -74.27
N ASN D 201 64.15 67.08 -75.46
CA ASN D 201 63.91 68.47 -75.88
C ASN D 201 62.82 69.13 -75.05
N GLY D 202 61.68 68.45 -74.90
CA GLY D 202 60.57 69.01 -74.15
C GLY D 202 59.76 70.06 -74.89
N GLU D 203 59.98 70.23 -76.19
CA GLU D 203 59.29 71.24 -76.98
C GLU D 203 58.49 70.55 -78.09
N VAL D 204 57.27 71.03 -78.31
CA VAL D 204 56.43 70.46 -79.37
C VAL D 204 56.85 71.05 -80.71
N THR D 205 57.20 70.18 -81.65
CA THR D 205 57.63 70.59 -82.97
C THR D 205 56.86 69.81 -84.03
N LEU D 206 56.41 70.52 -85.06
CA LEU D 206 55.66 69.86 -86.13
C LEU D 206 56.56 68.92 -86.92
N ALA D 207 56.03 67.75 -87.27
CA ALA D 207 56.77 66.74 -88.00
C ALA D 207 56.51 66.90 -89.49
N GLY D 208 57.53 67.32 -90.23
CA GLY D 208 57.44 67.49 -91.67
C GLY D 208 57.02 68.86 -92.14
N GLY D 209 56.43 69.67 -91.27
CA GLY D 209 56.04 71.03 -91.64
C GLY D 209 55.07 71.10 -92.80
N ALA D 210 54.07 70.23 -92.82
CA ALA D 210 53.08 70.19 -93.89
C ALA D 210 51.84 70.95 -93.43
N THR D 211 51.76 72.23 -93.82
CA THR D 211 50.60 73.04 -93.46
C THR D 211 49.37 72.61 -94.24
N SER D 212 49.54 72.26 -95.51
CA SER D 212 48.40 71.82 -96.32
C SER D 212 48.02 70.39 -95.97
N PRO D 213 46.79 70.15 -95.51
CA PRO D 213 46.39 68.78 -95.20
C PRO D 213 46.27 67.92 -96.44
N LEU D 214 46.57 66.63 -96.27
CA LEU D 214 46.41 65.68 -97.36
C LEU D 214 44.93 65.40 -97.61
N THR D 215 44.59 65.09 -98.85
CA THR D 215 43.21 64.82 -99.22
C THR D 215 42.68 63.59 -98.52
N GLY D 216 41.41 63.65 -98.12
CA GLY D 216 40.75 62.57 -97.42
C GLY D 216 40.66 62.75 -95.92
N GLY D 217 41.45 63.65 -95.33
CA GLY D 217 41.38 63.88 -93.90
C GLY D 217 41.81 62.65 -93.12
N LEU D 218 40.99 62.27 -92.14
CA LEU D 218 41.32 61.14 -91.29
C LEU D 218 41.22 59.83 -92.09
N PRO D 219 42.21 58.95 -91.98
CA PRO D 219 42.12 57.65 -92.65
C PRO D 219 40.92 56.85 -92.13
N ALA D 220 40.31 56.09 -93.05
CA ALA D 220 39.10 55.35 -92.74
C ALA D 220 39.37 53.91 -92.31
N THR D 221 40.64 53.55 -92.09
CA THR D 221 40.96 52.17 -91.70
C THR D 221 40.32 51.80 -90.36
N ALA D 222 40.41 52.69 -89.38
CA ALA D 222 39.83 52.46 -88.06
C ALA D 222 39.00 53.67 -87.65
N THR D 223 37.73 53.43 -87.34
CA THR D 223 36.83 54.48 -86.89
C THR D 223 36.57 54.44 -85.39
N GLU D 224 37.25 53.55 -84.66
CA GLU D 224 37.06 53.40 -83.22
C GLU D 224 38.40 53.51 -82.51
N ASP D 225 38.42 54.23 -81.39
CA ASP D 225 39.62 54.32 -80.58
C ASP D 225 39.86 53.02 -79.84
N VAL D 226 41.14 52.76 -79.53
CA VAL D 226 41.56 51.50 -78.94
C VAL D 226 42.02 51.78 -77.50
N LYS D 227 41.48 51.02 -76.55
CA LYS D 227 41.83 51.21 -75.15
C LYS D 227 43.28 50.80 -74.88
N ASN D 228 43.70 49.66 -75.41
CA ASN D 228 45.03 49.15 -75.14
C ASN D 228 46.09 49.95 -75.88
N VAL D 229 47.13 50.35 -75.14
CA VAL D 229 48.26 51.08 -75.70
C VAL D 229 49.53 50.33 -75.36
N GLN D 230 50.34 50.04 -76.38
CA GLN D 230 51.56 49.27 -76.22
C GLN D 230 52.75 50.03 -76.80
N VAL D 231 53.90 49.87 -76.16
CA VAL D 231 55.14 50.49 -76.59
C VAL D 231 56.11 49.38 -76.99
N ALA D 232 57.23 49.76 -77.60
CA ALA D 232 58.19 48.79 -78.09
C ALA D 232 58.76 47.96 -76.96
N ASN D 233 59.11 46.71 -77.27
CA ASN D 233 59.61 45.73 -76.30
C ASN D 233 61.09 45.92 -75.99
N ALA D 234 61.67 47.09 -76.28
CA ALA D 234 63.07 47.35 -76.01
C ALA D 234 63.29 48.14 -74.73
N ASP D 235 62.33 48.97 -74.33
CA ASP D 235 62.51 49.80 -73.15
C ASP D 235 62.30 49.00 -71.87
N LEU D 236 61.09 48.47 -71.69
CA LEU D 236 60.71 47.75 -70.46
C LEU D 236 60.97 48.61 -69.22
N THR D 237 60.30 49.77 -69.18
CA THR D 237 60.45 50.66 -68.04
C THR D 237 59.88 50.04 -66.77
N GLU D 238 58.83 49.25 -66.89
CA GLU D 238 58.30 48.55 -65.72
C GLU D 238 59.29 47.50 -65.22
N ALA D 239 59.90 46.75 -66.13
CA ALA D 239 60.89 45.75 -65.73
C ALA D 239 62.12 46.42 -65.12
N LYS D 240 62.56 47.54 -65.71
CA LYS D 240 63.71 48.26 -65.15
C LYS D 240 63.39 48.81 -63.76
N ALA D 241 62.17 49.34 -63.58
CA ALA D 241 61.77 49.83 -62.26
C ALA D 241 61.74 48.68 -61.24
N ALA D 242 61.21 47.53 -61.64
CA ALA D 242 61.20 46.38 -60.75
C ALA D 242 62.61 45.94 -60.38
N LEU D 243 63.53 45.93 -61.35
CA LEU D 243 64.91 45.58 -61.08
C LEU D 243 65.56 46.57 -60.12
N THR D 244 65.33 47.87 -60.34
CA THR D 244 65.92 48.87 -59.45
C THR D 244 65.36 48.74 -58.04
N ALA D 245 64.07 48.44 -57.92
CA ALA D 245 63.50 48.16 -56.60
C ALA D 245 64.14 46.94 -55.96
N ALA D 246 64.37 45.89 -56.76
CA ALA D 246 65.02 44.69 -56.23
C ALA D 246 66.51 44.92 -55.99
N GLY D 247 67.14 45.79 -56.77
CA GLY D 247 68.56 46.05 -56.62
C GLY D 247 69.47 45.11 -57.37
N VAL D 248 68.94 44.28 -58.26
CA VAL D 248 69.76 43.35 -59.03
C VAL D 248 69.69 43.75 -60.50
N THR D 249 69.45 45.03 -60.75
CA THR D 249 69.34 45.54 -62.12
C THR D 249 70.65 45.36 -62.87
N GLY D 250 70.55 45.09 -64.16
CA GLY D 250 71.73 44.92 -64.99
C GLY D 250 71.35 44.81 -66.44
N THR D 251 72.32 45.14 -67.31
CA THR D 251 72.14 45.08 -68.75
C THR D 251 73.07 44.00 -69.31
N ALA D 252 72.49 43.05 -70.05
CA ALA D 252 73.23 41.94 -70.61
C ALA D 252 72.46 41.37 -71.79
N SER D 253 73.02 40.34 -72.40
CA SER D 253 72.38 39.69 -73.54
C SER D 253 71.08 39.02 -73.11
N VAL D 254 70.04 39.17 -73.92
CA VAL D 254 68.74 38.61 -73.59
C VAL D 254 68.78 37.09 -73.72
N VAL D 255 68.05 36.41 -72.83
CA VAL D 255 67.98 34.96 -72.81
C VAL D 255 66.52 34.54 -72.65
N LYS D 256 66.24 33.29 -73.01
CA LYS D 256 64.91 32.73 -72.91
C LYS D 256 64.90 31.59 -71.90
N MET D 257 63.91 31.61 -71.00
CA MET D 257 63.80 30.64 -69.94
C MET D 257 62.98 29.45 -70.43
N SER D 258 63.65 28.34 -70.71
CA SER D 258 63.00 27.15 -71.24
C SER D 258 63.80 25.93 -70.80
N TYR D 259 63.48 24.80 -71.42
CA TYR D 259 64.19 23.55 -71.18
C TYR D 259 64.95 23.19 -72.46
N THR D 260 66.25 22.91 -72.31
CA THR D 260 67.12 22.66 -73.45
C THR D 260 67.20 21.16 -73.71
N ASP D 261 66.99 20.77 -74.96
CA ASP D 261 67.08 19.38 -75.38
C ASP D 261 67.55 19.33 -76.84
N ASN D 262 67.70 18.11 -77.35
CA ASN D 262 68.11 17.95 -78.74
C ASN D 262 67.06 18.51 -79.70
N ASN D 263 65.78 18.30 -79.40
CA ASN D 263 64.72 18.82 -80.24
C ASN D 263 64.59 20.33 -80.14
N GLY D 264 65.24 20.96 -79.17
CA GLY D 264 65.21 22.40 -79.04
C GLY D 264 63.85 22.99 -78.76
N LYS D 265 63.07 22.36 -77.89
CA LYS D 265 61.76 22.87 -77.55
C LYS D 265 61.89 24.16 -76.74
N THR D 266 61.00 25.11 -77.02
CA THR D 266 61.00 26.41 -76.36
C THR D 266 59.79 26.50 -75.43
N ILE D 267 60.05 26.90 -74.19
CA ILE D 267 59.01 27.03 -73.16
C ILE D 267 58.83 28.50 -72.86
N ASP D 268 57.58 28.97 -72.89
CA ASP D 268 57.27 30.38 -72.61
C ASP D 268 57.23 30.57 -71.10
N GLY D 269 58.43 30.66 -70.52
CA GLY D 269 58.55 30.89 -69.09
C GLY D 269 58.64 32.36 -68.74
N GLY D 270 58.44 33.21 -69.73
CA GLY D 270 58.50 34.65 -69.52
C GLY D 270 59.84 35.24 -69.94
N LEU D 271 59.85 36.54 -70.16
CA LEU D 271 61.03 37.28 -70.59
C LEU D 271 61.61 38.03 -69.40
N ALA D 272 62.79 37.62 -68.94
CA ALA D 272 63.51 38.30 -67.88
C ALA D 272 64.96 38.46 -68.27
N VAL D 273 65.53 39.63 -67.97
CA VAL D 273 66.91 39.95 -68.32
C VAL D 273 67.62 40.24 -67.00
N LYS D 274 68.38 39.25 -66.51
CA LYS D 274 69.14 39.38 -65.28
C LYS D 274 70.59 39.00 -65.54
N VAL D 275 71.51 39.74 -64.92
CA VAL D 275 72.92 39.44 -65.07
C VAL D 275 73.27 38.12 -64.37
N GLY D 276 72.65 37.87 -63.21
CA GLY D 276 72.95 36.66 -62.49
C GLY D 276 72.29 35.43 -63.10
N ASP D 277 72.71 34.26 -62.60
CA ASP D 277 72.11 33.01 -63.06
C ASP D 277 70.64 32.94 -62.71
N ASP D 278 70.28 33.36 -61.51
CA ASP D 278 68.88 33.38 -61.11
C ASP D 278 68.09 34.41 -61.92
N TYR D 279 66.88 34.05 -62.32
CA TYR D 279 66.02 34.90 -63.12
C TYR D 279 64.68 35.06 -62.42
N TYR D 280 64.30 36.31 -62.14
CA TYR D 280 63.01 36.57 -61.54
C TYR D 280 61.91 36.34 -62.58
N SER D 281 60.87 35.62 -62.18
CA SER D 281 59.82 35.24 -63.11
C SER D 281 58.94 36.42 -63.46
N ALA D 282 58.90 36.78 -64.75
CA ALA D 282 58.01 37.80 -65.28
C ALA D 282 57.09 37.14 -66.30
N THR D 283 55.79 37.33 -66.14
CA THR D 283 54.82 36.58 -66.94
C THR D 283 54.72 37.16 -68.34
N GLN D 284 55.00 36.32 -69.34
CA GLN D 284 54.78 36.69 -70.74
C GLN D 284 53.34 36.39 -71.09
N ASN D 285 52.46 37.38 -70.90
CA ASN D 285 51.03 37.17 -71.07
C ASN D 285 50.69 36.93 -72.53
N LYS D 286 49.56 36.26 -72.75
CA LYS D 286 49.12 35.91 -74.09
C LYS D 286 48.72 37.11 -74.92
N ASP D 287 48.47 38.27 -74.30
CA ASP D 287 48.10 39.46 -75.05
C ASP D 287 49.26 40.08 -75.80
N GLY D 288 50.50 39.62 -75.55
CA GLY D 288 51.67 40.17 -76.20
C GLY D 288 52.46 41.14 -75.35
N SER D 289 52.22 41.19 -74.05
CA SER D 289 52.95 42.09 -73.16
C SER D 289 53.49 41.31 -71.97
N ILE D 290 54.79 41.48 -71.70
CA ILE D 290 55.40 40.87 -70.53
C ILE D 290 55.19 41.77 -69.32
N SER D 291 54.77 41.18 -68.21
CA SER D 291 54.39 41.95 -67.04
C SER D 291 55.08 41.38 -65.80
N ILE D 292 55.25 42.24 -64.80
CA ILE D 292 55.90 41.83 -63.55
C ILE D 292 54.98 40.88 -62.79
N ASN D 293 55.52 39.75 -62.37
CA ASN D 293 54.75 38.70 -61.71
C ASN D 293 54.86 38.89 -60.19
N THR D 294 53.92 39.63 -59.61
CA THR D 294 53.87 39.78 -58.17
C THR D 294 53.36 38.50 -57.52
N THR D 295 54.09 38.02 -56.51
CA THR D 295 53.72 36.82 -55.77
C THR D 295 53.31 37.19 -54.36
N LYS D 296 52.29 36.52 -53.85
CA LYS D 296 51.78 36.75 -52.50
C LYS D 296 51.82 35.42 -51.75
N TYR D 297 52.37 35.45 -50.53
CA TYR D 297 52.58 34.23 -49.76
C TYR D 297 52.31 34.52 -48.29
N THR D 298 51.94 33.48 -47.56
CA THR D 298 51.69 33.60 -46.12
C THR D 298 52.94 33.26 -45.33
N ALA D 299 53.21 34.05 -44.30
CA ALA D 299 54.38 33.85 -43.45
C ALA D 299 54.06 34.42 -42.07
N ASP D 300 55.08 34.40 -41.21
CA ASP D 300 54.91 34.97 -39.87
C ASP D 300 54.58 36.45 -39.93
N ASP D 301 55.28 37.20 -40.80
CA ASP D 301 55.00 38.62 -40.94
C ASP D 301 53.68 38.87 -41.66
N GLY D 302 53.35 38.02 -42.64
CA GLY D 302 52.12 38.17 -43.40
C GLY D 302 52.18 39.19 -44.52
N THR D 303 53.34 39.81 -44.75
CA THR D 303 53.49 40.85 -45.76
C THR D 303 54.35 40.32 -46.90
N SER D 304 53.83 40.39 -48.12
CA SER D 304 54.56 39.94 -49.29
C SER D 304 55.55 41.01 -49.74
N LYS D 305 56.78 40.60 -50.01
CA LYS D 305 57.84 41.52 -50.41
C LYS D 305 58.27 41.23 -51.84
N THR D 306 58.34 42.27 -52.66
CA THR D 306 58.85 42.13 -54.01
C THR D 306 60.37 42.10 -53.98
N ALA D 307 60.95 40.98 -54.41
CA ALA D 307 62.39 40.80 -54.33
C ALA D 307 62.83 39.82 -55.41
N LEU D 308 64.15 39.78 -55.64
CA LEU D 308 64.71 38.84 -56.58
C LEU D 308 64.55 37.42 -56.08
N ASN D 309 64.01 36.55 -56.93
CA ASN D 309 63.74 35.16 -56.58
C ASN D 309 64.68 34.28 -57.39
N LYS D 310 65.30 33.31 -56.71
CA LYS D 310 66.25 32.42 -57.36
C LYS D 310 65.53 31.25 -58.03
N LEU D 311 66.28 30.50 -58.83
CA LEU D 311 65.78 29.27 -59.42
C LEU D 311 65.76 28.15 -58.38
N GLY D 312 64.80 27.25 -58.51
CA GLY D 312 64.72 26.12 -57.61
C GLY D 312 63.99 24.97 -58.27
N GLY D 313 64.30 23.76 -57.81
CA GLY D 313 63.75 22.54 -58.38
C GLY D 313 64.72 21.89 -59.36
N ALA D 314 64.39 20.65 -59.72
CA ALA D 314 65.20 19.93 -60.69
C ALA D 314 65.21 20.64 -62.03
N ASP D 315 64.04 21.10 -62.49
CA ASP D 315 63.96 21.85 -63.73
C ASP D 315 64.47 23.27 -63.57
N GLY D 316 64.42 23.81 -62.34
CA GLY D 316 64.77 25.18 -62.09
C GLY D 316 63.65 26.18 -62.33
N LYS D 317 62.48 25.72 -62.75
CA LYS D 317 61.36 26.62 -62.99
C LYS D 317 60.66 27.06 -61.71
N THR D 318 60.93 26.41 -60.58
CA THR D 318 60.39 26.87 -59.31
C THR D 318 61.00 28.21 -58.97
N GLU D 319 60.15 29.16 -58.59
CA GLU D 319 60.55 30.55 -58.42
C GLU D 319 60.71 30.79 -56.92
N VAL D 320 61.88 30.45 -56.38
CA VAL D 320 62.08 30.37 -54.94
C VAL D 320 62.38 31.77 -54.40
N VAL D 321 61.51 32.26 -53.53
CA VAL D 321 61.67 33.57 -52.92
C VAL D 321 62.77 33.50 -51.86
N SER D 322 63.64 34.51 -51.83
CA SER D 322 64.69 34.60 -50.83
C SER D 322 64.26 35.59 -49.75
N ILE D 323 64.22 35.13 -48.50
CA ILE D 323 63.83 35.95 -47.36
C ILE D 323 64.95 35.90 -46.35
N GLY D 324 65.33 37.08 -45.83
CA GLY D 324 66.36 37.15 -44.81
C GLY D 324 67.71 36.62 -45.23
N GLY D 325 67.98 36.55 -46.54
CA GLY D 325 69.21 35.98 -47.05
C GLY D 325 69.17 34.49 -47.31
N LYS D 326 68.09 33.82 -46.94
CA LYS D 326 67.96 32.38 -47.15
C LYS D 326 66.80 32.14 -48.12
N THR D 327 67.03 31.28 -49.12
CA THR D 327 66.01 31.00 -50.12
C THR D 327 65.04 29.94 -49.62
N TYR D 328 63.77 30.31 -49.51
CA TYR D 328 62.72 29.42 -49.06
C TYR D 328 61.73 29.20 -50.20
N ALA D 329 61.48 27.93 -50.53
CA ALA D 329 60.61 27.58 -51.63
C ALA D 329 59.19 28.10 -51.40
N ALA D 330 58.77 29.04 -52.26
CA ALA D 330 57.45 29.67 -52.09
C ALA D 330 56.32 28.67 -52.29
N SER D 331 56.60 27.55 -52.96
CA SER D 331 55.56 26.54 -53.17
C SER D 331 55.06 25.97 -51.86
N LYS D 332 55.98 25.64 -50.94
CA LYS D 332 55.61 25.12 -49.63
C LYS D 332 55.76 26.15 -48.52
N ALA D 333 56.14 27.39 -48.84
CA ALA D 333 56.19 28.43 -47.83
C ALA D 333 54.79 28.73 -47.28
N GLU D 334 53.80 28.79 -48.15
CA GLU D 334 52.43 29.04 -47.73
C GLU D 334 51.86 27.82 -47.01
N GLY D 335 51.16 28.07 -45.90
CA GLY D 335 50.57 27.00 -45.13
C GLY D 335 51.48 26.32 -44.13
N HIS D 336 52.68 26.83 -43.93
CA HIS D 336 53.64 26.26 -42.99
C HIS D 336 53.82 27.20 -41.81
N ASN D 337 53.95 26.62 -40.61
CA ASN D 337 54.07 27.39 -39.38
C ASN D 337 55.53 27.79 -39.17
N PHE D 338 55.79 29.10 -39.24
CA PHE D 338 57.16 29.59 -39.09
C PHE D 338 57.68 29.46 -37.67
N LYS D 339 56.79 29.36 -36.68
CA LYS D 339 57.22 29.27 -35.30
C LYS D 339 58.03 28.00 -35.04
N ALA D 340 57.58 26.87 -35.59
CA ALA D 340 58.26 25.60 -35.33
C ALA D 340 59.65 25.56 -35.96
N GLN D 341 59.73 25.94 -37.25
CA GLN D 341 61.00 25.93 -37.98
C GLN D 341 61.24 27.28 -38.63
N PRO D 342 61.93 28.20 -37.95
CA PRO D 342 62.20 29.51 -38.57
C PRO D 342 63.02 29.43 -39.84
N ASP D 343 63.96 28.49 -39.93
CA ASP D 343 64.85 28.36 -41.08
C ASP D 343 64.84 26.89 -41.52
N LEU D 344 63.91 26.56 -42.41
CA LEU D 344 63.83 25.21 -42.96
C LEU D 344 64.81 25.07 -44.12
N ALA D 345 65.25 23.84 -44.39
CA ALA D 345 66.13 23.58 -45.52
C ALA D 345 65.33 23.46 -46.81
N GLU D 346 65.94 23.91 -47.90
CA GLU D 346 65.31 23.89 -49.21
C GLU D 346 66.28 23.34 -50.24
N ALA D 347 65.77 23.14 -51.45
CA ALA D 347 66.62 22.73 -52.56
C ALA D 347 67.54 23.89 -52.95
N ALA D 348 68.84 23.68 -52.83
CA ALA D 348 69.81 24.72 -53.11
C ALA D 348 69.91 24.96 -54.62
N ALA D 349 70.75 25.93 -54.99
CA ALA D 349 70.97 26.24 -56.39
C ALA D 349 71.61 25.06 -57.11
N THR D 350 71.24 24.88 -58.38
CA THR D 350 71.72 23.78 -59.23
C THR D 350 71.30 22.47 -58.55
N THR D 351 72.20 21.50 -58.42
CA THR D 351 71.85 20.20 -57.87
C THR D 351 72.91 19.73 -56.89
N THR D 352 72.53 18.76 -56.05
CA THR D 352 73.43 18.13 -55.11
C THR D 352 73.77 16.74 -55.61
N GLU D 353 75.05 16.49 -55.86
CA GLU D 353 75.51 15.23 -56.42
C GLU D 353 75.80 14.24 -55.29
N ASN D 354 76.45 13.12 -55.65
CA ASN D 354 76.80 12.03 -54.75
C ASN D 354 75.56 11.48 -54.07
N PRO D 355 74.66 10.81 -54.81
CA PRO D 355 73.47 10.25 -54.17
C PRO D 355 73.76 9.09 -53.24
N LEU D 356 74.94 8.47 -53.34
CA LEU D 356 75.23 7.29 -52.55
C LEU D 356 75.24 7.61 -51.06
N GLN D 357 75.88 8.72 -50.67
CA GLN D 357 75.88 9.10 -49.27
C GLN D 357 74.49 9.50 -48.80
N LYS D 358 73.67 10.05 -49.69
CA LYS D 358 72.28 10.35 -49.32
C LYS D 358 71.48 9.09 -49.05
N ILE D 359 71.66 8.05 -49.88
CA ILE D 359 70.98 6.78 -49.64
C ILE D 359 71.49 6.15 -48.34
N ASP D 360 72.79 6.24 -48.10
CA ASP D 360 73.34 5.72 -46.85
C ASP D 360 72.75 6.45 -45.65
N ALA D 361 72.61 7.77 -45.75
CA ALA D 361 72.00 8.54 -44.66
C ALA D 361 70.53 8.15 -44.48
N ALA D 362 69.82 7.92 -45.58
CA ALA D 362 68.42 7.52 -45.48
C ALA D 362 68.28 6.17 -44.79
N LEU D 363 69.12 5.20 -45.15
CA LEU D 363 69.04 3.90 -44.49
C LEU D 363 69.49 3.97 -43.04
N ALA D 364 70.45 4.85 -42.72
CA ALA D 364 70.81 5.07 -41.33
C ALA D 364 69.65 5.68 -40.56
N GLN D 365 68.91 6.59 -41.20
CA GLN D 365 67.72 7.16 -40.56
C GLN D 365 66.67 6.09 -40.31
N VAL D 366 66.49 5.18 -41.26
CA VAL D 366 65.56 4.06 -41.05
C VAL D 366 66.00 3.21 -39.87
N ASP D 367 67.29 2.91 -39.79
CA ASP D 367 67.82 2.10 -38.70
C ASP D 367 67.64 2.79 -37.36
N THR D 368 67.93 4.08 -37.28
CA THR D 368 67.75 4.77 -36.01
C THR D 368 66.28 4.93 -35.65
N LEU D 369 65.40 5.03 -36.65
CA LEU D 369 63.98 5.09 -36.35
C LEU D 369 63.47 3.76 -35.79
N ARG D 370 63.90 2.65 -36.37
CA ARG D 370 63.47 1.36 -35.82
C ARG D 370 64.10 1.12 -34.44
N SER D 371 65.32 1.61 -34.23
CA SER D 371 65.93 1.51 -32.90
C SER D 371 65.14 2.33 -31.88
N ASP D 372 64.74 3.54 -32.25
CA ASP D 372 63.91 4.35 -31.36
C ASP D 372 62.56 3.69 -31.10
N LEU D 373 61.99 3.06 -32.13
CA LEU D 373 60.73 2.34 -31.95
C LEU D 373 60.89 1.20 -30.96
N GLY D 374 61.98 0.43 -31.07
CA GLY D 374 62.22 -0.64 -30.12
C GLY D 374 62.45 -0.11 -28.71
N ALA D 375 63.15 1.02 -28.60
CA ALA D 375 63.36 1.65 -27.30
C ALA D 375 62.02 2.05 -26.67
N VAL D 376 61.15 2.68 -27.46
CA VAL D 376 59.83 3.06 -26.97
C VAL D 376 59.03 1.83 -26.57
N GLN D 377 59.13 0.77 -27.38
CA GLN D 377 58.38 -0.45 -27.12
C GLN D 377 58.78 -1.05 -25.79
N ASN D 378 60.07 -1.27 -25.57
CA ASN D 378 60.50 -1.83 -24.29
C ASN D 378 60.25 -0.88 -23.14
N ARG D 379 60.29 0.43 -23.40
CA ARG D 379 60.05 1.40 -22.33
C ARG D 379 58.62 1.30 -21.83
N PHE D 380 57.64 1.32 -22.73
CA PHE D 380 56.28 1.22 -22.22
C PHE D 380 55.94 -0.20 -21.81
N ASN D 381 56.68 -1.21 -22.30
CA ASN D 381 56.49 -2.55 -21.75
C ASN D 381 56.93 -2.61 -20.28
N SER D 382 58.06 -1.99 -19.96
CA SER D 382 58.48 -1.90 -18.57
C SER D 382 57.47 -1.11 -17.74
N ALA D 383 56.98 0.01 -18.28
CA ALA D 383 55.98 0.79 -17.57
C ALA D 383 54.72 -0.02 -17.32
N ILE D 384 54.27 -0.78 -18.32
CA ILE D 384 53.04 -1.55 -18.21
C ILE D 384 53.20 -2.66 -17.19
N THR D 385 54.32 -3.39 -17.22
CA THR D 385 54.50 -4.47 -16.26
C THR D 385 54.64 -3.91 -14.85
N ASN D 386 55.30 -2.75 -14.69
CA ASN D 386 55.41 -2.15 -13.36
C ASN D 386 54.04 -1.72 -12.84
N LEU D 387 53.22 -1.08 -13.68
CA LEU D 387 51.91 -0.66 -13.21
C LEU D 387 51.00 -1.85 -12.95
N GLY D 388 51.11 -2.91 -13.75
CA GLY D 388 50.34 -4.11 -13.47
C GLY D 388 50.73 -4.77 -12.16
N ASN D 389 52.05 -4.83 -11.88
CA ASN D 389 52.50 -5.34 -10.60
C ASN D 389 51.99 -4.49 -9.45
N THR D 390 52.02 -3.16 -9.61
CA THR D 390 51.49 -2.29 -8.57
C THR D 390 50.00 -2.52 -8.36
N VAL D 391 49.24 -2.66 -9.45
CA VAL D 391 47.80 -2.85 -9.34
C VAL D 391 47.49 -4.16 -8.64
N ASN D 392 48.15 -5.26 -9.04
CA ASN D 392 47.84 -6.54 -8.42
C ASN D 392 48.31 -6.59 -6.97
N ASN D 393 49.45 -5.97 -6.66
CA ASN D 393 49.90 -5.91 -5.28
C ASN D 393 48.92 -5.13 -4.42
N LEU D 394 48.44 -3.99 -4.92
CA LEU D 394 47.51 -3.18 -4.13
C LEU D 394 46.16 -3.88 -3.97
N THR D 395 45.70 -4.59 -5.01
CA THR D 395 44.43 -5.28 -4.87
C THR D 395 44.55 -6.48 -3.94
N SER D 396 45.69 -7.18 -3.95
CA SER D 396 45.92 -8.24 -2.98
C SER D 396 45.97 -7.67 -1.56
N ALA D 397 46.61 -6.51 -1.40
CA ALA D 397 46.68 -5.88 -0.08
C ALA D 397 45.30 -5.49 0.42
N ARG D 398 44.48 -4.87 -0.44
CA ARG D 398 43.15 -4.45 -0.01
C ARG D 398 42.24 -5.63 0.25
N SER D 399 42.42 -6.73 -0.50
CA SER D 399 41.71 -7.95 -0.18
C SER D 399 42.13 -8.50 1.17
N ARG D 400 43.43 -8.45 1.47
CA ARG D 400 43.93 -8.90 2.77
C ARG D 400 43.42 -8.00 3.90
N ILE D 401 43.39 -6.69 3.66
CA ILE D 401 42.90 -5.74 4.66
C ILE D 401 41.38 -5.69 4.64
N ASP E 1 25.26 18.13 14.05
CA ASP E 1 24.94 17.91 15.45
C ASP E 1 25.14 19.17 16.28
N LEU E 2 25.05 20.33 15.62
CA LEU E 2 25.16 21.60 16.32
C LEU E 2 23.85 22.03 16.98
N THR E 3 22.72 21.48 16.53
CA THR E 3 21.42 21.90 17.09
C THR E 3 21.31 21.49 18.56
N LYS E 4 21.71 20.27 18.90
CA LYS E 4 21.69 19.84 20.30
C LYS E 4 22.65 20.68 21.13
N ASN E 5 23.82 20.98 20.59
CA ASN E 5 24.79 21.79 21.31
C ASN E 5 24.25 23.19 21.60
N GLU E 6 23.63 23.83 20.60
CA GLU E 6 23.12 25.18 20.82
C GLU E 6 21.90 25.17 21.74
N LYS E 7 21.05 24.14 21.64
CA LYS E 7 19.93 24.05 22.57
C LYS E 7 20.40 23.86 24.01
N GLY E 8 21.44 23.04 24.20
CA GLY E 8 22.01 22.90 25.54
C GLY E 8 22.66 24.17 26.03
N ARG E 9 23.30 24.93 25.13
CA ARG E 9 23.97 26.16 25.51
C ARG E 9 23.00 27.33 25.68
N LEU E 10 21.75 27.19 25.25
CA LEU E 10 20.78 28.26 25.42
C LEU E 10 20.61 28.63 26.90
N THR E 11 20.36 27.64 27.75
CA THR E 11 19.98 27.89 29.14
C THR E 11 20.81 27.05 30.12
N PRO E 12 22.09 27.39 30.30
CA PRO E 12 22.80 26.91 31.50
C PRO E 12 22.62 27.81 32.71
N ILE E 13 21.65 28.71 32.68
CA ILE E 13 21.50 29.73 33.71
C ILE E 13 20.17 29.64 34.46
N THR E 14 19.19 28.93 33.92
CA THR E 14 17.88 28.86 34.57
C THR E 14 17.95 28.14 35.90
N LYS E 15 18.88 27.19 36.06
CA LYS E 15 19.05 26.54 37.35
C LYS E 15 19.44 27.54 38.42
N GLN E 16 20.34 28.47 38.07
CA GLN E 16 20.78 29.47 39.04
C GLN E 16 19.64 30.40 39.45
N GLN E 17 18.82 30.84 38.49
CA GLN E 17 17.74 31.75 38.85
C GLN E 17 16.65 31.02 39.64
N SER E 18 16.40 29.75 39.31
CA SER E 18 15.50 28.96 40.13
C SER E 18 16.03 28.84 41.56
N ALA E 19 17.34 28.58 41.70
CA ALA E 19 17.92 28.48 43.03
C ALA E 19 17.81 29.79 43.80
N ASN E 20 18.06 30.91 43.14
CA ASN E 20 17.98 32.20 43.82
C ASN E 20 16.54 32.53 44.23
N SER E 21 15.57 32.26 43.36
CA SER E 21 14.18 32.47 43.74
C SER E 21 13.77 31.58 44.90
N ALA E 22 14.19 30.31 44.87
CA ALA E 22 13.89 29.40 45.96
C ALA E 22 14.52 29.88 47.27
N LYS E 23 15.74 30.43 47.19
CA LYS E 23 16.40 30.96 48.38
C LYS E 23 15.66 32.17 48.93
N LEU E 24 15.18 33.06 48.06
CA LEU E 24 14.42 34.21 48.54
C LEU E 24 13.11 33.76 49.19
N THR E 25 12.42 32.79 48.59
CA THR E 25 11.21 32.26 49.22
C THR E 25 11.54 31.60 50.55
N ALA E 26 12.67 30.90 50.62
CA ALA E 26 13.11 30.28 51.87
C ALA E 26 13.32 31.31 52.95
N TYR E 27 13.95 32.44 52.60
CA TYR E 27 14.19 33.48 53.60
C TYR E 27 12.89 34.13 54.03
N GLY E 28 11.94 34.29 53.11
CA GLY E 28 10.63 34.79 53.51
C GLY E 28 9.94 33.87 54.51
N THR E 29 9.95 32.57 54.22
CA THR E 29 9.35 31.61 55.14
C THR E 29 10.08 31.60 56.48
N LEU E 30 11.40 31.70 56.46
CA LEU E 30 12.18 31.75 57.69
C LEU E 30 11.79 32.95 58.53
N LYS E 31 11.67 34.13 57.90
CA LYS E 31 11.26 35.31 58.63
C LYS E 31 9.89 35.12 59.24
N SER E 32 8.95 34.54 58.47
CA SER E 32 7.60 34.33 59.01
C SER E 32 7.62 33.42 60.24
N ALA E 33 8.28 32.27 60.13
CA ALA E 33 8.29 31.31 61.23
C ALA E 33 9.00 31.87 62.45
N LEU E 34 10.12 32.55 62.23
CA LEU E 34 10.89 33.06 63.35
C LEU E 34 10.17 34.20 64.04
N GLU E 35 9.40 35.02 63.29
CA GLU E 35 8.56 36.03 63.93
C GLU E 35 7.44 35.40 64.73
N LYS E 36 6.85 34.32 64.24
CA LYS E 36 5.81 33.64 65.01
C LYS E 36 6.37 33.09 66.32
N PHE E 37 7.57 32.51 66.26
CA PHE E 37 8.21 32.07 67.49
C PHE E 37 8.50 33.25 68.41
N GLN E 38 8.89 34.39 67.84
CA GLN E 38 9.10 35.57 68.67
C GLN E 38 7.85 35.99 69.40
N THR E 39 6.70 35.97 68.72
CA THR E 39 5.49 36.42 69.40
C THR E 39 5.06 35.45 70.49
N ALA E 40 5.24 34.14 70.27
CA ALA E 40 4.94 33.20 71.36
C ALA E 40 5.92 33.35 72.52
N ASN E 41 7.19 33.60 72.21
CA ASN E 41 8.18 33.82 73.26
C ASN E 41 7.82 35.02 74.11
N THR E 42 7.41 36.13 73.47
CA THR E 42 7.03 37.29 74.26
C THR E 42 5.74 37.04 75.03
N ALA E 43 4.83 36.23 74.48
CA ALA E 43 3.64 35.86 75.23
C ALA E 43 3.99 35.10 76.50
N LEU E 44 5.12 34.37 76.49
CA LEU E 44 5.53 33.67 77.71
C LEU E 44 6.37 34.52 78.65
N ASN E 45 7.02 35.58 78.17
CA ASN E 45 7.94 36.36 79.06
C ASN E 45 7.14 37.30 79.97
N LYS E 46 6.05 36.81 80.57
CA LYS E 46 5.30 37.65 81.55
C LYS E 46 5.37 37.00 82.93
N ALA E 47 5.87 37.72 83.94
CA ALA E 47 5.97 37.18 85.32
C ALA E 47 4.58 36.93 85.90
N ASP E 48 3.59 37.76 85.57
CA ASP E 48 2.23 37.67 86.16
C ASP E 48 1.54 36.34 85.85
N LEU E 49 2.00 35.61 84.84
CA LEU E 49 1.43 34.28 84.51
C LEU E 49 1.60 33.36 85.72
N PHE E 50 2.71 33.51 86.44
CA PHE E 50 3.01 32.61 87.59
C PHE E 50 2.40 33.13 88.89
N LYS E 51 1.74 34.30 88.86
CA LYS E 51 1.11 34.88 90.08
C LYS E 51 -0.42 34.78 90.01
N SER E 52 -0.97 34.02 89.05
CA SER E 52 -2.45 33.96 88.86
C SER E 52 -3.16 33.20 89.98
N THR E 53 -4.41 33.59 90.30
CA THR E 53 -5.23 32.93 91.36
C THR E 53 -6.70 33.01 90.95
N VAL E 54 -7.60 32.25 91.60
CA VAL E 54 -9.01 32.30 91.28
C VAL E 54 -9.77 32.44 92.59
N ALA E 55 -10.79 33.29 92.59
CA ALA E 55 -11.54 33.59 93.80
C ALA E 55 -12.99 33.17 93.62
N SER E 56 -13.59 32.75 94.74
CA SER E 56 -14.98 32.33 94.73
C SER E 56 -15.67 32.81 96.00
N SER E 57 -16.91 33.25 95.88
CA SER E 57 -17.67 33.79 97.00
C SER E 57 -18.88 32.92 97.29
N THR E 58 -19.29 32.92 98.56
CA THR E 58 -20.44 32.09 98.96
C THR E 58 -21.76 32.81 98.75
N THR E 59 -21.74 34.12 98.53
CA THR E 59 -22.94 34.91 98.37
C THR E 59 -23.03 35.42 96.93
N GLU E 60 -24.25 35.79 96.53
CA GLU E 60 -24.46 36.44 95.24
C GLU E 60 -24.64 37.95 95.37
N ASP E 61 -24.70 38.47 96.60
CA ASP E 61 -24.73 39.91 96.79
C ASP E 61 -23.32 40.49 96.74
N LEU E 62 -22.31 39.64 96.78
CA LEU E 62 -20.93 40.07 96.70
C LEU E 62 -20.28 39.39 95.51
N LYS E 63 -19.65 40.18 94.63
CA LYS E 63 -18.98 39.62 93.47
C LYS E 63 -17.49 39.83 93.61
N VAL E 64 -16.70 38.82 93.26
CA VAL E 64 -15.28 38.83 93.53
C VAL E 64 -14.52 38.47 92.25
N SER E 65 -13.50 39.26 91.94
CA SER E 65 -12.61 39.02 90.82
C SER E 65 -11.19 39.19 91.31
N THR E 66 -10.25 38.58 90.63
CA THR E 66 -8.87 38.58 91.10
C THR E 66 -7.93 39.05 90.00
N THR E 67 -7.06 40.00 90.35
CA THR E 67 -6.01 40.44 89.44
C THR E 67 -4.75 39.61 89.69
N ALA E 68 -3.63 40.03 89.16
CA ALA E 68 -2.39 39.26 89.24
C ALA E 68 -1.60 39.69 90.46
N GLY E 69 -1.36 38.75 91.37
CA GLY E 69 -0.56 39.00 92.54
C GLY E 69 -1.24 38.74 93.86
N ALA E 70 -2.44 38.18 93.86
CA ALA E 70 -3.16 37.95 95.11
C ALA E 70 -2.45 36.90 95.95
N ALA E 71 -2.98 36.67 97.15
CA ALA E 71 -2.47 35.64 98.04
C ALA E 71 -3.60 34.69 98.40
N ALA E 72 -3.30 33.41 98.50
CA ALA E 72 -4.32 32.43 98.79
C ALA E 72 -4.81 32.57 100.22
N GLY E 73 -6.08 32.26 100.44
CA GLY E 73 -6.63 32.34 101.78
C GLY E 73 -8.14 32.46 101.76
N THR E 74 -8.67 32.76 102.95
CA THR E 74 -10.10 32.92 103.17
C THR E 74 -10.33 34.24 103.87
N TYR E 75 -11.25 35.04 103.34
CA TYR E 75 -11.56 36.35 103.88
C TYR E 75 -13.02 36.39 104.27
N LYS E 76 -13.32 37.01 105.42
CA LYS E 76 -14.68 37.11 105.94
C LYS E 76 -15.14 38.55 105.84
N ILE E 77 -15.87 38.86 104.78
CA ILE E 77 -16.31 40.22 104.50
C ILE E 77 -17.64 40.48 105.18
N ASN E 78 -17.73 41.62 105.87
CA ASN E 78 -19.01 42.16 106.33
C ASN E 78 -19.17 43.54 105.72
N VAL E 79 -20.27 43.75 105.00
CA VAL E 79 -20.58 45.03 104.40
C VAL E 79 -21.58 45.74 105.30
N THR E 80 -21.28 46.99 105.64
CA THR E 80 -22.09 47.76 106.57
C THR E 80 -22.90 48.86 105.89
N GLN E 81 -22.39 49.45 104.82
CA GLN E 81 -23.01 50.56 104.14
C GLN E 81 -22.66 50.49 102.67
N LEU E 82 -23.45 51.18 101.86
CA LEU E 82 -23.24 51.18 100.41
C LEU E 82 -23.11 52.61 99.93
N ALA E 83 -22.25 52.82 98.94
CA ALA E 83 -22.05 54.15 98.40
C ALA E 83 -23.31 54.65 97.70
N ALA E 84 -23.53 55.96 97.77
CA ALA E 84 -24.64 56.60 97.10
C ALA E 84 -24.12 57.83 96.40
N ALA E 85 -25.00 58.52 95.68
CA ALA E 85 -24.62 59.65 94.86
C ALA E 85 -25.64 60.77 95.02
N GLN E 86 -25.16 62.00 95.03
CA GLN E 86 -26.04 63.13 95.29
C GLN E 86 -26.89 63.45 94.08
N SER E 87 -28.19 63.59 94.27
CA SER E 87 -29.11 63.94 93.20
C SER E 87 -29.82 65.23 93.56
N LEU E 88 -29.79 66.20 92.67
CA LEU E 88 -30.41 67.49 92.90
C LEU E 88 -31.53 67.69 91.91
N ALA E 89 -32.71 68.06 92.40
CA ALA E 89 -33.88 68.26 91.55
C ALA E 89 -34.35 69.70 91.66
N THR E 90 -34.70 70.28 90.53
CA THR E 90 -35.28 71.63 90.55
C THR E 90 -36.63 71.59 91.24
N LYS E 91 -36.91 72.63 92.03
CA LYS E 91 -38.18 72.67 92.75
C LYS E 91 -39.33 73.00 91.80
N THR E 92 -39.09 73.87 90.82
CA THR E 92 -40.16 74.45 90.01
C THR E 92 -40.37 73.60 88.77
N THR E 93 -41.32 72.67 88.85
CA THR E 93 -41.67 71.86 87.70
C THR E 93 -42.19 72.72 86.57
N PHE E 94 -41.80 72.38 85.34
CA PHE E 94 -42.11 73.17 84.17
C PHE E 94 -43.19 72.51 83.32
N ALA E 95 -43.49 73.14 82.19
CA ALA E 95 -44.58 72.70 81.35
C ALA E 95 -44.10 71.84 80.19
N THR E 96 -42.99 72.23 79.56
CA THR E 96 -42.48 71.51 78.40
C THR E 96 -40.96 71.45 78.47
N THR E 97 -40.40 70.45 77.78
CA THR E 97 -38.97 70.30 77.64
C THR E 97 -38.42 71.13 76.50
N LYS E 98 -39.15 72.14 76.04
CA LYS E 98 -38.66 73.11 75.08
C LYS E 98 -38.97 74.55 75.48
N GLU E 99 -39.76 74.76 76.52
CA GLU E 99 -39.92 76.07 77.12
C GLU E 99 -38.58 76.64 77.55
N GLN E 100 -38.37 77.92 77.30
CA GLN E 100 -37.12 78.55 77.70
C GLN E 100 -37.08 78.76 79.21
N LEU E 101 -35.92 78.46 79.81
CA LEU E 101 -35.73 78.54 81.25
C LEU E 101 -34.98 79.79 81.68
N GLY E 102 -33.85 80.09 81.02
CA GLY E 102 -33.14 81.31 81.30
C GLY E 102 -33.62 82.45 80.43
N ASP E 103 -33.18 83.66 80.77
CA ASP E 103 -33.65 84.83 80.05
C ASP E 103 -33.15 84.83 78.60
N THR E 104 -33.90 85.47 77.73
CA THR E 104 -33.56 85.57 76.32
C THR E 104 -32.80 86.85 75.99
N SER E 105 -32.49 87.67 76.99
CA SER E 105 -31.69 88.86 76.75
C SER E 105 -30.22 88.53 76.54
N VAL E 106 -29.72 87.51 77.22
CA VAL E 106 -28.31 87.15 77.18
C VAL E 106 -28.09 86.12 76.08
N THR E 107 -26.94 86.21 75.40
CA THR E 107 -26.64 85.31 74.30
C THR E 107 -25.67 84.19 74.67
N SER E 108 -25.09 84.22 75.87
CA SER E 108 -24.18 83.16 76.28
C SER E 108 -24.05 83.18 77.79
N ARG E 109 -24.16 82.00 78.40
CA ARG E 109 -24.09 81.87 79.85
C ARG E 109 -23.32 80.61 80.20
N THR E 110 -22.90 80.51 81.45
CA THR E 110 -22.03 79.42 81.88
C THR E 110 -22.60 78.76 83.12
N ILE E 111 -22.55 77.43 83.14
CA ILE E 111 -22.84 76.63 84.32
C ILE E 111 -21.50 76.17 84.87
N LYS E 112 -21.27 76.43 86.16
CA LYS E 112 -20.00 76.16 86.80
C LYS E 112 -20.24 75.22 87.96
N ILE E 113 -19.66 74.04 87.90
CA ILE E 113 -19.85 73.00 88.91
C ILE E 113 -18.51 72.76 89.60
N GLU E 114 -18.50 72.79 90.93
CA GLU E 114 -17.30 72.52 91.70
C GLU E 114 -17.56 71.40 92.69
N GLN E 115 -16.64 70.45 92.77
CA GLN E 115 -16.73 69.34 93.67
C GLN E 115 -15.45 69.22 94.47
N PRO E 116 -15.52 68.72 95.71
CA PRO E 116 -14.31 68.58 96.52
C PRO E 116 -13.29 67.63 95.91
N GLY E 117 -13.70 66.75 95.00
CA GLY E 117 -12.78 65.82 94.39
C GLY E 117 -12.04 66.38 93.20
N ARG E 118 -12.76 66.96 92.25
CA ARG E 118 -12.10 67.50 91.06
C ARG E 118 -11.37 68.79 91.41
N LYS E 119 -10.20 68.97 90.80
CA LYS E 119 -9.35 70.11 91.13
C LYS E 119 -9.88 71.40 90.51
N GLU E 120 -10.02 71.42 89.19
CA GLU E 120 -10.44 72.62 88.48
C GLU E 120 -11.92 72.54 88.14
N PRO E 121 -12.67 73.62 88.35
CA PRO E 121 -14.12 73.55 88.20
C PRO E 121 -14.54 73.25 86.77
N LEU E 122 -15.75 72.74 86.63
CA LEU E 122 -16.27 72.33 85.33
C LEU E 122 -17.15 73.45 84.78
N GLU E 123 -16.79 73.96 83.61
CA GLU E 123 -17.55 74.99 82.91
C GLU E 123 -18.29 74.37 81.75
N ILE E 124 -19.59 74.67 81.64
CA ILE E 124 -20.43 74.23 80.53
C ILE E 124 -21.08 75.47 79.94
N LYS E 125 -21.04 75.59 78.62
CA LYS E 125 -21.42 76.83 77.94
C LYS E 125 -22.76 76.66 77.23
N LEU E 126 -23.64 77.65 77.39
CA LEU E 126 -24.90 77.69 76.68
C LEU E 126 -24.95 78.94 75.80
N ASP E 127 -25.08 78.72 74.49
CA ASP E 127 -25.11 79.80 73.51
C ASP E 127 -26.52 80.40 73.47
N LYS E 128 -26.79 81.22 72.46
CA LYS E 128 -28.05 81.95 72.40
C LYS E 128 -29.22 81.01 72.11
N GLY E 129 -30.34 81.28 72.76
CA GLY E 129 -31.60 80.63 72.49
C GLY E 129 -31.77 79.26 73.09
N ASP E 130 -30.69 78.53 73.35
CA ASP E 130 -30.76 77.21 73.96
C ASP E 130 -30.61 77.27 75.47
N THR E 131 -31.65 77.73 76.17
CA THR E 131 -31.81 77.46 77.59
C THR E 131 -33.05 76.63 77.86
N SER E 132 -33.47 75.80 76.92
CA SER E 132 -34.56 74.88 77.17
C SER E 132 -34.05 73.68 77.95
N MET E 133 -34.99 72.97 78.58
CA MET E 133 -34.60 71.86 79.44
C MET E 133 -33.84 70.79 78.66
N GLU E 134 -34.22 70.56 77.41
CA GLU E 134 -33.49 69.61 76.58
C GLU E 134 -32.12 70.16 76.18
N ALA E 135 -32.01 71.47 76.00
CA ALA E 135 -30.71 72.07 75.70
C ALA E 135 -29.76 71.98 76.88
N ILE E 136 -30.25 72.27 78.09
CA ILE E 136 -29.43 72.12 79.27
C ILE E 136 -29.03 70.67 79.46
N ARG E 137 -29.97 69.75 79.29
CA ARG E 137 -29.63 68.35 79.47
C ARG E 137 -28.58 67.90 78.46
N ASP E 138 -28.70 68.34 77.21
CA ASP E 138 -27.72 67.92 76.21
C ASP E 138 -26.35 68.53 76.48
N ALA E 139 -26.30 69.79 76.93
CA ALA E 139 -25.01 70.39 77.26
C ALA E 139 -24.34 69.64 78.41
N ILE E 140 -25.06 69.43 79.51
CA ILE E 140 -24.46 68.79 80.67
C ILE E 140 -24.07 67.35 80.34
N ASN E 141 -24.88 66.66 79.53
CA ASN E 141 -24.57 65.28 79.21
C ASN E 141 -23.47 65.15 78.16
N ASP E 142 -23.22 66.20 77.36
CA ASP E 142 -22.15 66.16 76.39
C ASP E 142 -20.81 66.55 76.98
N ALA E 143 -20.79 67.46 77.96
CA ALA E 143 -19.53 67.78 78.61
C ALA E 143 -18.86 66.52 79.15
N ASP E 144 -19.65 65.56 79.64
CA ASP E 144 -19.19 64.22 79.96
C ASP E 144 -18.06 64.23 80.99
N SER E 145 -18.34 64.80 82.16
CA SER E 145 -17.33 64.89 83.21
C SER E 145 -17.83 64.41 84.57
N GLY E 146 -18.77 63.47 84.58
CA GLY E 146 -19.23 62.93 85.86
C GLY E 146 -20.67 63.24 86.17
N ILE E 147 -21.12 64.46 85.87
CA ILE E 147 -22.49 64.84 86.15
C ILE E 147 -23.38 64.38 85.01
N ALA E 148 -24.60 63.96 85.34
CA ALA E 148 -25.49 63.36 84.35
C ALA E 148 -26.90 63.88 84.58
N ALA E 149 -27.35 64.79 83.72
CA ALA E 149 -28.66 65.39 83.86
C ALA E 149 -29.73 64.51 83.24
N SER E 150 -30.85 64.36 83.95
CA SER E 150 -32.00 63.58 83.51
C SER E 150 -33.21 64.48 83.42
N ILE E 151 -34.34 63.92 82.99
CA ILE E 151 -35.62 64.60 83.07
C ILE E 151 -36.65 63.62 83.59
N VAL E 152 -37.58 64.10 84.39
CA VAL E 152 -38.63 63.29 84.99
C VAL E 152 -39.96 63.94 84.66
N LYS E 153 -40.90 63.15 84.18
CA LYS E 153 -42.26 63.62 83.93
C LYS E 153 -43.10 63.22 85.13
N VAL E 154 -43.25 64.14 86.09
CA VAL E 154 -44.01 63.82 87.29
C VAL E 154 -45.44 63.45 86.91
N LYS E 155 -46.06 64.24 86.05
CA LYS E 155 -47.30 63.89 85.39
C LYS E 155 -47.42 64.78 84.17
N GLU E 156 -48.54 64.65 83.47
CA GLU E 156 -48.75 65.40 82.25
C GLU E 156 -48.63 66.90 82.51
N ASN E 157 -47.69 67.52 81.83
CA ASN E 157 -47.38 68.95 81.96
C ASN E 157 -46.70 69.29 83.28
N GLU E 158 -45.85 68.40 83.81
CA GLU E 158 -44.99 68.71 84.95
C GLU E 158 -43.68 67.93 84.78
N PHE E 159 -42.65 68.58 84.27
CA PHE E 159 -41.34 67.99 84.12
C PHE E 159 -40.38 68.56 85.16
N GLN E 160 -39.43 67.74 85.61
CA GLN E 160 -38.38 68.19 86.51
C GLN E 160 -37.00 67.88 85.92
N LEU E 161 -36.03 68.69 86.32
CA LEU E 161 -34.63 68.48 85.94
C LEU E 161 -33.87 67.94 87.13
N VAL E 162 -33.16 66.84 86.91
CA VAL E 162 -32.44 66.10 87.95
C VAL E 162 -30.99 65.99 87.52
N LEU E 163 -30.08 66.47 88.35
CA LEU E 163 -28.64 66.35 88.10
C LEU E 163 -28.05 65.40 89.13
N THR E 164 -27.39 64.34 88.67
CA THR E 164 -26.84 63.32 89.54
C THR E 164 -25.33 63.28 89.35
N ALA E 165 -24.61 63.12 90.44
CA ALA E 165 -23.16 63.02 90.37
C ALA E 165 -22.76 61.56 90.60
N ASN E 166 -21.45 61.32 90.68
CA ASN E 166 -20.94 59.99 90.92
C ASN E 166 -21.06 59.64 92.39
N SER E 167 -20.59 58.47 92.78
CA SER E 167 -20.72 57.99 94.15
C SER E 167 -19.66 58.59 95.05
N GLY E 168 -19.95 58.65 96.34
CA GLY E 168 -19.00 59.12 97.33
C GLY E 168 -19.34 60.52 97.81
N THR E 169 -18.67 60.91 98.90
CA THR E 169 -18.86 62.22 99.49
C THR E 169 -17.85 63.25 99.02
N ASP E 170 -16.91 62.86 98.16
CA ASP E 170 -16.02 63.80 97.53
C ASP E 170 -16.57 64.30 96.21
N ASN E 171 -17.82 63.96 95.91
CA ASN E 171 -18.46 64.32 94.65
C ASN E 171 -19.73 65.13 94.86
N THR E 172 -19.93 65.69 96.03
CA THR E 172 -21.02 66.62 96.24
C THR E 172 -20.79 67.87 95.40
N MET E 173 -21.86 68.48 94.94
CA MET E 173 -21.77 69.54 93.96
C MET E 173 -22.04 70.90 94.56
N LYS E 174 -21.36 71.91 94.02
CA LYS E 174 -21.67 73.32 94.26
C LYS E 174 -21.81 73.97 92.89
N ILE E 175 -23.02 74.35 92.55
CA ILE E 175 -23.37 74.80 91.21
C ILE E 175 -23.56 76.30 91.21
N THR E 176 -23.27 76.94 90.09
CA THR E 176 -23.50 78.37 89.93
C THR E 176 -23.72 78.66 88.46
N VAL E 177 -24.49 79.70 88.17
CA VAL E 177 -24.76 80.10 86.80
C VAL E 177 -24.34 81.55 86.63
N GLU E 178 -23.39 81.79 85.75
CA GLU E 178 -22.81 83.11 85.54
C GLU E 178 -23.15 83.61 84.15
N GLY E 179 -23.59 84.87 84.07
CA GLY E 179 -24.08 85.46 82.84
C GLY E 179 -25.58 85.49 82.72
N ASP E 180 -26.29 84.71 83.53
CA ASP E 180 -27.74 84.67 83.53
C ASP E 180 -28.23 84.80 84.96
N THR E 181 -29.45 85.28 85.12
CA THR E 181 -30.01 85.50 86.45
C THR E 181 -31.22 84.62 86.72
N LYS E 182 -32.14 84.50 85.76
CA LYS E 182 -33.27 83.60 85.93
C LYS E 182 -32.79 82.16 86.08
N LEU E 183 -31.86 81.75 85.21
CA LEU E 183 -31.34 80.40 85.29
C LEU E 183 -30.62 80.18 86.60
N ASN E 184 -29.85 81.17 87.06
CA ASN E 184 -29.21 81.06 88.36
C ASN E 184 -30.24 80.95 89.47
N ASP E 185 -31.38 81.62 89.33
CA ASP E 185 -32.47 81.40 90.27
C ASP E 185 -32.94 79.97 90.21
N LEU E 186 -32.78 79.31 89.06
CA LEU E 186 -33.21 77.92 88.91
C LEU E 186 -32.13 76.91 89.29
N LEU E 187 -30.88 77.12 88.88
CA LEU E 187 -29.77 76.19 89.07
C LEU E 187 -28.74 76.84 89.99
N ALA E 188 -28.86 76.63 91.30
CA ALA E 188 -27.84 77.14 92.21
C ALA E 188 -27.95 76.39 93.52
N TYR E 189 -26.89 75.66 93.86
CA TYR E 189 -26.85 74.88 95.09
C TYR E 189 -25.48 75.06 95.73
N ASP E 190 -25.42 74.90 97.04
CA ASP E 190 -24.17 74.93 97.77
C ASP E 190 -24.20 73.84 98.83
N SER E 191 -23.38 72.81 98.66
CA SER E 191 -23.46 71.64 99.52
C SER E 191 -22.65 71.79 100.79
N THR E 192 -21.71 72.73 100.84
CA THR E 192 -21.00 73.00 102.09
C THR E 192 -21.95 73.53 103.16
N THR E 193 -22.87 74.41 102.76
CA THR E 193 -23.85 74.96 103.68
C THR E 193 -25.22 74.30 103.56
N ASN E 194 -25.40 73.39 102.60
CA ASN E 194 -26.67 72.68 102.36
C ASN E 194 -27.82 73.65 102.13
N THR E 195 -27.57 74.70 101.35
CA THR E 195 -28.61 75.64 100.96
C THR E 195 -28.47 75.93 99.48
N GLY E 196 -29.61 76.10 98.81
CA GLY E 196 -29.59 76.42 97.40
C GLY E 196 -30.99 76.57 96.87
N ASN E 197 -31.09 76.63 95.55
CA ASN E 197 -32.37 76.73 94.87
C ASN E 197 -32.90 75.37 94.41
N MET E 198 -32.18 74.30 94.70
CA MET E 198 -32.49 72.96 94.22
C MET E 198 -32.58 72.02 95.42
N GLN E 199 -33.60 71.17 95.43
CA GLN E 199 -33.72 70.24 96.53
C GLN E 199 -32.84 69.02 96.31
N GLU E 200 -32.62 68.27 97.37
CA GLU E 200 -31.69 67.14 97.36
C GLU E 200 -32.47 65.85 97.56
N LEU E 201 -32.62 65.07 96.49
CA LEU E 201 -33.38 63.83 96.59
C LEU E 201 -32.59 62.72 97.27
N VAL E 202 -31.30 62.59 96.95
CA VAL E 202 -30.46 61.52 97.47
C VAL E 202 -29.26 62.15 98.15
N LYS E 203 -28.70 61.43 99.12
CA LYS E 203 -27.60 61.94 99.94
C LYS E 203 -26.35 61.11 99.69
N ALA E 204 -25.20 61.76 99.59
CA ALA E 204 -23.97 61.07 99.26
C ALA E 204 -23.46 60.25 100.43
N GLU E 205 -22.85 59.10 100.12
CA GLU E 205 -22.32 58.23 101.16
C GLU E 205 -21.09 57.52 100.64
N ASN E 206 -20.32 56.97 101.56
CA ASN E 206 -19.15 56.17 101.25
C ASN E 206 -19.43 54.71 101.61
N ALA E 207 -18.68 53.81 101.00
CA ALA E 207 -18.86 52.39 101.29
C ALA E 207 -18.02 52.00 102.49
N LYS E 208 -18.63 51.39 103.48
CA LYS E 208 -17.93 50.91 104.66
C LYS E 208 -18.03 49.40 104.72
N LEU E 209 -16.90 48.74 104.87
CA LEU E 209 -16.92 47.29 105.02
C LEU E 209 -15.79 46.87 105.95
N ASN E 210 -15.70 45.56 106.18
CA ASN E 210 -14.83 44.99 107.21
C ASN E 210 -14.31 43.66 106.70
N VAL E 211 -13.00 43.59 106.46
CA VAL E 211 -12.35 42.40 105.90
C VAL E 211 -11.37 41.87 106.93
N ASN E 212 -11.59 40.63 107.39
CA ASN E 212 -10.82 40.02 108.48
C ASN E 212 -10.51 41.02 109.59
N GLY E 213 -11.51 41.74 110.05
CA GLY E 213 -11.32 42.62 111.18
C GLY E 213 -10.62 43.92 110.89
N ILE E 214 -10.34 44.23 109.63
CA ILE E 214 -9.83 45.54 109.23
C ILE E 214 -10.97 46.34 108.63
N ASP E 215 -11.16 47.55 109.10
CA ASP E 215 -12.28 48.39 108.67
C ASP E 215 -11.85 49.26 107.50
N ILE E 216 -12.46 49.01 106.34
CA ILE E 216 -12.14 49.68 105.09
C ILE E 216 -13.27 50.65 104.77
N GLU E 217 -12.93 51.79 104.16
CA GLU E 217 -13.93 52.74 103.71
C GLU E 217 -13.52 53.34 102.38
N ARG E 218 -14.31 53.08 101.35
CA ARG E 218 -14.06 53.48 99.99
C ARG E 218 -15.15 54.45 99.52
N GLN E 219 -15.03 54.89 98.27
CA GLN E 219 -15.96 55.85 97.70
C GLN E 219 -16.98 55.23 96.76
N SER E 220 -16.66 54.14 96.10
CA SER E 220 -17.60 53.47 95.23
C SER E 220 -17.86 52.07 95.75
N ASN E 221 -18.62 51.32 94.99
CA ASN E 221 -18.94 49.94 95.35
C ASN E 221 -18.00 48.93 94.70
N THR E 222 -16.96 49.40 94.02
CA THR E 222 -15.93 48.54 93.45
C THR E 222 -14.68 48.73 94.29
N VAL E 223 -14.55 47.92 95.35
CA VAL E 223 -13.43 48.01 96.25
C VAL E 223 -12.27 47.23 95.67
N THR E 224 -11.14 47.90 95.44
CA THR E 224 -10.01 47.29 94.75
C THR E 224 -8.91 46.81 95.68
N ASP E 225 -8.36 47.67 96.53
CA ASP E 225 -7.16 47.34 97.29
C ASP E 225 -7.48 46.89 98.70
N ALA E 226 -8.56 46.14 98.89
CA ALA E 226 -8.86 45.65 100.24
C ALA E 226 -7.74 44.73 100.71
N PRO E 227 -7.58 43.48 100.18
CA PRO E 227 -6.24 42.88 100.22
C PRO E 227 -5.43 43.03 98.94
N GLN E 228 -5.37 44.22 98.35
CA GLN E 228 -4.41 44.63 97.33
C GLN E 228 -4.40 43.73 96.10
N GLY E 229 -5.20 42.68 96.05
CA GLY E 229 -5.19 41.86 94.86
C GLY E 229 -6.55 41.35 94.44
N ILE E 230 -7.59 41.73 95.18
CA ILE E 230 -8.94 41.22 94.99
C ILE E 230 -9.88 42.40 94.78
N THR E 231 -10.67 42.34 93.72
CA THR E 231 -11.64 43.36 93.39
C THR E 231 -13.03 42.88 93.82
N LEU E 232 -13.66 43.63 94.71
CA LEU E 232 -14.96 43.29 95.24
C LEU E 232 -15.99 44.26 94.71
N THR E 233 -17.13 43.75 94.27
CA THR E 233 -18.24 44.55 93.82
C THR E 233 -19.42 44.29 94.75
N LEU E 234 -19.82 45.33 95.48
CA LEU E 234 -20.84 45.23 96.51
C LEU E 234 -22.20 45.55 95.93
N THR E 235 -23.20 44.79 96.30
CA THR E 235 -24.57 45.00 95.84
C THR E 235 -25.55 45.26 96.97
N LYS E 236 -25.48 44.48 98.04
CA LYS E 236 -26.31 44.68 99.22
C LYS E 236 -25.45 44.49 100.45
N LYS E 237 -26.06 44.70 101.62
CA LYS E 237 -25.35 44.56 102.89
C LYS E 237 -25.34 43.09 103.28
N VAL E 238 -24.21 42.42 103.02
CA VAL E 238 -24.04 41.02 103.38
C VAL E 238 -23.63 40.94 104.85
N THR E 239 -23.67 39.73 105.40
CA THR E 239 -23.23 39.48 106.77
C THR E 239 -22.46 38.18 106.81
N ASP E 240 -21.20 38.24 107.23
CA ASP E 240 -20.31 37.08 107.25
C ASP E 240 -20.28 36.38 105.90
N ALA E 241 -20.08 37.15 104.84
CA ALA E 241 -19.78 36.54 103.56
C ALA E 241 -18.35 36.04 103.57
N THR E 242 -18.08 35.04 102.75
CA THR E 242 -16.75 34.44 102.68
C THR E 242 -16.25 34.49 101.26
N VAL E 243 -14.95 34.74 101.10
CA VAL E 243 -14.29 34.76 99.81
C VAL E 243 -13.06 33.88 99.91
N THR E 244 -12.91 32.95 98.97
CA THR E 244 -11.80 32.00 99.00
C THR E 244 -10.96 32.18 97.76
N VAL E 245 -9.68 32.48 97.96
CA VAL E 245 -8.71 32.70 96.88
C VAL E 245 -7.78 31.51 96.86
N THR E 246 -7.77 30.78 95.74
CA THR E 246 -6.97 29.57 95.59
C THR E 246 -6.04 29.72 94.41
N LYS E 247 -4.82 29.21 94.55
CA LYS E 247 -3.81 29.37 93.51
C LYS E 247 -4.26 28.67 92.23
N ASP E 248 -3.86 29.23 91.10
CA ASP E 248 -4.21 28.71 89.79
C ASP E 248 -2.96 28.64 88.92
N ASP E 249 -2.96 27.69 87.99
CA ASP E 249 -1.79 27.50 87.12
C ASP E 249 -2.14 27.27 85.66
N THR E 250 -3.43 27.20 85.31
CA THR E 250 -3.79 26.89 83.93
C THR E 250 -3.25 27.91 82.95
N LYS E 251 -3.15 29.17 83.37
CA LYS E 251 -2.63 30.20 82.49
C LYS E 251 -1.17 29.92 82.12
N ALA E 252 -0.36 29.54 83.11
CA ALA E 252 1.04 29.23 82.81
C ALA E 252 1.18 27.98 81.97
N LYS E 253 0.30 26.99 82.19
CA LYS E 253 0.35 25.79 81.37
C LYS E 253 -0.01 26.09 79.92
N GLU E 254 -1.03 26.92 79.69
CA GLU E 254 -1.37 27.28 78.33
C GLU E 254 -0.24 28.06 77.67
N ALA E 255 0.38 28.99 78.40
CA ALA E 255 1.48 29.74 77.83
C ALA E 255 2.65 28.82 77.47
N ILE E 256 3.00 27.89 78.37
CA ILE E 256 4.12 26.98 78.10
C ILE E 256 3.79 26.06 76.93
N LYS E 257 2.56 25.55 76.88
CA LYS E 257 2.17 24.66 75.79
C LYS E 257 2.25 25.35 74.45
N SER E 258 1.74 26.58 74.36
CA SER E 258 1.83 27.30 73.09
C SER E 258 3.28 27.64 72.77
N TRP E 259 4.12 27.85 73.77
CA TRP E 259 5.53 28.10 73.50
C TRP E 259 6.17 26.89 72.82
N VAL E 260 5.98 25.70 73.41
CA VAL E 260 6.61 24.53 72.82
C VAL E 260 6.01 24.22 71.46
N ASP E 261 4.72 24.47 71.26
CA ASP E 261 4.14 24.24 69.94
C ASP E 261 4.73 25.19 68.90
N ALA E 262 4.92 26.46 69.26
CA ALA E 262 5.57 27.38 68.34
C ALA E 262 6.97 26.91 68.00
N TYR E 263 7.72 26.45 69.01
CA TYR E 263 9.07 25.97 68.73
C TYR E 263 9.06 24.72 67.86
N ASN E 264 8.08 23.84 68.06
CA ASN E 264 7.97 22.65 67.23
C ASN E 264 7.71 23.02 65.78
N SER E 265 6.85 24.00 65.56
CA SER E 265 6.62 24.48 64.19
C SER E 265 7.90 25.10 63.61
N LEU E 266 8.65 25.83 64.44
CA LEU E 266 9.90 26.43 63.95
C LEU E 266 10.92 25.36 63.57
N VAL E 267 11.05 24.31 64.36
CA VAL E 267 12.02 23.27 64.03
C VAL E 267 11.52 22.46 62.83
N ASP E 268 10.21 22.33 62.66
CA ASP E 268 9.70 21.74 61.42
C ASP E 268 10.05 22.59 60.20
N THR E 269 9.97 23.92 60.33
CA THR E 269 10.39 24.77 59.23
C THR E 269 11.88 24.61 58.94
N PHE E 270 12.70 24.52 59.98
CA PHE E 270 14.12 24.23 59.75
C PHE E 270 14.31 22.92 59.02
N SER E 271 13.58 21.88 59.40
CA SER E 271 13.79 20.58 58.77
C SER E 271 13.30 20.57 57.32
N SER E 272 12.17 21.21 57.06
CA SER E 272 11.63 21.25 55.70
C SER E 272 12.47 22.14 54.79
N LEU E 273 13.08 23.18 55.34
CA LEU E 273 13.84 24.11 54.52
C LEU E 273 15.25 23.60 54.23
N THR E 274 15.64 22.48 54.82
CA THR E 274 16.92 21.85 54.53
C THR E 274 16.76 20.40 54.08
N LYS E 275 15.55 20.01 53.69
CA LYS E 275 15.26 18.60 53.39
C LYS E 275 16.05 18.12 52.19
N TYR E 276 16.48 16.85 52.25
CA TYR E 276 17.07 16.15 51.12
C TYR E 276 16.40 14.79 50.99
N THR E 277 16.25 14.32 49.76
CA THR E 277 15.74 12.99 49.47
C THR E 277 16.90 12.15 48.93
N ALA E 278 17.26 11.10 49.67
CA ALA E 278 18.38 10.26 49.27
C ALA E 278 18.10 9.55 47.95
N VAL E 279 19.10 9.53 47.07
CA VAL E 279 19.00 8.91 45.76
C VAL E 279 20.24 8.07 45.52
N GLU E 280 20.09 7.04 44.68
CA GLU E 280 21.20 6.16 44.37
C GLU E 280 22.25 6.88 43.54
N PRO E 281 23.50 6.41 43.56
CA PRO E 281 24.54 7.05 42.74
C PRO E 281 24.24 7.02 41.26
N GLY E 282 23.46 6.05 40.78
CA GLY E 282 23.14 6.01 39.36
C GLY E 282 22.30 7.20 38.91
N GLU E 283 21.31 7.57 39.71
CA GLU E 283 20.39 8.63 39.38
C GLU E 283 20.90 9.98 39.89
N GLU E 284 20.38 11.05 39.31
CA GLU E 284 20.79 12.39 39.69
C GLU E 284 20.23 12.75 41.07
N ALA E 285 20.78 13.82 41.63
CA ALA E 285 20.35 14.29 42.95
C ALA E 285 18.88 14.72 42.90
N SER E 286 18.17 14.50 44.01
CA SER E 286 16.76 14.81 44.07
C SER E 286 16.52 16.30 43.81
N ASP E 287 15.53 16.58 42.96
CA ASP E 287 15.19 17.97 42.68
C ASP E 287 14.65 18.68 43.91
N LYS E 288 13.80 18.01 44.68
CA LYS E 288 13.20 18.59 45.88
C LYS E 288 14.25 18.62 46.99
N ASN E 289 14.94 19.75 47.11
CA ASN E 289 15.97 19.94 48.12
C ASN E 289 15.76 21.28 48.81
N GLY E 290 16.26 21.38 50.04
CA GLY E 290 16.24 22.65 50.74
C GLY E 290 17.12 23.68 50.08
N ALA E 291 16.56 24.86 49.78
CA ALA E 291 17.36 25.92 49.18
C ALA E 291 18.47 26.40 50.10
N LEU E 292 18.37 26.06 51.39
CA LEU E 292 19.39 26.42 52.37
C LEU E 292 20.26 25.23 52.75
N LEU E 293 20.25 24.17 51.95
CA LEU E 293 21.08 23.01 52.25
C LEU E 293 22.54 23.35 52.04
N GLY E 294 23.37 23.04 53.04
CA GLY E 294 24.75 23.46 53.01
C GLY E 294 24.98 24.89 53.43
N ASP E 295 23.94 25.61 53.85
CA ASP E 295 24.05 26.98 54.31
C ASP E 295 24.12 27.01 55.83
N SER E 296 24.97 27.89 56.36
CA SER E 296 25.24 27.93 57.79
C SER E 296 24.23 28.77 58.58
N VAL E 297 23.28 29.41 57.91
CA VAL E 297 22.32 30.26 58.62
C VAL E 297 21.46 29.42 59.56
N VAL E 298 20.87 28.35 59.03
CA VAL E 298 19.99 27.52 59.86
C VAL E 298 20.80 26.87 60.98
N ARG E 299 22.03 26.46 60.68
CA ARG E 299 22.91 25.92 61.70
C ARG E 299 23.12 26.91 62.83
N THR E 300 23.47 28.15 62.50
CA THR E 300 23.71 29.15 63.52
C THR E 300 22.45 29.45 64.33
N ILE E 301 21.31 29.58 63.65
CA ILE E 301 20.07 29.89 64.35
C ILE E 301 19.74 28.81 65.36
N GLN E 302 19.73 27.55 64.91
CA GLN E 302 19.37 26.45 65.79
C GLN E 302 20.36 26.34 66.94
N THR E 303 21.66 26.49 66.66
CA THR E 303 22.66 26.37 67.71
C THR E 303 22.49 27.46 68.77
N GLY E 304 22.28 28.71 68.36
CA GLY E 304 22.11 29.77 69.33
C GLY E 304 20.85 29.61 70.17
N ILE E 305 19.72 29.35 69.51
CA ILE E 305 18.46 29.20 70.22
C ILE E 305 18.57 28.07 71.24
N ARG E 306 19.12 26.93 70.84
CA ARG E 306 19.16 25.81 71.78
C ARG E 306 20.30 25.92 72.78
N ALA E 307 21.32 26.73 72.51
CA ALA E 307 22.33 26.96 73.52
C ALA E 307 21.86 27.93 74.58
N GLN E 308 20.81 28.70 74.29
CA GLN E 308 20.23 29.52 75.34
C GLN E 308 19.40 28.74 76.35
N PHE E 309 19.10 27.46 76.10
CA PHE E 309 18.32 26.68 77.05
C PHE E 309 19.08 26.38 78.33
N ALA E 310 20.39 26.57 78.36
CA ALA E 310 21.19 26.30 79.55
C ALA E 310 21.74 27.65 80.03
N ASN E 311 20.91 28.35 80.80
CA ASN E 311 21.24 29.68 81.30
C ASN E 311 22.20 29.57 82.48
N SER E 312 23.03 30.59 82.65
CA SER E 312 23.81 30.74 83.87
C SER E 312 23.35 31.92 84.73
N GLY E 313 22.66 32.89 84.12
CA GLY E 313 22.31 34.10 84.84
C GLY E 313 21.32 33.88 85.95
N SER E 314 20.28 33.07 85.71
CA SER E 314 19.24 32.90 86.70
C SER E 314 19.76 32.16 87.91
N ASN E 315 19.40 32.65 89.11
CA ASN E 315 19.88 32.08 90.35
C ASN E 315 18.87 31.15 91.00
N SER E 316 17.98 30.56 90.21
CA SER E 316 17.01 29.62 90.73
C SER E 316 17.67 28.32 91.14
N ALA E 317 16.90 27.48 91.82
CA ALA E 317 17.38 26.14 92.15
C ALA E 317 17.62 25.31 90.89
N PHE E 318 16.73 25.44 89.91
CA PHE E 318 16.86 24.68 88.68
C PHE E 318 18.06 25.19 87.88
N LYS E 319 18.50 24.38 86.92
CA LYS E 319 19.57 24.79 86.02
C LYS E 319 19.31 24.44 84.56
N THR E 320 18.19 23.80 84.25
CA THR E 320 17.84 23.49 82.88
C THR E 320 16.34 23.25 82.81
N MET E 321 15.78 23.48 81.63
CA MET E 321 14.33 23.37 81.50
C MET E 321 13.85 21.94 81.37
N ALA E 322 14.74 20.96 81.47
CA ALA E 322 14.31 19.58 81.63
C ALA E 322 13.94 19.28 83.07
N GLU E 323 14.36 20.13 84.02
CA GLU E 323 13.94 19.98 85.41
C GLU E 323 12.43 20.13 85.53
N ILE E 324 11.87 21.11 84.84
CA ILE E 324 10.43 21.32 84.87
C ILE E 324 9.69 20.16 84.21
N GLY E 325 10.28 19.59 83.17
CA GLY E 325 9.63 18.51 82.45
C GLY E 325 9.46 18.81 80.98
N ILE E 326 10.31 19.67 80.43
CA ILE E 326 10.32 19.99 79.01
C ILE E 326 11.63 19.45 78.44
N THR E 327 11.53 18.47 77.54
CA THR E 327 12.69 17.73 77.08
C THR E 327 12.70 17.65 75.56
N GLN E 328 13.89 17.59 74.99
CA GLN E 328 14.03 17.38 73.57
C GLN E 328 13.93 15.89 73.23
N ASP E 329 13.47 15.60 72.01
CA ASP E 329 13.54 14.25 71.49
C ASP E 329 14.94 13.98 70.97
N GLY E 330 15.38 12.73 71.11
CA GLY E 330 16.76 12.41 70.79
C GLY E 330 17.12 12.65 69.33
N THR E 331 16.27 12.15 68.42
CA THR E 331 16.60 12.24 67.01
C THR E 331 16.52 13.68 66.50
N SER E 332 15.33 14.27 66.54
CA SER E 332 15.15 15.66 66.18
C SER E 332 14.95 16.47 67.45
N GLY E 333 15.54 17.66 67.49
CA GLY E 333 15.46 18.48 68.68
C GLY E 333 14.09 19.09 68.87
N LYS E 334 13.08 18.24 68.98
CA LYS E 334 11.71 18.66 69.20
C LYS E 334 11.44 18.69 70.69
N LEU E 335 10.68 19.69 71.12
CA LEU E 335 10.38 19.84 72.54
C LEU E 335 9.06 19.16 72.88
N LYS E 336 9.05 18.45 74.01
CA LYS E 336 7.88 17.76 74.50
C LYS E 336 7.79 17.94 76.00
N ILE E 337 6.58 18.21 76.49
CA ILE E 337 6.32 18.43 77.91
C ILE E 337 5.50 17.27 78.44
N ASP E 338 5.67 16.96 79.71
CA ASP E 338 4.95 15.88 80.37
C ASP E 338 4.05 16.45 81.44
N ASP E 339 2.83 15.89 81.53
CA ASP E 339 1.85 16.42 82.46
C ASP E 339 2.31 16.30 83.91
N ASP E 340 2.88 15.14 84.27
CA ASP E 340 3.16 14.86 85.67
C ASP E 340 4.21 15.80 86.24
N LYS E 341 5.40 15.81 85.65
CA LYS E 341 6.49 16.61 86.21
C LYS E 341 6.17 18.10 86.15
N LEU E 342 5.66 18.58 85.01
CA LEU E 342 5.33 19.99 84.87
C LEU E 342 4.26 20.41 85.87
N THR E 343 3.18 19.64 85.97
CA THR E 343 2.12 19.99 86.90
C THR E 343 2.63 19.98 88.33
N LYS E 344 3.45 18.99 88.69
CA LYS E 344 3.98 18.93 90.04
C LYS E 344 4.83 20.15 90.35
N VAL E 345 5.68 20.55 89.41
CA VAL E 345 6.56 21.69 89.66
C VAL E 345 5.75 22.99 89.75
N LEU E 346 4.76 23.15 88.87
CA LEU E 346 3.96 24.37 88.91
C LEU E 346 3.15 24.46 90.20
N LYS E 347 2.60 23.33 90.66
CA LYS E 347 1.80 23.37 91.88
C LYS E 347 2.68 23.57 93.12
N ASP E 348 3.78 22.82 93.24
CA ASP E 348 4.53 22.84 94.47
C ASP E 348 5.58 23.95 94.50
N ASN E 349 6.52 23.93 93.56
CA ASN E 349 7.65 24.85 93.56
C ASN E 349 7.56 25.69 92.29
N THR E 350 6.82 26.79 92.35
CA THR E 350 6.61 27.66 91.20
C THR E 350 7.52 28.88 91.15
N ALA E 351 8.10 29.27 92.30
CA ALA E 351 9.01 30.41 92.29
C ALA E 351 10.27 30.11 91.48
N ALA E 352 10.80 28.89 91.61
CA ALA E 352 12.00 28.55 90.85
C ALA E 352 11.68 28.40 89.37
N ALA E 353 10.51 27.87 89.03
CA ALA E 353 10.11 27.82 87.64
C ALA E 353 10.02 29.21 87.05
N ARG E 354 9.43 30.16 87.79
CA ARG E 354 9.36 31.53 87.29
C ARG E 354 10.74 32.15 87.16
N GLU E 355 11.60 31.96 88.15
CA GLU E 355 12.93 32.56 88.07
C GLU E 355 13.78 31.92 86.98
N LEU E 356 13.47 30.70 86.56
CA LEU E 356 14.20 30.07 85.47
C LEU E 356 13.65 30.51 84.12
N LEU E 357 12.39 30.20 83.85
CA LEU E 357 11.76 30.59 82.60
C LEU E 357 11.79 32.09 82.41
N VAL E 358 11.08 32.83 83.26
CA VAL E 358 10.90 34.25 83.05
C VAL E 358 12.13 35.04 83.45
N GLY E 359 12.77 34.68 84.53
CA GLY E 359 13.98 35.38 84.90
C GLY E 359 13.69 36.79 85.37
N ASP E 360 14.77 37.55 85.52
CA ASP E 360 14.66 38.94 85.95
C ASP E 360 13.85 39.78 85.00
N GLY E 361 13.69 39.36 83.75
CA GLY E 361 12.97 40.09 82.75
C GLY E 361 13.81 41.02 81.91
N LYS E 362 15.06 41.27 82.30
CA LYS E 362 15.94 42.16 81.57
C LYS E 362 17.18 41.48 81.01
N GLU E 363 17.91 40.74 81.85
CA GLU E 363 19.18 40.16 81.41
C GLU E 363 19.40 38.73 81.87
N THR E 364 18.45 38.09 82.52
CA THR E 364 18.57 36.70 82.93
C THR E 364 17.29 35.95 82.60
N GLY E 365 17.38 34.64 82.65
CA GLY E 365 16.25 33.80 82.35
C GLY E 365 16.32 33.22 80.95
N ILE E 366 15.80 32.00 80.80
CA ILE E 366 15.79 31.36 79.48
C ILE E 366 15.03 32.22 78.49
N THR E 367 13.82 32.64 78.86
CA THR E 367 12.95 33.32 77.92
C THR E 367 13.52 34.67 77.52
N THR E 368 14.13 35.37 78.47
CA THR E 368 14.73 36.67 78.16
C THR E 368 15.91 36.53 77.20
N LYS E 369 16.81 35.57 77.46
CA LYS E 369 17.97 35.41 76.59
C LYS E 369 17.54 34.99 75.19
N ILE E 370 16.60 34.05 75.09
CA ILE E 370 16.08 33.67 73.78
C ILE E 370 15.45 34.88 73.10
N ALA E 371 14.75 35.72 73.85
CA ALA E 371 14.10 36.88 73.26
C ALA E 371 15.12 37.83 72.65
N THR E 372 16.17 38.15 73.40
CA THR E 372 17.17 39.08 72.85
C THR E 372 17.89 38.47 71.65
N GLU E 373 18.23 37.16 71.70
CA GLU E 373 18.91 36.56 70.56
C GLU E 373 18.03 36.55 69.32
N VAL E 374 16.80 36.04 69.44
CA VAL E 374 15.93 35.97 68.28
C VAL E 374 15.58 37.38 67.79
N LYS E 375 15.61 38.38 68.67
CA LYS E 375 15.50 39.76 68.22
C LYS E 375 16.69 40.16 67.36
N SER E 376 17.90 39.75 67.77
CA SER E 376 19.08 40.05 66.98
C SER E 376 19.02 39.40 65.61
N TYR E 377 18.64 38.12 65.56
CA TYR E 377 18.63 37.40 64.29
C TYR E 377 17.46 37.81 63.41
N LEU E 378 16.49 38.53 63.96
CA LEU E 378 15.40 39.04 63.15
C LEU E 378 15.56 40.51 62.79
N ALA E 379 16.70 41.12 63.13
CA ALA E 379 16.91 42.52 62.83
C ALA E 379 17.19 42.72 61.34
N ASP E 380 17.20 43.99 60.93
CA ASP E 380 17.48 44.31 59.54
C ASP E 380 18.95 44.12 59.16
N ASP E 381 19.84 44.00 60.15
CA ASP E 381 21.26 43.82 59.92
C ASP E 381 21.77 42.49 60.44
N GLY E 382 20.91 41.47 60.45
CA GLY E 382 21.27 40.18 60.99
C GLY E 382 22.06 39.34 60.01
N ILE E 383 22.28 38.08 60.40
CA ILE E 383 22.89 37.11 59.49
C ILE E 383 22.01 36.93 58.26
N ILE E 384 20.69 36.96 58.47
CA ILE E 384 19.75 36.87 57.35
C ILE E 384 20.00 37.98 56.35
N ASP E 385 20.37 39.18 56.82
CA ASP E 385 20.60 40.30 55.91
C ASP E 385 21.78 40.03 55.00
N ASN E 386 22.89 39.56 55.56
CA ASN E 386 24.05 39.23 54.75
C ASN E 386 23.72 38.12 53.76
N ALA E 387 23.01 37.09 54.23
CA ALA E 387 22.63 36.01 53.32
C ALA E 387 21.78 36.54 52.16
N GLN E 388 20.81 37.41 52.46
CA GLN E 388 19.89 37.83 51.42
C GLN E 388 20.52 38.85 50.48
N ASP E 389 21.42 39.72 50.96
CA ASP E 389 22.03 40.64 49.99
C ASP E 389 23.07 39.92 49.15
N ASN E 390 23.71 38.87 49.68
CA ASN E 390 24.51 38.01 48.82
C ASN E 390 23.64 37.34 47.76
N VAL E 391 22.44 36.90 48.15
CA VAL E 391 21.50 36.35 47.18
C VAL E 391 21.19 37.38 46.09
N ASN E 392 20.95 38.62 46.49
CA ASN E 392 20.60 39.66 45.51
C ASN E 392 21.79 39.97 44.58
N ALA E 393 23.01 39.98 45.12
CA ALA E 393 24.18 40.19 44.27
C ALA E 393 24.34 39.05 43.27
N THR E 394 24.09 37.81 43.71
CA THR E 394 24.10 36.68 42.78
C THR E 394 23.03 36.86 41.71
N LEU E 395 21.87 37.36 42.10
CA LEU E 395 20.79 37.60 41.14
C LEU E 395 21.21 38.62 40.09
N LYS E 396 21.86 39.71 40.52
CA LYS E 396 22.26 40.75 39.56
C LYS E 396 23.37 40.27 38.64
N SER E 397 24.31 39.48 39.17
CA SER E 397 25.32 38.87 38.30
C SER E 397 24.67 37.93 37.29
N LEU E 398 23.66 37.17 37.74
CA LEU E 398 22.91 36.32 36.84
C LEU E 398 22.24 37.13 35.74
N THR E 399 21.65 38.26 36.10
CA THR E 399 20.99 39.11 35.10
C THR E 399 21.99 39.61 34.06
N LYS E 400 23.15 40.07 34.52
CA LYS E 400 24.17 40.56 33.59
C LYS E 400 24.63 39.46 32.64
N GLN E 401 24.98 38.30 33.20
CA GLN E 401 25.45 37.19 32.38
C GLN E 401 24.36 36.73 31.41
N TYR E 402 23.11 36.73 31.87
CA TYR E 402 22.01 36.34 31.00
C TYR E 402 21.85 37.31 29.85
N LEU E 403 22.00 38.62 30.12
CA LEU E 403 21.90 39.59 29.03
C LEU E 403 23.01 39.41 28.01
N SER E 404 24.25 39.20 28.48
CA SER E 404 25.37 39.01 27.55
C SER E 404 25.18 37.76 26.70
N VAL E 405 24.91 36.62 27.36
CA VAL E 405 24.68 35.40 26.62
C VAL E 405 23.44 35.52 25.75
N SER E 406 22.49 36.38 26.13
CA SER E 406 21.29 36.55 25.33
C SER E 406 21.59 37.28 24.03
N ASN E 407 22.42 38.32 24.07
CA ASN E 407 22.78 38.97 22.81
C ASN E 407 23.63 38.05 21.94
N SER E 408 24.53 37.28 22.56
CA SER E 408 25.31 36.31 21.79
C SER E 408 24.39 35.28 21.12
N ILE E 409 23.42 34.76 21.88
CA ILE E 409 22.48 33.78 21.36
C ILE E 409 21.62 34.41 20.27
N ASP E 410 21.28 35.69 20.43
CA ASP E 410 20.51 36.40 19.44
C ASP E 410 21.25 36.43 18.12
N GLU E 411 22.54 36.76 18.16
CA GLU E 411 23.34 36.76 16.93
C GLU E 411 23.41 35.37 16.31
N THR E 412 23.67 34.36 17.13
CA THR E 412 23.84 33.00 16.61
C THR E 412 22.54 32.49 16.00
N VAL E 413 21.41 32.70 16.69
CA VAL E 413 20.11 32.25 16.18
C VAL E 413 19.72 33.07 14.95
N ALA E 414 20.12 34.34 14.87
CA ALA E 414 19.87 35.11 13.66
C ALA E 414 20.58 34.49 12.47
N ARG E 415 21.85 34.11 12.64
CA ARG E 415 22.57 33.46 11.54
C ARG E 415 21.95 32.10 11.23
N TYR E 416 21.48 31.39 12.26
CA TYR E 416 20.84 30.09 12.06
C TYR E 416 19.54 30.22 11.26
N LYS E 417 18.72 31.20 11.60
CA LYS E 417 17.49 31.46 10.85
C LYS E 417 17.80 31.90 9.43
N ALA E 418 18.86 32.69 9.24
CA ALA E 418 19.27 33.04 7.89
C ALA E 418 19.63 31.81 7.08
N GLN E 419 20.39 30.88 7.68
CA GLN E 419 20.72 29.63 7.01
C GLN E 419 19.47 28.83 6.67
N PHE E 420 18.49 28.82 7.58
CA PHE E 420 17.18 28.27 7.25
C PHE E 420 16.59 28.94 6.02
N THR E 421 16.72 30.27 5.92
CA THR E 421 16.19 30.97 4.75
C THR E 421 16.86 30.51 3.46
N GLN E 422 18.21 30.44 3.43
CA GLN E 422 18.85 30.02 2.18
C GLN E 422 18.51 28.58 1.84
N LEU E 423 18.46 27.69 2.83
CA LEU E 423 18.12 26.30 2.53
C LEU E 423 16.67 26.18 2.05
N ASP E 424 15.75 26.97 2.61
CA ASP E 424 14.37 26.95 2.13
C ASP E 424 14.26 27.48 0.72
N THR E 425 15.00 28.54 0.39
CA THR E 425 15.00 29.04 -0.99
C THR E 425 15.56 28.03 -1.97
N MET E 426 16.61 27.28 -1.58
CA MET E 426 17.11 26.24 -2.45
C MET E 426 16.18 25.03 -2.53
N MET E 427 15.42 24.75 -1.47
CA MET E 427 14.49 23.62 -1.47
C MET E 427 13.23 23.92 -2.27
N SER E 428 12.78 25.17 -2.29
CA SER E 428 11.50 25.48 -2.94
C SER E 428 11.55 25.20 -4.45
N LYS E 429 12.68 25.49 -5.08
CA LYS E 429 12.84 25.22 -6.52
C LYS E 429 13.43 23.83 -6.71
N LEU E 430 12.54 22.84 -6.66
CA LEU E 430 12.94 21.45 -6.84
C LEU E 430 13.04 21.09 -8.31
N PHE F 1 34.51 14.77 23.88
CA PHE F 1 34.87 13.44 24.36
C PHE F 1 33.79 12.88 25.29
N THR F 2 34.04 11.68 25.81
CA THR F 2 33.04 10.96 26.58
C THR F 2 33.35 10.90 28.08
N ALA F 3 34.58 11.18 28.49
CA ALA F 3 34.91 11.16 29.91
C ALA F 3 34.21 12.30 30.66
N ASN F 4 33.74 13.32 29.93
CA ASN F 4 33.09 14.45 30.59
C ASN F 4 31.83 14.01 31.34
N ILE F 5 31.02 13.14 30.72
CA ILE F 5 29.79 12.70 31.36
C ILE F 5 30.11 11.89 32.62
N LYS F 6 31.09 10.99 32.54
CA LYS F 6 31.47 10.19 33.69
C LYS F 6 31.97 11.08 34.83
N GLY F 7 32.82 12.06 34.51
CA GLY F 7 33.33 12.95 35.54
C GLY F 7 32.24 13.81 36.15
N LEU F 8 31.30 14.28 35.33
CA LEU F 8 30.19 15.07 35.85
C LEU F 8 29.34 14.23 36.80
N THR F 9 29.04 12.99 36.41
CA THR F 9 28.27 12.11 37.29
C THR F 9 29.02 11.85 38.58
N GLN F 10 30.33 11.64 38.51
CA GLN F 10 31.11 11.38 39.72
C GLN F 10 31.11 12.59 40.65
N ALA F 11 31.27 13.80 40.09
CA ALA F 11 31.26 15.00 40.92
C ALA F 11 29.89 15.22 41.56
N SER F 12 28.81 15.01 40.80
CA SER F 12 27.48 15.12 41.38
C SER F 12 27.27 14.08 42.48
N ARG F 13 27.80 12.88 42.28
CA ARG F 13 27.63 11.82 43.28
C ARG F 13 28.41 12.13 44.53
N ASN F 14 29.58 12.77 44.39
CA ASN F 14 30.34 13.18 45.56
C ASN F 14 29.64 14.32 46.30
N ALA F 15 28.99 15.22 45.56
CA ALA F 15 28.14 16.22 46.20
C ALA F 15 27.02 15.55 46.99
N ASN F 16 26.44 14.49 46.43
CA ASN F 16 25.44 13.71 47.14
C ASN F 16 26.03 13.10 48.42
N ASP F 17 27.27 12.61 48.32
CA ASP F 17 27.96 12.10 49.49
C ASP F 17 28.07 13.18 50.57
N GLY F 18 28.44 14.39 50.17
CA GLY F 18 28.53 15.48 51.12
C GLY F 18 27.20 15.82 51.76
N ILE F 19 26.12 15.75 50.98
CA ILE F 19 24.78 15.95 51.54
C ILE F 19 24.50 14.91 52.62
N SER F 20 24.80 13.64 52.33
CA SER F 20 24.61 12.60 53.33
C SER F 20 25.48 12.84 54.56
N ILE F 21 26.69 13.37 54.35
CA ILE F 21 27.56 13.75 55.47
C ILE F 21 26.85 14.76 56.36
N ALA F 22 26.26 15.78 55.75
CA ALA F 22 25.58 16.81 56.51
C ALA F 22 24.42 16.22 57.31
N GLN F 23 23.63 15.33 56.68
CA GLN F 23 22.49 14.76 57.39
C GLN F 23 22.93 13.93 58.59
N THR F 24 23.94 13.07 58.40
CA THR F 24 24.41 12.26 59.51
C THR F 24 24.98 13.12 60.63
N THR F 25 25.73 14.18 60.27
CA THR F 25 26.29 15.06 61.28
C THR F 25 25.19 15.78 62.06
N GLU F 26 24.11 16.17 61.37
CA GLU F 26 23.00 16.81 62.06
C GLU F 26 22.34 15.85 63.05
N GLY F 27 22.11 14.61 62.64
CA GLY F 27 21.54 13.63 63.56
C GLY F 27 22.42 13.42 64.78
N ALA F 28 23.73 13.29 64.56
CA ALA F 28 24.66 13.13 65.68
C ALA F 28 24.62 14.33 66.61
N LEU F 29 24.57 15.54 66.05
CA LEU F 29 24.55 16.74 66.86
C LEU F 29 23.29 16.80 67.73
N ASN F 30 22.13 16.48 67.15
CA ASN F 30 20.90 16.54 67.92
C ASN F 30 20.93 15.54 69.07
N GLU F 31 21.35 14.31 68.78
CA GLU F 31 21.37 13.30 69.84
C GLU F 31 22.38 13.66 70.92
N ILE F 32 23.49 14.27 70.53
CA ILE F 32 24.49 14.59 71.55
C ILE F 32 24.08 15.83 72.35
N ASN F 33 23.29 16.74 71.78
CA ASN F 33 22.69 17.81 72.57
C ASN F 33 21.73 17.23 73.60
N ASN F 34 20.92 16.26 73.20
CA ASN F 34 20.12 15.52 74.17
C ASN F 34 20.99 14.99 75.30
N ASN F 35 22.14 14.42 74.95
CA ASN F 35 23.04 13.90 75.97
C ASN F 35 23.55 15.02 76.89
N LEU F 36 23.85 16.19 76.33
CA LEU F 36 24.34 17.29 77.16
C LEU F 36 23.27 17.74 78.15
N GLN F 37 22.02 17.84 77.69
CA GLN F 37 20.94 18.19 78.62
C GLN F 37 20.80 17.14 79.70
N ARG F 38 20.89 15.85 79.34
CA ARG F 38 20.75 14.80 80.34
C ARG F 38 21.88 14.84 81.36
N VAL F 39 23.11 15.07 80.91
CA VAL F 39 24.23 15.08 81.85
C VAL F 39 24.15 16.29 82.77
N ARG F 40 23.71 17.44 82.26
CA ARG F 40 23.55 18.60 83.14
C ARG F 40 22.41 18.38 84.13
N GLU F 41 21.31 17.77 83.67
CA GLU F 41 20.22 17.46 84.59
C GLU F 41 20.69 16.54 85.70
N LEU F 42 21.47 15.52 85.37
CA LEU F 42 21.93 14.59 86.40
C LEU F 42 22.96 15.23 87.32
N ALA F 43 23.84 16.08 86.77
CA ALA F 43 24.80 16.76 87.63
C ALA F 43 24.09 17.65 88.64
N VAL F 44 23.05 18.37 88.19
CA VAL F 44 22.28 19.19 89.12
C VAL F 44 21.56 18.31 90.13
N GLN F 45 20.94 17.22 89.66
CA GLN F 45 20.15 16.37 90.55
C GLN F 45 21.01 15.72 91.62
N SER F 46 22.23 15.30 91.26
CA SER F 46 23.18 14.83 92.26
C SER F 46 23.59 15.97 93.18
N ALA F 47 23.81 17.17 92.62
CA ALA F 47 24.05 18.34 93.45
C ALA F 47 22.84 18.62 94.34
N ASN F 48 21.64 18.37 93.83
CA ASN F 48 20.46 18.44 94.67
C ASN F 48 20.49 17.34 95.71
N SER F 49 20.14 17.70 96.95
CA SER F 49 19.90 16.68 97.96
C SER F 49 18.59 15.94 97.70
N THR F 50 17.78 16.43 96.76
CA THR F 50 16.47 15.84 96.51
C THR F 50 16.59 14.47 95.86
N ASN F 51 17.41 14.36 94.82
CA ASN F 51 17.42 13.15 94.01
C ASN F 51 18.32 12.08 94.61
N SER F 52 17.96 10.82 94.38
CA SER F 52 18.71 9.67 94.85
C SER F 52 19.40 8.97 93.67
N GLN F 53 20.20 7.96 94.00
CA GLN F 53 21.04 7.30 93.01
C GLN F 53 20.24 6.49 91.99
N SER F 54 19.00 6.11 92.32
CA SER F 54 18.20 5.34 91.37
C SER F 54 17.94 6.13 90.10
N ASP F 55 17.54 7.39 90.23
CA ASP F 55 17.32 8.22 89.06
C ASP F 55 18.63 8.51 88.32
N LEU F 56 19.73 8.66 89.05
CA LEU F 56 21.02 8.81 88.39
C LEU F 56 21.33 7.60 87.52
N ASP F 57 21.10 6.39 88.05
CA ASP F 57 21.36 5.19 87.26
C ASP F 57 20.42 5.11 86.05
N SER F 58 19.15 5.47 86.24
CA SER F 58 18.19 5.41 85.14
C SER F 58 18.59 6.37 84.02
N ILE F 59 18.96 7.60 84.37
CA ILE F 59 19.29 8.56 83.34
C ILE F 59 20.67 8.29 82.76
N GLN F 60 21.59 7.68 83.52
CA GLN F 60 22.84 7.22 82.92
C GLN F 60 22.59 6.10 81.93
N ALA F 61 21.64 5.21 82.23
CA ALA F 61 21.24 4.21 81.25
C ALA F 61 20.66 4.86 80.01
N GLU F 62 19.89 5.93 80.19
CA GLU F 62 19.40 6.67 79.03
C GLU F 62 20.54 7.27 78.23
N ILE F 63 21.57 7.77 78.91
CA ILE F 63 22.75 8.31 78.23
C ILE F 63 23.41 7.22 77.39
N THR F 64 23.58 6.04 77.98
CA THR F 64 24.21 4.94 77.26
C THR F 64 23.37 4.52 76.06
N GLN F 65 22.05 4.47 76.24
CA GLN F 65 21.18 4.10 75.12
C GLN F 65 21.27 5.13 74.00
N ARG F 66 21.31 6.42 74.34
CA ARG F 66 21.45 7.45 73.33
C ARG F 66 22.79 7.32 72.61
N LEU F 67 23.86 7.03 73.35
CA LEU F 67 25.16 6.85 72.72
C LEU F 67 25.16 5.65 71.76
N ASN F 68 24.50 4.57 72.15
CA ASN F 68 24.39 3.41 71.28
C ASN F 68 23.61 3.75 70.01
N GLU F 69 22.53 4.53 70.16
CA GLU F 69 21.80 4.98 68.98
C GLU F 69 22.68 5.85 68.08
N ILE F 70 23.51 6.70 68.69
CA ILE F 70 24.45 7.51 67.93
C ILE F 70 25.36 6.61 67.10
N ASP F 71 25.95 5.61 67.73
CA ASP F 71 26.88 4.73 67.02
C ASP F 71 26.18 3.92 65.94
N ARG F 72 24.96 3.46 66.23
CA ARG F 72 24.20 2.68 65.26
C ARG F 72 23.89 3.49 64.02
N VAL F 73 23.33 4.70 64.20
CA VAL F 73 23.04 5.53 63.04
C VAL F 73 24.34 5.98 62.36
N SER F 74 25.43 6.04 63.12
CA SER F 74 26.73 6.37 62.53
C SER F 74 27.20 5.27 61.59
N GLY F 75 27.07 4.02 62.01
CA GLY F 75 27.48 2.91 61.17
C GLY F 75 26.50 2.64 60.04
N GLN F 76 25.25 3.08 60.19
CA GLN F 76 24.25 2.84 59.15
C GLN F 76 24.58 3.57 57.86
N THR F 77 25.41 4.61 57.94
CA THR F 77 25.73 5.42 56.77
C THR F 77 26.47 4.59 55.73
N GLN F 78 25.99 4.66 54.49
CA GLN F 78 26.64 3.96 53.38
C GLN F 78 26.30 4.66 52.07
N PHE F 79 27.32 4.87 51.24
CA PHE F 79 27.16 5.59 49.99
C PHE F 79 28.34 5.27 49.09
N ASN F 80 28.06 4.84 47.86
CA ASN F 80 29.09 4.43 46.91
C ASN F 80 30.02 3.38 47.48
N GLY F 81 29.52 2.56 48.40
CA GLY F 81 30.31 1.51 49.00
C GLY F 81 31.27 1.96 50.06
N VAL F 82 31.25 3.25 50.43
CA VAL F 82 32.16 3.79 51.44
C VAL F 82 31.33 4.47 52.51
N LYS F 83 31.85 4.47 53.73
CA LYS F 83 31.17 5.02 54.89
C LYS F 83 31.80 6.36 55.26
N VAL F 84 30.95 7.28 55.74
CA VAL F 84 31.36 8.65 55.98
C VAL F 84 32.50 8.73 56.99
N LEU F 85 32.46 7.89 58.03
CA LEU F 85 33.39 8.02 59.14
C LEU F 85 34.06 6.71 59.51
N ALA F 86 33.98 5.69 58.65
CA ALA F 86 34.73 4.47 58.92
C ALA F 86 36.23 4.71 58.90
N GLN F 87 36.72 5.39 57.87
CA GLN F 87 38.13 5.71 57.74
C GLN F 87 38.30 7.17 57.34
N ASP F 88 39.40 7.76 57.78
CA ASP F 88 39.71 9.16 57.49
C ASP F 88 40.55 9.22 56.21
N ASN F 89 39.87 9.16 55.06
CA ASN F 89 40.53 9.18 53.76
C ASN F 89 40.16 10.45 53.02
N THR F 90 41.18 11.13 52.50
CA THR F 90 40.97 12.31 51.65
C THR F 90 40.51 11.84 50.28
N LEU F 91 39.21 11.56 50.18
CA LEU F 91 38.67 11.00 48.95
C LEU F 91 38.78 12.02 47.83
N THR F 92 39.44 11.62 46.74
CA THR F 92 39.69 12.51 45.61
C THR F 92 38.63 12.25 44.56
N ILE F 93 37.95 13.32 44.13
CA ILE F 93 36.87 13.19 43.16
C ILE F 93 37.45 12.82 41.81
N GLN F 94 37.03 11.68 41.27
CA GLN F 94 37.44 11.31 39.92
C GLN F 94 36.73 12.19 38.91
N VAL F 95 37.50 12.86 38.06
CA VAL F 95 36.97 13.85 37.12
C VAL F 95 37.40 13.47 35.71
N GLY F 96 36.42 13.39 34.81
CA GLY F 96 36.70 13.13 33.41
C GLY F 96 36.86 14.43 32.64
N ALA F 97 37.76 15.29 33.11
CA ALA F 97 38.02 16.60 32.52
C ALA F 97 36.77 17.48 32.53
N ASN F 98 35.89 17.27 33.51
CA ASN F 98 34.76 18.19 33.68
C ASN F 98 35.21 19.49 34.32
N ASP F 99 36.19 19.43 35.22
CA ASP F 99 36.77 20.60 35.86
C ASP F 99 38.26 20.67 35.55
N GLY F 100 38.86 21.83 35.85
CA GLY F 100 40.28 21.99 35.63
C GLY F 100 41.14 21.12 36.54
N GLU F 101 40.78 21.05 37.81
CA GLU F 101 41.53 20.28 38.80
C GLU F 101 40.56 19.44 39.63
N THR F 102 40.98 18.22 39.95
CA THR F 102 40.12 17.33 40.73
C THR F 102 39.87 17.89 42.11
N ILE F 103 38.73 17.54 42.69
CA ILE F 103 38.29 18.05 43.98
C ILE F 103 38.59 17.03 45.06
N ASP F 104 38.97 17.52 46.24
CA ASP F 104 39.34 16.67 47.37
C ASP F 104 38.31 16.84 48.48
N ILE F 105 37.98 15.74 49.15
CA ILE F 105 36.96 15.71 50.21
C ILE F 105 37.59 15.02 51.40
N ASP F 106 37.90 15.78 52.45
CA ASP F 106 38.65 15.27 53.58
C ASP F 106 37.67 14.84 54.67
N LEU F 107 37.52 13.53 54.84
CA LEU F 107 36.67 13.01 55.89
C LEU F 107 37.43 12.96 57.23
N LYS F 108 36.71 12.61 58.29
CA LYS F 108 37.27 12.57 59.62
C LYS F 108 36.65 11.42 60.41
N GLN F 109 37.35 11.03 61.48
CA GLN F 109 36.94 9.89 62.31
C GLN F 109 36.17 10.41 63.51
N ILE F 110 34.84 10.24 63.46
CA ILE F 110 33.97 10.66 64.55
C ILE F 110 33.23 9.42 65.05
N ASN F 111 33.72 8.86 66.16
CA ASN F 111 33.14 7.67 66.78
C ASN F 111 32.98 7.88 68.27
N SER F 112 32.01 7.16 68.85
CA SER F 112 31.77 7.28 70.29
C SER F 112 32.99 6.83 71.08
N GLN F 113 33.68 5.79 70.60
CA GLN F 113 34.92 5.38 71.24
C GLN F 113 35.99 6.45 71.10
N THR F 114 36.07 7.10 69.94
CA THR F 114 37.07 8.14 69.73
C THR F 114 36.82 9.34 70.64
N LEU F 115 35.57 9.80 70.69
CA LEU F 115 35.23 10.94 71.53
C LEU F 115 35.29 10.61 73.01
N GLY F 116 35.33 9.32 73.37
CA GLY F 116 35.48 8.91 74.74
C GLY F 116 34.22 8.96 75.56
N LEU F 117 33.11 9.46 75.00
CA LEU F 117 31.86 9.57 75.74
C LEU F 117 31.30 8.23 76.14
N ASP F 118 31.76 7.14 75.52
CA ASP F 118 31.34 5.81 75.96
C ASP F 118 31.80 5.55 77.39
N THR F 119 33.02 5.96 77.72
CA THR F 119 33.53 5.84 79.07
C THR F 119 33.02 6.93 80.00
N LEU F 120 32.40 7.97 79.45
CA LEU F 120 31.91 9.08 80.26
C LEU F 120 30.69 8.62 81.05
N ASN F 121 30.78 8.66 82.38
CA ASN F 121 29.76 8.13 83.26
C ASN F 121 29.38 9.20 84.28
N VAL F 122 28.12 9.13 84.71
CA VAL F 122 27.58 10.10 85.66
C VAL F 122 27.07 9.45 86.94
N GLN F 123 26.75 8.15 86.92
CA GLN F 123 26.25 7.47 88.11
C GLN F 123 27.26 7.57 89.25
N GLN F 124 26.78 7.93 90.44
CA GLN F 124 27.62 8.09 91.61
C GLN F 124 27.63 6.83 92.44
N LYS F 125 28.77 6.54 93.07
CA LYS F 125 28.92 5.37 93.91
C LYS F 125 28.58 5.72 95.36
N TYR F 126 27.66 4.95 95.94
CA TYR F 126 27.34 5.04 97.35
C TYR F 126 27.56 3.67 97.99
N LYS F 127 27.73 3.69 99.31
CA LYS F 127 28.08 2.48 100.05
C LYS F 127 27.01 1.41 99.89
N VAL F 128 27.46 0.16 99.74
CA VAL F 128 26.56 -0.97 99.56
C VAL F 128 26.20 -1.54 100.92
N SER F 129 24.90 -1.76 101.14
CA SER F 129 24.42 -2.37 102.38
C SER F 129 24.55 -3.90 102.30
N ASP F 130 25.77 -4.34 102.02
CA ASP F 130 26.05 -5.76 101.90
C ASP F 130 26.00 -6.43 103.27
N THR F 131 25.65 -7.72 103.27
CA THR F 131 25.57 -8.51 104.49
C THR F 131 26.67 -9.57 104.46
N ALA F 132 27.68 -9.39 105.31
CA ALA F 132 28.72 -10.40 105.47
C ALA F 132 28.17 -11.57 106.27
N ALA F 133 28.57 -12.78 105.89
CA ALA F 133 28.07 -14.01 106.49
C ALA F 133 26.54 -14.06 106.43
N THR F 134 26.02 -13.70 105.26
CA THR F 134 24.57 -13.55 105.09
C THR F 134 23.85 -14.88 105.24
N VAL F 135 24.46 -15.97 104.77
CA VAL F 135 23.89 -17.31 104.80
C VAL F 135 22.55 -17.27 104.06
N THR F 136 22.58 -16.88 102.80
CA THR F 136 21.42 -16.94 101.90
C THR F 136 21.78 -17.89 100.76
N GLY F 137 21.46 -19.16 100.95
CA GLY F 137 21.87 -20.20 100.01
C GLY F 137 23.06 -20.99 100.51
N TYR F 138 23.10 -22.26 100.12
CA TYR F 138 24.14 -23.18 100.55
C TYR F 138 24.97 -23.61 99.35
N ALA F 139 26.22 -24.00 99.62
CA ALA F 139 27.10 -24.46 98.57
C ALA F 139 26.70 -25.85 98.10
N ASP F 140 27.22 -26.24 96.95
CA ASP F 140 26.96 -27.55 96.38
C ASP F 140 28.28 -28.25 96.06
N THR F 141 28.29 -29.57 96.20
CA THR F 141 29.44 -30.39 95.86
C THR F 141 29.17 -31.14 94.57
N THR F 142 30.13 -31.09 93.64
CA THR F 142 29.97 -31.71 92.33
C THR F 142 30.88 -32.91 92.14
N ILE F 143 32.04 -32.94 92.81
CA ILE F 143 32.96 -34.06 92.62
C ILE F 143 32.40 -35.31 93.27
N ALA F 144 32.96 -36.46 92.88
CA ALA F 144 32.49 -37.75 93.34
C ALA F 144 33.57 -38.46 94.14
N LEU F 145 33.13 -39.23 95.14
CA LEU F 145 34.05 -40.01 95.95
C LEU F 145 34.58 -41.20 95.14
N ASP F 146 35.82 -41.59 95.45
CA ASP F 146 36.44 -42.70 94.75
C ASP F 146 35.86 -44.03 95.24
N ASN F 147 35.28 -44.79 94.31
CA ASN F 147 34.73 -46.09 94.65
C ASN F 147 35.80 -47.16 94.76
N SER F 148 37.00 -46.90 94.24
CA SER F 148 38.07 -47.88 94.30
C SER F 148 38.50 -48.16 95.73
N THR F 149 38.65 -47.10 96.54
CA THR F 149 39.02 -47.29 97.94
C THR F 149 37.92 -48.03 98.70
N PHE F 150 36.66 -47.70 98.42
CA PHE F 150 35.55 -48.40 99.08
C PHE F 150 35.55 -49.88 98.72
N LYS F 151 35.75 -50.20 97.44
CA LYS F 151 35.79 -51.61 97.03
C LYS F 151 36.98 -52.33 97.65
N ALA F 152 38.13 -51.67 97.72
CA ALA F 152 39.30 -52.28 98.35
C ALA F 152 39.04 -52.55 99.83
N SER F 153 38.41 -51.59 100.52
CA SER F 153 38.07 -51.80 101.93
C SER F 153 37.09 -52.94 102.10
N ALA F 154 36.09 -53.03 101.21
CA ALA F 154 35.13 -54.13 101.28
C ALA F 154 35.81 -55.48 101.07
N THR F 155 36.73 -55.55 100.10
CA THR F 155 37.46 -56.80 99.87
C THR F 155 38.33 -57.16 101.05
N GLY F 156 39.00 -56.18 101.64
CA GLY F 156 39.87 -56.45 102.78
C GLY F 156 39.10 -56.90 104.01
N LEU F 157 37.98 -56.24 104.30
CA LEU F 157 37.20 -56.58 105.49
C LEU F 157 36.55 -57.95 105.37
N GLY F 158 36.12 -58.34 104.18
CA GLY F 158 35.48 -59.61 103.95
C GLY F 158 34.02 -59.43 103.54
N GLY F 159 33.37 -60.56 103.32
CA GLY F 159 31.98 -60.57 102.90
C GLY F 159 31.83 -60.49 101.39
N THR F 160 30.56 -60.56 100.96
CA THR F 160 30.27 -60.54 99.53
C THR F 160 30.49 -59.16 98.93
N ASP F 161 29.75 -58.16 99.42
CA ASP F 161 29.84 -56.81 98.88
C ASP F 161 29.24 -55.82 99.87
N GLN F 162 29.86 -54.65 99.97
CA GLN F 162 29.38 -53.59 100.86
C GLN F 162 29.25 -52.25 100.13
N LYS F 163 29.45 -52.21 98.81
CA LYS F 163 29.37 -50.97 98.08
C LYS F 163 27.92 -50.54 97.91
N ILE F 164 27.69 -49.22 97.99
CA ILE F 164 26.34 -48.69 97.84
C ILE F 164 25.92 -48.72 96.38
N ASP F 165 24.74 -49.26 96.13
CA ASP F 165 24.19 -49.29 94.78
C ASP F 165 23.47 -47.97 94.48
N GLY F 166 23.72 -47.41 93.31
CA GLY F 166 23.11 -46.16 92.93
C GLY F 166 23.85 -44.95 93.47
N ASP F 167 23.25 -43.79 93.25
CA ASP F 167 23.85 -42.53 93.70
C ASP F 167 23.82 -42.44 95.22
N LEU F 168 24.83 -41.80 95.77
CA LEU F 168 24.96 -41.62 97.21
C LEU F 168 24.18 -40.38 97.66
N LYS F 169 23.68 -40.45 98.90
CA LYS F 169 22.93 -39.35 99.50
C LYS F 169 23.75 -38.74 100.62
N PHE F 170 23.97 -37.43 100.53
CA PHE F 170 24.65 -36.67 101.57
C PHE F 170 23.69 -35.62 102.11
N ASP F 171 23.50 -35.61 103.43
CA ASP F 171 22.59 -34.69 104.08
C ASP F 171 23.34 -33.87 105.12
N ASP F 172 23.15 -32.56 105.08
CA ASP F 172 23.80 -31.69 106.07
C ASP F 172 23.13 -31.82 107.43
N THR F 173 21.83 -32.10 107.45
CA THR F 173 21.13 -32.26 108.73
C THR F 173 21.64 -33.47 109.50
N THR F 174 21.89 -34.58 108.81
CA THR F 174 22.39 -35.77 109.47
C THR F 174 23.80 -35.54 110.03
N GLY F 175 24.64 -34.85 109.27
CA GLY F 175 26.01 -34.60 109.68
C GLY F 175 26.99 -35.68 109.32
N LYS F 176 26.53 -36.80 108.76
CA LYS F 176 27.39 -37.90 108.38
C LYS F 176 26.86 -38.52 107.09
N TYR F 177 27.74 -39.21 106.37
CA TYR F 177 27.36 -39.84 105.12
C TYR F 177 26.77 -41.23 105.37
N TYR F 178 25.89 -41.65 104.46
CA TYR F 178 25.18 -42.90 104.59
C TYR F 178 25.92 -43.99 103.82
N ALA F 179 26.18 -45.10 104.50
CA ALA F 179 26.79 -46.29 103.90
C ALA F 179 25.87 -47.47 104.11
N LYS F 180 25.69 -48.29 103.08
CA LYS F 180 24.78 -49.42 103.13
C LYS F 180 25.56 -50.72 102.92
N VAL F 181 25.27 -51.72 103.74
CA VAL F 181 25.85 -53.06 103.62
C VAL F 181 24.70 -54.00 103.29
N THR F 182 24.80 -54.67 102.14
CA THR F 182 23.75 -55.59 101.73
C THR F 182 23.71 -56.82 102.64
N VAL F 183 22.51 -57.22 103.02
CA VAL F 183 22.30 -58.37 103.89
C VAL F 183 21.35 -59.34 103.18
N THR F 184 21.72 -60.62 103.19
CA THR F 184 20.95 -61.67 102.54
C THR F 184 20.30 -62.55 103.60
N GLY F 185 19.06 -62.96 103.34
CA GLY F 185 18.31 -63.78 104.29
C GLY F 185 17.91 -63.04 105.54
N GLY F 186 17.57 -61.77 105.44
CA GLY F 186 17.12 -61.00 106.58
C GLY F 186 16.40 -59.74 106.12
N THR F 187 15.56 -59.22 107.02
CA THR F 187 14.78 -58.02 106.75
C THR F 187 15.10 -56.96 107.79
N GLY F 188 15.39 -55.75 107.32
CA GLY F 188 15.66 -54.64 108.21
C GLY F 188 17.11 -54.52 108.61
N LYS F 189 17.89 -55.58 108.39
CA LYS F 189 19.31 -55.54 108.75
C LYS F 189 20.08 -54.63 107.80
N ASP F 190 19.71 -54.59 106.53
CA ASP F 190 20.37 -53.73 105.55
C ASP F 190 19.77 -52.32 105.66
N GLY F 191 20.58 -51.36 106.09
CA GLY F 191 20.11 -50.01 106.27
C GLY F 191 21.26 -49.03 106.24
N TYR F 192 20.92 -47.74 106.16
CA TYR F 192 21.94 -46.70 106.14
C TYR F 192 22.65 -46.63 107.48
N TYR F 193 23.97 -46.44 107.44
CA TYR F 193 24.78 -46.23 108.63
C TYR F 193 25.56 -44.94 108.46
N GLU F 194 25.77 -44.24 109.57
CA GLU F 194 26.42 -42.94 109.56
C GLU F 194 27.93 -43.11 109.70
N VAL F 195 28.67 -42.65 108.68
CA VAL F 195 30.12 -42.75 108.66
C VAL F 195 30.70 -41.43 108.16
N SER F 196 32.00 -41.24 108.39
CA SER F 196 32.72 -40.06 107.94
C SER F 196 33.81 -40.49 106.97
N VAL F 197 33.97 -39.73 105.89
CA VAL F 197 34.90 -40.05 104.82
C VAL F 197 36.06 -39.07 104.87
N ASP F 198 37.28 -39.60 104.93
CA ASP F 198 38.50 -38.80 104.96
C ASP F 198 39.14 -38.84 103.58
N LYS F 199 39.40 -37.66 103.01
CA LYS F 199 40.04 -37.60 101.69
C LYS F 199 41.52 -37.94 101.76
N THR F 200 42.22 -37.47 102.81
CA THR F 200 43.65 -37.76 102.93
C THR F 200 43.89 -39.24 103.22
N ASN F 201 43.15 -39.80 104.18
CA ASN F 201 43.32 -41.22 104.50
C ASN F 201 42.71 -42.12 103.43
N GLY F 202 41.51 -41.79 102.96
CA GLY F 202 40.82 -42.61 101.99
C GLY F 202 40.10 -43.81 102.54
N GLU F 203 40.13 -44.02 103.85
CA GLU F 203 39.49 -45.16 104.48
C GLU F 203 38.73 -44.71 105.72
N VAL F 204 37.66 -45.42 106.04
CA VAL F 204 36.84 -45.09 107.21
C VAL F 204 37.51 -45.67 108.45
N THR F 205 37.74 -44.81 109.44
CA THR F 205 38.34 -45.19 110.71
C THR F 205 37.30 -45.10 111.82
N LEU F 206 37.21 -46.14 112.63
CA LEU F 206 36.21 -46.23 113.69
C LEU F 206 36.89 -46.07 115.05
N ALA F 207 36.31 -45.25 115.90
CA ALA F 207 36.80 -45.04 117.25
C ALA F 207 36.18 -46.07 118.20
N GLY F 208 37.02 -46.78 118.95
CA GLY F 208 36.57 -47.77 119.89
C GLY F 208 36.41 -49.17 119.34
N GLY F 209 36.52 -49.34 118.03
CA GLY F 209 36.40 -50.66 117.43
C GLY F 209 35.02 -51.27 117.55
N ALA F 210 33.97 -50.46 117.33
CA ALA F 210 32.59 -50.95 117.37
C ALA F 210 32.21 -51.42 115.98
N THR F 211 32.44 -52.70 115.71
CA THR F 211 32.14 -53.25 114.40
C THR F 211 30.63 -53.34 114.15
N SER F 212 29.86 -53.55 115.20
CA SER F 212 28.42 -53.71 115.05
C SER F 212 27.78 -52.41 114.55
N PRO F 213 27.04 -52.44 113.45
CA PRO F 213 26.38 -51.22 112.97
C PRO F 213 25.20 -50.85 113.85
N LEU F 214 24.74 -49.62 113.68
CA LEU F 214 23.60 -49.13 114.45
C LEU F 214 22.34 -49.90 114.11
N THR F 215 21.53 -50.15 115.13
CA THR F 215 20.29 -50.90 114.97
C THR F 215 19.20 -49.95 114.49
N GLY F 216 17.96 -50.45 114.45
CA GLY F 216 16.82 -49.68 114.02
C GLY F 216 16.44 -49.87 112.56
N GLY F 217 17.32 -50.46 111.76
CA GLY F 217 17.03 -50.63 110.35
C GLY F 217 16.85 -49.29 109.67
N LEU F 218 15.74 -49.14 108.96
CA LEU F 218 15.43 -47.86 108.33
C LEU F 218 15.02 -46.87 109.40
N PRO F 219 15.73 -45.75 109.58
CA PRO F 219 15.39 -44.81 110.65
C PRO F 219 14.11 -44.04 110.36
N ALA F 220 13.41 -43.69 111.43
CA ALA F 220 12.16 -42.94 111.31
C ALA F 220 12.40 -41.48 110.93
N THR F 221 13.49 -40.88 111.42
CA THR F 221 13.78 -39.49 111.07
C THR F 221 14.18 -39.37 109.61
N ALA F 222 14.93 -40.34 109.09
CA ALA F 222 15.32 -40.40 107.69
C ALA F 222 14.65 -41.62 107.07
N THR F 223 13.43 -41.42 106.60
CA THR F 223 12.63 -42.51 106.04
C THR F 223 12.38 -42.38 104.55
N GLU F 224 12.47 -41.18 103.99
CA GLU F 224 12.22 -40.95 102.57
C GLU F 224 13.52 -40.66 101.86
N ASP F 225 13.85 -41.47 100.86
CA ASP F 225 15.08 -41.30 100.10
C ASP F 225 14.88 -40.25 99.02
N VAL F 226 15.75 -39.24 99.01
CA VAL F 226 15.68 -38.14 98.07
C VAL F 226 17.00 -38.08 97.31
N LYS F 227 16.92 -37.96 95.99
CA LYS F 227 18.10 -37.92 95.15
C LYS F 227 18.80 -36.57 95.15
N ASN F 228 18.20 -35.56 95.78
CA ASN F 228 18.84 -34.24 95.85
C ASN F 228 20.11 -34.31 96.70
N VAL F 229 21.13 -33.58 96.27
CA VAL F 229 22.43 -33.59 96.92
C VAL F 229 22.69 -32.17 97.42
N GLN F 230 23.00 -32.06 98.72
CA GLN F 230 23.34 -30.78 99.34
C GLN F 230 24.59 -30.95 100.19
N VAL F 231 25.39 -29.89 100.27
CA VAL F 231 26.56 -29.83 101.12
C VAL F 231 26.53 -28.52 101.90
N ALA F 232 27.27 -28.49 103.00
CA ALA F 232 27.28 -27.31 103.85
C ALA F 232 27.92 -26.12 103.15
N ASN F 233 27.50 -24.92 103.54
CA ASN F 233 28.04 -23.71 102.93
C ASN F 233 29.50 -23.48 103.28
N ALA F 234 30.02 -24.14 104.32
CA ALA F 234 31.42 -23.99 104.66
C ALA F 234 32.33 -24.66 103.64
N ASP F 235 31.78 -25.54 102.81
CA ASP F 235 32.59 -26.27 101.84
C ASP F 235 32.99 -25.36 100.68
N LEU F 236 31.99 -24.82 99.97
CA LEU F 236 32.21 -23.93 98.83
C LEU F 236 33.10 -24.59 97.77
N THR F 237 32.72 -25.81 97.38
CA THR F 237 33.51 -26.55 96.40
C THR F 237 33.53 -25.84 95.05
N GLU F 238 32.35 -25.50 94.52
CA GLU F 238 32.30 -24.89 93.19
C GLU F 238 32.92 -23.50 93.19
N ALA F 239 32.63 -22.70 94.22
CA ALA F 239 33.16 -21.33 94.25
C ALA F 239 34.68 -21.31 94.35
N LYS F 240 35.24 -22.08 95.28
CA LYS F 240 36.70 -22.14 95.39
C LYS F 240 37.32 -22.75 94.14
N ALA F 241 36.68 -23.77 93.56
CA ALA F 241 37.22 -24.37 92.35
C ALA F 241 37.30 -23.36 91.21
N ALA F 242 36.22 -22.60 90.99
CA ALA F 242 36.22 -21.60 89.94
C ALA F 242 37.22 -20.48 90.23
N LEU F 243 37.30 -20.05 91.49
CA LEU F 243 38.22 -18.97 91.84
C LEU F 243 39.67 -19.39 91.64
N THR F 244 40.00 -20.63 91.99
CA THR F 244 41.36 -21.13 91.75
C THR F 244 41.60 -21.35 90.27
N ALA F 245 40.56 -21.71 89.51
CA ALA F 245 40.69 -21.80 88.07
C ALA F 245 41.01 -20.43 87.47
N ALA F 246 40.46 -19.37 88.07
CA ALA F 246 40.85 -18.02 87.66
C ALA F 246 42.31 -17.73 88.01
N GLY F 247 42.80 -18.31 89.10
CA GLY F 247 44.17 -18.15 89.51
C GLY F 247 44.41 -17.34 90.77
N VAL F 248 43.40 -17.16 91.62
CA VAL F 248 43.54 -16.39 92.85
C VAL F 248 42.91 -17.19 93.99
N THR F 249 43.60 -17.22 95.13
CA THR F 249 43.14 -17.94 96.31
C THR F 249 43.20 -17.00 97.51
N GLY F 250 42.25 -17.14 98.42
CA GLY F 250 42.21 -16.31 99.60
C GLY F 250 40.85 -16.37 100.28
N THR F 251 40.60 -15.36 101.10
CA THR F 251 39.32 -15.26 101.81
C THR F 251 38.27 -14.66 100.89
N ALA F 252 37.07 -15.26 100.88
CA ALA F 252 35.98 -14.83 100.03
C ALA F 252 34.94 -14.06 100.83
N SER F 253 34.53 -12.90 100.32
CA SER F 253 33.57 -12.03 100.99
C SER F 253 32.29 -11.95 100.19
N VAL F 254 31.16 -12.11 100.87
CA VAL F 254 29.84 -12.08 100.26
C VAL F 254 29.24 -10.69 100.42
N VAL F 255 28.60 -10.20 99.35
CA VAL F 255 28.06 -8.85 99.29
C VAL F 255 26.67 -8.87 98.69
N LYS F 256 25.96 -7.76 98.88
CA LYS F 256 24.60 -7.59 98.38
C LYS F 256 24.51 -6.36 97.49
N MET F 257 23.71 -6.47 96.43
CA MET F 257 23.50 -5.42 95.45
C MET F 257 22.62 -4.33 96.06
N SER F 258 23.19 -3.65 97.07
CA SER F 258 22.42 -2.73 97.89
C SER F 258 23.07 -1.35 97.90
N TYR F 259 22.34 -0.40 98.51
CA TYR F 259 22.82 1.00 98.60
C TYR F 259 22.58 1.55 100.02
N THR F 260 23.64 1.92 100.74
CA THR F 260 23.54 2.52 102.05
C THR F 260 23.25 4.01 101.86
N ASP F 261 21.98 4.39 101.98
CA ASP F 261 21.55 5.75 101.73
C ASP F 261 20.37 6.05 102.64
N ASN F 262 19.63 7.12 102.33
CA ASN F 262 18.49 7.49 103.16
C ASN F 262 17.43 6.39 103.18
N ASN F 263 17.16 5.78 102.04
CA ASN F 263 16.16 4.70 102.00
C ASN F 263 16.69 3.42 102.62
N GLY F 264 18.00 3.20 102.59
CA GLY F 264 18.57 1.98 103.13
C GLY F 264 18.23 0.77 102.28
N LYS F 265 18.70 0.76 101.04
CA LYS F 265 18.37 -0.33 100.12
C LYS F 265 19.06 -1.61 100.56
N THR F 266 18.38 -2.74 100.34
CA THR F 266 18.93 -4.06 100.64
C THR F 266 18.40 -5.04 99.60
N ILE F 267 19.26 -5.46 98.68
CA ILE F 267 18.90 -6.38 97.61
C ILE F 267 19.93 -7.50 97.59
N ASP F 268 19.45 -8.75 97.61
CA ASP F 268 20.34 -9.90 97.68
C ASP F 268 21.20 -10.01 96.43
N GLY F 269 22.46 -10.37 96.62
CA GLY F 269 23.38 -10.59 95.52
C GLY F 269 23.77 -12.04 95.35
N GLY F 270 23.02 -12.95 95.97
CA GLY F 270 23.29 -14.36 95.84
C GLY F 270 24.57 -14.77 96.55
N LEU F 271 25.09 -15.92 96.11
CA LEU F 271 26.34 -16.46 96.66
C LEU F 271 27.55 -15.76 96.04
N ALA F 272 27.64 -14.46 96.34
CA ALA F 272 28.73 -13.64 95.83
C ALA F 272 29.97 -13.73 96.73
N VAL F 273 30.41 -14.96 97.00
CA VAL F 273 31.57 -15.19 97.86
C VAL F 273 32.80 -15.19 96.95
N LYS F 274 33.39 -14.00 96.78
CA LYS F 274 34.52 -13.82 95.89
C LYS F 274 35.70 -13.26 96.66
N VAL F 275 36.90 -13.69 96.28
CA VAL F 275 38.11 -13.25 96.97
C VAL F 275 38.58 -11.90 96.44
N GLY F 276 38.66 -11.76 95.12
CA GLY F 276 39.09 -10.50 94.54
C GLY F 276 38.03 -9.43 94.66
N ASP F 277 38.45 -8.18 94.41
CA ASP F 277 37.52 -7.06 94.49
C ASP F 277 36.36 -7.23 93.53
N ASP F 278 36.57 -7.92 92.41
CA ASP F 278 35.48 -8.23 91.51
C ASP F 278 34.54 -9.24 92.17
N TYR F 279 33.41 -8.75 92.66
CA TYR F 279 32.46 -9.56 93.40
C TYR F 279 31.42 -10.12 92.44
N TYR F 280 31.77 -11.21 91.76
CA TYR F 280 30.80 -11.91 90.92
C TYR F 280 29.69 -12.48 91.78
N SER F 281 28.48 -12.51 91.21
CA SER F 281 27.31 -13.01 91.92
C SER F 281 26.88 -14.33 91.28
N ALA F 282 26.82 -15.39 92.08
CA ALA F 282 26.39 -16.70 91.63
C ALA F 282 24.87 -16.78 91.69
N THR F 283 24.27 -17.43 90.70
CA THR F 283 22.82 -17.52 90.58
C THR F 283 22.30 -18.68 91.43
N GLN F 284 21.43 -18.37 92.38
CA GLN F 284 20.87 -19.40 93.24
C GLN F 284 19.70 -20.08 92.58
N ASN F 285 19.70 -21.41 92.61
CA ASN F 285 18.66 -22.20 91.99
C ASN F 285 17.57 -22.55 93.02
N LYS F 286 16.55 -23.29 92.56
CA LYS F 286 15.46 -23.66 93.46
C LYS F 286 15.95 -24.61 94.55
N ASP F 287 16.80 -25.57 94.20
CA ASP F 287 17.27 -26.57 95.16
C ASP F 287 18.45 -26.09 96.00
N GLY F 288 18.93 -24.88 95.78
CA GLY F 288 20.03 -24.33 96.55
C GLY F 288 21.38 -24.46 95.90
N SER F 289 21.53 -25.36 94.92
CA SER F 289 22.79 -25.46 94.19
C SER F 289 23.03 -24.19 93.38
N ILE F 290 24.27 -23.76 93.32
CA ILE F 290 24.60 -22.49 92.68
C ILE F 290 24.86 -22.72 91.19
N SER F 291 24.79 -21.65 90.42
CA SER F 291 25.14 -21.65 89.01
C SER F 291 26.08 -20.49 88.73
N ILE F 292 27.13 -20.76 87.94
CA ILE F 292 28.13 -19.76 87.59
C ILE F 292 27.77 -19.23 86.21
N ASN F 293 27.49 -17.94 86.14
CA ASN F 293 27.11 -17.27 84.89
C ASN F 293 28.29 -16.45 84.42
N THR F 294 29.09 -17.03 83.53
CA THR F 294 30.21 -16.34 82.91
C THR F 294 29.88 -16.07 81.45
N THR F 295 29.93 -14.80 81.06
CA THR F 295 29.53 -14.41 79.72
C THR F 295 30.47 -14.98 78.68
N LYS F 296 29.91 -15.52 77.61
CA LYS F 296 30.68 -16.10 76.52
C LYS F 296 31.12 -15.00 75.55
N TYR F 297 32.38 -15.04 75.15
CA TYR F 297 32.93 -14.08 74.22
C TYR F 297 33.78 -14.79 73.17
N THR F 298 33.86 -14.20 71.98
CA THR F 298 34.71 -14.72 70.92
C THR F 298 35.90 -13.78 70.76
N ALA F 299 37.11 -14.33 70.89
CA ALA F 299 38.34 -13.55 70.80
C ALA F 299 38.82 -13.51 69.34
N ASP F 300 40.06 -13.07 69.14
CA ASP F 300 40.63 -13.04 67.80
C ASP F 300 40.71 -14.43 67.18
N ASP F 301 40.83 -15.46 68.00
CA ASP F 301 40.85 -16.82 67.47
C ASP F 301 39.46 -17.30 67.04
N GLY F 302 38.42 -16.61 67.46
CA GLY F 302 37.06 -17.01 67.13
C GLY F 302 36.47 -18.09 68.00
N THR F 303 37.16 -18.45 69.08
CA THR F 303 36.72 -19.53 69.96
C THR F 303 35.92 -18.97 71.13
N SER F 304 34.79 -19.62 71.42
CA SER F 304 33.94 -19.19 72.53
C SER F 304 34.63 -19.49 73.85
N LYS F 305 34.86 -18.44 74.64
CA LYS F 305 35.53 -18.56 75.93
C LYS F 305 34.74 -17.83 77.00
N THR F 306 34.90 -18.26 78.23
CA THR F 306 34.24 -17.67 79.38
C THR F 306 35.27 -17.19 80.39
N ALA F 307 35.03 -16.00 80.96
CA ALA F 307 35.93 -15.41 81.94
C ALA F 307 35.11 -14.97 83.14
N LEU F 308 35.79 -14.87 84.28
CA LEU F 308 35.14 -14.46 85.52
C LEU F 308 34.62 -13.02 85.40
N ASN F 309 33.44 -12.80 85.95
CA ASN F 309 32.79 -11.50 85.85
C ASN F 309 33.38 -10.51 86.85
N LYS F 310 33.10 -9.24 86.62
CA LYS F 310 33.60 -8.16 87.46
C LYS F 310 32.48 -7.16 87.68
N LEU F 311 32.50 -6.52 88.86
CA LEU F 311 31.50 -5.51 89.17
C LEU F 311 31.50 -4.42 88.12
N GLY F 312 30.31 -4.04 87.67
CA GLY F 312 30.15 -3.04 86.63
C GLY F 312 29.51 -1.77 87.19
N GLY F 313 29.81 -0.65 86.53
CA GLY F 313 29.27 0.62 86.96
C GLY F 313 30.01 1.20 88.15
N ALA F 314 29.69 2.46 88.46
CA ALA F 314 30.26 3.10 89.63
C ALA F 314 29.85 2.39 90.91
N ASP F 315 28.56 2.05 91.01
CA ASP F 315 28.06 1.29 92.15
C ASP F 315 28.43 -0.19 92.07
N GLY F 316 28.56 -0.72 90.86
CA GLY F 316 28.81 -2.15 90.68
C GLY F 316 27.57 -2.99 90.54
N LYS F 317 26.39 -2.38 90.39
CA LYS F 317 25.17 -3.16 90.24
C LYS F 317 25.24 -4.06 89.01
N THR F 318 25.69 -3.51 87.89
CA THR F 318 25.88 -4.31 86.69
C THR F 318 27.15 -5.14 86.80
N GLU F 319 27.38 -5.97 85.80
CA GLU F 319 28.55 -6.84 85.76
C GLU F 319 29.28 -6.68 84.44
N VAL F 320 30.60 -6.85 84.49
CA VAL F 320 31.46 -6.72 83.32
C VAL F 320 32.43 -7.90 83.31
N VAL F 321 32.99 -8.17 82.12
CA VAL F 321 33.94 -9.25 81.92
C VAL F 321 35.28 -8.65 81.54
N SER F 322 36.33 -9.09 82.22
CA SER F 322 37.70 -8.67 81.93
C SER F 322 38.42 -9.78 81.18
N ILE F 323 38.86 -9.47 79.97
CA ILE F 323 39.60 -10.41 79.13
C ILE F 323 40.99 -9.82 78.92
N GLY F 324 42.02 -10.57 79.32
CA GLY F 324 43.39 -10.13 79.14
C GLY F 324 43.70 -8.82 79.86
N GLY F 325 42.99 -8.53 80.94
CA GLY F 325 43.16 -7.27 81.64
C GLY F 325 42.38 -6.11 81.07
N LYS F 326 41.69 -6.29 79.95
CA LYS F 326 40.88 -5.25 79.34
C LYS F 326 39.41 -5.56 79.59
N THR F 327 38.68 -4.59 80.11
CA THR F 327 37.33 -4.81 80.59
C THR F 327 36.30 -4.34 79.57
N TYR F 328 35.26 -5.15 79.39
CA TYR F 328 34.10 -4.76 78.60
C TYR F 328 32.85 -5.15 79.37
N ALA F 329 31.71 -4.59 78.95
CA ALA F 329 30.45 -4.88 79.63
C ALA F 329 30.04 -6.32 79.37
N ALA F 330 29.71 -7.04 80.45
CA ALA F 330 29.31 -8.44 80.33
C ALA F 330 28.04 -8.57 79.50
N SER F 331 27.06 -7.71 79.74
CA SER F 331 25.85 -7.72 78.93
C SER F 331 26.17 -7.41 77.47
N LYS F 332 27.04 -6.42 77.24
CA LYS F 332 27.43 -6.05 75.89
C LYS F 332 28.39 -7.05 75.27
N ALA F 333 29.11 -7.83 76.10
CA ALA F 333 29.99 -8.86 75.57
C ALA F 333 29.23 -10.00 74.91
N GLU F 334 27.92 -10.09 75.12
CA GLU F 334 27.11 -11.12 74.47
C GLU F 334 27.01 -10.83 72.98
N GLY F 335 27.29 -11.84 72.17
CA GLY F 335 27.29 -11.65 70.73
C GLY F 335 28.32 -10.67 70.24
N HIS F 336 29.50 -10.66 70.87
CA HIS F 336 30.56 -9.72 70.55
C HIS F 336 31.82 -10.48 70.14
N ASN F 337 32.55 -9.94 69.16
CA ASN F 337 33.74 -10.56 68.62
C ASN F 337 34.85 -9.52 68.51
N PHE F 338 36.04 -9.88 68.97
CA PHE F 338 37.18 -8.97 68.85
C PHE F 338 37.52 -8.70 67.38
N LYS F 339 37.41 -9.73 66.54
CA LYS F 339 37.70 -9.54 65.11
C LYS F 339 36.71 -8.57 64.47
N ALA F 340 35.42 -8.76 64.73
CA ALA F 340 34.42 -7.88 64.15
C ALA F 340 34.39 -6.51 64.83
N GLN F 341 34.47 -6.49 66.16
CA GLN F 341 34.46 -5.25 66.92
C GLN F 341 35.85 -5.01 67.50
N PRO F 342 36.60 -4.02 67.01
CA PRO F 342 37.96 -3.80 67.52
C PRO F 342 38.02 -3.53 69.02
N ASP F 343 37.05 -2.78 69.54
CA ASP F 343 37.00 -2.49 70.96
C ASP F 343 35.59 -2.03 71.34
N LEU F 344 35.27 -2.20 72.62
CA LEU F 344 34.01 -1.76 73.20
C LEU F 344 34.29 -0.88 74.41
N ALA F 345 33.22 -0.36 75.01
CA ALA F 345 33.37 0.52 76.16
C ALA F 345 33.95 -0.25 77.34
N GLU F 346 34.91 0.38 78.01
CA GLU F 346 35.61 -0.21 79.14
C GLU F 346 35.08 0.39 80.44
N ALA F 347 34.91 -0.46 81.45
CA ALA F 347 34.37 -0.02 82.71
C ALA F 347 35.23 1.06 83.35
N ALA F 348 34.58 2.09 83.89
CA ALA F 348 35.26 3.21 84.51
C ALA F 348 35.01 3.20 86.02
N ALA F 349 36.09 3.41 86.78
CA ALA F 349 35.98 3.41 88.23
C ALA F 349 35.20 4.63 88.70
N THR F 350 34.18 4.40 89.53
CA THR F 350 33.28 5.44 90.03
C THR F 350 32.67 6.23 88.87
N THR F 351 32.11 7.40 89.17
CA THR F 351 31.66 8.27 88.10
C THR F 351 32.86 8.82 87.35
N THR F 352 32.62 9.42 86.18
CA THR F 352 33.74 10.07 85.45
C THR F 352 34.35 11.13 86.38
N GLU F 353 35.66 11.01 86.64
CA GLU F 353 36.36 11.98 87.51
C GLU F 353 36.32 13.34 86.81
N ASN F 354 36.27 14.44 87.58
CA ASN F 354 36.12 15.78 86.97
C ASN F 354 34.79 15.86 86.20
N PRO F 355 33.63 16.00 86.87
CA PRO F 355 32.34 16.14 86.18
C PRO F 355 32.41 17.41 85.31
N LEU F 356 33.25 18.37 85.68
CA LEU F 356 33.45 19.59 84.84
C LEU F 356 33.97 19.12 83.48
N GLN F 357 34.81 18.08 83.46
CA GLN F 357 35.31 17.51 82.19
C GLN F 357 34.11 16.97 81.38
N LYS F 358 33.09 16.43 82.05
CA LYS F 358 31.89 15.96 81.30
C LYS F 358 31.29 17.15 80.55
N ILE F 359 31.23 18.31 81.19
CA ILE F 359 30.74 19.54 80.48
C ILE F 359 31.72 19.90 79.37
N ASP F 360 33.03 19.81 79.64
CA ASP F 360 34.05 20.24 78.65
C ASP F 360 34.06 19.28 77.45
N ALA F 361 34.20 17.99 77.69
CA ALA F 361 34.20 16.99 76.62
C ALA F 361 32.97 17.13 75.75
N ALA F 362 31.80 17.33 76.36
CA ALA F 362 30.59 17.53 75.56
C ALA F 362 30.73 18.78 74.70
N LEU F 363 31.22 19.88 75.29
CA LEU F 363 31.41 21.10 74.52
C LEU F 363 32.41 20.90 73.39
N ALA F 364 33.52 20.23 73.67
CA ALA F 364 34.56 20.04 72.66
C ALA F 364 34.08 19.16 71.52
N GLN F 365 33.29 18.13 71.83
CA GLN F 365 32.79 17.29 70.74
C GLN F 365 31.71 18.01 69.92
N VAL F 366 30.88 18.84 70.55
CA VAL F 366 30.00 19.71 69.75
C VAL F 366 30.82 20.59 68.84
N ASP F 367 31.91 21.17 69.38
CA ASP F 367 32.75 22.07 68.59
C ASP F 367 33.34 21.34 67.39
N THR F 368 33.89 20.15 67.61
CA THR F 368 34.48 19.39 66.52
C THR F 368 33.44 19.02 65.47
N LEU F 369 32.26 18.58 65.92
CA LEU F 369 31.22 18.18 64.97
C LEU F 369 30.77 19.36 64.13
N ARG F 370 30.56 20.53 64.76
CA ARG F 370 30.10 21.69 64.02
C ARG F 370 31.18 22.21 63.07
N SER F 371 32.45 22.20 63.50
CA SER F 371 33.53 22.62 62.62
C SER F 371 33.63 21.68 61.41
N ASP F 372 33.48 20.38 61.64
CA ASP F 372 33.49 19.43 60.54
C ASP F 372 32.35 19.70 59.57
N LEU F 373 31.15 19.94 60.09
CA LEU F 373 30.01 20.23 59.21
C LEU F 373 30.25 21.51 58.43
N GLY F 374 30.79 22.53 59.08
CA GLY F 374 31.03 23.79 58.39
C GLY F 374 32.03 23.63 57.26
N ALA F 375 33.15 22.95 57.53
CA ALA F 375 34.14 22.71 56.49
C ALA F 375 33.54 21.91 55.34
N VAL F 376 32.81 20.84 55.66
CA VAL F 376 32.21 20.02 54.62
C VAL F 376 31.26 20.85 53.76
N GLN F 377 30.36 21.59 54.41
CA GLN F 377 29.33 22.32 53.66
C GLN F 377 29.92 23.44 52.81
N ASN F 378 30.85 24.23 53.35
CA ASN F 378 31.37 25.35 52.56
C ASN F 378 32.29 24.85 51.44
N ARG F 379 33.10 23.82 51.72
CA ARG F 379 33.93 23.27 50.66
C ARG F 379 33.08 22.67 49.56
N PHE F 380 31.97 22.03 49.92
CA PHE F 380 31.10 21.43 48.91
C PHE F 380 30.35 22.49 48.11
N ASN F 381 29.95 23.58 48.75
CA ASN F 381 29.36 24.68 48.01
C ASN F 381 30.35 25.26 47.01
N SER F 382 31.61 25.43 47.43
CA SER F 382 32.64 25.90 46.50
C SER F 382 32.81 24.92 45.35
N ALA F 383 32.79 23.62 45.65
CA ALA F 383 32.95 22.61 44.59
C ALA F 383 31.81 22.66 43.59
N ILE F 384 30.57 22.80 44.08
CA ILE F 384 29.43 22.80 43.16
C ILE F 384 29.42 24.09 42.32
N THR F 385 29.81 25.22 42.92
CA THR F 385 29.92 26.45 42.14
C THR F 385 31.00 26.33 41.08
N ASN F 386 32.15 25.73 41.43
CA ASN F 386 33.20 25.54 40.45
C ASN F 386 32.73 24.62 39.33
N LEU F 387 31.97 23.57 39.67
CA LEU F 387 31.39 22.71 38.65
C LEU F 387 30.52 23.52 37.69
N GLY F 388 29.62 24.34 38.23
CA GLY F 388 28.75 25.12 37.36
C GLY F 388 29.52 26.07 36.46
N ASN F 389 30.48 26.80 37.04
CA ASN F 389 31.26 27.75 36.25
C ASN F 389 32.07 27.06 35.16
N THR F 390 32.76 25.98 35.49
CA THR F 390 33.56 25.30 34.47
C THR F 390 32.67 24.68 33.41
N VAL F 391 31.49 24.14 33.77
CA VAL F 391 30.61 23.55 32.77
C VAL F 391 30.13 24.62 31.80
N ASN F 392 29.65 25.76 32.32
CA ASN F 392 29.15 26.77 31.40
C ASN F 392 30.27 27.38 30.57
N ASN F 393 31.45 27.61 31.16
CA ASN F 393 32.56 28.18 30.40
C ASN F 393 33.00 27.23 29.29
N LEU F 394 33.18 25.94 29.60
CA LEU F 394 33.59 24.98 28.59
C LEU F 394 32.55 24.83 27.50
N THR F 395 31.26 24.76 27.87
CA THR F 395 30.22 24.62 26.88
C THR F 395 30.13 25.84 25.97
N SER F 396 30.26 27.04 26.54
CA SER F 396 30.28 28.24 25.70
C SER F 396 31.47 28.26 24.77
N ALA F 397 32.64 27.85 25.27
CA ALA F 397 33.85 27.87 24.44
C ALA F 397 33.76 26.87 23.30
N ARG F 398 33.25 25.66 23.57
CA ARG F 398 33.30 24.61 22.55
C ARG F 398 32.01 24.53 21.74
N SER F 399 31.00 25.31 22.08
CA SER F 399 29.71 25.15 21.41
C SER F 399 29.21 26.42 20.74
N ARG F 400 29.54 27.60 21.25
CA ARG F 400 28.98 28.82 20.70
C ARG F 400 29.45 29.05 19.26
N ILE F 401 30.72 28.81 18.99
CA ILE F 401 31.28 29.04 17.66
C ILE F 401 31.05 27.83 16.77
N ASP G 1 18.53 24.90 -12.86
CA ASP G 1 18.46 24.32 -14.20
C ASP G 1 19.84 23.81 -14.65
N LEU G 2 20.48 23.02 -13.78
CA LEU G 2 21.79 22.47 -14.11
C LEU G 2 21.70 21.53 -15.31
N THR G 3 20.69 20.65 -15.31
CA THR G 3 20.51 19.75 -16.44
C THR G 3 20.17 20.52 -17.71
N LYS G 4 19.32 21.55 -17.60
CA LYS G 4 18.99 22.38 -18.75
C LYS G 4 20.22 23.09 -19.29
N ASN G 5 21.05 23.64 -18.39
CA ASN G 5 22.27 24.31 -18.82
C ASN G 5 23.22 23.33 -19.51
N GLU G 6 23.36 22.12 -18.95
CA GLU G 6 24.24 21.13 -19.57
C GLU G 6 23.74 20.75 -20.96
N LYS G 7 22.43 20.52 -21.09
CA LYS G 7 21.87 20.15 -22.39
C LYS G 7 22.07 21.27 -23.40
N GLY G 8 21.90 22.53 -22.97
CA GLY G 8 22.14 23.65 -23.86
C GLY G 8 23.60 23.76 -24.27
N ARG G 9 24.53 23.46 -23.35
CA ARG G 9 25.94 23.61 -23.65
C ARG G 9 26.55 22.39 -24.31
N LEU G 10 25.78 21.30 -24.50
CA LEU G 10 26.33 20.11 -25.13
C LEU G 10 26.75 20.38 -26.57
N THR G 11 25.84 20.92 -27.38
CA THR G 11 26.06 21.07 -28.82
C THR G 11 25.66 22.48 -29.29
N PRO G 12 26.39 23.51 -28.86
CA PRO G 12 26.04 24.87 -29.28
C PRO G 12 26.63 25.27 -30.63
N ILE G 13 27.80 24.72 -30.96
CA ILE G 13 28.52 25.14 -32.17
C ILE G 13 28.94 23.92 -32.97
N THR G 14 28.85 22.73 -32.36
CA THR G 14 29.36 21.52 -32.99
C THR G 14 28.68 21.23 -34.31
N LYS G 15 27.39 21.56 -34.43
CA LYS G 15 26.69 21.34 -35.69
C LYS G 15 27.32 22.14 -36.82
N GLN G 16 27.88 23.31 -36.53
CA GLN G 16 28.53 24.11 -37.57
C GLN G 16 29.79 23.42 -38.09
N GLN G 17 30.61 22.88 -37.20
CA GLN G 17 31.79 22.13 -37.63
C GLN G 17 31.38 20.88 -38.40
N SER G 18 30.32 20.21 -37.95
CA SER G 18 29.81 19.04 -38.68
C SER G 18 29.37 19.44 -40.08
N ALA G 19 28.68 20.58 -40.21
CA ALA G 19 28.26 21.05 -41.53
C ALA G 19 29.46 21.38 -42.41
N ASN G 20 30.50 21.98 -41.83
CA ASN G 20 31.71 22.28 -42.60
C ASN G 20 32.39 21.00 -43.07
N SER G 21 32.44 19.99 -42.21
CA SER G 21 33.02 18.70 -42.61
C SER G 21 32.18 18.05 -43.71
N ALA G 22 30.86 18.15 -43.62
CA ALA G 22 30.00 17.64 -44.68
C ALA G 22 30.24 18.38 -45.99
N LYS G 23 30.45 19.70 -45.90
CA LYS G 23 30.77 20.48 -47.09
C LYS G 23 32.08 20.04 -47.71
N LEU G 24 33.08 19.76 -46.87
CA LEU G 24 34.37 19.27 -47.38
C LEU G 24 34.20 17.91 -48.06
N THR G 25 33.39 17.03 -47.47
CA THR G 25 33.12 15.74 -48.08
C THR G 25 32.39 15.91 -49.41
N ALA G 26 31.47 16.87 -49.47
CA ALA G 26 30.79 17.16 -50.73
C ALA G 26 31.77 17.67 -51.78
N TYR G 27 32.72 18.51 -51.36
CA TYR G 27 33.77 18.94 -52.28
C TYR G 27 34.56 17.76 -52.81
N GLY G 28 34.89 16.82 -51.92
CA GLY G 28 35.61 15.62 -52.37
C GLY G 28 34.80 14.79 -53.35
N THR G 29 33.49 14.64 -53.09
CA THR G 29 32.65 13.86 -53.99
C THR G 29 32.52 14.52 -55.35
N LEU G 30 32.34 15.85 -55.38
CA LEU G 30 32.25 16.53 -56.67
C LEU G 30 33.60 16.53 -57.37
N LYS G 31 34.70 16.52 -56.61
CA LYS G 31 36.02 16.37 -57.22
C LYS G 31 36.14 15.01 -57.89
N SER G 32 35.65 13.96 -57.23
CA SER G 32 35.65 12.63 -57.86
C SER G 32 34.79 12.62 -59.11
N ALA G 33 33.63 13.28 -59.05
CA ALA G 33 32.75 13.33 -60.22
C ALA G 33 33.41 14.05 -61.39
N LEU G 34 34.02 15.21 -61.13
CA LEU G 34 34.69 15.91 -62.21
C LEU G 34 35.92 15.15 -62.69
N GLU G 35 36.55 14.35 -61.82
CA GLU G 35 37.70 13.56 -62.25
C GLU G 35 37.27 12.41 -63.16
N LYS G 36 36.15 11.75 -62.85
CA LYS G 36 35.65 10.74 -63.77
C LYS G 36 35.18 11.40 -65.07
N PHE G 37 34.71 12.64 -65.01
CA PHE G 37 34.41 13.36 -66.23
C PHE G 37 35.69 13.68 -67.00
N GLN G 38 36.80 13.92 -66.29
CA GLN G 38 38.09 14.07 -66.95
C GLN G 38 38.46 12.79 -67.69
N THR G 39 38.24 11.64 -67.05
CA THR G 39 38.52 10.37 -67.72
C THR G 39 37.66 10.20 -68.97
N ALA G 40 36.39 10.58 -68.87
CA ALA G 40 35.52 10.52 -70.05
C ALA G 40 36.03 11.46 -71.15
N ASN G 41 36.49 12.65 -70.76
CA ASN G 41 37.04 13.60 -71.72
C ASN G 41 38.25 13.02 -72.42
N THR G 42 39.15 12.39 -71.65
CA THR G 42 40.34 11.79 -72.24
C THR G 42 39.97 10.60 -73.13
N ALA G 43 38.87 9.92 -72.80
CA ALA G 43 38.42 8.82 -73.64
C ALA G 43 37.89 9.32 -74.98
N LEU G 44 37.09 10.39 -74.97
CA LEU G 44 36.44 10.86 -76.18
C LEU G 44 37.24 11.90 -76.97
N ASN G 45 38.34 12.41 -76.41
CA ASN G 45 39.08 13.46 -77.10
C ASN G 45 39.66 12.97 -78.42
N LYS G 46 39.93 11.67 -78.52
CA LYS G 46 40.46 11.09 -79.75
C LYS G 46 39.38 11.07 -80.81
N ALA G 47 39.61 11.74 -81.94
CA ALA G 47 38.58 11.93 -82.95
C ALA G 47 38.61 10.89 -84.05
N ASP G 48 39.76 10.27 -84.33
CA ASP G 48 39.84 9.31 -85.43
C ASP G 48 39.00 8.07 -85.17
N LEU G 49 38.68 7.78 -83.90
CA LEU G 49 37.85 6.61 -83.60
C LEU G 49 36.44 6.77 -84.14
N PHE G 50 36.04 8.01 -84.44
CA PHE G 50 34.77 8.24 -85.13
C PHE G 50 34.77 7.72 -86.57
N LYS G 51 35.95 7.49 -87.14
CA LYS G 51 36.08 7.04 -88.52
C LYS G 51 36.42 5.56 -88.62
N SER G 52 35.92 4.73 -87.71
CA SER G 52 36.19 3.30 -87.74
C SER G 52 35.65 2.68 -89.02
N THR G 53 36.47 1.85 -89.65
CA THR G 53 36.11 1.09 -90.85
C THR G 53 36.63 -0.33 -90.76
N VAL G 54 36.44 -0.95 -89.59
CA VAL G 54 36.92 -2.32 -89.39
C VAL G 54 36.20 -3.28 -90.33
N ALA G 55 36.97 -4.13 -91.00
CA ALA G 55 36.42 -5.12 -91.91
C ALA G 55 37.36 -6.31 -91.97
N SER G 56 36.82 -7.44 -92.43
CA SER G 56 37.57 -8.68 -92.56
C SER G 56 37.52 -9.15 -94.00
N SER G 57 38.53 -9.92 -94.39
CA SER G 57 38.63 -10.45 -95.75
C SER G 57 37.66 -11.62 -95.94
N THR G 58 37.12 -11.71 -97.16
CA THR G 58 36.28 -12.86 -97.50
C THR G 58 37.11 -14.13 -97.55
N THR G 59 38.35 -14.04 -98.00
CA THR G 59 39.24 -15.19 -98.01
C THR G 59 39.66 -15.55 -96.60
N GLU G 60 39.95 -16.83 -96.38
CA GLU G 60 40.38 -17.31 -95.07
C GLU G 60 41.90 -17.39 -94.93
N ASP G 61 42.62 -17.48 -96.05
CA ASP G 61 44.07 -17.67 -95.98
C ASP G 61 44.76 -16.46 -95.37
N LEU G 62 44.34 -15.26 -95.74
CA LEU G 62 44.95 -14.03 -95.25
C LEU G 62 43.96 -13.27 -94.37
N LYS G 63 44.48 -12.59 -93.35
CA LYS G 63 43.66 -11.85 -92.42
C LYS G 63 44.15 -10.41 -92.32
N VAL G 64 43.22 -9.51 -92.05
CA VAL G 64 43.49 -8.08 -91.93
C VAL G 64 42.80 -7.57 -90.67
N SER G 65 43.52 -6.75 -89.91
CA SER G 65 42.99 -6.11 -88.71
C SER G 65 43.09 -4.60 -88.92
N THR G 66 41.95 -3.92 -88.82
CA THR G 66 41.87 -2.50 -89.14
C THR G 66 41.60 -1.69 -87.88
N THR G 67 42.36 -0.60 -87.71
CA THR G 67 42.13 0.33 -86.61
C THR G 67 41.42 1.58 -87.11
N ALA G 68 41.29 2.56 -86.21
CA ALA G 68 40.62 3.81 -86.55
C ALA G 68 41.41 4.62 -87.56
N GLY G 69 40.73 5.56 -88.21
CA GLY G 69 41.36 6.45 -89.16
C GLY G 69 41.46 5.92 -90.57
N ALA G 70 41.09 4.67 -90.81
CA ALA G 70 41.16 4.10 -92.16
C ALA G 70 39.85 4.33 -92.90
N ALA G 71 39.94 4.29 -94.23
CA ALA G 71 38.76 4.43 -95.07
C ALA G 71 38.25 3.07 -95.52
N ALA G 72 37.11 3.08 -96.19
CA ALA G 72 36.46 1.86 -96.66
C ALA G 72 36.55 1.80 -98.18
N GLY G 73 37.00 0.67 -98.70
CA GLY G 73 37.08 0.49 -100.14
C GLY G 73 37.58 -0.89 -100.48
N THR G 74 37.38 -1.26 -101.74
CA THR G 74 37.80 -2.57 -102.21
C THR G 74 39.32 -2.63 -102.41
N TYR G 75 39.86 -3.83 -102.31
CA TYR G 75 41.28 -4.07 -102.49
C TYR G 75 41.49 -5.44 -103.10
N LYS G 76 42.59 -5.58 -103.83
CA LYS G 76 42.91 -6.79 -104.57
C LYS G 76 44.22 -7.38 -104.07
N ILE G 77 44.23 -8.69 -103.85
CA ILE G 77 45.40 -9.40 -103.34
C ILE G 77 45.68 -10.58 -104.27
N ASN G 78 46.94 -10.74 -104.65
CA ASN G 78 47.40 -11.89 -105.41
C ASN G 78 48.79 -12.28 -104.95
N VAL G 79 48.98 -13.58 -104.70
CA VAL G 79 50.26 -14.13 -104.29
C VAL G 79 50.61 -15.27 -105.24
N THR G 80 51.78 -15.19 -105.86
CA THR G 80 52.23 -16.25 -106.76
C THR G 80 52.87 -17.41 -105.99
N GLN G 81 53.87 -17.10 -105.17
CA GLN G 81 54.53 -18.09 -104.33
C GLN G 81 54.48 -17.60 -102.89
N LEU G 82 54.27 -18.53 -101.96
CA LEU G 82 54.15 -18.18 -100.55
C LEU G 82 55.44 -17.58 -100.03
N ALA G 83 55.30 -16.68 -99.06
CA ALA G 83 56.46 -16.02 -98.46
C ALA G 83 57.44 -17.04 -97.91
N ALA G 84 58.70 -16.91 -98.32
CA ALA G 84 59.76 -17.82 -97.90
C ALA G 84 60.91 -17.00 -97.34
N ALA G 85 61.34 -17.34 -96.13
CA ALA G 85 62.49 -16.73 -95.50
C ALA G 85 63.70 -17.64 -95.66
N GLN G 86 64.79 -17.08 -96.18
CA GLN G 86 65.99 -17.89 -96.43
C GLN G 86 66.54 -18.43 -95.12
N SER G 87 66.81 -19.73 -95.09
CA SER G 87 67.29 -20.41 -93.90
C SER G 87 68.61 -21.11 -94.23
N LEU G 88 69.58 -20.96 -93.34
CA LEU G 88 70.91 -21.54 -93.51
C LEU G 88 71.19 -22.51 -92.37
N ALA G 89 71.60 -23.72 -92.72
CA ALA G 89 71.91 -24.77 -91.76
C ALA G 89 73.42 -24.94 -91.65
N THR G 90 73.90 -25.21 -90.44
CA THR G 90 75.34 -25.34 -90.21
C THR G 90 75.76 -26.79 -90.30
N LYS G 91 76.82 -27.03 -91.07
CA LYS G 91 77.37 -28.38 -91.25
C LYS G 91 78.41 -28.61 -90.17
N THR G 92 77.97 -29.25 -89.09
CA THR G 92 78.78 -29.48 -87.90
C THR G 92 79.25 -30.93 -87.82
N THR G 93 79.49 -31.54 -88.98
CA THR G 93 79.93 -32.94 -89.05
C THR G 93 81.42 -33.01 -88.72
N PHE G 94 81.71 -33.27 -87.45
CA PHE G 94 83.06 -33.49 -86.98
C PHE G 94 83.16 -34.87 -86.37
N ALA G 95 84.40 -35.29 -86.06
CA ALA G 95 84.62 -36.59 -85.47
C ALA G 95 83.91 -36.72 -84.13
N THR G 96 84.00 -35.69 -83.30
CA THR G 96 83.29 -35.63 -82.03
C THR G 96 82.52 -34.31 -81.96
N THR G 97 81.23 -34.41 -81.69
CA THR G 97 80.37 -33.24 -81.55
C THR G 97 79.99 -32.96 -80.11
N LYS G 98 80.42 -33.79 -79.16
CA LYS G 98 80.15 -33.53 -77.75
C LYS G 98 80.95 -32.34 -77.24
N GLU G 99 82.12 -32.09 -77.84
CA GLU G 99 82.95 -30.97 -77.42
C GLU G 99 82.32 -29.64 -77.86
N GLN G 100 82.68 -28.58 -77.14
CA GLN G 100 82.06 -27.27 -77.33
C GLN G 100 82.28 -26.78 -78.76
N LEU G 101 81.23 -26.21 -79.36
CA LEU G 101 81.33 -25.71 -80.72
C LEU G 101 82.38 -24.60 -80.84
N GLY G 102 82.42 -23.70 -79.87
CA GLY G 102 83.46 -22.69 -79.80
C GLY G 102 84.51 -23.08 -78.77
N ASP G 103 85.77 -22.81 -79.09
CA ASP G 103 86.85 -23.18 -78.22
C ASP G 103 86.85 -22.33 -76.95
N THR G 104 87.20 -22.97 -75.84
CA THR G 104 87.22 -22.31 -74.54
C THR G 104 88.54 -21.61 -74.24
N SER G 105 89.52 -21.71 -75.15
CA SER G 105 90.80 -21.03 -74.93
C SER G 105 90.62 -19.52 -74.92
N VAL G 106 89.81 -18.98 -75.84
CA VAL G 106 89.60 -17.54 -75.90
C VAL G 106 88.66 -17.12 -74.79
N THR G 107 89.06 -16.10 -74.02
CA THR G 107 88.27 -15.68 -72.88
C THR G 107 86.94 -15.06 -73.31
N SER G 108 86.90 -14.47 -74.49
CA SER G 108 85.68 -13.81 -74.97
C SER G 108 85.55 -14.03 -76.47
N ARG G 109 84.47 -14.70 -76.86
CA ARG G 109 84.20 -14.94 -78.27
C ARG G 109 83.96 -13.62 -78.99
N THR G 110 84.53 -13.48 -80.18
CA THR G 110 84.44 -12.26 -80.97
C THR G 110 83.71 -12.55 -82.27
N ILE G 111 82.45 -12.14 -82.35
CA ILE G 111 81.63 -12.32 -83.54
C ILE G 111 80.98 -10.99 -83.87
N LYS G 112 81.16 -10.53 -85.11
CA LYS G 112 80.58 -9.29 -85.58
C LYS G 112 79.70 -9.59 -86.79
N ILE G 113 78.40 -9.33 -86.65
CA ILE G 113 77.42 -9.59 -87.70
C ILE G 113 76.84 -8.25 -88.11
N GLU G 114 76.92 -7.94 -89.41
CA GLU G 114 76.45 -6.66 -89.92
C GLU G 114 75.52 -6.86 -91.10
N GLN G 115 74.52 -5.97 -91.20
CA GLN G 115 73.65 -5.87 -92.36
C GLN G 115 73.46 -4.41 -92.73
N PRO G 116 73.30 -4.10 -94.02
CA PRO G 116 73.09 -2.70 -94.43
C PRO G 116 71.82 -2.11 -93.83
N GLY G 117 70.84 -2.96 -93.53
CA GLY G 117 69.58 -2.46 -93.00
C GLY G 117 69.74 -1.76 -91.66
N ARG G 118 70.47 -2.37 -90.74
CA ARG G 118 70.69 -1.75 -89.43
C ARG G 118 72.03 -1.03 -89.43
N LYS G 119 72.03 0.21 -88.94
CA LYS G 119 73.28 0.97 -88.85
C LYS G 119 74.22 0.36 -87.82
N GLU G 120 73.68 -0.09 -86.69
CA GLU G 120 74.51 -0.60 -85.61
C GLU G 120 74.82 -2.07 -85.83
N PRO G 121 76.09 -2.46 -85.97
CA PRO G 121 76.40 -3.90 -86.07
C PRO G 121 76.13 -4.62 -84.77
N LEU G 122 75.95 -5.93 -84.88
CA LEU G 122 75.69 -6.79 -83.73
C LEU G 122 76.98 -7.47 -83.30
N GLU G 123 77.35 -7.30 -82.03
CA GLU G 123 78.55 -7.89 -81.47
C GLU G 123 78.24 -8.34 -80.05
N ILE G 124 78.79 -9.50 -79.68
CA ILE G 124 78.53 -10.09 -78.36
C ILE G 124 79.82 -10.04 -77.53
N LYS G 125 79.62 -9.99 -76.22
CA LYS G 125 80.72 -9.91 -75.26
C LYS G 125 80.63 -11.07 -74.26
N LEU G 126 80.49 -12.28 -74.79
CA LEU G 126 80.42 -13.46 -73.95
C LEU G 126 81.69 -13.58 -73.11
N ASP G 127 81.49 -13.82 -71.81
CA ASP G 127 82.58 -13.82 -70.85
C ASP G 127 83.10 -15.23 -70.62
N LYS G 128 84.24 -15.32 -69.94
CA LYS G 128 84.87 -16.61 -69.70
C LYS G 128 84.03 -17.46 -68.76
N GLY G 129 84.03 -18.77 -69.00
CA GLY G 129 83.27 -19.70 -68.21
C GLY G 129 81.81 -19.85 -68.62
N ASP G 130 81.38 -19.15 -69.67
CA ASP G 130 80.01 -19.19 -70.15
C ASP G 130 79.98 -19.52 -71.65
N THR G 131 80.77 -20.52 -72.04
CA THR G 131 80.93 -20.88 -73.44
C THR G 131 80.05 -22.05 -73.86
N SER G 132 79.17 -22.52 -72.99
CA SER G 132 78.29 -23.63 -73.34
C SER G 132 77.26 -23.19 -74.38
N MET G 133 76.72 -24.18 -75.11
CA MET G 133 75.73 -23.88 -76.14
C MET G 133 74.51 -23.22 -75.55
N GLU G 134 73.96 -23.78 -74.47
CA GLU G 134 72.83 -23.15 -73.79
C GLU G 134 73.21 -21.79 -73.23
N ALA G 135 74.46 -21.64 -72.80
CA ALA G 135 74.94 -20.31 -72.39
C ALA G 135 74.94 -19.34 -73.57
N ILE G 136 75.29 -19.82 -74.77
CA ILE G 136 75.23 -18.97 -75.95
C ILE G 136 73.79 -18.56 -76.24
N ARG G 137 72.85 -19.50 -76.12
CA ARG G 137 71.44 -19.16 -76.33
C ARG G 137 70.96 -18.13 -75.30
N ASP G 138 71.36 -18.31 -74.04
CA ASP G 138 70.98 -17.36 -73.00
C ASP G 138 71.55 -15.98 -73.28
N ALA G 139 72.81 -15.92 -73.73
CA ALA G 139 73.42 -14.63 -74.07
C ALA G 139 72.69 -13.98 -75.24
N ILE G 140 72.30 -14.77 -76.25
CA ILE G 140 71.57 -14.24 -77.39
C ILE G 140 70.23 -13.67 -76.92
N ASN G 141 69.54 -14.40 -76.05
CA ASN G 141 68.26 -13.92 -75.53
C ASN G 141 68.43 -12.65 -74.73
N ASP G 142 69.48 -12.58 -73.90
CA ASP G 142 69.70 -11.40 -73.08
C ASP G 142 70.05 -10.19 -73.94
N ALA G 143 70.77 -10.41 -75.04
CA ALA G 143 71.16 -9.32 -75.94
C ALA G 143 70.00 -8.82 -76.80
N ASP G 144 68.86 -9.52 -76.79
CA ASP G 144 67.71 -9.17 -77.63
C ASP G 144 68.11 -9.09 -79.10
N SER G 145 69.01 -9.98 -79.51
CA SER G 145 69.56 -9.94 -80.86
C SER G 145 68.50 -10.28 -81.90
N GLY G 146 68.57 -9.59 -83.03
CA GLY G 146 67.66 -9.89 -84.13
C GLY G 146 67.84 -11.29 -84.67
N ILE G 147 69.08 -11.80 -84.61
CA ILE G 147 69.33 -13.17 -85.04
C ILE G 147 68.57 -14.12 -84.12
N ALA G 148 67.90 -15.10 -84.71
CA ALA G 148 67.11 -16.07 -83.96
C ALA G 148 67.52 -17.48 -84.35
N ALA G 149 67.37 -18.40 -83.42
CA ALA G 149 67.63 -19.81 -83.65
C ALA G 149 66.31 -20.56 -83.75
N SER G 150 65.99 -21.01 -84.96
CA SER G 150 64.77 -21.76 -85.22
C SER G 150 65.04 -23.25 -85.02
N ILE G 151 63.98 -23.99 -84.72
CA ILE G 151 64.09 -25.43 -84.49
C ILE G 151 64.11 -26.12 -85.85
N VAL G 152 65.20 -26.82 -86.13
CA VAL G 152 65.36 -27.60 -87.34
C VAL G 152 65.71 -29.03 -86.95
N LYS G 153 64.83 -29.96 -87.29
CA LYS G 153 64.99 -31.37 -86.94
C LYS G 153 65.48 -32.11 -88.19
N VAL G 154 66.66 -32.71 -88.10
CA VAL G 154 67.09 -33.62 -89.15
C VAL G 154 66.86 -35.07 -88.72
N LYS G 155 67.67 -35.59 -87.79
CA LYS G 155 67.50 -36.89 -87.15
C LYS G 155 68.33 -36.93 -85.88
N GLU G 156 68.26 -38.07 -85.19
CA GLU G 156 68.94 -38.25 -83.93
C GLU G 156 70.46 -38.28 -84.13
N ASN G 157 71.19 -37.97 -83.05
CA ASN G 157 72.64 -38.00 -83.03
C ASN G 157 73.27 -37.00 -84.00
N GLU G 158 72.58 -35.88 -84.21
CA GLU G 158 73.10 -34.80 -85.03
C GLU G 158 72.88 -33.47 -84.35
N PHE G 159 73.92 -32.63 -84.32
CA PHE G 159 73.85 -31.28 -83.78
C PHE G 159 73.94 -30.31 -84.95
N GLN G 160 73.13 -29.26 -84.91
CA GLN G 160 73.02 -28.31 -86.01
C GLN G 160 72.87 -26.90 -85.46
N LEU G 161 73.20 -25.91 -86.28
CA LEU G 161 73.10 -24.50 -85.91
C LEU G 161 72.47 -23.72 -87.05
N VAL G 162 71.64 -22.75 -86.68
CA VAL G 162 70.99 -21.86 -87.65
C VAL G 162 71.23 -20.42 -87.21
N LEU G 163 71.45 -19.54 -88.18
CA LEU G 163 71.67 -18.12 -87.94
C LEU G 163 71.02 -17.35 -89.07
N THR G 164 69.74 -16.99 -88.90
CA THR G 164 68.97 -16.28 -89.91
C THR G 164 68.10 -15.25 -89.23
N ALA G 165 68.54 -14.00 -89.22
CA ALA G 165 67.72 -12.92 -88.67
C ALA G 165 66.66 -12.48 -89.68
N ASN G 166 67.06 -12.30 -90.94
CA ASN G 166 66.16 -11.87 -91.99
C ASN G 166 66.61 -12.50 -93.30
N SER G 167 66.02 -12.04 -94.40
CA SER G 167 66.38 -12.49 -95.73
C SER G 167 66.25 -11.36 -96.72
N GLY G 168 66.98 -11.46 -97.82
CA GLY G 168 66.87 -10.48 -98.88
C GLY G 168 68.20 -9.81 -99.18
N THR G 169 68.32 -9.29 -100.40
CA THR G 169 69.54 -8.62 -100.82
C THR G 169 69.74 -7.30 -100.08
N ASP G 170 68.65 -6.65 -99.66
CA ASP G 170 68.79 -5.44 -98.85
C ASP G 170 69.43 -5.75 -97.51
N ASN G 171 69.08 -6.89 -96.91
CA ASN G 171 69.63 -7.31 -95.62
C ASN G 171 70.58 -8.46 -95.87
N THR G 172 71.83 -8.12 -96.22
CA THR G 172 72.87 -9.11 -96.41
C THR G 172 73.65 -9.27 -95.12
N MET G 173 74.02 -10.52 -94.83
CA MET G 173 74.65 -10.87 -93.57
C MET G 173 76.16 -11.00 -93.77
N LYS G 174 76.91 -10.09 -93.16
CA LYS G 174 78.37 -10.15 -93.18
C LYS G 174 78.80 -10.56 -91.78
N ILE G 175 79.33 -11.77 -91.66
CA ILE G 175 79.73 -12.35 -90.38
C ILE G 175 81.25 -12.45 -90.36
N THR G 176 81.85 -11.91 -89.30
CA THR G 176 83.31 -11.90 -89.17
C THR G 176 83.69 -12.28 -87.75
N VAL G 177 84.91 -12.77 -87.59
CA VAL G 177 85.49 -13.09 -86.29
C VAL G 177 86.85 -12.42 -86.22
N GLU G 178 87.08 -11.62 -85.18
CA GLU G 178 88.38 -10.97 -85.01
C GLU G 178 89.48 -12.00 -84.77
N GLY G 179 89.28 -12.90 -83.82
CA GLY G 179 90.22 -13.96 -83.57
C GLY G 179 89.65 -15.07 -82.71
N ASP G 180 89.78 -16.32 -83.18
CA ASP G 180 89.25 -17.47 -82.47
C ASP G 180 90.01 -18.71 -82.91
N THR G 181 90.20 -19.64 -81.99
CA THR G 181 90.92 -20.87 -82.30
C THR G 181 90.15 -21.72 -83.31
N LYS G 182 88.83 -21.81 -83.16
CA LYS G 182 88.04 -22.72 -83.98
C LYS G 182 86.92 -21.99 -84.71
N LEU G 183 86.37 -20.94 -84.09
CA LEU G 183 85.19 -20.28 -84.64
C LEU G 183 85.51 -19.41 -85.84
N ASN G 184 86.76 -18.95 -85.99
CA ASN G 184 87.11 -18.10 -87.12
C ASN G 184 86.94 -18.83 -88.44
N ASP G 185 87.36 -20.10 -88.51
CA ASP G 185 87.17 -20.89 -89.71
C ASP G 185 85.73 -21.37 -89.86
N LEU G 186 85.05 -21.61 -88.74
CA LEU G 186 83.68 -22.11 -88.79
C LEU G 186 82.71 -21.06 -89.32
N LEU G 187 82.98 -19.78 -89.04
CA LEU G 187 82.06 -18.70 -89.35
C LEU G 187 82.34 -18.05 -90.71
N ALA G 188 83.29 -18.57 -91.47
CA ALA G 188 83.58 -18.05 -92.80
C ALA G 188 82.47 -18.45 -93.76
N TYR G 189 81.76 -17.47 -94.31
CA TYR G 189 80.60 -17.74 -95.16
C TYR G 189 80.27 -16.50 -95.97
N ASP G 190 79.94 -16.71 -97.24
CA ASP G 190 79.53 -15.65 -98.15
C ASP G 190 78.22 -16.04 -98.80
N SER G 191 77.19 -15.19 -98.68
CA SER G 191 75.91 -15.49 -99.29
C SER G 191 75.93 -15.28 -100.79
N THR G 192 76.77 -14.37 -101.28
CA THR G 192 76.81 -14.07 -102.71
C THR G 192 77.31 -15.26 -103.53
N THR G 193 78.30 -15.99 -102.99
CA THR G 193 78.88 -17.11 -103.72
C THR G 193 77.90 -18.27 -103.89
N ASN G 194 76.95 -18.42 -102.96
CA ASN G 194 75.95 -19.48 -102.98
C ASN G 194 76.53 -20.88 -102.85
N THR G 195 77.84 -20.99 -102.64
CA THR G 195 78.51 -22.27 -102.42
C THR G 195 79.47 -22.13 -101.26
N GLY G 196 79.30 -22.98 -100.24
CA GLY G 196 80.15 -22.91 -99.07
C GLY G 196 79.85 -24.03 -98.11
N ASN G 197 80.52 -23.98 -96.97
CA ASN G 197 80.33 -25.02 -95.95
C ASN G 197 78.99 -24.87 -95.24
N MET G 198 78.29 -23.77 -95.46
CA MET G 198 77.08 -23.45 -94.73
C MET G 198 75.87 -24.00 -95.51
N GLN G 199 75.21 -25.00 -94.93
CA GLN G 199 74.09 -25.64 -95.59
C GLN G 199 72.85 -24.74 -95.54
N GLU G 200 71.87 -25.05 -96.37
CA GLU G 200 70.66 -24.25 -96.47
C GLU G 200 69.44 -25.14 -96.68
N LEU G 201 68.28 -24.65 -96.26
CA LEU G 201 67.02 -25.29 -96.59
C LEU G 201 66.62 -25.00 -98.02
N VAL G 202 66.42 -23.72 -98.34
CA VAL G 202 66.10 -23.26 -99.69
C VAL G 202 67.09 -22.16 -100.04
N LYS G 203 67.38 -22.02 -101.34
CA LYS G 203 68.28 -20.98 -101.81
C LYS G 203 67.74 -19.59 -101.43
N ALA G 204 68.60 -18.58 -101.63
CA ALA G 204 68.23 -17.22 -101.27
C ALA G 204 66.93 -16.82 -101.96
N GLU G 205 65.89 -16.61 -101.15
CA GLU G 205 64.57 -16.28 -101.67
C GLU G 205 63.83 -15.46 -100.63
N ASN G 206 62.86 -14.69 -101.09
CA ASN G 206 62.07 -13.81 -100.25
C ASN G 206 60.59 -14.01 -100.54
N ALA G 207 59.76 -13.21 -99.87
CA ALA G 207 58.34 -13.23 -100.12
C ALA G 207 58.04 -12.68 -101.52
N LYS G 208 56.99 -13.21 -102.13
CA LYS G 208 56.63 -12.83 -103.50
C LYS G 208 55.12 -12.72 -103.58
N LEU G 209 54.63 -11.56 -104.04
CA LEU G 209 53.20 -11.32 -104.15
C LEU G 209 52.94 -10.46 -105.39
N ASN G 210 51.67 -10.19 -105.64
CA ASN G 210 51.24 -9.41 -106.78
C ASN G 210 50.10 -8.50 -106.35
N VAL G 211 50.34 -7.19 -106.37
CA VAL G 211 49.31 -6.20 -106.06
C VAL G 211 49.44 -5.07 -107.06
N ASN G 212 48.30 -4.43 -107.38
CA ASN G 212 48.25 -3.32 -108.31
C ASN G 212 48.77 -3.73 -109.69
N GLY G 213 48.56 -4.99 -110.04
CA GLY G 213 49.07 -5.52 -111.28
C GLY G 213 50.57 -5.59 -111.37
N ILE G 214 51.27 -5.47 -110.23
CA ILE G 214 52.72 -5.42 -110.19
C ILE G 214 53.21 -6.50 -109.23
N ASP G 215 54.29 -7.18 -109.60
CA ASP G 215 54.87 -8.23 -108.78
C ASP G 215 55.93 -7.66 -107.86
N ILE G 216 55.97 -8.16 -106.62
CA ILE G 216 56.91 -7.73 -105.61
C ILE G 216 57.62 -8.95 -105.05
N GLU G 217 58.94 -8.84 -104.90
CA GLU G 217 59.78 -9.93 -104.40
C GLU G 217 60.37 -9.59 -103.03
N ARG G 218 59.88 -8.55 -102.39
CA ARG G 218 60.44 -8.12 -101.11
C ARG G 218 60.06 -9.11 -99.99
N GLN G 219 61.02 -9.36 -99.10
CA GLN G 219 60.78 -10.30 -98.01
C GLN G 219 59.72 -9.79 -97.03
N SER G 220 59.78 -8.51 -96.68
CA SER G 220 58.89 -7.97 -95.65
C SER G 220 57.45 -7.93 -96.16
N ASN G 221 56.52 -8.34 -95.31
CA ASN G 221 55.11 -8.36 -95.69
C ASN G 221 54.31 -7.32 -94.92
N THR G 222 54.84 -6.84 -93.80
CA THR G 222 54.13 -5.85 -93.00
C THR G 222 53.97 -4.55 -93.77
N VAL G 223 52.77 -3.97 -93.72
CA VAL G 223 52.44 -2.76 -94.46
C VAL G 223 52.11 -1.67 -93.46
N THR G 224 52.79 -0.51 -93.57
CA THR G 224 52.63 0.57 -92.62
C THR G 224 52.48 1.94 -93.30
N ASP G 225 52.82 2.06 -94.57
CA ASP G 225 52.90 3.37 -95.20
C ASP G 225 51.51 3.91 -95.55
N ALA G 226 50.76 3.19 -96.37
CA ALA G 226 49.45 3.70 -96.79
C ALA G 226 48.41 3.63 -95.68
N PRO G 227 48.17 2.45 -95.06
CA PRO G 227 47.10 2.41 -94.04
C PRO G 227 47.48 3.08 -92.73
N GLN G 228 48.72 2.91 -92.28
CA GLN G 228 49.19 3.47 -91.01
C GLN G 228 48.31 3.03 -89.84
N GLY G 229 48.30 1.71 -89.59
CA GLY G 229 47.52 1.18 -88.49
C GLY G 229 46.69 -0.04 -88.84
N ILE G 230 46.93 -0.62 -90.01
CA ILE G 230 46.21 -1.81 -90.47
C ILE G 230 47.23 -2.93 -90.60
N THR G 231 46.99 -4.04 -89.91
CA THR G 231 47.92 -5.15 -89.91
C THR G 231 47.44 -6.26 -90.84
N LEU G 232 48.33 -6.73 -91.71
CA LEU G 232 48.04 -7.80 -92.66
C LEU G 232 48.88 -9.01 -92.29
N THR G 233 48.23 -10.14 -92.09
CA THR G 233 48.92 -11.39 -91.78
C THR G 233 48.54 -12.44 -92.82
N LEU G 234 49.55 -12.97 -93.51
CA LEU G 234 49.35 -13.97 -94.55
C LEU G 234 50.02 -15.27 -94.13
N THR G 235 49.29 -16.37 -94.29
CA THR G 235 49.83 -17.71 -93.99
C THR G 235 49.92 -18.58 -95.23
N LYS G 236 48.99 -18.43 -96.18
CA LYS G 236 48.97 -19.23 -97.39
C LYS G 236 48.75 -18.31 -98.59
N LYS G 237 49.06 -18.83 -99.77
CA LYS G 237 48.88 -18.08 -101.00
C LYS G 237 47.41 -17.82 -101.28
N VAL G 238 47.13 -16.72 -101.98
CA VAL G 238 45.78 -16.37 -102.40
C VAL G 238 45.80 -16.05 -103.89
N THR G 239 44.65 -16.26 -104.53
CA THR G 239 44.48 -15.96 -105.94
C THR G 239 43.32 -14.97 -106.08
N ASP G 240 43.55 -13.91 -106.86
CA ASP G 240 42.57 -12.87 -107.22
C ASP G 240 41.56 -12.62 -106.10
N ALA G 241 42.09 -12.44 -104.89
CA ALA G 241 41.25 -12.20 -103.74
C ALA G 241 40.78 -10.75 -103.72
N THR G 242 39.48 -10.55 -103.54
CA THR G 242 38.88 -9.23 -103.47
C THR G 242 38.32 -9.03 -102.06
N VAL G 243 38.76 -7.95 -101.41
CA VAL G 243 38.34 -7.64 -100.05
C VAL G 243 37.60 -6.30 -100.09
N THR G 244 36.34 -6.31 -99.66
CA THR G 244 35.53 -5.10 -99.61
C THR G 244 35.42 -4.63 -98.17
N VAL G 245 35.79 -3.38 -97.93
CA VAL G 245 35.73 -2.78 -96.60
C VAL G 245 34.44 -1.99 -96.48
N THR G 246 33.72 -2.21 -95.40
CA THR G 246 32.47 -1.50 -95.12
C THR G 246 32.63 -0.70 -93.84
N LYS G 247 32.22 0.56 -93.87
CA LYS G 247 32.36 1.44 -92.72
C LYS G 247 31.44 0.99 -91.60
N ASP G 248 32.02 0.67 -90.44
CA ASP G 248 31.28 0.27 -89.26
C ASP G 248 31.51 1.30 -88.16
N ASP G 249 30.43 1.75 -87.52
CA ASP G 249 30.52 2.79 -86.49
C ASP G 249 30.14 2.28 -85.10
N THR G 250 30.28 0.98 -84.84
CA THR G 250 29.95 0.44 -83.53
C THR G 250 30.81 1.07 -82.44
N LYS G 251 32.09 1.33 -82.74
CA LYS G 251 32.94 2.02 -81.78
C LYS G 251 32.49 3.46 -81.58
N ALA G 252 31.99 4.10 -82.64
CA ALA G 252 31.36 5.40 -82.47
C ALA G 252 30.12 5.29 -81.60
N LYS G 253 29.36 4.21 -81.75
CA LYS G 253 28.21 3.97 -80.87
C LYS G 253 28.64 3.91 -79.42
N GLU G 254 29.64 3.07 -79.11
CA GLU G 254 30.03 2.94 -77.71
C GLU G 254 30.62 4.24 -77.17
N ALA G 255 31.31 5.00 -78.03
CA ALA G 255 31.84 6.28 -77.59
C ALA G 255 30.73 7.27 -77.25
N ILE G 256 29.72 7.38 -78.13
CA ILE G 256 28.66 8.35 -77.88
C ILE G 256 27.81 7.92 -76.68
N LYS G 257 27.58 6.62 -76.52
CA LYS G 257 26.86 6.16 -75.33
C LYS G 257 27.68 6.36 -74.07
N SER G 258 29.01 6.23 -74.16
CA SER G 258 29.85 6.57 -73.02
C SER G 258 29.70 8.05 -72.64
N TRP G 259 29.68 8.93 -73.65
CA TRP G 259 29.50 10.35 -73.37
C TRP G 259 28.15 10.63 -72.72
N VAL G 260 27.08 10.03 -73.26
CA VAL G 260 25.76 10.31 -72.70
C VAL G 260 25.64 9.73 -71.30
N ASP G 261 26.25 8.56 -71.05
CA ASP G 261 26.27 8.01 -69.70
C ASP G 261 27.03 8.91 -68.75
N ALA G 262 28.17 9.44 -69.17
CA ALA G 262 28.94 10.34 -68.32
C ALA G 262 28.13 11.59 -67.98
N TYR G 263 27.49 12.19 -69.00
CA TYR G 263 26.71 13.39 -68.74
C TYR G 263 25.52 13.11 -67.83
N ASN G 264 24.81 12.00 -68.07
CA ASN G 264 23.68 11.65 -67.22
C ASN G 264 24.11 11.37 -65.79
N SER G 265 25.23 10.68 -65.60
CA SER G 265 25.75 10.45 -64.26
C SER G 265 26.11 11.76 -63.58
N LEU G 266 26.73 12.68 -64.32
CA LEU G 266 27.10 13.97 -63.73
C LEU G 266 25.87 14.75 -63.31
N VAL G 267 24.83 14.76 -64.16
CA VAL G 267 23.60 15.45 -63.83
C VAL G 267 22.90 14.78 -62.65
N ASP G 268 22.94 13.45 -62.57
CA ASP G 268 22.37 12.74 -61.43
C ASP G 268 23.10 13.10 -60.15
N THR G 269 24.44 13.21 -60.21
CA THR G 269 25.20 13.64 -59.05
C THR G 269 24.81 15.05 -58.62
N PHE G 270 24.64 15.95 -59.60
CA PHE G 270 24.23 17.32 -59.28
C PHE G 270 22.86 17.35 -58.63
N SER G 271 21.91 16.59 -59.18
CA SER G 271 20.57 16.52 -58.59
C SER G 271 20.60 15.89 -57.21
N SER G 272 21.53 14.96 -56.97
CA SER G 272 21.70 14.39 -55.64
C SER G 272 22.21 15.41 -54.63
N LEU G 273 22.90 16.46 -55.10
CA LEU G 273 23.38 17.52 -54.21
C LEU G 273 22.26 18.43 -53.74
N THR G 274 21.06 18.31 -54.32
CA THR G 274 19.92 19.13 -53.91
C THR G 274 19.33 18.53 -52.64
N LYS G 275 19.70 19.10 -51.49
CA LYS G 275 19.19 18.68 -50.20
C LYS G 275 18.32 19.80 -49.65
N TYR G 276 17.02 19.54 -49.50
CA TYR G 276 16.11 20.53 -48.94
C TYR G 276 14.88 19.82 -48.39
N THR G 277 14.47 20.24 -47.20
CA THR G 277 13.22 19.80 -46.58
C THR G 277 12.42 21.07 -46.27
N ALA G 278 11.52 21.44 -47.19
CA ALA G 278 10.78 22.68 -47.04
C ALA G 278 9.88 22.63 -45.81
N VAL G 279 9.93 23.70 -45.02
CA VAL G 279 9.13 23.81 -43.80
C VAL G 279 8.34 25.10 -43.84
N GLU G 280 7.04 24.98 -43.60
CA GLU G 280 6.15 26.13 -43.54
C GLU G 280 6.30 26.82 -42.18
N PRO G 281 5.83 28.06 -42.06
CA PRO G 281 5.90 28.73 -40.74
C PRO G 281 5.17 27.98 -39.64
N GLY G 282 4.22 27.10 -39.97
CA GLY G 282 3.54 26.33 -38.94
C GLY G 282 4.46 25.38 -38.20
N GLU G 283 5.35 24.71 -38.94
CA GLU G 283 6.27 23.76 -38.31
C GLU G 283 7.31 24.50 -37.46
N GLU G 284 7.80 23.80 -36.45
CA GLU G 284 8.76 24.35 -35.50
C GLU G 284 10.17 24.30 -36.11
N ALA G 285 11.17 24.66 -35.31
CA ALA G 285 12.54 24.67 -35.79
C ALA G 285 13.05 23.26 -36.03
N SER G 286 13.76 23.08 -37.15
CA SER G 286 14.34 21.79 -37.52
C SER G 286 15.85 21.87 -37.37
N ASP G 287 16.44 20.88 -36.71
CA ASP G 287 17.88 20.81 -36.55
C ASP G 287 18.59 20.38 -37.83
N LYS G 288 17.95 19.52 -38.62
CA LYS G 288 18.58 19.02 -39.84
C LYS G 288 18.72 20.13 -40.88
N ASN G 289 19.88 20.18 -41.52
CA ASN G 289 20.14 21.11 -42.61
C ASN G 289 20.58 20.32 -43.84
N GLY G 290 20.34 20.90 -45.01
CA GLY G 290 20.77 20.27 -46.25
C GLY G 290 22.28 20.14 -46.32
N ALA G 291 22.73 19.03 -46.90
CA ALA G 291 24.17 18.78 -47.00
C ALA G 291 24.85 19.84 -47.87
N LEU G 292 24.24 20.17 -49.00
CA LEU G 292 24.76 21.21 -49.89
C LEU G 292 23.96 22.50 -49.78
N LEU G 293 23.14 22.63 -48.76
CA LEU G 293 22.32 23.81 -48.58
C LEU G 293 23.13 24.93 -47.94
N GLY G 294 22.74 26.17 -48.21
CA GLY G 294 23.49 27.31 -47.75
C GLY G 294 24.85 27.44 -48.41
N ASP G 295 24.94 27.11 -49.69
CA ASP G 295 26.20 27.14 -50.42
C ASP G 295 25.93 27.55 -51.87
N SER G 296 26.64 28.58 -52.34
CA SER G 296 26.51 29.04 -53.71
C SER G 296 27.64 28.56 -54.61
N VAL G 297 28.58 27.76 -54.09
CA VAL G 297 29.68 27.26 -54.91
C VAL G 297 29.16 26.30 -55.97
N VAL G 298 28.18 25.48 -55.62
CA VAL G 298 27.54 24.60 -56.59
C VAL G 298 26.91 25.44 -57.70
N ARG G 299 26.40 26.62 -57.36
CA ARG G 299 25.87 27.53 -58.37
C ARG G 299 26.97 28.02 -59.30
N THR G 300 28.15 28.30 -58.76
CA THR G 300 29.27 28.70 -59.61
C THR G 300 29.67 27.58 -60.56
N ILE G 301 29.71 26.34 -60.05
CA ILE G 301 30.04 25.20 -60.90
C ILE G 301 28.99 25.02 -61.99
N GLN G 302 27.71 25.16 -61.63
CA GLN G 302 26.64 25.04 -62.61
C GLN G 302 26.74 26.13 -63.67
N THR G 303 27.04 27.37 -63.26
CA THR G 303 27.18 28.44 -64.24
C THR G 303 28.35 28.18 -65.17
N GLY G 304 29.47 27.69 -64.63
CA GLY G 304 30.62 27.40 -65.47
C GLY G 304 30.33 26.31 -66.49
N ILE G 305 29.72 25.21 -66.03
CA ILE G 305 29.43 24.10 -66.93
C ILE G 305 28.36 24.50 -67.93
N ARG G 306 27.45 25.40 -67.54
CA ARG G 306 26.47 25.92 -68.49
C ARG G 306 27.15 26.77 -69.56
N ALA G 307 28.05 27.67 -69.16
CA ALA G 307 28.71 28.53 -70.13
C ALA G 307 29.56 27.73 -71.11
N GLN G 308 30.31 26.74 -70.60
CA GLN G 308 31.16 25.98 -71.51
C GLN G 308 30.39 24.91 -72.27
N PHE G 309 29.27 24.44 -71.70
CA PHE G 309 28.51 23.38 -72.33
C PHE G 309 27.87 23.86 -73.63
N ALA G 310 27.59 25.15 -73.73
CA ALA G 310 27.06 25.72 -74.95
C ALA G 310 28.14 25.81 -76.02
N ASN G 311 28.22 24.80 -76.89
CA ASN G 311 29.26 24.76 -77.90
C ASN G 311 28.98 25.76 -79.01
N SER G 312 29.96 26.64 -79.27
CA SER G 312 29.83 27.63 -80.33
C SER G 312 31.11 27.77 -81.15
N GLY G 313 32.17 27.05 -80.82
CA GLY G 313 33.43 27.13 -81.55
C GLY G 313 33.60 26.11 -82.65
N SER G 314 32.54 25.40 -83.03
CA SER G 314 32.66 24.38 -84.07
C SER G 314 33.02 25.02 -85.41
N ASN G 315 33.92 24.36 -86.14
CA ASN G 315 34.30 24.86 -87.46
C ASN G 315 33.13 24.80 -88.44
N SER G 316 32.33 23.74 -88.36
CA SER G 316 31.16 23.62 -89.22
C SER G 316 30.08 24.60 -88.80
N ALA G 317 29.14 24.85 -89.73
CA ALA G 317 28.03 25.74 -89.43
C ALA G 317 27.16 25.20 -88.31
N PHE G 318 27.14 23.87 -88.12
CA PHE G 318 26.38 23.24 -87.05
C PHE G 318 27.19 23.38 -85.75
N LYS G 319 27.16 24.58 -85.19
CA LYS G 319 27.84 24.83 -83.93
C LYS G 319 27.24 24.02 -82.79
N THR G 320 25.92 23.88 -82.79
CA THR G 320 25.16 23.23 -81.74
C THR G 320 24.98 21.75 -82.07
N MET G 321 24.74 20.93 -81.03
CA MET G 321 24.48 19.51 -81.19
C MET G 321 23.05 19.23 -81.66
N ALA G 322 22.42 20.27 -82.20
CA ALA G 322 21.03 20.22 -82.61
C ALA G 322 20.70 19.04 -83.51
N GLU G 323 21.48 18.85 -84.57
CA GLU G 323 21.17 17.79 -85.52
C GLU G 323 21.38 16.40 -84.95
N ILE G 324 22.35 16.22 -84.04
CA ILE G 324 22.65 14.89 -83.52
C ILE G 324 21.48 14.36 -82.71
N GLY G 325 20.97 15.15 -81.79
CA GLY G 325 19.86 14.75 -80.95
C GLY G 325 20.16 14.65 -79.47
N ILE G 326 21.15 15.39 -78.97
CA ILE G 326 21.44 15.38 -77.54
C ILE G 326 20.40 16.26 -76.85
N THR G 327 19.33 15.64 -76.36
CA THR G 327 18.19 16.35 -75.82
C THR G 327 18.04 16.04 -74.35
N GLN G 328 18.04 17.09 -73.53
CA GLN G 328 17.85 16.93 -72.10
C GLN G 328 16.35 16.80 -71.77
N ASP G 329 16.07 16.46 -70.52
CA ASP G 329 14.69 16.28 -70.08
C ASP G 329 13.97 17.61 -70.06
N GLY G 330 12.63 17.54 -70.07
CA GLY G 330 11.84 18.76 -70.04
C GLY G 330 12.00 19.54 -68.75
N THR G 331 12.13 18.84 -67.62
CA THR G 331 12.25 19.47 -66.32
C THR G 331 13.65 19.43 -65.73
N SER G 332 14.55 18.61 -66.28
CA SER G 332 15.89 18.47 -65.73
C SER G 332 16.88 18.25 -66.86
N GLY G 333 18.16 18.12 -66.50
CA GLY G 333 19.23 17.94 -67.44
C GLY G 333 19.46 16.51 -67.90
N LYS G 334 18.67 15.56 -67.41
CA LYS G 334 18.81 14.18 -67.85
C LYS G 334 18.48 14.07 -69.33
N LEU G 335 19.29 13.30 -70.05
CA LEU G 335 19.12 13.16 -71.50
C LEU G 335 18.06 12.12 -71.78
N LYS G 336 16.87 12.58 -72.20
CA LYS G 336 15.79 11.67 -72.60
C LYS G 336 16.00 11.33 -74.07
N ILE G 337 17.17 10.77 -74.36
CA ILE G 337 17.55 10.47 -75.73
C ILE G 337 17.12 9.06 -76.09
N ASP G 338 16.55 8.90 -77.28
CA ASP G 338 16.29 7.57 -77.85
C ASP G 338 17.39 7.27 -78.87
N ASP G 339 17.78 6.00 -78.94
CA ASP G 339 19.02 5.65 -79.64
C ASP G 339 18.91 5.86 -81.15
N ASP G 340 17.70 5.67 -81.70
CA ASP G 340 17.57 5.57 -83.16
C ASP G 340 17.97 6.87 -83.86
N LYS G 341 17.51 8.02 -83.34
CA LYS G 341 17.81 9.30 -84.00
C LYS G 341 19.29 9.62 -83.92
N LEU G 342 19.92 9.42 -82.75
CA LEU G 342 21.35 9.65 -82.63
C LEU G 342 22.11 8.73 -83.58
N THR G 343 21.67 7.49 -83.69
CA THR G 343 22.32 6.53 -84.57
C THR G 343 22.26 6.99 -86.03
N LYS G 344 21.07 7.35 -86.51
CA LYS G 344 20.96 7.74 -87.92
C LYS G 344 21.77 8.99 -88.19
N VAL G 345 21.72 9.97 -87.28
CA VAL G 345 22.45 11.21 -87.52
C VAL G 345 23.95 10.96 -87.53
N LEU G 346 24.46 10.15 -86.58
CA LEU G 346 25.89 9.91 -86.56
C LEU G 346 26.34 9.09 -87.77
N LYS G 347 25.54 8.12 -88.21
CA LYS G 347 25.88 7.36 -89.39
C LYS G 347 25.77 8.17 -90.66
N ASP G 348 24.99 9.25 -90.65
CA ASP G 348 24.90 10.12 -91.82
C ASP G 348 26.24 10.79 -92.10
N ASN G 349 26.91 11.28 -91.05
CA ASN G 349 28.20 11.94 -91.21
C ASN G 349 28.95 11.90 -89.89
N THR G 350 30.07 11.17 -89.87
CA THR G 350 30.93 11.18 -88.68
C THR G 350 31.77 12.45 -88.61
N ALA G 351 32.10 13.03 -89.77
CA ALA G 351 32.87 14.27 -89.76
C ALA G 351 32.08 15.40 -89.11
N ALA G 352 30.78 15.48 -89.38
CA ALA G 352 29.96 16.49 -88.71
C ALA G 352 29.95 16.28 -87.20
N ALA G 353 29.83 15.01 -86.77
CA ALA G 353 29.83 14.73 -85.34
C ALA G 353 31.14 15.15 -84.68
N ARG G 354 32.25 14.80 -85.31
CA ARG G 354 33.58 15.17 -84.76
C ARG G 354 33.70 16.69 -84.69
N GLU G 355 33.47 17.39 -85.81
CA GLU G 355 33.68 18.82 -85.87
C GLU G 355 32.66 19.58 -85.03
N LEU G 356 31.58 18.91 -84.61
CA LEU G 356 30.58 19.55 -83.77
C LEU G 356 31.14 19.84 -82.38
N LEU G 357 31.85 18.87 -81.80
CA LEU G 357 32.35 18.99 -80.43
C LEU G 357 33.88 18.92 -80.33
N VAL G 358 34.54 18.07 -81.13
CA VAL G 358 36.00 18.06 -81.10
C VAL G 358 36.56 19.32 -81.72
N GLY G 359 36.00 19.74 -82.86
CA GLY G 359 36.54 20.89 -83.56
C GLY G 359 37.94 20.61 -84.08
N ASP G 360 38.81 21.63 -83.96
CA ASP G 360 40.20 21.46 -84.35
C ASP G 360 40.91 20.46 -83.45
N GLY G 361 40.55 20.40 -82.17
CA GLY G 361 41.15 19.50 -81.22
C GLY G 361 42.31 20.08 -80.44
N LYS G 362 42.91 21.17 -80.93
CA LYS G 362 44.00 21.81 -80.18
C LYS G 362 43.45 22.75 -79.12
N GLU G 363 42.71 23.77 -79.55
CA GLU G 363 42.10 24.73 -78.63
C GLU G 363 40.59 24.79 -78.75
N THR G 364 40.06 24.85 -79.97
CA THR G 364 38.61 24.83 -80.14
C THR G 364 38.06 23.44 -79.86
N GLY G 365 36.85 23.41 -79.31
CA GLY G 365 36.23 22.16 -78.96
C GLY G 365 35.78 22.11 -77.51
N ILE G 366 34.78 21.26 -77.24
CA ILE G 366 34.23 21.19 -75.89
C ILE G 366 35.25 20.61 -74.92
N THR G 367 35.94 19.56 -75.33
CA THR G 367 36.86 18.87 -74.42
C THR G 367 37.95 19.80 -73.92
N THR G 368 38.51 20.61 -74.82
CA THR G 368 39.62 21.49 -74.44
C THR G 368 39.18 22.49 -73.38
N LYS G 369 38.04 23.16 -73.59
CA LYS G 369 37.61 24.16 -72.63
C LYS G 369 37.12 23.53 -71.32
N ILE G 370 36.50 22.36 -71.38
CA ILE G 370 36.12 21.67 -70.14
C ILE G 370 37.36 21.33 -69.33
N ALA G 371 38.39 20.79 -70.00
CA ALA G 371 39.64 20.49 -69.31
C ALA G 371 40.28 21.75 -68.75
N THR G 372 40.19 22.86 -69.49
CA THR G 372 40.76 24.11 -69.00
C THR G 372 40.05 24.58 -67.73
N GLU G 373 38.71 24.53 -67.73
CA GLU G 373 37.99 24.97 -66.55
C GLU G 373 38.23 24.02 -65.37
N VAL G 374 38.39 22.73 -65.64
CA VAL G 374 38.70 21.78 -64.57
C VAL G 374 40.07 22.08 -63.98
N LYS G 375 41.06 22.32 -64.84
CA LYS G 375 42.39 22.69 -64.34
C LYS G 375 42.34 23.98 -63.55
N SER G 376 41.49 24.94 -63.96
CA SER G 376 41.32 26.16 -63.20
C SER G 376 40.73 25.86 -61.82
N TYR G 377 39.68 25.03 -61.77
CA TYR G 377 39.02 24.74 -60.51
C TYR G 377 39.96 24.03 -59.54
N LEU G 378 40.65 22.99 -60.02
CA LEU G 378 41.51 22.21 -59.13
C LEU G 378 42.67 23.05 -58.60
N ALA G 379 43.07 24.07 -59.36
CA ALA G 379 44.14 24.95 -58.92
C ALA G 379 43.65 25.84 -57.77
N ASP G 380 44.58 26.62 -57.23
CA ASP G 380 44.24 27.50 -56.10
C ASP G 380 43.18 28.52 -56.49
N ASP G 381 43.29 29.11 -57.69
CA ASP G 381 42.36 30.14 -58.12
C ASP G 381 40.94 29.60 -58.34
N GLY G 382 40.76 28.29 -58.35
CA GLY G 382 39.45 27.73 -58.63
C GLY G 382 38.44 27.99 -57.54
N ILE G 383 37.16 27.89 -57.93
CA ILE G 383 36.08 28.17 -57.01
C ILE G 383 36.02 27.12 -55.92
N ILE G 384 36.31 25.86 -56.25
CA ILE G 384 36.25 24.79 -55.25
C ILE G 384 37.38 24.94 -54.23
N ASP G 385 38.58 25.30 -54.69
CA ASP G 385 39.71 25.41 -53.77
C ASP G 385 39.52 26.60 -52.84
N ASN G 386 39.12 27.75 -53.37
CA ASN G 386 38.79 28.88 -52.50
C ASN G 386 37.63 28.55 -51.57
N ALA G 387 36.66 27.76 -52.06
CA ALA G 387 35.54 27.36 -51.21
C ALA G 387 36.02 26.58 -50.01
N GLN G 388 36.88 25.58 -50.25
CA GLN G 388 37.35 24.76 -49.13
C GLN G 388 38.33 25.52 -48.24
N ASP G 389 39.10 26.45 -48.80
CA ASP G 389 39.95 27.31 -47.98
C ASP G 389 39.10 28.17 -47.05
N ASN G 390 38.04 28.78 -47.58
CA ASN G 390 37.15 29.58 -46.76
C ASN G 390 36.44 28.71 -45.74
N VAL G 391 36.13 27.47 -46.11
CA VAL G 391 35.50 26.54 -45.17
C VAL G 391 36.41 26.26 -43.99
N ASN G 392 37.70 25.97 -44.27
CA ASN G 392 38.61 25.67 -43.18
C ASN G 392 38.88 26.89 -42.32
N ALA G 393 38.97 28.08 -42.94
CA ALA G 393 39.13 29.30 -42.16
C ALA G 393 37.93 29.54 -41.26
N THR G 394 36.73 29.37 -41.80
CA THR G 394 35.52 29.56 -41.01
C THR G 394 35.44 28.56 -39.87
N LEU G 395 35.79 27.30 -40.12
CA LEU G 395 35.70 26.31 -39.05
C LEU G 395 36.79 26.51 -38.02
N LYS G 396 37.95 27.07 -38.40
CA LYS G 396 38.95 27.41 -37.39
C LYS G 396 38.51 28.58 -36.52
N SER G 397 37.87 29.59 -37.13
CA SER G 397 37.28 30.66 -36.32
C SER G 397 36.21 30.12 -35.39
N LEU G 398 35.38 29.21 -35.89
CA LEU G 398 34.37 28.57 -35.06
C LEU G 398 34.99 27.70 -33.98
N THR G 399 36.16 27.12 -34.25
CA THR G 399 36.87 26.37 -33.22
C THR G 399 37.39 27.29 -32.12
N LYS G 400 37.86 28.48 -32.50
CA LYS G 400 38.24 29.47 -31.50
C LYS G 400 37.03 29.87 -30.66
N GLN G 401 35.89 30.07 -31.30
CA GLN G 401 34.66 30.37 -30.57
C GLN G 401 34.29 29.23 -29.64
N TYR G 402 34.45 27.98 -30.10
CA TYR G 402 34.17 26.83 -29.27
C TYR G 402 35.09 26.76 -28.07
N LEU G 403 36.37 27.11 -28.26
CA LEU G 403 37.29 27.17 -27.13
C LEU G 403 36.87 28.22 -26.12
N SER G 404 36.43 29.39 -26.60
CA SER G 404 35.94 30.43 -25.69
C SER G 404 34.74 29.93 -24.89
N VAL G 405 33.77 29.33 -25.59
CA VAL G 405 32.58 28.82 -24.91
C VAL G 405 32.95 27.71 -23.94
N SER G 406 33.93 26.88 -24.31
CA SER G 406 34.34 25.78 -23.44
C SER G 406 34.99 26.28 -22.16
N ASN G 407 35.85 27.30 -22.26
CA ASN G 407 36.45 27.82 -21.02
C ASN G 407 35.42 28.55 -20.17
N SER G 408 34.48 29.26 -20.80
CA SER G 408 33.39 29.84 -20.01
C SER G 408 32.56 28.77 -19.31
N ILE G 409 32.27 27.67 -20.01
CA ILE G 409 31.54 26.55 -19.43
C ILE G 409 32.32 25.98 -18.25
N ASP G 410 33.63 25.81 -18.43
CA ASP G 410 34.46 25.25 -17.36
C ASP G 410 34.44 26.13 -16.13
N GLU G 411 34.56 27.45 -16.32
CA GLU G 411 34.55 28.36 -15.17
C GLU G 411 33.20 28.34 -14.47
N THR G 412 32.12 28.37 -15.25
CA THR G 412 30.77 28.36 -14.65
C THR G 412 30.52 27.06 -13.89
N VAL G 413 30.94 25.93 -14.47
CA VAL G 413 30.78 24.64 -13.82
C VAL G 413 31.61 24.58 -12.54
N ALA G 414 32.82 25.16 -12.57
CA ALA G 414 33.66 25.21 -11.38
C ALA G 414 32.98 26.00 -10.28
N ARG G 415 32.40 27.14 -10.63
CA ARG G 415 31.68 27.94 -9.64
C ARG G 415 30.51 27.16 -9.05
N TYR G 416 29.72 26.52 -9.92
CA TYR G 416 28.54 25.80 -9.45
C TYR G 416 28.93 24.62 -8.57
N LYS G 417 29.99 23.91 -8.94
CA LYS G 417 30.42 22.77 -8.14
C LYS G 417 31.02 23.21 -6.81
N ALA G 418 31.73 24.34 -6.79
CA ALA G 418 32.21 24.86 -5.51
C ALA G 418 31.04 25.22 -4.59
N GLN G 419 30.02 25.87 -5.14
CA GLN G 419 28.86 26.19 -4.33
C GLN G 419 28.08 24.94 -3.93
N PHE G 420 28.09 23.90 -4.76
CA PHE G 420 27.42 22.65 -4.42
C PHE G 420 28.14 21.95 -3.28
N THR G 421 29.48 21.96 -3.31
CA THR G 421 30.25 21.43 -2.19
C THR G 421 30.03 22.25 -0.93
N GLN G 422 29.91 23.57 -1.05
CA GLN G 422 29.58 24.41 0.09
C GLN G 422 28.22 24.02 0.67
N LEU G 423 27.24 23.79 -0.20
CA LEU G 423 25.91 23.36 0.24
C LEU G 423 25.98 22.01 0.94
N ASP G 424 26.77 21.09 0.39
CA ASP G 424 26.92 19.78 1.02
C ASP G 424 27.55 19.91 2.41
N THR G 425 28.57 20.74 2.53
CA THR G 425 29.23 20.92 3.83
C THR G 425 28.30 21.55 4.85
N MET G 426 27.56 22.59 4.45
CA MET G 426 26.66 23.25 5.39
C MET G 426 25.45 22.38 5.73
N MET G 427 25.05 21.46 4.84
CA MET G 427 24.01 20.51 5.20
C MET G 427 24.54 19.41 6.11
N SER G 428 25.82 19.02 5.93
CA SER G 428 26.43 18.06 6.84
C SER G 428 26.57 18.64 8.24
N LYS G 429 26.94 19.92 8.35
CA LYS G 429 27.00 20.58 9.66
C LYS G 429 25.62 20.62 10.30
N LEU G 430 24.59 20.89 9.50
CA LEU G 430 23.21 20.89 9.99
C LEU G 430 22.57 19.52 9.82
N PHE H 1 7.96 35.71 -22.02
CA PHE H 1 9.39 35.48 -22.16
C PHE H 1 9.70 34.76 -23.46
N THR H 2 8.66 34.25 -24.10
CA THR H 2 8.77 33.55 -25.38
C THR H 2 8.69 34.50 -26.57
N ALA H 3 8.46 35.79 -26.33
CA ALA H 3 8.34 36.74 -27.43
C ALA H 3 9.63 36.80 -28.25
N ASN H 4 10.79 36.82 -27.58
CA ASN H 4 12.05 36.74 -28.30
C ASN H 4 12.19 35.38 -28.99
N ILE H 5 11.80 34.31 -28.32
CA ILE H 5 11.87 32.98 -28.92
C ILE H 5 10.93 32.89 -30.12
N LYS H 6 9.72 33.43 -29.99
CA LYS H 6 8.78 33.41 -31.11
C LYS H 6 9.29 34.25 -32.27
N GLY H 7 9.91 35.40 -31.98
CA GLY H 7 10.49 36.20 -33.03
C GLY H 7 11.63 35.48 -33.75
N LEU H 8 12.47 34.79 -32.99
CA LEU H 8 13.54 34.00 -33.60
C LEU H 8 12.97 32.88 -34.46
N THR H 9 11.93 32.21 -33.99
CA THR H 9 11.33 31.13 -34.77
C THR H 9 10.70 31.66 -36.05
N GLN H 10 10.01 32.79 -35.98
CA GLN H 10 9.40 33.34 -37.20
C GLN H 10 10.45 33.90 -38.15
N ALA H 11 11.57 34.41 -37.63
CA ALA H 11 12.68 34.76 -38.49
C ALA H 11 13.24 33.52 -39.18
N SER H 12 13.30 32.40 -38.46
CA SER H 12 13.71 31.14 -39.07
C SER H 12 12.74 30.71 -40.16
N ARG H 13 11.44 30.92 -39.94
CA ARG H 13 10.47 30.60 -40.99
C ARG H 13 10.64 31.48 -42.20
N ASN H 14 10.94 32.77 -42.00
CA ASN H 14 11.21 33.67 -43.11
C ASN H 14 12.46 33.22 -43.87
N ALA H 15 13.50 32.81 -43.14
CA ALA H 15 14.70 32.29 -43.79
C ALA H 15 14.39 31.01 -44.57
N ASN H 16 13.54 30.15 -44.01
CA ASN H 16 13.16 28.92 -44.71
C ASN H 16 12.34 29.21 -45.96
N ASP H 17 11.47 30.22 -45.90
CA ASP H 17 10.77 30.65 -47.11
C ASP H 17 11.74 31.19 -48.13
N GLY H 18 12.76 31.93 -47.68
CA GLY H 18 13.81 32.36 -48.60
C GLY H 18 14.55 31.20 -49.23
N ILE H 19 14.81 30.15 -48.46
CA ILE H 19 15.48 28.96 -49.00
C ILE H 19 14.58 28.24 -50.00
N SER H 20 13.28 28.18 -49.71
CA SER H 20 12.34 27.60 -50.67
C SER H 20 12.28 28.42 -51.95
N ILE H 21 12.36 29.74 -51.83
CA ILE H 21 12.44 30.60 -53.00
C ILE H 21 13.73 30.30 -53.77
N ALA H 22 14.83 30.07 -53.04
CA ALA H 22 16.08 29.72 -53.69
C ALA H 22 15.96 28.41 -54.47
N GLN H 23 15.30 27.40 -53.89
CA GLN H 23 15.20 26.11 -54.56
C GLN H 23 14.24 26.18 -55.75
N THR H 24 13.15 26.93 -55.64
CA THR H 24 12.27 27.09 -56.80
C THR H 24 12.96 27.92 -57.87
N THR H 25 13.88 28.81 -57.48
CA THR H 25 14.71 29.50 -58.46
C THR H 25 15.69 28.54 -59.12
N GLU H 26 16.21 27.56 -58.36
CA GLU H 26 17.01 26.50 -58.96
C GLU H 26 16.21 25.79 -60.05
N GLY H 27 14.98 25.38 -59.71
CA GLY H 27 14.14 24.70 -60.69
C GLY H 27 13.81 25.57 -61.88
N ALA H 28 13.51 26.85 -61.64
CA ALA H 28 13.20 27.77 -62.73
C ALA H 28 14.40 27.97 -63.63
N LEU H 29 15.60 28.07 -63.06
CA LEU H 29 16.80 28.24 -63.87
C LEU H 29 17.08 26.98 -64.69
N ASN H 30 16.86 25.81 -64.10
CA ASN H 30 16.98 24.58 -64.87
C ASN H 30 16.00 24.56 -66.03
N GLU H 31 14.76 24.97 -65.78
CA GLU H 31 13.74 24.96 -66.83
C GLU H 31 14.10 25.94 -67.94
N ILE H 32 14.54 27.15 -67.57
CA ILE H 32 14.87 28.14 -68.61
C ILE H 32 16.14 27.74 -69.34
N ASN H 33 17.05 27.03 -68.68
CA ASN H 33 18.19 26.45 -69.38
C ASN H 33 17.76 25.45 -70.42
N ASN H 34 16.82 24.57 -70.07
CA ASN H 34 16.27 23.63 -71.03
C ASN H 34 15.61 24.35 -72.19
N ASN H 35 14.85 25.41 -71.89
CA ASN H 35 14.18 26.17 -72.94
C ASN H 35 15.20 26.83 -73.86
N LEU H 36 16.27 27.40 -73.28
CA LEU H 36 17.31 28.02 -74.10
C LEU H 36 17.99 27.01 -74.99
N GLN H 37 18.27 25.81 -74.46
CA GLN H 37 18.85 24.76 -75.28
C GLN H 37 17.93 24.38 -76.43
N ARG H 38 16.63 24.23 -76.14
CA ARG H 38 15.69 23.89 -77.20
C ARG H 38 15.61 24.99 -78.25
N VAL H 39 15.57 26.25 -77.81
CA VAL H 39 15.45 27.36 -78.74
C VAL H 39 16.69 27.45 -79.62
N ARG H 40 17.89 27.32 -79.05
CA ARG H 40 19.10 27.38 -79.85
C ARG H 40 19.20 26.18 -80.79
N GLU H 41 18.76 25.00 -80.35
CA GLU H 41 18.71 23.84 -81.23
C GLU H 41 17.78 24.10 -82.40
N LEU H 42 16.60 24.66 -82.14
CA LEU H 42 15.66 24.97 -83.20
C LEU H 42 16.23 26.00 -84.17
N ALA H 43 16.90 27.03 -83.64
CA ALA H 43 17.49 28.06 -84.49
C ALA H 43 18.57 27.48 -85.39
N VAL H 44 19.44 26.63 -84.84
CA VAL H 44 20.48 26.02 -85.64
C VAL H 44 19.89 25.09 -86.69
N GLN H 45 18.89 24.28 -86.30
CA GLN H 45 18.27 23.36 -87.26
C GLN H 45 17.56 24.09 -88.38
N SER H 46 16.84 25.16 -88.06
CA SER H 46 16.03 25.88 -89.04
C SER H 46 16.81 26.96 -89.79
N ALA H 47 18.04 27.27 -89.37
CA ALA H 47 18.84 28.25 -90.11
C ALA H 47 19.12 27.76 -91.52
N ASN H 48 19.44 26.49 -91.68
CA ASN H 48 19.64 25.90 -93.00
C ASN H 48 18.29 25.59 -93.64
N SER H 49 18.22 25.80 -94.96
CA SER H 49 17.02 25.50 -95.72
C SER H 49 17.03 24.11 -96.33
N THR H 50 18.05 23.30 -96.03
CA THR H 50 18.12 21.95 -96.58
C THR H 50 16.97 21.08 -96.10
N ASN H 51 16.62 21.17 -94.82
CA ASN H 51 15.56 20.35 -94.26
C ASN H 51 14.19 20.80 -94.78
N SER H 52 13.25 19.86 -94.79
CA SER H 52 11.93 20.13 -95.32
C SER H 52 11.18 21.14 -94.46
N GLN H 53 10.36 21.96 -95.12
CA GLN H 53 9.57 22.96 -94.41
C GLN H 53 8.51 22.33 -93.52
N SER H 54 7.93 21.20 -93.94
CA SER H 54 6.92 20.54 -93.14
C SER H 54 7.49 20.07 -91.81
N ASP H 55 8.71 19.51 -91.84
CA ASP H 55 9.35 19.07 -90.59
C ASP H 55 9.61 20.25 -89.66
N LEU H 56 10.10 21.36 -90.21
CA LEU H 56 10.35 22.54 -89.39
C LEU H 56 9.07 23.07 -88.77
N ASP H 57 8.00 23.14 -89.57
CA ASP H 57 6.72 23.60 -89.04
C ASP H 57 6.21 22.68 -87.95
N SER H 58 6.33 21.36 -88.15
CA SER H 58 5.88 20.41 -87.13
C SER H 58 6.66 20.59 -85.84
N ILE H 59 8.00 20.57 -85.92
CA ILE H 59 8.81 20.66 -84.71
C ILE H 59 8.58 22.00 -84.02
N GLN H 60 8.37 23.07 -84.78
CA GLN H 60 7.96 24.34 -84.17
C GLN H 60 6.65 24.18 -83.41
N ALA H 61 5.71 23.41 -83.98
CA ALA H 61 4.45 23.19 -83.29
C ALA H 61 4.65 22.47 -81.95
N GLU H 62 5.41 21.36 -81.95
CA GLU H 62 5.64 20.69 -80.67
C GLU H 62 6.42 21.57 -79.69
N ILE H 63 7.40 22.34 -80.17
CA ILE H 63 8.16 23.22 -79.29
C ILE H 63 7.23 24.21 -78.61
N THR H 64 6.39 24.89 -79.40
CA THR H 64 5.48 25.87 -78.84
C THR H 64 4.51 25.22 -77.86
N GLN H 65 3.97 24.04 -78.22
CA GLN H 65 2.95 23.46 -77.37
C GLN H 65 3.53 23.00 -76.03
N ARG H 66 4.71 22.37 -76.03
CA ARG H 66 5.13 21.92 -74.71
C ARG H 66 5.78 23.06 -73.94
N LEU H 67 6.20 24.13 -74.65
CA LEU H 67 6.61 25.35 -73.96
C LEU H 67 5.43 25.96 -73.21
N ASN H 68 4.27 26.00 -73.86
CA ASN H 68 3.06 26.41 -73.16
C ASN H 68 2.72 25.46 -72.00
N GLU H 69 2.91 24.15 -72.21
CA GLU H 69 2.65 23.18 -71.15
C GLU H 69 3.54 23.43 -69.94
N ILE H 70 4.85 23.62 -70.17
CA ILE H 70 5.76 23.83 -69.05
C ILE H 70 5.49 25.18 -68.38
N ASP H 71 5.11 26.20 -69.17
CA ASP H 71 4.75 27.47 -68.56
C ASP H 71 3.54 27.34 -67.66
N ARG H 72 2.50 26.61 -68.11
CA ARG H 72 1.31 26.49 -67.28
C ARG H 72 1.54 25.60 -66.06
N VAL H 73 2.36 24.55 -66.19
CA VAL H 73 2.64 23.75 -65.00
C VAL H 73 3.51 24.52 -64.01
N SER H 74 4.40 25.38 -64.50
CA SER H 74 5.12 26.27 -63.60
C SER H 74 4.17 27.27 -62.93
N GLY H 75 3.17 27.75 -63.68
CA GLY H 75 2.21 28.70 -63.14
C GLY H 75 1.10 28.12 -62.31
N GLN H 76 0.97 26.80 -62.25
CA GLN H 76 -0.05 26.18 -61.40
C GLN H 76 0.50 25.69 -60.07
N THR H 77 1.79 25.88 -59.79
CA THR H 77 2.42 25.41 -58.57
C THR H 77 2.43 26.53 -57.53
N GLN H 78 1.49 26.49 -56.59
CA GLN H 78 1.42 27.47 -55.52
C GLN H 78 1.42 26.76 -54.17
N PHE H 79 2.39 27.12 -53.32
CA PHE H 79 2.43 26.66 -51.94
C PHE H 79 2.27 27.91 -51.06
N ASN H 80 1.25 27.88 -50.19
CA ASN H 80 0.96 28.97 -49.26
C ASN H 80 0.75 30.32 -49.97
N GLY H 81 0.60 30.30 -51.30
CA GLY H 81 0.27 31.49 -52.04
C GLY H 81 1.42 32.36 -52.48
N VAL H 82 2.63 31.81 -52.61
CA VAL H 82 3.80 32.56 -53.04
C VAL H 82 4.36 31.92 -54.31
N LYS H 83 4.66 32.77 -55.30
CA LYS H 83 5.20 32.31 -56.58
C LYS H 83 5.78 33.50 -57.33
N VAL H 84 6.80 33.25 -58.14
CA VAL H 84 7.54 34.30 -58.83
C VAL H 84 6.87 34.69 -60.15
N LEU H 85 6.64 33.73 -61.04
CA LEU H 85 6.23 34.04 -62.40
C LEU H 85 4.77 34.45 -62.52
N ALA H 86 3.99 34.38 -61.45
CA ALA H 86 2.59 34.75 -61.51
C ALA H 86 2.32 36.16 -61.02
N GLN H 87 2.74 36.48 -59.80
CA GLN H 87 2.46 37.78 -59.19
C GLN H 87 3.74 38.39 -58.64
N ASP H 88 3.73 39.72 -58.56
CA ASP H 88 4.86 40.50 -58.07
C ASP H 88 4.58 40.93 -56.64
N ASN H 89 5.54 40.67 -55.74
CA ASN H 89 5.39 41.09 -54.36
C ASN H 89 6.77 41.33 -53.76
N THR H 90 6.83 42.27 -52.82
CA THR H 90 8.05 42.57 -52.07
C THR H 90 7.84 42.12 -50.63
N LEU H 91 8.71 41.23 -50.17
CA LEU H 91 8.63 40.68 -48.82
C LEU H 91 9.83 41.14 -48.02
N THR H 92 9.59 41.68 -46.82
CA THR H 92 10.64 42.13 -45.93
C THR H 92 10.58 41.36 -44.62
N ILE H 93 11.76 41.04 -44.08
CA ILE H 93 11.82 40.34 -42.80
C ILE H 93 11.34 41.26 -41.69
N GLN H 94 10.64 40.69 -40.71
CA GLN H 94 10.09 41.48 -39.63
C GLN H 94 11.23 42.12 -38.82
N VAL H 95 10.98 43.33 -38.35
CA VAL H 95 11.95 44.05 -37.52
C VAL H 95 11.47 43.96 -36.08
N GLY H 96 11.90 42.89 -35.40
CA GLY H 96 11.65 42.73 -33.99
C GLY H 96 12.90 43.00 -33.18
N ALA H 97 13.80 43.78 -33.77
CA ALA H 97 15.12 44.10 -33.22
C ALA H 97 16.02 42.88 -33.19
N ASN H 98 15.49 41.73 -33.59
CA ASN H 98 16.31 40.53 -33.75
C ASN H 98 17.14 40.58 -35.02
N ASP H 99 16.63 41.24 -36.06
CA ASP H 99 17.31 41.37 -37.34
C ASP H 99 18.02 42.72 -37.38
N GLY H 100 19.36 42.68 -37.43
CA GLY H 100 20.12 43.92 -37.46
C GLY H 100 19.86 44.72 -38.73
N GLU H 101 19.79 44.02 -39.86
CA GLU H 101 19.52 44.65 -41.16
C GLU H 101 18.32 43.97 -41.80
N THR H 102 17.45 44.77 -42.40
CA THR H 102 16.28 44.23 -43.08
C THR H 102 16.47 44.32 -44.60
N ILE H 103 16.20 43.21 -45.28
CA ILE H 103 16.34 43.15 -46.73
C ILE H 103 14.97 42.84 -47.32
N ASP H 104 14.76 43.29 -48.56
CA ASP H 104 13.52 43.04 -49.29
C ASP H 104 13.78 42.11 -50.46
N ILE H 105 12.93 41.11 -50.61
CA ILE H 105 12.98 40.18 -51.73
C ILE H 105 11.83 40.52 -52.67
N ASP H 106 12.16 40.68 -53.95
CA ASP H 106 11.20 41.11 -54.96
C ASP H 106 10.93 39.95 -55.91
N LEU H 107 9.68 39.49 -55.94
CA LEU H 107 9.23 38.42 -56.83
C LEU H 107 8.35 39.10 -57.89
N LYS H 108 8.98 39.52 -58.97
CA LYS H 108 8.30 40.23 -60.03
C LYS H 108 7.83 39.27 -61.12
N GLN H 109 6.95 39.78 -61.98
CA GLN H 109 6.47 39.01 -63.12
C GLN H 109 7.62 38.68 -64.06
N ILE H 110 8.01 37.41 -64.11
CA ILE H 110 9.16 36.97 -64.90
C ILE H 110 8.69 35.83 -65.80
N ASN H 111 8.57 36.12 -67.09
CA ASN H 111 8.24 35.11 -68.09
C ASN H 111 8.97 35.40 -69.40
N SER H 112 9.25 34.34 -70.14
CA SER H 112 9.99 34.48 -71.39
C SER H 112 9.09 34.87 -72.55
N GLN H 113 7.77 34.73 -72.41
CA GLN H 113 6.87 35.11 -73.50
C GLN H 113 6.81 36.62 -73.68
N THR H 114 7.05 37.38 -72.61
CA THR H 114 7.13 38.84 -72.74
C THR H 114 8.31 39.23 -73.60
N LEU H 115 9.42 38.48 -73.51
CA LEU H 115 10.58 38.74 -74.35
C LEU H 115 10.30 38.48 -75.82
N GLY H 116 9.18 37.80 -76.14
CA GLY H 116 8.82 37.54 -77.51
C GLY H 116 9.35 36.25 -78.09
N LEU H 117 9.93 35.38 -77.26
CA LEU H 117 10.46 34.12 -77.76
C LEU H 117 9.35 33.25 -78.34
N ASP H 118 8.15 33.33 -77.79
CA ASP H 118 7.00 32.67 -78.41
C ASP H 118 6.68 33.28 -79.76
N THR H 119 6.76 34.61 -79.86
CA THR H 119 6.49 35.28 -81.13
C THR H 119 7.62 35.09 -82.13
N LEU H 120 8.76 34.55 -81.68
CA LEU H 120 9.91 34.37 -82.56
C LEU H 120 9.54 33.47 -83.74
N ASN H 121 10.01 33.87 -84.93
CA ASN H 121 9.85 33.07 -86.13
C ASN H 121 11.11 33.21 -86.97
N VAL H 122 11.72 32.08 -87.31
CA VAL H 122 12.98 32.09 -88.04
C VAL H 122 12.79 32.19 -89.55
N GLN H 123 11.64 31.76 -90.07
CA GLN H 123 11.39 31.74 -91.50
C GLN H 123 10.52 32.93 -91.89
N GLN H 124 10.93 33.64 -92.94
CA GLN H 124 10.16 34.77 -93.43
C GLN H 124 8.79 34.32 -93.92
N LYS H 125 7.79 35.16 -93.70
CA LYS H 125 6.42 34.78 -93.99
C LYS H 125 6.22 34.61 -95.50
N TYR H 126 5.61 33.50 -95.89
CA TYR H 126 5.28 33.21 -97.28
C TYR H 126 3.76 33.15 -97.42
N LYS H 127 3.26 33.63 -98.54
CA LYS H 127 1.83 33.60 -98.80
C LYS H 127 1.34 32.16 -98.88
N VAL H 128 0.10 31.94 -98.41
CA VAL H 128 -0.49 30.61 -98.40
C VAL H 128 -1.12 30.33 -99.75
N SER H 129 -1.01 29.08 -100.20
CA SER H 129 -1.66 28.64 -101.43
C SER H 129 -3.14 28.42 -101.14
N ASP H 130 -3.98 29.40 -101.47
CA ASP H 130 -5.40 29.35 -101.18
C ASP H 130 -6.15 28.87 -102.42
N THR H 131 -7.04 27.90 -102.23
CA THR H 131 -7.80 27.30 -103.31
C THR H 131 -9.17 27.96 -103.37
N ALA H 132 -9.41 28.74 -104.42
CA ALA H 132 -10.69 29.41 -104.60
C ALA H 132 -11.63 28.53 -105.41
N ALA H 133 -12.94 28.73 -105.18
CA ALA H 133 -13.99 27.97 -105.87
C ALA H 133 -13.80 26.47 -105.69
N THR H 134 -13.55 26.05 -104.44
CA THR H 134 -13.42 24.63 -104.16
C THR H 134 -14.74 23.89 -104.37
N VAL H 135 -15.87 24.58 -104.20
CA VAL H 135 -17.21 24.05 -104.46
C VAL H 135 -17.37 22.78 -103.62
N THR H 136 -17.43 22.96 -102.30
CA THR H 136 -17.72 21.86 -101.38
C THR H 136 -18.59 22.38 -100.26
N GLY H 137 -19.45 21.51 -99.73
CA GLY H 137 -20.29 21.85 -98.60
C GLY H 137 -21.48 22.72 -98.98
N TYR H 138 -22.26 23.07 -97.95
CA TYR H 138 -23.41 23.95 -98.11
C TYR H 138 -23.58 24.78 -96.85
N ALA H 139 -24.54 25.69 -96.89
CA ALA H 139 -24.87 26.55 -95.77
C ALA H 139 -26.20 26.12 -95.17
N ASP H 140 -26.28 26.09 -93.84
CA ASP H 140 -27.52 25.73 -93.16
C ASP H 140 -28.47 26.93 -93.11
N THR H 141 -29.73 26.69 -93.47
CA THR H 141 -30.76 27.70 -93.42
C THR H 141 -31.99 27.16 -92.70
N THR H 142 -32.65 28.03 -91.94
CA THR H 142 -33.80 27.64 -91.14
C THR H 142 -35.08 28.35 -91.58
N ILE H 143 -35.10 28.95 -92.78
CA ILE H 143 -36.30 29.62 -93.24
C ILE H 143 -37.38 28.59 -93.56
N ALA H 144 -38.63 28.96 -93.29
CA ALA H 144 -39.77 28.08 -93.51
C ALA H 144 -40.98 28.91 -93.90
N LEU H 145 -41.96 28.24 -94.50
CA LEU H 145 -43.18 28.92 -94.93
C LEU H 145 -43.98 29.42 -93.73
N ASP H 146 -44.54 30.61 -93.88
CA ASP H 146 -45.41 31.17 -92.84
C ASP H 146 -46.70 30.36 -92.75
N ASN H 147 -47.28 30.34 -91.54
CA ASN H 147 -48.52 29.59 -91.34
C ASN H 147 -49.65 30.14 -92.20
N SER H 148 -49.77 31.47 -92.26
CA SER H 148 -50.83 32.07 -93.08
C SER H 148 -50.61 31.77 -94.55
N THR H 149 -49.36 31.87 -95.02
CA THR H 149 -49.08 31.61 -96.43
C THR H 149 -49.34 30.14 -96.78
N PHE H 150 -48.91 29.22 -95.91
CA PHE H 150 -49.17 27.80 -96.17
C PHE H 150 -50.66 27.50 -96.16
N LYS H 151 -51.40 28.10 -95.22
CA LYS H 151 -52.85 27.89 -95.16
C LYS H 151 -53.52 28.42 -96.43
N ALA H 152 -53.12 29.61 -96.88
CA ALA H 152 -53.70 30.17 -98.10
C ALA H 152 -53.38 29.28 -99.31
N SER H 153 -52.15 28.79 -99.40
CA SER H 153 -51.79 27.91 -100.51
C SER H 153 -52.59 26.63 -100.48
N ALA H 154 -52.77 26.05 -99.29
CA ALA H 154 -53.54 24.81 -99.17
C ALA H 154 -55.00 25.04 -99.55
N THR H 155 -55.58 26.16 -99.11
CA THR H 155 -56.97 26.45 -99.46
C THR H 155 -57.13 26.70 -100.95
N GLY H 156 -56.16 27.40 -101.57
CA GLY H 156 -56.22 27.64 -103.00
C GLY H 156 -56.09 26.37 -103.82
N LEU H 157 -55.16 25.49 -103.43
CA LEU H 157 -54.96 24.25 -104.16
C LEU H 157 -56.08 23.24 -103.92
N GLY H 158 -56.86 23.42 -102.85
CA GLY H 158 -57.95 22.51 -102.54
C GLY H 158 -57.61 21.54 -101.44
N GLY H 159 -58.55 20.62 -101.21
CA GLY H 159 -58.38 19.61 -100.19
C GLY H 159 -59.48 19.62 -99.14
N THR H 160 -60.10 18.46 -98.92
CA THR H 160 -61.18 18.38 -97.94
C THR H 160 -60.67 18.54 -96.52
N ASP H 161 -59.56 17.88 -96.20
CA ASP H 161 -58.97 17.93 -94.86
C ASP H 161 -57.70 18.78 -94.89
N GLN H 162 -57.62 19.76 -94.00
CA GLN H 162 -56.49 20.66 -93.93
C GLN H 162 -55.41 20.19 -92.98
N LYS H 163 -55.57 19.02 -92.37
CA LYS H 163 -54.54 18.50 -91.48
C LYS H 163 -53.30 18.12 -92.27
N ILE H 164 -52.14 18.52 -91.76
CA ILE H 164 -50.86 18.27 -92.41
C ILE H 164 -50.45 16.82 -92.16
N ASP H 165 -49.99 16.15 -93.22
CA ASP H 165 -49.58 14.75 -93.16
C ASP H 165 -48.06 14.71 -93.00
N GLY H 166 -47.59 14.59 -91.77
CA GLY H 166 -46.16 14.51 -91.51
C GLY H 166 -45.46 15.84 -91.69
N ASP H 167 -44.13 15.78 -91.63
CA ASP H 167 -43.32 16.97 -91.81
C ASP H 167 -43.26 17.34 -93.30
N LEU H 168 -43.05 18.63 -93.55
CA LEU H 168 -42.93 19.12 -94.92
C LEU H 168 -41.68 18.54 -95.58
N LYS H 169 -41.79 18.30 -96.88
CA LYS H 169 -40.69 17.70 -97.64
C LYS H 169 -39.84 18.81 -98.24
N PHE H 170 -38.53 18.77 -97.99
CA PHE H 170 -37.61 19.79 -98.46
C PHE H 170 -36.55 19.16 -99.34
N ASP H 171 -36.31 19.77 -100.50
CA ASP H 171 -35.24 19.37 -101.40
C ASP H 171 -34.29 20.54 -101.58
N ASP H 172 -33.02 20.34 -101.23
CA ASP H 172 -32.03 21.39 -101.38
C ASP H 172 -31.65 21.58 -102.85
N THR H 173 -31.67 20.49 -103.62
CA THR H 173 -31.28 20.56 -105.03
C THR H 173 -32.27 21.41 -105.84
N THR H 174 -33.57 21.11 -105.72
CA THR H 174 -34.56 21.90 -106.43
C THR H 174 -34.80 23.24 -105.75
N GLY H 175 -34.81 23.26 -104.42
CA GLY H 175 -35.04 24.48 -103.68
C GLY H 175 -36.49 24.89 -103.55
N LYS H 176 -37.42 24.02 -103.92
CA LYS H 176 -38.85 24.31 -103.84
C LYS H 176 -39.54 23.32 -102.90
N TYR H 177 -40.46 23.84 -102.10
CA TYR H 177 -41.18 23.00 -101.16
C TYR H 177 -42.30 22.24 -101.86
N TYR H 178 -42.50 20.99 -101.44
CA TYR H 178 -43.53 20.12 -101.98
C TYR H 178 -44.71 20.06 -101.01
N ALA H 179 -45.90 20.31 -101.55
CA ALA H 179 -47.15 20.24 -100.77
C ALA H 179 -47.97 19.07 -101.27
N LYS H 180 -48.69 18.42 -100.36
CA LYS H 180 -49.51 17.26 -100.67
C LYS H 180 -50.98 17.65 -100.58
N VAL H 181 -51.68 17.57 -101.71
CA VAL H 181 -53.10 17.93 -101.80
C VAL H 181 -53.85 16.73 -102.34
N THR H 182 -54.94 16.37 -101.66
CA THR H 182 -55.75 15.24 -102.11
C THR H 182 -56.55 15.61 -103.35
N VAL H 183 -56.77 14.61 -104.22
CA VAL H 183 -57.52 14.79 -105.44
C VAL H 183 -58.81 13.98 -105.32
N THR H 184 -59.94 14.64 -105.56
CA THR H 184 -61.24 13.97 -105.48
C THR H 184 -61.48 13.11 -106.71
N GLY H 185 -62.04 11.92 -106.49
CA GLY H 185 -62.36 11.02 -107.57
C GLY H 185 -61.22 10.14 -108.05
N GLY H 186 -60.08 10.17 -107.39
CA GLY H 186 -58.95 9.35 -107.78
C GLY H 186 -58.36 8.61 -106.60
N THR H 187 -58.06 7.33 -106.81
CA THR H 187 -57.47 6.48 -105.78
C THR H 187 -55.99 6.29 -106.08
N GLY H 188 -55.14 6.65 -105.11
CA GLY H 188 -53.71 6.55 -105.29
C GLY H 188 -53.07 7.72 -106.00
N LYS H 189 -53.86 8.72 -106.41
CA LYS H 189 -53.31 9.87 -107.12
C LYS H 189 -52.60 10.85 -106.20
N ASP H 190 -52.71 10.65 -104.88
CA ASP H 190 -52.11 11.58 -103.92
C ASP H 190 -50.58 11.58 -104.05
N GLY H 191 -50.01 12.77 -103.89
CA GLY H 191 -48.56 12.89 -103.94
C GLY H 191 -48.14 14.33 -103.69
N TYR H 192 -46.85 14.50 -103.41
CA TYR H 192 -46.28 15.81 -103.15
C TYR H 192 -45.91 16.47 -104.48
N TYR H 193 -46.44 17.66 -104.71
CA TYR H 193 -46.13 18.46 -105.89
C TYR H 193 -45.38 19.71 -105.44
N GLU H 194 -44.33 20.07 -106.18
CA GLU H 194 -43.53 21.23 -105.84
C GLU H 194 -44.26 22.51 -106.17
N VAL H 195 -44.04 23.54 -105.35
CA VAL H 195 -44.62 24.86 -105.57
C VAL H 195 -43.51 25.89 -105.51
N SER H 196 -43.72 27.01 -106.19
CA SER H 196 -42.74 28.09 -106.23
C SER H 196 -43.14 29.16 -105.23
N VAL H 197 -42.27 29.43 -104.26
CA VAL H 197 -42.52 30.43 -103.23
C VAL H 197 -41.58 31.60 -103.48
N ASP H 198 -42.16 32.80 -103.57
CA ASP H 198 -41.38 33.99 -103.85
C ASP H 198 -40.66 34.43 -102.58
N LYS H 199 -39.35 34.21 -102.54
CA LYS H 199 -38.57 34.61 -101.37
C LYS H 199 -38.45 36.13 -101.28
N THR H 200 -38.19 36.79 -102.41
CA THR H 200 -38.02 38.24 -102.38
C THR H 200 -39.37 38.94 -102.51
N ASN H 201 -40.20 38.54 -103.47
CA ASN H 201 -41.46 39.23 -103.70
C ASN H 201 -42.41 39.09 -102.51
N GLY H 202 -42.51 37.89 -101.95
CA GLY H 202 -43.35 37.66 -100.79
C GLY H 202 -44.84 37.56 -101.07
N GLU H 203 -45.24 37.42 -102.33
CA GLU H 203 -46.64 37.32 -102.71
C GLU H 203 -46.94 35.91 -103.19
N VAL H 204 -48.03 35.33 -102.68
CA VAL H 204 -48.40 33.97 -103.06
C VAL H 204 -49.08 33.99 -104.42
N THR H 205 -48.43 33.39 -105.42
CA THR H 205 -48.95 33.34 -106.78
C THR H 205 -48.73 31.95 -107.35
N LEU H 206 -49.71 31.48 -108.12
CA LEU H 206 -49.60 30.17 -108.75
C LEU H 206 -48.49 30.19 -109.80
N ALA H 207 -47.72 29.11 -109.87
CA ALA H 207 -46.57 29.02 -110.76
C ALA H 207 -46.97 28.25 -112.03
N GLY H 208 -47.20 28.98 -113.12
CA GLY H 208 -47.44 28.38 -114.41
C GLY H 208 -48.86 27.94 -114.67
N GLY H 209 -49.71 27.90 -113.65
CA GLY H 209 -51.10 27.46 -113.85
C GLY H 209 -51.22 26.06 -114.39
N ALA H 210 -50.44 25.13 -113.84
CA ALA H 210 -50.43 23.74 -114.31
C ALA H 210 -51.51 22.97 -113.58
N THR H 211 -52.67 22.84 -114.22
CA THR H 211 -53.78 22.10 -113.60
C THR H 211 -53.54 20.60 -113.63
N SER H 212 -52.98 20.09 -114.72
CA SER H 212 -52.74 18.66 -114.83
C SER H 212 -51.54 18.27 -113.98
N PRO H 213 -51.70 17.34 -113.03
CA PRO H 213 -50.57 16.90 -112.21
C PRO H 213 -49.53 16.15 -113.04
N LEU H 214 -48.29 16.21 -112.58
CA LEU H 214 -47.20 15.54 -113.28
C LEU H 214 -47.39 14.03 -113.26
N THR H 215 -47.06 13.41 -114.39
CA THR H 215 -47.19 11.97 -114.51
C THR H 215 -46.21 11.25 -113.59
N GLY H 216 -46.63 10.08 -113.10
CA GLY H 216 -45.83 9.28 -112.20
C GLY H 216 -46.19 9.41 -110.74
N GLY H 217 -46.97 10.42 -110.37
CA GLY H 217 -47.35 10.59 -108.98
C GLY H 217 -46.14 10.84 -108.09
N LEU H 218 -46.05 10.10 -107.00
CA LEU H 218 -44.94 10.25 -106.08
C LEU H 218 -43.64 9.79 -106.74
N PRO H 219 -42.59 10.60 -106.71
CA PRO H 219 -41.32 10.18 -107.30
C PRO H 219 -40.75 8.95 -106.61
N ALA H 220 -40.17 8.05 -107.41
CA ALA H 220 -39.57 6.83 -106.90
C ALA H 220 -38.09 6.97 -106.60
N THR H 221 -37.49 8.12 -106.89
CA THR H 221 -36.07 8.31 -106.62
C THR H 221 -35.78 8.26 -105.13
N ALA H 222 -36.62 8.91 -104.32
CA ALA H 222 -36.45 8.93 -102.87
C ALA H 222 -37.78 8.58 -102.22
N THR H 223 -37.77 7.51 -101.43
CA THR H 223 -38.93 7.08 -100.66
C THR H 223 -38.88 7.56 -99.21
N GLU H 224 -37.88 8.35 -98.85
CA GLU H 224 -37.71 8.87 -97.50
C GLU H 224 -37.51 10.38 -97.55
N ASP H 225 -38.11 11.08 -96.59
CA ASP H 225 -37.99 12.53 -96.54
C ASP H 225 -36.61 12.94 -96.02
N VAL H 226 -36.24 14.18 -96.29
CA VAL H 226 -34.95 14.74 -95.88
C VAL H 226 -35.21 15.71 -94.73
N LYS H 227 -34.68 15.40 -93.56
CA LYS H 227 -34.88 16.27 -92.40
C LYS H 227 -34.05 17.55 -92.51
N ASN H 228 -32.79 17.44 -92.90
CA ASN H 228 -31.92 18.60 -92.95
C ASN H 228 -32.27 19.50 -94.13
N VAL H 229 -32.12 20.80 -93.93
CA VAL H 229 -32.40 21.81 -94.95
C VAL H 229 -31.10 22.51 -95.30
N GLN H 230 -30.78 22.55 -96.60
CA GLN H 230 -29.56 23.15 -97.08
C GLN H 230 -29.86 24.20 -98.14
N VAL H 231 -29.01 25.22 -98.22
CA VAL H 231 -29.10 26.25 -99.23
C VAL H 231 -27.78 26.25 -100.01
N ALA H 232 -27.77 26.94 -101.15
CA ALA H 232 -26.61 26.94 -102.03
C ALA H 232 -25.38 27.48 -101.32
N ASN H 233 -24.23 26.92 -101.68
CA ASN H 233 -22.95 27.26 -101.07
C ASN H 233 -22.36 28.58 -101.57
N ALA H 234 -23.17 29.41 -102.21
CA ALA H 234 -22.72 30.73 -102.67
C ALA H 234 -23.29 31.86 -101.83
N ASP H 235 -24.46 31.67 -101.21
CA ASP H 235 -25.07 32.73 -100.43
C ASP H 235 -24.44 32.83 -99.05
N LEU H 236 -24.40 31.74 -98.31
CA LEU H 236 -23.87 31.70 -96.95
C LEU H 236 -24.56 32.75 -96.06
N THR H 237 -25.87 32.57 -95.89
CA THR H 237 -26.65 33.54 -95.12
C THR H 237 -26.18 33.61 -93.67
N GLU H 238 -25.86 32.46 -93.07
CA GLU H 238 -25.32 32.47 -91.71
C GLU H 238 -23.95 33.12 -91.67
N ALA H 239 -23.09 32.79 -92.64
CA ALA H 239 -21.77 33.41 -92.70
C ALA H 239 -21.87 34.90 -92.98
N LYS H 240 -22.80 35.30 -93.86
CA LYS H 240 -22.99 36.72 -94.13
C LYS H 240 -23.48 37.46 -92.89
N ALA H 241 -24.41 36.86 -92.14
CA ALA H 241 -24.89 37.48 -90.91
C ALA H 241 -23.77 37.63 -89.89
N ALA H 242 -22.96 36.58 -89.73
CA ALA H 242 -21.82 36.66 -88.81
C ALA H 242 -20.82 37.72 -89.25
N LEU H 243 -20.56 37.81 -90.56
CA LEU H 243 -19.62 38.80 -91.08
C LEU H 243 -20.13 40.21 -90.84
N THR H 244 -21.43 40.45 -91.08
CA THR H 244 -21.99 41.78 -90.85
C THR H 244 -21.98 42.11 -89.36
N ALA H 245 -22.23 41.12 -88.50
CA ALA H 245 -22.16 41.36 -87.06
C ALA H 245 -20.73 41.72 -86.64
N ALA H 246 -19.74 41.03 -87.20
CA ALA H 246 -18.35 41.32 -86.86
C ALA H 246 -17.86 42.60 -87.51
N GLY H 247 -18.51 43.05 -88.59
CA GLY H 247 -18.11 44.26 -89.27
C GLY H 247 -17.02 44.10 -90.30
N VAL H 248 -16.66 42.86 -90.65
CA VAL H 248 -15.61 42.60 -91.63
C VAL H 248 -16.23 41.92 -92.85
N THR H 249 -17.52 42.18 -93.06
CA THR H 249 -18.25 41.51 -94.14
C THR H 249 -17.69 41.89 -95.51
N GLY H 250 -17.80 40.96 -96.45
CA GLY H 250 -17.36 41.21 -97.81
C GLY H 250 -17.73 40.04 -98.70
N THR H 251 -17.73 40.33 -100.01
CA THR H 251 -18.04 39.32 -101.01
C THR H 251 -16.76 38.97 -101.78
N ALA H 252 -16.38 37.70 -101.73
CA ALA H 252 -15.18 37.21 -102.42
C ALA H 252 -15.28 35.69 -102.50
N SER H 253 -14.37 35.11 -103.27
CA SER H 253 -14.33 33.66 -103.39
C SER H 253 -13.74 33.04 -102.14
N VAL H 254 -14.44 32.05 -101.58
CA VAL H 254 -13.98 31.41 -100.36
C VAL H 254 -12.78 30.53 -100.68
N VAL H 255 -11.84 30.45 -99.73
CA VAL H 255 -10.56 29.80 -99.94
C VAL H 255 -10.27 28.83 -98.80
N LYS H 256 -9.30 27.96 -99.05
CA LYS H 256 -8.82 27.00 -98.06
C LYS H 256 -7.39 27.36 -97.68
N MET H 257 -7.10 27.35 -96.37
CA MET H 257 -5.80 27.74 -95.86
C MET H 257 -4.89 26.52 -95.84
N SER H 258 -3.96 26.46 -96.79
CA SER H 258 -3.06 25.32 -96.91
C SER H 258 -1.72 25.80 -97.48
N TYR H 259 -0.71 24.94 -97.33
CA TYR H 259 0.62 25.18 -97.87
C TYR H 259 0.95 24.11 -98.91
N THR H 260 1.54 24.55 -100.02
CA THR H 260 1.88 23.66 -101.11
C THR H 260 3.21 22.97 -100.83
N ASP H 261 3.25 21.65 -101.01
CA ASP H 261 4.46 20.87 -100.87
C ASP H 261 4.55 19.92 -102.06
N ASN H 262 5.52 19.00 -102.00
CA ASN H 262 5.67 18.02 -103.07
C ASN H 262 4.44 17.13 -103.18
N ASN H 263 3.89 16.71 -102.03
CA ASN H 263 2.67 15.90 -102.04
C ASN H 263 1.43 16.73 -102.35
N GLY H 264 1.51 18.05 -102.28
CA GLY H 264 0.36 18.90 -102.51
C GLY H 264 -0.74 18.74 -101.48
N LYS H 265 -0.39 18.69 -100.20
CA LYS H 265 -1.38 18.48 -99.16
C LYS H 265 -2.30 19.69 -99.03
N THR H 266 -3.58 19.42 -98.77
CA THR H 266 -4.57 20.45 -98.52
C THR H 266 -5.02 20.36 -97.08
N ILE H 267 -4.98 21.48 -96.37
CA ILE H 267 -5.34 21.55 -94.96
C ILE H 267 -6.66 22.29 -94.84
N ASP H 268 -7.63 21.68 -94.17
CA ASP H 268 -8.95 22.28 -93.97
C ASP H 268 -8.87 23.19 -92.75
N GLY H 269 -8.38 24.40 -92.98
CA GLY H 269 -8.24 25.39 -91.92
C GLY H 269 -9.47 26.26 -91.75
N GLY H 270 -10.56 25.86 -92.36
CA GLY H 270 -11.80 26.62 -92.28
C GLY H 270 -12.09 27.38 -93.56
N LEU H 271 -13.37 27.70 -93.76
CA LEU H 271 -13.82 28.44 -94.92
C LEU H 271 -14.04 29.89 -94.53
N ALA H 272 -13.26 30.80 -95.09
CA ALA H 272 -13.33 32.21 -94.76
C ALA H 272 -13.40 33.05 -96.03
N VAL H 273 -14.14 34.14 -95.95
CA VAL H 273 -14.26 35.09 -97.05
C VAL H 273 -13.81 36.44 -96.51
N LYS H 274 -12.51 36.74 -96.63
CA LYS H 274 -11.93 37.99 -96.18
C LYS H 274 -10.98 38.52 -97.23
N VAL H 275 -11.06 39.83 -97.50
CA VAL H 275 -10.10 40.46 -98.41
C VAL H 275 -8.72 40.53 -97.75
N GLY H 276 -8.69 40.68 -96.43
CA GLY H 276 -7.42 40.74 -95.73
C GLY H 276 -6.74 39.39 -95.62
N ASP H 277 -5.49 39.43 -95.14
CA ASP H 277 -4.71 38.21 -95.00
C ASP H 277 -5.32 37.26 -93.97
N ASP H 278 -5.82 37.79 -92.85
CA ASP H 278 -6.37 36.95 -91.80
C ASP H 278 -7.65 36.27 -92.26
N TYR H 279 -7.82 35.01 -91.86
CA TYR H 279 -8.94 34.18 -92.28
C TYR H 279 -9.55 33.51 -91.06
N TYR H 280 -10.86 33.62 -90.89
CA TYR H 280 -11.54 33.01 -89.76
C TYR H 280 -11.86 31.54 -90.07
N SER H 281 -11.52 30.66 -89.14
CA SER H 281 -11.74 29.23 -89.33
C SER H 281 -13.22 28.90 -89.14
N ALA H 282 -13.82 28.28 -90.15
CA ALA H 282 -15.19 27.79 -90.08
C ALA H 282 -15.16 26.27 -90.19
N THR H 283 -15.79 25.59 -89.23
CA THR H 283 -15.61 24.15 -89.10
C THR H 283 -16.45 23.42 -90.15
N GLN H 284 -15.80 22.51 -90.88
CA GLN H 284 -16.50 21.64 -91.81
C GLN H 284 -17.08 20.47 -91.02
N ASN H 285 -18.34 20.59 -90.64
CA ASN H 285 -18.97 19.58 -89.80
C ASN H 285 -19.12 18.26 -90.56
N LYS H 286 -19.24 17.18 -89.80
CA LYS H 286 -19.30 15.84 -90.38
C LYS H 286 -20.55 15.62 -91.22
N ASP H 287 -21.57 16.47 -91.09
CA ASP H 287 -22.76 16.34 -91.91
C ASP H 287 -22.53 16.77 -93.36
N GLY H 288 -21.38 17.38 -93.65
CA GLY H 288 -21.07 17.84 -94.99
C GLY H 288 -21.28 19.32 -95.22
N SER H 289 -21.61 20.09 -94.19
CA SER H 289 -21.87 21.52 -94.33
C SER H 289 -20.96 22.29 -93.38
N ILE H 290 -20.32 23.33 -93.91
CA ILE H 290 -19.42 24.16 -93.11
C ILE H 290 -20.23 25.17 -92.31
N SER H 291 -19.89 25.29 -91.03
CA SER H 291 -20.65 26.14 -90.11
C SER H 291 -19.69 26.96 -89.26
N ILE H 292 -20.22 28.05 -88.71
CA ILE H 292 -19.41 28.98 -87.92
C ILE H 292 -18.82 28.26 -86.71
N ASN H 293 -17.55 28.51 -86.45
CA ASN H 293 -16.82 27.85 -85.36
C ASN H 293 -17.03 28.66 -84.07
N THR H 294 -17.95 28.20 -83.24
CA THR H 294 -18.14 28.82 -81.94
C THR H 294 -16.95 28.52 -81.04
N THR H 295 -16.34 29.57 -80.49
CA THR H 295 -15.16 29.44 -79.65
C THR H 295 -15.54 29.59 -78.19
N LYS H 296 -14.89 28.82 -77.33
CA LYS H 296 -15.08 28.90 -75.88
C LYS H 296 -13.72 29.17 -75.23
N TYR H 297 -13.65 30.18 -74.38
CA TYR H 297 -12.40 30.56 -73.74
C TYR H 297 -12.67 30.98 -72.31
N THR H 298 -11.64 30.87 -71.48
CA THR H 298 -11.74 31.32 -70.10
C THR H 298 -11.47 32.82 -70.02
N ALA H 299 -12.39 33.54 -69.37
CA ALA H 299 -12.30 34.99 -69.29
C ALA H 299 -13.02 35.45 -68.03
N ASP H 300 -12.82 36.74 -67.71
CA ASP H 300 -13.42 37.31 -66.51
C ASP H 300 -14.95 37.29 -66.59
N ASP H 301 -15.50 37.64 -67.76
CA ASP H 301 -16.95 37.69 -67.89
C ASP H 301 -17.57 36.30 -67.77
N GLY H 302 -16.89 35.27 -68.25
CA GLY H 302 -17.40 33.92 -68.20
C GLY H 302 -18.30 33.52 -69.35
N THR H 303 -18.58 34.43 -70.27
CA THR H 303 -19.41 34.14 -71.43
C THR H 303 -18.56 34.27 -72.69
N SER H 304 -18.55 33.22 -73.50
CA SER H 304 -17.74 33.20 -74.70
C SER H 304 -18.39 34.01 -75.81
N LYS H 305 -17.60 34.85 -76.48
CA LYS H 305 -18.07 35.68 -77.57
C LYS H 305 -17.37 35.26 -78.86
N THR H 306 -18.16 34.97 -79.89
CA THR H 306 -17.61 34.59 -81.18
C THR H 306 -17.02 35.80 -81.89
N ALA H 307 -15.79 35.66 -82.38
CA ALA H 307 -15.09 36.77 -83.02
C ALA H 307 -14.11 36.22 -84.04
N LEU H 308 -13.55 37.13 -84.83
CA LEU H 308 -12.57 36.75 -85.84
C LEU H 308 -11.30 36.20 -85.19
N ASN H 309 -10.79 35.10 -85.74
CA ASN H 309 -9.56 34.48 -85.28
C ASN H 309 -8.43 34.92 -86.19
N LYS H 310 -7.58 35.82 -85.70
CA LYS H 310 -6.50 36.34 -86.51
C LYS H 310 -5.37 35.30 -86.63
N LEU H 311 -4.63 35.39 -87.72
CA LEU H 311 -3.52 34.47 -87.95
C LEU H 311 -2.27 34.96 -87.21
N GLY H 312 -1.55 34.03 -86.60
CA GLY H 312 -0.35 34.36 -85.88
C GLY H 312 0.49 33.12 -85.64
N GLY H 313 1.71 33.34 -85.16
CA GLY H 313 2.64 32.27 -84.89
C GLY H 313 3.72 32.16 -85.96
N ALA H 314 4.70 31.30 -85.67
CA ALA H 314 5.78 31.07 -86.61
C ALA H 314 5.26 30.45 -87.91
N ASP H 315 4.37 29.47 -87.79
CA ASP H 315 3.76 28.88 -88.98
C ASP H 315 2.74 29.83 -89.60
N GLY H 316 2.05 30.62 -88.78
CA GLY H 316 0.98 31.48 -89.24
C GLY H 316 -0.40 30.87 -89.19
N LYS H 317 -0.51 29.58 -88.87
CA LYS H 317 -1.82 28.94 -88.74
C LYS H 317 -2.42 29.09 -87.36
N THR H 318 -1.71 29.72 -86.43
CA THR H 318 -2.24 29.91 -85.08
C THR H 318 -3.43 30.85 -85.13
N GLU H 319 -4.56 30.40 -84.60
CA GLU H 319 -5.80 31.17 -84.61
C GLU H 319 -5.93 31.89 -83.27
N VAL H 320 -5.36 33.09 -83.20
CA VAL H 320 -5.42 33.91 -81.98
C VAL H 320 -6.77 34.62 -81.98
N VAL H 321 -7.60 34.31 -81.00
CA VAL H 321 -8.92 34.91 -80.91
C VAL H 321 -8.83 36.25 -80.19
N SER H 322 -9.63 37.21 -80.62
CA SER H 322 -9.64 38.54 -80.04
C SER H 322 -10.84 38.69 -79.11
N ILE H 323 -10.57 39.05 -77.86
CA ILE H 323 -11.60 39.33 -76.86
C ILE H 323 -11.56 40.82 -76.55
N GLY H 324 -12.73 41.47 -76.63
CA GLY H 324 -12.81 42.88 -76.36
C GLY H 324 -11.95 43.75 -77.24
N GLY H 325 -11.58 43.27 -78.43
CA GLY H 325 -10.71 43.98 -79.33
C GLY H 325 -9.23 43.69 -79.15
N LYS H 326 -8.85 42.93 -78.12
CA LYS H 326 -7.45 42.60 -77.87
C LYS H 326 -7.24 41.12 -78.13
N THR H 327 -6.24 40.79 -78.94
CA THR H 327 -5.99 39.41 -79.30
C THR H 327 -5.26 38.68 -78.18
N TYR H 328 -5.81 37.55 -77.76
CA TYR H 328 -5.24 36.72 -76.72
C TYR H 328 -4.98 35.33 -77.28
N ALA H 329 -3.82 34.76 -76.96
CA ALA H 329 -3.45 33.44 -77.49
C ALA H 329 -4.43 32.38 -77.02
N ALA H 330 -5.22 31.85 -77.96
CA ALA H 330 -6.23 30.86 -77.60
C ALA H 330 -5.60 29.52 -77.24
N SER H 331 -4.38 29.27 -77.72
CA SER H 331 -3.71 28.00 -77.40
C SER H 331 -3.48 27.87 -75.91
N LYS H 332 -3.01 28.92 -75.26
CA LYS H 332 -2.79 28.92 -73.82
C LYS H 332 -3.91 29.60 -73.03
N ALA H 333 -4.95 30.08 -73.72
CA ALA H 333 -6.03 30.77 -73.00
C ALA H 333 -6.75 29.84 -72.04
N GLU H 334 -7.01 28.60 -72.46
CA GLU H 334 -7.66 27.64 -71.59
C GLU H 334 -6.75 27.25 -70.43
N GLY H 335 -7.27 27.33 -69.22
CA GLY H 335 -6.48 27.05 -68.04
C GLY H 335 -5.62 28.19 -67.54
N HIS H 336 -5.66 29.34 -68.21
CA HIS H 336 -4.91 30.52 -67.82
C HIS H 336 -5.86 31.58 -67.30
N ASN H 337 -5.51 32.17 -66.15
CA ASN H 337 -6.37 33.15 -65.50
C ASN H 337 -6.03 34.55 -66.01
N PHE H 338 -7.02 35.24 -66.57
CA PHE H 338 -6.82 36.59 -67.09
C PHE H 338 -6.56 37.59 -65.98
N LYS H 339 -7.07 37.35 -64.77
CA LYS H 339 -6.91 38.31 -63.68
C LYS H 339 -5.46 38.44 -63.25
N ALA H 340 -4.75 37.32 -63.14
CA ALA H 340 -3.36 37.35 -62.71
C ALA H 340 -2.49 38.08 -63.73
N GLN H 341 -2.75 37.87 -65.01
CA GLN H 341 -1.97 38.49 -66.09
C GLN H 341 -2.88 39.41 -66.89
N PRO H 342 -2.95 40.70 -66.55
CA PRO H 342 -3.83 41.61 -67.29
C PRO H 342 -3.47 41.74 -68.77
N ASP H 343 -2.19 41.67 -69.10
CA ASP H 343 -1.71 41.77 -70.49
C ASP H 343 -1.00 40.45 -70.80
N LEU H 344 -1.77 39.48 -71.28
CA LEU H 344 -1.22 38.16 -71.59
C LEU H 344 -0.48 38.21 -72.92
N ALA H 345 0.71 37.61 -72.96
CA ALA H 345 1.48 37.53 -74.19
C ALA H 345 0.78 36.60 -75.18
N GLU H 346 0.90 36.96 -76.46
CA GLU H 346 0.21 36.23 -77.52
C GLU H 346 1.01 36.36 -78.80
N ALA H 347 0.68 35.50 -79.77
CA ALA H 347 1.34 35.54 -81.07
C ALA H 347 1.08 36.87 -81.76
N ALA H 348 2.14 37.62 -82.01
CA ALA H 348 2.01 38.94 -82.61
C ALA H 348 1.60 38.82 -84.07
N ALA H 349 1.11 39.93 -84.62
CA ALA H 349 0.71 39.97 -86.02
C ALA H 349 1.92 39.77 -86.92
N THR H 350 1.68 39.06 -88.04
CA THR H 350 2.71 38.76 -89.05
C THR H 350 3.83 37.98 -88.35
N THR H 351 5.09 38.38 -88.50
CA THR H 351 6.22 37.64 -87.95
C THR H 351 7.11 38.57 -87.14
N THR H 352 7.84 37.99 -86.20
CA THR H 352 8.79 38.71 -85.36
C THR H 352 10.20 38.25 -85.71
N GLU H 353 10.95 39.10 -86.38
CA GLU H 353 12.29 38.77 -86.87
C GLU H 353 13.33 39.17 -85.83
N ASN H 354 14.60 39.13 -86.24
CA ASN H 354 15.77 39.43 -85.40
C ASN H 354 15.77 38.53 -84.17
N PRO H 355 16.01 37.22 -84.34
CA PRO H 355 16.03 36.34 -83.16
C PRO H 355 17.26 36.53 -82.29
N LEU H 356 18.33 37.13 -82.83
CA LEU H 356 19.58 37.24 -82.07
C LEU H 356 19.40 38.09 -80.82
N GLN H 357 18.70 39.22 -80.94
CA GLN H 357 18.45 40.05 -79.76
C GLN H 357 17.56 39.34 -78.75
N LYS H 358 16.66 38.48 -79.22
CA LYS H 358 15.84 37.70 -78.30
C LYS H 358 16.66 36.63 -77.57
N ILE H 359 17.61 36.01 -78.26
CA ILE H 359 18.53 35.08 -77.59
C ILE H 359 19.37 35.83 -76.56
N ASP H 360 19.83 37.03 -76.91
CA ASP H 360 20.57 37.85 -75.96
C ASP H 360 19.72 38.18 -74.74
N ALA H 361 18.45 38.51 -74.96
CA ALA H 361 17.54 38.78 -73.85
C ALA H 361 17.34 37.54 -72.98
N ALA H 362 17.22 36.36 -73.61
CA ALA H 362 17.06 35.13 -72.85
C ALA H 362 18.27 34.84 -72.00
N LEU H 363 19.47 34.99 -72.55
CA LEU H 363 20.67 34.74 -71.76
C LEU H 363 20.85 35.79 -70.66
N ALA H 364 20.46 37.04 -70.92
CA ALA H 364 20.46 38.05 -69.87
C ALA H 364 19.48 37.68 -68.77
N GLN H 365 18.32 37.14 -69.14
CA GLN H 365 17.37 36.67 -68.14
C GLN H 365 17.96 35.55 -67.30
N VAL H 366 18.68 34.62 -67.94
CA VAL H 366 19.33 33.55 -67.20
C VAL H 366 20.35 34.12 -66.21
N ASP H 367 21.15 35.08 -66.68
CA ASP H 367 22.18 35.68 -65.83
C ASP H 367 21.55 36.43 -64.65
N THR H 368 20.47 37.16 -64.89
CA THR H 368 19.85 37.91 -63.79
C THR H 368 19.12 36.99 -62.84
N LEU H 369 18.59 35.85 -63.33
CA LEU H 369 18.02 34.87 -62.42
C LEU H 369 19.11 34.27 -61.54
N ARG H 370 20.29 33.99 -62.11
CA ARG H 370 21.43 33.55 -61.31
C ARG H 370 21.79 34.60 -60.26
N SER H 371 21.83 35.88 -60.66
CA SER H 371 22.18 36.94 -59.73
C SER H 371 21.16 37.04 -58.60
N ASP H 372 19.87 36.96 -58.93
CA ASP H 372 18.84 37.01 -57.90
C ASP H 372 18.90 35.80 -56.98
N LEU H 373 19.18 34.62 -57.54
CA LEU H 373 19.34 33.43 -56.72
C LEU H 373 20.48 33.60 -55.72
N GLY H 374 21.62 34.12 -56.19
CA GLY H 374 22.74 34.36 -55.28
C GLY H 374 22.43 35.42 -54.24
N ALA H 375 21.69 36.46 -54.65
CA ALA H 375 21.29 37.51 -53.71
C ALA H 375 20.43 36.95 -52.60
N VAL H 376 19.42 36.14 -52.97
CA VAL H 376 18.55 35.52 -51.97
C VAL H 376 19.35 34.55 -51.10
N GLN H 377 20.29 33.83 -51.72
CA GLN H 377 21.11 32.88 -50.98
C GLN H 377 21.89 33.58 -49.87
N ASN H 378 22.63 34.63 -50.23
CA ASN H 378 23.39 35.35 -49.22
C ASN H 378 22.48 36.11 -48.25
N ARG H 379 21.28 36.49 -48.71
CA ARG H 379 20.34 37.17 -47.82
C ARG H 379 19.91 36.25 -46.68
N PHE H 380 19.46 35.04 -47.01
CA PHE H 380 19.09 34.16 -45.91
C PHE H 380 20.30 33.57 -45.20
N ASN H 381 21.47 33.55 -45.83
CA ASN H 381 22.69 33.20 -45.10
C ASN H 381 22.98 34.22 -44.01
N SER H 382 22.86 35.51 -44.34
CA SER H 382 23.05 36.56 -43.34
C SER H 382 22.00 36.47 -42.25
N ALA H 383 20.74 36.22 -42.63
CA ALA H 383 19.70 36.08 -41.62
C ALA H 383 19.99 34.90 -40.69
N ILE H 384 20.42 33.77 -41.27
CA ILE H 384 20.67 32.58 -40.47
C ILE H 384 21.85 32.80 -39.52
N THR H 385 22.94 33.41 -40.01
CA THR H 385 24.08 33.62 -39.13
C THR H 385 23.74 34.64 -38.04
N ASN H 386 22.92 35.65 -38.36
CA ASN H 386 22.51 36.60 -37.34
C ASN H 386 21.67 35.95 -36.26
N LEU H 387 20.70 35.12 -36.66
CA LEU H 387 19.87 34.45 -35.65
C LEU H 387 20.67 33.44 -34.84
N GLY H 388 21.63 32.75 -35.48
CA GLY H 388 22.48 31.85 -34.73
C GLY H 388 23.36 32.58 -33.73
N ASN H 389 23.91 33.74 -34.13
CA ASN H 389 24.67 34.55 -33.20
C ASN H 389 23.80 35.02 -32.05
N THR H 390 22.57 35.43 -32.32
CA THR H 390 21.66 35.83 -31.26
C THR H 390 21.40 34.69 -30.30
N VAL H 391 21.14 33.49 -30.84
CA VAL H 391 20.85 32.33 -30.00
C VAL H 391 22.05 31.98 -29.12
N ASN H 392 23.24 31.91 -29.70
CA ASN H 392 24.40 31.51 -28.91
C ASN H 392 24.80 32.60 -27.91
N ASN H 393 24.64 33.87 -28.28
CA ASN H 393 24.89 34.94 -27.32
C ASN H 393 23.92 34.86 -26.15
N LEU H 394 22.64 34.61 -26.43
CA LEU H 394 21.66 34.48 -25.37
C LEU H 394 21.98 33.32 -24.46
N THR H 395 22.32 32.16 -25.02
CA THR H 395 22.61 31.00 -24.18
C THR H 395 23.89 31.18 -23.38
N SER H 396 24.91 31.82 -23.97
CA SER H 396 26.15 32.09 -23.23
C SER H 396 25.90 33.07 -22.09
N ALA H 397 25.11 34.12 -22.34
CA ALA H 397 24.79 35.05 -21.27
C ALA H 397 23.98 34.38 -20.16
N ARG H 398 23.03 33.52 -20.53
CA ARG H 398 22.20 32.85 -19.54
C ARG H 398 23.02 31.88 -18.70
N SER H 399 23.91 31.11 -19.32
CA SER H 399 24.73 30.15 -18.58
C SER H 399 25.78 30.87 -17.72
N ARG H 400 26.40 31.92 -18.27
CA ARG H 400 27.42 32.65 -17.53
C ARG H 400 26.84 33.34 -16.31
N ILE H 401 25.65 33.93 -16.46
CA ILE H 401 25.02 34.65 -15.35
C ILE H 401 23.72 33.96 -14.97
N ASP I 1 -6.13 33.75 -2.30
CA ASP I 1 -5.70 34.29 -1.01
C ASP I 1 -6.70 35.30 -0.46
N LEU I 2 -7.63 35.74 -1.32
CA LEU I 2 -8.65 36.69 -0.89
C LEU I 2 -9.71 36.03 -0.01
N THR I 3 -9.79 34.69 -0.03
CA THR I 3 -10.72 34.00 0.86
C THR I 3 -10.38 34.23 2.33
N LYS I 4 -9.08 34.14 2.66
CA LYS I 4 -8.66 34.44 4.03
C LYS I 4 -8.91 35.90 4.37
N ASN I 5 -8.70 36.79 3.40
CA ASN I 5 -8.97 38.21 3.64
C ASN I 5 -10.43 38.47 3.98
N GLU I 6 -11.35 37.88 3.21
CA GLU I 6 -12.76 38.10 3.49
C GLU I 6 -13.18 37.39 4.78
N LYS I 7 -12.60 36.23 5.08
CA LYS I 7 -12.91 35.57 6.34
C LYS I 7 -12.48 36.42 7.53
N GLY I 8 -11.29 37.05 7.44
CA GLY I 8 -10.89 37.97 8.48
C GLY I 8 -11.75 39.22 8.56
N ARG I 9 -12.20 39.70 7.39
CA ARG I 9 -13.05 40.89 7.34
C ARG I 9 -14.50 40.60 7.73
N LEU I 10 -14.87 39.33 7.90
CA LEU I 10 -16.25 39.02 8.29
C LEU I 10 -16.65 39.73 9.57
N THR I 11 -15.86 39.59 10.64
CA THR I 11 -16.23 40.07 11.98
C THR I 11 -15.12 40.86 12.63
N PRO I 12 -14.90 42.11 12.21
CA PRO I 12 -14.09 43.03 13.01
C PRO I 12 -14.89 43.80 14.05
N ILE I 13 -16.12 43.38 14.33
CA ILE I 13 -17.03 44.14 15.17
C ILE I 13 -17.44 43.40 16.43
N THR I 14 -17.27 42.08 16.49
CA THR I 14 -17.74 41.31 17.64
C THR I 14 -16.99 41.70 18.92
N LYS I 15 -15.72 42.09 18.80
CA LYS I 15 -15.00 42.55 19.98
C LYS I 15 -15.65 43.78 20.58
N GLN I 16 -16.10 44.71 19.73
CA GLN I 16 -16.74 45.92 20.23
C GLN I 16 -18.04 45.62 20.96
N GLN I 17 -18.87 44.72 20.42
CA GLN I 17 -20.13 44.43 21.07
C GLN I 17 -19.91 43.63 22.36
N SER I 18 -18.89 42.77 22.39
CA SER I 18 -18.51 42.11 23.63
C SER I 18 -18.09 43.14 24.67
N ALA I 19 -17.30 44.13 24.26
CA ALA I 19 -16.86 45.17 25.19
C ALA I 19 -18.04 45.98 25.72
N ASN I 20 -18.99 46.31 24.84
CA ASN I 20 -20.14 47.10 25.28
C ASN I 20 -21.03 46.30 26.23
N SER I 21 -21.23 45.01 25.96
CA SER I 21 -21.99 44.18 26.89
C SER I 21 -21.28 44.07 28.24
N ALA I 22 -19.96 43.91 28.20
CA ALA I 22 -19.20 43.86 29.45
C ALA I 22 -19.30 45.16 30.21
N LYS I 23 -19.34 46.29 29.50
CA LYS I 23 -19.49 47.59 30.16
C LYS I 23 -20.87 47.72 30.80
N LEU I 24 -21.92 47.24 30.13
CA LEU I 24 -23.24 47.29 30.74
C LEU I 24 -23.31 46.42 31.98
N THR I 25 -22.72 45.23 31.93
CA THR I 25 -22.66 44.38 33.12
C THR I 25 -21.85 45.05 34.22
N ALA I 26 -20.77 45.74 33.85
CA ALA I 26 -19.97 46.47 34.82
C ALA I 26 -20.78 47.54 35.51
N TYR I 27 -21.59 48.28 34.75
CA TYR I 27 -22.40 49.33 35.36
C TYR I 27 -23.48 48.75 36.25
N GLY I 28 -24.04 47.60 35.87
CA GLY I 28 -24.99 46.94 36.76
C GLY I 28 -24.36 46.55 38.08
N THR I 29 -23.16 45.95 38.02
CA THR I 29 -22.47 45.57 39.24
C THR I 29 -22.10 46.78 40.08
N LEU I 30 -21.68 47.88 39.42
CA LEU I 30 -21.37 49.10 40.14
C LEU I 30 -22.60 49.63 40.87
N LYS I 31 -23.74 49.66 40.20
CA LYS I 31 -24.96 50.11 40.86
C LYS I 31 -25.28 49.24 42.06
N SER I 32 -25.17 47.92 41.91
CA SER I 32 -25.48 47.03 43.03
C SER I 32 -24.58 47.30 44.23
N ALA I 33 -23.27 47.31 44.00
CA ALA I 33 -22.33 47.48 45.10
C ALA I 33 -22.47 48.84 45.76
N LEU I 34 -22.67 49.89 44.96
CA LEU I 34 -22.72 51.22 45.53
C LEU I 34 -24.04 51.45 46.25
N GLU I 35 -25.13 50.78 45.84
CA GLU I 35 -26.36 50.80 46.62
C GLU I 35 -26.17 50.08 47.96
N LYS I 36 -25.43 48.97 47.96
CA LYS I 36 -25.18 48.27 49.23
C LYS I 36 -24.38 49.17 50.18
N PHE I 37 -23.38 49.87 49.66
CA PHE I 37 -22.66 50.81 50.49
C PHE I 37 -23.57 51.93 50.98
N GLN I 38 -24.49 52.39 50.13
CA GLN I 38 -25.45 53.41 50.56
C GLN I 38 -26.29 52.92 51.73
N THR I 39 -26.76 51.69 51.68
CA THR I 39 -27.64 51.23 52.77
C THR I 39 -26.84 51.06 54.06
N ALA I 40 -25.59 50.60 53.97
CA ALA I 40 -24.79 50.53 55.21
C ALA I 40 -24.47 51.93 55.74
N ASN I 41 -24.20 52.88 54.85
CA ASN I 41 -23.96 54.25 55.28
C ASN I 41 -25.16 54.82 56.01
N THR I 42 -26.38 54.59 55.48
CA THR I 42 -27.55 55.10 56.17
C THR I 42 -27.78 54.37 57.49
N ALA I 43 -27.42 53.07 57.55
CA ALA I 43 -27.53 52.36 58.81
C ALA I 43 -26.60 52.96 59.86
N LEU I 44 -25.50 53.57 59.45
CA LEU I 44 -24.63 54.23 60.42
C LEU I 44 -25.04 55.67 60.73
N ASN I 45 -25.77 56.34 59.85
CA ASN I 45 -26.08 57.78 60.09
C ASN I 45 -27.20 57.94 61.13
N LYS I 46 -27.13 57.21 62.25
CA LYS I 46 -28.14 57.40 63.32
C LYS I 46 -27.42 57.89 64.59
N ALA I 47 -27.84 59.04 65.14
CA ALA I 47 -27.24 59.59 66.38
C ALA I 47 -27.50 58.67 67.56
N ASP I 48 -28.66 58.02 67.59
CA ASP I 48 -29.08 57.19 68.77
C ASP I 48 -28.12 56.02 69.01
N LEU I 49 -27.30 55.67 68.03
CA LEU I 49 -26.33 54.55 68.20
C LEU I 49 -25.27 54.98 69.22
N PHE I 50 -24.99 56.28 69.27
CA PHE I 50 -23.96 56.80 70.20
C PHE I 50 -24.57 57.19 71.54
N LYS I 51 -25.89 57.01 71.70
CA LYS I 51 -26.57 57.30 72.98
C LYS I 51 -27.36 56.04 73.35
N SER I 52 -26.67 54.97 73.75
CA SER I 52 -27.33 53.69 74.06
C SER I 52 -26.87 53.17 75.43
N THR I 53 -27.77 52.57 76.20
CA THR I 53 -27.44 52.11 77.58
C THR I 53 -28.07 50.76 77.86
N VAL I 54 -27.57 50.03 78.86
CA VAL I 54 -28.16 48.72 79.25
C VAL I 54 -28.56 48.79 80.73
N ALA I 55 -29.75 48.33 81.09
CA ALA I 55 -30.24 48.42 82.46
C ALA I 55 -30.40 47.04 83.05
N SER I 56 -30.21 46.96 84.36
CA SER I 56 -30.35 45.70 85.07
C SER I 56 -30.98 45.94 86.43
N SER I 57 -31.87 45.05 86.84
CA SER I 57 -32.60 45.19 88.09
C SER I 57 -32.24 44.05 89.04
N THR I 58 -32.31 44.34 90.35
CA THR I 58 -31.99 43.32 91.34
C THR I 58 -33.18 42.42 91.66
N THR I 59 -34.39 42.82 91.29
CA THR I 59 -35.59 42.08 91.58
C THR I 59 -36.17 41.48 90.31
N GLU I 60 -37.01 40.46 90.47
CA GLU I 60 -37.75 39.90 89.36
C GLU I 60 -39.21 40.35 89.34
N ASP I 61 -39.66 41.09 90.34
CA ASP I 61 -40.99 41.68 90.30
C ASP I 61 -40.97 42.99 89.54
N LEU I 62 -39.79 43.51 89.21
CA LEU I 62 -39.66 44.72 88.44
C LEU I 62 -38.84 44.41 87.19
N LYS I 63 -39.38 44.76 86.03
CA LYS I 63 -38.66 44.53 84.78
C LYS I 63 -38.29 45.87 84.17
N VAL I 64 -37.08 45.96 83.63
CA VAL I 64 -36.53 47.23 83.20
C VAL I 64 -35.98 47.09 81.79
N SER I 65 -36.31 48.05 80.94
CA SER I 65 -35.81 48.12 79.58
C SER I 65 -35.40 49.55 79.31
N THR I 66 -34.49 49.74 78.36
CA THR I 66 -33.94 51.06 78.13
C THR I 66 -34.08 51.44 76.67
N THR I 67 -34.58 52.65 76.43
CA THR I 67 -34.64 53.20 75.08
C THR I 67 -33.37 54.02 74.84
N ALA I 68 -33.37 54.81 73.78
CA ALA I 68 -32.19 55.56 73.39
C ALA I 68 -32.21 56.94 74.02
N GLY I 69 -31.19 57.24 74.82
CA GLY I 69 -31.05 58.54 75.44
C GLY I 69 -31.01 58.54 76.95
N ALA I 70 -30.95 57.37 77.59
CA ALA I 70 -30.96 57.32 79.05
C ALA I 70 -29.66 57.92 79.59
N ALA I 71 -29.59 58.00 80.92
CA ALA I 71 -28.40 58.45 81.62
C ALA I 71 -27.94 57.37 82.58
N ALA I 72 -26.64 57.21 82.73
CA ALA I 72 -26.12 56.18 83.61
C ALA I 72 -26.38 56.54 85.07
N GLY I 73 -26.56 55.52 85.89
CA GLY I 73 -26.76 55.76 87.30
C GLY I 73 -27.45 54.60 87.98
N THR I 74 -27.85 54.85 89.23
CA THR I 74 -28.55 53.89 90.06
C THR I 74 -29.82 54.54 90.57
N TYR I 75 -30.94 53.83 90.43
CA TYR I 75 -32.24 54.33 90.86
C TYR I 75 -32.84 53.38 91.87
N LYS I 76 -33.45 53.92 92.91
CA LYS I 76 -34.03 53.14 94.00
C LYS I 76 -35.55 53.24 93.92
N ILE I 77 -36.17 52.24 93.31
CA ILE I 77 -37.60 52.23 93.08
C ILE I 77 -38.32 51.59 94.25
N ASN I 78 -39.37 52.25 94.73
CA ASN I 78 -40.32 51.67 95.66
C ASN I 78 -41.69 51.72 95.01
N VAL I 79 -42.33 50.58 94.85
CA VAL I 79 -43.68 50.50 94.28
C VAL I 79 -44.67 50.41 95.43
N THR I 80 -45.69 51.24 95.40
CA THR I 80 -46.66 51.35 96.47
C THR I 80 -48.02 50.77 96.11
N GLN I 81 -48.41 50.87 94.85
CA GLN I 81 -49.72 50.46 94.40
C GLN I 81 -49.62 50.01 92.95
N LEU I 82 -50.59 49.24 92.50
CA LEU I 82 -50.60 48.71 91.15
C LEU I 82 -51.89 49.08 90.46
N ALA I 83 -51.81 49.37 89.17
CA ALA I 83 -52.99 49.75 88.41
C ALA I 83 -53.96 48.59 88.32
N ALA I 84 -55.24 48.92 88.30
CA ALA I 84 -56.30 47.93 88.15
C ALA I 84 -57.28 48.45 87.11
N ALA I 85 -58.27 47.64 86.79
CA ALA I 85 -59.21 47.94 85.73
C ALA I 85 -60.61 47.62 86.19
N GLN I 86 -61.56 48.45 85.81
CA GLN I 86 -62.92 48.30 86.30
C GLN I 86 -63.62 47.16 85.57
N SER I 87 -64.26 46.26 86.33
CA SER I 87 -64.99 45.14 85.78
C SER I 87 -66.42 45.21 86.25
N LEU I 88 -67.36 45.13 85.31
CA LEU I 88 -68.78 45.23 85.62
C LEU I 88 -69.45 43.92 85.24
N ALA I 89 -70.21 43.36 86.16
CA ALA I 89 -70.89 42.10 85.94
C ALA I 89 -72.40 42.29 86.07
N THR I 90 -73.14 41.67 85.15
CA THR I 90 -74.60 41.70 85.26
C THR I 90 -75.04 40.96 86.51
N LYS I 91 -76.06 41.48 87.17
CA LYS I 91 -76.56 40.83 88.38
C LYS I 91 -77.35 39.57 88.04
N THR I 92 -78.14 39.62 86.97
CA THR I 92 -79.12 38.59 86.67
C THR I 92 -78.48 37.51 85.80
N THR I 93 -77.98 36.46 86.44
CA THR I 93 -77.42 35.34 85.71
C THR I 93 -78.48 34.69 84.83
N PHE I 94 -78.07 34.27 83.64
CA PHE I 94 -78.99 33.74 82.64
C PHE I 94 -78.84 32.23 82.49
N ALA I 95 -79.62 31.67 81.59
CA ALA I 95 -79.68 30.22 81.43
C ALA I 95 -78.74 29.73 80.33
N THR I 96 -78.72 30.43 79.19
CA THR I 96 -77.90 30.01 78.06
C THR I 96 -77.27 31.22 77.40
N THR I 97 -76.18 30.99 76.70
CA THR I 97 -75.50 32.01 75.94
C THR I 97 -76.10 32.21 74.55
N LYS I 98 -77.35 31.77 74.34
CA LYS I 98 -78.08 32.06 73.12
C LYS I 98 -79.51 32.51 73.37
N GLU I 99 -80.02 32.38 74.59
CA GLU I 99 -81.31 32.96 74.95
C GLU I 99 -81.27 34.48 74.79
N GLN I 100 -82.35 35.03 74.23
CA GLN I 100 -82.37 36.45 73.92
C GLN I 100 -82.47 37.30 75.18
N LEU I 101 -81.70 38.39 75.21
CA LEU I 101 -81.63 39.27 76.36
C LEU I 101 -82.48 40.53 76.19
N GLY I 102 -82.37 41.21 75.05
CA GLY I 102 -83.20 42.36 74.77
C GLY I 102 -84.49 41.98 74.08
N ASP I 103 -85.40 42.94 74.00
CA ASP I 103 -86.71 42.66 73.43
C ASP I 103 -86.59 42.35 71.94
N THR I 104 -87.53 41.56 71.45
CA THR I 104 -87.58 41.17 70.04
C THR I 104 -88.47 42.09 69.21
N SER I 105 -89.05 43.11 69.82
CA SER I 105 -89.84 44.07 69.06
C SER I 105 -88.97 45.00 68.24
N VAL I 106 -87.80 45.36 68.75
CA VAL I 106 -86.93 46.33 68.12
C VAL I 106 -85.97 45.61 67.19
N THR I 107 -85.64 46.26 66.07
CA THR I 107 -84.76 45.65 65.08
C THR I 107 -83.34 46.20 65.10
N SER I 108 -83.08 47.27 65.85
CA SER I 108 -81.73 47.81 65.95
C SER I 108 -81.60 48.65 67.21
N ARG I 109 -80.54 48.41 67.96
CA ARG I 109 -80.32 49.11 69.21
C ARG I 109 -78.83 49.44 69.35
N THR I 110 -78.52 50.33 70.27
CA THR I 110 -77.17 50.84 70.41
C THR I 110 -76.70 50.76 71.84
N ILE I 111 -75.45 50.34 72.02
CA ILE I 111 -74.75 50.39 73.30
C ILE I 111 -73.78 51.56 73.22
N LYS I 112 -73.86 52.46 74.19
CA LYS I 112 -73.09 53.70 74.19
C LYS I 112 -72.26 53.74 75.46
N ILE I 113 -70.95 53.77 75.30
CA ILE I 113 -70.02 53.73 76.42
C ILE I 113 -69.24 55.03 76.43
N GLU I 114 -69.18 55.68 77.58
CA GLU I 114 -68.42 56.92 77.73
C GLU I 114 -67.44 56.79 78.88
N GLN I 115 -66.21 57.23 78.65
CA GLN I 115 -65.16 57.19 79.64
C GLN I 115 -64.52 58.56 79.76
N PRO I 116 -64.01 58.92 80.95
CA PRO I 116 -63.35 60.22 81.11
C PRO I 116 -62.12 60.39 80.24
N GLY I 117 -61.54 59.30 79.73
CA GLY I 117 -60.37 59.40 78.89
C GLY I 117 -60.69 59.63 77.43
N ARG I 118 -61.55 58.79 76.85
CA ARG I 118 -61.89 58.96 75.44
C ARG I 118 -62.81 60.17 75.27
N LYS I 119 -62.61 60.89 74.18
CA LYS I 119 -63.38 62.11 73.94
C LYS I 119 -64.75 61.81 73.38
N GLU I 120 -64.81 61.16 72.22
CA GLU I 120 -66.09 60.85 71.59
C GLU I 120 -66.59 59.48 72.04
N PRO I 121 -67.84 59.38 72.44
CA PRO I 121 -68.32 58.12 73.03
C PRO I 121 -68.32 56.99 72.02
N LEU I 122 -68.27 55.77 72.55
CA LEU I 122 -68.19 54.57 71.73
C LEU I 122 -69.59 54.02 71.49
N GLU I 123 -69.98 53.91 70.23
CA GLU I 123 -71.26 53.34 69.84
C GLU I 123 -71.04 51.94 69.25
N ILE I 124 -71.81 50.98 69.73
CA ILE I 124 -71.80 49.62 69.22
C ILE I 124 -73.23 49.25 68.83
N LYS I 125 -73.39 48.67 67.65
CA LYS I 125 -74.71 48.50 67.04
C LYS I 125 -75.12 47.04 67.06
N LEU I 126 -76.37 46.78 67.46
CA LEU I 126 -76.94 45.44 67.43
C LEU I 126 -78.14 45.44 66.49
N ASP I 127 -78.07 44.61 65.45
CA ASP I 127 -79.10 44.51 64.42
C ASP I 127 -80.23 43.61 64.93
N LYS I 128 -81.11 43.20 64.03
CA LYS I 128 -82.31 42.46 64.42
C LYS I 128 -81.95 41.08 64.95
N GLY I 129 -82.66 40.66 65.99
CA GLY I 129 -82.64 39.30 66.48
C GLY I 129 -81.42 38.92 67.30
N ASP I 130 -80.29 39.59 67.11
CA ASP I 130 -79.06 39.25 67.82
C ASP I 130 -78.90 40.07 69.09
N THR I 131 -79.66 39.75 70.13
CA THR I 131 -79.36 40.20 71.47
C THR I 131 -79.07 39.04 72.41
N SER I 132 -78.48 37.96 71.89
CA SER I 132 -78.02 36.90 72.75
C SER I 132 -76.71 37.29 73.38
N MET I 133 -76.37 36.61 74.48
CA MET I 133 -75.16 36.95 75.21
C MET I 133 -73.93 36.80 74.33
N GLU I 134 -73.92 35.82 73.43
CA GLU I 134 -72.82 35.65 72.50
C GLU I 134 -72.82 36.74 71.44
N ALA I 135 -74.00 37.22 71.04
CA ALA I 135 -74.07 38.31 70.09
C ALA I 135 -73.54 39.61 70.69
N ILE I 136 -73.93 39.91 71.93
CA ILE I 136 -73.41 41.09 72.61
C ILE I 136 -71.90 40.97 72.80
N ARG I 137 -71.42 39.79 73.21
CA ARG I 137 -69.99 39.65 73.41
C ARG I 137 -69.23 39.82 72.11
N ASP I 138 -69.75 39.29 71.02
CA ASP I 138 -69.05 39.42 69.75
C ASP I 138 -69.07 40.86 69.25
N ALA I 139 -70.18 41.57 69.44
CA ALA I 139 -70.22 42.98 69.05
C ALA I 139 -69.20 43.80 69.83
N ILE I 140 -69.23 43.69 71.16
CA ILE I 140 -68.34 44.51 71.98
C ILE I 140 -66.88 44.14 71.73
N ASN I 141 -66.61 42.86 71.49
CA ASN I 141 -65.23 42.45 71.25
C ASN I 141 -64.75 42.81 69.85
N ASP I 142 -65.66 42.89 68.87
CA ASP I 142 -65.27 43.27 67.51
C ASP I 142 -65.05 44.77 67.37
N ALA I 143 -65.83 45.59 68.09
CA ALA I 143 -65.60 47.03 68.01
C ALA I 143 -64.16 47.37 68.37
N ASP I 144 -63.56 46.63 69.29
CA ASP I 144 -62.13 46.66 69.55
C ASP I 144 -61.64 48.05 69.93
N SER I 145 -62.23 48.61 70.99
CA SER I 145 -61.87 49.96 71.42
C SER I 145 -61.57 50.06 72.90
N GLY I 146 -61.05 48.99 73.51
CA GLY I 146 -60.67 49.07 74.90
C GLY I 146 -61.50 48.18 75.82
N ILE I 147 -62.80 48.12 75.59
CA ILE I 147 -63.67 47.29 76.42
C ILE I 147 -63.63 45.86 75.90
N ALA I 148 -63.74 44.90 76.81
CA ALA I 148 -63.55 43.49 76.48
C ALA I 148 -64.56 42.65 77.24
N ALA I 149 -65.64 42.24 76.57
CA ALA I 149 -66.68 41.48 77.21
C ALA I 149 -66.30 40.01 77.31
N SER I 150 -66.57 39.40 78.46
CA SER I 150 -66.30 38.00 78.73
C SER I 150 -67.61 37.32 79.09
N ILE I 151 -67.55 36.01 79.32
CA ILE I 151 -68.66 35.26 79.90
C ILE I 151 -68.11 34.34 80.97
N VAL I 152 -68.88 34.15 82.03
CA VAL I 152 -68.50 33.32 83.16
C VAL I 152 -69.61 32.33 83.40
N LYS I 153 -69.27 31.07 83.54
CA LYS I 153 -70.24 30.03 83.89
C LYS I 153 -70.14 29.80 85.39
N VAL I 154 -70.99 30.48 86.16
CA VAL I 154 -70.94 30.33 87.62
C VAL I 154 -71.17 28.89 87.99
N LYS I 155 -72.19 28.27 87.41
CA LYS I 155 -72.39 26.83 87.45
C LYS I 155 -73.32 26.46 86.33
N GLU I 156 -73.70 25.20 86.26
CA GLU I 156 -74.54 24.72 85.18
C GLU I 156 -75.84 25.51 85.14
N ASN I 157 -76.09 26.17 84.01
CA ASN I 157 -77.26 27.01 83.79
C ASN I 157 -77.23 28.29 84.59
N GLU I 158 -76.06 28.88 84.80
CA GLU I 158 -75.93 30.23 85.34
C GLU I 158 -74.72 30.90 84.70
N PHE I 159 -74.97 31.71 83.68
CA PHE I 159 -73.93 32.47 83.00
C PHE I 159 -74.02 33.94 83.38
N GLN I 160 -72.87 34.61 83.44
CA GLN I 160 -72.82 36.05 83.68
C GLN I 160 -72.06 36.74 82.57
N LEU I 161 -72.41 38.00 82.33
CA LEU I 161 -71.71 38.84 81.37
C LEU I 161 -70.85 39.83 82.13
N VAL I 162 -69.58 39.90 81.77
CA VAL I 162 -68.57 40.71 82.44
C VAL I 162 -67.92 41.61 81.41
N LEU I 163 -67.96 42.92 81.63
CA LEU I 163 -67.31 43.90 80.76
C LEU I 163 -66.16 44.54 81.52
N THR I 164 -64.96 44.45 80.96
CA THR I 164 -63.76 44.94 81.61
C THR I 164 -63.14 46.02 80.76
N ALA I 165 -62.67 47.09 81.38
CA ALA I 165 -62.01 48.17 80.67
C ALA I 165 -60.51 48.07 80.90
N ASN I 166 -59.76 49.04 80.39
CA ASN I 166 -58.33 49.06 80.55
C ASN I 166 -57.98 49.56 81.95
N SER I 167 -56.68 49.69 82.23
CA SER I 167 -56.22 50.09 83.55
C SER I 167 -56.33 51.60 83.74
N GLY I 168 -56.44 52.01 84.99
CA GLY I 168 -56.44 53.42 85.33
C GLY I 168 -57.83 53.90 85.72
N THR I 169 -57.87 55.10 86.31
CA THR I 169 -59.11 55.73 86.74
C THR I 169 -59.70 56.66 85.70
N ASP I 170 -59.03 56.86 84.58
CA ASP I 170 -59.60 57.61 83.47
C ASP I 170 -60.32 56.71 82.50
N ASN I 171 -60.56 55.46 82.88
CA ASN I 171 -61.19 54.47 82.02
C ASN I 171 -62.43 53.86 82.67
N THR I 172 -62.93 54.46 83.73
CA THR I 172 -64.20 54.01 84.29
C THR I 172 -65.31 54.25 83.27
N MET I 173 -66.28 53.36 83.26
CA MET I 173 -67.28 53.33 82.20
C MET I 173 -68.61 53.91 82.67
N LYS I 174 -69.30 54.58 81.74
CA LYS I 174 -70.70 54.96 81.89
C LYS I 174 -71.43 54.41 80.66
N ILE I 175 -72.28 53.43 80.87
CA ILE I 175 -72.90 52.67 79.81
C ILE I 175 -74.36 53.05 79.70
N THR I 176 -74.89 52.98 78.48
CA THR I 176 -76.31 53.24 78.25
C THR I 176 -76.73 52.45 77.03
N VAL I 177 -78.00 52.05 76.99
CA VAL I 177 -78.55 51.31 75.87
C VAL I 177 -79.74 52.08 75.32
N GLU I 178 -79.65 52.49 74.06
CA GLU I 178 -80.66 53.32 73.44
C GLU I 178 -81.33 52.55 72.31
N GLY I 179 -82.66 52.58 72.30
CA GLY I 179 -83.44 51.82 71.35
C GLY I 179 -84.05 50.55 71.93
N ASP I 180 -83.57 50.09 73.07
CA ASP I 180 -84.08 48.91 73.74
C ASP I 180 -84.32 49.25 75.20
N THR I 181 -85.21 48.50 75.84
CA THR I 181 -85.59 48.77 77.22
C THR I 181 -85.20 47.66 78.18
N LYS I 182 -85.48 46.40 77.83
CA LYS I 182 -85.04 45.31 78.68
C LYS I 182 -83.52 45.27 78.76
N LEU I 183 -82.87 45.45 77.62
CA LEU I 183 -81.41 45.45 77.60
C LEU I 183 -80.87 46.59 78.44
N ASN I 184 -81.47 47.78 78.33
CA ASN I 184 -81.05 48.89 79.18
C ASN I 184 -81.26 48.56 80.65
N ASP I 185 -82.32 47.83 80.97
CA ASP I 185 -82.48 47.36 82.34
C ASP I 185 -81.34 46.42 82.72
N LEU I 186 -80.73 45.77 81.74
CA LEU I 186 -79.63 44.85 81.99
C LEU I 186 -78.26 45.52 81.94
N LEU I 187 -78.02 46.39 80.97
CA LEU I 187 -76.73 47.03 80.74
C LEU I 187 -76.88 48.53 80.96
N ALA I 188 -76.67 48.99 82.19
CA ALA I 188 -76.72 50.43 82.43
C ALA I 188 -75.99 50.72 83.73
N TYR I 189 -74.89 51.47 83.65
CA TYR I 189 -74.10 51.81 84.81
C TYR I 189 -73.71 53.27 84.69
N ASP I 190 -73.48 53.91 85.83
CA ASP I 190 -72.99 55.28 85.87
C ASP I 190 -71.95 55.36 86.96
N SER I 191 -70.68 55.57 86.58
CA SER I 191 -69.59 55.49 87.53
C SER I 191 -69.34 56.79 88.26
N THR I 192 -69.85 57.91 87.76
CA THR I 192 -69.75 59.17 88.50
C THR I 192 -70.55 59.09 89.78
N THR I 193 -71.76 58.51 89.73
CA THR I 193 -72.60 58.35 90.90
C THR I 193 -72.51 56.97 91.52
N ASN I 194 -71.80 56.03 90.88
CA ASN I 194 -71.64 54.66 91.37
C ASN I 194 -72.98 53.96 91.56
N THR I 195 -73.90 54.15 90.62
CA THR I 195 -75.18 53.47 90.63
C THR I 195 -75.49 52.97 89.23
N GLY I 196 -76.10 51.80 89.15
CA GLY I 196 -76.49 51.26 87.87
C GLY I 196 -77.19 49.93 88.05
N ASN I 197 -77.37 49.23 86.92
CA ASN I 197 -77.95 47.90 86.92
C ASN I 197 -76.91 46.80 86.98
N MET I 198 -75.63 47.14 87.04
CA MET I 198 -74.53 46.20 86.96
C MET I 198 -73.64 46.35 88.17
N GLN I 199 -73.29 45.25 88.80
CA GLN I 199 -72.42 45.34 89.96
C GLN I 199 -70.98 45.51 89.50
N GLU I 200 -70.13 45.98 90.41
CA GLU I 200 -68.75 46.31 90.08
C GLU I 200 -67.81 45.38 90.84
N LEU I 201 -67.23 44.41 90.13
CA LEU I 201 -66.39 43.41 90.77
C LEU I 201 -65.02 43.96 91.15
N VAL I 202 -64.40 44.75 90.28
CA VAL I 202 -63.06 45.27 90.49
C VAL I 202 -63.14 46.80 90.44
N LYS I 203 -62.21 47.45 91.12
CA LYS I 203 -62.19 48.90 91.25
C LYS I 203 -60.96 49.46 90.56
N ALA I 204 -61.13 50.57 89.84
CA ALA I 204 -60.03 51.13 89.07
C ALA I 204 -59.02 51.81 89.97
N GLU I 205 -57.75 51.72 89.60
CA GLU I 205 -56.68 52.34 90.37
C GLU I 205 -55.58 52.80 89.45
N ASN I 206 -54.72 53.66 89.97
CA ASN I 206 -53.55 54.14 89.26
C ASN I 206 -52.30 53.57 89.92
N ALA I 207 -51.20 53.54 89.18
CA ALA I 207 -49.95 53.04 89.72
C ALA I 207 -49.22 54.17 90.42
N LYS I 208 -48.84 53.95 91.66
CA LYS I 208 -48.06 54.92 92.42
C LYS I 208 -46.71 54.31 92.73
N LEU I 209 -45.64 55.03 92.43
CA LEU I 209 -44.32 54.55 92.78
C LEU I 209 -43.44 55.74 93.13
N ASN I 210 -42.21 55.43 93.53
CA ASN I 210 -41.29 56.41 94.09
C ASN I 210 -39.91 56.10 93.53
N VAL I 211 -39.40 56.98 92.67
CA VAL I 211 -38.10 56.80 92.03
C VAL I 211 -37.16 57.87 92.56
N ASN I 212 -36.13 57.45 93.30
CA ASN I 212 -35.11 58.35 93.85
C ASN I 212 -35.75 59.53 94.57
N GLY I 213 -36.78 59.25 95.36
CA GLY I 213 -37.41 60.29 96.14
C GLY I 213 -38.40 61.16 95.41
N ILE I 214 -38.68 60.89 94.14
CA ILE I 214 -39.72 61.60 93.39
C ILE I 214 -40.93 60.68 93.29
N ASP I 215 -42.10 61.21 93.62
CA ASP I 215 -43.33 60.43 93.65
C ASP I 215 -44.03 60.51 92.31
N ILE I 216 -44.09 59.38 91.61
CA ILE I 216 -44.66 59.28 90.27
C ILE I 216 -46.00 58.57 90.37
N GLU I 217 -46.94 58.94 89.51
CA GLU I 217 -48.24 58.27 89.45
C GLU I 217 -48.69 58.17 88.01
N ARG I 218 -48.86 56.94 87.54
CA ARG I 218 -49.21 56.63 86.16
C ARG I 218 -50.53 55.89 86.13
N GLN I 219 -50.97 55.54 84.92
CA GLN I 219 -52.24 54.88 84.71
C GLN I 219 -52.12 53.39 84.44
N SER I 220 -51.00 52.93 83.93
CA SER I 220 -50.80 51.52 83.69
C SER I 220 -49.58 51.04 84.46
N ASN I 221 -49.21 49.79 84.24
CA ASN I 221 -48.05 49.22 84.89
C ASN I 221 -46.80 49.27 84.02
N THR I 222 -46.86 49.96 82.90
CA THR I 222 -45.70 50.17 82.04
C THR I 222 -45.35 51.65 82.16
N VAL I 223 -44.53 51.97 83.16
CA VAL I 223 -44.12 53.34 83.41
C VAL I 223 -42.98 53.69 82.46
N THR I 224 -43.17 54.73 81.65
CA THR I 224 -42.21 55.07 80.62
C THR I 224 -41.29 56.22 80.98
N ASP I 225 -41.82 57.37 81.35
CA ASP I 225 -41.01 58.58 81.49
C ASP I 225 -40.62 58.85 82.93
N ALA I 226 -40.34 57.80 83.71
CA ALA I 226 -39.94 58.05 85.10
C ALA I 226 -38.64 58.83 85.11
N PRO I 227 -37.45 58.27 84.76
CA PRO I 227 -36.39 59.16 84.24
C PRO I 227 -36.28 59.24 82.73
N GLN I 228 -37.40 59.43 82.02
CA GLN I 228 -37.46 59.85 80.62
C GLN I 228 -36.71 58.92 79.67
N GLY I 229 -36.06 57.87 80.16
CA GLY I 229 -35.37 57.00 79.22
C GLY I 229 -35.45 55.53 79.56
N ILE I 230 -36.15 55.19 80.64
CA ILE I 230 -36.21 53.84 81.17
C ILE I 230 -37.67 53.42 81.26
N THR I 231 -37.99 52.25 80.69
CA THR I 231 -39.33 51.68 80.72
C THR I 231 -39.37 50.63 81.82
N LEU I 232 -40.28 50.82 82.78
CA LEU I 232 -40.43 49.92 83.91
C LEU I 232 -41.75 49.19 83.79
N THR I 233 -41.73 47.89 84.00
CA THR I 233 -42.92 47.06 84.02
C THR I 233 -43.07 46.50 85.43
N LEU I 234 -44.15 46.89 86.10
CA LEU I 234 -44.38 46.54 87.49
C LEU I 234 -45.26 45.30 87.57
N THR I 235 -44.92 44.40 88.48
CA THR I 235 -45.67 43.18 88.69
C THR I 235 -46.21 43.04 90.10
N LYS I 236 -45.39 43.33 91.10
CA LYS I 236 -45.80 43.29 92.51
C LYS I 236 -45.24 44.51 93.21
N LYS I 237 -45.64 44.69 94.46
CA LYS I 237 -45.17 45.82 95.26
C LYS I 237 -43.80 45.49 95.81
N VAL I 238 -42.76 46.00 95.15
CA VAL I 238 -41.39 45.82 95.59
C VAL I 238 -41.07 46.85 96.67
N THR I 239 -39.93 46.66 97.35
CA THR I 239 -39.47 47.59 98.37
C THR I 239 -37.96 47.73 98.22
N ASP I 240 -37.50 48.96 98.01
CA ASP I 240 -36.10 49.26 97.77
C ASP I 240 -35.51 48.37 96.68
N ALA I 241 -36.21 48.30 95.55
CA ALA I 241 -35.61 47.70 94.38
C ALA I 241 -34.58 48.66 93.81
N THR I 242 -33.62 48.13 93.07
CA THR I 242 -32.54 48.93 92.51
C THR I 242 -32.46 48.67 91.02
N VAL I 243 -32.22 49.71 90.24
CA VAL I 243 -32.04 49.61 88.80
C VAL I 243 -30.74 50.31 88.44
N THR I 244 -29.88 49.65 87.70
CA THR I 244 -28.57 50.18 87.35
C THR I 244 -28.50 50.33 85.84
N VAL I 245 -28.27 51.56 85.37
CA VAL I 245 -28.17 51.87 83.95
C VAL I 245 -26.71 52.16 83.65
N THR I 246 -26.10 51.37 82.77
CA THR I 246 -24.69 51.50 82.43
C THR I 246 -24.54 51.74 80.95
N LYS I 247 -23.59 52.60 80.59
CA LYS I 247 -23.40 52.95 79.19
C LYS I 247 -22.97 51.73 78.38
N ASP I 248 -23.40 51.70 77.12
CA ASP I 248 -23.12 50.59 76.22
C ASP I 248 -22.64 51.13 74.88
N ASP I 249 -21.80 50.35 74.20
CA ASP I 249 -21.23 50.79 72.93
C ASP I 249 -21.23 49.71 71.85
N THR I 250 -21.69 48.49 72.16
CA THR I 250 -21.61 47.42 71.17
C THR I 250 -22.41 47.74 69.92
N LYS I 251 -23.50 48.49 70.05
CA LYS I 251 -24.30 48.85 68.89
C LYS I 251 -23.50 49.73 67.94
N ALA I 252 -22.78 50.72 68.47
CA ALA I 252 -21.98 51.58 67.61
C ALA I 252 -20.81 50.81 67.00
N LYS I 253 -20.23 49.86 67.73
CA LYS I 253 -19.15 49.06 67.17
C LYS I 253 -19.64 48.19 66.03
N GLU I 254 -20.82 47.57 66.19
CA GLU I 254 -21.36 46.77 65.09
C GLU I 254 -21.67 47.64 63.88
N ALA I 255 -22.25 48.82 64.10
CA ALA I 255 -22.55 49.70 62.98
C ALA I 255 -21.27 50.11 62.26
N ILE I 256 -20.23 50.49 63.01
CA ILE I 256 -18.97 50.92 62.39
C ILE I 256 -18.32 49.77 61.65
N LYS I 257 -18.32 48.58 62.25
CA LYS I 257 -17.71 47.42 61.61
C LYS I 257 -18.40 47.09 60.30
N SER I 258 -19.73 47.07 60.29
CA SER I 258 -20.42 46.79 59.04
C SER I 258 -20.21 47.91 58.02
N TRP I 259 -20.01 49.14 58.48
CA TRP I 259 -19.71 50.22 57.55
C TRP I 259 -18.38 49.98 56.85
N VAL I 260 -17.33 49.68 57.62
CA VAL I 260 -16.04 49.48 56.98
C VAL I 260 -16.06 48.22 56.12
N ASP I 261 -16.80 47.19 56.50
CA ASP I 261 -16.88 46.01 55.64
C ASP I 261 -17.59 46.32 54.33
N ALA I 262 -18.67 47.11 54.37
CA ALA I 262 -19.31 47.51 53.13
C ALA I 262 -18.36 48.30 52.25
N TYR I 263 -17.60 49.22 52.84
CA TYR I 263 -16.65 49.99 52.04
C TYR I 263 -15.53 49.11 51.48
N ASN I 264 -15.09 48.13 52.25
CA ASN I 264 -14.06 47.21 51.75
C ASN I 264 -14.58 46.43 50.55
N SER I 265 -15.84 45.99 50.61
CA SER I 265 -16.41 45.30 49.45
C SER I 265 -16.55 46.26 48.27
N LEU I 266 -16.89 47.53 48.53
CA LEU I 266 -17.01 48.49 47.43
C LEU I 266 -15.67 48.74 46.75
N VAL I 267 -14.60 48.92 47.53
CA VAL I 267 -13.30 49.14 46.91
C VAL I 267 -12.79 47.86 46.26
N ASP I 268 -13.20 46.70 46.78
CA ASP I 268 -12.92 45.43 46.12
C ASP I 268 -13.57 45.39 44.74
N THR I 269 -14.82 45.84 44.65
CA THR I 269 -15.49 45.88 43.35
C THR I 269 -14.81 46.89 42.41
N PHE I 270 -14.38 48.03 42.95
CA PHE I 270 -13.59 48.95 42.11
C PHE I 270 -12.34 48.28 41.57
N SER I 271 -11.63 47.52 42.41
CA SER I 271 -10.39 46.91 41.96
C SER I 271 -10.65 45.80 40.95
N SER I 272 -11.72 45.02 41.15
CA SER I 272 -12.03 43.94 40.23
C SER I 272 -12.57 44.45 38.90
N LEU I 273 -13.27 45.59 38.92
CA LEU I 273 -13.88 46.10 37.71
C LEU I 273 -12.90 46.91 36.87
N THR I 274 -11.69 47.16 37.37
CA THR I 274 -10.65 47.83 36.61
C THR I 274 -9.40 46.95 36.47
N LYS I 275 -9.54 45.65 36.73
CA LYS I 275 -8.39 44.77 36.77
C LYS I 275 -7.74 44.64 35.40
N TYR I 276 -6.40 44.65 35.41
CA TYR I 276 -5.60 44.28 34.25
C TYR I 276 -4.46 43.38 34.72
N THR I 277 -4.08 42.45 33.86
CA THR I 277 -2.91 41.60 34.09
C THR I 277 -1.77 42.14 33.22
N ALA I 278 -0.77 42.75 33.85
CA ALA I 278 0.36 43.28 33.12
C ALA I 278 1.10 42.14 32.40
N VAL I 279 1.38 42.35 31.11
CA VAL I 279 1.97 41.32 30.27
C VAL I 279 3.19 41.93 29.57
N GLU I 280 4.18 41.08 29.34
CA GLU I 280 5.37 41.50 28.61
C GLU I 280 5.02 41.72 27.14
N PRO I 281 5.81 42.53 26.43
CA PRO I 281 5.47 42.84 25.03
C PRO I 281 5.40 41.63 24.12
N GLY I 282 6.09 40.53 24.46
CA GLY I 282 6.12 39.38 23.58
C GLY I 282 4.74 38.78 23.36
N GLU I 283 3.97 38.62 24.44
CA GLU I 283 2.65 38.03 24.36
C GLU I 283 1.59 39.13 24.24
N GLU I 284 0.36 38.70 23.96
CA GLU I 284 -0.73 39.63 23.78
C GLU I 284 -1.26 40.11 25.14
N ALA I 285 -2.14 41.12 25.07
CA ALA I 285 -2.75 41.66 26.28
C ALA I 285 -3.68 40.63 26.92
N SER I 286 -3.84 40.75 28.24
CA SER I 286 -4.72 39.85 28.96
C SER I 286 -6.16 40.01 28.47
N ASP I 287 -6.81 38.87 28.20
CA ASP I 287 -8.21 38.93 27.78
C ASP I 287 -9.13 39.35 28.92
N LYS I 288 -8.92 38.79 30.11
CA LYS I 288 -9.74 39.12 31.27
C LYS I 288 -9.32 40.47 31.82
N ASN I 289 -10.05 41.51 31.44
CA ASN I 289 -9.76 42.88 31.84
C ASN I 289 -11.02 43.56 32.33
N GLY I 290 -10.85 44.62 33.11
CA GLY I 290 -11.98 45.43 33.53
C GLY I 290 -12.61 46.19 32.37
N ALA I 291 -13.92 46.07 32.20
CA ALA I 291 -14.59 46.79 31.13
C ALA I 291 -14.53 48.30 31.34
N LEU I 292 -14.19 48.74 32.54
CA LEU I 292 -14.04 50.16 32.85
C LEU I 292 -12.58 50.58 32.94
N LEU I 293 -11.68 49.78 32.39
CA LEU I 293 -10.26 50.11 32.45
C LEU I 293 -9.99 51.33 31.56
N GLY I 294 -9.33 52.33 32.11
CA GLY I 294 -9.15 53.58 31.41
C GLY I 294 -10.34 54.51 31.46
N ASP I 295 -11.39 54.17 32.21
CA ASP I 295 -12.56 55.01 32.34
C ASP I 295 -12.46 55.83 33.63
N SER I 296 -12.91 57.09 33.56
CA SER I 296 -12.76 58.03 34.66
C SER I 296 -13.88 57.95 35.69
N VAL I 297 -14.90 57.13 35.47
CA VAL I 297 -16.02 57.06 36.41
C VAL I 297 -15.54 56.53 37.76
N VAL I 298 -14.82 55.41 37.75
CA VAL I 298 -14.34 54.83 39.01
C VAL I 298 -13.37 55.78 39.70
N ARG I 299 -12.55 56.46 38.90
CA ARG I 299 -11.64 57.47 39.46
C ARG I 299 -12.42 58.55 40.20
N THR I 300 -13.45 59.11 39.55
CA THR I 300 -14.22 60.17 40.18
C THR I 300 -14.94 59.67 41.43
N ILE I 301 -15.52 58.48 41.37
CA ILE I 301 -16.26 57.96 42.52
C ILE I 301 -15.33 57.80 43.71
N GLN I 302 -14.20 57.12 43.51
CA GLN I 302 -13.29 56.88 44.61
C GLN I 302 -12.74 58.19 45.16
N THR I 303 -12.39 59.13 44.27
CA THR I 303 -11.84 60.40 44.73
C THR I 303 -12.85 61.17 45.57
N GLY I 304 -14.11 61.25 45.13
CA GLY I 304 -15.10 61.98 45.91
C GLY I 304 -15.39 61.34 47.25
N ILE I 305 -15.62 60.02 47.24
CA ILE I 305 -15.92 59.33 48.48
C ILE I 305 -14.79 59.50 49.48
N ARG I 306 -13.55 59.32 49.06
CA ARG I 306 -12.45 59.42 50.00
C ARG I 306 -12.06 60.85 50.32
N ALA I 307 -12.44 61.82 49.49
CA ALA I 307 -12.20 63.21 49.85
C ALA I 307 -13.21 63.67 50.88
N GLN I 308 -14.34 62.97 50.99
CA GLN I 308 -15.28 63.31 52.06
C GLN I 308 -14.81 62.86 53.44
N PHE I 309 -13.77 62.04 53.55
CA PHE I 309 -13.31 61.61 54.86
C PHE I 309 -12.67 62.72 55.67
N ALA I 310 -12.33 63.84 55.05
CA ALA I 310 -11.72 64.96 55.75
C ALA I 310 -12.72 66.11 55.73
N ASN I 311 -13.63 66.08 56.69
CA ASN I 311 -14.71 67.06 56.79
C ASN I 311 -14.16 68.37 57.33
N SER I 312 -14.81 69.47 56.97
CA SER I 312 -14.57 70.75 57.62
C SER I 312 -15.77 71.21 58.44
N GLY I 313 -16.97 70.72 58.11
CA GLY I 313 -18.18 71.23 58.75
C GLY I 313 -18.27 70.92 60.22
N SER I 314 -17.95 69.68 60.61
CA SER I 314 -18.15 69.26 61.98
C SER I 314 -17.19 69.99 62.91
N ASN I 315 -17.70 70.48 64.03
CA ASN I 315 -16.92 71.25 64.98
C ASN I 315 -16.43 70.42 66.14
N SER I 316 -16.26 69.12 65.95
CA SER I 316 -15.75 68.26 67.01
C SER I 316 -14.27 68.51 67.24
N ALA I 317 -13.75 67.92 68.32
CA ALA I 317 -12.31 67.98 68.57
C ALA I 317 -11.54 67.25 67.48
N PHE I 318 -12.06 66.12 67.01
CA PHE I 318 -11.37 65.34 65.98
C PHE I 318 -11.40 66.09 64.66
N LYS I 319 -10.53 65.68 63.74
CA LYS I 319 -10.52 66.25 62.40
C LYS I 319 -10.41 65.21 61.29
N THR I 320 -10.27 63.93 61.62
CA THR I 320 -10.22 62.88 60.63
C THR I 320 -10.61 61.57 61.30
N MET I 321 -11.09 60.63 60.50
CA MET I 321 -11.58 59.38 61.06
C MET I 321 -10.46 58.40 61.38
N ALA I 322 -9.21 58.77 61.19
CA ALA I 322 -8.10 57.99 61.71
C ALA I 322 -7.89 58.24 63.19
N GLU I 323 -8.47 59.32 63.73
CA GLU I 323 -8.37 59.59 65.15
C GLU I 323 -9.10 58.53 65.96
N ILE I 324 -10.27 58.11 65.48
CA ILE I 324 -11.01 57.06 66.15
C ILE I 324 -10.27 55.74 66.07
N GLY I 325 -9.56 55.52 64.97
CA GLY I 325 -8.85 54.28 64.78
C GLY I 325 -9.27 53.54 63.53
N ILE I 326 -9.77 54.26 62.54
CA ILE I 326 -10.13 53.71 61.25
C ILE I 326 -9.17 54.29 60.21
N THR I 327 -8.33 53.43 59.63
CA THR I 327 -7.23 53.87 58.79
C THR I 327 -7.21 53.10 57.49
N GLN I 328 -6.75 53.75 56.43
CA GLN I 328 -6.57 53.08 55.15
C GLN I 328 -5.26 52.30 55.13
N ASP I 329 -5.24 51.24 54.32
CA ASP I 329 -3.99 50.55 54.03
C ASP I 329 -3.22 51.31 52.96
N GLY I 330 -1.90 51.28 53.06
CA GLY I 330 -1.09 52.11 52.19
C GLY I 330 -1.26 51.76 50.71
N THR I 331 -1.18 50.48 50.38
CA THR I 331 -1.21 50.07 48.98
C THR I 331 -2.59 50.29 48.38
N SER I 332 -3.60 49.58 48.89
CA SER I 332 -4.97 49.77 48.46
C SER I 332 -5.72 50.53 49.54
N GLY I 333 -6.55 51.48 49.13
CA GLY I 333 -7.26 52.30 50.08
C GLY I 333 -8.36 51.55 50.80
N LYS I 334 -8.01 50.45 51.44
CA LYS I 334 -8.94 49.62 52.18
C LYS I 334 -8.93 50.06 53.64
N LEU I 335 -10.11 50.10 54.24
CA LEU I 335 -10.24 50.58 55.61
C LEU I 335 -10.09 49.44 56.61
N LYS I 336 -9.40 49.72 57.71
CA LYS I 336 -9.20 48.77 58.79
C LYS I 336 -9.33 49.51 60.11
N ILE I 337 -10.03 48.89 61.06
CA ILE I 337 -10.25 49.45 62.38
C ILE I 337 -9.49 48.63 63.40
N ASP I 338 -9.08 49.28 64.49
CA ASP I 338 -8.33 48.63 65.55
C ASP I 338 -9.15 48.64 66.83
N ASP I 339 -9.09 47.53 67.58
CA ASP I 339 -9.91 47.40 68.77
C ASP I 339 -9.53 48.42 69.83
N ASP I 340 -8.23 48.61 70.05
CA ASP I 340 -7.77 49.41 71.18
C ASP I 340 -8.21 50.88 71.05
N LYS I 341 -7.82 51.53 69.96
CA LYS I 341 -8.11 52.96 69.81
C LYS I 341 -9.60 53.21 69.70
N LEU I 342 -10.30 52.42 68.90
CA LEU I 342 -11.74 52.60 68.72
C LEU I 342 -12.47 52.40 70.04
N THR I 343 -12.19 51.31 70.75
CA THR I 343 -12.86 51.05 72.02
C THR I 343 -12.56 52.15 73.02
N LYS I 344 -11.31 52.61 73.08
CA LYS I 344 -10.96 53.67 74.00
C LYS I 344 -11.72 54.95 73.70
N VAL I 345 -11.85 55.30 72.42
CA VAL I 345 -12.54 56.55 72.08
C VAL I 345 -14.03 56.42 72.35
N LEU I 346 -14.62 55.26 72.04
CA LEU I 346 -16.04 55.09 72.27
C LEU I 346 -16.38 55.11 73.76
N LYS I 347 -15.52 54.50 74.59
CA LYS I 347 -15.79 54.49 76.02
C LYS I 347 -15.52 55.86 76.65
N ASP I 348 -14.39 56.48 76.33
CA ASP I 348 -13.99 57.70 77.03
C ASP I 348 -14.65 58.93 76.43
N ASN I 349 -14.37 59.23 75.17
CA ASN I 349 -14.82 60.47 74.52
C ASN I 349 -15.70 60.08 73.33
N THR I 350 -16.99 59.92 73.58
CA THR I 350 -17.93 59.49 72.55
C THR I 350 -18.70 60.64 71.92
N ALA I 351 -18.80 61.79 72.58
CA ALA I 351 -19.49 62.92 71.98
C ALA I 351 -18.78 63.42 70.74
N ALA I 352 -17.44 63.46 70.78
CA ALA I 352 -16.70 63.93 69.61
C ALA I 352 -16.76 62.92 68.48
N ALA I 353 -16.73 61.62 68.81
CA ALA I 353 -16.92 60.61 67.78
C ALA I 353 -18.27 60.75 67.11
N ARG I 354 -19.33 60.99 67.90
CA ARG I 354 -20.65 61.19 67.31
C ARG I 354 -20.69 62.44 66.45
N GLU I 355 -20.15 63.55 66.94
CA GLU I 355 -20.19 64.78 66.16
C GLU I 355 -19.34 64.69 64.91
N LEU I 356 -18.35 63.80 64.87
CA LEU I 356 -17.55 63.62 63.66
C LEU I 356 -18.24 62.69 62.68
N LEU I 357 -18.46 61.44 63.08
CA LEU I 357 -19.12 60.47 62.21
C LEU I 357 -20.51 60.95 61.81
N VAL I 358 -21.42 61.05 62.79
CA VAL I 358 -22.82 61.33 62.49
C VAL I 358 -23.04 62.78 62.14
N GLY I 359 -22.39 63.68 62.83
CA GLY I 359 -22.53 65.08 62.49
C GLY I 359 -23.90 65.59 62.86
N ASP I 360 -24.19 66.80 62.35
CA ASP I 360 -25.48 67.44 62.59
C ASP I 360 -26.64 66.60 62.04
N GLY I 361 -26.38 65.72 61.07
CA GLY I 361 -27.39 64.92 60.46
C GLY I 361 -27.99 65.51 59.20
N LYS I 362 -27.71 66.78 58.91
CA LYS I 362 -28.26 67.46 57.74
C LYS I 362 -27.19 67.89 56.76
N GLU I 363 -26.17 68.62 57.22
CA GLU I 363 -25.20 69.21 56.32
C GLU I 363 -23.76 69.10 56.80
N THR I 364 -23.49 68.44 57.93
CA THR I 364 -22.13 68.27 58.42
C THR I 364 -21.93 66.83 58.86
N GLY I 365 -20.67 66.46 59.02
CA GLY I 365 -20.32 65.12 59.42
C GLY I 365 -19.86 64.28 58.25
N ILE I 366 -18.95 63.34 58.54
CA ILE I 366 -18.44 62.45 57.50
C ILE I 366 -19.59 61.69 56.87
N THR I 367 -20.42 61.06 57.69
CA THR I 367 -21.43 60.15 57.18
C THR I 367 -22.48 60.91 56.38
N THR I 368 -22.85 62.11 56.82
CA THR I 368 -23.82 62.91 56.09
C THR I 368 -23.30 63.31 54.71
N LYS I 369 -22.06 63.80 54.65
CA LYS I 369 -21.51 64.23 53.37
C LYS I 369 -21.36 63.06 52.41
N ILE I 370 -20.85 61.93 52.90
CA ILE I 370 -20.78 60.73 52.06
C ILE I 370 -22.16 60.34 51.58
N ALA I 371 -23.17 60.46 52.45
CA ALA I 371 -24.52 60.07 52.08
C ALA I 371 -25.04 60.92 50.94
N THR I 372 -24.90 62.24 51.05
CA THR I 372 -25.39 63.11 49.97
C THR I 372 -24.63 62.87 48.67
N GLU I 373 -23.30 62.70 48.74
CA GLU I 373 -22.55 62.45 47.51
C GLU I 373 -22.97 61.15 46.85
N VAL I 374 -22.96 60.04 47.59
CA VAL I 374 -23.31 58.76 46.99
C VAL I 374 -24.76 58.75 46.54
N LYS I 375 -25.62 59.58 47.16
CA LYS I 375 -26.96 59.76 46.63
C LYS I 375 -26.92 60.46 45.27
N SER I 376 -26.06 61.46 45.12
CA SER I 376 -25.92 62.15 43.84
C SER I 376 -25.44 61.21 42.76
N TYR I 377 -24.44 60.37 43.07
CA TYR I 377 -23.87 59.48 42.05
C TYR I 377 -24.79 58.32 41.74
N LEU I 378 -25.84 58.11 42.53
CA LEU I 378 -26.84 57.11 42.19
C LEU I 378 -28.13 57.71 41.66
N ALA I 379 -28.15 59.01 41.38
CA ALA I 379 -29.32 59.61 40.78
C ALA I 379 -29.46 59.15 39.33
N ASP I 380 -30.66 59.36 38.78
CA ASP I 380 -30.92 58.99 37.39
C ASP I 380 -30.19 59.90 36.41
N ASP I 381 -29.64 61.02 36.87
CA ASP I 381 -28.89 61.95 36.03
C ASP I 381 -27.43 62.07 36.47
N GLY I 382 -26.87 61.01 37.02
CA GLY I 382 -25.52 61.05 37.53
C GLY I 382 -24.49 60.87 36.44
N ILE I 383 -23.23 60.77 36.88
CA ILE I 383 -22.14 60.45 35.95
C ILE I 383 -22.38 59.08 35.33
N ILE I 384 -22.89 58.15 36.14
CA ILE I 384 -23.23 56.83 35.63
C ILE I 384 -24.22 56.92 34.48
N ASP I 385 -25.17 57.87 34.55
CA ASP I 385 -26.17 58.00 33.49
C ASP I 385 -25.53 58.39 32.16
N ASN I 386 -24.65 59.40 32.19
CA ASN I 386 -23.95 59.79 30.96
C ASN I 386 -23.12 58.64 30.43
N ALA I 387 -22.39 57.95 31.32
CA ALA I 387 -21.58 56.83 30.87
C ALA I 387 -22.45 55.77 30.21
N GLN I 388 -23.59 55.43 30.82
CA GLN I 388 -24.38 54.32 30.31
C GLN I 388 -25.15 54.69 29.04
N ASP I 389 -25.61 55.94 28.91
CA ASP I 389 -26.30 56.26 27.66
C ASP I 389 -25.32 56.44 26.52
N ASN I 390 -24.08 56.87 26.81
CA ASN I 390 -23.05 56.80 25.79
C ASN I 390 -22.79 55.36 25.38
N VAL I 391 -22.77 54.44 26.35
CA VAL I 391 -22.62 53.02 26.03
C VAL I 391 -23.76 52.56 25.11
N ASN I 392 -24.99 52.96 25.43
CA ASN I 392 -26.13 52.53 24.62
C ASN I 392 -26.06 53.11 23.20
N ALA I 393 -25.66 54.38 23.07
CA ALA I 393 -25.51 54.97 21.75
C ALA I 393 -24.43 54.25 20.94
N THR I 394 -23.32 53.90 21.60
CA THR I 394 -22.30 53.11 20.93
C THR I 394 -22.85 51.76 20.48
N LEU I 395 -23.68 51.14 21.32
CA LEU I 395 -24.29 49.86 20.95
C LEU I 395 -25.19 50.00 19.72
N LYS I 396 -25.99 51.07 19.67
CA LYS I 396 -26.89 51.23 18.52
C LYS I 396 -26.13 51.54 17.25
N SER I 397 -25.07 52.36 17.33
CA SER I 397 -24.23 52.59 16.16
C SER I 397 -23.56 51.30 15.71
N LEU I 398 -23.12 50.49 16.67
CA LEU I 398 -22.55 49.18 16.36
C LEU I 398 -23.54 48.31 15.63
N THR I 399 -24.79 48.28 16.09
CA THR I 399 -25.81 47.47 15.42
C THR I 399 -26.05 47.95 14.01
N LYS I 400 -26.13 49.26 13.80
CA LYS I 400 -26.34 49.79 12.46
C LYS I 400 -25.19 49.41 11.53
N GLN I 401 -23.95 49.65 11.97
CA GLN I 401 -22.80 49.32 11.15
C GLN I 401 -22.71 47.83 10.88
N TYR I 402 -23.06 47.01 11.88
CA TYR I 402 -23.06 45.57 11.70
C TYR I 402 -24.08 45.15 10.65
N LEU I 403 -25.26 45.76 10.65
CA LEU I 403 -26.26 45.41 9.65
C LEU I 403 -25.81 45.81 8.24
N SER I 404 -25.22 47.00 8.11
CA SER I 404 -24.74 47.42 6.79
C SER I 404 -23.64 46.50 6.27
N VAL I 405 -22.61 46.29 7.09
CA VAL I 405 -21.54 45.40 6.68
C VAL I 405 -22.05 43.98 6.51
N SER I 406 -23.14 43.62 7.19
CA SER I 406 -23.71 42.29 7.06
C SER I 406 -24.36 42.11 5.70
N ASN I 407 -25.13 43.09 5.24
CA ASN I 407 -25.70 42.95 3.90
C ASN I 407 -24.62 42.98 2.83
N SER I 408 -23.59 43.81 3.02
CA SER I 408 -22.48 43.80 2.06
C SER I 408 -21.79 42.45 2.02
N ILE I 409 -21.50 41.88 3.21
CA ILE I 409 -20.85 40.58 3.29
C ILE I 409 -21.74 39.50 2.70
N ASP I 410 -23.05 39.63 2.90
CA ASP I 410 -24.00 38.66 2.37
C ASP I 410 -23.94 38.66 0.86
N GLU I 411 -23.93 39.84 0.25
CA GLU I 411 -23.82 39.92 -1.21
C GLU I 411 -22.51 39.31 -1.70
N THR I 412 -21.40 39.65 -1.04
CA THR I 412 -20.10 39.16 -1.48
C THR I 412 -20.02 37.64 -1.36
N VAL I 413 -20.45 37.09 -0.23
CA VAL I 413 -20.40 35.65 -0.02
C VAL I 413 -21.40 34.94 -0.93
N ALA I 414 -22.52 35.57 -1.26
CA ALA I 414 -23.43 34.98 -2.22
C ALA I 414 -22.77 34.85 -3.59
N ARG I 415 -22.07 35.89 -4.03
CA ARG I 415 -21.35 35.79 -5.30
C ARG I 415 -20.25 34.74 -5.22
N TYR I 416 -19.58 34.64 -4.07
CA TYR I 416 -18.54 33.64 -3.89
C TYR I 416 -19.10 32.22 -3.99
N LYS I 417 -20.24 31.98 -3.33
CA LYS I 417 -20.86 30.66 -3.38
C LYS I 417 -21.35 30.35 -4.80
N ALA I 418 -21.87 31.36 -5.50
CA ALA I 418 -22.22 31.15 -6.90
C ALA I 418 -21.01 30.74 -7.73
N GLN I 419 -19.88 31.43 -7.54
CA GLN I 419 -18.63 31.05 -8.21
C GLN I 419 -18.24 29.62 -7.89
N PHE I 420 -18.39 29.22 -6.63
CA PHE I 420 -18.17 27.82 -6.26
C PHE I 420 -19.08 26.89 -7.05
N THR I 421 -20.34 27.28 -7.23
CA THR I 421 -21.26 26.46 -8.02
C THR I 421 -20.80 26.32 -9.47
N GLN I 422 -20.41 27.41 -10.13
CA GLN I 422 -19.99 27.27 -11.52
C GLN I 422 -18.71 26.45 -11.62
N LEU I 423 -17.76 26.63 -10.69
CA LEU I 423 -16.56 25.82 -10.77
C LEU I 423 -16.83 24.35 -10.51
N ASP I 424 -17.75 24.02 -9.58
CA ASP I 424 -18.11 22.63 -9.38
C ASP I 424 -18.78 22.03 -10.61
N THR I 425 -19.69 22.79 -11.25
CA THR I 425 -20.31 22.31 -12.47
C THR I 425 -19.30 22.10 -13.60
N MET I 426 -18.32 22.99 -13.72
CA MET I 426 -17.29 22.81 -14.74
C MET I 426 -16.35 21.66 -14.42
N MET I 427 -16.07 21.41 -13.15
CA MET I 427 -15.25 20.25 -12.78
C MET I 427 -15.99 18.94 -12.99
N SER I 428 -17.31 18.92 -12.77
CA SER I 428 -18.09 17.72 -13.04
C SER I 428 -18.07 17.38 -14.53
N LYS I 429 -18.19 18.39 -15.39
CA LYS I 429 -18.08 18.19 -16.84
C LYS I 429 -16.67 18.54 -17.29
N LEU I 430 -15.76 17.61 -17.05
CA LEU I 430 -14.35 17.82 -17.38
C LEU I 430 -14.03 17.25 -18.77
N PHE J 1 2.05 43.51 2.42
CA PHE J 1 3.21 43.87 3.23
C PHE J 1 3.03 43.41 4.67
N THR J 2 4.16 43.24 5.37
CA THR J 2 4.16 42.69 6.73
C THR J 2 4.40 43.75 7.80
N ALA J 3 4.82 44.96 7.41
CA ALA J 3 5.05 46.01 8.40
C ALA J 3 3.77 46.39 9.14
N ASN J 4 2.60 46.09 8.54
CA ASN J 4 1.34 46.38 9.21
C ASN J 4 1.21 45.57 10.51
N ILE J 5 1.59 44.29 10.47
CA ILE J 5 1.51 43.47 11.67
C ILE J 5 2.46 43.99 12.74
N LYS J 6 3.68 44.36 12.35
CA LYS J 6 4.64 44.90 13.31
C LYS J 6 4.12 46.18 13.93
N GLY J 7 3.55 47.07 13.13
CA GLY J 7 3.01 48.31 13.68
C GLY J 7 1.83 48.08 14.59
N LEU J 8 0.97 47.13 14.23
CA LEU J 8 -0.16 46.79 15.09
C LEU J 8 0.32 46.26 16.43
N THR J 9 1.31 45.37 16.41
CA THR J 9 1.85 44.84 17.65
C THR J 9 2.49 45.95 18.48
N GLN J 10 3.22 46.86 17.84
CA GLN J 10 3.84 47.97 18.56
C GLN J 10 2.80 48.87 19.21
N ALA J 11 1.73 49.19 18.48
CA ALA J 11 0.69 50.05 19.04
C ALA J 11 -0.03 49.38 20.20
N SER J 12 -0.34 48.09 20.06
CA SER J 12 -0.95 47.36 21.17
C SER J 12 -0.01 47.31 22.38
N ARG J 13 1.28 47.13 22.13
CA ARG J 13 2.24 47.08 23.23
C ARG J 13 2.34 48.43 23.93
N ASN J 14 2.27 49.52 23.17
CA ASN J 14 2.27 50.84 23.78
C ASN J 14 0.99 51.09 24.59
N ALA J 15 -0.14 50.56 24.11
CA ALA J 15 -1.36 50.63 24.90
C ALA J 15 -1.19 49.87 26.22
N ASN J 16 -0.55 48.71 26.18
CA ASN J 16 -0.26 47.98 27.42
C ASN J 16 0.66 48.79 28.33
N ASP J 17 1.64 49.48 27.74
CA ASP J 17 2.49 50.37 28.51
C ASP J 17 1.66 51.43 29.22
N GLY J 18 0.70 52.01 28.51
CA GLY J 18 -0.15 53.02 29.12
C GLY J 18 -1.03 52.46 30.23
N ILE J 19 -1.51 51.23 30.06
CA ILE J 19 -2.27 50.61 31.12
C ILE J 19 -1.40 50.45 32.36
N SER J 20 -0.15 50.02 32.18
CA SER J 20 0.77 49.94 33.31
C SER J 20 1.01 51.31 33.93
N ILE J 21 1.05 52.37 33.10
CA ILE J 21 1.15 53.73 33.61
C ILE J 21 -0.01 54.02 34.56
N ALA J 22 -1.22 53.67 34.13
CA ALA J 22 -2.39 53.91 34.96
C ALA J 22 -2.30 53.16 36.28
N GLN J 23 -1.86 51.90 36.25
CA GLN J 23 -1.76 51.12 37.49
C GLN J 23 -0.75 51.73 38.45
N THR J 24 0.42 52.10 37.94
CA THR J 24 1.42 52.73 38.81
C THR J 24 0.92 54.04 39.40
N THR J 25 0.24 54.85 38.58
CA THR J 25 -0.30 56.11 39.08
C THR J 25 -1.36 55.88 40.15
N GLU J 26 -2.19 54.85 40.00
CA GLU J 26 -3.18 54.54 41.01
C GLU J 26 -2.53 54.13 42.33
N GLY J 27 -1.49 53.28 42.26
CA GLY J 27 -0.78 52.92 43.47
C GLY J 27 -0.16 54.13 44.16
N ALA J 28 0.44 55.01 43.38
CA ALA J 28 1.01 56.23 43.95
C ALA J 28 -0.06 57.08 44.62
N LEU J 29 -1.23 57.21 43.99
CA LEU J 29 -2.30 58.01 44.56
C LEU J 29 -2.78 57.43 45.87
N ASN J 30 -2.97 56.12 45.94
CA ASN J 30 -3.45 55.51 47.18
C ASN J 30 -2.46 55.73 48.31
N GLU J 31 -1.17 55.49 48.05
CA GLU J 31 -0.18 55.66 49.10
C GLU J 31 -0.06 57.12 49.52
N ILE J 32 -0.25 58.04 48.56
CA ILE J 32 -0.11 59.44 48.94
C ILE J 32 -1.33 59.94 49.68
N ASN J 33 -2.52 59.38 49.42
CA ASN J 33 -3.69 59.68 50.24
C ASN J 33 -3.46 59.19 51.67
N ASN J 34 -2.91 57.99 51.82
CA ASN J 34 -2.48 57.54 53.15
C ASN J 34 -1.59 58.58 53.81
N ASN J 35 -0.64 59.12 53.06
CA ASN J 35 0.24 60.14 53.62
C ASN J 35 -0.54 61.39 54.04
N LEU J 36 -1.54 61.79 53.24
CA LEU J 36 -2.31 62.98 53.60
C LEU J 36 -3.09 62.77 54.89
N GLN J 37 -3.70 61.60 55.04
CA GLN J 37 -4.40 61.30 56.29
C GLN J 37 -3.43 61.31 57.46
N ARG J 38 -2.22 60.74 57.27
CA ARG J 38 -1.25 60.71 58.36
C ARG J 38 -0.81 62.12 58.75
N VAL J 39 -0.58 62.99 57.76
CA VAL J 39 -0.12 64.33 58.09
C VAL J 39 -1.22 65.12 58.79
N ARG J 40 -2.48 64.96 58.37
CA ARG J 40 -3.55 65.66 59.07
C ARG J 40 -3.71 65.15 60.49
N GLU J 41 -3.64 63.83 60.67
CA GLU J 41 -3.68 63.27 62.01
C GLU J 41 -2.59 63.87 62.88
N LEU J 42 -1.35 63.86 62.41
CA LEU J 42 -0.24 64.35 63.23
C LEU J 42 -0.35 65.85 63.48
N ALA J 43 -0.86 66.61 62.52
CA ALA J 43 -1.12 68.02 62.80
C ALA J 43 -2.11 68.17 63.94
N VAL J 44 -3.12 67.30 64.00
CA VAL J 44 -4.08 67.37 65.10
C VAL J 44 -3.41 67.03 66.42
N GLN J 45 -2.66 65.92 66.48
CA GLN J 45 -2.00 65.60 67.75
C GLN J 45 -0.98 66.66 68.14
N SER J 46 -0.42 67.37 67.17
CA SER J 46 0.38 68.53 67.50
C SER J 46 -0.48 69.60 68.16
N ALA J 47 -1.67 69.83 67.61
CA ALA J 47 -2.63 70.70 68.30
C ALA J 47 -3.08 70.10 69.62
N ASN J 48 -3.20 68.77 69.67
CA ASN J 48 -3.65 68.10 70.88
C ASN J 48 -2.58 68.19 71.97
N SER J 49 -2.96 68.72 73.13
CA SER J 49 -2.02 68.81 74.24
C SER J 49 -1.79 67.47 74.91
N THR J 50 -2.65 66.47 74.65
CA THR J 50 -2.50 65.17 75.28
C THR J 50 -1.27 64.43 74.74
N ASN J 51 -1.06 64.46 73.42
CA ASN J 51 0.01 63.71 72.81
C ASN J 51 1.34 64.44 72.89
N SER J 52 2.43 63.67 72.92
CA SER J 52 3.78 64.19 72.98
C SER J 52 4.49 63.97 71.65
N GLN J 53 5.76 64.36 71.62
CA GLN J 53 6.54 64.32 70.38
C GLN J 53 6.90 62.91 69.94
N SER J 54 6.82 61.93 70.85
CA SER J 54 7.19 60.56 70.50
C SER J 54 6.30 60.01 69.40
N ASP J 55 4.99 60.18 69.55
CA ASP J 55 4.06 59.72 68.51
C ASP J 55 4.24 60.52 67.23
N LEU J 56 4.54 61.81 67.33
CA LEU J 56 4.83 62.60 66.14
C LEU J 56 6.00 62.00 65.38
N ASP J 57 7.08 61.65 66.09
CA ASP J 57 8.24 61.07 65.44
C ASP J 57 7.91 59.71 64.84
N SER J 58 7.13 58.90 65.55
CA SER J 58 6.79 57.57 65.05
C SER J 58 5.97 57.67 63.75
N ILE J 59 4.97 58.54 63.73
CA ILE J 59 4.14 58.61 62.54
C ILE J 59 4.85 59.39 61.43
N GLN J 60 5.79 60.27 61.76
CA GLN J 60 6.63 60.85 60.72
C GLN J 60 7.54 59.80 60.11
N ALA J 61 8.05 58.88 60.92
CA ALA J 61 8.78 57.74 60.38
C ALA J 61 7.88 56.91 59.47
N GLU J 62 6.61 56.77 59.84
CA GLU J 62 5.66 56.09 58.96
C GLU J 62 5.50 56.84 57.64
N ILE J 63 5.47 58.17 57.69
CA ILE J 63 5.38 58.98 56.49
C ILE J 63 6.59 58.72 55.59
N THR J 64 7.78 58.73 56.18
CA THR J 64 9.00 58.49 55.41
C THR J 64 9.00 57.09 54.81
N GLN J 65 8.55 56.09 55.58
CA GLN J 65 8.47 54.73 55.05
C GLN J 65 7.50 54.64 53.88
N ARG J 66 6.36 55.33 53.99
CA ARG J 66 5.41 55.34 52.88
C ARG J 66 6.01 56.00 51.65
N LEU J 67 6.73 57.11 51.83
CA LEU J 67 7.37 57.77 50.69
C LEU J 67 8.40 56.86 50.03
N ASN J 68 9.18 56.15 50.84
CA ASN J 68 10.16 55.22 50.29
C ASN J 68 9.48 54.09 49.54
N GLU J 69 8.35 53.60 50.06
CA GLU J 69 7.58 52.58 49.33
C GLU J 69 7.07 53.13 48.02
N ILE J 70 6.66 54.39 48.00
CA ILE J 70 6.22 55.03 46.76
C ILE J 70 7.34 55.00 45.73
N ASP J 71 8.54 55.45 46.14
CA ASP J 71 9.65 55.50 45.20
C ASP J 71 10.06 54.09 44.74
N ARG J 72 10.04 53.13 45.67
CA ARG J 72 10.41 51.76 45.33
C ARG J 72 9.45 51.17 44.30
N VAL J 73 8.15 51.27 44.55
CA VAL J 73 7.19 50.72 43.59
C VAL J 73 7.24 51.49 42.29
N SER J 74 7.60 52.77 42.34
CA SER J 74 7.78 53.53 41.11
C SER J 74 8.92 52.97 40.27
N GLY J 75 10.08 52.75 40.90
CA GLY J 75 11.23 52.24 40.16
C GLY J 75 11.09 50.79 39.76
N GLN J 76 10.26 50.02 40.47
CA GLN J 76 10.15 48.59 40.19
C GLN J 76 9.57 48.33 38.81
N THR J 77 8.56 49.08 38.42
CA THR J 77 7.83 48.79 37.19
C THR J 77 8.69 49.11 35.97
N GLN J 78 8.70 48.17 35.02
CA GLN J 78 9.51 48.30 33.81
C GLN J 78 8.74 47.75 32.61
N PHE J 79 8.91 48.40 31.47
CA PHE J 79 8.18 48.02 30.26
C PHE J 79 8.95 48.52 29.06
N ASN J 80 9.27 47.60 28.13
CA ASN J 80 10.00 47.93 26.92
C ASN J 80 11.31 48.66 27.21
N GLY J 81 11.88 48.41 28.38
CA GLY J 81 13.14 49.02 28.75
C GLY J 81 13.06 50.44 29.27
N VAL J 82 11.86 51.01 29.39
CA VAL J 82 11.69 52.38 29.85
C VAL J 82 10.72 52.40 31.02
N LYS J 83 10.81 53.47 31.80
CA LYS J 83 9.99 53.65 32.99
C LYS J 83 9.08 54.87 32.80
N VAL J 84 7.92 54.83 33.46
CA VAL J 84 6.91 55.87 33.26
C VAL J 84 7.44 57.24 33.64
N LEU J 85 8.22 57.33 34.72
CA LEU J 85 8.61 58.61 35.28
C LEU J 85 10.11 58.75 35.48
N ALA J 86 10.91 57.80 34.99
CA ALA J 86 12.36 57.98 35.01
C ALA J 86 12.78 59.12 34.10
N GLN J 87 12.24 59.16 32.88
CA GLN J 87 12.54 60.20 31.92
C GLN J 87 11.25 60.73 31.31
N ASP J 88 11.22 62.04 31.05
CA ASP J 88 10.06 62.70 30.47
C ASP J 88 10.28 62.80 28.96
N ASN J 89 9.98 61.71 28.25
CA ASN J 89 10.18 61.62 26.82
C ASN J 89 8.82 61.55 26.12
N THR J 90 8.64 62.38 25.10
CA THR J 90 7.45 62.32 24.27
C THR J 90 7.60 61.11 23.35
N LEU J 91 7.38 59.93 23.92
CA LEU J 91 7.60 58.69 23.20
C LEU J 91 6.64 58.58 22.02
N THR J 92 7.18 58.23 20.86
CA THR J 92 6.40 58.16 19.63
C THR J 92 6.17 56.70 19.28
N ILE J 93 4.90 56.34 19.05
CA ILE J 93 4.56 54.96 18.75
C ILE J 93 5.05 54.63 17.35
N GLN J 94 5.88 53.60 17.23
CA GLN J 94 6.31 53.13 15.91
C GLN J 94 5.14 52.43 15.23
N VAL J 95 4.81 52.89 14.03
CA VAL J 95 3.61 52.46 13.33
C VAL J 95 3.99 51.94 11.95
N GLY J 96 3.52 50.74 11.63
CA GLY J 96 3.72 50.16 10.32
C GLY J 96 2.56 50.43 9.40
N ALA J 97 2.22 51.71 9.24
CA ALA J 97 1.08 52.14 8.43
C ALA J 97 -0.24 51.58 8.94
N ASN J 98 -0.31 51.30 10.24
CA ASN J 98 -1.59 50.89 10.82
C ASN J 98 -2.51 52.08 11.03
N ASP J 99 -1.95 53.26 11.28
CA ASP J 99 -2.70 54.49 11.45
C ASP J 99 -2.22 55.54 10.45
N GLY J 100 -3.05 56.57 10.26
CA GLY J 100 -2.63 57.67 9.39
C GLY J 100 -1.48 58.47 9.96
N GLU J 101 -1.53 58.77 11.25
CA GLU J 101 -0.49 59.53 11.93
C GLU J 101 -0.09 58.80 13.21
N THR J 102 1.21 58.80 13.50
CA THR J 102 1.71 58.08 14.66
C THR J 102 1.17 58.70 15.95
N ILE J 103 1.10 57.88 16.99
CA ILE J 103 0.51 58.27 18.27
C ILE J 103 1.62 58.55 19.27
N ASP J 104 1.45 59.62 20.05
CA ASP J 104 2.48 60.08 20.97
C ASP J 104 2.01 59.95 22.41
N ILE J 105 2.95 59.66 23.31
CA ILE J 105 2.72 59.61 24.75
C ILE J 105 3.68 60.57 25.41
N ASP J 106 3.14 61.59 26.07
CA ASP J 106 3.95 62.56 26.80
C ASP J 106 4.04 62.11 28.26
N LEU J 107 5.16 61.51 28.63
CA LEU J 107 5.35 61.11 30.00
C LEU J 107 5.74 62.33 30.84
N LYS J 108 5.85 62.12 32.15
CA LYS J 108 6.16 63.22 33.06
C LYS J 108 7.04 62.72 34.19
N GLN J 109 7.74 63.66 34.82
CA GLN J 109 8.68 63.35 35.90
C GLN J 109 7.98 63.56 37.23
N ILE J 110 7.54 62.48 37.83
CA ILE J 110 6.85 62.52 39.13
C ILE J 110 7.64 61.63 40.08
N ASN J 111 8.54 62.27 40.84
CA ASN J 111 9.39 61.59 41.81
C ASN J 111 9.19 62.21 43.19
N SER J 112 9.49 61.43 44.22
CA SER J 112 9.40 61.94 45.58
C SER J 112 10.34 63.12 45.79
N GLN J 113 11.46 63.12 45.07
CA GLN J 113 12.35 64.28 45.10
C GLN J 113 11.76 65.46 44.34
N THR J 114 11.12 65.19 43.19
CA THR J 114 10.54 66.26 42.38
C THR J 114 9.39 66.94 43.12
N LEU J 115 8.48 66.14 43.69
CA LEU J 115 7.34 66.69 44.40
C LEU J 115 7.73 67.36 45.71
N GLY J 116 8.96 67.13 46.18
CA GLY J 116 9.45 67.79 47.37
C GLY J 116 8.99 67.20 48.67
N LEU J 117 8.11 66.19 48.63
CA LEU J 117 7.56 65.60 49.84
C LEU J 117 8.62 64.87 50.66
N ASP J 118 9.78 64.58 50.07
CA ASP J 118 10.88 63.99 50.85
C ASP J 118 11.35 64.95 51.93
N THR J 119 11.42 66.24 51.61
CA THR J 119 11.75 67.26 52.59
C THR J 119 10.59 67.60 53.51
N LEU J 120 9.38 67.14 53.19
CA LEU J 120 8.21 67.47 53.98
C LEU J 120 8.23 66.70 55.29
N ASN J 121 8.30 67.43 56.40
CA ASN J 121 8.46 66.85 57.72
C ASN J 121 7.43 67.42 58.67
N VAL J 122 7.02 66.62 59.64
CA VAL J 122 6.00 67.01 60.59
C VAL J 122 6.51 66.98 62.04
N GLN J 123 7.60 66.30 62.34
CA GLN J 123 8.10 66.21 63.70
C GLN J 123 8.47 67.59 64.25
N GLN J 124 7.86 67.95 65.36
CA GLN J 124 8.08 69.23 66.02
C GLN J 124 9.30 69.16 66.93
N LYS J 125 10.00 70.28 67.06
CA LYS J 125 11.21 70.34 67.87
C LYS J 125 10.89 70.84 69.26
N TYR J 126 11.43 70.17 70.27
CA TYR J 126 11.34 70.60 71.66
C TYR J 126 12.72 70.65 72.28
N LYS J 127 12.84 71.43 73.35
CA LYS J 127 14.12 71.67 73.99
C LYS J 127 14.73 70.36 74.49
N VAL J 128 16.04 70.23 74.31
CA VAL J 128 16.76 69.01 74.65
C VAL J 128 17.18 69.06 76.11
N SER J 129 16.94 67.96 76.84
CA SER J 129 17.40 67.84 78.22
C SER J 129 18.85 67.35 78.26
N ASP J 130 19.70 68.06 77.52
CA ASP J 130 21.11 67.74 77.47
C ASP J 130 21.77 68.08 78.80
N THR J 131 22.82 67.32 79.14
CA THR J 131 23.56 67.51 80.37
C THR J 131 24.96 67.99 80.03
N ALA J 132 25.24 69.26 80.29
CA ALA J 132 26.58 69.79 80.15
C ALA J 132 27.47 69.24 81.25
N ALA J 133 28.70 68.85 80.88
CA ALA J 133 29.62 68.19 81.78
C ALA J 133 28.97 66.95 82.41
N THR J 134 28.39 66.12 81.55
CA THR J 134 27.65 64.95 82.02
C THR J 134 28.57 63.93 82.68
N VAL J 135 29.84 63.89 82.27
CA VAL J 135 30.83 62.96 82.78
C VAL J 135 30.33 61.54 82.59
N THR J 136 30.00 61.19 81.36
CA THR J 136 29.60 59.83 80.98
C THR J 136 30.55 59.37 79.89
N GLY J 137 31.70 58.83 80.29
CA GLY J 137 32.74 58.46 79.36
C GLY J 137 33.82 59.53 79.25
N TYR J 138 35.05 59.08 79.05
CA TYR J 138 36.21 59.97 78.97
C TYR J 138 36.85 59.86 77.59
N ALA J 139 37.41 60.97 77.14
CA ALA J 139 38.15 60.98 75.88
C ALA J 139 39.51 60.31 76.07
N ASP J 140 39.97 59.65 75.01
CA ASP J 140 41.22 58.92 75.02
C ASP J 140 42.20 59.51 74.03
N THR J 141 43.50 59.38 74.34
CA THR J 141 44.56 59.83 73.48
C THR J 141 45.08 58.66 72.64
N THR J 142 45.40 58.94 71.38
CA THR J 142 45.87 57.91 70.47
C THR J 142 47.37 57.98 70.21
N ILE J 143 47.94 59.18 70.16
CA ILE J 143 49.36 59.31 69.84
C ILE J 143 50.21 58.85 71.03
N ALA J 144 51.47 58.54 70.74
CA ALA J 144 52.39 58.02 71.73
C ALA J 144 53.52 59.00 71.98
N LEU J 145 54.17 58.86 73.14
CA LEU J 145 55.27 59.73 73.50
C LEU J 145 56.51 59.38 72.69
N ASP J 146 57.40 60.36 72.55
CA ASP J 146 58.63 60.16 71.79
C ASP J 146 59.61 59.30 72.59
N ASN J 147 60.18 58.30 71.93
CA ASN J 147 61.14 57.41 72.59
C ASN J 147 62.50 58.07 72.74
N SER J 148 62.82 59.06 71.90
CA SER J 148 64.15 59.68 71.95
C SER J 148 64.37 60.42 73.26
N THR J 149 63.36 61.16 73.73
CA THR J 149 63.50 61.89 74.98
C THR J 149 63.70 60.95 76.17
N PHE J 150 62.94 59.84 76.19
CA PHE J 150 63.09 58.89 77.28
C PHE J 150 64.43 58.17 77.20
N LYS J 151 64.91 57.90 75.99
CA LYS J 151 66.25 57.32 75.83
C LYS J 151 67.32 58.27 76.36
N ALA J 152 67.20 59.56 76.05
CA ALA J 152 68.14 60.55 76.57
C ALA J 152 68.09 60.61 78.09
N SER J 153 66.88 60.58 78.65
CA SER J 153 66.74 60.61 80.11
C SER J 153 67.37 59.37 80.74
N ALA J 154 67.15 58.20 80.14
CA ALA J 154 67.74 56.97 80.66
C ALA J 154 69.25 57.02 80.60
N THR J 155 69.81 57.51 79.49
CA THR J 155 71.26 57.61 79.37
C THR J 155 71.82 58.59 80.40
N GLY J 156 71.15 59.72 80.62
CA GLY J 156 71.62 60.68 81.60
C GLY J 156 71.54 60.16 83.02
N LEU J 157 70.46 59.46 83.35
CA LEU J 157 70.28 58.94 84.70
C LEU J 157 71.32 57.89 85.07
N GLY J 158 71.65 57.00 84.14
CA GLY J 158 72.58 55.92 84.40
C GLY J 158 71.85 54.63 84.73
N GLY J 159 72.65 53.64 85.15
CA GLY J 159 72.13 52.35 85.50
C GLY J 159 72.47 51.28 84.46
N THR J 160 72.33 50.03 84.88
CA THR J 160 72.66 48.91 84.00
C THR J 160 71.70 48.83 82.82
N ASP J 161 70.40 48.96 83.08
CA ASP J 161 69.40 48.82 82.04
C ASP J 161 68.16 49.62 82.43
N GLN J 162 67.52 50.21 81.42
CA GLN J 162 66.23 50.88 81.59
C GLN J 162 65.26 50.56 80.46
N LYS J 163 65.44 49.43 79.77
CA LYS J 163 64.59 49.07 78.66
C LYS J 163 63.18 48.74 79.13
N ILE J 164 62.20 49.44 78.56
CA ILE J 164 60.80 49.19 78.90
C ILE J 164 60.19 48.24 77.87
N ASP J 165 59.60 47.15 78.35
CA ASP J 165 59.01 46.16 77.46
C ASP J 165 57.57 46.53 77.12
N GLY J 166 57.27 46.58 75.82
CA GLY J 166 55.93 46.86 75.37
C GLY J 166 55.56 48.34 75.50
N ASP J 167 54.28 48.60 75.28
CA ASP J 167 53.76 49.96 75.40
C ASP J 167 53.68 50.37 76.87
N LEU J 168 53.73 51.68 77.10
CA LEU J 168 53.59 52.23 78.43
C LEU J 168 52.13 52.14 78.87
N LYS J 169 51.92 52.23 80.19
CA LYS J 169 50.60 52.14 80.77
C LYS J 169 50.12 53.54 81.15
N PHE J 170 48.94 53.91 80.65
CA PHE J 170 48.30 55.18 80.97
C PHE J 170 46.97 54.88 81.63
N ASP J 171 46.78 55.42 82.84
CA ASP J 171 45.56 55.18 83.61
C ASP J 171 44.97 56.51 84.03
N ASP J 172 43.64 56.59 84.00
CA ASP J 172 42.96 57.83 84.37
C ASP J 172 43.19 58.16 85.84
N THR J 173 43.15 57.15 86.72
CA THR J 173 43.30 57.41 88.15
C THR J 173 44.73 57.75 88.51
N THR J 174 45.70 57.02 87.96
CA THR J 174 47.10 57.27 88.31
C THR J 174 47.56 58.64 87.80
N GLY J 175 47.27 58.95 86.54
CA GLY J 175 47.61 60.25 86.00
C GLY J 175 49.07 60.45 85.66
N LYS J 176 49.90 59.42 85.78
CA LYS J 176 51.33 59.55 85.55
C LYS J 176 51.84 58.33 84.80
N TYR J 177 52.92 58.51 84.06
CA TYR J 177 53.54 57.41 83.34
C TYR J 177 54.45 56.60 84.26
N TYR J 178 54.76 55.38 83.83
CA TYR J 178 55.60 54.48 84.61
C TYR J 178 57.00 54.42 84.01
N ALA J 179 58.01 54.65 84.84
CA ALA J 179 59.41 54.54 84.44
C ALA J 179 60.08 53.50 85.32
N LYS J 180 60.75 52.53 84.70
CA LYS J 180 61.37 51.43 85.43
C LYS J 180 62.88 51.48 85.25
N VAL J 181 63.60 51.43 86.37
CA VAL J 181 65.06 51.34 86.36
C VAL J 181 65.42 49.98 86.93
N THR J 182 66.06 49.15 86.11
CA THR J 182 66.43 47.81 86.54
C THR J 182 67.51 47.87 87.62
N VAL J 183 67.40 46.99 88.61
CA VAL J 183 68.36 46.90 89.70
C VAL J 183 68.97 45.51 89.70
N THR J 184 70.30 45.45 89.81
CA THR J 184 71.05 44.22 89.72
C THR J 184 71.36 43.71 91.13
N GLY J 185 71.28 42.40 91.31
CA GLY J 185 71.51 41.81 92.62
C GLY J 185 70.43 42.12 93.64
N GLY J 186 69.18 42.17 93.21
CA GLY J 186 68.08 42.42 94.11
C GLY J 186 66.79 41.82 93.57
N THR J 187 65.87 41.55 94.48
CA THR J 187 64.57 40.98 94.15
C THR J 187 63.47 41.90 94.64
N GLY J 188 62.55 42.24 93.74
CA GLY J 188 61.43 43.10 94.07
C GLY J 188 61.79 44.57 94.14
N LYS J 189 63.09 44.88 94.24
CA LYS J 189 63.52 46.26 94.34
C LYS J 189 63.24 47.05 93.07
N ASP J 190 63.30 46.40 91.91
CA ASP J 190 63.04 47.06 90.63
C ASP J 190 61.53 47.24 90.50
N GLY J 191 61.10 48.50 90.48
CA GLY J 191 59.68 48.80 90.38
C GLY J 191 59.45 50.06 89.59
N TYR J 192 58.28 50.14 88.95
CA TYR J 192 57.93 51.30 88.16
C TYR J 192 57.60 52.48 89.08
N TYR J 193 58.08 53.66 88.71
CA TYR J 193 57.81 54.89 89.43
C TYR J 193 56.97 55.82 88.57
N GLU J 194 56.14 56.63 89.23
CA GLU J 194 55.26 57.55 88.55
C GLU J 194 55.99 58.84 88.21
N VAL J 195 56.03 59.18 86.92
CA VAL J 195 56.70 60.38 86.44
C VAL J 195 55.77 61.11 85.48
N SER J 196 55.99 62.42 85.36
CA SER J 196 55.20 63.27 84.49
C SER J 196 56.13 64.00 83.52
N VAL J 197 55.78 63.98 82.24
CA VAL J 197 56.53 64.66 81.20
C VAL J 197 55.63 65.72 80.58
N ASP J 198 56.12 66.96 80.55
CA ASP J 198 55.33 68.09 80.08
C ASP J 198 55.57 68.31 78.59
N LYS J 199 54.55 68.01 77.78
CA LYS J 199 54.63 68.25 76.34
C LYS J 199 54.48 69.73 76.01
N THR J 200 53.59 70.43 76.71
CA THR J 200 53.39 71.85 76.44
C THR J 200 54.64 72.65 76.78
N ASN J 201 55.29 72.32 77.90
CA ASN J 201 56.52 73.00 78.28
C ASN J 201 57.63 72.77 77.28
N GLY J 202 57.67 71.58 76.67
CA GLY J 202 58.68 71.25 75.69
C GLY J 202 59.99 70.76 76.26
N GLU J 203 60.15 70.75 77.57
CA GLU J 203 61.37 70.28 78.22
C GLU J 203 61.00 69.47 79.45
N VAL J 204 61.87 68.53 79.79
CA VAL J 204 61.64 67.66 80.95
C VAL J 204 62.12 68.38 82.20
N THR J 205 61.20 68.67 83.10
CA THR J 205 61.49 69.38 84.35
C THR J 205 61.13 68.49 85.54
N LEU J 206 62.06 68.37 86.48
CA LEU J 206 61.86 67.57 87.68
C LEU J 206 61.60 68.50 88.86
N ALA J 207 60.49 68.25 89.55
CA ALA J 207 60.09 69.08 90.68
C ALA J 207 60.71 68.55 91.96
N GLY J 208 61.51 69.39 92.61
CA GLY J 208 62.20 69.04 93.84
C GLY J 208 63.56 68.41 93.65
N GLY J 209 63.94 68.07 92.42
CA GLY J 209 65.25 67.47 92.18
C GLY J 209 65.45 66.15 92.88
N ALA J 210 64.45 65.26 92.84
CA ALA J 210 64.50 63.98 93.54
C ALA J 210 64.91 62.90 92.55
N THR J 211 66.21 62.65 92.45
CA THR J 211 66.71 61.59 91.59
C THR J 211 66.46 60.22 92.22
N SER J 212 66.68 60.08 93.52
CA SER J 212 66.52 58.80 94.19
C SER J 212 65.04 58.44 94.30
N PRO J 213 64.63 57.26 93.85
CA PRO J 213 63.22 56.87 94.01
C PRO J 213 62.86 56.65 95.47
N LEU J 214 61.58 56.80 95.77
CA LEU J 214 61.09 56.63 97.12
C LEU J 214 61.19 55.16 97.55
N THR J 215 61.25 54.95 98.85
CA THR J 215 61.38 53.61 99.41
C THR J 215 60.08 52.83 99.22
N GLY J 216 60.06 51.60 99.73
CA GLY J 216 58.90 50.74 99.63
C GLY J 216 59.10 49.53 98.74
N GLY J 217 60.21 49.45 98.01
CA GLY J 217 60.44 48.30 97.16
C GLY J 217 59.43 48.24 96.03
N LEU J 218 58.68 47.15 95.97
CA LEU J 218 57.66 46.98 94.94
C LEU J 218 56.54 48.00 95.16
N PRO J 219 56.18 48.78 94.15
CA PRO J 219 55.10 49.76 94.32
C PRO J 219 53.73 49.10 94.20
N ALA J 220 52.86 49.43 95.16
CA ALA J 220 51.50 48.89 95.13
C ALA J 220 50.68 49.48 93.99
N THR J 221 51.00 50.71 93.58
CA THR J 221 50.26 51.33 92.48
C THR J 221 50.55 50.63 91.16
N ALA J 222 51.80 50.21 90.95
CA ALA J 222 52.23 49.55 89.72
C ALA J 222 52.33 48.05 89.99
N THR J 223 51.24 47.34 89.76
CA THR J 223 51.18 45.90 90.00
C THR J 223 50.70 45.09 88.80
N GLU J 224 49.81 45.63 87.97
CA GLU J 224 49.27 44.92 86.82
C GLU J 224 49.44 45.77 85.57
N ASP J 225 50.07 45.21 84.54
CA ASP J 225 50.27 45.93 83.29
C ASP J 225 48.97 45.92 82.49
N VAL J 226 48.56 47.10 82.02
CA VAL J 226 47.31 47.28 81.31
C VAL J 226 47.61 47.93 79.96
N LYS J 227 47.01 47.38 78.90
CA LYS J 227 47.21 47.90 77.55
C LYS J 227 46.18 48.95 77.16
N ASN J 228 45.27 49.31 78.05
CA ASN J 228 44.31 50.36 77.74
C ASN J 228 45.01 51.70 77.58
N VAL J 229 44.57 52.48 76.59
CA VAL J 229 45.14 53.78 76.30
C VAL J 229 44.03 54.80 76.55
N GLN J 230 44.01 55.36 77.77
CA GLN J 230 42.98 56.30 78.18
C GLN J 230 43.64 57.52 78.80
N VAL J 231 43.01 58.68 78.61
CA VAL J 231 43.48 59.95 79.16
C VAL J 231 42.27 60.65 79.79
N ALA J 232 42.55 61.79 80.43
CA ALA J 232 41.49 62.55 81.07
C ALA J 232 40.53 63.12 80.04
N ASN J 233 39.28 63.34 80.47
CA ASN J 233 38.27 63.89 79.57
C ASN J 233 38.57 65.32 79.15
N ALA J 234 39.40 66.04 79.91
CA ALA J 234 39.73 67.41 79.55
C ALA J 234 40.68 67.47 78.35
N ASP J 235 41.24 66.34 77.95
CA ASP J 235 42.20 66.32 76.84
C ASP J 235 41.48 66.48 75.50
N LEU J 236 40.56 65.56 75.20
CA LEU J 236 39.74 65.63 73.99
C LEU J 236 40.59 65.65 72.72
N THR J 237 41.65 64.84 72.72
CA THR J 237 42.57 64.84 71.58
C THR J 237 41.89 64.40 70.30
N GLU J 238 41.22 63.25 70.33
CA GLU J 238 40.59 62.71 69.12
C GLU J 238 39.48 63.63 68.63
N ALA J 239 38.64 64.14 69.54
CA ALA J 239 37.53 64.99 69.14
C ALA J 239 38.02 66.29 68.52
N LYS J 240 38.98 66.95 69.16
CA LYS J 240 39.53 68.18 68.59
C LYS J 240 40.22 67.92 67.26
N ALA J 241 40.95 66.81 67.16
CA ALA J 241 41.62 66.49 65.90
C ALA J 241 40.61 66.28 64.77
N ALA J 242 39.55 65.53 65.04
CA ALA J 242 38.53 65.30 64.02
C ALA J 242 37.82 66.59 63.64
N LEU J 243 37.50 67.42 64.63
CA LEU J 243 36.81 68.68 64.34
C LEU J 243 37.69 69.62 63.53
N THR J 244 38.98 69.68 63.84
CA THR J 244 39.91 70.48 63.04
C THR J 244 40.05 69.90 61.64
N ALA J 245 40.03 68.58 61.50
CA ALA J 245 40.02 67.97 60.17
C ALA J 245 38.80 68.39 59.38
N ALA J 246 37.64 68.46 60.05
CA ALA J 246 36.45 69.01 59.39
C ALA J 246 36.59 70.49 59.13
N GLY J 247 37.37 71.20 59.94
CA GLY J 247 37.60 72.61 59.76
C GLY J 247 37.06 73.54 60.83
N VAL J 248 36.73 73.03 62.02
CA VAL J 248 36.19 73.82 63.11
C VAL J 248 37.03 73.60 64.36
N THR J 249 37.36 74.69 65.04
CA THR J 249 38.16 74.66 66.25
C THR J 249 37.53 75.53 67.32
N GLY J 250 37.56 75.08 68.57
CA GLY J 250 37.03 75.85 69.66
C GLY J 250 36.61 74.94 70.81
N THR J 251 35.84 75.53 71.72
CA THR J 251 35.29 74.77 72.84
C THR J 251 34.08 73.97 72.39
N ALA J 252 34.04 72.70 72.78
CA ALA J 252 33.02 71.77 72.32
C ALA J 252 32.07 71.41 73.45
N SER J 253 30.78 71.33 73.13
CA SER J 253 29.73 71.07 74.10
C SER J 253 29.09 69.72 73.85
N VAL J 254 28.83 68.98 74.92
CA VAL J 254 28.21 67.66 74.85
C VAL J 254 26.71 67.81 75.10
N VAL J 255 25.91 67.03 74.37
CA VAL J 255 24.45 67.08 74.46
C VAL J 255 23.89 65.67 74.47
N LYS J 256 22.63 65.57 74.89
CA LYS J 256 21.90 64.31 74.92
C LYS J 256 20.64 64.46 74.09
N MET J 257 20.32 63.43 73.29
CA MET J 257 19.17 63.45 72.40
C MET J 257 17.88 63.25 73.22
N SER J 258 17.55 64.28 73.98
CA SER J 258 16.41 64.26 74.89
C SER J 258 15.44 65.37 74.53
N TYR J 259 14.26 65.31 75.15
CA TYR J 259 13.24 66.36 75.08
C TYR J 259 12.92 66.85 76.49
N THR J 260 12.97 68.16 76.68
CA THR J 260 12.50 68.79 77.92
C THR J 260 11.02 69.12 77.73
N ASP J 261 10.16 68.33 78.33
CA ASP J 261 8.72 68.43 78.12
C ASP J 261 8.04 68.02 79.42
N ASN J 262 6.74 67.73 79.34
CA ASN J 262 6.00 67.30 80.53
C ASN J 262 6.62 66.06 81.15
N ASN J 263 7.01 65.08 80.32
CA ASN J 263 7.63 63.88 80.86
C ASN J 263 9.08 64.10 81.27
N GLY J 264 9.78 65.03 80.61
CA GLY J 264 11.19 65.24 80.90
C GLY J 264 12.04 64.09 80.43
N LYS J 265 12.09 63.88 79.11
CA LYS J 265 12.81 62.75 78.56
C LYS J 265 14.31 62.92 78.73
N THR J 266 15.01 61.79 78.86
CA THR J 266 16.47 61.77 78.97
C THR J 266 16.99 60.56 78.23
N ILE J 267 17.64 60.79 77.09
CA ILE J 267 18.24 59.73 76.29
C ILE J 267 19.68 60.12 75.99
N ASP J 268 20.63 59.23 76.30
CA ASP J 268 22.04 59.55 76.19
C ASP J 268 22.46 59.71 74.73
N GLY J 269 23.26 60.73 74.47
CA GLY J 269 23.79 60.97 73.14
C GLY J 269 25.28 60.71 73.03
N GLY J 270 25.84 60.04 74.03
CA GLY J 270 27.26 59.73 74.02
C GLY J 270 28.12 60.96 74.17
N LEU J 271 29.37 60.82 73.73
CA LEU J 271 30.35 61.91 73.77
C LEU J 271 30.17 62.82 72.56
N ALA J 272 28.99 63.43 72.48
CA ALA J 272 28.70 64.39 71.41
C ALA J 272 29.26 65.76 71.76
N VAL J 273 30.56 65.80 72.07
CA VAL J 273 31.22 67.02 72.50
C VAL J 273 31.67 67.74 71.23
N LYS J 274 30.80 68.60 70.71
CA LYS J 274 31.03 69.26 69.44
C LYS J 274 30.94 70.78 69.62
N VAL J 275 31.66 71.50 68.75
CA VAL J 275 31.65 72.96 68.81
C VAL J 275 30.45 73.52 68.05
N GLY J 276 30.33 73.18 66.77
CA GLY J 276 29.30 73.76 65.94
C GLY J 276 27.90 73.34 66.36
N ASP J 277 26.93 74.09 65.85
CA ASP J 277 25.53 73.82 66.20
C ASP J 277 25.10 72.41 65.84
N ASP J 278 25.54 71.92 64.68
CA ASP J 278 25.28 70.52 64.34
C ASP J 278 26.13 69.61 65.22
N TYR J 279 25.50 69.08 66.26
CA TYR J 279 26.20 68.33 67.30
C TYR J 279 26.37 66.89 66.84
N TYR J 280 27.51 66.60 66.23
CA TYR J 280 27.82 65.24 65.81
C TYR J 280 27.85 64.31 67.01
N SER J 281 27.38 63.08 66.79
CA SER J 281 27.31 62.08 67.85
C SER J 281 28.52 61.15 67.74
N ALA J 282 29.39 61.20 68.75
CA ALA J 282 30.51 60.28 68.86
C ALA J 282 30.16 59.21 69.89
N THR J 283 30.38 57.95 69.53
CA THR J 283 29.90 56.83 70.33
C THR J 283 30.95 56.44 71.36
N GLN J 284 30.54 56.43 72.63
CA GLN J 284 31.41 55.92 73.68
C GLN J 284 31.45 54.40 73.63
N ASN J 285 32.65 53.84 73.75
CA ASN J 285 32.83 52.41 73.61
C ASN J 285 32.53 51.70 74.92
N LYS J 286 32.70 50.38 74.92
CA LYS J 286 32.51 49.61 76.15
C LYS J 286 33.54 49.97 77.20
N ASP J 287 34.78 50.21 76.78
CA ASP J 287 35.85 50.61 77.69
C ASP J 287 35.91 52.12 77.90
N GLY J 288 35.06 52.90 77.22
CA GLY J 288 35.04 54.33 77.35
C GLY J 288 35.70 55.09 76.23
N SER J 289 36.35 54.40 75.29
CA SER J 289 37.00 55.08 74.18
C SER J 289 35.97 55.71 73.26
N ILE J 290 36.26 56.92 72.80
CA ILE J 290 35.37 57.61 71.87
C ILE J 290 35.63 57.11 70.46
N SER J 291 34.55 56.83 69.73
CA SER J 291 34.62 56.33 68.37
C SER J 291 33.83 57.25 67.46
N ILE J 292 34.39 57.53 66.28
CA ILE J 292 33.82 58.49 65.35
C ILE J 292 33.10 57.69 64.27
N ASN J 293 31.76 57.72 64.32
CA ASN J 293 30.92 56.97 63.39
C ASN J 293 30.58 57.89 62.22
N THR J 294 31.38 57.82 61.16
CA THR J 294 31.15 58.58 59.95
C THR J 294 30.64 57.65 58.86
N THR J 295 29.49 58.00 58.28
CA THR J 295 28.86 57.14 57.28
C THR J 295 29.71 57.10 56.01
N LYS J 296 29.83 55.91 55.44
CA LYS J 296 30.64 55.70 54.24
C LYS J 296 29.77 55.89 53.01
N TYR J 297 30.27 56.67 52.05
CA TYR J 297 29.56 56.93 50.81
C TYR J 297 30.53 56.83 49.64
N THR J 298 30.05 56.21 48.55
CA THR J 298 30.87 56.16 47.31
C THR J 298 30.52 57.40 46.51
N ALA J 299 31.48 58.32 46.34
CA ALA J 299 31.27 59.57 45.66
C ALA J 299 31.33 59.36 44.15
N ASP J 300 31.40 60.46 43.39
CA ASP J 300 31.50 60.37 41.94
C ASP J 300 32.76 59.64 41.50
N ASP J 301 33.79 59.63 42.36
CA ASP J 301 34.99 58.87 42.05
C ASP J 301 34.78 57.37 42.20
N GLY J 302 33.73 56.95 42.89
CA GLY J 302 33.50 55.54 43.15
C GLY J 302 34.22 54.98 44.36
N THR J 303 34.90 55.82 45.13
CA THR J 303 35.68 55.39 46.28
C THR J 303 34.93 55.73 47.57
N SER J 304 34.92 54.79 48.50
CA SER J 304 34.24 54.99 49.78
C SER J 304 34.98 56.06 50.58
N LYS J 305 34.29 57.15 50.90
CA LYS J 305 34.80 58.23 51.72
C LYS J 305 33.87 58.45 52.91
N THR J 306 34.43 59.05 53.95
CA THR J 306 33.72 59.32 55.19
C THR J 306 33.69 60.82 55.47
N ALA J 307 32.55 61.30 55.96
CA ALA J 307 32.39 62.70 56.31
C ALA J 307 31.73 62.80 57.68
N LEU J 308 32.01 63.89 58.38
CA LEU J 308 31.45 64.09 59.71
C LEU J 308 29.93 64.23 59.62
N ASN J 309 29.23 63.54 60.53
CA ASN J 309 27.77 63.52 60.49
C ASN J 309 27.19 64.77 61.13
N LYS J 310 25.90 64.98 60.88
CA LYS J 310 25.19 66.16 61.34
C LYS J 310 23.86 65.71 61.91
N LEU J 311 23.35 66.46 62.88
CA LEU J 311 22.06 66.15 63.48
C LEU J 311 20.97 66.10 62.42
N GLY J 312 20.16 65.05 62.45
CA GLY J 312 19.03 64.89 61.56
C GLY J 312 17.74 64.89 62.35
N GLY J 313 16.66 65.29 61.69
CA GLY J 313 15.38 65.43 62.36
C GLY J 313 15.27 66.76 63.09
N ALA J 314 14.17 66.90 63.84
CA ALA J 314 13.94 68.14 64.57
C ALA J 314 15.01 68.38 65.62
N ASP J 315 15.26 67.39 66.48
CA ASP J 315 16.34 67.52 67.46
C ASP J 315 17.66 66.99 66.92
N GLY J 316 17.60 66.09 65.95
CA GLY J 316 18.78 65.42 65.47
C GLY J 316 18.98 64.01 66.00
N LYS J 317 17.89 63.30 66.35
CA LYS J 317 18.04 61.92 66.78
C LYS J 317 18.62 61.06 65.66
N THR J 318 18.14 61.26 64.44
CA THR J 318 18.80 60.69 63.28
C THR J 318 20.01 61.53 62.90
N GLU J 319 20.78 61.04 61.95
CA GLU J 319 22.02 61.68 61.53
C GLU J 319 22.02 61.89 60.03
N VAL J 320 22.73 62.94 59.60
CA VAL J 320 22.87 63.27 58.19
C VAL J 320 24.32 63.63 57.93
N VAL J 321 24.74 63.44 56.68
CA VAL J 321 26.10 63.71 56.24
C VAL J 321 26.09 64.90 55.28
N SER J 322 26.99 65.84 55.51
CA SER J 322 27.12 67.03 54.68
C SER J 322 28.35 66.88 53.78
N ILE J 323 28.11 66.78 52.48
CA ILE J 323 29.18 66.69 51.48
C ILE J 323 29.10 67.94 50.62
N GLY J 324 30.18 68.72 50.62
CA GLY J 324 30.23 69.94 49.82
C GLY J 324 29.17 70.96 50.20
N GLY J 325 28.72 70.96 51.45
CA GLY J 325 27.65 71.82 51.89
C GLY J 325 26.26 71.32 51.56
N LYS J 326 26.15 70.18 50.90
CA LYS J 326 24.86 69.59 50.55
C LYS J 326 24.60 68.42 51.48
N THR J 327 23.42 68.42 52.10
CA THR J 327 23.10 67.46 53.16
C THR J 327 22.30 66.30 52.61
N TYR J 328 22.70 65.09 52.98
CA TYR J 328 21.94 63.88 52.66
C TYR J 328 21.74 63.09 53.94
N ALA J 329 20.75 62.22 53.95
CA ALA J 329 20.47 61.43 55.14
C ALA J 329 21.57 60.38 55.33
N ALA J 330 22.17 60.37 56.52
CA ALA J 330 23.26 59.44 56.79
C ALA J 330 22.75 58.00 56.80
N SER J 331 21.51 57.80 57.26
CA SER J 331 20.95 56.45 57.29
C SER J 331 20.88 55.84 55.89
N LYS J 332 20.42 56.62 54.91
CA LYS J 332 20.39 56.13 53.54
C LYS J 332 21.73 56.29 52.84
N ALA J 333 22.65 57.06 53.42
CA ALA J 333 23.98 57.20 52.84
C ALA J 333 24.80 55.92 52.96
N GLU J 334 24.35 54.96 53.77
CA GLU J 334 25.03 53.67 53.85
C GLU J 334 24.83 52.88 52.57
N GLY J 335 25.93 52.41 51.99
CA GLY J 335 25.85 51.72 50.71
C GLY J 335 25.30 52.57 49.60
N HIS J 336 25.80 53.80 49.47
CA HIS J 336 25.26 54.79 48.54
C HIS J 336 26.24 55.09 47.43
N ASN J 337 25.70 55.38 46.25
CA ASN J 337 26.47 55.78 45.08
C ASN J 337 25.81 56.98 44.43
N PHE J 338 26.58 58.04 44.20
CA PHE J 338 26.02 59.26 43.62
C PHE J 338 25.52 59.04 42.20
N LYS J 339 26.21 58.18 41.44
CA LYS J 339 25.80 57.94 40.06
C LYS J 339 24.40 57.34 39.99
N ALA J 340 24.12 56.36 40.86
CA ALA J 340 22.80 55.75 40.88
C ALA J 340 21.73 56.74 41.34
N GLN J 341 22.03 57.55 42.35
CA GLN J 341 21.07 58.49 42.92
C GLN J 341 21.56 59.91 42.73
N PRO J 342 21.09 60.64 41.72
CA PRO J 342 21.57 62.01 41.50
C PRO J 342 21.21 62.98 42.63
N ASP J 343 20.00 62.85 43.16
CA ASP J 343 19.53 63.75 44.22
C ASP J 343 18.89 62.92 45.33
N LEU J 344 19.01 63.42 46.56
CA LEU J 344 18.59 62.68 47.74
C LEU J 344 17.80 63.59 48.67
N ALA J 345 17.32 63.01 49.76
CA ALA J 345 16.61 63.78 50.76
C ALA J 345 17.57 64.67 51.53
N GLU J 346 17.19 65.94 51.67
CA GLU J 346 17.99 66.95 52.35
C GLU J 346 17.38 67.24 53.72
N ALA J 347 18.22 67.23 54.75
CA ALA J 347 17.73 67.46 56.10
C ALA J 347 17.12 68.83 56.25
N ALA J 348 15.98 68.90 56.93
CA ALA J 348 15.26 70.14 57.16
C ALA J 348 15.21 70.43 58.65
N ALA J 349 15.44 71.70 59.01
CA ALA J 349 15.42 72.09 60.41
C ALA J 349 14.01 72.03 60.96
N THR J 350 13.84 71.27 62.05
CA THR J 350 12.55 71.08 62.69
C THR J 350 11.50 70.57 61.71
N THR J 351 10.23 70.74 62.04
CA THR J 351 9.16 70.36 61.12
C THR J 351 9.16 71.26 59.90
N THR J 352 8.56 70.76 58.82
CA THR J 352 8.35 71.60 57.66
C THR J 352 7.34 72.68 58.00
N GLU J 353 7.81 73.92 58.04
CA GLU J 353 7.04 75.01 58.65
C GLU J 353 5.74 75.25 57.88
N ASN J 354 4.78 75.90 58.54
CA ASN J 354 3.48 76.25 57.98
C ASN J 354 2.71 75.00 57.56
N PRO J 355 2.15 74.23 58.51
CA PRO J 355 1.31 73.08 58.14
C PRO J 355 0.38 73.32 56.96
N LEU J 356 -0.09 74.57 56.83
CA LEU J 356 -0.96 74.93 55.72
C LEU J 356 -0.29 74.65 54.38
N GLN J 357 1.01 74.97 54.24
CA GLN J 357 1.66 74.67 52.98
C GLN J 357 1.91 73.17 52.83
N LYS J 358 1.98 72.42 53.94
CA LYS J 358 2.01 70.96 53.80
C LYS J 358 0.72 70.46 53.17
N ILE J 359 -0.42 70.98 53.65
CA ILE J 359 -1.70 70.62 53.05
C ILE J 359 -1.73 71.02 51.58
N ASP J 360 -1.25 72.23 51.30
CA ASP J 360 -1.27 72.73 49.93
C ASP J 360 -0.41 71.88 49.01
N ALA J 361 0.77 71.47 49.46
CA ALA J 361 1.65 70.65 48.65
C ALA J 361 1.04 69.27 48.41
N ALA J 362 0.48 68.65 49.45
CA ALA J 362 -0.15 67.34 49.26
C ALA J 362 -1.32 67.44 48.28
N LEU J 363 -2.15 68.47 48.43
CA LEU J 363 -3.27 68.65 47.52
C LEU J 363 -2.80 68.90 46.09
N ALA J 364 -1.78 69.72 45.92
CA ALA J 364 -1.29 70.04 44.57
C ALA J 364 -0.71 68.81 43.89
N GLN J 365 0.05 67.99 44.63
CA GLN J 365 0.59 66.79 44.02
C GLN J 365 -0.50 65.76 43.73
N VAL J 366 -1.52 65.65 44.59
CA VAL J 366 -2.67 64.79 44.24
C VAL J 366 -3.31 65.27 42.95
N ASP J 367 -3.49 66.59 42.83
CA ASP J 367 -4.12 67.15 41.64
C ASP J 367 -3.32 66.87 40.40
N THR J 368 -1.99 67.05 40.48
CA THR J 368 -1.14 66.77 39.33
C THR J 368 -1.20 65.29 38.95
N LEU J 369 -1.18 64.40 39.94
CA LEU J 369 -1.23 62.98 39.64
C LEU J 369 -2.55 62.61 38.95
N ARG J 370 -3.66 63.12 39.47
CA ARG J 370 -4.96 62.82 38.85
C ARG J 370 -5.08 63.42 37.46
N SER J 371 -4.58 64.64 37.26
CA SER J 371 -4.62 65.23 35.92
C SER J 371 -3.80 64.40 34.94
N ASP J 372 -2.62 63.93 35.37
CA ASP J 372 -1.80 63.09 34.52
C ASP J 372 -2.54 61.80 34.16
N LEU J 373 -3.15 61.15 35.15
CA LEU J 373 -3.87 59.91 34.87
C LEU J 373 -5.03 60.15 33.93
N GLY J 374 -5.76 61.23 34.13
CA GLY J 374 -6.89 61.53 33.26
C GLY J 374 -6.47 61.76 31.83
N ALA J 375 -5.41 62.57 31.63
CA ALA J 375 -4.91 62.81 30.28
C ALA J 375 -4.45 61.52 29.64
N VAL J 376 -3.70 60.71 30.38
CA VAL J 376 -3.18 59.45 29.83
C VAL J 376 -4.33 58.55 29.41
N GLN J 377 -5.30 58.35 30.30
CA GLN J 377 -6.38 57.40 30.01
C GLN J 377 -7.23 57.87 28.84
N ASN J 378 -7.60 59.16 28.80
CA ASN J 378 -8.44 59.61 27.69
C ASN J 378 -7.69 59.56 26.37
N ARG J 379 -6.42 59.96 26.38
CA ARG J 379 -5.64 59.95 25.15
C ARG J 379 -5.50 58.53 24.61
N PHE J 380 -5.27 57.57 25.50
CA PHE J 380 -5.10 56.19 25.05
C PHE J 380 -6.42 55.55 24.62
N ASN J 381 -7.52 55.88 25.26
CA ASN J 381 -8.81 55.40 24.76
C ASN J 381 -9.08 55.93 23.37
N SER J 382 -8.81 57.23 23.14
CA SER J 382 -8.96 57.79 21.81
C SER J 382 -8.03 57.09 20.81
N ALA J 383 -6.79 56.82 21.23
CA ALA J 383 -5.84 56.17 20.33
C ALA J 383 -6.30 54.78 19.93
N ILE J 384 -6.78 53.99 20.91
CA ILE J 384 -7.19 52.63 20.59
C ILE J 384 -8.46 52.61 19.74
N THR J 385 -9.39 53.54 19.99
CA THR J 385 -10.58 53.62 19.15
C THR J 385 -10.23 54.03 17.73
N ASN J 386 -9.33 55.01 17.58
CA ASN J 386 -8.89 55.42 16.25
C ASN J 386 -8.18 54.27 15.54
N LEU J 387 -7.36 53.52 16.27
CA LEU J 387 -6.73 52.33 15.70
C LEU J 387 -7.76 51.37 15.14
N GLY J 388 -8.75 51.00 15.97
CA GLY J 388 -9.75 50.05 15.50
C GLY J 388 -10.51 50.57 14.30
N ASN J 389 -10.91 51.84 14.35
CA ASN J 389 -11.69 52.42 13.27
C ASN J 389 -10.91 52.45 11.97
N THR J 390 -9.65 52.93 12.01
CA THR J 390 -8.87 53.01 10.78
C THR J 390 -8.53 51.63 10.24
N VAL J 391 -8.25 50.65 11.12
CA VAL J 391 -7.93 49.31 10.63
C VAL J 391 -9.15 48.71 9.92
N ASN J 392 -10.32 48.77 10.55
CA ASN J 392 -11.49 48.19 9.89
C ASN J 392 -11.85 48.95 8.62
N ASN J 393 -11.68 50.28 8.62
CA ASN J 393 -11.99 51.06 7.42
C ASN J 393 -11.07 50.69 6.26
N LEU J 394 -9.76 50.62 6.51
CA LEU J 394 -8.83 50.28 5.44
C LEU J 394 -9.04 48.85 4.95
N THR J 395 -9.30 47.92 5.89
CA THR J 395 -9.54 46.53 5.48
C THR J 395 -10.80 46.42 4.65
N SER J 396 -11.88 47.10 5.03
CA SER J 396 -13.09 47.08 4.23
C SER J 396 -12.86 47.73 2.87
N ALA J 397 -12.07 48.80 2.83
CA ALA J 397 -11.84 49.51 1.58
C ALA J 397 -11.05 48.66 0.58
N ARG J 398 -9.95 48.05 1.03
CA ARG J 398 -9.07 47.40 0.07
C ARG J 398 -9.26 45.88 0.04
N SER J 399 -10.18 45.35 0.83
CA SER J 399 -10.34 43.90 0.87
C SER J 399 -11.74 43.43 0.48
N ARG J 400 -12.76 44.27 0.66
CA ARG J 400 -14.11 43.88 0.29
C ARG J 400 -14.23 43.65 -1.22
N ILE J 401 -13.62 44.54 -2.00
CA ILE J 401 -13.70 44.44 -3.45
C ILE J 401 -12.66 43.46 -3.98
N ASP K 1 -16.49 17.19 -22.66
CA ASP K 1 -16.49 16.61 -23.99
C ASP K 1 -15.51 17.34 -24.91
N LEU K 2 -14.48 17.94 -24.32
CA LEU K 2 -13.47 18.65 -25.10
C LEU K 2 -12.71 17.70 -26.01
N THR K 3 -12.32 16.53 -25.47
CA THR K 3 -11.58 15.56 -26.27
C THR K 3 -12.43 15.05 -27.44
N LYS K 4 -13.70 14.75 -27.18
CA LYS K 4 -14.60 14.29 -28.24
C LYS K 4 -14.77 15.38 -29.30
N ASN K 5 -14.98 16.63 -28.87
CA ASN K 5 -15.15 17.71 -29.82
C ASN K 5 -13.91 17.90 -30.67
N GLU K 6 -12.72 17.82 -30.07
CA GLU K 6 -11.49 17.95 -30.83
C GLU K 6 -11.35 16.81 -31.84
N LYS K 7 -11.51 15.57 -31.38
CA LYS K 7 -11.39 14.43 -32.28
C LYS K 7 -12.36 14.54 -33.45
N GLY K 8 -13.55 15.10 -33.20
CA GLY K 8 -14.47 15.37 -34.29
C GLY K 8 -13.99 16.47 -35.21
N ARG K 9 -13.40 17.53 -34.66
CA ARG K 9 -13.16 18.74 -35.42
C ARG K 9 -11.87 18.73 -36.23
N LEU K 10 -10.84 17.99 -35.82
CA LEU K 10 -9.61 17.95 -36.62
C LEU K 10 -9.85 17.34 -38.00
N THR K 11 -10.62 16.25 -38.07
CA THR K 11 -10.83 15.52 -39.32
C THR K 11 -12.31 15.27 -39.57
N PRO K 12 -13.08 16.33 -39.83
CA PRO K 12 -14.52 16.14 -40.04
C PRO K 12 -14.92 15.83 -41.47
N ILE K 13 -14.16 16.33 -42.45
CA ILE K 13 -14.56 16.23 -43.85
C ILE K 13 -13.40 15.71 -44.69
N THR K 14 -12.25 15.48 -44.06
CA THR K 14 -11.05 15.13 -44.80
C THR K 14 -11.21 13.85 -45.61
N LYS K 15 -12.15 12.99 -45.21
CA LYS K 15 -12.39 11.77 -45.97
C LYS K 15 -12.88 12.07 -47.38
N GLN K 16 -13.72 13.10 -47.55
CA GLN K 16 -14.20 13.45 -48.89
C GLN K 16 -13.06 13.92 -49.78
N GLN K 17 -12.17 14.77 -49.25
CA GLN K 17 -11.04 15.24 -50.04
C GLN K 17 -10.08 14.08 -50.36
N SER K 18 -9.90 13.16 -49.40
CA SER K 18 -9.08 11.97 -49.67
C SER K 18 -9.71 11.13 -50.77
N ALA K 19 -11.03 10.99 -50.76
CA ALA K 19 -11.72 10.24 -51.81
C ALA K 19 -11.55 10.92 -53.16
N ASN K 20 -11.63 12.25 -53.19
CA ASN K 20 -11.44 12.98 -54.45
C ASN K 20 -10.02 12.79 -54.98
N SER K 21 -9.03 12.87 -54.10
CA SER K 21 -7.65 12.64 -54.51
C SER K 21 -7.46 11.22 -55.02
N ALA K 22 -8.07 10.25 -54.35
CA ALA K 22 -7.99 8.86 -54.79
C ALA K 22 -8.63 8.71 -56.16
N LYS K 23 -9.76 9.38 -56.40
CA LYS K 23 -10.39 9.35 -57.71
C LYS K 23 -9.47 9.93 -58.78
N LEU K 24 -8.82 11.07 -58.48
CA LEU K 24 -7.90 11.66 -59.44
C LEU K 24 -6.76 10.72 -59.76
N THR K 25 -6.20 10.08 -58.73
CA THR K 25 -5.12 9.12 -58.95
C THR K 25 -5.61 7.94 -59.76
N ALA K 26 -6.86 7.51 -59.55
CA ALA K 26 -7.42 6.42 -60.33
C ALA K 26 -7.56 6.80 -61.80
N TYR K 27 -8.03 8.01 -62.08
CA TYR K 27 -8.08 8.48 -63.46
C TYR K 27 -6.68 8.54 -64.06
N GLY K 28 -5.69 9.00 -63.30
CA GLY K 28 -4.33 9.02 -63.80
C GLY K 28 -3.80 7.64 -64.14
N THR K 29 -4.04 6.67 -63.26
CA THR K 29 -3.56 5.31 -63.50
C THR K 29 -4.23 4.69 -64.72
N LEU K 30 -5.56 4.85 -64.83
CA LEU K 30 -6.24 4.29 -65.99
C LEU K 30 -5.82 5.01 -67.27
N LYS K 31 -5.54 6.32 -67.19
CA LYS K 31 -5.03 7.03 -68.34
C LYS K 31 -3.69 6.47 -68.78
N SER K 32 -2.80 6.18 -67.82
CA SER K 32 -1.52 5.59 -68.16
C SER K 32 -1.70 4.22 -68.81
N ALA K 33 -2.61 3.42 -68.27
CA ALA K 33 -2.86 2.09 -68.82
C ALA K 33 -3.37 2.18 -70.25
N LEU K 34 -4.40 2.99 -70.48
CA LEU K 34 -4.93 3.12 -71.83
C LEU K 34 -3.91 3.76 -72.76
N GLU K 35 -3.04 4.63 -72.23
CA GLU K 35 -2.02 5.26 -73.06
C GLU K 35 -0.98 4.26 -73.54
N LYS K 36 -0.50 3.38 -72.64
CA LYS K 36 0.42 2.35 -73.09
C LYS K 36 -0.28 1.37 -74.02
N PHE K 37 -1.57 1.12 -73.81
CA PHE K 37 -2.33 0.30 -74.76
C PHE K 37 -2.41 0.96 -76.13
N GLN K 38 -2.63 2.26 -76.18
CA GLN K 38 -2.66 2.98 -77.45
C GLN K 38 -1.30 2.91 -78.14
N THR K 39 -0.22 3.06 -77.39
CA THR K 39 1.10 2.95 -77.99
C THR K 39 1.35 1.55 -78.55
N ALA K 40 0.97 0.53 -77.81
CA ALA K 40 1.11 -0.84 -78.30
C ALA K 40 0.27 -1.07 -79.55
N ASN K 41 -0.95 -0.52 -79.55
CA ASN K 41 -1.83 -0.66 -80.71
C ASN K 41 -1.22 -0.01 -81.94
N THR K 42 -0.70 1.21 -81.79
CA THR K 42 -0.09 1.90 -82.92
C THR K 42 1.19 1.21 -83.37
N ALA K 43 1.91 0.58 -82.44
CA ALA K 43 3.13 -0.11 -82.81
C ALA K 43 2.86 -1.38 -83.59
N LEU K 44 1.90 -2.18 -83.13
CA LEU K 44 1.67 -3.50 -83.71
C LEU K 44 0.53 -3.56 -84.71
N ASN K 45 -0.16 -2.44 -84.97
CA ASN K 45 -1.29 -2.48 -85.89
C ASN K 45 -0.84 -2.58 -87.35
N LYS K 46 0.46 -2.46 -87.59
CA LYS K 46 0.99 -2.51 -88.96
C LYS K 46 0.61 -3.81 -89.63
N ALA K 47 0.10 -3.73 -90.86
CA ALA K 47 -0.45 -4.90 -91.54
C ALA K 47 0.53 -5.55 -92.51
N ASP K 48 1.46 -4.81 -93.09
CA ASP K 48 2.39 -5.40 -94.04
C ASP K 48 3.31 -6.43 -93.40
N LEU K 49 3.55 -6.31 -92.08
CA LEU K 49 4.40 -7.28 -91.41
C LEU K 49 3.79 -8.67 -91.44
N PHE K 50 2.46 -8.76 -91.58
CA PHE K 50 1.80 -10.04 -91.73
C PHE K 50 2.12 -10.72 -93.06
N LYS K 51 2.55 -9.96 -94.06
CA LYS K 51 2.90 -10.49 -95.37
C LYS K 51 4.41 -10.57 -95.60
N SER K 52 5.21 -10.27 -94.58
CA SER K 52 6.65 -10.36 -94.73
C SER K 52 7.09 -11.82 -94.87
N THR K 53 7.90 -12.11 -95.89
CA THR K 53 8.33 -13.52 -96.14
C THR K 53 9.85 -13.57 -96.37
N VAL K 54 10.63 -12.87 -95.55
CA VAL K 54 12.09 -12.89 -95.67
C VAL K 54 12.60 -14.33 -95.59
N ALA K 55 13.59 -14.64 -96.42
CA ALA K 55 14.10 -16.01 -96.52
C ALA K 55 15.60 -15.95 -96.79
N SER K 56 16.24 -17.12 -96.67
CA SER K 56 17.66 -17.28 -96.88
C SER K 56 17.91 -18.31 -97.98
N SER K 57 19.04 -18.18 -98.66
CA SER K 57 19.40 -19.06 -99.76
C SER K 57 20.17 -20.27 -99.24
N THR K 58 20.15 -21.35 -100.03
CA THR K 58 20.90 -22.55 -99.67
C THR K 58 22.39 -22.37 -99.90
N THR K 59 22.76 -21.60 -100.91
CA THR K 59 24.17 -21.41 -101.24
C THR K 59 24.87 -20.61 -100.16
N GLU K 60 26.14 -20.93 -99.92
CA GLU K 60 26.93 -20.25 -98.91
C GLU K 60 27.95 -19.28 -99.51
N ASP K 61 28.44 -19.55 -100.72
CA ASP K 61 29.44 -18.68 -101.33
C ASP K 61 28.88 -17.28 -101.56
N LEU K 62 27.65 -17.19 -102.06
CA LEU K 62 26.98 -15.92 -102.29
C LEU K 62 25.92 -15.69 -101.23
N LYS K 63 25.72 -14.42 -100.89
CA LYS K 63 24.73 -14.02 -99.90
C LYS K 63 23.73 -13.09 -100.57
N VAL K 64 22.45 -13.42 -100.39
CA VAL K 64 21.35 -12.68 -101.02
C VAL K 64 20.41 -12.19 -99.93
N SER K 65 19.87 -11.00 -100.14
CA SER K 65 18.95 -10.36 -99.20
C SER K 65 17.77 -9.81 -99.99
N THR K 66 16.56 -10.20 -99.59
CA THR K 66 15.34 -9.73 -100.22
C THR K 66 14.45 -9.07 -99.17
N THR K 67 13.81 -7.97 -99.55
CA THR K 67 12.91 -7.27 -98.65
C THR K 67 11.54 -7.95 -98.61
N ALA K 68 10.63 -7.34 -97.86
CA ALA K 68 9.29 -7.88 -97.73
C ALA K 68 8.49 -7.70 -99.02
N GLY K 69 7.32 -8.32 -99.06
CA GLY K 69 6.44 -8.23 -100.20
C GLY K 69 6.59 -9.32 -101.24
N ALA K 70 7.61 -10.16 -101.13
CA ALA K 70 7.79 -11.24 -102.09
C ALA K 70 7.04 -12.49 -101.64
N ALA K 71 6.65 -13.30 -102.62
CA ALA K 71 5.96 -14.55 -102.35
C ALA K 71 6.95 -15.71 -102.33
N ALA K 72 6.41 -16.92 -102.25
CA ALA K 72 7.20 -18.15 -102.23
C ALA K 72 7.32 -18.67 -103.65
N GLY K 73 8.55 -18.92 -104.08
CA GLY K 73 8.78 -19.44 -105.41
C GLY K 73 10.26 -19.60 -105.69
N THR K 74 10.56 -20.20 -106.84
CA THR K 74 11.94 -20.42 -107.22
C THR K 74 12.55 -19.15 -107.80
N TYR K 75 13.88 -19.10 -107.80
CA TYR K 75 14.61 -17.96 -108.31
C TYR K 75 15.92 -18.47 -108.90
N LYS K 76 16.31 -17.91 -110.03
CA LYS K 76 17.51 -18.30 -110.76
C LYS K 76 18.58 -17.23 -110.59
N ILE K 77 19.79 -17.65 -110.23
CA ILE K 77 20.92 -16.75 -110.04
C ILE K 77 22.10 -17.29 -110.84
N ASN K 78 22.72 -16.42 -111.62
CA ASN K 78 23.89 -16.80 -112.41
C ASN K 78 24.87 -15.64 -112.46
N VAL K 79 26.15 -15.97 -112.46
CA VAL K 79 27.23 -15.00 -112.58
C VAL K 79 28.01 -15.35 -113.84
N THR K 80 28.14 -14.37 -114.74
CA THR K 80 28.84 -14.58 -116.00
C THR K 80 30.35 -14.47 -115.84
N GLN K 81 30.82 -13.36 -115.27
CA GLN K 81 32.24 -13.10 -115.08
C GLN K 81 32.47 -12.74 -113.62
N LEU K 82 33.66 -13.06 -113.11
CA LEU K 82 34.02 -12.70 -111.75
C LEU K 82 34.02 -11.18 -111.59
N ALA K 83 33.67 -10.74 -110.38
CA ALA K 83 33.45 -9.31 -110.14
C ALA K 83 34.68 -8.49 -110.49
N ALA K 84 34.48 -7.52 -111.39
CA ALA K 84 35.51 -6.56 -111.77
C ALA K 84 34.88 -5.19 -111.91
N ALA K 85 35.26 -4.27 -111.02
CA ALA K 85 34.77 -2.90 -111.04
C ALA K 85 35.89 -1.97 -111.50
N GLN K 86 35.59 -1.11 -112.46
CA GLN K 86 36.59 -0.23 -113.03
C GLN K 86 37.17 0.69 -111.97
N SER K 87 38.50 0.78 -111.92
CA SER K 87 39.21 1.55 -110.91
C SER K 87 40.28 2.39 -111.57
N LEU K 88 40.41 3.64 -111.12
CA LEU K 88 41.42 4.57 -111.60
C LEU K 88 42.28 5.04 -110.45
N ALA K 89 43.60 4.89 -110.59
CA ALA K 89 44.54 5.23 -109.54
C ALA K 89 45.49 6.32 -110.04
N THR K 90 45.75 7.31 -109.18
CA THR K 90 46.57 8.45 -109.53
C THR K 90 48.05 8.08 -109.45
N LYS K 91 48.80 8.42 -110.50
CA LYS K 91 50.22 8.04 -110.60
C LYS K 91 51.07 9.12 -109.94
N THR K 92 51.21 9.02 -108.62
CA THR K 92 52.10 9.85 -107.84
C THR K 92 53.11 9.00 -107.08
N THR K 93 53.64 7.97 -107.74
CA THR K 93 54.54 7.01 -107.10
C THR K 93 55.91 7.66 -106.93
N PHE K 94 56.10 8.27 -105.76
CA PHE K 94 57.38 8.86 -105.37
C PHE K 94 57.78 8.34 -104.00
N ALA K 95 59.08 8.42 -103.73
CA ALA K 95 59.59 7.91 -102.46
C ALA K 95 58.96 8.65 -101.27
N THR K 96 58.93 9.98 -101.33
CA THR K 96 58.32 10.80 -100.29
C THR K 96 57.45 11.86 -100.95
N THR K 97 56.15 11.81 -100.66
CA THR K 97 55.22 12.82 -101.14
C THR K 97 54.84 13.82 -100.06
N LYS K 98 55.56 13.82 -98.93
CA LYS K 98 55.27 14.78 -97.87
C LYS K 98 55.49 16.21 -98.32
N GLU K 99 56.28 16.41 -99.38
CA GLU K 99 56.42 17.73 -99.97
C GLU K 99 55.07 18.20 -100.52
N GLN K 100 54.85 19.51 -100.45
CA GLN K 100 53.57 20.07 -100.85
C GLN K 100 53.32 19.87 -102.35
N LEU K 101 52.31 19.09 -102.67
CA LEU K 101 51.94 18.88 -104.07
C LEU K 101 51.44 20.17 -104.70
N GLY K 102 50.68 20.97 -103.96
CA GLY K 102 50.18 22.25 -104.43
C GLY K 102 50.95 23.39 -103.80
N ASP K 103 51.25 24.41 -104.61
CA ASP K 103 51.99 25.56 -104.12
C ASP K 103 51.11 26.42 -103.22
N THR K 104 51.77 27.22 -102.38
CA THR K 104 51.09 28.11 -101.45
C THR K 104 50.54 29.36 -102.12
N SER K 105 50.85 29.58 -103.40
CA SER K 105 50.32 30.75 -104.10
C SER K 105 48.81 30.70 -104.21
N VAL K 106 48.26 29.53 -104.50
CA VAL K 106 46.82 29.40 -104.68
C VAL K 106 46.12 29.56 -103.33
N THR K 107 45.15 30.47 -103.28
CA THR K 107 44.45 30.73 -102.02
C THR K 107 43.46 29.63 -101.69
N SER K 108 42.84 29.03 -102.72
CA SER K 108 41.86 27.97 -102.51
C SER K 108 41.98 26.95 -103.65
N ARG K 109 42.07 25.68 -103.28
CA ARG K 109 42.21 24.62 -104.26
C ARG K 109 40.98 24.58 -105.19
N THR K 110 41.23 24.28 -106.45
CA THR K 110 40.20 24.32 -107.49
C THR K 110 40.20 23.01 -108.25
N ILE K 111 39.38 22.05 -107.81
CA ILE K 111 39.27 20.74 -108.44
C ILE K 111 37.80 20.44 -108.68
N LYS K 112 37.47 20.06 -109.92
CA LYS K 112 36.09 19.73 -110.29
C LYS K 112 36.06 18.35 -110.91
N ILE K 113 35.23 17.47 -110.35
CA ILE K 113 35.06 16.10 -110.85
C ILE K 113 33.61 15.97 -111.28
N GLU K 114 33.40 15.50 -112.51
CA GLU K 114 32.08 15.40 -113.09
C GLU K 114 31.83 13.99 -113.62
N GLN K 115 30.57 13.57 -113.59
CA GLN K 115 30.12 12.31 -114.16
C GLN K 115 28.86 12.53 -114.99
N PRO K 116 28.67 11.76 -116.06
CA PRO K 116 27.49 11.97 -116.92
C PRO K 116 26.19 11.55 -116.24
N GLY K 117 26.22 10.42 -115.55
CA GLY K 117 25.00 9.92 -114.93
C GLY K 117 24.46 10.80 -113.82
N ARG K 118 25.35 11.28 -112.96
CA ARG K 118 24.93 12.05 -111.80
C ARG K 118 24.66 13.49 -112.19
N LYS K 119 23.55 14.04 -111.70
CA LYS K 119 23.18 15.42 -112.04
C LYS K 119 24.17 16.42 -111.45
N GLU K 120 24.55 16.22 -110.19
CA GLU K 120 25.36 17.22 -109.50
C GLU K 120 26.84 16.88 -109.58
N PRO K 121 27.66 17.69 -110.23
CA PRO K 121 29.11 17.49 -110.17
C PRO K 121 29.65 17.81 -108.78
N LEU K 122 30.85 17.31 -108.52
CA LEU K 122 31.56 17.56 -107.27
C LEU K 122 32.59 18.66 -107.50
N GLU K 123 32.62 19.64 -106.60
CA GLU K 123 33.65 20.67 -106.58
C GLU K 123 34.04 20.93 -105.14
N ILE K 124 35.34 21.08 -104.90
CA ILE K 124 35.86 21.25 -103.56
C ILE K 124 36.35 22.68 -103.38
N LYS K 125 36.30 23.16 -102.15
CA LYS K 125 36.67 24.53 -101.80
C LYS K 125 37.71 24.52 -100.68
N LEU K 126 38.71 23.65 -100.81
CA LEU K 126 39.78 23.60 -99.84
C LEU K 126 40.55 24.92 -99.82
N ASP K 127 40.86 25.39 -98.61
CA ASP K 127 41.50 26.68 -98.42
C ASP K 127 43.02 26.50 -98.34
N LYS K 128 43.72 27.63 -98.30
CA LYS K 128 45.18 27.61 -98.25
C LYS K 128 45.66 27.12 -96.88
N GLY K 129 46.86 26.57 -96.86
CA GLY K 129 47.44 26.04 -95.64
C GLY K 129 47.08 24.61 -95.32
N ASP K 130 46.25 23.97 -96.14
CA ASP K 130 45.83 22.58 -95.95
C ASP K 130 46.05 21.80 -97.24
N THR K 131 47.18 22.07 -97.90
CA THR K 131 47.48 21.48 -99.20
C THR K 131 48.23 20.15 -99.09
N SER K 132 48.48 19.65 -97.88
CA SER K 132 49.12 18.36 -97.72
C SER K 132 48.22 17.25 -98.24
N MET K 133 48.85 16.21 -98.81
CA MET K 133 48.07 15.14 -99.41
C MET K 133 47.19 14.43 -98.38
N GLU K 134 47.74 14.16 -97.20
CA GLU K 134 46.92 13.62 -96.12
C GLU K 134 45.86 14.62 -95.70
N ALA K 135 46.18 15.92 -95.71
CA ALA K 135 45.17 16.94 -95.45
C ALA K 135 44.11 16.95 -96.54
N ILE K 136 44.49 16.68 -97.79
CA ILE K 136 43.52 16.61 -98.88
C ILE K 136 42.58 15.43 -98.66
N ARG K 137 43.12 14.27 -98.26
CA ARG K 137 42.27 13.12 -97.95
C ARG K 137 41.34 13.44 -96.79
N ASP K 138 41.86 14.14 -95.77
CA ASP K 138 41.03 14.54 -94.64
C ASP K 138 39.90 15.44 -95.09
N ALA K 139 40.18 16.40 -95.98
CA ALA K 139 39.14 17.28 -96.49
C ALA K 139 38.11 16.51 -97.32
N ILE K 140 38.57 15.52 -98.09
CA ILE K 140 37.65 14.66 -98.83
C ILE K 140 36.69 13.97 -97.88
N ASN K 141 37.23 13.44 -96.77
CA ASN K 141 36.38 12.87 -95.75
C ASN K 141 35.46 13.92 -95.13
N ASP K 142 35.96 15.16 -95.01
CA ASP K 142 35.17 16.23 -94.41
C ASP K 142 33.93 16.53 -95.22
N ALA K 143 34.07 16.57 -96.55
CA ALA K 143 32.99 17.00 -97.44
C ALA K 143 32.01 15.89 -97.76
N ASP K 144 32.20 14.69 -97.22
CA ASP K 144 31.34 13.54 -97.52
C ASP K 144 31.28 13.29 -99.03
N SER K 145 32.42 13.43 -99.69
CA SER K 145 32.48 13.34 -101.14
C SER K 145 32.12 11.94 -101.61
N GLY K 146 31.39 11.88 -102.73
CA GLY K 146 31.04 10.58 -103.31
C GLY K 146 32.25 9.78 -103.72
N ILE K 147 33.31 10.46 -104.16
CA ILE K 147 34.56 9.78 -104.48
C ILE K 147 35.11 9.13 -103.23
N ALA K 148 35.61 7.90 -103.38
CA ALA K 148 36.15 7.14 -102.26
C ALA K 148 37.58 6.74 -102.58
N ALA K 149 38.43 6.81 -101.56
CA ALA K 149 39.82 6.40 -101.66
C ALA K 149 40.01 5.10 -100.90
N SER K 150 40.17 4.01 -101.64
CA SER K 150 40.38 2.69 -101.05
C SER K 150 41.85 2.53 -100.69
N ILE K 151 42.10 1.72 -99.67
CA ILE K 151 43.45 1.48 -99.16
C ILE K 151 44.15 0.51 -100.09
N VAL K 152 44.86 1.05 -101.08
CA VAL K 152 45.59 0.26 -102.06
C VAL K 152 47.03 0.73 -102.09
N LYS K 153 47.95 -0.17 -101.77
CA LYS K 153 49.39 0.09 -101.81
C LYS K 153 50.07 -0.94 -102.70
N VAL K 154 50.80 -0.47 -103.71
CA VAL K 154 51.63 -1.38 -104.49
C VAL K 154 52.82 -1.86 -103.66
N LYS K 155 53.47 -0.95 -102.94
CA LYS K 155 54.57 -1.30 -102.05
C LYS K 155 54.92 -0.09 -101.20
N GLU K 156 55.59 -0.33 -100.08
CA GLU K 156 56.03 0.73 -99.20
C GLU K 156 57.08 1.60 -99.89
N ASN K 157 57.39 2.73 -99.25
CA ASN K 157 58.31 3.74 -99.80
C ASN K 157 57.78 4.31 -101.11
N GLU K 158 56.48 4.16 -101.34
CA GLU K 158 55.80 4.66 -102.51
C GLU K 158 54.39 5.07 -102.14
N PHE K 159 54.01 6.28 -102.51
CA PHE K 159 52.67 6.80 -102.23
C PHE K 159 51.87 6.78 -103.52
N GLN K 160 50.60 6.39 -103.43
CA GLN K 160 49.70 6.34 -104.56
C GLN K 160 48.30 6.76 -104.11
N LEU K 161 47.50 7.22 -105.06
CA LEU K 161 46.13 7.64 -104.80
C LEU K 161 45.19 6.95 -105.78
N VAL K 162 44.02 6.56 -105.29
CA VAL K 162 42.96 5.98 -106.11
C VAL K 162 41.75 6.89 -106.01
N LEU K 163 40.97 6.96 -107.09
CA LEU K 163 39.82 7.85 -107.18
C LEU K 163 38.67 7.04 -107.79
N THR K 164 37.85 6.45 -106.92
CA THR K 164 36.75 5.58 -107.35
C THR K 164 35.50 5.95 -106.56
N ALA K 165 34.55 6.62 -107.22
CA ALA K 165 33.25 6.84 -106.61
C ALA K 165 32.30 5.70 -106.92
N ASN K 166 32.25 5.28 -108.19
CA ASN K 166 31.44 4.15 -108.63
C ASN K 166 32.15 3.50 -109.80
N SER K 167 31.44 2.63 -110.51
CA SER K 167 31.97 1.96 -111.69
C SER K 167 30.90 1.91 -112.77
N GLY K 168 31.36 1.82 -114.01
CA GLY K 168 30.46 1.78 -115.14
C GLY K 168 30.67 2.96 -116.08
N THR K 169 30.31 2.76 -117.35
CA THR K 169 30.45 3.82 -118.33
C THR K 169 29.52 4.99 -118.07
N ASP K 170 28.37 4.72 -117.42
CA ASP K 170 27.48 5.81 -117.05
C ASP K 170 28.14 6.75 -116.05
N ASN K 171 28.87 6.19 -115.08
CA ASN K 171 29.55 6.96 -114.05
C ASN K 171 31.04 6.97 -114.35
N THR K 172 31.46 7.90 -115.21
CA THR K 172 32.86 8.11 -115.52
C THR K 172 33.32 9.42 -114.90
N MET K 173 34.53 9.41 -114.35
CA MET K 173 35.06 10.53 -113.60
C MET K 173 35.93 11.38 -114.52
N LYS K 174 35.51 12.61 -114.75
CA LYS K 174 36.32 13.60 -115.46
C LYS K 174 36.74 14.64 -114.43
N ILE K 175 38.01 14.62 -114.04
CA ILE K 175 38.54 15.47 -112.99
C ILE K 175 39.46 16.49 -113.64
N THR K 176 39.23 17.77 -113.34
CA THR K 176 39.97 18.87 -113.94
C THR K 176 40.29 19.91 -112.88
N VAL K 177 41.28 20.75 -113.21
CA VAL K 177 41.70 21.86 -112.35
C VAL K 177 41.66 23.15 -113.16
N GLU K 178 40.91 24.13 -112.68
CA GLU K 178 40.88 25.43 -113.35
C GLU K 178 42.21 26.17 -113.16
N GLY K 179 42.76 26.13 -111.95
CA GLY K 179 44.06 26.72 -111.73
C GLY K 179 44.85 26.10 -110.59
N ASP K 180 46.08 25.67 -110.88
CA ASP K 180 47.02 25.17 -109.89
C ASP K 180 48.42 25.21 -110.46
N THR K 181 49.40 25.34 -109.56
CA THR K 181 50.80 25.39 -110.00
C THR K 181 51.27 24.05 -110.55
N LYS K 182 50.92 22.95 -109.89
CA LYS K 182 51.38 21.64 -110.30
C LYS K 182 50.21 20.67 -110.46
N LEU K 183 49.13 20.88 -109.73
CA LEU K 183 47.98 19.99 -109.80
C LEU K 183 47.18 20.16 -111.09
N ASN K 184 47.40 21.26 -111.82
CA ASN K 184 46.60 21.52 -113.01
C ASN K 184 46.84 20.47 -114.09
N ASP K 185 48.10 20.24 -114.44
CA ASP K 185 48.41 19.28 -115.50
C ASP K 185 48.35 17.84 -115.01
N LEU K 186 48.62 17.61 -113.73
CA LEU K 186 48.63 16.25 -113.20
C LEU K 186 47.25 15.61 -113.28
N LEU K 187 46.20 16.38 -113.00
CA LEU K 187 44.85 15.84 -112.90
C LEU K 187 44.13 15.76 -114.24
N ALA K 188 44.76 16.19 -115.33
CA ALA K 188 44.11 16.17 -116.63
C ALA K 188 44.13 14.77 -117.21
N TYR K 189 42.99 14.09 -117.15
CA TYR K 189 42.88 12.72 -117.66
C TYR K 189 41.40 12.37 -117.80
N ASP K 190 41.09 11.61 -118.85
CA ASP K 190 39.73 11.14 -119.10
C ASP K 190 39.77 9.63 -119.26
N SER K 191 38.89 8.93 -118.54
CA SER K 191 38.89 7.47 -118.58
C SER K 191 38.32 6.93 -119.89
N THR K 192 37.57 7.76 -120.63
CA THR K 192 36.96 7.30 -121.87
C THR K 192 38.02 6.93 -122.91
N THR K 193 39.11 7.70 -122.97
CA THR K 193 40.15 7.46 -123.96
C THR K 193 40.92 6.17 -123.71
N ASN K 194 40.95 5.68 -122.48
CA ASN K 194 41.68 4.48 -122.06
C ASN K 194 43.19 4.61 -122.23
N THR K 195 43.68 5.79 -122.62
CA THR K 195 45.10 6.05 -122.78
C THR K 195 45.44 7.39 -122.15
N GLY K 196 46.43 7.41 -121.26
CA GLY K 196 46.81 8.64 -120.60
C GLY K 196 47.98 8.41 -119.66
N ASN K 197 48.41 9.51 -119.03
CA ASN K 197 49.51 9.42 -118.07
C ASN K 197 49.10 8.70 -116.79
N MET K 198 47.79 8.58 -116.55
CA MET K 198 47.28 8.02 -115.30
C MET K 198 47.00 6.53 -115.47
N GLN K 199 47.53 5.73 -114.55
CA GLN K 199 47.35 4.30 -114.57
C GLN K 199 45.97 3.94 -114.01
N GLU K 200 45.55 2.69 -114.26
CA GLU K 200 44.28 2.18 -113.79
C GLU K 200 44.46 0.78 -113.22
N LEU K 201 43.59 0.42 -112.27
CA LEU K 201 43.58 -0.94 -111.76
C LEU K 201 42.74 -1.86 -112.65
N VAL K 202 41.49 -1.48 -112.89
CA VAL K 202 40.60 -2.21 -113.79
C VAL K 202 40.19 -1.27 -114.91
N LYS K 203 40.40 -1.70 -116.15
CA LYS K 203 40.03 -0.90 -117.30
C LYS K 203 38.51 -0.79 -117.40
N ALA K 204 38.06 0.02 -118.36
CA ALA K 204 36.63 0.21 -118.57
C ALA K 204 35.96 -1.11 -118.90
N GLU K 205 35.13 -1.58 -117.97
CA GLU K 205 34.43 -2.86 -118.14
C GLU K 205 33.10 -2.78 -117.40
N ASN K 206 32.16 -3.62 -117.84
CA ASN K 206 30.85 -3.70 -117.23
C ASN K 206 30.42 -5.16 -117.12
N ALA K 207 29.62 -5.45 -116.11
CA ALA K 207 29.06 -6.78 -115.99
C ALA K 207 28.02 -7.01 -117.09
N LYS K 208 28.09 -8.18 -117.70
CA LYS K 208 27.26 -8.50 -118.86
C LYS K 208 26.49 -9.79 -118.60
N LEU K 209 25.24 -9.83 -119.05
CA LEU K 209 24.44 -11.05 -119.02
C LEU K 209 23.37 -10.98 -120.09
N ASN K 210 22.79 -12.13 -120.41
CA ASN K 210 21.79 -12.24 -121.46
C ASN K 210 20.72 -13.23 -120.99
N VAL K 211 19.48 -12.75 -120.89
CA VAL K 211 18.35 -13.58 -120.48
C VAL K 211 17.18 -13.27 -121.41
N ASN K 212 16.45 -14.32 -121.80
CA ASN K 212 15.27 -14.20 -122.67
C ASN K 212 15.62 -13.51 -123.99
N GLY K 213 16.84 -13.71 -124.46
CA GLY K 213 17.29 -13.07 -125.68
C GLY K 213 17.55 -11.59 -125.57
N ILE K 214 17.62 -11.05 -124.36
CA ILE K 214 17.84 -9.63 -124.13
C ILE K 214 19.10 -9.47 -123.30
N ASP K 215 19.94 -8.51 -123.68
CA ASP K 215 21.22 -8.29 -123.03
C ASP K 215 21.12 -7.18 -122.00
N ILE K 216 21.73 -7.38 -120.85
CA ILE K 216 21.82 -6.38 -119.79
C ILE K 216 23.29 -6.18 -119.46
N GLU K 217 23.68 -4.92 -119.25
CA GLU K 217 25.08 -4.52 -119.21
C GLU K 217 25.45 -3.76 -117.93
N ARG K 218 24.53 -3.64 -116.97
CA ARG K 218 24.82 -2.89 -115.77
C ARG K 218 26.00 -3.50 -115.01
N GLN K 219 26.96 -2.64 -114.64
CA GLN K 219 28.19 -3.11 -114.01
C GLN K 219 28.02 -3.30 -112.51
N SER K 220 27.36 -2.35 -111.85
CA SER K 220 27.29 -2.35 -110.40
C SER K 220 26.70 -3.66 -109.87
N ASN K 221 27.47 -4.34 -109.02
CA ASN K 221 27.01 -5.61 -108.47
C ASN K 221 26.11 -5.40 -107.27
N THR K 222 26.63 -4.80 -106.21
CA THR K 222 25.83 -4.56 -105.01
C THR K 222 25.27 -3.13 -105.02
N VAL K 223 23.94 -3.02 -105.04
CA VAL K 223 23.25 -1.74 -105.00
C VAL K 223 22.09 -1.88 -104.02
N THR K 224 21.85 -0.82 -103.24
CA THR K 224 20.77 -0.83 -102.26
C THR K 224 19.66 0.17 -102.59
N ASP K 225 19.89 1.05 -103.58
CA ASP K 225 18.87 2.04 -103.93
C ASP K 225 17.95 1.52 -105.02
N ALA K 226 18.51 1.05 -106.13
CA ALA K 226 17.73 0.65 -107.29
C ALA K 226 17.03 -0.70 -107.11
N PRO K 227 17.72 -1.76 -106.66
CA PRO K 227 17.03 -3.06 -106.57
C PRO K 227 15.85 -3.07 -105.62
N GLN K 228 16.04 -2.65 -104.37
CA GLN K 228 14.97 -2.66 -103.36
C GLN K 228 14.37 -4.05 -103.20
N GLY K 229 15.21 -5.00 -102.80
CA GLY K 229 14.78 -6.37 -102.64
C GLY K 229 15.77 -7.35 -103.22
N ILE K 230 16.89 -6.84 -103.73
CA ILE K 230 17.96 -7.65 -104.29
C ILE K 230 19.27 -7.10 -103.75
N THR K 231 19.85 -7.78 -102.78
CA THR K 231 21.18 -7.44 -102.29
C THR K 231 22.09 -8.66 -102.43
N LEU K 232 23.12 -8.54 -103.27
CA LEU K 232 23.98 -9.67 -103.62
C LEU K 232 25.41 -9.36 -103.18
N THR K 233 26.01 -10.29 -102.45
CA THR K 233 27.43 -10.24 -102.12
C THR K 233 28.07 -11.55 -102.57
N LEU K 234 29.13 -11.45 -103.36
CA LEU K 234 29.78 -12.61 -103.96
C LEU K 234 31.25 -12.63 -103.58
N THR K 235 31.77 -13.82 -103.30
CA THR K 235 33.19 -14.02 -103.05
C THR K 235 33.86 -14.93 -104.07
N LYS K 236 33.13 -15.90 -104.62
CA LYS K 236 33.65 -16.81 -105.62
C LYS K 236 32.63 -16.97 -106.74
N LYS K 237 33.07 -17.57 -107.83
CA LYS K 237 32.18 -17.84 -108.95
C LYS K 237 31.21 -18.96 -108.61
N VAL K 238 29.97 -18.82 -109.08
CA VAL K 238 28.93 -19.82 -108.89
C VAL K 238 28.22 -20.05 -110.21
N THR K 239 27.55 -21.20 -110.30
CA THR K 239 26.89 -21.63 -111.53
C THR K 239 25.43 -21.95 -111.24
N ASP K 240 24.54 -21.45 -112.09
CA ASP K 240 23.11 -21.81 -112.17
C ASP K 240 22.51 -22.15 -110.80
N ALA K 241 22.67 -21.22 -109.86
CA ALA K 241 22.09 -21.40 -108.54
C ALA K 241 20.58 -21.27 -108.60
N THR K 242 19.88 -22.22 -107.97
CA THR K 242 18.43 -22.19 -107.84
C THR K 242 18.08 -22.07 -106.37
N VAL K 243 17.30 -21.04 -106.04
CA VAL K 243 16.92 -20.76 -104.66
C VAL K 243 15.41 -20.85 -104.54
N THR K 244 14.94 -21.70 -103.62
CA THR K 244 13.52 -21.85 -103.39
C THR K 244 13.11 -21.03 -102.17
N VAL K 245 12.16 -20.12 -102.38
CA VAL K 245 11.68 -19.24 -101.33
C VAL K 245 10.47 -19.91 -100.68
N THR K 246 10.43 -19.92 -99.35
CA THR K 246 9.33 -20.50 -98.59
C THR K 246 8.67 -19.39 -97.76
N LYS K 247 7.34 -19.39 -97.74
CA LYS K 247 6.60 -18.38 -97.00
C LYS K 247 6.72 -18.64 -95.50
N ASP K 248 7.16 -17.63 -94.76
CA ASP K 248 7.27 -17.70 -93.31
C ASP K 248 6.36 -16.63 -92.70
N ASP K 249 5.60 -17.02 -91.69
CA ASP K 249 4.69 -16.10 -91.00
C ASP K 249 4.77 -16.23 -89.49
N THR K 250 5.82 -16.85 -88.96
CA THR K 250 5.93 -17.01 -87.51
C THR K 250 6.16 -15.66 -86.82
N LYS K 251 6.73 -14.68 -87.52
CA LYS K 251 6.87 -13.35 -86.95
C LYS K 251 5.51 -12.67 -86.82
N ALA K 252 4.66 -12.81 -87.85
CA ALA K 252 3.27 -12.38 -87.71
C ALA K 252 2.56 -13.17 -86.62
N LYS K 253 2.92 -14.44 -86.47
CA LYS K 253 2.35 -15.27 -85.43
C LYS K 253 2.64 -14.69 -84.04
N GLU K 254 3.93 -14.44 -83.75
CA GLU K 254 4.28 -13.88 -82.45
C GLU K 254 3.74 -12.47 -82.28
N ALA K 255 3.57 -11.73 -83.38
CA ALA K 255 2.87 -10.46 -83.31
C ALA K 255 1.43 -10.65 -82.83
N ILE K 256 0.76 -11.69 -83.34
CA ILE K 256 -0.62 -11.95 -82.92
C ILE K 256 -0.68 -12.34 -81.45
N LYS K 257 0.25 -13.20 -81.00
CA LYS K 257 0.27 -13.50 -79.57
C LYS K 257 0.56 -12.27 -78.72
N SER K 258 1.47 -11.40 -79.17
CA SER K 258 1.70 -10.16 -78.43
C SER K 258 0.44 -9.31 -78.39
N TRP K 259 -0.29 -9.23 -79.51
CA TRP K 259 -1.53 -8.48 -79.57
C TRP K 259 -2.52 -8.99 -78.54
N VAL K 260 -2.79 -10.30 -78.56
CA VAL K 260 -3.79 -10.87 -77.67
C VAL K 260 -3.34 -10.79 -76.22
N ASP K 261 -2.03 -10.93 -75.97
CA ASP K 261 -1.53 -10.79 -74.62
C ASP K 261 -1.73 -9.38 -74.10
N ALA K 262 -1.50 -8.37 -74.96
CA ALA K 262 -1.75 -7.00 -74.56
C ALA K 262 -3.21 -6.77 -74.22
N TYR K 263 -4.13 -7.26 -75.06
CA TYR K 263 -5.54 -7.10 -74.75
C TYR K 263 -5.95 -7.83 -73.48
N ASN K 264 -5.42 -9.03 -73.26
CA ASN K 264 -5.71 -9.74 -72.01
C ASN K 264 -5.19 -8.98 -70.80
N SER K 265 -3.99 -8.40 -70.92
CA SER K 265 -3.45 -7.59 -69.83
C SER K 265 -4.33 -6.39 -69.54
N LEU K 266 -4.82 -5.73 -70.58
CA LEU K 266 -5.71 -4.59 -70.37
C LEU K 266 -7.00 -5.02 -69.69
N VAL K 267 -7.57 -6.13 -70.13
CA VAL K 267 -8.80 -6.63 -69.51
C VAL K 267 -8.56 -6.96 -68.05
N ASP K 268 -7.44 -7.61 -67.74
CA ASP K 268 -7.13 -7.93 -66.34
C ASP K 268 -6.93 -6.66 -65.51
N THR K 269 -6.27 -5.66 -66.09
CA THR K 269 -6.08 -4.40 -65.38
C THR K 269 -7.41 -3.73 -65.09
N PHE K 270 -8.32 -3.71 -66.05
CA PHE K 270 -9.62 -3.11 -65.84
C PHE K 270 -10.43 -3.88 -64.79
N SER K 271 -10.37 -5.21 -64.85
CA SER K 271 -11.07 -6.03 -63.87
C SER K 271 -10.49 -5.87 -62.47
N SER K 272 -9.20 -5.54 -62.36
CA SER K 272 -8.59 -5.29 -61.08
C SER K 272 -9.02 -3.98 -60.46
N LEU K 273 -9.60 -3.07 -61.26
CA LEU K 273 -10.04 -1.78 -60.75
C LEU K 273 -11.24 -1.89 -59.83
N THR K 274 -11.91 -3.05 -59.77
CA THR K 274 -13.07 -3.23 -58.92
C THR K 274 -12.59 -3.48 -57.50
N LYS K 275 -12.73 -2.48 -56.64
CA LYS K 275 -12.40 -2.59 -55.22
C LYS K 275 -13.68 -2.50 -54.41
N TYR K 276 -14.06 -3.59 -53.76
CA TYR K 276 -15.29 -3.63 -52.98
C TYR K 276 -15.19 -4.67 -51.88
N THR K 277 -15.92 -4.42 -50.79
CA THR K 277 -16.10 -5.36 -49.69
C THR K 277 -17.61 -5.45 -49.46
N ALA K 278 -18.18 -6.63 -49.72
CA ALA K 278 -19.60 -6.83 -49.43
C ALA K 278 -19.84 -6.71 -47.93
N VAL K 279 -20.83 -5.91 -47.56
CA VAL K 279 -21.00 -5.46 -46.19
C VAL K 279 -22.47 -5.52 -45.79
N GLU K 280 -22.73 -6.15 -44.64
CA GLU K 280 -24.08 -6.43 -44.18
C GLU K 280 -24.59 -5.27 -43.32
N PRO K 281 -25.85 -5.32 -42.87
CA PRO K 281 -26.28 -4.37 -41.84
C PRO K 281 -25.52 -4.50 -40.53
N GLY K 282 -24.91 -5.66 -40.26
CA GLY K 282 -24.49 -5.99 -38.91
C GLY K 282 -23.37 -5.12 -38.38
N GLU K 283 -22.42 -4.76 -39.23
CA GLU K 283 -21.22 -4.06 -38.78
C GLU K 283 -21.52 -2.59 -38.50
N GLU K 284 -20.56 -1.94 -37.83
CA GLU K 284 -20.55 -0.49 -37.68
C GLU K 284 -20.01 0.16 -38.95
N ALA K 285 -19.74 1.46 -38.87
CA ALA K 285 -19.34 2.22 -40.05
C ALA K 285 -17.95 1.82 -40.54
N SER K 286 -17.80 1.76 -41.86
CA SER K 286 -16.52 1.49 -42.51
C SER K 286 -16.03 2.74 -43.22
N ASP K 287 -14.80 3.16 -42.91
CA ASP K 287 -14.21 4.33 -43.53
C ASP K 287 -13.65 4.04 -44.92
N LYS K 288 -13.20 2.80 -45.17
CA LYS K 288 -12.57 2.48 -46.44
C LYS K 288 -13.55 2.54 -47.60
N ASN K 289 -13.10 3.12 -48.71
CA ASN K 289 -13.88 3.16 -49.95
C ASN K 289 -13.07 2.53 -51.08
N GLY K 290 -13.79 1.98 -52.06
CA GLY K 290 -13.12 1.39 -53.19
C GLY K 290 -12.37 2.43 -54.01
N ALA K 291 -11.24 2.00 -54.58
CA ALA K 291 -10.42 2.91 -55.36
C ALA K 291 -11.16 3.43 -56.58
N LEU K 292 -11.87 2.54 -57.29
CA LEU K 292 -12.66 2.92 -58.45
C LEU K 292 -14.16 2.82 -58.18
N LEU K 293 -14.54 2.65 -56.92
CA LEU K 293 -15.94 2.48 -56.54
C LEU K 293 -16.61 3.85 -56.44
N GLY K 294 -17.94 3.85 -56.56
CA GLY K 294 -18.71 5.08 -56.53
C GLY K 294 -18.45 5.98 -57.71
N ASP K 295 -18.25 5.40 -58.89
CA ASP K 295 -17.99 6.17 -60.10
C ASP K 295 -18.54 5.40 -61.30
N SER K 296 -19.34 6.07 -62.12
CA SER K 296 -19.89 5.45 -63.33
C SER K 296 -19.04 5.74 -64.56
N VAL K 297 -17.99 6.55 -64.44
CA VAL K 297 -17.12 6.85 -65.59
C VAL K 297 -16.40 5.58 -66.04
N VAL K 298 -16.04 4.72 -65.10
CA VAL K 298 -15.40 3.45 -65.45
C VAL K 298 -16.33 2.62 -66.31
N ARG K 299 -17.63 2.65 -66.03
CA ARG K 299 -18.59 1.94 -66.86
C ARG K 299 -18.70 2.56 -68.25
N THR K 300 -18.63 3.89 -68.34
CA THR K 300 -18.63 4.52 -69.65
C THR K 300 -17.42 4.08 -70.47
N ILE K 301 -16.24 4.05 -69.84
CA ILE K 301 -15.03 3.63 -70.54
C ILE K 301 -15.15 2.16 -70.95
N GLN K 302 -15.66 1.32 -70.05
CA GLN K 302 -15.83 -0.09 -70.37
C GLN K 302 -16.79 -0.30 -71.53
N THR K 303 -17.90 0.43 -71.54
CA THR K 303 -18.85 0.32 -72.64
C THR K 303 -18.21 0.76 -73.95
N GLY K 304 -17.47 1.86 -73.92
CA GLY K 304 -16.82 2.33 -75.13
C GLY K 304 -15.82 1.33 -75.68
N ILE K 305 -14.95 0.80 -74.80
CA ILE K 305 -13.93 -0.14 -75.26
C ILE K 305 -14.55 -1.44 -75.71
N ARG K 306 -15.61 -1.88 -75.04
CA ARG K 306 -16.32 -3.09 -75.46
C ARG K 306 -16.97 -2.92 -76.83
N ALA K 307 -17.63 -1.78 -77.04
CA ALA K 307 -18.27 -1.53 -78.32
C ALA K 307 -17.26 -1.43 -79.44
N GLN K 308 -16.13 -0.75 -79.19
CA GLN K 308 -15.12 -0.60 -80.23
C GLN K 308 -14.41 -1.92 -80.51
N PHE K 309 -14.03 -2.65 -79.47
CA PHE K 309 -13.29 -3.89 -79.64
C PHE K 309 -14.19 -4.98 -80.23
N ALA K 310 -15.50 -4.84 -80.07
CA ALA K 310 -16.44 -5.70 -80.77
C ALA K 310 -16.51 -5.31 -82.23
N ASN K 311 -15.71 -5.95 -83.07
CA ASN K 311 -15.63 -5.58 -84.48
C ASN K 311 -16.87 -6.06 -85.23
N SER K 312 -17.45 -5.17 -86.03
CA SER K 312 -18.57 -5.52 -86.89
C SER K 312 -18.46 -4.89 -88.28
N GLY K 313 -17.44 -4.09 -88.53
CA GLY K 313 -17.27 -3.43 -89.81
C GLY K 313 -16.32 -4.10 -90.78
N SER K 314 -16.01 -5.38 -90.57
CA SER K 314 -15.08 -6.08 -91.46
C SER K 314 -15.65 -6.17 -92.87
N ASN K 315 -14.78 -6.02 -93.86
CA ASN K 315 -15.21 -6.12 -95.25
C ASN K 315 -15.68 -7.54 -95.58
N SER K 316 -14.99 -8.55 -95.07
CA SER K 316 -15.39 -9.92 -95.30
C SER K 316 -16.66 -10.26 -94.54
N ALA K 317 -17.31 -11.36 -94.96
CA ALA K 317 -18.51 -11.82 -94.26
C ALA K 317 -18.21 -12.21 -92.83
N PHE K 318 -16.95 -12.55 -92.53
CA PHE K 318 -16.52 -12.85 -91.17
C PHE K 318 -16.32 -11.53 -90.43
N LYS K 319 -17.46 -10.89 -90.10
CA LYS K 319 -17.42 -9.64 -89.35
C LYS K 319 -16.79 -9.83 -87.98
N THR K 320 -17.11 -10.93 -87.32
CA THR K 320 -16.62 -11.27 -86.00
C THR K 320 -15.33 -12.06 -86.12
N MET K 321 -14.52 -12.06 -85.06
CA MET K 321 -13.28 -12.84 -85.00
C MET K 321 -13.54 -14.32 -84.72
N ALA K 322 -14.79 -14.72 -84.94
CA ALA K 322 -15.27 -16.06 -84.65
C ALA K 322 -14.38 -17.15 -85.24
N GLU K 323 -14.04 -17.02 -86.52
CA GLU K 323 -13.23 -18.05 -87.17
C GLU K 323 -11.82 -18.11 -86.60
N ILE K 324 -11.25 -16.97 -86.19
CA ILE K 324 -9.83 -16.90 -85.86
C ILE K 324 -9.51 -17.82 -84.69
N GLY K 325 -10.34 -17.80 -83.65
CA GLY K 325 -10.07 -18.51 -82.43
C GLY K 325 -9.88 -17.65 -81.20
N ILE K 326 -10.12 -16.34 -81.31
CA ILE K 326 -10.05 -15.44 -80.17
C ILE K 326 -11.34 -15.59 -79.36
N THR K 327 -11.29 -16.42 -78.33
CA THR K 327 -12.47 -16.82 -77.58
C THR K 327 -12.41 -16.24 -76.17
N GLN K 328 -13.47 -15.55 -75.77
CA GLN K 328 -13.55 -14.98 -74.44
C GLN K 328 -13.82 -16.06 -73.40
N ASP K 329 -13.26 -15.88 -72.20
CA ASP K 329 -13.47 -16.82 -71.12
C ASP K 329 -14.87 -16.66 -70.54
N GLY K 330 -15.39 -17.77 -70.00
CA GLY K 330 -16.73 -17.75 -69.45
C GLY K 330 -16.87 -16.88 -68.22
N THR K 331 -15.92 -16.99 -67.28
CA THR K 331 -16.00 -16.28 -66.02
C THR K 331 -15.09 -15.06 -65.95
N SER K 332 -14.23 -14.85 -66.94
CA SER K 332 -13.31 -13.71 -66.95
C SER K 332 -13.23 -13.16 -68.36
N GLY K 333 -12.52 -12.06 -68.51
CA GLY K 333 -12.30 -11.46 -69.81
C GLY K 333 -11.06 -11.94 -70.54
N LYS K 334 -10.35 -12.91 -69.97
CA LYS K 334 -9.19 -13.47 -70.64
C LYS K 334 -9.61 -14.18 -71.92
N LEU K 335 -8.83 -14.01 -72.98
CA LEU K 335 -9.13 -14.60 -74.27
C LEU K 335 -8.52 -15.99 -74.33
N LYS K 336 -9.34 -17.01 -74.09
CA LYS K 336 -8.86 -18.40 -74.13
C LYS K 336 -8.67 -18.79 -75.59
N ILE K 337 -7.56 -18.30 -76.15
CA ILE K 337 -7.29 -18.50 -77.56
C ILE K 337 -6.86 -19.95 -77.81
N ASP K 338 -7.24 -20.48 -78.96
CA ASP K 338 -6.87 -21.84 -79.35
C ASP K 338 -5.67 -21.76 -80.28
N ASP K 339 -4.50 -22.17 -79.77
CA ASP K 339 -3.26 -21.98 -80.50
C ASP K 339 -3.28 -22.66 -81.86
N ASP K 340 -3.66 -23.93 -81.89
CA ASP K 340 -3.68 -24.66 -83.16
C ASP K 340 -4.74 -24.09 -84.10
N LYS K 341 -5.90 -23.70 -83.56
CA LYS K 341 -6.92 -23.07 -84.38
C LYS K 341 -6.42 -21.73 -84.93
N LEU K 342 -5.72 -20.95 -84.11
CA LEU K 342 -5.17 -19.68 -84.58
C LEU K 342 -4.17 -19.92 -85.70
N THR K 343 -3.30 -20.92 -85.54
CA THR K 343 -2.34 -21.25 -86.59
C THR K 343 -3.05 -21.65 -87.88
N LYS K 344 -4.09 -22.49 -87.75
CA LYS K 344 -4.85 -22.92 -88.91
C LYS K 344 -5.47 -21.73 -89.63
N VAL K 345 -6.06 -20.81 -88.88
CA VAL K 345 -6.75 -19.68 -89.51
C VAL K 345 -5.76 -18.72 -90.15
N LEU K 346 -4.63 -18.46 -89.49
CA LEU K 346 -3.66 -17.55 -90.09
C LEU K 346 -3.00 -18.16 -91.32
N LYS K 347 -2.83 -19.48 -91.35
CA LYS K 347 -2.33 -20.12 -92.56
C LYS K 347 -3.40 -20.23 -93.64
N ASP K 348 -4.68 -20.18 -93.27
CA ASP K 348 -5.74 -20.20 -94.27
C ASP K 348 -5.74 -18.93 -95.11
N ASN K 349 -5.72 -17.77 -94.45
CA ASN K 349 -5.79 -16.51 -95.16
C ASN K 349 -5.32 -15.38 -94.23
N THR K 350 -4.28 -14.66 -94.65
CA THR K 350 -3.87 -13.48 -93.90
C THR K 350 -4.78 -12.29 -94.20
N ALA K 351 -5.31 -12.21 -95.42
CA ALA K 351 -6.14 -11.07 -95.79
C ALA K 351 -7.39 -10.99 -94.94
N ALA K 352 -7.96 -12.15 -94.57
CA ALA K 352 -9.13 -12.14 -93.70
C ALA K 352 -8.79 -11.53 -92.34
N ALA K 353 -7.63 -11.89 -91.79
CA ALA K 353 -7.21 -11.28 -90.53
C ALA K 353 -6.97 -9.78 -90.68
N ARG K 354 -6.37 -9.37 -91.80
CA ARG K 354 -6.13 -7.95 -92.03
C ARG K 354 -7.44 -7.17 -92.08
N GLU K 355 -8.41 -7.67 -92.84
CA GLU K 355 -9.69 -6.97 -92.96
C GLU K 355 -10.59 -7.19 -91.76
N LEU K 356 -10.23 -8.10 -90.86
CA LEU K 356 -11.07 -8.38 -89.70
C LEU K 356 -10.92 -7.30 -88.63
N LEU K 357 -9.69 -6.92 -88.30
CA LEU K 357 -9.43 -5.95 -87.24
C LEU K 357 -8.75 -4.68 -87.72
N VAL K 358 -7.81 -4.77 -88.67
CA VAL K 358 -7.25 -3.55 -89.24
C VAL K 358 -8.27 -2.85 -90.12
N GLY K 359 -9.06 -3.63 -90.88
CA GLY K 359 -10.00 -3.04 -91.81
C GLY K 359 -9.28 -2.42 -93.00
N ASP K 360 -9.93 -1.45 -93.62
CA ASP K 360 -9.31 -0.74 -94.74
C ASP K 360 -8.18 0.16 -94.28
N GLY K 361 -8.23 0.60 -93.02
CA GLY K 361 -7.24 1.51 -92.48
C GLY K 361 -7.57 2.98 -92.64
N LYS K 362 -8.49 3.32 -93.53
CA LYS K 362 -8.89 4.72 -93.71
C LYS K 362 -9.96 5.11 -92.70
N GLU K 363 -11.12 4.46 -92.76
CA GLU K 363 -12.18 4.67 -91.80
C GLU K 363 -12.65 3.39 -91.13
N THR K 364 -12.79 2.30 -91.89
CA THR K 364 -13.18 1.03 -91.31
C THR K 364 -11.99 0.38 -90.61
N GLY K 365 -12.28 -0.35 -89.53
CA GLY K 365 -11.24 -1.01 -88.77
C GLY K 365 -11.17 -0.57 -87.33
N ILE K 366 -10.61 -1.40 -86.47
CA ILE K 366 -10.52 -1.08 -85.06
C ILE K 366 -9.58 0.09 -84.82
N THR K 367 -8.44 0.12 -85.52
CA THR K 367 -7.41 1.11 -85.26
C THR K 367 -7.92 2.53 -85.49
N THR K 368 -8.72 2.73 -86.54
CA THR K 368 -9.21 4.07 -86.85
C THR K 368 -10.06 4.63 -85.72
N LYS K 369 -11.02 3.83 -85.24
CA LYS K 369 -11.89 4.31 -84.17
C LYS K 369 -11.15 4.41 -82.85
N ILE K 370 -10.16 3.54 -82.61
CA ILE K 370 -9.29 3.72 -81.45
C ILE K 370 -8.63 5.08 -81.50
N ALA K 371 -8.06 5.43 -82.66
CA ALA K 371 -7.39 6.72 -82.81
C ALA K 371 -8.37 7.89 -82.62
N THR K 372 -9.58 7.77 -83.18
CA THR K 372 -10.57 8.83 -83.02
C THR K 372 -10.93 9.02 -81.55
N GLU K 373 -11.13 7.93 -80.82
CA GLU K 373 -11.41 8.08 -79.39
C GLU K 373 -10.21 8.60 -78.64
N VAL K 374 -9.00 8.35 -79.14
CA VAL K 374 -7.81 8.94 -78.52
C VAL K 374 -7.85 10.46 -78.63
N LYS K 375 -8.08 10.96 -79.85
CA LYS K 375 -8.22 12.42 -80.01
C LYS K 375 -9.40 12.97 -79.24
N SER K 376 -10.45 12.19 -79.05
CA SER K 376 -11.57 12.64 -78.22
C SER K 376 -11.14 12.78 -76.76
N TYR K 377 -10.48 11.76 -76.22
CA TYR K 377 -10.14 11.76 -74.80
C TYR K 377 -9.09 12.80 -74.46
N LEU K 378 -8.07 12.94 -75.32
CA LEU K 378 -6.99 13.88 -75.01
C LEU K 378 -7.51 15.31 -74.94
N ALA K 379 -8.50 15.64 -75.77
CA ALA K 379 -9.09 16.97 -75.73
C ALA K 379 -10.00 17.11 -74.50
N ASP K 380 -10.52 18.32 -74.33
CA ASP K 380 -11.39 18.61 -73.19
C ASP K 380 -12.67 17.77 -73.27
N ASP K 381 -13.21 17.57 -74.47
CA ASP K 381 -14.51 16.92 -74.62
C ASP K 381 -14.49 15.45 -74.22
N GLY K 382 -13.31 14.87 -74.01
CA GLY K 382 -13.23 13.47 -73.61
C GLY K 382 -13.90 13.22 -72.29
N ILE K 383 -14.47 12.01 -72.18
CA ILE K 383 -15.22 11.66 -70.98
C ILE K 383 -14.30 11.62 -69.76
N ILE K 384 -13.07 11.14 -69.92
CA ILE K 384 -12.14 11.11 -68.82
C ILE K 384 -11.71 12.51 -68.42
N ASP K 385 -11.44 13.38 -69.40
CA ASP K 385 -11.04 14.74 -69.10
C ASP K 385 -12.17 15.52 -68.43
N ASN K 386 -13.39 15.40 -68.95
CA ASN K 386 -14.54 16.04 -68.33
C ASN K 386 -14.78 15.49 -66.92
N ALA K 387 -14.62 14.18 -66.74
CA ALA K 387 -14.81 13.58 -65.44
C ALA K 387 -13.82 14.14 -64.42
N GLN K 388 -12.54 14.23 -64.81
CA GLN K 388 -11.56 14.74 -63.86
C GLN K 388 -11.72 16.24 -63.63
N ASP K 389 -12.17 17.00 -64.64
CA ASP K 389 -12.50 18.40 -64.42
C ASP K 389 -13.62 18.55 -63.41
N ASN K 390 -14.68 17.75 -63.55
CA ASN K 390 -15.78 17.80 -62.60
C ASN K 390 -15.32 17.38 -61.22
N VAL K 391 -14.43 16.39 -61.14
CA VAL K 391 -13.93 15.93 -59.84
C VAL K 391 -13.13 17.04 -59.16
N ASN K 392 -12.27 17.73 -59.91
CA ASN K 392 -11.48 18.78 -59.27
C ASN K 392 -12.36 19.97 -58.88
N ALA K 393 -13.39 20.28 -59.67
CA ALA K 393 -14.32 21.32 -59.28
C ALA K 393 -15.06 20.94 -57.99
N THR K 394 -15.50 19.69 -57.90
CA THR K 394 -16.18 19.22 -56.70
C THR K 394 -15.27 19.27 -55.48
N LEU K 395 -14.02 18.87 -55.64
CA LEU K 395 -13.12 18.89 -54.50
C LEU K 395 -12.72 20.30 -54.12
N LYS K 396 -12.68 21.24 -55.07
CA LYS K 396 -12.46 22.63 -54.70
C LYS K 396 -13.64 23.21 -53.93
N SER K 397 -14.87 22.86 -54.33
CA SER K 397 -16.03 23.28 -53.54
C SER K 397 -15.99 22.67 -52.15
N LEU K 398 -15.60 21.39 -52.06
CA LEU K 398 -15.46 20.76 -50.75
C LEU K 398 -14.33 21.39 -49.94
N THR K 399 -13.28 21.88 -50.60
CA THR K 399 -12.22 22.57 -49.90
C THR K 399 -12.71 23.90 -49.34
N LYS K 400 -13.56 24.60 -50.10
CA LYS K 400 -14.20 25.81 -49.57
C LYS K 400 -15.05 25.49 -48.34
N GLN K 401 -15.81 24.39 -48.41
CA GLN K 401 -16.60 23.96 -47.26
C GLN K 401 -15.70 23.63 -46.08
N TYR K 402 -14.57 22.97 -46.35
CA TYR K 402 -13.61 22.64 -45.29
C TYR K 402 -13.04 23.90 -44.67
N LEU K 403 -12.76 24.92 -45.47
CA LEU K 403 -12.28 26.19 -44.94
C LEU K 403 -13.32 26.84 -44.04
N SER K 404 -14.59 26.80 -44.45
CA SER K 404 -15.66 27.35 -43.62
C SER K 404 -15.73 26.62 -42.28
N VAL K 405 -15.72 25.29 -42.33
CA VAL K 405 -15.77 24.50 -41.10
C VAL K 405 -14.54 24.74 -40.26
N SER K 406 -13.38 24.95 -40.88
CA SER K 406 -12.15 25.19 -40.15
C SER K 406 -12.19 26.52 -39.42
N ASN K 407 -12.70 27.58 -40.05
CA ASN K 407 -12.78 28.85 -39.35
C ASN K 407 -13.83 28.80 -38.23
N SER K 408 -14.94 28.10 -38.44
CA SER K 408 -15.89 27.90 -37.35
C SER K 408 -15.25 27.13 -36.20
N ILE K 409 -14.44 26.11 -36.53
CA ILE K 409 -13.72 25.34 -35.52
C ILE K 409 -12.76 26.25 -34.75
N ASP K 410 -12.06 27.13 -35.47
CA ASP K 410 -11.13 28.04 -34.81
C ASP K 410 -11.86 28.97 -33.85
N GLU K 411 -13.02 29.49 -34.26
CA GLU K 411 -13.79 30.37 -33.37
C GLU K 411 -14.26 29.62 -32.13
N THR K 412 -14.78 28.39 -32.33
CA THR K 412 -15.25 27.62 -31.19
C THR K 412 -14.11 27.27 -30.24
N VAL K 413 -12.94 26.93 -30.80
CA VAL K 413 -11.77 26.62 -29.97
C VAL K 413 -11.32 27.86 -29.22
N ALA K 414 -11.39 29.03 -29.85
CA ALA K 414 -11.06 30.27 -29.17
C ALA K 414 -11.98 30.50 -27.98
N ARG K 415 -13.28 30.28 -28.17
CA ARG K 415 -14.22 30.41 -27.06
C ARG K 415 -13.90 29.42 -25.95
N TYR K 416 -13.61 28.17 -26.31
CA TYR K 416 -13.33 27.14 -25.30
C TYR K 416 -12.07 27.48 -24.52
N LYS K 417 -11.04 27.97 -25.20
CA LYS K 417 -9.80 28.34 -24.52
C LYS K 417 -10.01 29.56 -23.64
N ALA K 418 -10.85 30.51 -24.06
CA ALA K 418 -11.19 31.64 -23.20
C ALA K 418 -11.88 31.15 -21.93
N GLN K 419 -12.81 30.19 -22.07
CA GLN K 419 -13.46 29.63 -20.89
C GLN K 419 -12.46 28.87 -20.01
N PHE K 420 -11.51 28.16 -20.61
CA PHE K 420 -10.52 27.42 -19.83
C PHE K 420 -9.62 28.37 -19.05
N THR K 421 -9.19 29.46 -19.68
CA THR K 421 -8.41 30.48 -18.97
C THR K 421 -9.23 31.15 -17.88
N GLN K 422 -10.51 31.39 -18.12
CA GLN K 422 -11.39 31.94 -17.09
C GLN K 422 -11.48 30.99 -15.90
N LEU K 423 -11.62 29.69 -16.16
CA LEU K 423 -11.65 28.71 -15.10
C LEU K 423 -10.34 28.67 -14.33
N ASP K 424 -9.21 28.78 -15.05
CA ASP K 424 -7.91 28.82 -14.40
C ASP K 424 -7.78 30.03 -13.49
N THR K 425 -8.24 31.20 -13.97
CA THR K 425 -8.18 32.40 -13.15
C THR K 425 -9.06 32.28 -11.91
N MET K 426 -10.27 31.72 -12.07
CA MET K 426 -11.15 31.48 -10.94
C MET K 426 -10.54 30.52 -9.93
N MET K 427 -9.91 29.44 -10.39
CA MET K 427 -9.32 28.48 -9.46
C MET K 427 -8.08 29.06 -8.77
N SER K 428 -7.32 29.90 -9.48
CA SER K 428 -6.22 30.60 -8.82
C SER K 428 -6.72 31.56 -7.76
N LYS K 429 -7.79 32.30 -8.05
CA LYS K 429 -8.40 33.14 -7.03
C LYS K 429 -9.04 32.30 -5.93
N LEU K 430 -9.68 31.20 -6.31
CA LEU K 430 -10.33 30.29 -5.36
C LEU K 430 -11.35 31.00 -4.49
N PHE L 1 -30.01 10.64 -28.96
CA PHE L 1 -28.66 10.99 -29.37
C PHE L 1 -28.11 9.96 -30.36
N THR L 2 -28.04 8.70 -29.93
CA THR L 2 -27.55 7.61 -30.76
C THR L 2 -28.59 7.13 -31.76
N ALA L 3 -29.87 7.48 -31.56
CA ALA L 3 -30.90 7.06 -32.50
C ALA L 3 -30.66 7.64 -33.89
N ASN L 4 -30.29 8.91 -33.96
CA ASN L 4 -29.89 9.50 -35.24
C ASN L 4 -28.65 8.80 -35.79
N ILE L 5 -27.69 8.48 -34.92
CA ILE L 5 -26.48 7.78 -35.36
C ILE L 5 -26.84 6.40 -35.90
N LYS L 6 -27.72 5.68 -35.20
CA LYS L 6 -28.16 4.37 -35.67
C LYS L 6 -28.88 4.48 -37.01
N GLY L 7 -29.73 5.49 -37.17
CA GLY L 7 -30.41 5.69 -38.44
C GLY L 7 -29.45 5.98 -39.57
N LEU L 8 -28.45 6.82 -39.31
CA LEU L 8 -27.45 7.11 -40.33
C LEU L 8 -26.64 5.87 -40.69
N THR L 9 -26.27 5.06 -39.68
CA THR L 9 -25.53 3.84 -39.95
C THR L 9 -26.35 2.86 -40.78
N GLN L 10 -27.64 2.70 -40.46
CA GLN L 10 -28.46 1.76 -41.21
C GLN L 10 -28.78 2.28 -42.62
N ALA L 11 -28.87 3.60 -42.79
CA ALA L 11 -28.97 4.16 -44.13
C ALA L 11 -27.68 3.91 -44.90
N SER L 12 -26.53 3.96 -44.22
CA SER L 12 -25.27 3.60 -44.86
C SER L 12 -25.27 2.13 -45.27
N ARG L 13 -25.84 1.26 -44.43
CA ARG L 13 -25.96 -0.15 -44.82
C ARG L 13 -26.85 -0.32 -46.04
N ASN L 14 -27.95 0.44 -46.12
CA ASN L 14 -28.81 0.36 -47.30
C ASN L 14 -28.08 0.85 -48.55
N ALA L 15 -27.33 1.94 -48.42
CA ALA L 15 -26.54 2.43 -49.55
C ALA L 15 -25.47 1.43 -49.96
N ASN L 16 -24.84 0.77 -48.99
CA ASN L 16 -23.83 -0.24 -49.29
C ASN L 16 -24.46 -1.48 -49.93
N ASP L 17 -25.68 -1.83 -49.53
CA ASP L 17 -26.39 -2.90 -50.21
C ASP L 17 -26.70 -2.51 -51.65
N GLY L 18 -27.06 -1.25 -51.88
CA GLY L 18 -27.20 -0.76 -53.24
C GLY L 18 -25.90 -0.86 -54.02
N ILE L 19 -24.78 -0.56 -53.36
CA ILE L 19 -23.47 -0.67 -54.01
C ILE L 19 -23.17 -2.13 -54.35
N SER L 20 -23.53 -3.06 -53.46
CA SER L 20 -23.33 -4.48 -53.74
C SER L 20 -24.20 -4.93 -54.90
N ILE L 21 -25.43 -4.43 -54.97
CA ILE L 21 -26.29 -4.71 -56.12
C ILE L 21 -25.65 -4.16 -57.39
N ALA L 22 -25.04 -2.97 -57.29
CA ALA L 22 -24.34 -2.41 -58.45
C ALA L 22 -23.19 -3.30 -58.89
N GLN L 23 -22.38 -3.77 -57.93
CA GLN L 23 -21.21 -4.57 -58.29
C GLN L 23 -21.61 -5.91 -58.89
N THR L 24 -22.63 -6.57 -58.32
CA THR L 24 -23.11 -7.78 -58.95
C THR L 24 -23.79 -7.47 -60.28
N THR L 25 -24.23 -6.22 -60.47
CA THR L 25 -24.73 -5.82 -61.78
C THR L 25 -23.63 -5.73 -62.82
N GLU L 26 -22.47 -5.14 -62.48
CA GLU L 26 -21.35 -5.23 -63.43
C GLU L 26 -20.96 -6.68 -63.69
N GLY L 27 -20.95 -7.50 -62.64
CA GLY L 27 -20.63 -8.91 -62.83
C GLY L 27 -21.58 -9.61 -63.78
N ALA L 28 -22.88 -9.43 -63.56
CA ALA L 28 -23.89 -10.07 -64.41
C ALA L 28 -23.84 -9.52 -65.83
N LEU L 29 -23.65 -8.22 -65.99
CA LEU L 29 -23.57 -7.65 -67.33
C LEU L 29 -22.35 -8.14 -68.07
N ASN L 30 -21.21 -8.24 -67.38
CA ASN L 30 -20.02 -8.83 -68.01
C ASN L 30 -20.27 -10.27 -68.42
N GLU L 31 -20.93 -11.04 -67.57
CA GLU L 31 -21.22 -12.44 -67.90
C GLU L 31 -22.12 -12.53 -69.12
N ILE L 32 -23.22 -11.77 -69.14
CA ILE L 32 -24.15 -11.85 -70.25
C ILE L 32 -23.54 -11.26 -71.52
N ASN L 33 -22.62 -10.31 -71.39
CA ASN L 33 -21.93 -9.77 -72.55
C ASN L 33 -20.94 -10.78 -73.13
N ASN L 34 -20.26 -11.53 -72.27
CA ASN L 34 -19.43 -12.64 -72.75
C ASN L 34 -20.30 -13.67 -73.46
N ASN L 35 -21.48 -13.95 -72.91
CA ASN L 35 -22.42 -14.87 -73.56
C ASN L 35 -22.85 -14.32 -74.91
N LEU L 36 -23.10 -13.02 -75.00
CA LEU L 36 -23.48 -12.41 -76.27
C LEU L 36 -22.37 -12.52 -77.30
N GLN L 37 -21.13 -12.31 -76.87
CA GLN L 37 -19.99 -12.48 -77.77
C GLN L 37 -19.90 -13.92 -78.26
N ARG L 38 -20.10 -14.88 -77.36
CA ARG L 38 -20.09 -16.29 -77.76
C ARG L 38 -21.22 -16.58 -78.75
N VAL L 39 -22.40 -16.02 -78.50
CA VAL L 39 -23.56 -16.31 -79.34
C VAL L 39 -23.38 -15.70 -80.73
N ARG L 40 -22.86 -14.47 -80.80
CA ARG L 40 -22.61 -13.89 -82.11
C ARG L 40 -21.49 -14.62 -82.84
N GLU L 41 -20.49 -15.11 -82.10
CA GLU L 41 -19.48 -15.98 -82.71
C GLU L 41 -20.12 -17.23 -83.31
N LEU L 42 -21.02 -17.86 -82.56
CA LEU L 42 -21.72 -19.04 -83.05
C LEU L 42 -22.57 -18.72 -84.27
N ALA L 43 -23.25 -17.57 -84.26
CA ALA L 43 -24.09 -17.17 -85.39
C ALA L 43 -23.24 -16.94 -86.64
N VAL L 44 -22.10 -16.27 -86.50
CA VAL L 44 -21.23 -16.06 -87.65
C VAL L 44 -20.68 -17.39 -88.16
N GLN L 45 -20.29 -18.29 -87.25
CA GLN L 45 -19.78 -19.58 -87.66
C GLN L 45 -20.84 -20.41 -88.38
N SER L 46 -22.07 -20.41 -87.89
CA SER L 46 -23.14 -21.23 -88.45
C SER L 46 -23.83 -20.58 -89.63
N ALA L 47 -23.58 -19.30 -89.89
CA ALA L 47 -24.18 -18.66 -91.07
C ALA L 47 -23.71 -19.34 -92.36
N ASN L 48 -22.43 -19.65 -92.44
CA ASN L 48 -21.90 -20.41 -93.57
C ASN L 48 -22.27 -21.87 -93.44
N SER L 49 -22.49 -22.53 -94.58
CA SER L 49 -22.84 -23.94 -94.61
C SER L 49 -21.63 -24.84 -94.80
N THR L 50 -20.43 -24.28 -94.90
CA THR L 50 -19.23 -25.09 -95.11
C THR L 50 -18.91 -25.93 -93.88
N ASN L 51 -19.10 -25.38 -92.69
CA ASN L 51 -18.76 -26.08 -91.47
C ASN L 51 -19.70 -27.25 -91.21
N SER L 52 -19.22 -28.22 -90.44
CA SER L 52 -19.98 -29.43 -90.17
C SER L 52 -21.19 -29.13 -89.30
N GLN L 53 -22.30 -29.82 -89.57
CA GLN L 53 -23.52 -29.66 -88.78
C GLN L 53 -23.37 -30.25 -87.39
N SER L 54 -22.70 -31.39 -87.26
CA SER L 54 -22.54 -32.01 -85.94
C SER L 54 -21.74 -31.12 -85.00
N ASP L 55 -20.67 -30.51 -85.51
CA ASP L 55 -19.88 -29.61 -84.69
C ASP L 55 -20.70 -28.39 -84.26
N LEU L 56 -21.51 -27.85 -85.17
CA LEU L 56 -22.35 -26.72 -84.83
C LEU L 56 -23.37 -27.09 -83.76
N ASP L 57 -23.97 -28.27 -83.88
CA ASP L 57 -24.93 -28.73 -82.87
C ASP L 57 -24.25 -28.92 -81.52
N SER L 58 -23.04 -29.48 -81.52
CA SER L 58 -22.30 -29.64 -80.27
C SER L 58 -21.97 -28.30 -79.64
N ILE L 59 -21.60 -27.32 -80.46
CA ILE L 59 -21.32 -25.98 -79.95
C ILE L 59 -22.57 -25.35 -79.37
N GLN L 60 -23.72 -25.50 -80.04
CA GLN L 60 -24.96 -24.99 -79.50
C GLN L 60 -25.29 -25.65 -78.17
N ALA L 61 -25.11 -26.97 -78.09
CA ALA L 61 -25.41 -27.70 -76.86
C ALA L 61 -24.52 -27.24 -75.71
N GLU L 62 -23.21 -27.09 -75.96
CA GLU L 62 -22.32 -26.65 -74.91
C GLU L 62 -22.58 -25.20 -74.51
N ILE L 63 -22.95 -24.35 -75.47
CA ILE L 63 -23.32 -22.98 -75.16
C ILE L 63 -24.52 -22.95 -74.22
N THR L 64 -25.55 -23.73 -74.56
CA THR L 64 -26.73 -23.79 -73.70
C THR L 64 -26.38 -24.33 -72.32
N GLN L 65 -25.54 -25.37 -72.26
CA GLN L 65 -25.26 -25.98 -70.98
C GLN L 65 -24.48 -25.04 -70.06
N ARG L 66 -23.46 -24.33 -70.58
CA ARG L 66 -22.76 -23.49 -69.62
C ARG L 66 -23.53 -22.20 -69.37
N LEU L 67 -24.43 -21.80 -70.28
CA LEU L 67 -25.33 -20.70 -70.00
C LEU L 67 -26.24 -21.04 -68.83
N ASN L 68 -26.82 -22.24 -68.84
CA ASN L 68 -27.59 -22.68 -67.68
C ASN L 68 -26.72 -22.82 -66.43
N GLU L 69 -25.48 -23.27 -66.58
CA GLU L 69 -24.59 -23.38 -65.44
C GLU L 69 -24.33 -22.02 -64.79
N ILE L 70 -24.02 -21.01 -65.61
CA ILE L 70 -23.74 -19.69 -65.06
C ILE L 70 -25.01 -19.07 -64.51
N ASP L 71 -26.16 -19.30 -65.16
CA ASP L 71 -27.42 -18.78 -64.61
C ASP L 71 -27.72 -19.40 -63.25
N ARG L 72 -27.52 -20.70 -63.10
CA ARG L 72 -27.84 -21.34 -61.83
C ARG L 72 -26.83 -20.98 -60.74
N VAL L 73 -25.55 -20.82 -61.09
CA VAL L 73 -24.59 -20.41 -60.06
C VAL L 73 -24.83 -18.96 -59.66
N SER L 74 -25.31 -18.12 -60.59
CA SER L 74 -25.69 -16.76 -60.21
C SER L 74 -26.95 -16.74 -59.37
N GLY L 75 -27.89 -17.65 -59.65
CA GLY L 75 -29.12 -17.74 -58.89
C GLY L 75 -29.01 -18.48 -57.58
N GLN L 76 -27.86 -19.12 -57.30
CA GLN L 76 -27.61 -19.68 -55.98
C GLN L 76 -26.71 -18.82 -55.12
N THR L 77 -26.27 -17.66 -55.62
CA THR L 77 -25.48 -16.71 -54.83
C THR L 77 -26.41 -15.60 -54.36
N GLN L 78 -26.81 -15.66 -53.09
CA GLN L 78 -27.68 -14.66 -52.48
C GLN L 78 -26.92 -13.95 -51.37
N PHE L 79 -26.88 -12.62 -51.46
CA PHE L 79 -26.32 -11.78 -50.40
C PHE L 79 -27.42 -10.91 -49.84
N ASN L 80 -27.59 -10.95 -48.52
CA ASN L 80 -28.60 -10.16 -47.81
C ASN L 80 -30.02 -10.45 -48.30
N GLY L 81 -30.23 -11.58 -48.96
CA GLY L 81 -31.54 -11.95 -49.43
C GLY L 81 -32.01 -11.24 -50.69
N VAL L 82 -31.13 -10.53 -51.38
CA VAL L 82 -31.48 -9.82 -52.60
C VAL L 82 -30.73 -10.46 -53.77
N LYS L 83 -31.44 -10.67 -54.87
CA LYS L 83 -30.90 -11.36 -56.04
C LYS L 83 -31.82 -11.09 -57.22
N VAL L 84 -31.22 -10.89 -58.39
CA VAL L 84 -31.96 -10.40 -59.55
C VAL L 84 -32.55 -11.54 -60.39
N LEU L 85 -31.70 -12.41 -60.91
CA LEU L 85 -32.14 -13.40 -61.89
C LEU L 85 -32.97 -14.52 -61.30
N ALA L 86 -33.07 -14.62 -59.97
CA ALA L 86 -33.82 -15.69 -59.33
C ALA L 86 -35.20 -15.25 -58.89
N GLN L 87 -35.30 -14.18 -58.11
CA GLN L 87 -36.58 -13.69 -57.62
C GLN L 87 -36.67 -12.18 -57.82
N ASP L 88 -37.90 -11.69 -57.87
CA ASP L 88 -38.17 -10.27 -58.02
C ASP L 88 -38.56 -9.69 -56.67
N ASN L 89 -37.86 -8.64 -56.25
CA ASN L 89 -38.13 -8.02 -54.96
C ASN L 89 -37.83 -6.53 -55.04
N THR L 90 -38.63 -5.75 -54.32
CA THR L 90 -38.47 -4.30 -54.23
C THR L 90 -38.05 -3.93 -52.82
N LEU L 91 -36.93 -3.22 -52.69
CA LEU L 91 -36.40 -2.80 -51.40
C LEU L 91 -36.51 -1.28 -51.29
N THR L 92 -37.12 -0.82 -50.21
CA THR L 92 -37.30 0.61 -49.96
C THR L 92 -36.50 1.02 -48.73
N ILE L 93 -35.87 2.18 -48.80
CA ILE L 93 -35.06 2.67 -47.69
C ILE L 93 -35.96 3.22 -46.59
N GLN L 94 -35.54 3.02 -45.35
CA GLN L 94 -36.30 3.50 -44.20
C GLN L 94 -36.34 5.02 -44.18
N VAL L 95 -37.44 5.56 -43.67
CA VAL L 95 -37.61 7.00 -43.50
C VAL L 95 -37.38 7.27 -42.01
N GLY L 96 -36.13 7.54 -41.65
CA GLY L 96 -35.78 7.84 -40.27
C GLY L 96 -35.53 9.31 -40.05
N ALA L 97 -36.15 10.16 -40.89
CA ALA L 97 -35.98 11.61 -40.88
C ALA L 97 -34.58 12.00 -41.36
N ASN L 98 -33.76 10.99 -41.68
CA ASN L 98 -32.44 11.25 -42.24
C ASN L 98 -32.46 11.26 -43.77
N ASP L 99 -33.38 10.52 -44.38
CA ASP L 99 -33.54 10.47 -45.82
C ASP L 99 -34.67 11.40 -46.23
N GLY L 100 -34.38 12.34 -47.13
CA GLY L 100 -35.39 13.29 -47.55
C GLY L 100 -36.57 12.62 -48.24
N GLU L 101 -36.27 11.72 -49.18
CA GLU L 101 -37.29 10.94 -49.87
C GLU L 101 -36.86 9.49 -49.90
N THR L 102 -37.81 8.57 -49.80
CA THR L 102 -37.51 7.15 -49.84
C THR L 102 -37.52 6.66 -51.28
N ILE L 103 -36.53 5.85 -51.62
CA ILE L 103 -36.39 5.32 -52.97
C ILE L 103 -36.50 3.79 -52.91
N ASP L 104 -36.96 3.19 -54.01
CA ASP L 104 -37.10 1.75 -54.12
C ASP L 104 -36.16 1.24 -55.20
N ILE L 105 -35.45 0.16 -54.89
CA ILE L 105 -34.59 -0.53 -55.84
C ILE L 105 -35.24 -1.88 -56.16
N ASP L 106 -35.33 -2.20 -57.44
CA ASP L 106 -36.06 -3.37 -57.91
C ASP L 106 -35.07 -4.39 -58.48
N LEU L 107 -35.14 -5.62 -57.96
CA LEU L 107 -34.39 -6.75 -58.51
C LEU L 107 -35.43 -7.64 -59.19
N LYS L 108 -35.61 -7.42 -60.49
CA LYS L 108 -36.65 -8.06 -61.27
C LYS L 108 -36.14 -9.33 -61.95
N GLN L 109 -37.08 -10.17 -62.37
CA GLN L 109 -36.74 -11.43 -63.01
C GLN L 109 -36.09 -11.21 -64.37
N ILE L 110 -34.82 -11.58 -64.50
CA ILE L 110 -34.08 -11.47 -65.75
C ILE L 110 -33.39 -12.81 -65.98
N ASN L 111 -33.87 -13.57 -66.96
CA ASN L 111 -33.28 -14.85 -67.32
C ASN L 111 -33.15 -14.95 -68.84
N SER L 112 -32.22 -15.81 -69.27
CA SER L 112 -31.90 -15.91 -70.69
C SER L 112 -32.98 -16.62 -71.49
N GLN L 113 -33.76 -17.50 -70.87
CA GLN L 113 -34.76 -18.26 -71.61
C GLN L 113 -35.93 -17.39 -72.06
N THR L 114 -36.22 -16.31 -71.33
CA THR L 114 -37.30 -15.42 -71.74
C THR L 114 -37.00 -14.74 -73.08
N LEU L 115 -35.73 -14.36 -73.28
CA LEU L 115 -35.35 -13.71 -74.53
C LEU L 115 -35.41 -14.65 -75.73
N GLY L 116 -35.57 -15.95 -75.49
CA GLY L 116 -35.63 -16.91 -76.56
C GLY L 116 -34.30 -17.53 -76.94
N LEU L 117 -33.27 -17.37 -76.11
CA LEU L 117 -31.95 -17.89 -76.45
C LEU L 117 -31.97 -19.41 -76.53
N ASP L 118 -32.68 -20.07 -75.60
CA ASP L 118 -32.83 -21.52 -75.67
C ASP L 118 -33.67 -21.92 -76.88
N THR L 119 -34.67 -21.11 -77.22
CA THR L 119 -35.52 -21.41 -78.37
C THR L 119 -34.74 -21.35 -79.68
N LEU L 120 -33.61 -20.64 -79.69
CA LEU L 120 -32.79 -20.56 -80.90
C LEU L 120 -32.28 -21.94 -81.28
N ASN L 121 -32.31 -22.24 -82.57
CA ASN L 121 -31.86 -23.53 -83.08
C ASN L 121 -31.00 -23.32 -84.31
N VAL L 122 -29.74 -23.77 -84.23
CA VAL L 122 -28.84 -23.67 -85.38
C VAL L 122 -28.90 -24.89 -86.27
N GLN L 123 -29.41 -26.02 -85.77
CA GLN L 123 -29.51 -27.24 -86.54
C GLN L 123 -30.95 -27.51 -86.94
N GLN L 124 -31.21 -27.48 -88.24
CA GLN L 124 -32.54 -27.80 -88.74
C GLN L 124 -32.77 -29.30 -88.68
N LYS L 125 -34.02 -29.68 -88.42
CA LYS L 125 -34.36 -31.08 -88.29
C LYS L 125 -34.14 -31.83 -89.60
N TYR L 126 -33.46 -32.97 -89.51
CA TYR L 126 -33.18 -33.82 -90.66
C TYR L 126 -33.91 -35.14 -90.48
N LYS L 127 -34.28 -35.77 -91.59
CA LYS L 127 -34.91 -37.08 -91.52
C LYS L 127 -33.92 -38.10 -90.96
N VAL L 128 -34.36 -38.87 -89.98
CA VAL L 128 -33.49 -39.80 -89.27
C VAL L 128 -33.43 -41.12 -90.04
N SER L 129 -32.26 -41.73 -90.06
CA SER L 129 -32.07 -43.01 -90.73
C SER L 129 -32.80 -44.09 -89.95
N ASP L 130 -33.90 -44.59 -90.51
CA ASP L 130 -34.74 -45.60 -89.87
C ASP L 130 -34.30 -46.98 -90.34
N THR L 131 -34.00 -47.86 -89.40
CA THR L 131 -33.58 -49.23 -89.69
C THR L 131 -34.73 -50.17 -89.36
N ALA L 132 -35.19 -50.92 -90.36
CA ALA L 132 -36.27 -51.87 -90.19
C ALA L 132 -35.71 -53.25 -89.84
N ALA L 133 -36.45 -53.99 -89.01
CA ALA L 133 -36.05 -55.34 -88.59
C ALA L 133 -34.66 -55.34 -87.98
N THR L 134 -34.37 -54.35 -87.14
CA THR L 134 -33.06 -54.26 -86.49
C THR L 134 -32.82 -55.43 -85.55
N VAL L 135 -33.88 -55.92 -84.88
CA VAL L 135 -33.81 -57.06 -83.97
C VAL L 135 -32.73 -56.80 -82.93
N THR L 136 -32.89 -55.75 -82.14
CA THR L 136 -31.96 -55.42 -81.07
C THR L 136 -32.72 -55.40 -79.74
N GLY L 137 -32.13 -56.03 -78.73
CA GLY L 137 -32.72 -56.07 -77.41
C GLY L 137 -33.91 -57.01 -77.33
N TYR L 138 -34.47 -57.10 -76.13
CA TYR L 138 -35.63 -57.93 -75.87
C TYR L 138 -36.46 -57.29 -74.75
N ALA L 139 -37.66 -57.83 -74.56
CA ALA L 139 -38.55 -57.40 -73.49
C ALA L 139 -38.62 -58.50 -72.43
N ASP L 140 -38.50 -58.12 -71.17
CA ASP L 140 -38.53 -59.07 -70.07
C ASP L 140 -39.97 -59.42 -69.71
N THR L 141 -40.25 -60.73 -69.61
CA THR L 141 -41.58 -61.21 -69.25
C THR L 141 -41.47 -62.25 -68.14
N THR L 142 -42.50 -62.29 -67.29
CA THR L 142 -42.56 -63.25 -66.20
C THR L 142 -43.81 -64.13 -66.26
N ILE L 143 -44.51 -64.15 -67.40
CA ILE L 143 -45.70 -64.96 -67.53
C ILE L 143 -45.34 -66.44 -67.53
N ALA L 144 -46.26 -67.27 -67.05
CA ALA L 144 -46.06 -68.71 -66.98
C ALA L 144 -47.37 -69.42 -67.28
N LEU L 145 -47.27 -70.72 -67.52
CA LEU L 145 -48.45 -71.52 -67.81
C LEU L 145 -49.37 -71.59 -66.60
N ASP L 146 -50.67 -71.56 -66.87
CA ASP L 146 -51.65 -71.62 -65.80
C ASP L 146 -51.61 -72.98 -65.10
N ASN L 147 -51.67 -72.94 -63.76
CA ASN L 147 -51.60 -74.19 -62.99
C ASN L 147 -52.88 -75.01 -63.13
N SER L 148 -54.01 -74.33 -63.37
CA SER L 148 -55.29 -75.03 -63.46
C SER L 148 -55.30 -76.01 -64.63
N THR L 149 -54.80 -75.57 -65.79
CA THR L 149 -54.78 -76.44 -66.96
C THR L 149 -53.85 -77.63 -66.75
N PHE L 150 -52.69 -77.40 -66.14
CA PHE L 150 -51.77 -78.50 -65.87
C PHE L 150 -52.37 -79.49 -64.89
N LYS L 151 -53.04 -78.99 -63.85
CA LYS L 151 -53.69 -79.87 -62.89
C LYS L 151 -54.80 -80.68 -63.54
N ALA L 152 -55.60 -80.04 -64.40
CA ALA L 152 -56.67 -80.76 -65.09
C ALA L 152 -56.09 -81.84 -66.01
N SER L 153 -55.02 -81.51 -66.74
CA SER L 153 -54.39 -82.49 -67.62
C SER L 153 -53.82 -83.65 -66.82
N ALA L 154 -53.16 -83.36 -65.70
CA ALA L 154 -52.59 -84.43 -64.87
C ALA L 154 -53.68 -85.33 -64.31
N THR L 155 -54.79 -84.74 -63.86
CA THR L 155 -55.87 -85.55 -63.31
C THR L 155 -56.55 -86.39 -64.39
N GLY L 156 -56.85 -85.80 -65.54
CA GLY L 156 -57.53 -86.54 -66.58
C GLY L 156 -56.67 -87.63 -67.21
N LEU L 157 -55.43 -87.29 -67.58
CA LEU L 157 -54.57 -88.25 -68.24
C LEU L 157 -53.99 -89.27 -67.26
N GLY L 158 -53.77 -88.89 -66.01
CA GLY L 158 -53.23 -89.80 -65.02
C GLY L 158 -51.74 -89.62 -64.81
N GLY L 159 -51.12 -90.69 -64.33
CA GLY L 159 -49.69 -90.69 -64.05
C GLY L 159 -49.38 -91.18 -62.66
N THR L 160 -48.54 -92.21 -62.56
CA THR L 160 -48.24 -92.80 -61.26
C THR L 160 -47.32 -91.90 -60.43
N ASP L 161 -46.32 -91.30 -61.07
CA ASP L 161 -45.35 -90.46 -60.39
C ASP L 161 -45.65 -89.00 -60.66
N GLN L 162 -45.84 -88.22 -59.59
CA GLN L 162 -46.08 -86.79 -59.68
C GLN L 162 -44.86 -85.97 -59.33
N LYS L 163 -43.70 -86.60 -59.16
CA LYS L 163 -42.49 -85.87 -58.79
C LYS L 163 -42.02 -85.01 -59.96
N ILE L 164 -41.70 -83.75 -59.65
CA ILE L 164 -41.20 -82.81 -60.65
C ILE L 164 -39.69 -82.73 -60.55
N ASP L 165 -39.02 -82.82 -61.69
CA ASP L 165 -37.56 -82.84 -61.76
C ASP L 165 -37.07 -81.47 -62.22
N GLY L 166 -36.62 -80.65 -61.27
CA GLY L 166 -36.01 -79.39 -61.59
C GLY L 166 -37.01 -78.32 -62.01
N ASP L 167 -36.46 -77.16 -62.36
CA ASP L 167 -37.24 -76.03 -62.81
C ASP L 167 -37.42 -76.06 -64.33
N LEU L 168 -38.47 -75.40 -64.80
CA LEU L 168 -38.74 -75.35 -66.22
C LEU L 168 -37.64 -74.59 -66.95
N LYS L 169 -37.29 -75.07 -68.14
CA LYS L 169 -36.22 -74.51 -68.94
C LYS L 169 -36.78 -73.58 -70.00
N PHE L 170 -36.17 -72.40 -70.15
CA PHE L 170 -36.56 -71.45 -71.18
C PHE L 170 -35.33 -71.08 -72.00
N ASP L 171 -35.49 -71.09 -73.32
CA ASP L 171 -34.44 -70.68 -74.24
C ASP L 171 -34.93 -69.48 -75.04
N ASP L 172 -34.11 -68.42 -75.07
CA ASP L 172 -34.53 -67.18 -75.73
C ASP L 172 -34.61 -67.36 -77.23
N THR L 173 -33.68 -68.10 -77.83
CA THR L 173 -33.64 -68.24 -79.28
C THR L 173 -34.80 -69.09 -79.79
N THR L 174 -35.09 -70.20 -79.09
CA THR L 174 -36.12 -71.12 -79.57
C THR L 174 -37.50 -70.47 -79.55
N GLY L 175 -37.82 -69.74 -78.50
CA GLY L 175 -39.14 -69.14 -78.37
C GLY L 175 -40.24 -70.10 -77.95
N LYS L 176 -39.89 -71.33 -77.58
CA LYS L 176 -40.86 -72.33 -77.16
C LYS L 176 -40.50 -72.84 -75.78
N TYR L 177 -41.50 -73.09 -74.96
CA TYR L 177 -41.29 -73.61 -73.62
C TYR L 177 -40.82 -75.06 -73.67
N TYR L 178 -40.08 -75.45 -72.64
CA TYR L 178 -39.56 -76.81 -72.50
C TYR L 178 -40.37 -77.57 -71.47
N ALA L 179 -40.81 -78.77 -71.85
CA ALA L 179 -41.59 -79.63 -70.98
C ALA L 179 -40.79 -80.89 -70.68
N LYS L 180 -40.75 -81.28 -69.39
CA LYS L 180 -40.11 -82.51 -68.95
C LYS L 180 -41.18 -83.43 -68.41
N VAL L 181 -41.24 -84.65 -68.96
CA VAL L 181 -42.24 -85.64 -68.59
C VAL L 181 -41.53 -86.89 -68.13
N THR L 182 -41.90 -87.39 -66.95
CA THR L 182 -41.33 -88.62 -66.44
C THR L 182 -41.78 -89.82 -67.29
N VAL L 183 -40.85 -90.71 -67.58
CA VAL L 183 -41.10 -91.89 -68.40
C VAL L 183 -40.86 -93.12 -67.54
N THR L 184 -41.86 -94.00 -67.46
CA THR L 184 -41.74 -95.22 -66.69
C THR L 184 -41.11 -96.32 -67.52
N GLY L 185 -40.24 -97.11 -66.89
CA GLY L 185 -39.59 -98.23 -67.55
C GLY L 185 -38.36 -97.87 -68.36
N GLY L 186 -37.92 -96.62 -68.33
CA GLY L 186 -36.74 -96.21 -69.07
C GLY L 186 -35.80 -95.42 -68.19
N THR L 187 -34.51 -95.76 -68.28
CA THR L 187 -33.48 -95.08 -67.52
C THR L 187 -32.74 -94.10 -68.43
N GLY L 188 -32.80 -92.81 -68.08
CA GLY L 188 -32.17 -91.78 -68.86
C GLY L 188 -32.95 -91.33 -70.09
N LYS L 189 -34.12 -91.90 -70.33
CA LYS L 189 -34.91 -91.51 -71.49
C LYS L 189 -35.58 -90.14 -71.31
N ASP L 190 -35.56 -89.59 -70.09
CA ASP L 190 -36.17 -88.29 -69.85
C ASP L 190 -35.46 -87.22 -70.65
N GLY L 191 -36.25 -86.28 -71.19
CA GLY L 191 -35.69 -85.22 -71.99
C GLY L 191 -36.67 -84.07 -72.14
N TYR L 192 -36.15 -82.94 -72.60
CA TYR L 192 -36.94 -81.73 -72.75
C TYR L 192 -37.57 -81.69 -74.13
N TYR L 193 -38.88 -81.44 -74.18
CA TYR L 193 -39.62 -81.35 -75.43
C TYR L 193 -40.13 -79.92 -75.60
N GLU L 194 -39.98 -79.39 -76.82
CA GLU L 194 -40.51 -78.06 -77.11
C GLU L 194 -42.02 -78.12 -77.24
N VAL L 195 -42.69 -77.13 -76.67
CA VAL L 195 -44.16 -77.05 -76.72
C VAL L 195 -44.57 -75.67 -77.18
N SER L 196 -45.68 -75.61 -77.92
CA SER L 196 -46.26 -74.35 -78.37
C SER L 196 -47.56 -74.11 -77.63
N VAL L 197 -47.64 -72.95 -76.96
CA VAL L 197 -48.80 -72.60 -76.15
C VAL L 197 -49.46 -71.37 -76.76
N ASP L 198 -50.77 -71.45 -76.99
CA ASP L 198 -51.53 -70.35 -77.56
C ASP L 198 -51.88 -69.36 -76.46
N LYS L 199 -51.41 -68.12 -76.58
CA LYS L 199 -51.71 -67.10 -75.58
C LYS L 199 -53.19 -66.77 -75.54
N THR L 200 -53.83 -66.70 -76.72
CA THR L 200 -55.26 -66.40 -76.76
C THR L 200 -56.07 -67.51 -76.13
N ASN L 201 -55.74 -68.77 -76.44
CA ASN L 201 -56.48 -69.90 -75.89
C ASN L 201 -56.21 -70.05 -74.39
N GLY L 202 -54.94 -69.99 -74.00
CA GLY L 202 -54.56 -70.13 -72.60
C GLY L 202 -54.47 -71.56 -72.11
N GLU L 203 -54.55 -72.55 -72.99
CA GLU L 203 -54.47 -73.95 -72.61
C GLU L 203 -53.28 -74.61 -73.29
N VAL L 204 -52.63 -75.52 -72.57
CA VAL L 204 -51.49 -76.26 -73.12
C VAL L 204 -52.03 -77.38 -74.01
N THR L 205 -51.61 -77.39 -75.27
CA THR L 205 -52.04 -78.38 -76.25
C THR L 205 -50.82 -78.99 -76.92
N LEU L 206 -50.92 -80.28 -77.23
CA LEU L 206 -49.80 -80.97 -77.87
C LEU L 206 -49.51 -80.37 -79.24
N ALA L 207 -48.23 -80.13 -79.50
CA ALA L 207 -47.78 -79.53 -80.76
C ALA L 207 -47.24 -80.64 -81.67
N GLY L 208 -47.98 -80.95 -82.73
CA GLY L 208 -47.55 -81.92 -83.70
C GLY L 208 -47.89 -83.36 -83.39
N GLY L 209 -48.40 -83.65 -82.19
CA GLY L 209 -48.74 -85.02 -81.83
C GLY L 209 -47.56 -85.96 -81.86
N ALA L 210 -46.43 -85.57 -81.27
CA ALA L 210 -45.20 -86.35 -81.30
C ALA L 210 -45.25 -87.38 -80.17
N THR L 211 -45.69 -88.60 -80.51
CA THR L 211 -45.71 -89.67 -79.52
C THR L 211 -44.32 -90.24 -79.29
N SER L 212 -43.49 -90.26 -80.33
CA SER L 212 -42.14 -90.81 -80.20
C SER L 212 -41.27 -89.90 -79.33
N PRO L 213 -40.61 -90.44 -78.31
CA PRO L 213 -39.70 -89.61 -77.51
C PRO L 213 -38.50 -89.15 -78.32
N LEU L 214 -37.98 -87.98 -77.94
CA LEU L 214 -36.82 -87.43 -78.62
C LEU L 214 -35.58 -88.25 -78.32
N THR L 215 -34.83 -88.58 -79.37
CA THR L 215 -33.62 -89.38 -79.22
C THR L 215 -32.48 -88.54 -78.67
N GLY L 216 -31.56 -89.21 -77.98
CA GLY L 216 -30.40 -88.56 -77.40
C GLY L 216 -30.55 -88.21 -75.93
N GLY L 217 -31.76 -88.27 -75.38
CA GLY L 217 -31.94 -87.97 -73.97
C GLY L 217 -31.79 -86.48 -73.71
N LEU L 218 -30.77 -86.12 -72.93
CA LEU L 218 -30.54 -84.72 -72.62
C LEU L 218 -30.16 -83.94 -73.87
N PRO L 219 -30.79 -82.80 -74.12
CA PRO L 219 -30.40 -81.98 -75.28
C PRO L 219 -28.96 -81.51 -75.16
N ALA L 220 -28.26 -81.48 -76.29
CA ALA L 220 -26.86 -81.10 -76.33
C ALA L 220 -26.65 -79.61 -76.56
N THR L 221 -27.71 -78.85 -76.81
CA THR L 221 -27.56 -77.42 -77.05
C THR L 221 -27.10 -76.70 -75.78
N ALA L 222 -27.76 -76.97 -74.65
CA ALA L 222 -27.42 -76.36 -73.37
C ALA L 222 -27.44 -77.43 -72.29
N THR L 223 -26.31 -77.60 -71.60
CA THR L 223 -26.21 -78.54 -70.49
C THR L 223 -26.47 -77.87 -69.13
N GLU L 224 -26.72 -76.56 -69.12
CA GLU L 224 -26.94 -75.82 -67.89
C GLU L 224 -28.19 -74.95 -68.04
N ASP L 225 -28.94 -74.80 -66.95
CA ASP L 225 -30.15 -74.01 -66.97
C ASP L 225 -29.82 -72.52 -67.10
N VAL L 226 -30.78 -71.76 -67.63
CA VAL L 226 -30.60 -70.34 -67.90
C VAL L 226 -31.47 -69.56 -66.92
N LYS L 227 -30.85 -68.62 -66.20
CA LYS L 227 -31.60 -67.80 -65.26
C LYS L 227 -32.43 -66.75 -65.97
N ASN L 228 -31.87 -66.13 -67.01
CA ASN L 228 -32.56 -65.04 -67.70
C ASN L 228 -33.75 -65.56 -68.50
N VAL L 229 -34.81 -64.78 -68.54
CA VAL L 229 -36.03 -65.11 -69.26
C VAL L 229 -36.29 -64.04 -70.31
N GLN L 230 -36.40 -64.46 -71.56
CA GLN L 230 -36.60 -63.55 -72.68
C GLN L 230 -37.77 -64.00 -73.52
N VAL L 231 -38.40 -63.05 -74.22
CA VAL L 231 -39.50 -63.32 -75.14
C VAL L 231 -39.16 -62.64 -76.47
N ALA L 232 -39.97 -62.94 -77.48
CA ALA L 232 -39.72 -62.41 -78.82
C ALA L 232 -39.79 -60.88 -78.82
N ASN L 233 -38.97 -60.27 -79.67
CA ASN L 233 -38.79 -58.83 -79.72
C ASN L 233 -39.92 -58.10 -80.43
N ALA L 234 -41.06 -58.75 -80.65
CA ALA L 234 -42.22 -58.11 -81.25
C ALA L 234 -43.20 -57.57 -80.22
N ASP L 235 -43.14 -58.05 -78.97
CA ASP L 235 -44.11 -57.65 -77.97
C ASP L 235 -43.88 -56.21 -77.50
N LEU L 236 -42.73 -55.94 -76.91
CA LEU L 236 -42.44 -54.65 -76.27
C LEU L 236 -43.55 -54.27 -75.29
N THR L 237 -43.73 -55.13 -74.28
CA THR L 237 -44.84 -54.95 -73.35
C THR L 237 -44.71 -53.66 -72.56
N GLU L 238 -43.50 -53.30 -72.15
CA GLU L 238 -43.32 -52.05 -71.41
C GLU L 238 -43.57 -50.84 -72.30
N ALA L 239 -43.07 -50.88 -73.54
CA ALA L 239 -43.31 -49.77 -74.47
C ALA L 239 -44.80 -49.63 -74.80
N LYS L 240 -45.47 -50.76 -75.04
CA LYS L 240 -46.91 -50.70 -75.32
C LYS L 240 -47.70 -50.20 -74.13
N ALA L 241 -47.34 -50.63 -72.92
CA ALA L 241 -48.03 -50.16 -71.72
C ALA L 241 -47.82 -48.67 -71.52
N ALA L 242 -46.59 -48.19 -71.73
CA ALA L 242 -46.33 -46.76 -71.62
C ALA L 242 -47.10 -45.98 -72.68
N LEU L 243 -47.18 -46.50 -73.90
CA LEU L 243 -47.95 -45.85 -74.94
C LEU L 243 -49.42 -45.76 -74.58
N THR L 244 -49.98 -46.85 -74.05
CA THR L 244 -51.39 -46.85 -73.65
C THR L 244 -51.64 -45.87 -72.51
N ALA L 245 -50.71 -45.82 -71.55
CA ALA L 245 -50.85 -44.87 -70.44
C ALA L 245 -50.79 -43.43 -70.95
N ALA L 246 -49.89 -43.15 -71.90
CA ALA L 246 -49.78 -41.80 -72.45
C ALA L 246 -50.95 -41.48 -73.37
N GLY L 247 -51.58 -42.50 -73.96
CA GLY L 247 -52.67 -42.30 -74.88
C GLY L 247 -52.26 -42.02 -76.31
N VAL L 248 -51.00 -42.26 -76.67
CA VAL L 248 -50.51 -42.00 -78.03
C VAL L 248 -50.11 -43.32 -78.66
N THR L 249 -50.69 -44.42 -78.16
CA THR L 249 -50.36 -45.74 -78.67
C THR L 249 -50.80 -45.89 -80.12
N GLY L 250 -50.03 -46.66 -80.88
CA GLY L 250 -50.34 -46.89 -82.28
C GLY L 250 -49.40 -47.93 -82.87
N THR L 251 -49.76 -48.41 -84.05
CA THR L 251 -48.99 -49.41 -84.76
C THR L 251 -48.30 -48.75 -85.96
N ALA L 252 -46.97 -48.81 -85.98
CA ALA L 252 -46.18 -48.24 -87.07
C ALA L 252 -44.79 -48.87 -87.02
N SER L 253 -44.02 -48.61 -88.08
CA SER L 253 -42.65 -49.11 -88.14
C SER L 253 -41.79 -48.39 -87.11
N VAL L 254 -40.88 -49.14 -86.48
CA VAL L 254 -40.02 -48.56 -85.46
C VAL L 254 -39.05 -47.57 -86.11
N VAL L 255 -38.66 -46.55 -85.35
CA VAL L 255 -37.76 -45.52 -85.83
C VAL L 255 -36.61 -45.39 -84.83
N LYS L 256 -35.49 -44.90 -85.32
CA LYS L 256 -34.30 -44.67 -84.51
C LYS L 256 -33.98 -43.18 -84.47
N MET L 257 -33.84 -42.65 -83.26
CA MET L 257 -33.54 -41.23 -83.08
C MET L 257 -32.03 -41.03 -83.18
N SER L 258 -31.60 -40.37 -84.25
CA SER L 258 -30.18 -40.22 -84.52
C SER L 258 -29.92 -38.82 -85.06
N TYR L 259 -28.66 -38.58 -85.42
CA TYR L 259 -28.23 -37.34 -86.06
C TYR L 259 -27.80 -37.64 -87.48
N THR L 260 -28.31 -36.86 -88.43
CA THR L 260 -28.02 -37.06 -89.84
C THR L 260 -26.84 -36.21 -90.25
N ASP L 261 -25.88 -36.84 -90.93
CA ASP L 261 -24.66 -36.17 -91.37
C ASP L 261 -24.35 -36.63 -92.80
N ASN L 262 -23.15 -36.29 -93.27
CA ASN L 262 -22.74 -36.70 -94.61
C ASN L 262 -22.68 -38.22 -94.71
N ASN L 263 -22.15 -38.89 -93.69
CA ASN L 263 -22.07 -40.34 -93.70
C ASN L 263 -23.40 -41.01 -93.40
N GLY L 264 -24.37 -40.27 -92.89
CA GLY L 264 -25.66 -40.85 -92.54
C GLY L 264 -25.59 -41.86 -91.41
N LYS L 265 -24.83 -41.55 -90.37
CA LYS L 265 -24.66 -42.49 -89.27
C LYS L 265 -25.96 -42.71 -88.51
N THR L 266 -26.16 -43.94 -88.06
CA THR L 266 -27.34 -44.31 -87.27
C THR L 266 -26.93 -44.48 -85.82
N ILE L 267 -27.64 -43.79 -84.92
CA ILE L 267 -27.37 -43.82 -83.48
C ILE L 267 -28.51 -44.56 -82.80
N ASP L 268 -28.18 -45.60 -82.04
CA ASP L 268 -29.16 -46.39 -81.31
C ASP L 268 -29.44 -45.70 -79.97
N GLY L 269 -30.32 -44.71 -80.01
CA GLY L 269 -30.68 -43.95 -78.83
C GLY L 269 -31.93 -44.47 -78.13
N GLY L 270 -32.27 -45.71 -78.40
CA GLY L 270 -33.47 -46.30 -77.83
C GLY L 270 -34.54 -46.57 -78.88
N LEU L 271 -35.45 -47.48 -78.56
CA LEU L 271 -36.51 -47.88 -79.48
C LEU L 271 -37.80 -47.19 -79.06
N ALA L 272 -38.31 -46.32 -79.92
CA ALA L 272 -39.54 -45.58 -79.68
C ALA L 272 -40.49 -45.75 -80.85
N VAL L 273 -41.74 -46.10 -80.54
CA VAL L 273 -42.76 -46.29 -81.56
C VAL L 273 -43.91 -45.35 -81.19
N LYS L 274 -43.87 -44.14 -81.74
CA LYS L 274 -44.91 -43.15 -81.51
C LYS L 274 -45.37 -42.57 -82.84
N VAL L 275 -46.70 -42.39 -82.97
CA VAL L 275 -47.23 -41.78 -84.18
C VAL L 275 -46.84 -40.31 -84.26
N GLY L 276 -46.82 -39.62 -83.12
CA GLY L 276 -46.47 -38.22 -83.11
C GLY L 276 -44.98 -37.99 -83.21
N ASP L 277 -44.62 -36.70 -83.31
CA ASP L 277 -43.21 -36.33 -83.41
C ASP L 277 -42.46 -36.70 -82.13
N ASP L 278 -43.08 -36.50 -80.97
CA ASP L 278 -42.43 -36.78 -79.70
C ASP L 278 -42.20 -38.28 -79.51
N TYR L 279 -41.04 -38.62 -78.95
CA TYR L 279 -40.62 -40.00 -78.75
C TYR L 279 -40.06 -40.17 -77.35
N TYR L 280 -40.49 -41.23 -76.66
CA TYR L 280 -39.91 -41.57 -75.37
C TYR L 280 -38.64 -42.38 -75.57
N SER L 281 -37.58 -42.01 -74.84
CA SER L 281 -36.32 -42.74 -74.90
C SER L 281 -36.27 -43.76 -73.77
N ALA L 282 -36.09 -45.03 -74.13
CA ALA L 282 -35.87 -46.10 -73.18
C ALA L 282 -34.46 -46.64 -73.41
N THR L 283 -33.66 -46.70 -72.34
CA THR L 283 -32.23 -46.95 -72.49
C THR L 283 -31.97 -48.41 -72.80
N GLN L 284 -31.25 -48.66 -73.89
CA GLN L 284 -30.87 -50.02 -74.26
C GLN L 284 -29.66 -50.42 -73.43
N ASN L 285 -29.89 -51.17 -72.35
CA ASN L 285 -28.82 -51.55 -71.46
C ASN L 285 -27.86 -52.53 -72.14
N LYS L 286 -26.61 -52.53 -71.67
CA LYS L 286 -25.57 -53.37 -72.25
C LYS L 286 -25.81 -54.85 -72.04
N ASP L 287 -26.73 -55.23 -71.16
CA ASP L 287 -27.02 -56.65 -70.93
C ASP L 287 -27.77 -57.29 -72.09
N GLY L 288 -28.24 -56.49 -73.05
CA GLY L 288 -29.00 -57.00 -74.18
C GLY L 288 -30.50 -56.78 -74.09
N SER L 289 -30.98 -55.99 -73.13
CA SER L 289 -32.40 -55.72 -72.97
C SER L 289 -32.61 -54.23 -72.75
N ILE L 290 -33.71 -53.71 -73.29
CA ILE L 290 -34.06 -52.31 -73.09
C ILE L 290 -34.76 -52.15 -71.74
N SER L 291 -34.40 -51.09 -71.03
CA SER L 291 -34.98 -50.81 -69.72
C SER L 291 -35.36 -49.34 -69.64
N ILE L 292 -36.37 -49.04 -68.81
CA ILE L 292 -36.83 -47.67 -68.66
C ILE L 292 -35.80 -46.88 -67.87
N ASN L 293 -35.62 -45.62 -68.25
CA ASN L 293 -34.66 -44.73 -67.60
C ASN L 293 -35.31 -44.17 -66.33
N THR L 294 -34.84 -44.63 -65.18
CA THR L 294 -35.33 -44.11 -63.91
C THR L 294 -34.88 -42.66 -63.73
N THR L 295 -35.83 -41.77 -63.48
CA THR L 295 -35.56 -40.35 -63.36
C THR L 295 -35.74 -39.90 -61.92
N LYS L 296 -34.83 -39.05 -61.45
CA LYS L 296 -34.85 -38.50 -60.10
C LYS L 296 -34.95 -36.98 -60.19
N TYR L 297 -35.98 -36.42 -59.54
CA TYR L 297 -36.12 -34.98 -59.45
C TYR L 297 -36.92 -34.64 -58.20
N THR L 298 -36.59 -33.49 -57.61
CA THR L 298 -37.31 -33.01 -56.43
C THR L 298 -38.42 -32.07 -56.86
N ALA L 299 -39.64 -32.36 -56.39
CA ALA L 299 -40.81 -31.58 -56.75
C ALA L 299 -41.83 -31.65 -55.63
N ASP L 300 -42.93 -30.92 -55.81
CA ASP L 300 -43.97 -30.87 -54.79
C ASP L 300 -44.59 -32.25 -54.56
N ASP L 301 -44.86 -32.99 -55.63
CA ASP L 301 -45.46 -34.32 -55.48
C ASP L 301 -44.52 -35.28 -54.75
N GLY L 302 -43.23 -35.24 -55.05
CA GLY L 302 -42.26 -36.10 -54.42
C GLY L 302 -42.17 -37.49 -54.98
N THR L 303 -43.08 -37.89 -55.87
CA THR L 303 -43.06 -39.19 -56.51
C THR L 303 -42.99 -39.01 -58.02
N SER L 304 -42.02 -39.67 -58.65
CA SER L 304 -41.89 -39.59 -60.10
C SER L 304 -43.07 -40.26 -60.77
N LYS L 305 -43.68 -39.58 -61.72
CA LYS L 305 -44.87 -40.08 -62.42
C LYS L 305 -44.51 -40.36 -63.87
N THR L 306 -44.97 -41.50 -64.38
CA THR L 306 -44.68 -41.90 -65.74
C THR L 306 -45.51 -41.07 -66.71
N ALA L 307 -44.84 -40.37 -67.62
CA ALA L 307 -45.52 -39.60 -68.65
C ALA L 307 -44.62 -39.55 -69.88
N LEU L 308 -45.24 -39.34 -71.03
CA LEU L 308 -44.50 -39.32 -72.28
C LEU L 308 -43.63 -38.07 -72.38
N ASN L 309 -42.36 -38.27 -72.73
CA ASN L 309 -41.39 -37.19 -72.80
C ASN L 309 -41.29 -36.72 -74.24
N LYS L 310 -41.48 -35.42 -74.45
CA LYS L 310 -41.39 -34.85 -75.78
C LYS L 310 -39.92 -34.56 -76.13
N LEU L 311 -39.67 -34.42 -77.43
CA LEU L 311 -38.36 -34.02 -77.89
C LEU L 311 -38.13 -32.53 -77.62
N GLY L 312 -36.92 -32.19 -77.22
CA GLY L 312 -36.58 -30.81 -76.93
C GLY L 312 -35.10 -30.58 -77.12
N GLY L 313 -34.75 -29.33 -77.38
CA GLY L 313 -33.38 -28.95 -77.66
C GLY L 313 -33.15 -28.72 -79.15
N ALA L 314 -31.97 -28.16 -79.45
CA ALA L 314 -31.59 -27.96 -80.85
C ALA L 314 -31.47 -29.29 -81.57
N ASP L 315 -30.84 -30.28 -80.93
CA ASP L 315 -30.80 -31.62 -81.52
C ASP L 315 -32.13 -32.34 -81.37
N GLY L 316 -32.90 -32.03 -80.33
CA GLY L 316 -34.13 -32.71 -80.05
C GLY L 316 -33.98 -33.94 -79.17
N LYS L 317 -32.76 -34.32 -78.80
CA LYS L 317 -32.55 -35.51 -77.99
C LYS L 317 -32.91 -35.30 -76.52
N THR L 318 -33.16 -34.06 -76.10
CA THR L 318 -33.57 -33.81 -74.73
C THR L 318 -34.99 -34.35 -74.52
N GLU L 319 -35.19 -35.08 -73.44
CA GLU L 319 -36.49 -35.67 -73.12
C GLU L 319 -37.19 -34.76 -72.13
N VAL L 320 -37.99 -33.82 -72.65
CA VAL L 320 -38.70 -32.86 -71.83
C VAL L 320 -39.93 -33.55 -71.26
N VAL L 321 -39.99 -33.67 -69.94
CA VAL L 321 -41.06 -34.39 -69.26
C VAL L 321 -42.25 -33.44 -69.08
N SER L 322 -43.44 -34.01 -69.02
CA SER L 322 -44.66 -33.25 -68.72
C SER L 322 -45.04 -33.49 -67.27
N ILE L 323 -44.92 -32.45 -66.44
CA ILE L 323 -45.26 -32.50 -65.02
C ILE L 323 -46.40 -31.53 -64.78
N GLY L 324 -47.48 -32.03 -64.19
CA GLY L 324 -48.63 -31.19 -63.90
C GLY L 324 -49.25 -30.55 -65.12
N GLY L 325 -49.07 -31.14 -66.30
CA GLY L 325 -49.56 -30.58 -67.54
C GLY L 325 -48.62 -29.60 -68.21
N LYS L 326 -47.48 -29.30 -67.60
CA LYS L 326 -46.52 -28.33 -68.14
C LYS L 326 -45.23 -29.04 -68.49
N THR L 327 -44.67 -28.71 -69.65
CA THR L 327 -43.41 -29.30 -70.07
C THR L 327 -42.24 -28.62 -69.37
N TYR L 328 -41.38 -29.42 -68.76
CA TYR L 328 -40.18 -28.93 -68.08
C TYR L 328 -38.96 -29.66 -68.60
N ALA L 329 -37.93 -28.91 -68.96
CA ALA L 329 -36.69 -29.48 -69.48
C ALA L 329 -36.00 -30.31 -68.41
N ALA L 330 -35.93 -31.62 -68.62
CA ALA L 330 -35.34 -32.50 -67.62
C ALA L 330 -33.84 -32.21 -67.45
N SER L 331 -33.22 -31.58 -68.44
CA SER L 331 -31.81 -31.25 -68.33
C SER L 331 -31.54 -30.29 -67.19
N LYS L 332 -32.38 -29.26 -67.05
CA LYS L 332 -32.21 -28.25 -66.01
C LYS L 332 -33.26 -28.33 -64.91
N ALA L 333 -34.21 -29.27 -65.02
CA ALA L 333 -35.22 -29.41 -63.97
C ALA L 333 -34.58 -29.82 -62.65
N GLU L 334 -33.64 -30.76 -62.68
CA GLU L 334 -32.94 -31.18 -61.48
C GLU L 334 -32.03 -30.07 -60.98
N GLY L 335 -32.02 -29.86 -59.66
CA GLY L 335 -31.25 -28.79 -59.07
C GLY L 335 -31.91 -27.43 -59.11
N HIS L 336 -33.14 -27.34 -59.59
CA HIS L 336 -33.87 -26.09 -59.69
C HIS L 336 -35.07 -26.13 -58.75
N ASN L 337 -35.31 -25.02 -58.06
CA ASN L 337 -36.38 -24.93 -57.08
C ASN L 337 -37.68 -24.51 -57.77
N PHE L 338 -38.71 -25.35 -57.67
CA PHE L 338 -39.99 -25.04 -58.29
C PHE L 338 -40.71 -23.90 -57.59
N LYS L 339 -40.45 -23.67 -56.30
CA LYS L 339 -41.06 -22.55 -55.60
C LYS L 339 -40.62 -21.22 -56.19
N ALA L 340 -39.33 -21.07 -56.47
CA ALA L 340 -38.81 -19.82 -56.99
C ALA L 340 -39.37 -19.52 -58.38
N GLN L 341 -39.44 -20.52 -59.24
CA GLN L 341 -39.92 -20.36 -60.60
C GLN L 341 -41.10 -21.29 -60.85
N PRO L 342 -42.34 -20.83 -60.65
CA PRO L 342 -43.50 -21.69 -60.98
C PRO L 342 -43.57 -22.06 -62.44
N ASP L 343 -43.13 -21.19 -63.34
CA ASP L 343 -43.20 -21.42 -64.78
C ASP L 343 -41.81 -21.21 -65.38
N LEU L 344 -41.06 -22.30 -65.51
CA LEU L 344 -39.80 -22.26 -66.24
C LEU L 344 -40.07 -22.29 -67.74
N ALA L 345 -39.38 -21.42 -68.48
CA ALA L 345 -39.59 -21.34 -69.92
C ALA L 345 -39.13 -22.62 -70.60
N GLU L 346 -39.70 -22.88 -71.77
CA GLU L 346 -39.41 -24.11 -72.51
C GLU L 346 -39.22 -23.76 -73.97
N ALA L 347 -38.82 -24.76 -74.75
CA ALA L 347 -38.66 -24.59 -76.19
C ALA L 347 -40.02 -24.33 -76.83
N ALA L 348 -40.09 -23.29 -77.65
CA ALA L 348 -41.34 -22.92 -78.29
C ALA L 348 -41.73 -23.98 -79.32
N ALA L 349 -42.98 -23.89 -79.80
CA ALA L 349 -43.47 -24.83 -80.78
C ALA L 349 -42.64 -24.75 -82.06
N THR L 350 -42.31 -25.92 -82.60
CA THR L 350 -41.46 -26.06 -83.80
C THR L 350 -40.14 -25.36 -83.49
N THR L 351 -39.62 -24.52 -84.39
CA THR L 351 -38.38 -23.81 -84.16
C THR L 351 -38.53 -22.36 -84.59
N THR L 352 -37.73 -21.49 -83.99
CA THR L 352 -37.74 -20.06 -84.29
C THR L 352 -36.47 -19.70 -85.03
N GLU L 353 -36.61 -19.30 -86.29
CA GLU L 353 -35.51 -18.88 -87.12
C GLU L 353 -35.28 -17.38 -86.95
N ASN L 354 -34.47 -16.80 -87.84
CA ASN L 354 -34.12 -15.38 -87.81
C ASN L 354 -33.49 -15.02 -86.47
N PRO L 355 -32.27 -15.48 -86.19
CA PRO L 355 -31.65 -15.16 -84.90
C PRO L 355 -31.26 -13.70 -84.77
N LEU L 356 -31.30 -12.93 -85.86
CA LEU L 356 -30.83 -11.55 -85.82
C LEU L 356 -31.67 -10.71 -84.87
N GLN L 357 -33.00 -10.87 -84.89
CA GLN L 357 -33.84 -10.15 -83.95
C GLN L 357 -33.61 -10.60 -82.52
N LYS L 358 -33.24 -11.87 -82.32
CA LYS L 358 -32.88 -12.32 -80.98
C LYS L 358 -31.59 -11.68 -80.50
N ILE L 359 -30.61 -11.52 -81.38
CA ILE L 359 -29.39 -10.82 -81.01
C ILE L 359 -29.69 -9.36 -80.70
N ASP L 360 -30.58 -8.75 -81.47
CA ASP L 360 -30.99 -7.38 -81.19
C ASP L 360 -31.65 -7.27 -79.82
N ALA L 361 -32.50 -8.23 -79.49
CA ALA L 361 -33.13 -8.25 -78.16
C ALA L 361 -32.10 -8.43 -77.07
N ALA L 362 -31.11 -9.30 -77.29
CA ALA L 362 -30.08 -9.52 -76.29
C ALA L 362 -29.25 -8.26 -76.05
N LEU L 363 -28.87 -7.57 -77.13
CA LEU L 363 -28.11 -6.34 -76.96
C LEU L 363 -28.96 -5.24 -76.33
N ALA L 364 -30.25 -5.20 -76.63
CA ALA L 364 -31.14 -4.26 -75.94
C ALA L 364 -31.21 -4.58 -74.45
N GLN L 365 -31.25 -5.87 -74.10
CA GLN L 365 -31.22 -6.26 -72.70
C GLN L 365 -29.93 -5.81 -72.03
N VAL L 366 -28.80 -5.97 -72.72
CA VAL L 366 -27.53 -5.50 -72.19
C VAL L 366 -27.56 -4.00 -71.97
N ASP L 367 -28.09 -3.26 -72.95
CA ASP L 367 -28.14 -1.80 -72.84
C ASP L 367 -29.03 -1.36 -71.69
N THR L 368 -30.19 -2.00 -71.51
CA THR L 368 -31.07 -1.61 -70.42
C THR L 368 -30.51 -2.03 -69.07
N LEU L 369 -29.75 -3.12 -69.03
CA LEU L 369 -29.05 -3.46 -67.79
C LEU L 369 -28.00 -2.41 -67.46
N ARG L 370 -27.29 -1.91 -68.47
CA ARG L 370 -26.34 -0.82 -68.26
C ARG L 370 -27.06 0.43 -67.75
N SER L 371 -28.23 0.73 -68.32
CA SER L 371 -28.99 1.89 -67.88
C SER L 371 -29.44 1.73 -66.44
N ASP L 372 -29.91 0.54 -66.07
CA ASP L 372 -30.29 0.28 -64.68
C ASP L 372 -29.11 0.39 -63.75
N LEU L 373 -27.94 -0.09 -64.18
CA LEU L 373 -26.73 0.04 -63.37
C LEU L 373 -26.39 1.51 -63.15
N GLY L 374 -26.46 2.32 -64.20
CA GLY L 374 -26.20 3.75 -64.04
C GLY L 374 -27.20 4.42 -63.13
N ALA L 375 -28.47 4.04 -63.26
CA ALA L 375 -29.51 4.60 -62.39
C ALA L 375 -29.23 4.28 -60.93
N VAL L 376 -28.92 3.01 -60.64
CA VAL L 376 -28.63 2.61 -59.26
C VAL L 376 -27.35 3.30 -58.78
N GLN L 377 -26.37 3.45 -59.67
CA GLN L 377 -25.12 4.09 -59.29
C GLN L 377 -25.34 5.53 -58.85
N ASN L 378 -26.02 6.31 -59.68
CA ASN L 378 -26.29 7.70 -59.29
C ASN L 378 -27.25 7.77 -58.10
N ARG L 379 -28.15 6.79 -57.97
CA ARG L 379 -29.06 6.74 -56.83
C ARG L 379 -28.29 6.62 -55.52
N PHE L 380 -27.39 5.64 -55.42
CA PHE L 380 -26.66 5.52 -54.17
C PHE L 380 -25.55 6.56 -54.04
N ASN L 381 -25.11 7.16 -55.15
CA ASN L 381 -24.21 8.32 -55.03
C ASN L 381 -24.92 9.49 -54.36
N SER L 382 -26.16 9.76 -54.77
CA SER L 382 -26.96 10.79 -54.12
C SER L 382 -27.22 10.44 -52.67
N ALA L 383 -27.54 9.17 -52.39
CA ALA L 383 -27.75 8.75 -51.01
C ALA L 383 -26.49 8.96 -50.18
N ILE L 384 -25.32 8.61 -50.73
CA ILE L 384 -24.07 8.72 -49.99
C ILE L 384 -23.73 10.18 -49.72
N THR L 385 -23.88 11.05 -50.71
CA THR L 385 -23.57 12.46 -50.46
C THR L 385 -24.56 13.07 -49.48
N ASN L 386 -25.84 12.67 -49.55
CA ASN L 386 -26.82 13.17 -48.59
C ASN L 386 -26.49 12.72 -47.17
N LEU L 387 -26.12 11.45 -46.99
CA LEU L 387 -25.80 10.98 -45.64
C LEU L 387 -24.51 11.58 -45.13
N GLY L 388 -23.53 11.83 -46.01
CA GLY L 388 -22.33 12.52 -45.58
C GLY L 388 -22.61 13.95 -45.16
N ASN L 389 -23.45 14.65 -45.91
CA ASN L 389 -23.87 16.00 -45.51
C ASN L 389 -24.59 15.97 -44.17
N THR L 390 -25.47 14.98 -43.97
CA THR L 390 -26.17 14.86 -42.69
C THR L 390 -25.18 14.62 -41.56
N VAL L 391 -24.19 13.75 -41.78
CA VAL L 391 -23.21 13.44 -40.74
C VAL L 391 -22.39 14.67 -40.38
N ASN L 392 -21.91 15.41 -41.38
CA ASN L 392 -21.09 16.57 -41.07
C ASN L 392 -21.91 17.69 -40.46
N ASN L 393 -23.18 17.84 -40.89
CA ASN L 393 -24.05 18.81 -40.25
C ASN L 393 -24.30 18.45 -38.79
N LEU L 394 -24.53 17.16 -38.52
CA LEU L 394 -24.74 16.72 -37.13
C LEU L 394 -23.51 16.96 -36.28
N THR L 395 -22.31 16.65 -36.81
CA THR L 395 -21.11 16.85 -36.01
C THR L 395 -20.82 18.32 -35.79
N SER L 396 -21.07 19.17 -36.79
CA SER L 396 -20.92 20.61 -36.59
C SER L 396 -21.90 21.12 -35.55
N ALA L 397 -23.16 20.64 -35.60
CA ALA L 397 -24.15 21.10 -34.64
C ALA L 397 -23.79 20.66 -33.22
N ARG L 398 -23.35 19.41 -33.05
CA ARG L 398 -23.02 18.94 -31.71
C ARG L 398 -21.76 19.61 -31.18
N SER L 399 -20.81 19.94 -32.07
CA SER L 399 -19.66 20.74 -31.66
C SER L 399 -20.10 22.14 -31.22
N ARG L 400 -21.05 22.72 -31.94
CA ARG L 400 -21.55 24.05 -31.57
C ARG L 400 -22.26 24.01 -30.22
N ILE L 401 -23.04 22.97 -29.96
CA ILE L 401 -23.75 22.84 -28.70
C ILE L 401 -22.79 22.45 -27.59
N ASP M 1 -34.02 6.51 -4.49
CA ASP M 1 -33.72 6.76 -3.09
C ASP M 1 -34.98 6.70 -2.23
N LEU M 2 -35.77 5.64 -2.42
CA LEU M 2 -36.99 5.46 -1.65
C LEU M 2 -36.71 4.91 -0.26
N THR M 3 -35.51 4.40 0.00
CA THR M 3 -35.18 3.89 1.33
C THR M 3 -35.20 5.00 2.37
N LYS M 4 -34.63 6.16 2.03
CA LYS M 4 -34.69 7.29 2.94
C LYS M 4 -36.13 7.76 3.15
N ASN M 5 -36.93 7.73 2.08
CA ASN M 5 -38.33 8.13 2.19
C ASN M 5 -39.09 7.22 3.15
N GLU M 6 -38.92 5.90 3.01
CA GLU M 6 -39.64 5.00 3.90
C GLU M 6 -39.10 5.06 5.33
N LYS M 7 -37.80 5.28 5.49
CA LYS M 7 -37.26 5.44 6.85
C LYS M 7 -37.84 6.68 7.51
N GLY M 8 -37.97 7.78 6.76
CA GLY M 8 -38.60 8.96 7.31
C GLY M 8 -40.08 8.77 7.60
N ARG M 9 -40.76 7.99 6.75
CA ARG M 9 -42.18 7.74 6.93
C ARG M 9 -42.48 6.66 7.96
N LEU M 10 -41.45 5.98 8.48
CA LEU M 10 -41.68 4.99 9.52
C LEU M 10 -42.42 5.57 10.71
N THR M 11 -41.93 6.69 11.26
CA THR M 11 -42.45 7.23 12.52
C THR M 11 -42.72 8.72 12.42
N PRO M 12 -43.81 9.12 11.74
CA PRO M 12 -44.30 10.48 11.88
C PRO M 12 -45.29 10.65 13.02
N ILE M 13 -45.39 9.67 13.93
CA ILE M 13 -46.42 9.65 14.96
C ILE M 13 -45.84 9.64 16.36
N THR M 14 -44.56 9.29 16.54
CA THR M 14 -43.98 9.21 17.87
C THR M 14 -43.95 10.56 18.57
N LYS M 15 -43.80 11.64 17.81
CA LYS M 15 -43.87 12.97 18.41
C LYS M 15 -45.22 13.20 19.06
N GLN M 16 -46.30 12.76 18.39
CA GLN M 16 -47.63 12.96 18.94
C GLN M 16 -47.83 12.18 20.24
N GLN M 17 -47.37 10.93 20.28
CA GLN M 17 -47.56 10.14 21.51
C GLN M 17 -46.67 10.66 22.64
N SER M 18 -45.47 11.15 22.30
CA SER M 18 -44.66 11.82 23.31
C SER M 18 -45.38 13.04 23.86
N ALA M 19 -46.00 13.84 22.98
CA ALA M 19 -46.73 15.02 23.43
C ALA M 19 -47.90 14.63 24.31
N ASN M 20 -48.63 13.58 23.96
CA ASN M 20 -49.78 13.17 24.77
C ASN M 20 -49.34 12.65 26.13
N SER M 21 -48.25 11.88 26.18
CA SER M 21 -47.72 11.43 27.47
C SER M 21 -47.27 12.61 28.32
N ALA M 22 -46.60 13.58 27.69
CA ALA M 22 -46.19 14.78 28.41
C ALA M 22 -47.40 15.54 28.95
N LYS M 23 -48.49 15.57 28.17
CA LYS M 23 -49.70 16.25 28.63
C LYS M 23 -50.32 15.52 29.81
N LEU M 24 -50.32 14.18 29.80
CA LEU M 24 -50.84 13.44 30.94
C LEU M 24 -50.00 13.68 32.18
N THR M 25 -48.67 13.69 32.04
CA THR M 25 -47.80 14.02 33.16
C THR M 25 -48.05 15.44 33.65
N ALA M 26 -48.28 16.36 32.72
CA ALA M 26 -48.58 17.74 33.07
C ALA M 26 -49.86 17.82 33.91
N TYR M 27 -50.89 17.08 33.52
CA TYR M 27 -52.13 17.12 34.28
C TYR M 27 -51.97 16.48 35.65
N GLY M 28 -51.15 15.44 35.75
CA GLY M 28 -50.85 14.87 37.06
C GLY M 28 -50.17 15.88 37.96
N THR M 29 -49.17 16.58 37.43
CA THR M 29 -48.48 17.61 38.22
C THR M 29 -49.42 18.73 38.61
N LEU M 30 -50.30 19.13 37.68
CA LEU M 30 -51.28 20.17 37.98
C LEU M 30 -52.19 19.74 39.12
N LYS M 31 -52.69 18.51 39.08
CA LYS M 31 -53.53 18.03 40.17
C LYS M 31 -52.78 18.06 41.48
N SER M 32 -51.52 17.61 41.48
CA SER M 32 -50.75 17.61 42.73
C SER M 32 -50.61 19.01 43.30
N ALA M 33 -50.15 19.96 42.47
CA ALA M 33 -49.91 21.32 42.95
C ALA M 33 -51.21 21.98 43.40
N LEU M 34 -52.29 21.78 42.65
CA LEU M 34 -53.54 22.45 42.99
C LEU M 34 -54.16 21.85 44.25
N GLU M 35 -53.96 20.55 44.48
CA GLU M 35 -54.40 19.97 45.75
C GLU M 35 -53.58 20.49 46.93
N LYS M 36 -52.27 20.68 46.73
CA LYS M 36 -51.47 21.26 47.81
C LYS M 36 -51.93 22.67 48.15
N PHE M 37 -52.22 23.48 47.12
CA PHE M 37 -52.77 24.79 47.38
C PHE M 37 -54.12 24.70 48.08
N GLN M 38 -54.94 23.72 47.71
CA GLN M 38 -56.22 23.54 48.39
C GLN M 38 -56.03 23.25 49.88
N THR M 39 -55.05 22.41 50.23
CA THR M 39 -54.90 22.09 51.64
C THR M 39 -54.38 23.29 52.42
N ALA M 40 -53.49 24.09 51.83
CA ALA M 40 -53.05 25.30 52.53
C ALA M 40 -54.19 26.31 52.65
N ASN M 41 -55.02 26.42 51.61
CA ASN M 41 -56.17 27.31 51.68
C ASN M 41 -57.12 26.91 52.80
N THR M 42 -57.39 25.61 52.94
CA THR M 42 -58.27 25.19 54.03
C THR M 42 -57.60 25.38 55.38
N ALA M 43 -56.27 25.24 55.44
CA ALA M 43 -55.58 25.53 56.70
C ALA M 43 -55.74 26.99 57.10
N LEU M 44 -55.91 27.88 56.13
CA LEU M 44 -56.13 29.29 56.47
C LEU M 44 -57.59 29.63 56.73
N ASN M 45 -58.54 28.82 56.26
CA ASN M 45 -59.94 29.19 56.39
C ASN M 45 -60.49 29.04 57.80
N LYS M 46 -59.65 28.77 58.79
CA LYS M 46 -60.12 28.65 60.16
C LYS M 46 -60.28 30.02 60.80
N ALA M 47 -61.51 30.35 61.19
CA ALA M 47 -61.77 31.66 61.78
C ALA M 47 -61.16 31.82 63.16
N ASP M 48 -60.77 30.73 63.81
CA ASP M 48 -60.21 30.78 65.16
C ASP M 48 -58.73 31.10 65.18
N LEU M 49 -58.20 31.65 64.09
CA LEU M 49 -56.76 32.01 64.04
C LEU M 49 -56.65 33.49 64.37
N PHE M 50 -57.76 34.21 64.20
CA PHE M 50 -57.76 35.67 64.45
C PHE M 50 -58.38 35.94 65.83
N LYS M 51 -58.68 34.87 66.58
CA LYS M 51 -59.07 34.92 68.00
C LYS M 51 -58.15 33.99 68.80
N SER M 52 -56.89 34.40 69.01
CA SER M 52 -55.91 33.56 69.73
C SER M 52 -55.17 34.40 70.77
N THR M 53 -54.91 33.84 71.96
CA THR M 53 -54.30 34.62 73.05
C THR M 53 -53.25 33.76 73.79
N VAL M 54 -52.35 34.39 74.55
CA VAL M 54 -51.32 33.66 75.34
C VAL M 54 -51.46 34.07 76.80
N ALA M 55 -51.52 33.11 77.74
CA ALA M 55 -51.72 33.42 79.14
C ALA M 55 -50.48 33.08 79.93
N SER M 56 -50.25 33.83 81.01
CA SER M 56 -49.11 33.60 81.87
C SER M 56 -49.50 33.85 83.31
N SER M 57 -49.01 33.00 84.21
CA SER M 57 -49.35 33.09 85.62
C SER M 57 -48.12 33.45 86.44
N THR M 58 -48.34 34.11 87.59
CA THR M 58 -47.23 34.50 88.45
C THR M 58 -46.84 33.39 89.42
N THR M 59 -47.67 32.38 89.58
CA THR M 59 -47.41 31.29 90.51
C THR M 59 -47.13 30.01 89.74
N GLU M 60 -46.49 29.06 90.41
CA GLU M 60 -46.32 27.71 89.86
C GLU M 60 -47.30 26.72 90.45
N ASP M 61 -48.09 27.12 91.44
CA ASP M 61 -49.15 26.26 91.96
C ASP M 61 -50.39 26.33 91.09
N LEU M 62 -50.47 27.33 90.22
CA LEU M 62 -51.58 27.48 89.30
C LEU M 62 -51.06 27.42 87.89
N LYS M 63 -51.64 26.54 87.08
CA LYS M 63 -51.23 26.42 85.68
C LYS M 63 -52.35 26.93 84.79
N VAL M 64 -51.99 27.67 83.75
CA VAL M 64 -52.98 28.35 82.92
C VAL M 64 -52.71 28.05 81.46
N SER M 65 -53.77 27.71 80.73
CA SER M 65 -53.71 27.47 79.30
C SER M 65 -54.89 28.18 78.68
N THR M 66 -54.78 28.50 77.39
CA THR M 66 -55.80 29.31 76.75
C THR M 66 -56.29 28.63 75.48
N THR M 67 -57.61 28.55 75.33
CA THR M 67 -58.22 28.06 74.11
C THR M 67 -58.49 29.24 73.18
N ALA M 68 -59.29 29.01 72.14
CA ALA M 68 -59.54 30.04 71.14
C ALA M 68 -60.79 30.83 71.50
N GLY M 69 -60.62 32.14 71.68
CA GLY M 69 -61.74 33.02 71.97
C GLY M 69 -61.65 33.80 73.26
N ALA M 70 -60.52 33.73 73.96
CA ALA M 70 -60.39 34.42 75.23
C ALA M 70 -60.41 35.92 75.02
N ALA M 71 -60.39 36.65 76.14
CA ALA M 71 -60.31 38.12 76.12
C ALA M 71 -59.09 38.54 76.92
N ALA M 72 -58.40 39.57 76.44
CA ALA M 72 -57.21 40.04 77.13
C ALA M 72 -57.57 40.66 78.47
N GLY M 73 -56.65 40.57 79.42
CA GLY M 73 -56.88 41.19 80.69
C GLY M 73 -56.04 40.55 81.78
N THR M 74 -56.36 40.94 83.02
CA THR M 74 -55.69 40.44 84.22
C THR M 74 -56.74 39.91 85.17
N TYR M 75 -56.54 38.69 85.66
CA TYR M 75 -57.47 38.04 86.57
C TYR M 75 -56.76 37.72 87.86
N LYS M 76 -57.45 37.92 88.98
CA LYS M 76 -56.89 37.69 90.31
C LYS M 76 -57.57 36.49 90.93
N ILE M 77 -56.93 35.33 90.83
CA ILE M 77 -57.49 34.08 91.30
C ILE M 77 -57.12 33.86 92.76
N ASN M 78 -58.10 33.50 93.57
CA ASN M 78 -57.88 32.97 94.91
C ASN M 78 -58.50 31.59 94.97
N VAL M 79 -57.69 30.59 95.30
CA VAL M 79 -58.17 29.22 95.45
C VAL M 79 -58.39 28.95 96.93
N THR M 80 -59.58 28.43 97.26
CA THR M 80 -59.97 28.22 98.64
C THR M 80 -59.97 26.75 99.03
N GLN M 81 -60.29 25.86 98.10
CA GLN M 81 -60.43 24.44 98.38
C GLN M 81 -60.03 23.68 97.13
N LEU M 82 -59.74 22.39 97.32
CA LEU M 82 -59.31 21.53 96.22
C LEU M 82 -60.19 20.30 96.18
N ALA M 83 -60.50 19.84 94.97
CA ALA M 83 -61.36 18.68 94.81
C ALA M 83 -60.67 17.43 95.34
N ALA M 84 -61.46 16.53 95.89
CA ALA M 84 -60.97 15.25 96.38
C ALA M 84 -61.88 14.16 95.85
N ALA M 85 -61.55 12.91 96.18
CA ALA M 85 -62.25 11.76 95.64
C ALA M 85 -62.46 10.74 96.73
N GLN M 86 -63.62 10.10 96.74
CA GLN M 86 -63.95 9.19 97.82
C GLN M 86 -63.20 7.88 97.67
N SER M 87 -62.57 7.42 98.75
CA SER M 87 -61.84 6.17 98.77
C SER M 87 -62.43 5.27 99.83
N LEU M 88 -62.81 4.06 99.46
CA LEU M 88 -63.42 3.12 100.38
C LEU M 88 -62.52 1.91 100.55
N ALA M 89 -62.22 1.57 101.79
CA ALA M 89 -61.33 0.47 102.10
C ALA M 89 -62.07 -0.61 102.88
N THR M 90 -61.83 -1.86 102.52
CA THR M 90 -62.41 -2.95 103.29
C THR M 90 -61.83 -2.97 104.69
N LYS M 91 -62.66 -3.30 105.67
CA LYS M 91 -62.18 -3.35 107.05
C LYS M 91 -61.35 -4.60 107.32
N THR M 92 -61.74 -5.72 106.72
CA THR M 92 -61.18 -7.02 107.07
C THR M 92 -59.99 -7.33 106.18
N THR M 93 -58.80 -6.99 106.66
CA THR M 93 -57.58 -7.30 105.92
C THR M 93 -57.44 -8.80 105.75
N PHE M 94 -56.95 -9.20 104.59
CA PHE M 94 -56.88 -10.61 104.20
C PHE M 94 -55.44 -11.11 104.22
N ALA M 95 -55.28 -12.39 103.86
CA ALA M 95 -53.98 -13.04 103.96
C ALA M 95 -53.23 -13.01 102.63
N THR M 96 -53.94 -13.28 101.53
CA THR M 96 -53.30 -13.33 100.22
C THR M 96 -54.23 -12.70 99.18
N THR M 97 -53.63 -12.26 98.09
CA THR M 97 -54.37 -11.72 96.96
C THR M 97 -54.84 -12.81 96.01
N LYS M 98 -54.92 -14.06 96.47
CA LYS M 98 -55.52 -15.13 95.71
C LYS M 98 -56.47 -16.00 96.54
N GLU M 99 -56.50 -15.83 97.85
CA GLU M 99 -57.50 -16.48 98.69
C GLU M 99 -58.89 -15.98 98.30
N GLN M 100 -59.85 -16.90 98.24
CA GLN M 100 -61.18 -16.57 97.78
C GLN M 100 -61.94 -15.73 98.81
N LEU M 101 -62.65 -14.71 98.32
CA LEU M 101 -63.38 -13.77 99.15
C LEU M 101 -64.87 -14.06 99.22
N GLY M 102 -65.51 -14.29 98.08
CA GLY M 102 -66.92 -14.66 98.06
C GLY M 102 -67.11 -16.17 98.13
N ASP M 103 -68.35 -16.58 98.34
CA ASP M 103 -68.62 -18.01 98.48
C ASP M 103 -68.39 -18.75 97.17
N THR M 104 -68.04 -20.02 97.29
CA THR M 104 -67.78 -20.87 96.14
C THR M 104 -69.02 -21.66 95.69
N SER M 105 -70.16 -21.45 96.35
CA SER M 105 -71.39 -22.10 95.92
C SER M 105 -71.95 -21.47 94.65
N VAL M 106 -71.79 -20.17 94.49
CA VAL M 106 -72.38 -19.43 93.37
C VAL M 106 -71.39 -19.38 92.23
N THR M 107 -71.91 -19.44 91.00
CA THR M 107 -71.06 -19.43 89.81
C THR M 107 -71.03 -18.10 89.09
N SER M 108 -71.85 -17.13 89.49
CA SER M 108 -71.84 -15.82 88.87
C SER M 108 -72.51 -14.81 89.79
N ARG M 109 -71.84 -13.68 90.00
CA ARG M 109 -72.33 -12.65 90.89
C ARG M 109 -72.05 -11.29 90.28
N THR M 110 -72.72 -10.27 90.80
CA THR M 110 -72.65 -8.94 90.20
C THR M 110 -72.32 -7.91 91.26
N ILE M 111 -71.43 -6.98 90.90
CA ILE M 111 -71.14 -5.78 91.69
C ILE M 111 -71.86 -4.63 90.99
N LYS M 112 -72.63 -3.87 91.75
CA LYS M 112 -73.48 -2.82 91.22
C LYS M 112 -73.12 -1.52 91.92
N ILE M 113 -72.66 -0.54 91.16
CA ILE M 113 -72.21 0.73 91.71
C ILE M 113 -73.11 1.82 91.17
N GLU M 114 -73.62 2.66 92.07
CA GLU M 114 -74.46 3.78 91.66
C GLU M 114 -73.91 5.07 92.22
N GLN M 115 -73.85 6.10 91.38
CA GLN M 115 -73.36 7.41 91.76
C GLN M 115 -74.37 8.46 91.37
N PRO M 116 -74.44 9.56 92.11
CA PRO M 116 -75.38 10.64 91.74
C PRO M 116 -75.10 11.26 90.40
N GLY M 117 -73.89 11.10 89.87
CA GLY M 117 -73.55 11.65 88.58
C GLY M 117 -73.96 10.77 87.41
N ARG M 118 -73.55 9.50 87.42
CA ARG M 118 -73.91 8.61 86.33
C ARG M 118 -75.38 8.25 86.40
N LYS M 119 -76.01 8.13 85.23
CA LYS M 119 -77.45 7.92 85.17
C LYS M 119 -77.80 6.46 85.38
N GLU M 120 -77.23 5.57 84.59
CA GLU M 120 -77.51 4.14 84.70
C GLU M 120 -76.42 3.45 85.51
N PRO M 121 -76.79 2.58 86.44
CA PRO M 121 -75.80 2.01 87.35
C PRO M 121 -74.80 1.13 86.62
N LEU M 122 -73.65 0.95 87.24
CA LEU M 122 -72.55 0.19 86.65
C LEU M 122 -72.59 -1.24 87.18
N GLU M 123 -72.71 -2.20 86.27
CA GLU M 123 -72.69 -3.62 86.62
C GLU M 123 -71.36 -4.23 86.20
N ILE M 124 -70.75 -4.98 87.11
CA ILE M 124 -69.52 -5.71 86.85
C ILE M 124 -69.76 -7.17 87.23
N LYS M 125 -69.37 -8.08 86.36
CA LYS M 125 -69.73 -9.49 86.49
C LYS M 125 -68.52 -10.32 86.90
N LEU M 126 -68.73 -11.20 87.88
CA LEU M 126 -67.72 -12.15 88.31
C LEU M 126 -68.22 -13.57 88.05
N ASP M 127 -67.50 -14.32 87.23
CA ASP M 127 -67.86 -15.68 86.85
C ASP M 127 -67.45 -16.65 87.96
N LYS M 128 -67.47 -17.94 87.65
CA LYS M 128 -67.22 -18.96 88.67
C LYS M 128 -65.77 -18.91 89.15
N GLY M 129 -65.60 -19.11 90.45
CA GLY M 129 -64.31 -19.33 91.06
C GLY M 129 -63.44 -18.11 91.24
N ASP M 130 -63.63 -17.07 90.43
CA ASP M 130 -62.81 -15.87 90.51
C ASP M 130 -63.43 -14.82 91.41
N THR M 131 -63.40 -15.03 92.72
CA THR M 131 -63.62 -13.96 93.69
C THR M 131 -62.39 -13.69 94.52
N SER M 132 -61.21 -13.86 93.97
CA SER M 132 -60.00 -13.47 94.67
C SER M 132 -59.79 -11.97 94.53
N MET M 133 -58.99 -11.42 95.43
CA MET M 133 -58.79 -9.98 95.45
C MET M 133 -58.24 -9.48 94.13
N GLU M 134 -57.37 -10.27 93.49
CA GLU M 134 -56.85 -9.90 92.19
C GLU M 134 -57.92 -10.02 91.10
N ALA M 135 -58.82 -10.98 91.24
CA ALA M 135 -59.92 -11.10 90.26
C ALA M 135 -60.88 -9.93 90.37
N ILE M 136 -61.25 -9.54 91.60
CA ILE M 136 -62.09 -8.36 91.79
C ILE M 136 -61.39 -7.12 91.25
N ARG M 137 -60.10 -6.97 91.56
CA ARG M 137 -59.40 -5.78 91.09
C ARG M 137 -59.35 -5.73 89.57
N ASP M 138 -59.11 -6.88 88.93
CA ASP M 138 -59.04 -6.87 87.48
C ASP M 138 -60.40 -6.63 86.85
N ALA M 139 -61.47 -7.15 87.44
CA ALA M 139 -62.81 -6.87 86.90
C ALA M 139 -63.13 -5.38 87.00
N ILE M 140 -62.97 -4.81 88.19
CA ILE M 140 -63.34 -3.41 88.38
C ILE M 140 -62.45 -2.50 87.54
N ASN M 141 -61.19 -2.87 87.37
CA ASN M 141 -60.29 -2.03 86.58
C ASN M 141 -60.50 -2.20 85.08
N ASP M 142 -60.99 -3.37 84.63
CA ASP M 142 -61.27 -3.58 83.22
C ASP M 142 -62.57 -2.93 82.78
N ALA M 143 -63.59 -2.90 83.65
CA ALA M 143 -64.82 -2.23 83.28
C ALA M 143 -64.57 -0.78 82.87
N ASP M 144 -63.59 -0.13 83.51
CA ASP M 144 -63.05 1.15 83.05
C ASP M 144 -64.13 2.23 82.96
N SER M 145 -64.85 2.44 84.06
CA SER M 145 -65.93 3.41 84.07
C SER M 145 -65.82 4.41 85.21
N GLY M 146 -64.61 4.71 85.67
CA GLY M 146 -64.45 5.72 86.70
C GLY M 146 -63.89 5.19 88.00
N ILE M 147 -64.34 4.04 88.43
CA ILE M 147 -63.86 3.45 89.67
C ILE M 147 -62.55 2.72 89.41
N ALA M 148 -61.65 2.72 90.39
CA ALA M 148 -60.31 2.19 90.20
C ALA M 148 -59.89 1.46 91.47
N ALA M 149 -59.96 0.13 91.45
CA ALA M 149 -59.60 -0.67 92.61
C ALA M 149 -58.09 -0.83 92.72
N SER M 150 -57.58 -0.72 93.95
CA SER M 150 -56.17 -0.87 94.26
C SER M 150 -56.01 -1.99 95.27
N ILE M 151 -54.77 -2.30 95.63
CA ILE M 151 -54.49 -3.17 96.77
C ILE M 151 -53.36 -2.54 97.57
N VAL M 152 -53.43 -2.70 98.88
CA VAL M 152 -52.45 -2.15 99.81
C VAL M 152 -51.95 -3.28 100.68
N LYS M 153 -50.64 -3.39 100.84
CA LYS M 153 -50.05 -4.36 101.74
C LYS M 153 -49.72 -3.63 103.03
N VAL M 154 -50.64 -3.70 104.00
CA VAL M 154 -50.41 -3.01 105.28
C VAL M 154 -49.14 -3.53 105.93
N LYS M 155 -49.00 -4.85 105.97
CA LYS M 155 -47.74 -5.50 106.32
C LYS M 155 -47.83 -6.93 105.83
N GLU M 156 -46.79 -7.71 106.10
CA GLU M 156 -46.73 -9.08 105.62
C GLU M 156 -47.95 -9.85 106.08
N ASN M 157 -48.71 -10.37 105.12
CA ASN M 157 -49.93 -11.13 105.36
C ASN M 157 -51.08 -10.25 105.84
N GLU M 158 -51.18 -9.01 105.38
CA GLU M 158 -52.36 -8.17 105.60
C GLU M 158 -52.55 -7.28 104.38
N PHE M 159 -53.44 -7.67 103.49
CA PHE M 159 -53.78 -6.87 102.31
C PHE M 159 -55.16 -6.24 102.47
N GLN M 160 -55.33 -5.05 101.89
CA GLN M 160 -56.62 -4.39 101.87
C GLN M 160 -57.03 -4.05 100.44
N LEU M 161 -58.34 -3.97 100.23
CA LEU M 161 -58.90 -3.58 98.95
C LEU M 161 -59.44 -2.17 99.06
N VAL M 162 -59.03 -1.30 98.15
CA VAL M 162 -59.34 0.11 98.15
C VAL M 162 -59.99 0.46 96.82
N LEU M 163 -61.20 1.01 96.85
CA LEU M 163 -61.90 1.45 95.65
C LEU M 163 -62.00 2.96 95.67
N THR M 164 -61.49 3.61 94.64
CA THR M 164 -61.44 5.07 94.57
C THR M 164 -62.25 5.54 93.38
N ALA M 165 -63.00 6.62 93.55
CA ALA M 165 -63.77 7.18 92.46
C ALA M 165 -63.09 8.45 91.97
N ASN M 166 -63.73 9.14 91.04
CA ASN M 166 -63.21 10.38 90.51
C ASN M 166 -63.48 11.51 91.49
N SER M 167 -63.08 12.73 91.14
CA SER M 167 -63.21 13.88 92.02
C SER M 167 -64.63 14.40 92.03
N GLY M 168 -64.96 15.16 93.08
CA GLY M 168 -66.25 15.80 93.18
C GLY M 168 -67.20 15.05 94.11
N THR M 169 -68.29 15.73 94.47
CA THR M 169 -69.31 15.17 95.34
C THR M 169 -70.46 14.54 94.58
N ASP M 170 -70.42 14.56 93.25
CA ASP M 170 -71.39 13.84 92.44
C ASP M 170 -70.90 12.46 92.08
N ASN M 171 -69.78 12.03 92.67
CA ASN M 171 -69.17 10.74 92.38
C ASN M 171 -69.04 9.86 93.61
N THR M 172 -69.73 10.20 94.70
CA THR M 172 -69.80 9.31 95.84
C THR M 172 -70.51 8.03 95.44
N MET M 173 -70.07 6.92 95.99
CA MET M 173 -70.49 5.61 95.53
C MET M 173 -71.52 4.99 96.47
N LYS M 174 -72.41 4.19 95.90
CA LYS M 174 -73.30 3.29 96.63
C LYS M 174 -73.15 1.92 95.99
N ILE M 175 -72.55 1.00 96.70
CA ILE M 175 -72.15 -0.29 96.17
C ILE M 175 -73.09 -1.36 96.70
N THR M 176 -73.28 -2.41 95.90
CA THR M 176 -74.08 -3.55 96.32
C THR M 176 -73.60 -4.77 95.56
N VAL M 177 -73.72 -5.94 96.18
CA VAL M 177 -73.31 -7.19 95.56
C VAL M 177 -74.51 -8.13 95.54
N GLU M 178 -74.92 -8.53 94.35
CA GLU M 178 -76.11 -9.35 94.16
C GLU M 178 -75.71 -10.71 93.61
N GLY M 179 -76.23 -11.77 94.22
CA GLY M 179 -75.87 -13.13 93.88
C GLY M 179 -74.90 -13.78 94.84
N ASP M 180 -74.25 -13.00 95.70
CA ASP M 180 -73.32 -13.52 96.69
C ASP M 180 -73.64 -12.88 98.03
N THR M 181 -73.27 -13.57 99.11
CA THR M 181 -73.59 -13.11 100.45
C THR M 181 -72.37 -12.75 101.27
N LYS M 182 -71.34 -13.59 101.26
CA LYS M 182 -70.09 -13.21 101.92
C LYS M 182 -69.50 -11.97 101.28
N LEU M 183 -69.47 -11.94 99.95
CA LEU M 183 -68.90 -10.81 99.25
C LEU M 183 -69.68 -9.54 99.55
N ASN M 184 -71.02 -9.64 99.57
CA ASN M 184 -71.82 -8.48 99.95
C ASN M 184 -71.53 -8.04 101.38
N ASP M 185 -71.25 -8.99 102.27
CA ASP M 185 -70.80 -8.61 103.60
C ASP M 185 -69.47 -7.87 103.53
N LEU M 186 -68.70 -8.10 102.48
CA LEU M 186 -67.41 -7.43 102.31
C LEU M 186 -67.52 -6.11 101.55
N LEU M 187 -68.30 -6.08 100.47
CA LEU M 187 -68.43 -4.92 99.58
C LEU M 187 -69.86 -4.41 99.64
N ALA M 188 -70.14 -3.48 100.54
CA ALA M 188 -71.47 -2.86 100.57
C ALA M 188 -71.37 -1.55 101.31
N TYR M 189 -71.63 -0.46 100.62
CA TYR M 189 -71.58 0.87 101.21
C TYR M 189 -72.78 1.66 100.72
N ASP M 190 -73.21 2.63 101.52
CA ASP M 190 -74.28 3.53 101.13
C ASP M 190 -73.89 4.93 101.59
N SER M 191 -73.59 5.82 100.64
CA SER M 191 -73.05 7.12 100.97
C SER M 191 -74.13 8.14 101.29
N THR M 192 -75.38 7.89 100.91
CA THR M 192 -76.46 8.78 101.32
C THR M 192 -76.65 8.74 102.83
N THR M 193 -76.58 7.55 103.43
CA THR M 193 -76.70 7.38 104.87
C THR M 193 -75.35 7.24 105.58
N ASN M 194 -74.25 7.17 104.83
CA ASN M 194 -72.90 7.03 105.39
C ASN M 194 -72.77 5.79 106.27
N THR M 195 -73.36 4.68 105.84
CA THR M 195 -73.24 3.41 106.55
C THR M 195 -72.95 2.32 105.54
N GLY M 196 -72.12 1.36 105.94
CA GLY M 196 -71.83 0.24 105.07
C GLY M 196 -70.86 -0.71 105.74
N ASN M 197 -70.33 -1.62 104.95
CA ASN M 197 -69.33 -2.57 105.41
C ASN M 197 -67.90 -2.12 105.13
N MET M 198 -67.73 -0.94 104.54
CA MET M 198 -66.43 -0.44 104.10
C MET M 198 -66.17 0.92 104.72
N GLN M 199 -64.97 1.11 105.25
CA GLN M 199 -64.66 2.40 105.83
C GLN M 199 -64.27 3.40 104.74
N GLU M 200 -64.29 4.68 105.10
CA GLU M 200 -64.07 5.77 104.15
C GLU M 200 -62.78 6.49 104.51
N LEU M 201 -61.74 6.25 103.72
CA LEU M 201 -60.45 6.88 104.00
C LEU M 201 -60.43 8.35 103.60
N VAL M 202 -60.99 8.71 102.46
CA VAL M 202 -60.96 10.06 101.94
C VAL M 202 -62.40 10.51 101.71
N LYS M 203 -62.62 11.82 101.78
CA LYS M 203 -63.95 12.40 101.67
C LYS M 203 -64.03 13.27 100.44
N ALA M 204 -65.16 13.19 99.73
CA ALA M 204 -65.30 13.90 98.46
C ALA M 204 -65.48 15.38 98.68
N GLU M 205 -64.92 16.19 97.77
CA GLU M 205 -65.04 17.63 97.87
C GLU M 205 -65.10 18.22 96.47
N ASN M 206 -65.53 19.47 96.40
CA ASN M 206 -65.56 20.23 95.16
C ASN M 206 -64.52 21.34 95.23
N ALA M 207 -64.13 21.84 94.08
CA ALA M 207 -63.15 22.93 94.03
C ALA M 207 -63.87 24.24 94.14
N LYS M 208 -63.45 25.07 95.09
CA LYS M 208 -64.00 26.41 95.25
C LYS M 208 -62.90 27.43 94.98
N LEU M 209 -63.18 28.38 94.11
CA LEU M 209 -62.21 29.43 93.85
C LEU M 209 -62.95 30.73 93.57
N ASN M 210 -62.19 31.79 93.35
CA ASN M 210 -62.72 33.14 93.28
C ASN M 210 -61.93 33.92 92.24
N VAL M 211 -62.58 34.30 91.15
CA VAL M 211 -61.94 34.98 90.02
C VAL M 211 -62.56 36.36 89.87
N ASN M 212 -61.74 37.41 90.03
CA ASN M 212 -62.21 38.80 90.04
C ASN M 212 -63.52 38.96 90.81
N GLY M 213 -63.59 38.41 92.01
CA GLY M 213 -64.75 38.61 92.84
C GLY M 213 -65.96 37.77 92.51
N ILE M 214 -65.88 36.88 91.53
CA ILE M 214 -66.94 35.92 91.25
C ILE M 214 -66.56 34.58 91.84
N ASP M 215 -67.47 33.99 92.61
CA ASP M 215 -67.20 32.75 93.31
C ASP M 215 -67.62 31.57 92.46
N ILE M 216 -66.63 30.76 92.05
CA ILE M 216 -66.83 29.62 91.15
C ILE M 216 -66.69 28.35 91.98
N GLU M 217 -67.46 27.33 91.62
CA GLU M 217 -67.34 26.03 92.27
C GLU M 217 -67.50 24.92 91.24
N ARG M 218 -66.45 24.14 91.06
CA ARG M 218 -66.36 23.08 90.07
C ARG M 218 -66.20 21.74 90.77
N GLN M 219 -66.12 20.67 89.97
CA GLN M 219 -66.01 19.32 90.48
C GLN M 219 -64.61 18.75 90.40
N SER M 220 -63.77 19.22 89.49
CA SER M 220 -62.41 18.76 89.40
C SER M 220 -61.46 19.93 89.57
N ASN M 221 -60.18 19.66 89.41
CA ASN M 221 -59.16 20.70 89.52
C ASN M 221 -58.79 21.29 88.18
N THR M 222 -59.49 20.94 87.11
CA THR M 222 -59.29 21.53 85.80
C THR M 222 -60.50 22.41 85.53
N VAL M 223 -60.42 23.66 85.95
CA VAL M 223 -61.51 24.63 85.78
C VAL M 223 -61.43 25.19 84.38
N THR M 224 -62.52 25.07 83.62
CA THR M 224 -62.51 25.42 82.21
C THR M 224 -63.22 26.74 81.91
N ASP M 225 -64.47 26.90 82.31
CA ASP M 225 -65.27 28.04 81.90
C ASP M 225 -65.29 29.14 82.94
N ALA M 226 -64.18 29.36 83.64
CA ALA M 226 -64.17 30.45 84.62
C ALA M 226 -64.38 31.78 83.93
N PRO M 227 -63.43 32.34 83.14
CA PRO M 227 -63.86 33.26 82.08
C PRO M 227 -64.00 32.64 80.69
N GLN M 228 -64.64 31.48 80.57
CA GLN M 228 -65.13 30.88 79.32
C GLN M 228 -64.05 30.69 78.27
N GLY M 229 -62.81 31.07 78.52
CA GLY M 229 -61.80 30.88 77.51
C GLY M 229 -60.45 30.45 78.03
N ILE M 230 -60.36 30.27 79.35
CA ILE M 230 -59.09 29.99 80.03
C ILE M 230 -59.26 28.73 80.86
N THR M 231 -58.32 27.80 80.69
CA THR M 231 -58.30 26.54 81.43
C THR M 231 -57.30 26.65 82.56
N LEU M 232 -57.76 26.45 83.79
CA LEU M 232 -56.92 26.56 84.97
C LEU M 232 -56.76 25.18 85.58
N THR M 233 -55.55 24.84 85.95
CA THR M 233 -55.25 23.59 86.64
C THR M 233 -54.71 23.94 88.01
N LEU M 234 -55.46 23.58 89.04
CA LEU M 234 -55.15 23.94 90.42
C LEU M 234 -54.34 22.84 91.09
N THR M 235 -53.33 23.23 91.84
CA THR M 235 -52.48 22.28 92.54
C THR M 235 -52.47 22.48 94.05
N LYS M 236 -52.39 23.72 94.51
CA LYS M 236 -52.44 24.04 95.92
C LYS M 236 -53.32 25.27 96.10
N LYS M 237 -53.55 25.64 97.36
CA LYS M 237 -54.35 26.81 97.68
C LYS M 237 -53.49 28.05 97.55
N VAL M 238 -53.62 28.75 96.42
CA VAL M 238 -52.88 29.99 96.19
C VAL M 238 -53.63 31.14 96.84
N THR M 239 -52.98 32.30 96.94
CA THR M 239 -53.59 33.51 97.48
C THR M 239 -53.17 34.68 96.62
N ASP M 240 -54.14 35.37 96.05
CA ASP M 240 -53.89 36.49 95.13
C ASP M 240 -52.93 36.10 94.03
N ALA M 241 -53.19 34.97 93.39
CA ALA M 241 -52.47 34.66 92.17
C ALA M 241 -53.00 35.55 91.05
N THR M 242 -52.16 35.78 90.05
CA THR M 242 -52.52 36.64 88.94
C THR M 242 -52.32 35.88 87.64
N VAL M 243 -53.23 36.09 86.69
CA VAL M 243 -53.14 35.49 85.37
C VAL M 243 -53.31 36.60 84.36
N THR M 244 -52.43 36.66 83.38
CA THR M 244 -52.43 37.74 82.39
C THR M 244 -52.61 37.13 81.01
N VAL M 245 -53.68 37.54 80.32
CA VAL M 245 -54.00 37.05 78.99
C VAL M 245 -53.75 38.17 78.01
N THR M 246 -52.84 37.94 77.06
CA THR M 246 -52.42 38.94 76.09
C THR M 246 -52.67 38.42 74.68
N LYS M 247 -53.13 39.31 73.80
CA LYS M 247 -53.45 38.91 72.44
C LYS M 247 -52.20 38.41 71.72
N ASP M 248 -52.40 37.44 70.83
CA ASP M 248 -51.32 36.83 70.08
C ASP M 248 -51.70 36.76 68.61
N ASP M 249 -50.70 36.81 67.73
CA ASP M 249 -50.95 36.81 66.30
C ASP M 249 -50.03 35.88 65.51
N THR M 250 -49.04 35.26 66.16
CA THR M 250 -48.06 34.45 65.42
C THR M 250 -48.73 33.33 64.65
N LYS M 251 -49.83 32.78 65.19
CA LYS M 251 -50.53 31.71 64.48
C LYS M 251 -51.09 32.20 63.15
N ALA M 252 -51.71 33.38 63.15
CA ALA M 252 -52.24 33.92 61.90
C ALA M 252 -51.12 34.27 60.93
N LYS M 253 -49.99 34.76 61.43
CA LYS M 253 -48.87 35.05 60.54
C LYS M 253 -48.31 33.79 59.90
N GLU M 254 -48.18 32.72 60.67
CA GLU M 254 -47.71 31.46 60.09
C GLU M 254 -48.69 30.94 59.06
N ALA M 255 -49.99 31.00 59.36
CA ALA M 255 -50.98 30.54 58.39
C ALA M 255 -50.92 31.35 57.10
N ILE M 256 -50.84 32.68 57.21
CA ILE M 256 -50.78 33.53 56.03
C ILE M 256 -49.51 33.28 55.23
N LYS M 257 -48.39 33.15 55.93
CA LYS M 257 -47.11 32.91 55.25
C LYS M 257 -47.15 31.61 54.47
N SER M 258 -47.64 30.54 55.09
CA SER M 258 -47.72 29.28 54.36
C SER M 258 -48.72 29.35 53.22
N TRP M 259 -49.76 30.17 53.35
CA TRP M 259 -50.69 30.34 52.24
C TRP M 259 -49.99 30.96 51.03
N VAL M 260 -49.26 32.06 51.25
CA VAL M 260 -48.62 32.70 50.12
C VAL M 260 -47.52 31.82 49.55
N ASP M 261 -46.82 31.05 50.39
CA ASP M 261 -45.81 30.14 49.87
C ASP M 261 -46.43 29.04 49.01
N ALA M 262 -47.57 28.49 49.44
CA ALA M 262 -48.25 27.51 48.60
C ALA M 262 -48.65 28.12 47.27
N TYR M 263 -49.16 29.35 47.30
CA TYR M 263 -49.56 29.98 46.04
C TYR M 263 -48.35 30.27 45.15
N ASN M 264 -47.22 30.63 45.76
CA ASN M 264 -46.01 30.86 44.97
C ASN M 264 -45.55 29.58 44.29
N SER M 265 -45.61 28.45 45.00
CA SER M 265 -45.28 27.19 44.36
C SER M 265 -46.28 26.86 43.25
N LEU M 266 -47.56 27.18 43.45
CA LEU M 266 -48.54 26.93 42.40
C LEU M 266 -48.28 27.77 41.16
N VAL M 267 -47.92 29.04 41.33
CA VAL M 267 -47.67 29.88 40.16
C VAL M 267 -46.36 29.47 39.49
N ASP M 268 -45.40 28.96 40.27
CA ASP M 268 -44.22 28.36 39.64
C ASP M 268 -44.59 27.14 38.80
N THR M 269 -45.50 26.31 39.29
CA THR M 269 -45.95 25.17 38.49
C THR M 269 -46.63 25.64 37.21
N PHE M 270 -47.46 26.68 37.30
CA PHE M 270 -48.05 27.25 36.08
C PHE M 270 -46.97 27.72 35.12
N SER M 271 -45.94 28.41 35.63
CA SER M 271 -44.94 28.98 34.73
C SER M 271 -44.09 27.88 34.09
N SER M 272 -43.71 26.86 34.86
CA SER M 272 -42.90 25.78 34.33
C SER M 272 -43.68 24.91 33.36
N LEU M 273 -44.99 24.75 33.61
CA LEU M 273 -45.79 23.87 32.76
C LEU M 273 -46.21 24.55 31.47
N THR M 274 -45.95 25.85 31.31
CA THR M 274 -46.21 26.56 30.08
C THR M 274 -44.94 27.14 29.47
N LYS M 275 -43.78 26.69 29.94
CA LYS M 275 -42.52 27.29 29.52
C LYS M 275 -42.25 27.08 28.05
N TYR M 276 -41.68 28.10 27.41
CA TYR M 276 -41.18 28.03 26.05
C TYR M 276 -39.77 28.59 26.02
N THR M 277 -38.95 28.06 25.12
CA THR M 277 -37.61 28.57 24.86
C THR M 277 -37.63 29.29 23.52
N ALA M 278 -37.51 30.62 23.56
CA ALA M 278 -37.48 31.39 22.33
C ALA M 278 -36.24 31.03 21.50
N VAL M 279 -36.45 30.82 20.21
CA VAL M 279 -35.39 30.36 19.32
C VAL M 279 -35.38 31.26 18.07
N GLU M 280 -34.22 31.35 17.44
CA GLU M 280 -34.07 32.13 16.23
C GLU M 280 -34.85 31.47 15.08
N PRO M 281 -35.24 32.25 14.08
CA PRO M 281 -35.97 31.66 12.94
C PRO M 281 -35.20 30.58 12.21
N GLY M 282 -33.87 30.60 12.28
CA GLY M 282 -33.10 29.57 11.59
C GLY M 282 -33.28 28.20 12.21
N GLU M 283 -33.35 28.13 13.53
CA GLU M 283 -33.39 26.87 14.25
C GLU M 283 -34.82 26.51 14.63
N GLU M 284 -35.04 25.21 14.86
CA GLU M 284 -36.35 24.72 15.25
C GLU M 284 -36.64 25.06 16.70
N ALA M 285 -37.92 24.93 17.07
CA ALA M 285 -38.33 25.17 18.44
C ALA M 285 -37.73 24.13 19.38
N SER M 286 -37.32 24.57 20.57
CA SER M 286 -36.70 23.67 21.52
C SER M 286 -37.69 22.59 21.96
N ASP M 287 -37.18 21.36 22.09
CA ASP M 287 -38.03 20.24 22.47
C ASP M 287 -38.59 20.41 23.87
N LYS M 288 -37.76 20.89 24.81
CA LYS M 288 -38.18 21.04 26.20
C LYS M 288 -39.12 22.23 26.30
N ASN M 289 -40.42 21.97 26.21
CA ASN M 289 -41.45 22.98 26.28
C ASN M 289 -42.57 22.51 27.21
N GLY M 290 -43.42 23.44 27.63
CA GLY M 290 -44.60 23.08 28.38
C GLY M 290 -45.61 22.30 27.55
N ALA M 291 -46.01 21.13 28.04
CA ALA M 291 -46.98 20.33 27.30
C ALA M 291 -48.34 21.02 27.23
N LEU M 292 -48.55 22.04 28.07
CA LEU M 292 -49.78 22.82 28.06
C LEU M 292 -49.60 24.18 27.40
N LEU M 293 -48.53 24.35 26.61
CA LEU M 293 -48.28 25.63 25.98
C LEU M 293 -49.34 25.91 24.93
N GLY M 294 -49.96 27.09 25.01
CA GLY M 294 -51.06 27.42 24.14
C GLY M 294 -52.40 26.86 24.59
N ASP M 295 -52.46 26.19 25.73
CA ASP M 295 -53.69 25.62 26.25
C ASP M 295 -54.36 26.60 27.20
N SER M 296 -55.69 26.64 27.17
CA SER M 296 -56.46 27.63 27.93
C SER M 296 -56.77 27.19 29.36
N VAL M 297 -56.41 25.97 29.75
CA VAL M 297 -56.72 25.51 31.10
C VAL M 297 -55.97 26.35 32.13
N VAL M 298 -54.66 26.52 31.95
CA VAL M 298 -53.87 27.30 32.89
C VAL M 298 -54.36 28.74 32.91
N ARG M 299 -54.71 29.27 31.74
CA ARG M 299 -55.26 30.61 31.66
C ARG M 299 -56.52 30.74 32.52
N THR M 300 -57.46 29.81 32.36
CA THR M 300 -58.70 29.88 33.11
C THR M 300 -58.45 29.74 34.61
N ILE M 301 -57.58 28.81 35.00
CA ILE M 301 -57.33 28.58 36.41
C ILE M 301 -56.74 29.84 37.05
N GLN M 302 -55.69 30.39 36.44
CA GLN M 302 -55.05 31.57 37.02
C GLN M 302 -56.01 32.74 37.05
N THR M 303 -56.80 32.93 35.99
CA THR M 303 -57.72 34.05 35.96
C THR M 303 -58.77 33.94 37.06
N GLY M 304 -59.35 32.75 37.24
CA GLY M 304 -60.36 32.61 38.29
C GLY M 304 -59.80 32.79 39.68
N ILE M 305 -58.67 32.13 39.97
CA ILE M 305 -58.07 32.24 41.30
C ILE M 305 -57.75 33.69 41.61
N ARG M 306 -57.12 34.41 40.66
CA ARG M 306 -56.74 35.78 40.96
C ARG M 306 -57.89 36.76 40.87
N ALA M 307 -58.98 36.40 40.18
CA ALA M 307 -60.14 37.27 40.18
C ALA M 307 -60.93 37.13 41.47
N GLN M 308 -60.71 36.04 42.21
CA GLN M 308 -61.34 35.95 43.53
C GLN M 308 -60.67 36.82 44.59
N PHE M 309 -59.51 37.42 44.30
CA PHE M 309 -58.85 38.27 45.29
C PHE M 309 -59.60 39.57 45.54
N ALA M 310 -60.55 39.93 44.69
CA ALA M 310 -61.31 41.17 44.85
C ALA M 310 -62.75 40.77 45.13
N ASN M 311 -63.04 40.50 46.40
CA ASN M 311 -64.35 40.04 46.85
C ASN M 311 -65.31 41.22 46.88
N SER M 312 -66.59 40.94 46.69
CA SER M 312 -67.63 41.90 46.97
C SER M 312 -68.49 41.50 48.17
N GLY M 313 -68.52 40.21 48.51
CA GLY M 313 -69.42 39.74 49.55
C GLY M 313 -69.07 40.25 50.94
N SER M 314 -67.80 40.26 51.28
CA SER M 314 -67.41 40.62 52.63
C SER M 314 -67.68 42.10 52.89
N ASN M 315 -68.24 42.39 54.06
CA ASN M 315 -68.61 43.75 54.42
C ASN M 315 -67.59 44.43 55.32
N SER M 316 -66.34 43.98 55.27
CA SER M 316 -65.29 44.59 56.07
C SER M 316 -64.94 45.97 55.53
N ALA M 317 -64.13 46.69 56.31
CA ALA M 317 -63.62 47.97 55.86
C ALA M 317 -62.72 47.81 54.64
N PHE M 318 -61.89 46.77 54.64
CA PHE M 318 -60.99 46.54 53.54
C PHE M 318 -61.75 46.14 52.29
N LYS M 319 -61.10 46.24 51.13
CA LYS M 319 -61.68 45.78 49.88
C LYS M 319 -60.72 44.98 49.01
N THR M 320 -59.49 44.79 49.43
CA THR M 320 -58.53 43.98 48.69
C THR M 320 -57.44 43.53 49.64
N MET M 321 -56.80 42.41 49.31
CA MET M 321 -55.81 41.86 50.21
C MET M 321 -54.47 42.56 50.10
N ALA M 322 -54.36 43.61 49.30
CA ALA M 322 -53.19 44.47 49.36
C ALA M 322 -53.28 45.46 50.52
N GLU M 323 -54.47 45.64 51.08
CA GLU M 323 -54.63 46.48 52.26
C GLU M 323 -53.86 45.91 53.43
N ILE M 324 -53.94 44.60 53.63
CA ILE M 324 -53.21 43.95 54.71
C ILE M 324 -51.72 44.04 54.48
N GLY M 325 -51.28 43.99 53.22
CA GLY M 325 -49.88 44.01 52.91
C GLY M 325 -49.43 42.80 52.13
N ILE M 326 -50.34 42.19 51.39
CA ILE M 326 -50.03 41.07 50.50
C ILE M 326 -50.26 41.55 49.08
N THR M 327 -49.19 41.61 48.29
CA THR M 327 -49.21 42.24 46.98
C THR M 327 -48.58 41.34 45.94
N GLN M 328 -49.06 41.45 44.71
CA GLN M 328 -48.46 40.72 43.60
C GLN M 328 -47.23 41.46 43.08
N ASP M 329 -46.31 40.71 42.49
CA ASP M 329 -45.22 41.30 41.74
C ASP M 329 -45.68 41.66 40.33
N GLY M 330 -45.12 42.76 39.81
CA GLY M 330 -45.63 43.26 38.54
C GLY M 330 -45.45 42.29 37.39
N THR M 331 -44.26 41.74 37.25
CA THR M 331 -43.97 40.87 36.11
C THR M 331 -44.72 39.55 36.21
N SER M 332 -44.42 38.76 37.25
CA SER M 332 -45.11 37.51 37.50
C SER M 332 -46.05 37.72 38.69
N GLY M 333 -47.25 37.16 38.58
CA GLY M 333 -48.23 37.33 39.63
C GLY M 333 -47.89 36.56 40.89
N LYS M 334 -46.71 36.79 41.42
CA LYS M 334 -46.26 36.15 42.65
C LYS M 334 -46.70 37.00 43.83
N LEU M 335 -47.06 36.35 44.92
CA LEU M 335 -47.53 37.06 46.11
C LEU M 335 -46.37 37.27 47.08
N LYS M 336 -46.32 38.46 47.65
CA LYS M 336 -45.31 38.81 48.64
C LYS M 336 -45.95 39.61 49.75
N ILE M 337 -45.58 39.30 50.99
CA ILE M 337 -46.11 39.95 52.17
C ILE M 337 -44.99 40.75 52.82
N ASP M 338 -45.37 41.82 53.52
CA ASP M 338 -44.42 42.70 54.19
C ASP M 338 -44.67 42.69 55.69
N ASP M 339 -43.60 42.67 56.47
CA ASP M 339 -43.73 42.58 57.91
C ASP M 339 -44.45 43.78 58.50
N ASP M 340 -44.12 44.99 58.02
CA ASP M 340 -44.61 46.20 58.65
C ASP M 340 -46.13 46.31 58.55
N LYS M 341 -46.66 46.34 57.31
CA LYS M 341 -48.09 46.57 57.13
C LYS M 341 -48.91 45.41 57.69
N LEU M 342 -48.47 44.16 57.43
CA LEU M 342 -49.20 43.00 57.93
C LEU M 342 -49.23 42.98 59.45
N THR M 343 -48.07 43.14 60.09
CA THR M 343 -48.03 43.12 61.54
C THR M 343 -48.87 44.26 62.12
N LYS M 344 -48.80 45.44 61.52
CA LYS M 344 -49.60 46.56 62.01
C LYS M 344 -51.09 46.26 61.93
N VAL M 345 -51.53 45.67 60.81
CA VAL M 345 -52.96 45.41 60.67
C VAL M 345 -53.40 44.30 61.62
N LEU M 346 -52.58 43.27 61.79
CA LEU M 346 -52.96 42.18 62.68
C LEU M 346 -53.02 42.65 64.14
N LYS M 347 -52.09 43.50 64.55
CA LYS M 347 -52.10 43.98 65.93
C LYS M 347 -53.22 45.00 66.16
N ASP M 348 -53.37 45.96 65.25
CA ASP M 348 -54.29 47.05 65.50
C ASP M 348 -55.73 46.69 65.12
N ASN M 349 -55.96 46.39 63.85
CA ASN M 349 -57.32 46.17 63.32
C ASN M 349 -57.37 44.76 62.73
N THR M 350 -57.70 43.79 63.58
CA THR M 350 -57.73 42.38 63.18
C THR M 350 -59.12 41.88 62.81
N ALA M 351 -60.17 42.55 63.27
CA ALA M 351 -61.52 42.11 62.92
C ALA M 351 -61.78 42.27 61.43
N ALA M 352 -61.29 43.36 60.84
CA ALA M 352 -61.50 43.56 59.40
C ALA M 352 -60.66 42.59 58.59
N ALA M 353 -59.44 42.29 59.05
CA ALA M 353 -58.64 41.27 58.39
C ALA M 353 -59.33 39.92 58.41
N ARG M 354 -59.93 39.56 59.55
CA ARG M 354 -60.66 38.30 59.62
C ARG M 354 -61.87 38.31 58.72
N GLU M 355 -62.65 39.39 58.72
CA GLU M 355 -63.84 39.41 57.89
C GLU M 355 -63.49 39.47 56.41
N LEU M 356 -62.28 39.90 56.06
CA LEU M 356 -61.87 39.88 54.65
C LEU M 356 -61.33 38.52 54.24
N LEU M 357 -60.24 38.08 54.87
CA LEU M 357 -59.66 36.78 54.57
C LEU M 357 -60.65 35.66 54.81
N VAL M 358 -61.02 35.44 56.08
CA VAL M 358 -61.81 34.28 56.43
C VAL M 358 -63.27 34.45 56.02
N GLY M 359 -63.81 35.64 56.18
CA GLY M 359 -65.16 35.85 55.75
C GLY M 359 -66.16 35.13 56.64
N ASP M 360 -67.39 35.10 56.17
CA ASP M 360 -68.47 34.41 56.90
C ASP M 360 -68.18 32.92 57.07
N GLY M 361 -67.32 32.35 56.24
CA GLY M 361 -67.01 30.95 56.29
C GLY M 361 -67.84 30.08 55.39
N LYS M 362 -68.92 30.61 54.83
CA LYS M 362 -69.81 29.84 53.98
C LYS M 362 -69.87 30.36 52.54
N GLU M 363 -70.12 31.65 52.36
CA GLU M 363 -70.32 32.19 51.02
C GLU M 363 -69.65 33.55 50.78
N THR M 364 -68.88 34.07 51.73
CA THR M 364 -68.18 35.33 51.55
C THR M 364 -66.75 35.20 52.06
N GLY M 365 -65.93 36.14 51.67
CA GLY M 365 -64.53 36.14 52.04
C GLY M 365 -63.65 35.66 50.92
N ILE M 366 -62.42 36.17 50.88
CA ILE M 366 -61.46 35.75 49.86
C ILE M 366 -61.23 34.26 49.95
N THR M 367 -60.93 33.78 51.16
CA THR M 367 -60.51 32.39 51.31
C THR M 367 -61.65 31.44 50.99
N THR M 368 -62.88 31.80 51.37
CA THR M 368 -64.02 30.94 51.07
C THR M 368 -64.29 30.84 49.58
N LYS M 369 -64.27 31.98 48.88
CA LYS M 369 -64.52 31.97 47.45
C LYS M 369 -63.45 31.19 46.70
N ILE M 370 -62.18 31.42 47.05
CA ILE M 370 -61.10 30.64 46.46
C ILE M 370 -61.29 29.16 46.75
N ALA M 371 -61.74 28.82 47.96
CA ALA M 371 -61.91 27.42 48.31
C ALA M 371 -62.97 26.76 47.44
N THR M 372 -64.12 27.41 47.27
CA THR M 372 -65.16 26.80 46.45
C THR M 372 -64.73 26.71 44.98
N GLU M 373 -64.05 27.74 44.46
CA GLU M 373 -63.60 27.66 43.07
C GLU M 373 -62.60 26.54 42.87
N VAL M 374 -61.53 26.52 43.67
CA VAL M 374 -60.52 25.49 43.49
C VAL M 374 -61.10 24.10 43.76
N LYS M 375 -62.16 24.01 44.58
CA LYS M 375 -62.87 22.75 44.71
C LYS M 375 -63.55 22.37 43.40
N SER M 376 -64.16 23.35 42.72
CA SER M 376 -64.80 23.07 41.44
C SER M 376 -63.78 22.62 40.40
N TYR M 377 -62.65 23.31 40.32
CA TYR M 377 -61.66 22.98 39.29
C TYR M 377 -60.90 21.70 39.62
N LEU M 378 -61.01 21.21 40.85
CA LEU M 378 -60.39 19.94 41.20
C LEU M 378 -61.39 18.79 41.23
N ALA M 379 -62.63 19.03 40.82
CA ALA M 379 -63.64 17.98 40.82
C ALA M 379 -63.38 16.98 39.70
N ASP M 380 -64.11 15.86 39.77
CA ASP M 380 -63.99 14.83 38.74
C ASP M 380 -64.61 15.23 37.41
N ASP M 381 -65.43 16.29 37.40
CA ASP M 381 -66.09 16.76 36.18
C ASP M 381 -65.67 18.19 35.83
N GLY M 382 -64.45 18.58 36.19
CA GLY M 382 -63.99 19.93 35.96
C GLY M 382 -63.50 20.15 34.55
N ILE M 383 -62.92 21.33 34.33
CA ILE M 383 -62.26 21.62 33.07
C ILE M 383 -61.13 20.64 32.83
N ILE M 384 -60.41 20.29 33.89
CA ILE M 384 -59.34 19.31 33.81
C ILE M 384 -59.86 17.98 33.28
N ASP M 385 -61.09 17.61 33.65
CA ASP M 385 -61.65 16.34 33.18
C ASP M 385 -61.86 16.33 31.68
N ASN M 386 -62.44 17.40 31.14
CA ASN M 386 -62.61 17.50 29.70
C ASN M 386 -61.27 17.49 28.98
N ALA M 387 -60.31 18.25 29.50
CA ALA M 387 -58.98 18.26 28.89
C ALA M 387 -58.37 16.87 28.88
N GLN M 388 -58.45 16.15 30.00
CA GLN M 388 -57.78 14.87 30.10
C GLN M 388 -58.49 13.77 29.30
N ASP M 389 -59.82 13.78 29.23
CA ASP M 389 -60.46 12.74 28.43
C ASP M 389 -60.30 13.03 26.94
N ASN M 390 -60.22 14.31 26.55
CA ASN M 390 -59.81 14.60 25.18
C ASN M 390 -58.40 14.08 24.90
N VAL M 391 -57.50 14.24 25.87
CA VAL M 391 -56.15 13.69 25.72
C VAL M 391 -56.22 12.18 25.53
N ASN M 392 -57.03 11.50 26.32
CA ASN M 392 -57.13 10.04 26.22
C ASN M 392 -57.71 9.60 24.88
N ALA M 393 -58.74 10.32 24.39
CA ALA M 393 -59.30 10.00 23.08
C ALA M 393 -58.27 10.21 21.97
N THR M 394 -57.49 11.28 22.06
CA THR M 394 -56.40 11.49 21.12
C THR M 394 -55.40 10.35 21.18
N LEU M 395 -55.09 9.87 22.40
CA LEU M 395 -54.17 8.75 22.54
C LEU M 395 -54.71 7.49 21.88
N LYS M 396 -56.00 7.21 22.05
CA LYS M 396 -56.55 5.98 21.46
C LYS M 396 -56.62 6.08 19.93
N SER M 397 -56.96 7.25 19.40
CA SER M 397 -56.92 7.43 17.95
C SER M 397 -55.49 7.29 17.43
N LEU M 398 -54.52 7.81 18.18
CA LEU M 398 -53.12 7.65 17.83
C LEU M 398 -52.73 6.19 17.78
N THR M 399 -53.16 5.41 18.78
CA THR M 399 -52.83 3.98 18.79
C THR M 399 -53.43 3.27 17.59
N LYS M 400 -54.69 3.58 17.27
CA LYS M 400 -55.33 2.95 16.11
C LYS M 400 -54.59 3.27 14.82
N GLN M 401 -54.31 4.56 14.60
CA GLN M 401 -53.62 4.96 13.38
C GLN M 401 -52.22 4.36 13.32
N TYR M 402 -51.54 4.29 14.47
CA TYR M 402 -50.22 3.68 14.52
C TYR M 402 -50.27 2.21 14.14
N LEU M 403 -51.27 1.49 14.64
CA LEU M 403 -51.39 0.07 14.28
C LEU M 403 -51.66 -0.11 12.79
N SER M 404 -52.55 0.71 12.21
CA SER M 404 -52.84 0.59 10.79
C SER M 404 -51.60 0.89 9.95
N VAL M 405 -50.95 2.04 10.20
CA VAL M 405 -49.76 2.38 9.45
C VAL M 405 -48.65 1.37 9.73
N SER M 406 -48.67 0.72 10.90
CA SER M 406 -47.65 -0.25 11.23
C SER M 406 -47.80 -1.50 10.39
N ASN M 407 -49.02 -2.02 10.25
CA ASN M 407 -49.20 -3.18 9.38
C ASN M 407 -48.89 -2.84 7.93
N SER M 408 -49.28 -1.64 7.48
CA SER M 408 -48.94 -1.22 6.12
C SER M 408 -47.43 -1.16 5.91
N ILE M 409 -46.72 -0.56 6.86
CA ILE M 409 -45.26 -0.44 6.78
C ILE M 409 -44.63 -1.82 6.82
N ASP M 410 -45.16 -2.70 7.66
CA ASP M 410 -44.66 -4.06 7.77
C ASP M 410 -44.73 -4.75 6.42
N GLU M 411 -45.90 -4.69 5.78
CA GLU M 411 -46.05 -5.33 4.47
C GLU M 411 -45.07 -4.74 3.45
N THR M 412 -45.03 -3.41 3.36
CA THR M 412 -44.20 -2.77 2.34
C THR M 412 -42.72 -3.07 2.54
N VAL M 413 -42.22 -2.87 3.77
CA VAL M 413 -40.82 -3.10 4.07
C VAL M 413 -40.47 -4.58 3.94
N ALA M 414 -41.40 -5.48 4.28
CA ALA M 414 -41.14 -6.90 4.08
C ALA M 414 -40.97 -7.23 2.61
N ARG M 415 -41.82 -6.66 1.75
CA ARG M 415 -41.64 -6.87 0.32
C ARG M 415 -40.30 -6.32 -0.17
N TYR M 416 -39.93 -5.12 0.31
CA TYR M 416 -38.66 -4.53 -0.10
C TYR M 416 -37.47 -5.37 0.36
N LYS M 417 -37.52 -5.88 1.59
CA LYS M 417 -36.43 -6.71 2.10
C LYS M 417 -36.37 -8.03 1.36
N ALA M 418 -37.53 -8.60 1.00
CA ALA M 418 -37.51 -9.81 0.17
C ALA M 418 -36.85 -9.55 -1.17
N GLN M 419 -37.20 -8.43 -1.83
CA GLN M 419 -36.54 -8.05 -3.07
C GLN M 419 -35.03 -7.91 -2.87
N PHE M 420 -34.62 -7.33 -1.75
CA PHE M 420 -33.20 -7.26 -1.42
C PHE M 420 -32.59 -8.66 -1.32
N THR M 421 -33.35 -9.62 -0.77
CA THR M 421 -32.85 -10.99 -0.71
C THR M 421 -32.66 -11.59 -2.10
N GLN M 422 -33.63 -11.43 -3.00
CA GLN M 422 -33.43 -12.02 -4.33
C GLN M 422 -32.27 -11.34 -5.06
N LEU M 423 -32.13 -10.03 -4.92
CA LEU M 423 -31.00 -9.37 -5.59
C LEU M 423 -29.66 -9.75 -4.95
N ASP M 424 -29.61 -9.95 -3.63
CA ASP M 424 -28.38 -10.45 -3.01
C ASP M 424 -28.05 -11.86 -3.52
N THR M 425 -29.05 -12.72 -3.64
CA THR M 425 -28.80 -14.05 -4.21
C THR M 425 -28.33 -13.97 -5.66
N MET M 426 -28.89 -13.05 -6.44
CA MET M 426 -28.47 -12.93 -7.84
C MET M 426 -27.06 -12.39 -7.98
N MET M 427 -26.62 -11.45 -7.14
CA MET M 427 -25.20 -11.08 -7.19
C MET M 427 -24.32 -12.19 -6.64
N SER M 428 -24.77 -12.91 -5.60
CA SER M 428 -24.00 -14.05 -5.11
C SER M 428 -23.91 -15.14 -6.16
N LYS M 429 -25.00 -15.40 -6.87
CA LYS M 429 -25.01 -16.35 -7.98
C LYS M 429 -24.88 -15.58 -9.30
N LEU M 430 -23.68 -15.10 -9.55
CA LEU M 430 -23.40 -14.28 -10.72
C LEU M 430 -22.37 -14.95 -11.63
N PHE N 1 -38.37 17.68 -2.95
CA PHE N 1 -37.65 18.93 -3.20
C PHE N 1 -37.51 19.76 -1.91
N THR N 2 -37.06 21.00 -2.07
CA THR N 2 -36.70 21.85 -0.93
C THR N 2 -37.71 22.96 -0.67
N ALA N 3 -38.55 23.32 -1.63
CA ALA N 3 -39.56 24.33 -1.39
C ALA N 3 -40.53 23.90 -0.29
N ASN N 4 -40.86 22.61 -0.24
CA ASN N 4 -41.67 22.10 0.86
C ASN N 4 -40.98 22.30 2.19
N ILE N 5 -39.66 22.07 2.24
CA ILE N 5 -38.90 22.29 3.47
C ILE N 5 -38.92 23.76 3.85
N LYS N 6 -38.77 24.65 2.87
CA LYS N 6 -38.82 26.08 3.15
C LYS N 6 -40.18 26.48 3.73
N GLY N 7 -41.26 25.99 3.14
CA GLY N 7 -42.58 26.32 3.65
C GLY N 7 -42.81 25.75 5.04
N LEU N 8 -42.31 24.53 5.29
CA LEU N 8 -42.43 23.94 6.61
C LEU N 8 -41.68 24.77 7.65
N THR N 9 -40.48 25.23 7.31
CA THR N 9 -39.73 26.10 8.22
C THR N 9 -40.48 27.40 8.45
N GLN N 10 -41.08 27.97 7.41
CA GLN N 10 -41.84 29.21 7.57
C GLN N 10 -43.03 29.01 8.50
N ALA N 11 -43.76 27.90 8.33
CA ALA N 11 -44.92 27.64 9.19
C ALA N 11 -44.49 27.44 10.64
N SER N 12 -43.40 26.68 10.87
CA SER N 12 -42.91 26.50 12.23
C SER N 12 -42.46 27.83 12.83
N ARG N 13 -41.84 28.69 12.00
CA ARG N 13 -41.38 29.97 12.51
C ARG N 13 -42.55 30.88 12.87
N ASN N 14 -43.62 30.82 12.09
CA ASN N 14 -44.83 31.57 12.43
C ASN N 14 -45.46 31.03 13.71
N ALA N 15 -45.41 29.71 13.91
CA ALA N 15 -45.87 29.14 15.18
C ALA N 15 -45.04 29.67 16.35
N ASN N 16 -43.72 29.77 16.16
CA ASN N 16 -42.88 30.37 17.19
C ASN N 16 -43.25 31.83 17.44
N ASP N 17 -43.56 32.55 16.36
CA ASP N 17 -44.06 33.91 16.50
C ASP N 17 -45.30 33.95 17.40
N GLY N 18 -46.25 33.05 17.14
CA GLY N 18 -47.45 33.01 17.96
C GLY N 18 -47.17 32.68 19.41
N ILE N 19 -46.20 31.79 19.64
CA ILE N 19 -45.82 31.48 21.02
C ILE N 19 -45.28 32.72 21.71
N SER N 20 -44.41 33.48 21.03
CA SER N 20 -43.92 34.72 21.60
C SER N 20 -45.05 35.72 21.84
N ILE N 21 -46.06 35.71 20.96
CA ILE N 21 -47.24 36.53 21.17
C ILE N 21 -47.91 36.17 22.49
N ALA N 22 -48.08 34.88 22.74
CA ALA N 22 -48.69 34.43 23.98
C ALA N 22 -47.87 34.88 25.18
N GLN N 23 -46.54 34.76 25.11
CA GLN N 23 -45.71 35.12 26.26
C GLN N 23 -45.81 36.62 26.57
N THR N 24 -45.69 37.46 25.55
CA THR N 24 -45.77 38.90 25.81
C THR N 24 -47.17 39.31 26.27
N THR N 25 -48.21 38.66 25.76
CA THR N 25 -49.55 38.95 26.23
C THR N 25 -49.74 38.56 27.69
N GLU N 26 -49.13 37.43 28.10
CA GLU N 26 -49.18 37.03 29.50
C GLU N 26 -48.49 38.05 30.39
N GLY N 27 -47.31 38.53 29.97
CA GLY N 27 -46.65 39.57 30.74
C GLY N 27 -47.49 40.83 30.88
N ALA N 28 -48.11 41.25 29.77
CA ALA N 28 -48.98 42.41 29.82
C ALA N 28 -50.15 42.20 30.77
N LEU N 29 -50.75 41.01 30.75
CA LEU N 29 -51.89 40.72 31.61
C LEU N 29 -51.49 40.78 33.08
N ASN N 30 -50.35 40.18 33.43
CA ASN N 30 -49.90 40.20 34.81
C ASN N 30 -49.68 41.62 35.31
N GLU N 31 -48.98 42.42 34.51
CA GLU N 31 -48.70 43.78 34.94
C GLU N 31 -49.98 44.60 35.03
N ILE N 32 -50.95 44.33 34.16
CA ILE N 32 -52.16 45.12 34.22
C ILE N 32 -53.07 44.66 35.37
N ASN N 33 -53.00 43.39 35.77
CA ASN N 33 -53.68 42.97 37.00
C ASN N 33 -53.08 43.68 38.20
N ASN N 34 -51.74 43.76 38.25
CA ASN N 34 -51.11 44.58 39.27
C ASN N 34 -51.69 46.00 39.28
N ASN N 35 -51.88 46.57 38.09
CA ASN N 35 -52.45 47.92 38.02
C ASN N 35 -53.88 47.94 38.57
N LEU N 36 -54.66 46.90 38.29
CA LEU N 36 -56.05 46.88 38.79
C LEU N 36 -56.07 46.82 40.31
N GLN N 37 -55.21 45.98 40.89
CA GLN N 37 -55.15 45.93 42.35
C GLN N 37 -54.72 47.28 42.93
N ARG N 38 -53.75 47.94 42.28
CA ARG N 38 -53.30 49.24 42.78
C ARG N 38 -54.40 50.28 42.71
N VAL N 39 -55.14 50.31 41.61
CA VAL N 39 -56.18 51.32 41.47
C VAL N 39 -57.31 51.07 42.45
N ARG N 40 -57.67 49.80 42.68
CA ARG N 40 -58.71 49.53 43.68
C ARG N 40 -58.24 49.90 45.08
N GLU N 41 -56.99 49.56 45.41
CA GLU N 41 -56.43 49.98 46.69
C GLU N 41 -56.54 51.48 46.86
N LEU N 42 -56.07 52.25 45.86
CA LEU N 42 -56.05 53.70 46.00
C LEU N 42 -57.46 54.27 46.08
N ALA N 43 -58.41 53.68 45.33
CA ALA N 43 -59.79 54.11 45.47
C ALA N 43 -60.28 53.89 46.90
N VAL N 44 -59.84 52.80 47.54
CA VAL N 44 -60.25 52.55 48.91
C VAL N 44 -59.65 53.60 49.84
N GLN N 45 -58.34 53.86 49.74
CA GLN N 45 -57.75 54.88 50.61
C GLN N 45 -58.38 56.25 50.36
N SER N 46 -58.74 56.54 49.12
CA SER N 46 -59.49 57.76 48.85
C SER N 46 -60.82 57.76 49.59
N ALA N 47 -61.51 56.62 49.59
CA ALA N 47 -62.71 56.48 50.42
C ALA N 47 -62.37 56.58 51.90
N ASN N 48 -61.23 56.01 52.31
CA ASN N 48 -60.83 56.09 53.70
C ASN N 48 -60.49 57.53 54.09
N SER N 49 -60.94 57.93 55.28
CA SER N 49 -60.46 59.17 55.86
C SER N 49 -59.05 59.01 56.42
N THR N 50 -58.54 57.79 56.49
CA THR N 50 -57.23 57.52 57.10
C THR N 50 -56.10 58.12 56.27
N ASN N 51 -56.11 57.85 54.96
CA ASN N 51 -54.97 58.17 54.12
C ASN N 51 -55.06 59.59 53.58
N SER N 52 -53.89 60.18 53.33
CA SER N 52 -53.75 61.51 52.74
C SER N 52 -53.34 61.40 51.29
N GLN N 53 -53.24 62.56 50.63
CA GLN N 53 -52.97 62.60 49.20
C GLN N 53 -51.55 62.20 48.84
N SER N 54 -50.63 62.22 49.81
CA SER N 54 -49.24 61.87 49.50
C SER N 54 -49.13 60.41 49.06
N ASP N 55 -49.78 59.51 49.78
CA ASP N 55 -49.76 58.10 49.38
C ASP N 55 -50.50 57.89 48.07
N LEU N 56 -51.58 58.64 47.83
CA LEU N 56 -52.25 58.57 46.54
C LEU N 56 -51.30 58.93 45.42
N ASP N 57 -50.53 60.00 45.60
CA ASP N 57 -49.57 60.41 44.56
C ASP N 57 -48.49 59.36 44.38
N SER N 58 -47.99 58.80 45.48
CA SER N 58 -46.93 57.79 45.37
C SER N 58 -47.42 56.55 44.62
N ILE N 59 -48.62 56.08 44.95
CA ILE N 59 -49.10 54.87 44.28
C ILE N 59 -49.57 55.18 42.87
N GLN N 60 -50.00 56.40 42.58
CA GLN N 60 -50.27 56.78 41.19
C GLN N 60 -48.99 56.82 40.39
N ALA N 61 -47.89 57.29 41.00
CA ALA N 61 -46.59 57.20 40.35
C ALA N 61 -46.22 55.74 40.09
N GLU N 62 -46.54 54.86 41.03
CA GLU N 62 -46.32 53.43 40.80
C GLU N 62 -47.14 52.93 39.62
N ILE N 63 -48.39 53.40 39.51
CA ILE N 63 -49.23 53.03 38.37
C ILE N 63 -48.60 53.47 37.06
N THR N 64 -48.11 54.71 37.03
CA THR N 64 -47.47 55.22 35.81
C THR N 64 -46.22 54.42 35.47
N GLN N 65 -45.43 54.09 36.48
CA GLN N 65 -44.22 53.30 36.25
C GLN N 65 -44.57 51.92 35.70
N ARG N 66 -45.61 51.30 36.25
CA ARG N 66 -46.04 50.00 35.73
C ARG N 66 -46.52 50.12 34.29
N LEU N 67 -47.26 51.18 33.97
CA LEU N 67 -47.72 51.39 32.60
C LEU N 67 -46.54 51.57 31.65
N ASN N 68 -45.52 52.30 32.08
CA ASN N 68 -44.33 52.48 31.25
C ASN N 68 -43.61 51.16 31.04
N GLU N 69 -43.53 50.33 32.09
CA GLU N 69 -42.96 49.00 31.92
C GLU N 69 -43.77 48.17 30.94
N ILE N 70 -45.09 48.30 30.99
CA ILE N 70 -45.97 47.61 30.05
C ILE N 70 -45.63 48.02 28.62
N ASP N 71 -45.49 49.32 28.39
CA ASP N 71 -45.19 49.79 27.02
C ASP N 71 -43.80 49.37 26.60
N ARG N 72 -42.84 49.36 27.53
CA ARG N 72 -41.48 48.96 27.20
C ARG N 72 -41.43 47.50 26.76
N VAL N 73 -42.05 46.60 27.54
CA VAL N 73 -42.10 45.20 27.12
C VAL N 73 -42.96 45.03 25.87
N SER N 74 -43.93 45.94 25.68
CA SER N 74 -44.77 45.90 24.49
C SER N 74 -43.96 46.17 23.24
N GLY N 75 -43.06 47.15 23.32
CA GLY N 75 -42.21 47.46 22.18
C GLY N 75 -41.02 46.53 22.03
N GLN N 76 -40.62 45.87 23.12
CA GLN N 76 -39.43 45.03 23.08
C GLN N 76 -39.63 43.82 22.17
N THR N 77 -40.87 43.43 21.91
CA THR N 77 -41.15 42.26 21.11
C THR N 77 -40.62 42.42 19.70
N GLN N 78 -39.89 41.42 19.22
CA GLN N 78 -39.33 41.43 17.87
C GLN N 78 -39.06 40.01 17.41
N PHE N 79 -39.44 39.71 16.17
CA PHE N 79 -39.34 38.36 15.63
C PHE N 79 -39.49 38.43 14.12
N ASN N 80 -38.52 37.84 13.40
CA ASN N 80 -38.51 37.84 11.94
C ASN N 80 -38.62 39.25 11.36
N GLY N 81 -38.14 40.25 12.11
CA GLY N 81 -38.23 41.62 11.66
C GLY N 81 -39.61 42.23 11.72
N VAL N 82 -40.60 41.49 12.22
CA VAL N 82 -41.96 42.00 12.36
C VAL N 82 -42.32 41.97 13.84
N LYS N 83 -43.15 42.93 14.23
CA LYS N 83 -43.49 43.12 15.63
C LYS N 83 -44.97 42.84 15.84
N VAL N 84 -45.26 42.19 16.97
CA VAL N 84 -46.60 41.66 17.24
C VAL N 84 -47.65 42.75 17.25
N LEU N 85 -47.30 43.94 17.73
CA LEU N 85 -48.28 44.99 17.95
C LEU N 85 -47.90 46.32 17.32
N ALA N 86 -46.85 46.35 16.49
CA ALA N 86 -46.54 47.56 15.75
C ALA N 86 -47.65 47.90 14.76
N GLN N 87 -48.08 46.92 13.98
CA GLN N 87 -49.13 47.11 12.99
C GLN N 87 -50.12 45.95 13.07
N ASP N 88 -51.38 46.26 12.76
CA ASP N 88 -52.45 45.27 12.76
C ASP N 88 -52.60 44.72 11.35
N ASN N 89 -51.74 43.74 11.02
CA ASN N 89 -51.71 43.14 9.69
C ASN N 89 -52.15 41.68 9.78
N THR N 90 -53.05 41.28 8.89
CA THR N 90 -53.47 39.89 8.79
C THR N 90 -52.34 39.12 8.10
N LEU N 91 -51.33 38.78 8.89
CA LEU N 91 -50.13 38.16 8.33
C LEU N 91 -50.45 36.79 7.76
N THR N 92 -49.92 36.52 6.57
CA THR N 92 -50.19 35.28 5.85
C THR N 92 -48.97 34.38 5.92
N ILE N 93 -49.18 33.13 6.33
CA ILE N 93 -48.07 32.19 6.45
C ILE N 93 -47.67 31.71 5.06
N GLN N 94 -46.41 31.89 4.70
CA GLN N 94 -45.91 31.37 3.43
C GLN N 94 -45.69 29.87 3.55
N VAL N 95 -46.24 29.11 2.59
CA VAL N 95 -46.24 27.65 2.63
C VAL N 95 -45.71 27.13 1.31
N GLY N 96 -44.81 26.15 1.38
CA GLY N 96 -44.26 25.51 0.20
C GLY N 96 -45.05 24.30 -0.20
N ALA N 97 -46.36 24.49 -0.41
CA ALA N 97 -47.27 23.41 -0.81
C ALA N 97 -47.32 22.29 0.21
N ASN N 98 -47.03 22.60 1.48
CA ASN N 98 -47.19 21.59 2.52
C ASN N 98 -48.66 21.42 2.90
N ASP N 99 -49.43 22.50 2.89
CA ASP N 99 -50.85 22.47 3.20
C ASP N 99 -51.66 22.92 1.98
N GLY N 100 -52.95 22.59 2.01
CA GLY N 100 -53.83 22.99 0.91
C GLY N 100 -54.03 24.50 0.83
N GLU N 101 -54.22 25.14 1.97
CA GLU N 101 -54.48 26.58 2.03
C GLU N 101 -53.56 27.20 3.08
N THR N 102 -53.06 28.40 2.78
CA THR N 102 -52.17 29.08 3.70
C THR N 102 -52.90 29.47 4.98
N ILE N 103 -52.14 29.60 6.06
CA ILE N 103 -52.67 29.93 7.38
C ILE N 103 -52.55 31.42 7.61
N ASP N 104 -53.54 32.00 8.29
CA ASP N 104 -53.61 33.44 8.52
C ASP N 104 -53.56 33.74 10.01
N ILE N 105 -52.91 34.86 10.36
CA ILE N 105 -52.74 35.29 11.74
C ILE N 105 -53.20 36.74 11.81
N ASP N 106 -54.32 36.97 12.50
CA ASP N 106 -54.90 38.30 12.61
C ASP N 106 -54.31 39.00 13.82
N LEU N 107 -53.32 39.84 13.60
CA LEU N 107 -52.70 40.57 14.70
C LEU N 107 -53.57 41.76 15.09
N LYS N 108 -53.22 42.38 16.22
CA LYS N 108 -53.99 43.48 16.76
C LYS N 108 -53.05 44.48 17.43
N GLN N 109 -53.56 45.69 17.62
CA GLN N 109 -52.78 46.80 18.18
C GLN N 109 -53.04 46.88 19.68
N ILE N 110 -52.06 46.50 20.47
CA ILE N 110 -52.16 46.55 21.93
C ILE N 110 -51.06 47.49 22.43
N ASN N 111 -51.47 48.73 22.76
CA ASN N 111 -50.59 49.74 23.30
C ASN N 111 -51.29 50.49 24.42
N SER N 112 -50.49 51.07 25.32
CA SER N 112 -51.06 51.84 26.43
C SER N 112 -51.82 53.05 25.93
N GLN N 113 -51.37 53.64 24.82
CA GLN N 113 -52.14 54.72 24.20
C GLN N 113 -53.44 54.20 23.62
N THR N 114 -53.41 53.01 23.02
CA THR N 114 -54.63 52.44 22.44
C THR N 114 -55.66 52.16 23.52
N LEU N 115 -55.25 51.51 24.60
CA LEU N 115 -56.17 51.15 25.67
C LEU N 115 -56.64 52.35 26.48
N GLY N 116 -55.96 53.49 26.35
CA GLY N 116 -56.37 54.71 27.00
C GLY N 116 -55.99 54.82 28.45
N LEU N 117 -55.34 53.80 29.01
CA LEU N 117 -54.98 53.82 30.42
C LEU N 117 -53.86 54.81 30.73
N ASP N 118 -53.21 55.37 29.70
CA ASP N 118 -52.21 56.40 29.95
C ASP N 118 -52.83 57.64 30.56
N THR N 119 -54.01 58.03 30.09
CA THR N 119 -54.74 59.15 30.67
C THR N 119 -55.45 58.76 31.96
N LEU N 120 -55.54 57.47 32.28
CA LEU N 120 -56.23 57.02 33.47
C LEU N 120 -55.44 57.42 34.71
N ASN N 121 -56.03 58.28 35.54
CA ASN N 121 -55.35 58.85 36.69
C ASN N 121 -56.23 58.69 37.93
N VAL N 122 -55.56 58.55 39.07
CA VAL N 122 -56.24 58.34 40.34
C VAL N 122 -55.96 59.43 41.36
N GLN N 123 -54.86 60.18 41.22
CA GLN N 123 -54.52 61.21 42.19
C GLN N 123 -55.63 62.25 42.30
N GLN N 124 -56.04 62.54 43.53
CA GLN N 124 -57.10 63.48 43.81
C GLN N 124 -56.54 64.87 44.03
N LYS N 125 -57.25 65.88 43.53
CA LYS N 125 -56.83 67.27 43.70
C LYS N 125 -57.43 67.87 44.97
N TYR N 126 -56.56 68.37 45.84
CA TYR N 126 -56.99 69.12 47.02
C TYR N 126 -56.41 70.53 46.95
N LYS N 127 -57.02 71.43 47.71
CA LYS N 127 -56.66 72.84 47.65
C LYS N 127 -55.20 73.05 48.01
N VAL N 128 -54.53 73.92 47.25
CA VAL N 128 -53.12 74.21 47.45
C VAL N 128 -52.97 75.35 48.44
N SER N 129 -52.09 75.17 49.42
CA SER N 129 -51.77 76.23 50.38
C SER N 129 -50.73 77.19 49.78
N ASP N 130 -51.08 77.74 48.63
CA ASP N 130 -50.21 78.67 47.94
C ASP N 130 -50.05 79.96 48.73
N THR N 131 -48.89 80.59 48.57
CA THR N 131 -48.56 81.83 49.27
C THR N 131 -48.54 82.97 48.27
N ALA N 132 -49.55 83.83 48.34
CA ALA N 132 -49.58 85.04 47.53
C ALA N 132 -48.66 86.09 48.13
N ALA N 133 -47.96 86.82 47.27
CA ALA N 133 -46.97 87.82 47.70
C ALA N 133 -45.93 87.19 48.63
N THR N 134 -45.41 86.04 48.21
CA THR N 134 -44.47 85.30 49.04
C THR N 134 -43.15 86.05 49.21
N VAL N 135 -42.74 86.80 48.18
CA VAL N 135 -41.49 87.55 48.18
C VAL N 135 -40.33 86.61 48.47
N THR N 136 -40.21 85.55 47.67
CA THR N 136 -39.10 84.60 47.78
C THR N 136 -38.40 84.55 46.43
N GLY N 137 -37.46 85.46 46.23
CA GLY N 137 -36.79 85.60 44.94
C GLY N 137 -37.35 86.76 44.13
N TYR N 138 -36.44 87.46 43.43
CA TYR N 138 -36.80 88.65 42.69
C TYR N 138 -36.51 88.44 41.21
N ALA N 139 -37.31 89.10 40.37
CA ALA N 139 -37.11 89.03 38.93
C ALA N 139 -35.88 89.84 38.52
N ASP N 140 -35.25 89.40 37.43
CA ASP N 140 -34.05 90.04 36.91
C ASP N 140 -34.28 90.49 35.48
N THR N 141 -33.61 91.57 35.10
CA THR N 141 -33.69 92.12 33.76
C THR N 141 -32.39 91.84 33.01
N THR N 142 -32.51 91.53 31.72
CA THR N 142 -31.35 91.23 30.89
C THR N 142 -30.95 92.38 29.98
N ILE N 143 -31.93 93.17 29.52
CA ILE N 143 -31.62 94.28 28.62
C ILE N 143 -30.84 95.36 29.37
N ALA N 144 -30.13 96.19 28.59
CA ALA N 144 -29.30 97.25 29.14
C ALA N 144 -29.79 98.61 28.66
N LEU N 145 -29.45 99.64 29.42
CA LEU N 145 -29.83 101.00 29.06
C LEU N 145 -29.00 101.49 27.88
N ASP N 146 -29.55 102.46 27.17
CA ASP N 146 -28.85 103.06 26.03
C ASP N 146 -27.74 103.99 26.52
N ASN N 147 -26.53 103.79 25.99
CA ASN N 147 -25.41 104.63 26.37
C ASN N 147 -25.49 106.02 25.75
N SER N 148 -26.19 106.15 24.62
CA SER N 148 -26.28 107.44 23.94
C SER N 148 -27.02 108.46 24.80
N THR N 149 -28.10 108.05 25.46
CA THR N 149 -28.85 108.97 26.31
C THR N 149 -28.00 109.45 27.48
N PHE N 150 -27.25 108.53 28.10
CA PHE N 150 -26.37 108.93 29.21
C PHE N 150 -25.25 109.85 28.73
N LYS N 151 -24.70 109.57 27.54
CA LYS N 151 -23.67 110.46 26.99
C LYS N 151 -24.24 111.84 26.74
N ALA N 152 -25.44 111.93 26.17
CA ALA N 152 -26.07 113.22 25.92
C ALA N 152 -26.34 113.97 27.23
N SER N 153 -26.83 113.25 28.25
CA SER N 153 -27.09 113.88 29.54
C SER N 153 -25.80 114.38 30.17
N ALA N 154 -24.73 113.60 30.09
CA ALA N 154 -23.44 114.02 30.64
C ALA N 154 -22.91 115.25 29.92
N THR N 155 -23.01 115.27 28.59
CA THR N 155 -22.54 116.43 27.84
C THR N 155 -23.37 117.67 28.15
N GLY N 156 -24.69 117.52 28.29
CA GLY N 156 -25.52 118.66 28.61
C GLY N 156 -25.27 119.19 30.02
N LEU N 157 -25.04 118.28 30.98
CA LEU N 157 -24.82 118.70 32.36
C LEU N 157 -23.51 119.47 32.51
N GLY N 158 -22.57 119.29 31.61
CA GLY N 158 -21.30 119.99 31.63
C GLY N 158 -20.14 119.06 31.90
N GLY N 159 -18.95 119.62 31.78
CA GLY N 159 -17.72 118.89 32.00
C GLY N 159 -17.16 118.31 30.71
N THR N 160 -15.87 117.96 30.77
CA THR N 160 -15.21 117.37 29.61
C THR N 160 -15.74 115.97 29.32
N ASP N 161 -15.85 115.13 30.35
CA ASP N 161 -16.35 113.78 30.19
C ASP N 161 -16.90 113.29 31.52
N GLN N 162 -18.12 112.74 31.49
CA GLN N 162 -18.78 112.25 32.68
C GLN N 162 -19.40 110.87 32.50
N LYS N 163 -19.20 110.23 31.35
CA LYS N 163 -19.79 108.93 31.11
C LYS N 163 -19.13 107.85 31.96
N ILE N 164 -19.94 107.00 32.57
CA ILE N 164 -19.41 105.94 33.42
C ILE N 164 -18.80 104.85 32.56
N ASP N 165 -17.56 104.48 32.87
CA ASP N 165 -16.85 103.46 32.11
C ASP N 165 -17.37 102.07 32.47
N GLY N 166 -17.69 101.28 31.47
CA GLY N 166 -18.16 99.93 31.68
C GLY N 166 -19.64 99.87 32.05
N ASP N 167 -20.07 98.65 32.38
CA ASP N 167 -21.47 98.43 32.75
C ASP N 167 -21.79 99.07 34.09
N LEU N 168 -23.00 99.57 34.21
CA LEU N 168 -23.48 100.19 35.44
C LEU N 168 -23.94 99.12 36.42
N LYS N 169 -24.20 99.55 37.65
CA LYS N 169 -24.67 98.65 38.70
C LYS N 169 -26.13 98.98 39.03
N PHE N 170 -26.99 97.96 38.95
CA PHE N 170 -28.38 98.07 39.35
C PHE N 170 -28.67 96.95 40.35
N ASP N 171 -29.18 97.32 41.52
CA ASP N 171 -29.36 96.37 42.62
C ASP N 171 -30.81 96.36 43.07
N ASP N 172 -31.31 95.17 43.40
CA ASP N 172 -32.69 95.04 43.85
C ASP N 172 -32.88 95.54 45.28
N THR N 173 -31.94 95.21 46.17
CA THR N 173 -32.15 95.45 47.59
C THR N 173 -32.25 96.94 47.90
N THR N 174 -31.31 97.74 47.40
CA THR N 174 -31.40 99.19 47.60
C THR N 174 -32.61 99.77 46.90
N GLY N 175 -32.90 99.30 45.68
CA GLY N 175 -34.02 99.78 44.92
C GLY N 175 -33.78 101.07 44.17
N LYS N 176 -32.57 101.61 44.22
CA LYS N 176 -32.27 102.89 43.60
C LYS N 176 -31.03 102.74 42.72
N TYR N 177 -31.05 103.43 41.58
CA TYR N 177 -29.95 103.34 40.63
C TYR N 177 -28.71 104.06 41.17
N TYR N 178 -27.55 103.67 40.65
CA TYR N 178 -26.28 104.23 41.08
C TYR N 178 -25.67 105.05 39.95
N ALA N 179 -25.28 106.29 40.26
CA ALA N 179 -24.62 107.17 39.30
C ALA N 179 -23.25 107.54 39.82
N LYS N 180 -22.25 107.45 38.95
CA LYS N 180 -20.86 107.75 39.32
C LYS N 180 -20.32 108.82 38.39
N VAL N 181 -19.78 109.89 38.97
CA VAL N 181 -19.27 111.02 38.20
C VAL N 181 -17.77 111.11 38.44
N THR N 182 -17.00 111.09 37.35
CA THR N 182 -15.56 111.25 37.45
C THR N 182 -15.20 112.66 37.87
N VAL N 183 -14.18 112.78 38.73
CA VAL N 183 -13.73 114.06 39.26
C VAL N 183 -12.26 114.24 38.91
N THR N 184 -11.88 115.46 38.54
CA THR N 184 -10.52 115.80 38.19
C THR N 184 -9.83 116.46 39.38
N GLY N 185 -8.66 115.95 39.74
CA GLY N 185 -7.93 116.47 40.88
C GLY N 185 -8.60 116.24 42.22
N GLY N 186 -9.21 115.07 42.41
CA GLY N 186 -9.87 114.76 43.67
C GLY N 186 -9.71 113.29 44.01
N THR N 187 -9.73 113.01 45.31
CA THR N 187 -9.57 111.67 45.82
C THR N 187 -10.75 111.29 46.70
N GLY N 188 -11.39 110.17 46.37
CA GLY N 188 -12.51 109.68 47.16
C GLY N 188 -13.84 110.30 46.78
N LYS N 189 -13.79 111.40 46.02
CA LYS N 189 -15.02 112.08 45.65
C LYS N 189 -15.84 111.28 44.64
N ASP N 190 -15.18 110.56 43.74
CA ASP N 190 -15.86 109.78 42.71
C ASP N 190 -16.39 108.50 43.33
N GLY N 191 -17.71 108.37 43.40
CA GLY N 191 -18.33 107.18 43.97
C GLY N 191 -19.78 107.08 43.58
N TYR N 192 -20.38 105.95 43.89
CA TYR N 192 -21.79 105.73 43.57
C TYR N 192 -22.68 106.62 44.43
N TYR N 193 -23.61 107.30 43.78
CA TYR N 193 -24.66 108.06 44.45
C TYR N 193 -26.01 107.49 44.04
N GLU N 194 -26.94 107.47 45.00
CA GLU N 194 -28.26 106.89 44.80
C GLU N 194 -29.16 107.90 44.10
N VAL N 195 -29.63 107.55 42.91
CA VAL N 195 -30.52 108.39 42.12
C VAL N 195 -31.65 107.54 41.56
N SER N 196 -32.71 108.20 41.14
CA SER N 196 -33.86 107.56 40.52
C SER N 196 -34.01 108.10 39.10
N VAL N 197 -34.44 107.24 38.18
CA VAL N 197 -34.62 107.61 36.78
C VAL N 197 -36.12 107.74 36.52
N ASP N 198 -36.52 108.91 36.04
CA ASP N 198 -37.92 109.19 35.70
C ASP N 198 -38.10 108.99 34.20
N LYS N 199 -38.80 107.92 33.83
CA LYS N 199 -39.04 107.65 32.42
C LYS N 199 -40.23 108.44 31.87
N THR N 200 -41.17 108.82 32.74
CA THR N 200 -42.30 109.64 32.31
C THR N 200 -41.81 111.00 31.81
N ASN N 201 -40.84 111.59 32.50
CA ASN N 201 -40.28 112.87 32.05
C ASN N 201 -39.53 112.72 30.73
N GLY N 202 -38.80 111.62 30.55
CA GLY N 202 -38.04 111.39 29.34
C GLY N 202 -36.67 112.04 29.31
N GLU N 203 -36.32 112.81 30.34
CA GLU N 203 -35.02 113.47 30.42
C GLU N 203 -34.57 113.50 31.87
N VAL N 204 -33.27 113.64 32.07
CA VAL N 204 -32.72 113.79 33.41
C VAL N 204 -32.86 115.24 33.83
N THR N 205 -33.66 115.47 34.88
CA THR N 205 -33.98 116.82 35.35
C THR N 205 -33.52 116.98 36.79
N LEU N 206 -32.92 118.12 37.08
CA LEU N 206 -32.41 118.45 38.41
C LEU N 206 -33.36 119.40 39.09
N ALA N 207 -33.85 119.01 40.28
CA ALA N 207 -34.72 119.86 41.07
C ALA N 207 -33.88 120.71 42.02
N GLY N 208 -34.01 122.03 41.89
CA GLY N 208 -33.24 122.96 42.69
C GLY N 208 -31.89 123.32 42.11
N GLY N 209 -31.49 122.72 41.00
CA GLY N 209 -30.21 123.04 40.38
C GLY N 209 -29.01 122.70 41.23
N ALA N 210 -29.04 121.57 41.92
CA ALA N 210 -27.94 121.14 42.77
C ALA N 210 -27.03 120.22 41.95
N THR N 211 -26.20 120.83 41.11
CA THR N 211 -25.26 120.06 40.30
C THR N 211 -24.18 119.41 41.17
N SER N 212 -23.68 120.14 42.16
CA SER N 212 -22.69 119.59 43.07
C SER N 212 -23.33 118.53 43.95
N PRO N 213 -22.64 117.42 44.22
CA PRO N 213 -23.21 116.40 45.12
C PRO N 213 -23.29 116.91 46.55
N LEU N 214 -24.07 116.20 47.36
CA LEU N 214 -24.25 116.58 48.75
C LEU N 214 -22.94 116.47 49.53
N THR N 215 -22.80 117.32 50.54
CA THR N 215 -21.60 117.33 51.37
C THR N 215 -21.66 116.17 52.36
N GLY N 216 -20.68 116.12 53.26
CA GLY N 216 -20.59 115.07 54.26
C GLY N 216 -19.38 114.18 54.11
N GLY N 217 -18.63 114.30 53.03
CA GLY N 217 -17.42 113.51 52.88
C GLY N 217 -17.70 112.13 52.29
N LEU N 218 -17.18 111.11 52.95
CA LEU N 218 -17.22 109.75 52.41
C LEU N 218 -18.63 109.20 52.44
N PRO N 219 -19.18 108.73 51.32
CA PRO N 219 -20.50 108.12 51.33
C PRO N 219 -20.45 106.65 51.75
N ALA N 220 -21.36 106.28 52.64
CA ALA N 220 -21.42 104.90 53.10
C ALA N 220 -22.03 103.97 52.05
N THR N 221 -22.84 104.51 51.14
CA THR N 221 -23.49 103.67 50.13
C THR N 221 -22.51 103.23 49.06
N ALA N 222 -21.38 103.93 48.92
CA ALA N 222 -20.38 103.65 47.90
C ALA N 222 -19.12 103.15 48.59
N THR N 223 -19.02 101.84 48.76
CA THR N 223 -17.86 101.21 49.36
C THR N 223 -17.34 100.01 48.58
N GLU N 224 -18.19 99.36 47.78
CA GLU N 224 -17.82 98.16 47.04
C GLU N 224 -18.34 98.28 45.61
N ASP N 225 -17.51 97.87 44.64
CA ASP N 225 -17.93 97.85 43.25
C ASP N 225 -18.54 96.49 42.91
N VAL N 226 -19.78 96.50 42.44
CA VAL N 226 -20.55 95.30 42.15
C VAL N 226 -21.06 95.38 40.72
N LYS N 227 -20.95 94.28 39.98
CA LYS N 227 -21.41 94.23 38.61
C LYS N 227 -22.78 93.57 38.45
N ASN N 228 -23.39 93.12 39.54
CA ASN N 228 -24.64 92.37 39.45
C ASN N 228 -25.76 93.25 38.90
N VAL N 229 -26.61 92.64 38.07
CA VAL N 229 -27.76 93.31 37.47
C VAL N 229 -29.01 92.59 37.98
N GLN N 230 -29.61 93.14 39.03
CA GLN N 230 -30.84 92.63 39.61
C GLN N 230 -31.81 93.80 39.81
N VAL N 231 -33.10 93.52 39.64
CA VAL N 231 -34.13 94.54 39.72
C VAL N 231 -35.20 94.07 40.70
N ALA N 232 -36.07 95.00 41.10
CA ALA N 232 -37.11 94.70 42.08
C ALA N 232 -38.10 93.70 41.52
N ASN N 233 -38.75 92.95 42.43
CA ASN N 233 -39.72 91.95 42.03
C ASN N 233 -40.93 92.54 41.32
N ALA N 234 -41.21 93.84 41.52
CA ALA N 234 -42.36 94.44 40.88
C ALA N 234 -42.14 94.65 39.39
N ASP N 235 -40.91 94.52 38.92
CA ASP N 235 -40.62 94.75 37.51
C ASP N 235 -41.09 93.58 36.65
N LEU N 236 -40.62 92.37 36.98
CA LEU N 236 -41.03 91.14 36.28
C LEU N 236 -40.76 91.22 34.78
N THR N 237 -39.61 91.78 34.42
CA THR N 237 -39.27 91.94 33.01
C THR N 237 -39.21 90.59 32.30
N GLU N 238 -38.44 89.65 32.86
CA GLU N 238 -38.32 88.34 32.22
C GLU N 238 -39.65 87.59 32.21
N ALA N 239 -40.41 87.68 33.31
CA ALA N 239 -41.69 87.01 33.36
C ALA N 239 -42.67 87.57 32.34
N LYS N 240 -42.77 88.89 32.24
CA LYS N 240 -43.65 89.49 31.24
C LYS N 240 -43.19 89.16 29.83
N ALA N 241 -41.88 89.17 29.59
CA ALA N 241 -41.37 88.82 28.27
C ALA N 241 -41.73 87.39 27.89
N ALA N 242 -41.55 86.45 28.82
CA ALA N 242 -41.90 85.07 28.54
C ALA N 242 -43.39 84.91 28.32
N LEU N 243 -44.21 85.58 29.13
CA LEU N 243 -45.66 85.49 28.96
C LEU N 243 -46.10 86.05 27.62
N THR N 244 -45.52 87.17 27.21
CA THR N 244 -45.86 87.75 25.90
C THR N 244 -45.38 86.85 24.76
N ALA N 245 -44.22 86.20 24.93
CA ALA N 245 -43.76 85.25 23.94
C ALA N 245 -44.72 84.08 23.81
N ALA N 246 -45.26 83.61 24.94
CA ALA N 246 -46.28 82.57 24.90
C ALA N 246 -47.56 83.07 24.26
N GLY N 247 -47.83 84.37 24.35
CA GLY N 247 -49.00 84.97 23.77
C GLY N 247 -50.10 85.39 24.73
N VAL N 248 -49.81 85.46 26.02
CA VAL N 248 -50.80 85.83 27.03
C VAL N 248 -50.26 87.00 27.85
N THR N 249 -51.12 87.98 28.10
CA THR N 249 -50.78 89.15 28.91
C THR N 249 -51.92 89.44 29.87
N GLY N 250 -51.59 89.81 31.09
CA GLY N 250 -52.59 90.16 32.07
C GLY N 250 -52.06 90.01 33.49
N THR N 251 -52.99 89.90 34.43
CA THR N 251 -52.64 89.73 35.83
C THR N 251 -52.18 88.31 36.09
N ALA N 252 -51.03 88.17 36.74
CA ALA N 252 -50.41 86.87 37.00
C ALA N 252 -50.28 86.64 38.50
N SER N 253 -50.59 85.42 38.93
CA SER N 253 -50.58 85.05 40.33
C SER N 253 -49.53 83.97 40.59
N VAL N 254 -48.81 84.10 41.70
CA VAL N 254 -47.80 83.13 42.12
C VAL N 254 -48.43 82.15 43.08
N VAL N 255 -48.03 80.89 42.99
CA VAL N 255 -48.58 79.81 43.80
C VAL N 255 -47.45 78.97 44.36
N LYS N 256 -47.80 78.14 45.35
CA LYS N 256 -46.88 77.19 45.96
C LYS N 256 -47.42 75.78 45.80
N MET N 257 -46.53 74.84 45.51
CA MET N 257 -46.89 73.43 45.32
C MET N 257 -47.21 72.81 46.69
N SER N 258 -48.28 73.32 47.29
CA SER N 258 -48.66 72.97 48.65
C SER N 258 -50.01 72.28 48.64
N TYR N 259 -50.44 71.84 49.82
CA TYR N 259 -51.75 71.22 50.01
C TYR N 259 -52.42 71.79 51.24
N THR N 260 -53.70 72.13 51.11
CA THR N 260 -54.52 72.54 52.23
C THR N 260 -55.32 71.33 52.70
N ASP N 261 -54.86 70.70 53.77
CA ASP N 261 -55.47 69.47 54.28
C ASP N 261 -55.27 69.46 55.78
N ASN N 262 -55.46 68.29 56.41
CA ASN N 262 -55.28 68.17 57.84
C ASN N 262 -53.87 68.54 58.27
N ASN N 263 -52.86 68.09 57.53
CA ASN N 263 -51.48 68.42 57.87
C ASN N 263 -51.13 69.85 57.52
N GLY N 264 -51.76 70.42 56.49
CA GLY N 264 -51.43 71.76 56.06
C GLY N 264 -50.07 71.83 55.39
N LYS N 265 -49.94 71.15 54.25
CA LYS N 265 -48.66 71.07 53.56
C LYS N 265 -48.28 72.41 52.96
N THR N 266 -46.98 72.68 52.94
CA THR N 266 -46.44 73.89 52.30
C THR N 266 -45.09 73.55 51.67
N ILE N 267 -45.00 73.69 50.35
CA ILE N 267 -43.77 73.48 49.60
C ILE N 267 -43.63 74.63 48.61
N ASP N 268 -42.44 75.23 48.57
CA ASP N 268 -42.22 76.40 47.73
C ASP N 268 -42.29 76.03 46.25
N GLY N 269 -42.96 76.88 45.47
CA GLY N 269 -43.11 76.65 44.04
C GLY N 269 -42.40 77.67 43.20
N GLY N 270 -41.51 78.46 43.81
CA GLY N 270 -40.77 79.46 43.08
C GLY N 270 -41.64 80.61 42.59
N LEU N 271 -41.12 81.31 41.59
CA LEU N 271 -41.81 82.46 40.99
C LEU N 271 -42.75 81.98 39.88
N ALA N 272 -43.77 81.23 40.28
CA ALA N 272 -44.80 80.77 39.36
C ALA N 272 -45.86 81.84 39.14
N VAL N 273 -45.42 83.04 38.75
CA VAL N 273 -46.30 84.19 38.57
C VAL N 273 -46.85 84.09 37.15
N LYS N 274 -47.95 83.36 37.00
CA LYS N 274 -48.53 83.09 35.70
C LYS N 274 -49.98 83.56 35.65
N VAL N 275 -50.43 83.92 34.46
CA VAL N 275 -51.80 84.40 34.29
C VAL N 275 -52.77 83.24 34.18
N GLY N 276 -52.59 82.40 33.17
CA GLY N 276 -53.54 81.34 32.90
C GLY N 276 -53.50 80.25 33.95
N ASP N 277 -54.49 79.36 33.88
CA ASP N 277 -54.58 78.25 34.84
C ASP N 277 -53.33 77.39 34.81
N ASP N 278 -52.69 77.26 33.65
CA ASP N 278 -51.41 76.56 33.58
C ASP N 278 -50.33 77.40 34.24
N TYR N 279 -50.02 77.08 35.49
CA TYR N 279 -49.07 77.85 36.28
C TYR N 279 -47.66 77.28 36.05
N TYR N 280 -46.97 77.84 35.07
CA TYR N 280 -45.59 77.45 34.83
C TYR N 280 -44.72 77.77 36.05
N SER N 281 -43.77 76.88 36.33
CA SER N 281 -42.90 77.03 37.49
C SER N 281 -41.57 77.58 37.02
N ALA N 282 -41.21 78.76 37.52
CA ALA N 282 -39.92 79.38 37.26
C ALA N 282 -38.99 79.07 38.44
N THR N 283 -37.75 78.68 38.13
CA THR N 283 -36.80 78.24 39.15
C THR N 283 -36.15 79.43 39.81
N GLN N 284 -36.23 79.49 41.14
CA GLN N 284 -35.57 80.54 41.89
C GLN N 284 -34.10 80.18 42.11
N ASN N 285 -33.23 81.17 41.93
CA ASN N 285 -31.80 80.97 42.08
C ASN N 285 -31.36 81.28 43.51
N LYS N 286 -30.05 81.16 43.75
CA LYS N 286 -29.51 81.53 45.06
C LYS N 286 -29.68 83.02 45.33
N ASP N 287 -29.45 83.86 44.32
CA ASP N 287 -29.66 85.30 44.44
C ASP N 287 -31.08 85.71 44.15
N GLY N 288 -31.97 84.76 43.86
CA GLY N 288 -33.35 85.05 43.56
C GLY N 288 -33.68 85.17 42.09
N SER N 289 -32.66 85.13 41.22
CA SER N 289 -32.89 85.28 39.79
C SER N 289 -33.80 84.19 39.26
N ILE N 290 -34.81 84.60 38.49
CA ILE N 290 -35.78 83.64 37.94
C ILE N 290 -35.17 83.00 36.69
N SER N 291 -35.30 81.68 36.62
CA SER N 291 -34.81 80.90 35.49
C SER N 291 -35.97 80.17 34.84
N ILE N 292 -36.00 80.22 33.51
CA ILE N 292 -37.08 79.63 32.72
C ILE N 292 -36.61 78.25 32.28
N ASN N 293 -37.12 77.22 32.95
CA ASN N 293 -36.76 75.83 32.63
C ASN N 293 -37.88 75.23 31.78
N THR N 294 -37.70 75.29 30.47
CA THR N 294 -38.62 74.71 29.51
C THR N 294 -37.93 73.53 28.81
N THR N 295 -38.58 72.37 28.85
CA THR N 295 -37.99 71.17 28.30
C THR N 295 -37.87 71.28 26.79
N LYS N 296 -36.73 70.80 26.26
CA LYS N 296 -36.45 70.87 24.84
C LYS N 296 -37.07 69.67 24.15
N TYR N 297 -37.74 69.91 23.02
CA TYR N 297 -38.35 68.86 22.23
C TYR N 297 -37.97 69.02 20.77
N THR N 298 -37.78 67.88 20.10
CA THR N 298 -37.53 67.88 18.66
C THR N 298 -38.86 67.63 17.95
N ALA N 299 -39.32 68.62 17.20
CA ALA N 299 -40.61 68.54 16.53
C ALA N 299 -40.44 67.81 15.19
N ASP N 300 -41.48 67.88 14.34
CA ASP N 300 -41.39 67.26 13.02
C ASP N 300 -40.29 67.88 12.18
N ASP N 301 -39.95 69.14 12.45
CA ASP N 301 -38.84 69.76 11.73
C ASP N 301 -37.49 69.22 12.17
N GLY N 302 -37.42 68.53 13.30
CA GLY N 302 -36.18 68.01 13.82
C GLY N 302 -35.34 68.99 14.60
N THR N 303 -35.86 70.19 14.87
CA THR N 303 -35.13 71.23 15.57
C THR N 303 -35.56 71.30 17.03
N SER N 304 -34.57 71.41 17.92
CA SER N 304 -34.85 71.52 19.35
C SER N 304 -35.53 72.86 19.63
N LYS N 305 -36.76 72.79 20.15
CA LYS N 305 -37.53 73.96 20.49
C LYS N 305 -38.01 73.85 21.93
N THR N 306 -38.32 75.01 22.52
CA THR N 306 -38.79 75.09 23.89
C THR N 306 -40.16 75.76 23.93
N ALA N 307 -41.03 75.26 24.81
CA ALA N 307 -42.37 75.82 24.98
C ALA N 307 -42.66 75.96 26.46
N LEU N 308 -43.52 76.93 26.78
CA LEU N 308 -43.87 77.18 28.16
C LEU N 308 -44.60 75.98 28.76
N ASN N 309 -44.22 75.61 29.99
CA ASN N 309 -44.75 74.42 30.61
C ASN N 309 -46.10 74.69 31.29
N LYS N 310 -46.72 73.62 31.75
CA LYS N 310 -48.04 73.64 32.33
C LYS N 310 -48.04 72.73 33.55
N LEU N 311 -48.92 73.04 34.51
CA LEU N 311 -49.04 72.21 35.69
C LEU N 311 -49.35 70.77 35.31
N GLY N 312 -48.62 69.83 35.93
CA GLY N 312 -48.78 68.42 35.66
C GLY N 312 -49.42 67.72 36.85
N GLY N 313 -50.16 66.66 36.57
CA GLY N 313 -50.87 65.95 37.61
C GLY N 313 -52.16 66.65 38.00
N ALA N 314 -52.91 66.01 38.90
CA ALA N 314 -54.16 66.59 39.38
C ALA N 314 -53.91 67.88 40.12
N ASP N 315 -52.90 67.90 40.99
CA ASP N 315 -52.54 69.10 41.73
C ASP N 315 -51.61 70.00 40.95
N GLY N 316 -50.79 69.44 40.07
CA GLY N 316 -49.81 70.23 39.35
C GLY N 316 -48.43 70.27 39.96
N LYS N 317 -48.12 69.36 40.89
CA LYS N 317 -46.78 69.30 41.47
C LYS N 317 -45.74 69.07 40.38
N THR N 318 -46.01 68.12 39.48
CA THR N 318 -45.18 67.95 38.30
C THR N 318 -45.57 68.99 37.24
N GLU N 319 -44.84 68.98 36.14
CA GLU N 319 -45.05 69.92 35.05
C GLU N 319 -45.20 69.18 33.73
N VAL N 320 -45.90 69.81 32.80
CA VAL N 320 -46.11 69.28 31.45
C VAL N 320 -45.91 70.40 30.44
N VAL N 321 -45.49 70.03 29.24
CA VAL N 321 -45.19 70.97 28.18
C VAL N 321 -46.35 71.00 27.19
N SER N 322 -46.77 72.20 26.81
CA SER N 322 -47.81 72.39 25.81
C SER N 322 -47.18 72.85 24.50
N ILE N 323 -47.27 72.00 23.48
CA ILE N 323 -46.76 72.31 22.15
C ILE N 323 -47.96 72.38 21.21
N GLY N 324 -48.16 73.55 20.60
CA GLY N 324 -49.28 73.72 19.68
C GLY N 324 -50.63 73.50 20.31
N GLY N 325 -50.76 73.73 21.61
CA GLY N 325 -51.99 73.46 22.32
C GLY N 325 -52.18 72.02 22.73
N LYS N 326 -51.27 71.13 22.38
CA LYS N 326 -51.34 69.72 22.74
C LYS N 326 -50.34 69.46 23.86
N THR N 327 -50.79 68.80 24.91
CA THR N 327 -50.02 68.67 26.14
C THR N 327 -49.36 67.30 26.23
N TYR N 328 -48.08 67.30 26.61
CA TYR N 328 -47.34 66.07 26.87
C TYR N 328 -46.57 66.25 28.17
N ALA N 329 -46.10 65.13 28.73
CA ALA N 329 -45.38 65.18 30.00
C ALA N 329 -44.03 65.87 29.82
N ALA N 330 -43.78 66.89 30.63
CA ALA N 330 -42.52 67.62 30.55
C ALA N 330 -41.35 66.72 30.91
N SER N 331 -41.51 65.89 31.94
CA SER N 331 -40.45 64.95 32.31
C SER N 331 -40.19 63.97 31.17
N LYS N 332 -41.24 63.49 30.52
CA LYS N 332 -41.08 62.59 29.39
C LYS N 332 -40.74 63.35 28.11
N ALA N 333 -40.96 64.68 28.09
CA ALA N 333 -40.58 65.48 26.95
C ALA N 333 -39.06 65.54 26.77
N GLU N 334 -38.30 65.14 27.78
CA GLU N 334 -36.85 65.02 27.61
C GLU N 334 -36.54 63.85 26.68
N GLY N 335 -35.74 64.11 25.66
CA GLY N 335 -35.50 63.09 24.64
C GLY N 335 -36.75 62.71 23.86
N HIS N 336 -37.53 63.71 23.45
CA HIS N 336 -38.79 63.50 22.75
C HIS N 336 -38.66 63.96 21.30
N ASN N 337 -39.27 63.21 20.40
CA ASN N 337 -39.27 63.53 18.98
C ASN N 337 -40.65 63.25 18.42
N PHE N 338 -41.26 64.28 17.82
CA PHE N 338 -42.53 64.08 17.13
C PHE N 338 -42.37 63.10 15.96
N LYS N 339 -41.23 63.17 15.26
CA LYS N 339 -40.97 62.24 14.18
C LYS N 339 -40.85 60.81 14.70
N ALA N 340 -40.07 60.61 15.77
CA ALA N 340 -39.86 59.27 16.30
C ALA N 340 -41.07 58.77 17.07
N GLN N 341 -41.67 59.61 17.90
CA GLN N 341 -42.82 59.23 18.70
C GLN N 341 -44.08 59.85 18.13
N PRO N 342 -45.04 59.06 17.66
CA PRO N 342 -46.27 59.64 17.10
C PRO N 342 -47.10 60.39 18.12
N ASP N 343 -47.33 59.79 19.29
CA ASP N 343 -48.13 60.41 20.33
C ASP N 343 -47.56 60.06 21.70
N LEU N 344 -47.78 60.95 22.65
CA LEU N 344 -47.26 60.80 24.01
C LEU N 344 -48.41 60.95 25.01
N ALA N 345 -48.09 60.77 26.28
CA ALA N 345 -49.10 60.87 27.32
C ALA N 345 -49.59 62.30 27.46
N GLU N 346 -50.91 62.44 27.57
CA GLU N 346 -51.57 63.74 27.65
C GLU N 346 -51.99 64.02 29.08
N ALA N 347 -51.70 65.23 29.56
CA ALA N 347 -52.06 65.60 30.91
C ALA N 347 -53.58 65.58 31.07
N ALA N 348 -54.03 65.02 32.20
CA ALA N 348 -55.45 64.88 32.49
C ALA N 348 -55.82 65.77 33.66
N ALA N 349 -56.93 66.50 33.51
CA ALA N 349 -57.38 67.39 34.57
C ALA N 349 -57.92 66.58 35.75
N THR N 350 -57.33 66.79 36.92
CA THR N 350 -57.69 66.07 38.14
C THR N 350 -57.62 64.55 37.95
N THR N 351 -58.22 63.80 38.86
CA THR N 351 -58.29 62.35 38.70
C THR N 351 -59.22 62.00 37.55
N THR N 352 -59.12 60.76 37.09
CA THR N 352 -59.97 60.31 35.99
C THR N 352 -61.43 60.29 36.45
N GLU N 353 -62.30 60.92 35.66
CA GLU N 353 -63.68 61.12 36.06
C GLU N 353 -64.40 59.78 36.22
N ASN N 354 -65.31 59.72 37.21
CA ASN N 354 -66.10 58.54 37.49
C ASN N 354 -65.23 57.31 37.73
N PRO N 355 -64.56 57.20 38.89
CA PRO N 355 -63.81 55.99 39.21
C PRO N 355 -64.40 54.67 38.73
N LEU N 356 -65.74 54.58 38.75
CA LEU N 356 -66.39 53.41 38.17
C LEU N 356 -66.00 53.23 36.72
N GLN N 357 -65.76 54.33 35.99
CA GLN N 357 -65.24 54.20 34.64
C GLN N 357 -63.81 53.66 34.65
N LYS N 358 -63.02 53.98 35.67
CA LYS N 358 -61.70 53.35 35.79
C LYS N 358 -61.83 51.84 35.94
N ILE N 359 -62.78 51.42 36.78
CA ILE N 359 -63.05 49.99 36.94
C ILE N 359 -63.43 49.38 35.60
N ASP N 360 -64.36 50.04 34.89
CA ASP N 360 -64.86 49.50 33.63
C ASP N 360 -63.76 49.43 32.59
N ALA N 361 -62.90 50.45 32.53
CA ALA N 361 -61.82 50.45 31.54
C ALA N 361 -60.81 49.34 31.84
N ALA N 362 -60.42 49.19 33.11
CA ALA N 362 -59.48 48.12 33.43
C ALA N 362 -60.09 46.75 33.12
N LEU N 363 -61.35 46.54 33.46
CA LEU N 363 -62.01 45.27 33.16
C LEU N 363 -62.09 45.03 31.66
N ALA N 364 -62.47 46.06 30.89
CA ALA N 364 -62.63 45.90 29.45
C ALA N 364 -61.31 45.60 28.78
N GLN N 365 -60.22 46.26 29.20
CA GLN N 365 -58.93 45.96 28.60
C GLN N 365 -58.41 44.59 29.00
N VAL N 366 -58.68 44.13 30.24
CA VAL N 366 -58.36 42.76 30.59
C VAL N 366 -59.12 41.80 29.67
N ASP N 367 -60.40 42.07 29.45
CA ASP N 367 -61.23 41.21 28.61
C ASP N 367 -60.70 41.16 27.19
N THR N 368 -60.34 42.31 26.64
CA THR N 368 -59.81 42.34 25.28
C THR N 368 -58.49 41.58 25.18
N LEU N 369 -57.61 41.75 26.17
CA LEU N 369 -56.33 41.04 26.14
C LEU N 369 -56.54 39.53 26.21
N ARG N 370 -57.43 39.08 27.09
CA ARG N 370 -57.69 37.64 27.19
C ARG N 370 -58.35 37.09 25.94
N SER N 371 -59.27 37.84 25.34
CA SER N 371 -59.88 37.39 24.09
C SER N 371 -58.84 37.26 22.99
N ASP N 372 -57.93 38.24 22.90
CA ASP N 372 -56.87 38.17 21.91
C ASP N 372 -55.98 36.96 22.13
N LEU N 373 -55.59 36.72 23.39
CA LEU N 373 -54.73 35.56 23.67
C LEU N 373 -55.44 34.27 23.34
N GLY N 374 -56.73 34.17 23.67
CA GLY N 374 -57.47 32.96 23.36
C GLY N 374 -57.56 32.69 21.88
N ALA N 375 -57.88 33.74 21.10
CA ALA N 375 -57.95 33.59 19.66
C ALA N 375 -56.60 33.16 19.09
N VAL N 376 -55.52 33.83 19.53
CA VAL N 376 -54.20 33.52 19.01
C VAL N 376 -53.83 32.08 19.34
N GLN N 377 -54.03 31.66 20.59
CA GLN N 377 -53.61 30.33 21.00
C GLN N 377 -54.41 29.24 20.28
N ASN N 378 -55.73 29.41 20.16
CA ASN N 378 -56.50 28.37 19.48
C ASN N 378 -56.16 28.32 18.00
N ARG N 379 -56.01 29.48 17.36
CA ARG N 379 -55.63 29.51 15.96
C ARG N 379 -54.28 28.83 15.73
N PHE N 380 -53.31 29.08 16.61
CA PHE N 380 -51.99 28.52 16.37
C PHE N 380 -51.91 27.04 16.73
N ASN N 381 -52.70 26.58 17.71
CA ASN N 381 -52.81 25.15 17.94
C ASN N 381 -53.42 24.46 16.73
N SER N 382 -54.47 25.06 16.14
CA SER N 382 -55.03 24.52 14.91
C SER N 382 -54.00 24.52 13.79
N ALA N 383 -53.17 25.57 13.72
CA ALA N 383 -52.15 25.64 12.68
C ALA N 383 -51.12 24.54 12.83
N ILE N 384 -50.65 24.27 14.05
CA ILE N 384 -49.64 23.23 14.24
C ILE N 384 -50.23 21.85 14.00
N THR N 385 -51.49 21.62 14.43
CA THR N 385 -52.14 20.35 14.13
C THR N 385 -52.32 20.18 12.63
N ASN N 386 -52.70 21.26 11.93
CA ASN N 386 -52.84 21.20 10.48
C ASN N 386 -51.51 20.89 9.82
N LEU N 387 -50.42 21.48 10.33
CA LEU N 387 -49.09 21.15 9.82
C LEU N 387 -48.82 19.66 9.94
N GLY N 388 -49.05 19.09 11.12
CA GLY N 388 -48.81 17.66 11.31
C GLY N 388 -49.66 16.81 10.39
N ASN N 389 -50.96 17.11 10.33
CA ASN N 389 -51.87 16.32 9.50
C ASN N 389 -51.51 16.41 8.02
N THR N 390 -51.22 17.61 7.52
CA THR N 390 -50.89 17.74 6.12
C THR N 390 -49.56 17.08 5.79
N VAL N 391 -48.58 17.16 6.69
CA VAL N 391 -47.29 16.51 6.44
C VAL N 391 -47.47 15.01 6.33
N ASN N 392 -48.15 14.40 7.31
CA ASN N 392 -48.32 12.96 7.25
C ASN N 392 -49.20 12.55 6.07
N ASN N 393 -50.22 13.34 5.74
CA ASN N 393 -51.09 13.00 4.61
C ASN N 393 -50.31 13.04 3.30
N LEU N 394 -49.56 14.11 3.05
CA LEU N 394 -48.81 14.21 1.80
C LEU N 394 -47.74 13.13 1.72
N THR N 395 -47.05 12.86 2.83
CA THR N 395 -45.99 11.86 2.80
C THR N 395 -46.56 10.46 2.57
N SER N 396 -47.69 10.14 3.21
CA SER N 396 -48.33 8.85 2.97
C SER N 396 -48.82 8.73 1.54
N ALA N 397 -49.40 9.81 1.00
CA ALA N 397 -49.91 9.76 -0.37
C ALA N 397 -48.78 9.56 -1.38
N ARG N 398 -47.66 10.25 -1.18
CA ARG N 398 -46.60 10.22 -2.19
C ARG N 398 -45.62 9.08 -1.98
N SER N 399 -45.57 8.49 -0.79
CA SER N 399 -44.58 7.45 -0.54
C SER N 399 -45.16 6.16 0.01
N ARG N 400 -46.16 6.23 0.88
CA ARG N 400 -46.68 5.00 1.49
C ARG N 400 -47.38 4.13 0.46
N ILE N 401 -48.15 4.75 -0.45
CA ILE N 401 -48.93 4.10 -1.51
C ILE N 401 -49.42 2.71 -1.15
N ASP O 1 -21.44 -17.14 -14.79
CA ASP O 1 -22.18 -18.25 -15.37
C ASP O 1 -22.77 -17.87 -16.72
N LEU O 2 -23.01 -16.57 -16.92
CA LEU O 2 -23.55 -16.09 -18.18
C LEU O 2 -22.53 -16.21 -19.31
N THR O 3 -21.27 -15.90 -19.02
CA THR O 3 -20.24 -15.94 -20.05
C THR O 3 -20.04 -17.37 -20.58
N LYS O 4 -20.05 -18.36 -19.69
CA LYS O 4 -19.88 -19.75 -20.12
C LYS O 4 -21.03 -20.18 -21.03
N ASN O 5 -22.26 -19.87 -20.63
CA ASN O 5 -23.42 -20.24 -21.44
C ASN O 5 -23.39 -19.55 -22.79
N GLU O 6 -23.03 -18.26 -22.81
CA GLU O 6 -22.95 -17.53 -24.08
C GLU O 6 -21.87 -18.12 -24.99
N LYS O 7 -20.69 -18.39 -24.44
CA LYS O 7 -19.63 -18.99 -25.24
C LYS O 7 -20.04 -20.34 -25.79
N GLY O 8 -20.74 -21.15 -24.99
CA GLY O 8 -21.21 -22.43 -25.49
C GLY O 8 -22.26 -22.29 -26.57
N ARG O 9 -23.12 -21.27 -26.46
CA ARG O 9 -24.24 -21.14 -27.39
C ARG O 9 -23.88 -20.39 -28.66
N LEU O 10 -22.73 -19.72 -28.71
CA LEU O 10 -22.36 -18.99 -29.94
C LEU O 10 -22.12 -19.94 -31.10
N THR O 11 -21.30 -20.98 -30.90
CA THR O 11 -20.86 -21.87 -31.97
C THR O 11 -21.03 -23.34 -31.58
N PRO O 12 -22.28 -23.80 -31.47
CA PRO O 12 -22.50 -25.17 -30.99
C PRO O 12 -22.44 -26.25 -32.06
N ILE O 13 -22.76 -25.91 -33.32
CA ILE O 13 -22.93 -26.93 -34.35
C ILE O 13 -22.09 -26.59 -35.58
N THR O 14 -21.41 -25.44 -35.55
CA THR O 14 -20.71 -24.96 -36.74
C THR O 14 -19.65 -25.95 -37.22
N LYS O 15 -19.11 -26.76 -36.31
CA LYS O 15 -18.06 -27.72 -36.70
C LYS O 15 -18.58 -28.72 -37.71
N GLN O 16 -19.84 -29.14 -37.61
CA GLN O 16 -20.39 -30.10 -38.56
C GLN O 16 -20.47 -29.50 -39.96
N GLN O 17 -20.94 -28.27 -40.08
CA GLN O 17 -21.01 -27.62 -41.39
C GLN O 17 -19.61 -27.38 -41.94
N SER O 18 -18.66 -27.01 -41.08
CA SER O 18 -17.28 -26.86 -41.53
C SER O 18 -16.72 -28.18 -42.05
N ALA O 19 -17.01 -29.28 -41.35
CA ALA O 19 -16.57 -30.60 -41.80
C ALA O 19 -17.18 -30.97 -43.13
N ASN O 20 -18.47 -30.66 -43.32
CA ASN O 20 -19.12 -30.95 -44.60
C ASN O 20 -18.50 -30.14 -45.73
N SER O 21 -18.21 -28.86 -45.48
CA SER O 21 -17.54 -28.04 -46.48
C SER O 21 -16.15 -28.58 -46.80
N ALA O 22 -15.42 -29.03 -45.78
CA ALA O 22 -14.11 -29.63 -46.01
C ALA O 22 -14.23 -30.89 -46.85
N LYS O 23 -15.26 -31.70 -46.58
CA LYS O 23 -15.51 -32.89 -47.38
C LYS O 23 -15.78 -32.52 -48.83
N LEU O 24 -16.60 -31.49 -49.06
CA LEU O 24 -16.87 -31.04 -50.43
C LEU O 24 -15.60 -30.60 -51.13
N THR O 25 -14.75 -29.86 -50.42
CA THR O 25 -13.47 -29.47 -50.99
C THR O 25 -12.61 -30.69 -51.29
N ALA O 26 -12.72 -31.73 -50.44
CA ALA O 26 -11.97 -32.97 -50.70
C ALA O 26 -12.44 -33.64 -51.98
N TYR O 27 -13.75 -33.73 -52.19
CA TYR O 27 -14.24 -34.27 -53.45
C TYR O 27 -13.80 -33.41 -54.63
N GLY O 28 -13.78 -32.09 -54.46
CA GLY O 28 -13.28 -31.24 -55.53
C GLY O 28 -11.83 -31.52 -55.86
N THR O 29 -10.98 -31.69 -54.84
CA THR O 29 -9.57 -31.97 -55.07
C THR O 29 -9.36 -33.32 -55.74
N LEU O 30 -10.08 -34.35 -55.27
CA LEU O 30 -9.92 -35.65 -55.91
C LEU O 30 -10.49 -35.64 -57.33
N LYS O 31 -11.52 -34.83 -57.58
CA LYS O 31 -12.00 -34.65 -58.94
C LYS O 31 -10.94 -34.01 -59.82
N SER O 32 -10.23 -33.02 -59.29
CA SER O 32 -9.12 -32.43 -60.04
C SER O 32 -8.05 -33.46 -60.35
N ALA O 33 -7.71 -34.29 -59.36
CA ALA O 33 -6.70 -35.32 -59.58
C ALA O 33 -7.15 -36.31 -60.66
N LEU O 34 -8.39 -36.79 -60.56
CA LEU O 34 -8.86 -37.76 -61.54
C LEU O 34 -9.00 -37.13 -62.93
N GLU O 35 -9.31 -35.83 -63.01
CA GLU O 35 -9.42 -35.24 -64.34
C GLU O 35 -8.05 -34.99 -64.96
N LYS O 36 -7.04 -34.65 -64.15
CA LYS O 36 -5.70 -34.57 -64.72
C LYS O 36 -5.23 -35.96 -65.15
N PHE O 37 -5.67 -37.01 -64.45
CA PHE O 37 -5.37 -38.36 -64.91
C PHE O 37 -6.11 -38.66 -66.21
N GLN O 38 -7.34 -38.14 -66.35
CA GLN O 38 -8.05 -38.24 -67.63
C GLN O 38 -7.25 -37.60 -68.74
N THR O 39 -6.70 -36.42 -68.49
CA THR O 39 -5.91 -35.73 -69.49
C THR O 39 -4.68 -36.55 -69.87
N ALA O 40 -4.02 -37.14 -68.87
CA ALA O 40 -2.86 -38.00 -69.15
C ALA O 40 -3.28 -39.20 -70.02
N ASN O 41 -4.41 -39.82 -69.67
CA ASN O 41 -4.90 -40.95 -70.45
C ASN O 41 -5.17 -40.55 -71.89
N THR O 42 -5.89 -39.45 -72.09
CA THR O 42 -6.25 -39.02 -73.44
C THR O 42 -5.02 -38.62 -74.24
N ALA O 43 -4.01 -38.06 -73.56
CA ALA O 43 -2.80 -37.62 -74.26
C ALA O 43 -1.95 -38.81 -74.69
N LEU O 44 -1.80 -39.82 -73.82
CA LEU O 44 -0.81 -40.86 -74.06
C LEU O 44 -1.40 -42.23 -74.39
N ASN O 45 -2.73 -42.33 -74.54
CA ASN O 45 -3.33 -43.63 -74.83
C ASN O 45 -3.00 -44.09 -76.25
N LYS O 46 -2.50 -43.19 -77.10
CA LYS O 46 -2.23 -43.53 -78.49
C LYS O 46 -1.15 -44.60 -78.57
N ALA O 47 -1.36 -45.63 -79.39
CA ALA O 47 -0.48 -46.78 -79.41
C ALA O 47 0.54 -46.76 -80.54
N ASP O 48 0.32 -45.97 -81.59
CA ASP O 48 1.24 -45.97 -82.71
C ASP O 48 2.58 -45.35 -82.35
N LEU O 49 2.65 -44.64 -81.22
CA LEU O 49 3.91 -44.00 -80.82
C LEU O 49 4.97 -45.03 -80.45
N PHE O 50 4.56 -46.26 -80.14
CA PHE O 50 5.51 -47.36 -79.96
C PHE O 50 6.15 -47.81 -81.25
N LYS O 51 5.67 -47.32 -82.40
CA LYS O 51 6.18 -47.72 -83.71
C LYS O 51 7.22 -46.74 -84.25
N SER O 52 7.76 -45.86 -83.40
CA SER O 52 8.72 -44.87 -83.86
C SER O 52 9.98 -45.54 -84.39
N THR O 53 10.38 -45.15 -85.60
CA THR O 53 11.58 -45.68 -86.25
C THR O 53 12.35 -44.51 -86.89
N VAL O 54 12.56 -43.46 -86.10
CA VAL O 54 13.22 -42.27 -86.61
C VAL O 54 14.68 -42.58 -86.93
N ALA O 55 15.14 -42.09 -88.09
CA ALA O 55 16.52 -42.28 -88.52
C ALA O 55 16.90 -41.15 -89.47
N SER O 56 18.20 -41.00 -89.71
CA SER O 56 18.73 -39.93 -90.54
C SER O 56 19.63 -40.52 -91.62
N SER O 57 19.75 -39.78 -92.72
CA SER O 57 20.58 -40.18 -93.85
C SER O 57 21.93 -39.46 -93.81
N THR O 58 22.95 -40.10 -94.38
CA THR O 58 24.28 -39.51 -94.38
C THR O 58 24.38 -38.34 -95.34
N THR O 59 23.71 -38.41 -96.49
CA THR O 59 23.81 -37.35 -97.48
C THR O 59 23.13 -36.07 -96.99
N GLU O 60 23.69 -34.92 -97.38
CA GLU O 60 23.15 -33.64 -96.98
C GLU O 60 22.35 -32.96 -98.10
N ASP O 61 22.69 -33.25 -99.36
CA ASP O 61 21.97 -32.64 -100.47
C ASP O 61 20.49 -33.02 -100.46
N LEU O 62 20.20 -34.29 -100.20
CA LEU O 62 18.83 -34.78 -100.06
C LEU O 62 18.59 -35.18 -98.62
N LYS O 63 17.38 -34.85 -98.12
CA LYS O 63 17.01 -35.12 -96.75
C LYS O 63 15.71 -35.90 -96.70
N VAL O 64 15.59 -36.74 -95.68
CA VAL O 64 14.41 -37.55 -95.46
C VAL O 64 13.89 -37.30 -94.05
N SER O 65 12.59 -37.08 -93.94
CA SER O 65 11.92 -36.90 -92.65
C SER O 65 10.99 -38.08 -92.45
N THR O 66 11.22 -38.81 -91.36
CA THR O 66 10.45 -40.01 -91.02
C THR O 66 9.60 -39.72 -89.79
N THR O 67 8.30 -40.00 -89.91
CA THR O 67 7.39 -39.78 -88.80
C THR O 67 7.10 -41.09 -88.08
N ALA O 68 6.31 -41.00 -87.01
CA ALA O 68 5.96 -42.17 -86.23
C ALA O 68 5.09 -43.12 -87.03
N GLY O 69 5.14 -44.40 -86.67
CA GLY O 69 4.39 -45.42 -87.35
C GLY O 69 5.09 -46.03 -88.55
N ALA O 70 6.28 -45.55 -88.92
CA ALA O 70 7.01 -46.10 -90.04
C ALA O 70 7.78 -47.35 -89.61
N ALA O 71 8.12 -48.16 -90.60
CA ALA O 71 8.88 -49.38 -90.35
C ALA O 71 10.37 -49.12 -90.52
N ALA O 72 11.17 -50.18 -90.30
CA ALA O 72 12.62 -50.10 -90.35
C ALA O 72 13.13 -50.89 -91.54
N GLY O 73 14.04 -50.30 -92.30
CA GLY O 73 14.65 -50.99 -93.41
C GLY O 73 15.57 -50.05 -94.18
N THR O 74 16.49 -50.67 -94.92
CA THR O 74 17.39 -49.91 -95.76
C THR O 74 16.69 -49.47 -97.04
N TYR O 75 17.25 -48.45 -97.69
CA TYR O 75 16.63 -47.88 -98.86
C TYR O 75 17.71 -47.24 -99.73
N LYS O 76 17.49 -47.25 -101.04
CA LYS O 76 18.46 -46.75 -102.01
C LYS O 76 17.82 -45.64 -102.83
N ILE O 77 18.53 -44.51 -102.94
CA ILE O 77 18.06 -43.33 -103.63
C ILE O 77 19.12 -42.88 -104.64
N ASN O 78 18.67 -42.58 -105.86
CA ASN O 78 19.52 -41.98 -106.88
C ASN O 78 18.70 -41.01 -107.71
N VAL O 79 19.35 -39.93 -108.13
CA VAL O 79 18.74 -38.91 -108.98
C VAL O 79 19.61 -38.74 -110.21
N THR O 80 18.99 -38.77 -111.38
CA THR O 80 19.73 -38.68 -112.64
C THR O 80 19.86 -37.25 -113.13
N GLN O 81 18.75 -36.52 -113.22
CA GLN O 81 18.74 -35.14 -113.68
C GLN O 81 18.28 -34.22 -112.56
N LEU O 82 18.94 -33.08 -112.42
CA LEU O 82 18.56 -32.11 -111.41
C LEU O 82 17.18 -31.56 -111.68
N ALA O 83 16.43 -31.30 -110.60
CA ALA O 83 15.05 -30.83 -110.72
C ALA O 83 15.00 -29.51 -111.46
N ALA O 84 14.09 -29.42 -112.43
CA ALA O 84 13.91 -28.22 -113.24
C ALA O 84 12.51 -27.66 -112.99
N ALA O 85 12.45 -26.34 -112.78
CA ALA O 85 11.20 -25.66 -112.50
C ALA O 85 10.66 -24.99 -113.76
N GLN O 86 9.35 -25.08 -113.96
CA GLN O 86 8.71 -24.44 -115.09
C GLN O 86 8.90 -22.92 -115.02
N SER O 87 9.29 -22.32 -116.13
CA SER O 87 9.57 -20.89 -116.20
C SER O 87 8.69 -20.24 -117.25
N LEU O 88 8.05 -19.13 -116.88
CA LEU O 88 7.21 -18.36 -117.78
C LEU O 88 7.71 -16.92 -117.83
N ALA O 89 7.62 -16.32 -119.01
CA ALA O 89 7.92 -14.90 -119.20
C ALA O 89 6.64 -14.16 -119.52
N THR O 90 6.37 -13.11 -118.74
CA THR O 90 5.15 -12.33 -118.90
C THR O 90 5.27 -11.44 -120.14
N LYS O 91 4.21 -11.41 -120.94
CA LYS O 91 4.21 -10.66 -122.19
C LYS O 91 3.89 -9.19 -121.89
N THR O 92 4.93 -8.47 -121.48
CA THR O 92 4.86 -7.04 -121.22
C THR O 92 5.72 -6.28 -122.23
N THR O 93 5.96 -6.89 -123.39
CA THR O 93 6.81 -6.30 -124.42
C THR O 93 5.95 -5.38 -125.29
N PHE O 94 5.91 -4.11 -124.90
CA PHE O 94 5.21 -3.08 -125.65
C PHE O 94 6.14 -1.88 -125.80
N ALA O 95 5.89 -1.10 -126.85
CA ALA O 95 6.72 0.09 -127.09
C ALA O 95 6.62 1.08 -125.95
N THR O 96 5.41 1.32 -125.44
CA THR O 96 5.19 2.22 -124.32
C THR O 96 4.43 1.47 -123.23
N THR O 97 5.00 1.42 -122.04
CA THR O 97 4.37 0.78 -120.89
C THR O 97 3.57 1.76 -120.04
N LYS O 98 3.49 3.03 -120.45
CA LYS O 98 2.69 3.99 -119.71
C LYS O 98 1.20 3.69 -119.82
N GLU O 99 0.75 3.14 -120.95
CA GLU O 99 -0.62 2.71 -121.08
C GLU O 99 -0.91 1.56 -120.09
N GLN O 100 -2.13 1.56 -119.57
CA GLN O 100 -2.47 0.63 -118.50
C GLN O 100 -2.36 -0.81 -118.97
N LEU O 101 -1.69 -1.64 -118.16
CA LEU O 101 -1.51 -3.04 -118.53
C LEU O 101 -2.84 -3.77 -118.63
N GLY O 102 -3.75 -3.51 -117.71
CA GLY O 102 -5.10 -4.05 -117.76
C GLY O 102 -6.07 -2.97 -118.21
N ASP O 103 -6.95 -3.34 -119.12
CA ASP O 103 -7.86 -2.36 -119.70
C ASP O 103 -8.92 -1.94 -118.68
N THR O 104 -9.08 -0.62 -118.53
CA THR O 104 -10.11 -0.05 -117.67
C THR O 104 -11.40 0.25 -118.42
N SER O 105 -11.38 0.21 -119.75
CA SER O 105 -12.61 0.41 -120.51
C SER O 105 -13.53 -0.80 -120.38
N VAL O 106 -12.96 -2.00 -120.30
CA VAL O 106 -13.76 -3.21 -120.12
C VAL O 106 -14.45 -3.17 -118.77
N THR O 107 -15.75 -3.47 -118.77
CA THR O 107 -16.53 -3.36 -117.54
C THR O 107 -16.09 -4.40 -116.51
N SER O 108 -15.67 -5.58 -116.95
CA SER O 108 -15.29 -6.65 -116.04
C SER O 108 -14.18 -7.49 -116.66
N ARG O 109 -13.13 -7.75 -115.88
CA ARG O 109 -12.06 -8.62 -116.33
C ARG O 109 -12.55 -10.04 -116.46
N THR O 110 -12.19 -10.69 -117.57
CA THR O 110 -12.61 -12.05 -117.88
C THR O 110 -11.38 -12.89 -118.19
N ILE O 111 -10.87 -13.60 -117.19
CA ILE O 111 -9.72 -14.48 -117.36
C ILE O 111 -10.07 -15.82 -116.73
N LYS O 112 -9.86 -16.90 -117.49
CA LYS O 112 -10.16 -18.26 -117.05
C LYS O 112 -8.89 -19.08 -117.03
N ILE O 113 -8.54 -19.60 -115.85
CA ILE O 113 -7.39 -20.46 -115.66
C ILE O 113 -7.90 -21.81 -115.17
N GLU O 114 -7.53 -22.88 -115.86
CA GLU O 114 -7.99 -24.21 -115.53
C GLU O 114 -6.82 -25.15 -115.27
N GLN O 115 -7.00 -26.07 -114.33
CA GLN O 115 -6.06 -27.13 -114.01
C GLN O 115 -6.77 -28.47 -113.98
N PRO O 116 -6.13 -29.55 -114.45
CA PRO O 116 -6.78 -30.87 -114.45
C PRO O 116 -7.14 -31.36 -113.06
N GLY O 117 -6.30 -31.05 -112.07
CA GLY O 117 -6.54 -31.55 -110.73
C GLY O 117 -7.79 -30.99 -110.08
N ARG O 118 -7.99 -29.67 -110.20
CA ARG O 118 -9.13 -29.02 -109.59
C ARG O 118 -10.33 -29.09 -110.53
N LYS O 119 -11.45 -29.62 -110.02
CA LYS O 119 -12.61 -29.87 -110.88
C LYS O 119 -13.20 -28.57 -111.42
N GLU O 120 -13.40 -27.58 -110.55
CA GLU O 120 -14.06 -26.35 -110.96
C GLU O 120 -13.07 -25.41 -111.63
N PRO O 121 -13.35 -24.91 -112.83
CA PRO O 121 -12.43 -23.97 -113.47
C PRO O 121 -12.34 -22.66 -112.71
N LEU O 122 -11.16 -22.04 -112.78
CA LEU O 122 -10.90 -20.76 -112.13
C LEU O 122 -11.34 -19.64 -113.05
N GLU O 123 -12.19 -18.75 -112.53
CA GLU O 123 -12.60 -17.54 -113.24
C GLU O 123 -12.63 -16.41 -112.23
N ILE O 124 -12.03 -15.28 -112.59
CA ILE O 124 -11.78 -14.20 -111.64
C ILE O 124 -12.91 -13.18 -111.74
N LYS O 125 -13.21 -12.54 -110.61
CA LYS O 125 -14.31 -11.59 -110.49
C LYS O 125 -13.78 -10.21 -110.11
N LEU O 126 -12.65 -9.83 -110.70
CA LEU O 126 -12.08 -8.51 -110.44
C LEU O 126 -13.00 -7.42 -110.98
N ASP O 127 -13.09 -6.32 -110.24
CA ASP O 127 -13.95 -5.21 -110.58
C ASP O 127 -13.19 -4.19 -111.43
N LYS O 128 -13.91 -3.19 -111.91
CA LYS O 128 -13.31 -2.16 -112.75
C LYS O 128 -12.50 -1.19 -111.89
N GLY O 129 -11.48 -0.59 -112.52
CA GLY O 129 -10.66 0.40 -111.87
C GLY O 129 -9.50 -0.14 -111.06
N ASP O 130 -9.34 -1.46 -111.00
CA ASP O 130 -8.27 -2.10 -110.24
C ASP O 130 -7.46 -3.00 -111.16
N THR O 131 -7.11 -2.48 -112.34
CA THR O 131 -6.42 -3.25 -113.36
C THR O 131 -4.90 -3.05 -113.35
N SER O 132 -4.37 -2.30 -112.40
CA SER O 132 -2.93 -2.15 -112.29
C SER O 132 -2.29 -3.47 -111.91
N MET O 133 -1.07 -3.69 -112.41
CA MET O 133 -0.39 -4.97 -112.19
C MET O 133 -0.16 -5.24 -110.71
N GLU O 134 0.27 -4.22 -109.96
CA GLU O 134 0.41 -4.38 -108.51
C GLU O 134 -0.94 -4.64 -107.86
N ALA O 135 -2.01 -4.02 -108.38
CA ALA O 135 -3.35 -4.31 -107.88
C ALA O 135 -3.74 -5.75 -108.16
N ILE O 136 -3.36 -6.27 -109.33
CA ILE O 136 -3.64 -7.67 -109.64
C ILE O 136 -2.90 -8.60 -108.67
N ARG O 137 -1.62 -8.28 -108.39
CA ARG O 137 -0.86 -9.09 -107.44
C ARG O 137 -1.49 -9.03 -106.05
N ASP O 138 -1.93 -7.85 -105.64
CA ASP O 138 -2.57 -7.70 -104.33
C ASP O 138 -3.88 -8.49 -104.27
N ALA O 139 -4.66 -8.48 -105.37
CA ALA O 139 -5.88 -9.26 -105.41
C ALA O 139 -5.59 -10.75 -105.34
N ILE O 140 -4.53 -11.20 -106.02
CA ILE O 140 -4.14 -12.60 -105.96
C ILE O 140 -3.78 -12.98 -104.53
N ASN O 141 -3.01 -12.11 -103.86
CA ASN O 141 -2.63 -12.38 -102.48
C ASN O 141 -3.85 -12.41 -101.56
N ASP O 142 -4.78 -11.47 -101.75
CA ASP O 142 -5.96 -11.41 -100.89
C ASP O 142 -6.86 -12.63 -101.09
N ALA O 143 -7.04 -13.06 -102.33
CA ALA O 143 -7.88 -14.21 -102.65
C ALA O 143 -7.17 -15.54 -102.41
N ASP O 144 -5.85 -15.52 -102.15
CA ASP O 144 -5.08 -16.73 -101.92
C ASP O 144 -5.23 -17.72 -103.07
N SER O 145 -5.16 -17.21 -104.29
CA SER O 145 -5.31 -18.05 -105.47
C SER O 145 -4.18 -19.06 -105.56
N GLY O 146 -4.47 -20.21 -106.19
CA GLY O 146 -3.45 -21.22 -106.36
C GLY O 146 -2.25 -20.72 -107.12
N ILE O 147 -2.49 -19.94 -108.17
CA ILE O 147 -1.39 -19.33 -108.91
C ILE O 147 -0.62 -18.39 -108.00
N ALA O 148 0.71 -18.44 -108.10
CA ALA O 148 1.57 -17.63 -107.26
C ALA O 148 2.52 -16.81 -108.14
N ALA O 149 2.63 -15.53 -107.82
CA ALA O 149 3.54 -14.63 -108.49
C ALA O 149 4.51 -14.04 -107.46
N SER O 150 5.77 -14.50 -107.52
CA SER O 150 6.79 -14.03 -106.60
C SER O 150 7.58 -12.91 -107.27
N ILE O 151 8.01 -11.95 -106.46
CA ILE O 151 8.75 -10.79 -106.94
C ILE O 151 10.11 -11.26 -107.43
N VAL O 152 10.29 -11.29 -108.75
CA VAL O 152 11.55 -11.64 -109.38
C VAL O 152 11.93 -10.52 -110.33
N LYS O 153 13.03 -9.83 -110.02
CA LYS O 153 13.54 -8.74 -110.83
C LYS O 153 14.87 -9.19 -111.43
N VAL O 154 15.00 -9.10 -112.76
CA VAL O 154 16.25 -9.52 -113.39
C VAL O 154 17.28 -8.40 -113.33
N LYS O 155 16.87 -7.17 -113.66
CA LYS O 155 17.74 -6.01 -113.58
C LYS O 155 16.91 -4.77 -113.87
N GLU O 156 17.58 -3.61 -113.85
CA GLU O 156 16.91 -2.34 -114.09
C GLU O 156 16.37 -2.26 -115.52
N ASN O 157 15.30 -1.48 -115.68
CA ASN O 157 14.72 -1.17 -116.99
C ASN O 157 14.14 -2.40 -117.68
N GLU O 158 13.76 -3.40 -116.90
CA GLU O 158 13.11 -4.59 -117.43
C GLU O 158 11.99 -5.03 -116.50
N PHE O 159 10.80 -5.23 -117.05
CA PHE O 159 9.65 -5.71 -116.31
C PHE O 159 9.39 -7.16 -116.71
N GLN O 160 9.45 -8.05 -115.74
CA GLN O 160 9.27 -9.49 -115.95
C GLN O 160 8.60 -10.09 -114.73
N LEU O 161 7.85 -11.17 -114.94
CA LEU O 161 7.18 -11.87 -113.86
C LEU O 161 6.86 -13.29 -114.30
N VAL O 162 6.92 -14.22 -113.36
CA VAL O 162 6.54 -15.61 -113.57
C VAL O 162 5.29 -15.88 -112.77
N LEU O 163 4.45 -16.81 -113.24
CA LEU O 163 3.22 -17.20 -112.58
C LEU O 163 3.09 -18.70 -112.72
N THR O 164 3.59 -19.43 -111.72
CA THR O 164 3.59 -20.90 -111.74
C THR O 164 3.07 -21.40 -110.41
N ALA O 165 1.81 -21.83 -110.38
CA ALA O 165 1.27 -22.48 -109.20
C ALA O 165 1.98 -23.80 -108.93
N ASN O 166 2.19 -24.59 -109.98
CA ASN O 166 2.89 -25.87 -109.89
C ASN O 166 3.61 -26.10 -111.21
N SER O 167 4.08 -27.33 -111.41
CA SER O 167 4.72 -27.73 -112.65
C SER O 167 4.38 -29.19 -112.94
N GLY O 168 4.52 -29.56 -114.20
CA GLY O 168 4.27 -30.94 -114.58
C GLY O 168 3.07 -31.08 -115.51
N THR O 169 3.06 -32.17 -116.26
CA THR O 169 1.94 -32.41 -117.17
C THR O 169 0.65 -32.72 -116.42
N ASP O 170 0.75 -33.30 -115.24
CA ASP O 170 -0.45 -33.54 -114.43
C ASP O 170 -1.05 -32.22 -113.96
N ASN O 171 -0.22 -31.28 -113.56
CA ASN O 171 -0.68 -29.97 -113.08
C ASN O 171 -0.35 -28.93 -114.15
N THR O 172 -1.26 -28.78 -115.10
CA THR O 172 -1.10 -27.81 -116.19
C THR O 172 -2.10 -26.68 -116.02
N MET O 173 -1.63 -25.47 -116.29
CA MET O 173 -2.45 -24.26 -116.17
C MET O 173 -2.77 -23.76 -117.58
N LYS O 174 -4.03 -23.90 -117.97
CA LYS O 174 -4.51 -23.39 -119.25
C LYS O 174 -5.22 -22.07 -118.96
N ILE O 175 -4.61 -20.97 -119.36
CA ILE O 175 -5.11 -19.63 -119.08
C ILE O 175 -5.52 -18.99 -120.39
N THR O 176 -6.76 -18.51 -120.44
CA THR O 176 -7.30 -17.81 -121.59
C THR O 176 -8.11 -16.62 -121.10
N VAL O 177 -8.57 -15.80 -122.04
CA VAL O 177 -9.40 -14.64 -121.74
C VAL O 177 -10.71 -14.79 -122.50
N GLU O 178 -11.83 -14.68 -121.78
CA GLU O 178 -13.13 -14.78 -122.42
C GLU O 178 -13.33 -13.67 -123.45
N GLY O 179 -12.99 -12.44 -123.08
CA GLY O 179 -13.04 -11.34 -124.02
C GLY O 179 -12.19 -10.16 -123.62
N ASP O 180 -11.31 -9.71 -124.51
CA ASP O 180 -10.49 -8.53 -124.29
C ASP O 180 -10.00 -8.02 -125.63
N THR O 181 -9.75 -6.71 -125.70
CA THR O 181 -9.27 -6.10 -126.94
C THR O 181 -7.87 -6.59 -127.29
N LYS O 182 -6.99 -6.69 -126.30
CA LYS O 182 -5.61 -7.09 -126.55
C LYS O 182 -5.19 -8.24 -125.63
N LEU O 183 -5.74 -8.28 -124.43
CA LEU O 183 -5.36 -9.29 -123.45
C LEU O 183 -5.81 -10.69 -123.85
N ASN O 184 -6.75 -10.82 -124.78
CA ASN O 184 -7.22 -12.14 -125.19
C ASN O 184 -6.13 -12.90 -125.94
N ASP O 185 -5.50 -12.26 -126.91
CA ASP O 185 -4.42 -12.91 -127.64
C ASP O 185 -3.13 -12.96 -126.83
N LEU O 186 -2.87 -11.92 -126.03
CA LEU O 186 -1.64 -11.88 -125.24
C LEU O 186 -1.59 -13.01 -124.22
N LEU O 187 -2.72 -13.31 -123.58
CA LEU O 187 -2.79 -14.34 -122.56
C LEU O 187 -3.07 -15.73 -123.11
N ALA O 188 -3.17 -15.87 -124.44
CA ALA O 188 -3.41 -17.17 -125.05
C ALA O 188 -2.20 -18.08 -124.82
N TYR O 189 -2.43 -19.19 -124.14
CA TYR O 189 -1.34 -20.11 -123.81
C TYR O 189 -1.93 -21.47 -123.45
N ASP O 190 -1.29 -22.53 -123.94
CA ASP O 190 -1.71 -23.89 -123.66
C ASP O 190 -0.51 -24.68 -123.16
N SER O 191 -0.64 -25.27 -121.96
CA SER O 191 0.44 -26.07 -121.41
C SER O 191 0.53 -27.44 -122.07
N THR O 192 -0.62 -28.03 -122.42
CA THR O 192 -0.61 -29.35 -123.03
C THR O 192 0.09 -29.34 -124.39
N THR O 193 -0.19 -28.32 -125.21
CA THR O 193 0.44 -28.22 -126.52
C THR O 193 1.91 -27.79 -126.42
N ASN O 194 2.28 -27.06 -125.37
CA ASN O 194 3.63 -26.57 -125.13
C ASN O 194 4.12 -25.63 -126.22
N THR O 195 3.23 -25.18 -127.10
CA THR O 195 3.57 -24.23 -128.15
C THR O 195 2.59 -23.07 -128.09
N GLY O 196 3.12 -21.85 -128.12
CA GLY O 196 2.28 -20.67 -128.00
C GLY O 196 2.98 -19.45 -128.55
N ASN O 197 2.20 -18.38 -128.69
CA ASN O 197 2.75 -17.12 -129.21
C ASN O 197 3.69 -16.47 -128.22
N MET O 198 3.56 -16.77 -126.94
CA MET O 198 4.48 -16.27 -125.92
C MET O 198 5.64 -17.24 -125.75
N GLN O 199 6.85 -16.70 -125.75
CA GLN O 199 8.02 -17.53 -125.52
C GLN O 199 8.17 -17.81 -124.03
N GLU O 200 8.84 -18.91 -123.71
CA GLU O 200 9.04 -19.34 -122.33
C GLU O 200 10.49 -19.79 -122.16
N LEU O 201 11.01 -19.59 -120.94
CA LEU O 201 12.40 -19.95 -120.67
C LEU O 201 12.54 -21.46 -120.48
N VAL O 202 11.86 -22.02 -119.48
CA VAL O 202 11.88 -23.45 -119.21
C VAL O 202 10.46 -23.96 -119.27
N LYS O 203 10.25 -25.02 -120.05
CA LYS O 203 8.93 -25.62 -120.19
C LYS O 203 8.53 -26.32 -118.90
N ALA O 204 7.24 -26.66 -118.81
CA ALA O 204 6.77 -27.46 -117.69
C ALA O 204 7.44 -28.81 -117.70
N GLU O 205 8.12 -29.13 -116.59
CA GLU O 205 8.94 -30.34 -116.55
C GLU O 205 8.63 -31.09 -115.25
N ASN O 206 9.04 -32.35 -115.22
CA ASN O 206 8.81 -33.23 -114.08
C ASN O 206 10.13 -33.58 -113.42
N ALA O 207 10.04 -33.87 -112.12
CA ALA O 207 11.20 -34.35 -111.39
C ALA O 207 11.58 -35.76 -111.88
N LYS O 208 12.64 -36.30 -111.30
CA LYS O 208 13.16 -37.60 -111.71
C LYS O 208 14.03 -38.16 -110.59
N LEU O 209 13.66 -39.34 -110.09
CA LEU O 209 14.50 -40.02 -109.12
C LEU O 209 14.42 -41.52 -109.34
N ASN O 210 15.58 -42.17 -109.23
CA ASN O 210 15.69 -43.62 -109.40
C ASN O 210 15.91 -44.26 -108.03
N VAL O 211 14.95 -45.07 -107.59
CA VAL O 211 15.05 -45.79 -106.33
C VAL O 211 14.69 -47.25 -106.58
N ASN O 212 15.51 -48.15 -106.05
CA ASN O 212 15.29 -49.60 -106.16
C ASN O 212 15.15 -50.03 -107.62
N GLY O 213 15.90 -49.38 -108.51
CA GLY O 213 15.87 -49.71 -109.91
C GLY O 213 14.67 -49.20 -110.67
N ILE O 214 13.81 -48.40 -110.03
CA ILE O 214 12.58 -47.90 -110.64
C ILE O 214 12.62 -46.38 -110.61
N ASP O 215 12.25 -45.76 -111.73
CA ASP O 215 12.27 -44.31 -111.85
C ASP O 215 10.88 -43.73 -111.60
N ILE O 216 10.85 -42.62 -110.87
CA ILE O 216 9.62 -41.88 -110.60
C ILE O 216 9.81 -40.46 -111.13
N GLU O 217 8.83 -39.99 -111.91
CA GLU O 217 8.87 -38.69 -112.56
C GLU O 217 7.85 -37.72 -112.00
N ARG O 218 7.64 -37.71 -110.69
CA ARG O 218 6.64 -36.81 -110.11
C ARG O 218 7.26 -35.47 -109.75
N GLN O 219 6.88 -34.44 -110.48
CA GLN O 219 7.35 -33.09 -110.16
C GLN O 219 6.80 -32.61 -108.82
N SER O 220 5.55 -32.96 -108.52
CA SER O 220 4.93 -32.53 -107.28
C SER O 220 5.70 -33.05 -106.08
N ASN O 221 5.98 -32.15 -105.14
CA ASN O 221 6.70 -32.54 -103.93
C ASN O 221 5.77 -33.14 -102.90
N THR O 222 4.46 -33.12 -103.17
CA THR O 222 3.50 -33.74 -102.26
C THR O 222 3.66 -35.25 -102.29
N VAL O 223 4.12 -35.81 -101.18
CA VAL O 223 4.38 -37.24 -101.07
C VAL O 223 3.73 -37.73 -99.79
N THR O 224 2.48 -38.19 -99.90
CA THR O 224 1.70 -38.61 -98.74
C THR O 224 0.96 -39.93 -98.94
N ASP O 225 0.68 -40.30 -100.19
CA ASP O 225 -0.22 -41.42 -100.43
C ASP O 225 0.44 -42.76 -100.10
N ALA O 226 1.52 -43.10 -100.81
CA ALA O 226 2.15 -44.40 -100.68
C ALA O 226 2.99 -44.52 -99.40
N PRO O 227 3.97 -43.63 -99.15
CA PRO O 227 4.85 -43.85 -97.99
C PRO O 227 4.14 -43.81 -96.65
N GLN O 228 3.08 -43.00 -96.52
CA GLN O 228 2.32 -42.88 -95.27
C GLN O 228 3.21 -42.47 -94.10
N GLY O 229 3.93 -41.37 -94.29
CA GLY O 229 4.73 -40.81 -93.21
C GLY O 229 6.22 -40.70 -93.51
N ILE O 230 6.58 -40.66 -94.80
CA ILE O 230 7.97 -40.52 -95.22
C ILE O 230 8.02 -39.38 -96.22
N THR O 231 8.73 -38.30 -95.89
CA THR O 231 8.85 -37.17 -96.80
C THR O 231 10.29 -37.01 -97.25
N LEU O 232 10.49 -36.76 -98.54
CA LEU O 232 11.82 -36.57 -99.11
C LEU O 232 11.91 -35.18 -99.73
N THR O 233 12.96 -34.44 -99.37
CA THR O 233 13.21 -33.12 -99.91
C THR O 233 14.61 -33.09 -100.52
N LEU O 234 14.69 -32.81 -101.81
CA LEU O 234 15.95 -32.81 -102.55
C LEU O 234 16.24 -31.42 -103.07
N THR O 235 17.48 -30.97 -102.89
CA THR O 235 17.97 -29.73 -103.48
C THR O 235 18.94 -29.99 -104.62
N LYS O 236 19.78 -31.01 -104.49
CA LYS O 236 20.72 -31.42 -105.53
C LYS O 236 20.71 -32.94 -105.64
N LYS O 237 21.20 -33.44 -106.77
CA LYS O 237 21.22 -34.87 -107.01
C LYS O 237 22.16 -35.59 -106.06
N VAL O 238 21.85 -36.86 -105.79
CA VAL O 238 22.70 -37.72 -105.00
C VAL O 238 22.97 -38.98 -105.80
N THR O 239 24.11 -39.61 -105.51
CA THR O 239 24.55 -40.79 -106.24
C THR O 239 24.70 -41.96 -105.27
N ASP O 240 24.13 -43.10 -105.65
CA ASP O 240 24.14 -44.34 -104.85
C ASP O 240 23.92 -44.06 -103.37
N ALA O 241 22.92 -43.23 -103.08
CA ALA O 241 22.61 -42.89 -101.70
C ALA O 241 21.99 -44.10 -100.99
N THR O 242 22.61 -44.53 -99.90
CA THR O 242 22.11 -45.65 -99.11
C THR O 242 21.72 -45.14 -97.74
N VAL O 243 20.47 -45.36 -97.36
CA VAL O 243 19.95 -44.91 -96.07
C VAL O 243 19.53 -46.15 -95.27
N THR O 244 20.15 -46.33 -94.11
CA THR O 244 19.80 -47.40 -93.21
C THR O 244 18.96 -46.84 -92.08
N VAL O 245 17.70 -47.28 -92.01
CA VAL O 245 16.74 -46.77 -91.03
C VAL O 245 16.76 -47.68 -89.82
N THR O 246 16.88 -47.09 -88.63
CA THR O 246 16.97 -47.83 -87.39
C THR O 246 15.80 -47.46 -86.49
N LYS O 247 15.21 -48.48 -85.87
CA LYS O 247 14.07 -48.26 -84.97
C LYS O 247 14.55 -47.63 -83.66
N ASP O 248 13.89 -46.56 -83.24
CA ASP O 248 14.18 -45.91 -81.97
C ASP O 248 13.02 -46.16 -81.02
N ASP O 249 13.34 -46.56 -79.79
CA ASP O 249 12.33 -46.85 -78.77
C ASP O 249 12.52 -46.00 -77.53
N THR O 250 13.43 -45.03 -77.54
CA THR O 250 13.62 -44.17 -76.37
C THR O 250 12.44 -43.22 -76.17
N LYS O 251 11.74 -42.87 -77.25
CA LYS O 251 10.54 -42.04 -77.09
C LYS O 251 9.40 -42.88 -76.51
N ALA O 252 9.31 -44.15 -76.91
CA ALA O 252 8.42 -45.07 -76.20
C ALA O 252 8.87 -45.24 -74.75
N LYS O 253 10.18 -45.23 -74.52
CA LYS O 253 10.71 -45.32 -73.16
C LYS O 253 10.20 -44.17 -72.30
N GLU O 254 10.33 -42.94 -72.80
CA GLU O 254 9.88 -41.80 -72.02
C GLU O 254 8.36 -41.74 -71.91
N ALA O 255 7.64 -42.24 -72.92
CA ALA O 255 6.19 -42.35 -72.80
C ALA O 255 5.82 -43.28 -71.65
N ILE O 256 6.47 -44.44 -71.55
CA ILE O 256 6.19 -45.37 -70.47
C ILE O 256 6.61 -44.77 -69.13
N LYS O 257 7.72 -44.03 -69.12
CA LYS O 257 8.15 -43.38 -67.90
C LYS O 257 7.14 -42.34 -67.43
N SER O 258 6.56 -41.59 -68.36
CA SER O 258 5.52 -40.64 -67.99
C SER O 258 4.26 -41.36 -67.52
N TRP O 259 3.93 -42.50 -68.13
CA TRP O 259 2.83 -43.32 -67.64
C TRP O 259 3.04 -43.72 -66.19
N VAL O 260 4.21 -44.29 -65.88
CA VAL O 260 4.45 -44.79 -64.54
C VAL O 260 4.51 -43.63 -63.55
N ASP O 261 5.03 -42.48 -63.98
CA ASP O 261 4.98 -41.29 -63.15
C ASP O 261 3.55 -40.87 -62.88
N ALA O 262 2.68 -40.98 -63.87
CA ALA O 262 1.27 -40.63 -63.67
C ALA O 262 0.61 -41.54 -62.66
N TYR O 263 0.83 -42.84 -62.75
CA TYR O 263 0.23 -43.74 -61.77
C TYR O 263 0.80 -43.50 -60.37
N ASN O 264 2.11 -43.27 -60.27
CA ASN O 264 2.70 -42.96 -58.98
C ASN O 264 2.15 -41.66 -58.41
N SER O 265 1.91 -40.66 -59.27
CA SER O 265 1.31 -39.42 -58.81
C SER O 265 -0.11 -39.65 -58.30
N LEU O 266 -0.88 -40.50 -58.99
CA LEU O 266 -2.22 -40.80 -58.50
C LEU O 266 -2.18 -41.51 -57.15
N VAL O 267 -1.25 -42.45 -56.99
CA VAL O 267 -1.09 -43.11 -55.70
C VAL O 267 -0.70 -42.12 -54.62
N ASP O 268 0.20 -41.19 -54.94
CA ASP O 268 0.60 -40.16 -53.97
C ASP O 268 -0.58 -39.28 -53.60
N THR O 269 -1.39 -38.91 -54.59
CA THR O 269 -2.57 -38.09 -54.31
C THR O 269 -3.53 -38.80 -53.38
N PHE O 270 -3.80 -40.09 -53.64
CA PHE O 270 -4.68 -40.84 -52.74
C PHE O 270 -4.08 -40.95 -51.34
N SER O 271 -2.78 -41.22 -51.26
CA SER O 271 -2.12 -41.32 -49.96
C SER O 271 -2.15 -40.01 -49.20
N SER O 272 -2.16 -38.88 -49.90
CA SER O 272 -2.30 -37.58 -49.24
C SER O 272 -3.70 -37.38 -48.68
N LEU O 273 -4.71 -38.06 -49.23
CA LEU O 273 -6.08 -37.88 -48.75
C LEU O 273 -6.31 -38.48 -47.37
N THR O 274 -5.38 -39.28 -46.85
CA THR O 274 -5.53 -39.87 -45.53
C THR O 274 -5.15 -38.81 -44.49
N LYS O 275 -6.15 -38.09 -44.00
CA LYS O 275 -5.95 -37.05 -42.99
C LYS O 275 -6.40 -37.61 -41.65
N TYR O 276 -5.45 -37.84 -40.75
CA TYR O 276 -5.76 -38.38 -39.44
C TYR O 276 -4.65 -37.97 -38.47
N THR O 277 -5.05 -37.52 -37.29
CA THR O 277 -4.12 -37.10 -36.23
C THR O 277 -4.44 -37.92 -34.98
N ALA O 278 -3.63 -38.95 -34.74
CA ALA O 278 -3.84 -39.79 -33.56
C ALA O 278 -3.59 -38.99 -32.29
N VAL O 279 -4.47 -39.18 -31.30
CA VAL O 279 -4.40 -38.47 -30.03
C VAL O 279 -4.35 -39.50 -28.90
N GLU O 280 -3.43 -39.30 -27.97
CA GLU O 280 -3.29 -40.19 -26.83
C GLU O 280 -4.42 -39.96 -25.83
N PRO O 281 -4.67 -40.93 -24.95
CA PRO O 281 -5.71 -40.73 -23.93
C PRO O 281 -5.44 -39.56 -22.99
N GLY O 282 -4.18 -39.12 -22.85
CA GLY O 282 -3.90 -37.99 -22.00
C GLY O 282 -4.61 -36.72 -22.42
N GLU O 283 -4.68 -36.48 -23.73
CA GLU O 283 -5.42 -35.35 -24.24
C GLU O 283 -6.93 -35.58 -24.08
N GLU O 284 -7.66 -34.47 -24.00
CA GLU O 284 -9.11 -34.51 -23.80
C GLU O 284 -9.81 -34.71 -25.13
N ALA O 285 -11.13 -34.54 -25.14
CA ALA O 285 -11.91 -34.64 -26.37
C ALA O 285 -11.45 -33.58 -27.37
N SER O 286 -11.35 -33.98 -28.63
CA SER O 286 -10.83 -33.13 -29.70
C SER O 286 -11.97 -32.71 -30.62
N ASP O 287 -12.04 -31.42 -30.91
CA ASP O 287 -13.03 -30.90 -31.86
C ASP O 287 -12.60 -31.11 -33.30
N LYS O 288 -11.29 -31.13 -33.55
CA LYS O 288 -10.79 -31.29 -34.91
C LYS O 288 -11.08 -32.70 -35.45
N ASN O 289 -11.50 -32.76 -36.71
CA ASN O 289 -11.69 -34.02 -37.39
C ASN O 289 -10.94 -34.02 -38.71
N GLY O 290 -10.49 -35.21 -39.13
CA GLY O 290 -9.73 -35.31 -40.35
C GLY O 290 -10.56 -34.93 -41.56
N ALA O 291 -9.86 -34.48 -42.61
CA ALA O 291 -10.55 -34.05 -43.82
C ALA O 291 -11.32 -35.19 -44.47
N LEU O 292 -10.73 -36.38 -44.51
CA LEU O 292 -11.38 -37.52 -45.15
C LEU O 292 -11.80 -38.60 -44.16
N LEU O 293 -11.85 -38.28 -42.87
CA LEU O 293 -12.34 -39.22 -41.88
C LEU O 293 -13.86 -39.28 -41.88
N GLY O 294 -14.39 -40.41 -41.41
CA GLY O 294 -15.82 -40.66 -41.48
C GLY O 294 -16.34 -40.81 -42.89
N ASP O 295 -15.52 -41.34 -43.79
CA ASP O 295 -15.90 -41.48 -45.19
C ASP O 295 -15.18 -42.69 -45.78
N SER O 296 -15.95 -43.68 -46.23
CA SER O 296 -15.39 -44.86 -46.87
C SER O 296 -15.44 -44.80 -48.39
N VAL O 297 -15.95 -43.70 -48.96
CA VAL O 297 -16.04 -43.58 -50.41
C VAL O 297 -14.64 -43.58 -51.03
N VAL O 298 -13.66 -43.03 -50.31
CA VAL O 298 -12.30 -42.95 -50.84
C VAL O 298 -11.74 -44.35 -51.08
N ARG O 299 -11.96 -45.28 -50.16
CA ARG O 299 -11.44 -46.62 -50.37
C ARG O 299 -12.26 -47.37 -51.41
N THR O 300 -13.53 -47.00 -51.59
CA THR O 300 -14.29 -47.56 -52.70
C THR O 300 -13.68 -47.14 -54.04
N ILE O 301 -13.34 -45.85 -54.17
CA ILE O 301 -12.65 -45.37 -55.36
C ILE O 301 -11.32 -46.08 -55.53
N GLN O 302 -10.58 -46.25 -54.42
CA GLN O 302 -9.30 -46.94 -54.48
C GLN O 302 -9.45 -48.39 -54.95
N THR O 303 -10.47 -49.08 -54.46
CA THR O 303 -10.70 -50.46 -54.87
C THR O 303 -11.06 -50.54 -56.35
N GLY O 304 -11.89 -49.61 -56.83
CA GLY O 304 -12.18 -49.58 -58.26
C GLY O 304 -10.93 -49.32 -59.08
N ILE O 305 -10.09 -48.38 -58.62
CA ILE O 305 -8.85 -48.06 -59.31
C ILE O 305 -7.93 -49.28 -59.36
N ARG O 306 -7.78 -49.96 -58.23
CA ARG O 306 -6.83 -51.09 -58.19
C ARG O 306 -7.35 -52.22 -59.08
N ALA O 307 -8.64 -52.54 -58.98
CA ALA O 307 -9.17 -53.70 -59.74
C ALA O 307 -9.01 -53.45 -61.24
N GLN O 308 -9.33 -52.24 -61.70
CA GLN O 308 -9.11 -51.92 -63.14
C GLN O 308 -7.61 -51.90 -63.43
N PHE O 309 -6.80 -51.30 -62.55
CA PHE O 309 -5.34 -51.20 -62.83
C PHE O 309 -4.80 -52.63 -62.95
N ALA O 310 -5.33 -53.54 -62.12
CA ALA O 310 -4.94 -54.97 -62.21
C ALA O 310 -5.43 -55.55 -63.54
N ASN O 311 -4.71 -55.31 -64.64
CA ASN O 311 -5.08 -55.81 -65.95
C ASN O 311 -5.16 -57.34 -65.93
N SER O 312 -6.30 -57.87 -66.35
CA SER O 312 -6.50 -59.31 -66.46
C SER O 312 -7.18 -59.72 -67.74
N GLY O 313 -7.65 -58.77 -68.56
CA GLY O 313 -8.30 -59.06 -69.82
C GLY O 313 -7.41 -58.93 -71.05
N SER O 314 -6.09 -58.93 -70.88
CA SER O 314 -5.19 -58.77 -72.01
C SER O 314 -5.32 -59.95 -72.96
N ASN O 315 -5.23 -59.66 -74.27
CA ASN O 315 -5.30 -60.72 -75.27
C ASN O 315 -4.12 -61.67 -75.14
N SER O 316 -2.93 -61.15 -74.86
CA SER O 316 -1.75 -61.99 -74.68
C SER O 316 -1.86 -62.78 -73.38
N ALA O 317 -1.07 -63.86 -73.32
CA ALA O 317 -1.03 -64.67 -72.10
C ALA O 317 -0.53 -63.87 -70.90
N PHE O 318 0.29 -62.85 -71.14
CA PHE O 318 0.76 -61.96 -70.08
C PHE O 318 -0.36 -60.98 -69.75
N LYS O 319 -1.35 -61.47 -68.99
CA LYS O 319 -2.45 -60.62 -68.56
C LYS O 319 -1.95 -59.49 -67.67
N THR O 320 -0.98 -59.76 -66.82
CA THR O 320 -0.42 -58.82 -65.88
C THR O 320 0.80 -58.14 -66.49
N MET O 321 1.16 -56.97 -65.94
CA MET O 321 2.36 -56.26 -66.37
C MET O 321 3.65 -56.87 -65.80
N ALA O 322 3.50 -58.10 -65.32
CA ALA O 322 4.56 -58.86 -64.67
C ALA O 322 5.89 -58.79 -65.42
N GLU O 323 5.91 -59.19 -66.69
CA GLU O 323 7.16 -59.31 -67.42
C GLU O 323 7.82 -57.95 -67.65
N ILE O 324 7.04 -56.88 -67.81
CA ILE O 324 7.61 -55.58 -68.14
C ILE O 324 8.52 -55.09 -67.03
N GLY O 325 8.12 -55.30 -65.78
CA GLY O 325 8.87 -54.83 -64.63
C GLY O 325 8.22 -53.72 -63.86
N ILE O 326 6.96 -53.39 -64.14
CA ILE O 326 6.24 -52.36 -63.40
C ILE O 326 5.77 -52.97 -62.08
N THR O 327 6.55 -52.74 -61.02
CA THR O 327 6.37 -53.41 -59.74
C THR O 327 5.95 -52.39 -58.69
N GLN O 328 4.84 -52.66 -58.02
CA GLN O 328 4.37 -51.80 -56.94
C GLN O 328 5.30 -51.91 -55.73
N ASP O 329 5.31 -50.84 -54.93
CA ASP O 329 6.17 -50.79 -53.76
C ASP O 329 5.68 -51.77 -52.69
N GLY O 330 6.56 -52.06 -51.73
CA GLY O 330 6.21 -53.03 -50.70
C GLY O 330 5.09 -52.56 -49.80
N THR O 331 5.11 -51.29 -49.39
CA THR O 331 4.12 -50.76 -48.48
C THR O 331 3.10 -49.84 -49.13
N SER O 332 3.33 -49.42 -50.37
CA SER O 332 2.42 -48.50 -51.05
C SER O 332 2.32 -48.90 -52.52
N GLY O 333 1.63 -48.07 -53.29
CA GLY O 333 1.44 -48.27 -54.71
C GLY O 333 2.51 -47.67 -55.59
N LYS O 334 3.61 -47.20 -55.00
CA LYS O 334 4.72 -46.67 -55.80
C LYS O 334 5.25 -47.75 -56.72
N LEU O 335 5.39 -47.42 -57.99
CA LEU O 335 5.79 -48.41 -58.99
C LEU O 335 7.31 -48.37 -59.12
N LYS O 336 7.99 -49.20 -58.33
CA LYS O 336 9.45 -49.25 -58.33
C LYS O 336 9.90 -50.07 -59.54
N ILE O 337 9.96 -49.38 -60.68
CA ILE O 337 10.34 -50.04 -61.92
C ILE O 337 11.85 -50.31 -61.92
N ASP O 338 12.23 -51.48 -62.44
CA ASP O 338 13.63 -51.84 -62.62
C ASP O 338 14.07 -51.46 -64.03
N ASP O 339 14.93 -50.44 -64.12
CA ASP O 339 15.22 -49.81 -65.40
C ASP O 339 15.84 -50.81 -66.39
N ASP O 340 16.77 -51.63 -65.91
CA ASP O 340 17.43 -52.58 -66.81
C ASP O 340 16.44 -53.60 -67.37
N LYS O 341 15.60 -54.18 -66.52
CA LYS O 341 14.61 -55.15 -66.99
C LYS O 341 13.55 -54.48 -67.85
N LEU O 342 13.14 -53.25 -67.48
CA LEU O 342 12.22 -52.49 -68.32
C LEU O 342 12.78 -52.33 -69.73
N THR O 343 14.05 -51.91 -69.82
CA THR O 343 14.68 -51.72 -71.12
C THR O 343 14.78 -53.03 -71.88
N LYS O 344 15.16 -54.11 -71.18
CA LYS O 344 15.26 -55.41 -71.84
C LYS O 344 13.92 -55.84 -72.42
N VAL O 345 12.84 -55.69 -71.65
CA VAL O 345 11.54 -56.14 -72.11
C VAL O 345 11.03 -55.27 -73.25
N LEU O 346 11.21 -53.95 -73.16
CA LEU O 346 10.72 -53.09 -74.25
C LEU O 346 11.52 -53.30 -75.52
N LYS O 347 12.82 -53.58 -75.41
CA LYS O 347 13.60 -53.92 -76.60
C LYS O 347 13.29 -55.32 -77.10
N ASP O 348 12.75 -56.19 -76.25
CA ASP O 348 12.33 -57.51 -76.71
C ASP O 348 11.19 -57.41 -77.72
N ASN O 349 10.12 -56.70 -77.35
CA ASN O 349 8.96 -56.55 -78.22
C ASN O 349 8.10 -55.40 -77.73
N THR O 350 7.81 -54.45 -78.61
CA THR O 350 6.85 -53.40 -78.29
C THR O 350 5.41 -53.91 -78.39
N ALA O 351 5.18 -54.91 -79.23
CA ALA O 351 3.83 -55.45 -79.39
C ALA O 351 3.32 -56.06 -78.10
N ALA O 352 4.22 -56.64 -77.30
CA ALA O 352 3.82 -57.14 -75.99
C ALA O 352 3.30 -56.03 -75.11
N ALA O 353 3.97 -54.88 -75.12
CA ALA O 353 3.48 -53.73 -74.37
C ALA O 353 2.15 -53.23 -74.90
N ARG O 354 2.00 -53.21 -76.23
CA ARG O 354 0.73 -52.77 -76.83
C ARG O 354 -0.43 -53.67 -76.40
N GLU O 355 -0.21 -54.98 -76.43
CA GLU O 355 -1.28 -55.92 -76.10
C GLU O 355 -1.43 -56.12 -74.60
N LEU O 356 -0.50 -55.62 -73.80
CA LEU O 356 -0.56 -55.86 -72.35
C LEU O 356 -1.58 -54.96 -71.68
N LEU O 357 -1.50 -53.64 -71.93
CA LEU O 357 -2.37 -52.68 -71.28
C LEU O 357 -3.33 -51.99 -72.23
N VAL O 358 -2.90 -51.67 -73.45
CA VAL O 358 -3.82 -51.11 -74.43
C VAL O 358 -4.81 -52.17 -74.90
N GLY O 359 -4.34 -53.41 -75.09
CA GLY O 359 -5.19 -54.44 -75.62
C GLY O 359 -5.61 -54.15 -77.04
N ASP O 360 -6.88 -54.40 -77.34
CA ASP O 360 -7.42 -54.06 -78.65
C ASP O 360 -7.46 -52.55 -78.87
N GLY O 361 -7.70 -51.79 -77.81
CA GLY O 361 -7.79 -50.35 -77.89
C GLY O 361 -9.18 -49.80 -78.10
N LYS O 362 -10.12 -50.63 -78.58
CA LYS O 362 -11.50 -50.19 -78.73
C LYS O 362 -12.26 -50.29 -77.43
N GLU O 363 -12.39 -51.51 -76.90
CA GLU O 363 -13.08 -51.76 -75.63
C GLU O 363 -12.21 -52.42 -74.59
N THR O 364 -11.43 -53.43 -74.98
CA THR O 364 -10.52 -54.07 -74.03
C THR O 364 -9.30 -53.19 -73.80
N GLY O 365 -8.73 -53.28 -72.61
CA GLY O 365 -7.59 -52.46 -72.25
C GLY O 365 -7.83 -51.63 -71.02
N ILE O 366 -6.75 -51.24 -70.34
CA ILE O 366 -6.89 -50.47 -69.10
C ILE O 366 -7.51 -49.11 -69.37
N THR O 367 -7.03 -48.42 -70.41
CA THR O 367 -7.45 -47.05 -70.65
C THR O 367 -8.95 -46.95 -70.89
N THR O 368 -9.51 -47.87 -71.67
CA THR O 368 -10.93 -47.80 -72.01
C THR O 368 -11.81 -47.92 -70.76
N LYS O 369 -11.51 -48.90 -69.90
CA LYS O 369 -12.34 -49.08 -68.71
C LYS O 369 -12.08 -48.00 -67.67
N ILE O 370 -10.85 -47.49 -67.58
CA ILE O 370 -10.60 -46.34 -66.72
C ILE O 370 -11.45 -45.16 -67.16
N ALA O 371 -11.47 -44.87 -68.46
CA ALA O 371 -12.28 -43.78 -68.98
C ALA O 371 -13.77 -44.06 -68.76
N THR O 372 -14.20 -45.30 -68.89
CA THR O 372 -15.60 -45.64 -68.67
C THR O 372 -16.01 -45.37 -67.22
N GLU O 373 -15.20 -45.84 -66.27
CA GLU O 373 -15.53 -45.60 -64.87
C GLU O 373 -15.44 -44.12 -64.52
N VAL O 374 -14.53 -43.38 -65.18
CA VAL O 374 -14.45 -41.94 -64.97
C VAL O 374 -15.73 -41.26 -65.45
N LYS O 375 -16.19 -41.63 -66.65
CA LYS O 375 -17.44 -41.07 -67.16
C LYS O 375 -18.61 -41.43 -66.28
N SER O 376 -18.57 -42.62 -65.67
CA SER O 376 -19.61 -42.98 -64.70
C SER O 376 -19.55 -42.07 -63.48
N TYR O 377 -18.35 -41.91 -62.90
CA TYR O 377 -18.21 -41.13 -61.67
C TYR O 377 -18.62 -39.67 -61.87
N LEU O 378 -18.16 -39.06 -62.97
CA LEU O 378 -18.47 -37.65 -63.19
C LEU O 378 -19.95 -37.43 -63.41
N ALA O 379 -20.63 -38.41 -64.01
CA ALA O 379 -22.06 -38.29 -64.28
C ALA O 379 -22.84 -38.41 -62.96
N ASP O 380 -24.15 -38.18 -63.07
CA ASP O 380 -25.00 -38.19 -61.88
C ASP O 380 -25.08 -39.57 -61.24
N ASP O 381 -24.82 -40.63 -62.00
CA ASP O 381 -24.88 -41.97 -61.44
C ASP O 381 -23.63 -42.35 -60.67
N GLY O 382 -22.59 -41.52 -60.71
CA GLY O 382 -21.33 -41.88 -60.08
C GLY O 382 -21.38 -41.86 -58.58
N ILE O 383 -20.45 -42.62 -57.99
CA ILE O 383 -20.41 -42.74 -56.53
C ILE O 383 -19.98 -41.42 -55.90
N ILE O 384 -19.03 -40.72 -56.52
CA ILE O 384 -18.57 -39.45 -55.97
C ILE O 384 -19.66 -38.39 -56.06
N ASP O 385 -20.39 -38.37 -57.17
CA ASP O 385 -21.47 -37.39 -57.32
C ASP O 385 -22.59 -37.65 -56.32
N ASN O 386 -22.99 -38.90 -56.13
CA ASN O 386 -23.98 -39.22 -55.12
C ASN O 386 -23.48 -38.91 -53.72
N ALA O 387 -22.20 -39.18 -53.46
CA ALA O 387 -21.64 -38.88 -52.15
C ALA O 387 -21.71 -37.39 -51.85
N GLN O 388 -21.33 -36.55 -52.82
CA GLN O 388 -21.36 -35.11 -52.57
C GLN O 388 -22.78 -34.57 -52.54
N ASP O 389 -23.70 -35.15 -53.30
CA ASP O 389 -25.11 -34.77 -53.19
C ASP O 389 -25.65 -35.08 -51.82
N ASN O 390 -25.35 -36.27 -51.30
CA ASN O 390 -25.79 -36.63 -49.95
C ASN O 390 -25.13 -35.74 -48.91
N VAL O 391 -23.87 -35.35 -49.14
CA VAL O 391 -23.19 -34.46 -48.22
C VAL O 391 -23.88 -33.10 -48.17
N ASN O 392 -24.24 -32.55 -49.33
CA ASN O 392 -24.88 -31.24 -49.32
C ASN O 392 -26.28 -31.32 -48.73
N ALA O 393 -26.99 -32.42 -48.97
CA ALA O 393 -28.30 -32.60 -48.35
C ALA O 393 -28.16 -32.68 -46.82
N THR O 394 -27.17 -33.44 -46.35
CA THR O 394 -26.94 -33.56 -44.92
C THR O 394 -26.58 -32.22 -44.30
N LEU O 395 -25.72 -31.44 -44.97
CA LEU O 395 -25.34 -30.16 -44.40
C LEU O 395 -26.48 -29.15 -44.45
N LYS O 396 -27.39 -29.26 -45.44
CA LYS O 396 -28.57 -28.41 -45.41
C LYS O 396 -29.51 -28.78 -44.27
N SER O 397 -29.70 -30.08 -44.01
CA SER O 397 -30.48 -30.48 -42.84
C SER O 397 -29.83 -30.00 -41.56
N LEU O 398 -28.51 -30.11 -41.46
CA LEU O 398 -27.79 -29.61 -40.30
C LEU O 398 -27.89 -28.08 -40.19
N THR O 399 -27.98 -27.39 -41.33
CA THR O 399 -28.18 -25.94 -41.30
C THR O 399 -29.56 -25.59 -40.78
N LYS O 400 -30.58 -26.38 -41.15
CA LYS O 400 -31.91 -26.19 -40.56
C LYS O 400 -31.87 -26.41 -39.05
N GLN O 401 -31.16 -27.46 -38.62
CA GLN O 401 -30.99 -27.69 -37.18
C GLN O 401 -30.28 -26.52 -36.51
N TYR O 402 -29.26 -25.97 -37.18
CA TYR O 402 -28.54 -24.82 -36.64
C TYR O 402 -29.45 -23.61 -36.54
N LEU O 403 -30.34 -23.42 -37.52
CA LEU O 403 -31.29 -22.32 -37.45
C LEU O 403 -32.25 -22.49 -36.27
N SER O 404 -32.72 -23.72 -36.04
CA SER O 404 -33.59 -23.98 -34.89
C SER O 404 -32.86 -23.66 -33.58
N VAL O 405 -31.65 -24.18 -33.43
CA VAL O 405 -30.89 -23.95 -32.21
C VAL O 405 -30.57 -22.47 -32.05
N SER O 406 -30.29 -21.78 -33.17
CA SER O 406 -29.95 -20.36 -33.12
C SER O 406 -31.14 -19.51 -32.70
N ASN O 407 -32.34 -19.83 -33.18
CA ASN O 407 -33.51 -19.05 -32.75
C ASN O 407 -33.86 -19.35 -31.29
N SER O 408 -33.69 -20.60 -30.84
CA SER O 408 -33.86 -20.86 -29.42
C SER O 408 -32.85 -20.09 -28.59
N ILE O 409 -31.59 -20.05 -29.04
CA ILE O 409 -30.55 -19.30 -28.35
C ILE O 409 -30.89 -17.82 -28.32
N ASP O 410 -31.41 -17.30 -29.44
CA ASP O 410 -31.79 -15.90 -29.49
C ASP O 410 -32.91 -15.59 -28.51
N GLU O 411 -33.89 -16.48 -28.40
CA GLU O 411 -34.98 -16.28 -27.43
C GLU O 411 -34.45 -16.28 -26.01
N THR O 412 -33.55 -17.23 -25.69
CA THR O 412 -32.99 -17.29 -24.35
C THR O 412 -32.17 -16.03 -24.03
N VAL O 413 -31.37 -15.58 -25.00
CA VAL O 413 -30.59 -14.36 -24.81
C VAL O 413 -31.53 -13.17 -24.62
N ALA O 414 -32.63 -13.13 -25.38
CA ALA O 414 -33.58 -12.04 -25.27
C ALA O 414 -34.20 -11.97 -23.88
N ARG O 415 -34.62 -13.13 -23.35
CA ARG O 415 -35.21 -13.13 -22.02
C ARG O 415 -34.17 -12.77 -20.95
N TYR O 416 -32.94 -13.25 -21.12
CA TYR O 416 -31.88 -12.91 -20.16
C TYR O 416 -31.60 -11.43 -20.16
N LYS O 417 -31.54 -10.82 -21.34
CA LYS O 417 -31.29 -9.38 -21.41
C LYS O 417 -32.48 -8.58 -20.89
N ALA O 418 -33.70 -9.08 -21.09
CA ALA O 418 -34.87 -8.43 -20.50
C ALA O 418 -34.77 -8.43 -18.98
N GLN O 419 -34.38 -9.58 -18.40
CA GLN O 419 -34.19 -9.63 -16.95
C GLN O 419 -33.06 -8.73 -16.49
N PHE O 420 -31.96 -8.66 -17.25
CA PHE O 420 -30.85 -7.81 -16.87
C PHE O 420 -31.24 -6.33 -16.90
N THR O 421 -31.99 -5.93 -17.92
CA THR O 421 -32.49 -4.56 -17.98
C THR O 421 -33.49 -4.29 -16.86
N GLN O 422 -34.32 -5.27 -16.52
CA GLN O 422 -35.20 -5.13 -15.36
C GLN O 422 -34.40 -4.89 -14.09
N LEU O 423 -33.33 -5.66 -13.89
CA LEU O 423 -32.49 -5.49 -12.71
C LEU O 423 -31.85 -4.11 -12.70
N ASP O 424 -31.34 -3.67 -13.85
CA ASP O 424 -30.73 -2.35 -13.93
C ASP O 424 -31.73 -1.25 -13.60
N THR O 425 -32.95 -1.36 -14.15
CA THR O 425 -33.97 -0.35 -13.89
C THR O 425 -34.39 -0.35 -12.42
N MET O 426 -34.49 -1.51 -11.80
CA MET O 426 -34.89 -1.57 -10.40
C MET O 426 -33.79 -1.11 -9.45
N MET O 427 -32.52 -1.28 -9.80
CA MET O 427 -31.45 -0.71 -8.99
C MET O 427 -31.33 0.80 -9.19
N SER O 428 -31.51 1.28 -10.42
CA SER O 428 -31.42 2.72 -10.66
C SER O 428 -32.61 3.45 -10.06
N LYS O 429 -33.80 2.85 -10.10
CA LYS O 429 -34.99 3.47 -9.51
C LYS O 429 -34.85 3.55 -7.99
N LEU O 430 -34.23 2.53 -7.38
CA LEU O 430 -34.01 2.50 -5.94
C LEU O 430 -33.06 3.61 -5.51
N PHE P 1 -21.38 -33.48 -12.23
CA PHE P 1 -21.39 -32.64 -13.41
C PHE P 1 -20.30 -33.06 -14.39
N THR P 2 -19.10 -33.30 -13.86
CA THR P 2 -17.96 -33.73 -14.65
C THR P 2 -18.02 -35.21 -15.01
N ALA P 3 -18.89 -35.98 -14.35
CA ALA P 3 -19.04 -37.40 -14.69
C ALA P 3 -19.53 -37.58 -16.12
N ASN P 4 -20.48 -36.73 -16.54
CA ASN P 4 -20.92 -36.78 -17.94
C ASN P 4 -19.79 -36.37 -18.88
N ILE P 5 -18.97 -35.40 -18.47
CA ILE P 5 -17.81 -35.02 -19.25
C ILE P 5 -16.85 -36.19 -19.39
N LYS P 6 -16.61 -36.91 -18.29
CA LYS P 6 -15.74 -38.08 -18.35
C LYS P 6 -16.32 -39.16 -19.26
N GLY P 7 -17.64 -39.37 -19.19
CA GLY P 7 -18.27 -40.33 -20.08
C GLY P 7 -18.13 -39.95 -21.54
N LEU P 8 -18.30 -38.66 -21.85
CA LEU P 8 -18.11 -38.19 -23.22
C LEU P 8 -16.66 -38.38 -23.67
N THR P 9 -15.70 -38.08 -22.79
CA THR P 9 -14.30 -38.26 -23.15
C THR P 9 -13.97 -39.72 -23.42
N GLN P 10 -14.48 -40.62 -22.58
CA GLN P 10 -14.18 -42.05 -22.78
C GLN P 10 -14.91 -42.62 -23.99
N ALA P 11 -16.11 -42.13 -24.29
CA ALA P 11 -16.78 -42.52 -25.53
C ALA P 11 -16.00 -42.04 -26.74
N SER P 12 -15.49 -40.80 -26.69
CA SER P 12 -14.65 -40.31 -27.77
C SER P 12 -13.36 -41.11 -27.88
N ARG P 13 -12.82 -41.56 -26.74
CA ARG P 13 -11.65 -42.42 -26.76
C ARG P 13 -11.93 -43.76 -27.43
N ASN P 14 -13.09 -44.35 -27.16
CA ASN P 14 -13.47 -45.58 -27.85
C ASN P 14 -13.67 -45.34 -29.34
N ALA P 15 -14.25 -44.19 -29.69
CA ALA P 15 -14.40 -43.85 -31.10
C ALA P 15 -13.04 -43.68 -31.78
N ASN P 16 -12.08 -43.05 -31.08
CA ASN P 16 -10.74 -42.89 -31.63
C ASN P 16 -10.03 -44.23 -31.76
N ASP P 17 -10.25 -45.15 -30.82
CA ASP P 17 -9.73 -46.50 -30.96
C ASP P 17 -10.32 -47.18 -32.18
N GLY P 18 -11.62 -47.01 -32.42
CA GLY P 18 -12.23 -47.53 -33.62
C GLY P 18 -11.63 -46.93 -34.88
N ILE P 19 -11.34 -45.63 -34.84
CA ILE P 19 -10.74 -44.97 -36.00
C ILE P 19 -9.32 -45.47 -36.25
N SER P 20 -8.56 -45.70 -35.17
CA SER P 20 -7.22 -46.27 -35.32
C SER P 20 -7.28 -47.69 -35.87
N ILE P 21 -8.25 -48.48 -35.41
CA ILE P 21 -8.46 -49.81 -35.97
C ILE P 21 -8.79 -49.70 -37.45
N ALA P 22 -9.61 -48.72 -37.82
CA ALA P 22 -9.92 -48.50 -39.23
C ALA P 22 -8.66 -48.16 -40.03
N GLN P 23 -7.82 -47.27 -39.49
CA GLN P 23 -6.64 -46.83 -40.25
C GLN P 23 -5.65 -47.97 -40.41
N THR P 24 -5.43 -48.77 -39.37
CA THR P 24 -4.58 -49.94 -39.54
C THR P 24 -5.25 -50.96 -40.44
N THR P 25 -6.59 -50.94 -40.55
CA THR P 25 -7.26 -51.77 -41.53
C THR P 25 -6.95 -51.35 -42.96
N GLU P 26 -6.97 -50.04 -43.25
CA GLU P 26 -6.55 -49.63 -44.60
C GLU P 26 -5.09 -49.97 -44.84
N GLY P 27 -4.25 -49.80 -43.82
CA GLY P 27 -2.85 -50.18 -43.97
C GLY P 27 -2.66 -51.64 -44.30
N ALA P 28 -3.36 -52.51 -43.56
CA ALA P 28 -3.24 -53.95 -43.80
C ALA P 28 -3.82 -54.33 -45.15
N LEU P 29 -4.95 -53.71 -45.54
CA LEU P 29 -5.55 -54.04 -46.84
C LEU P 29 -4.64 -53.60 -47.98
N ASN P 30 -4.01 -52.44 -47.84
CA ASN P 30 -3.03 -52.01 -48.85
C ASN P 30 -1.86 -52.99 -48.92
N GLU P 31 -1.37 -53.43 -47.75
CA GLU P 31 -0.24 -54.35 -47.74
C GLU P 31 -0.61 -55.68 -48.41
N ILE P 32 -1.78 -56.23 -48.08
CA ILE P 32 -2.17 -57.50 -48.67
C ILE P 32 -2.50 -57.32 -50.15
N ASN P 33 -2.97 -56.14 -50.56
CA ASN P 33 -3.16 -55.84 -51.97
C ASN P 33 -1.83 -55.86 -52.72
N ASN P 34 -0.80 -55.24 -52.14
CA ASN P 34 0.53 -55.31 -52.73
C ASN P 34 1.02 -56.75 -52.81
N ASN P 35 0.79 -57.53 -51.76
CA ASN P 35 1.19 -58.93 -51.78
C ASN P 35 0.45 -59.71 -52.86
N LEU P 36 -0.85 -59.46 -53.03
CA LEU P 36 -1.62 -60.14 -54.06
C LEU P 36 -1.13 -59.76 -55.45
N GLN P 37 -0.80 -58.48 -55.67
CA GLN P 37 -0.24 -58.06 -56.94
C GLN P 37 1.09 -58.77 -57.20
N ARG P 38 1.93 -58.87 -56.17
CA ARG P 38 3.20 -59.58 -56.34
C ARG P 38 2.98 -61.05 -56.67
N VAL P 39 2.02 -61.68 -56.00
CA VAL P 39 1.76 -63.09 -56.22
C VAL P 39 1.23 -63.34 -57.62
N ARG P 40 0.31 -62.48 -58.09
CA ARG P 40 -0.20 -62.66 -59.44
C ARG P 40 0.87 -62.36 -60.48
N GLU P 41 1.76 -61.41 -60.20
CA GLU P 41 2.91 -61.19 -61.08
C GLU P 41 3.79 -62.44 -61.14
N LEU P 42 4.03 -63.07 -59.99
CA LEU P 42 4.83 -64.29 -59.96
C LEU P 42 4.14 -65.40 -60.75
N ALA P 43 2.82 -65.52 -60.60
CA ALA P 43 2.09 -66.54 -61.34
C ALA P 43 2.16 -66.33 -62.84
N VAL P 44 2.03 -65.08 -63.29
CA VAL P 44 2.14 -64.79 -64.71
C VAL P 44 3.55 -65.08 -65.20
N GLN P 45 4.57 -64.72 -64.41
CA GLN P 45 5.95 -65.02 -64.78
C GLN P 45 6.18 -66.53 -64.88
N SER P 46 5.63 -67.30 -63.95
CA SER P 46 5.81 -68.75 -63.92
C SER P 46 4.94 -69.47 -64.93
N ALA P 47 3.94 -68.80 -65.52
CA ALA P 47 3.12 -69.45 -66.54
C ALA P 47 3.97 -69.86 -67.75
N ASN P 48 4.88 -69.00 -68.17
CA ASN P 48 5.80 -69.34 -69.25
C ASN P 48 6.91 -70.24 -68.72
N SER P 49 7.34 -71.19 -69.55
CA SER P 49 8.38 -72.14 -69.18
C SER P 49 9.76 -71.77 -69.72
N THR P 50 9.88 -70.64 -70.43
CA THR P 50 11.18 -70.27 -70.97
C THR P 50 12.14 -69.80 -69.88
N ASN P 51 11.61 -69.17 -68.84
CA ASN P 51 12.46 -68.69 -67.75
C ASN P 51 12.95 -69.85 -66.90
N SER P 52 14.07 -69.63 -66.21
CA SER P 52 14.62 -70.66 -65.34
C SER P 52 13.70 -70.93 -64.16
N GLN P 53 13.48 -72.20 -63.85
CA GLN P 53 12.65 -72.57 -62.72
C GLN P 53 13.32 -72.25 -61.38
N SER P 54 14.65 -72.33 -61.33
CA SER P 54 15.36 -72.03 -60.09
C SER P 54 15.14 -70.57 -59.68
N ASP P 55 15.19 -69.66 -60.65
CA ASP P 55 14.92 -68.25 -60.34
C ASP P 55 13.48 -68.06 -59.87
N LEU P 56 12.55 -68.81 -60.46
CA LEU P 56 11.16 -68.75 -60.03
C LEU P 56 11.02 -69.21 -58.58
N ASP P 57 11.70 -70.30 -58.22
CA ASP P 57 11.67 -70.76 -56.84
C ASP P 57 12.31 -69.76 -55.90
N SER P 58 13.39 -69.11 -56.33
CA SER P 58 14.01 -68.08 -55.52
C SER P 58 13.07 -66.91 -55.30
N ILE P 59 12.34 -66.51 -56.34
CA ILE P 59 11.37 -65.42 -56.21
C ILE P 59 10.24 -65.83 -55.27
N GLN P 60 9.80 -67.09 -55.35
CA GLN P 60 8.80 -67.59 -54.40
C GLN P 60 9.32 -67.50 -52.97
N ALA P 61 10.58 -67.88 -52.77
CA ALA P 61 11.18 -67.81 -51.44
C ALA P 61 11.24 -66.38 -50.93
N GLU P 62 11.65 -65.44 -51.80
CA GLU P 62 11.68 -64.03 -51.39
C GLU P 62 10.28 -63.51 -51.08
N ILE P 63 9.28 -63.90 -51.87
CA ILE P 63 7.91 -63.48 -51.61
C ILE P 63 7.45 -63.98 -50.24
N THR P 64 7.70 -65.26 -49.96
CA THR P 64 7.31 -65.81 -48.66
C THR P 64 8.05 -65.11 -47.53
N GLN P 65 9.35 -64.86 -47.69
CA GLN P 65 10.12 -64.29 -46.59
C GLN P 65 9.72 -62.86 -46.31
N ARG P 66 9.48 -62.04 -47.34
CA ARG P 66 9.10 -60.67 -47.00
C ARG P 66 7.63 -60.56 -46.62
N LEU P 67 6.79 -61.51 -47.05
CA LEU P 67 5.45 -61.58 -46.49
C LEU P 67 5.51 -61.91 -44.99
N ASN P 68 6.37 -62.85 -44.61
CA ASN P 68 6.58 -63.12 -43.20
C ASN P 68 7.11 -61.89 -42.47
N GLU P 69 8.03 -61.15 -43.08
CA GLU P 69 8.58 -59.96 -42.46
C GLU P 69 7.50 -58.91 -42.22
N ILE P 70 6.67 -58.65 -43.22
CA ILE P 70 5.61 -57.65 -43.05
C ILE P 70 4.56 -58.14 -42.06
N ASP P 71 4.24 -59.43 -42.07
CA ASP P 71 3.28 -59.96 -41.11
C ASP P 71 3.80 -59.83 -39.68
N ARG P 72 5.09 -60.11 -39.47
CA ARG P 72 5.63 -60.02 -38.12
C ARG P 72 5.77 -58.58 -37.65
N VAL P 73 6.13 -57.66 -38.55
CA VAL P 73 6.19 -56.26 -38.13
C VAL P 73 4.79 -55.71 -37.88
N SER P 74 3.78 -56.23 -38.58
CA SER P 74 2.41 -55.84 -38.27
C SER P 74 1.94 -56.44 -36.95
N GLY P 75 2.39 -57.66 -36.64
CA GLY P 75 2.05 -58.31 -35.39
C GLY P 75 2.82 -57.85 -34.19
N GLN P 76 3.90 -57.08 -34.38
CA GLN P 76 4.57 -56.43 -33.27
C GLN P 76 4.12 -54.98 -33.08
N THR P 77 3.22 -54.48 -33.92
CA THR P 77 2.64 -53.15 -33.76
C THR P 77 1.29 -53.30 -33.07
N GLN P 78 1.23 -52.98 -31.79
CA GLN P 78 0.01 -53.06 -31.00
C GLN P 78 -0.25 -51.72 -30.33
N PHE P 79 -1.42 -51.14 -30.60
CA PHE P 79 -1.85 -49.90 -29.96
C PHE P 79 -3.08 -50.21 -29.12
N ASN P 80 -3.02 -49.88 -27.84
CA ASN P 80 -4.13 -50.05 -26.90
C ASN P 80 -4.59 -51.52 -26.80
N GLY P 81 -3.73 -52.46 -27.17
CA GLY P 81 -4.04 -53.86 -27.02
C GLY P 81 -4.96 -54.45 -28.06
N VAL P 82 -5.15 -53.78 -29.20
CA VAL P 82 -6.01 -54.29 -30.26
C VAL P 82 -5.13 -54.59 -31.48
N LYS P 83 -5.32 -55.77 -32.05
CA LYS P 83 -4.53 -56.24 -33.18
C LYS P 83 -5.20 -57.46 -33.79
N VAL P 84 -5.17 -57.55 -35.11
CA VAL P 84 -5.97 -58.55 -35.83
C VAL P 84 -5.16 -59.78 -36.18
N LEU P 85 -4.08 -59.61 -36.94
CA LEU P 85 -3.37 -60.76 -37.52
C LEU P 85 -2.63 -61.59 -36.48
N ALA P 86 -2.47 -61.09 -35.26
CA ALA P 86 -1.71 -61.81 -34.23
C ALA P 86 -2.61 -62.57 -33.27
N GLN P 87 -3.56 -61.89 -32.63
CA GLN P 87 -4.41 -62.51 -31.63
C GLN P 87 -5.86 -62.07 -31.84
N ASP P 88 -6.77 -62.91 -31.36
CA ASP P 88 -8.20 -62.66 -31.45
C ASP P 88 -8.71 -62.08 -30.13
N ASN P 89 -9.44 -60.98 -30.22
CA ASN P 89 -10.00 -60.36 -29.02
C ASN P 89 -11.32 -59.67 -29.37
N THR P 90 -12.29 -59.81 -28.49
CA THR P 90 -13.58 -59.13 -28.63
C THR P 90 -13.69 -58.09 -27.52
N LEU P 91 -13.81 -56.83 -27.90
CA LEU P 91 -13.86 -55.72 -26.96
C LEU P 91 -15.22 -55.06 -27.03
N THR P 92 -15.87 -54.90 -25.88
CA THR P 92 -17.18 -54.29 -25.79
C THR P 92 -17.08 -52.94 -25.10
N ILE P 93 -17.80 -51.95 -25.63
CA ILE P 93 -17.75 -50.61 -25.07
C ILE P 93 -18.70 -50.51 -23.88
N GLN P 94 -18.25 -49.82 -22.84
CA GLN P 94 -19.08 -49.62 -21.66
C GLN P 94 -20.28 -48.73 -21.99
N VAL P 95 -21.39 -48.96 -21.30
CA VAL P 95 -22.62 -48.20 -21.51
C VAL P 95 -22.63 -47.11 -20.43
N GLY P 96 -22.45 -45.87 -20.86
CA GLY P 96 -22.49 -44.73 -19.96
C GLY P 96 -23.78 -43.95 -20.08
N ALA P 97 -24.84 -44.65 -20.49
CA ALA P 97 -26.16 -44.06 -20.76
C ALA P 97 -26.13 -43.18 -21.99
N ASN P 98 -24.97 -43.08 -22.65
CA ASN P 98 -24.86 -42.33 -23.88
C ASN P 98 -25.17 -43.17 -25.11
N ASP P 99 -24.82 -44.45 -25.09
CA ASP P 99 -25.07 -45.38 -26.18
C ASP P 99 -26.24 -46.27 -25.80
N GLY P 100 -27.23 -46.35 -26.70
CA GLY P 100 -28.41 -47.16 -26.41
C GLY P 100 -28.07 -48.63 -26.25
N GLU P 101 -27.19 -49.14 -27.11
CA GLU P 101 -26.77 -50.53 -27.08
C GLU P 101 -25.25 -50.59 -27.01
N THR P 102 -24.72 -51.62 -26.36
CA THR P 102 -23.27 -51.81 -26.29
C THR P 102 -22.78 -52.45 -27.58
N ILE P 103 -21.64 -51.98 -28.07
CA ILE P 103 -21.07 -52.47 -29.32
C ILE P 103 -19.82 -53.29 -29.01
N ASP P 104 -19.70 -54.43 -29.67
CA ASP P 104 -18.54 -55.29 -29.55
C ASP P 104 -17.80 -55.34 -30.88
N ILE P 105 -16.49 -55.14 -30.83
CA ILE P 105 -15.63 -55.20 -32.00
C ILE P 105 -14.73 -56.43 -31.86
N ASP P 106 -14.65 -57.23 -32.92
CA ASP P 106 -13.94 -58.49 -32.92
C ASP P 106 -12.72 -58.36 -33.83
N LEU P 107 -11.53 -58.57 -33.26
CA LEU P 107 -10.29 -58.62 -34.02
C LEU P 107 -9.83 -60.09 -33.99
N LYS P 108 -10.29 -60.86 -34.97
CA LYS P 108 -10.05 -62.29 -35.00
C LYS P 108 -8.80 -62.63 -35.79
N GLN P 109 -8.36 -63.88 -35.69
CA GLN P 109 -7.17 -64.35 -36.37
C GLN P 109 -7.38 -64.31 -37.89
N ILE P 110 -6.76 -63.35 -38.56
CA ILE P 110 -6.89 -63.18 -40.00
C ILE P 110 -5.49 -63.11 -40.58
N ASN P 111 -5.08 -64.17 -41.29
CA ASN P 111 -3.80 -64.21 -41.95
C ASN P 111 -3.93 -64.90 -43.30
N SER P 112 -3.06 -64.52 -44.24
CA SER P 112 -3.09 -65.09 -45.57
C SER P 112 -2.35 -66.42 -45.67
N GLN P 113 -1.49 -66.74 -44.70
CA GLN P 113 -0.78 -68.01 -44.74
C GLN P 113 -1.72 -69.19 -44.52
N THR P 114 -2.87 -68.96 -43.88
CA THR P 114 -3.88 -70.01 -43.75
C THR P 114 -4.42 -70.41 -45.11
N LEU P 115 -4.43 -69.48 -46.07
CA LEU P 115 -4.92 -69.77 -47.41
C LEU P 115 -4.02 -70.77 -48.14
N GLY P 116 -2.82 -71.01 -47.63
CA GLY P 116 -1.93 -71.98 -48.22
C GLY P 116 -0.99 -71.44 -49.28
N LEU P 117 -0.88 -70.12 -49.42
CA LEU P 117 0.02 -69.56 -50.43
C LEU P 117 1.48 -69.92 -50.14
N ASP P 118 1.82 -70.09 -48.85
CA ASP P 118 3.15 -70.57 -48.51
C ASP P 118 3.36 -72.00 -48.99
N THR P 119 2.31 -72.82 -48.95
CA THR P 119 2.41 -74.18 -49.46
C THR P 119 2.56 -74.22 -50.97
N LEU P 120 2.23 -73.12 -51.66
CA LEU P 120 2.29 -73.08 -53.11
C LEU P 120 3.72 -73.26 -53.61
N ASN P 121 3.87 -73.97 -54.72
CA ASN P 121 5.13 -74.10 -55.41
C ASN P 121 4.90 -73.78 -56.89
N VAL P 122 5.73 -72.91 -57.45
CA VAL P 122 5.53 -72.47 -58.83
C VAL P 122 5.80 -73.57 -59.85
N GLN P 123 6.78 -74.43 -59.60
CA GLN P 123 7.16 -75.47 -60.55
C GLN P 123 6.94 -76.84 -59.92
N GLN P 124 6.49 -77.79 -60.74
CA GLN P 124 6.29 -79.15 -60.27
C GLN P 124 7.62 -79.74 -59.79
N LYS P 125 7.54 -80.50 -58.70
CA LYS P 125 8.75 -81.02 -58.08
C LYS P 125 9.42 -82.06 -58.97
N TYR P 126 10.72 -81.91 -59.16
CA TYR P 126 11.52 -82.85 -59.93
C TYR P 126 12.50 -83.55 -59.00
N LYS P 127 12.78 -84.82 -59.30
CA LYS P 127 13.73 -85.58 -58.48
C LYS P 127 15.11 -84.93 -58.53
N VAL P 128 15.80 -84.97 -57.39
CA VAL P 128 17.10 -84.34 -57.26
C VAL P 128 18.17 -85.27 -57.80
N SER P 129 19.19 -84.68 -58.43
CA SER P 129 20.33 -85.45 -58.93
C SER P 129 21.18 -85.89 -57.74
N ASP P 130 20.98 -87.12 -57.29
CA ASP P 130 21.68 -87.66 -56.13
C ASP P 130 22.72 -88.67 -56.61
N THR P 131 23.96 -88.51 -56.14
CA THR P 131 25.06 -89.39 -56.49
C THR P 131 25.40 -90.26 -55.29
N ALA P 132 25.58 -91.56 -55.53
CA ALA P 132 25.93 -92.49 -54.47
C ALA P 132 27.45 -92.62 -54.36
N ALA P 133 27.94 -92.69 -53.12
CA ALA P 133 29.37 -92.81 -52.83
C ALA P 133 30.16 -91.69 -53.49
N THR P 134 29.75 -90.44 -53.23
CA THR P 134 30.47 -89.30 -53.78
C THR P 134 31.85 -89.14 -53.17
N VAL P 135 32.08 -89.75 -51.99
CA VAL P 135 33.38 -89.78 -51.33
C VAL P 135 33.85 -88.35 -51.10
N THR P 136 33.13 -87.62 -50.23
CA THR P 136 33.53 -86.28 -49.82
C THR P 136 33.41 -86.17 -48.32
N GLY P 137 34.27 -85.34 -47.71
CA GLY P 137 34.23 -85.10 -46.29
C GLY P 137 34.89 -86.20 -45.49
N TYR P 138 34.77 -86.08 -44.17
CA TYR P 138 35.30 -87.07 -43.23
C TYR P 138 34.39 -87.16 -42.02
N ALA P 139 34.61 -88.19 -41.22
CA ALA P 139 33.84 -88.41 -40.00
C ALA P 139 34.75 -88.28 -38.79
N ASP P 140 34.30 -87.51 -37.80
CA ASP P 140 35.09 -87.30 -36.59
C ASP P 140 34.86 -88.43 -35.61
N THR P 141 35.95 -88.92 -35.01
CA THR P 141 35.90 -90.01 -34.05
C THR P 141 36.72 -89.64 -32.82
N THR P 142 36.28 -90.13 -31.66
CA THR P 142 36.93 -89.87 -30.39
C THR P 142 37.38 -91.15 -29.68
N ILE P 143 37.33 -92.31 -30.37
CA ILE P 143 37.72 -93.56 -29.74
C ILE P 143 39.23 -93.59 -29.53
N ALA P 144 39.67 -94.33 -28.52
CA ALA P 144 41.07 -94.47 -28.21
C ALA P 144 41.35 -95.89 -27.74
N LEU P 145 42.63 -96.28 -27.80
CA LEU P 145 43.03 -97.60 -27.37
C LEU P 145 42.78 -97.79 -25.87
N ASP P 146 42.32 -98.99 -25.51
CA ASP P 146 42.02 -99.29 -24.12
C ASP P 146 43.29 -99.24 -23.27
N ASN P 147 43.19 -98.59 -22.11
CA ASN P 147 44.33 -98.47 -21.22
C ASN P 147 44.65 -99.80 -20.54
N SER P 148 43.62 -100.56 -20.19
CA SER P 148 43.83 -101.80 -19.43
C SER P 148 44.61 -102.82 -20.23
N THR P 149 44.24 -103.02 -21.50
CA THR P 149 44.93 -104.00 -22.33
C THR P 149 46.38 -103.61 -22.58
N PHE P 150 46.62 -102.34 -22.89
CA PHE P 150 47.99 -101.88 -23.12
C PHE P 150 48.83 -102.00 -21.85
N LYS P 151 48.26 -101.65 -20.70
CA LYS P 151 48.98 -101.77 -19.44
C LYS P 151 49.31 -103.23 -19.12
N ALA P 152 48.35 -104.13 -19.36
CA ALA P 152 48.59 -105.55 -19.12
C ALA P 152 49.68 -106.08 -20.05
N SER P 153 49.65 -105.68 -21.32
CA SER P 153 50.68 -106.11 -22.25
C SER P 153 52.05 -105.58 -21.85
N ALA P 154 52.12 -104.32 -21.42
CA ALA P 154 53.39 -103.75 -20.98
C ALA P 154 53.92 -104.46 -19.76
N THR P 155 53.05 -104.76 -18.79
CA THR P 155 53.50 -105.47 -17.59
C THR P 155 53.97 -106.88 -17.92
N GLY P 156 53.24 -107.58 -18.81
CA GLY P 156 53.65 -108.93 -19.17
C GLY P 156 54.95 -108.97 -19.94
N LEU P 157 55.11 -108.09 -20.92
CA LEU P 157 56.33 -108.09 -21.73
C LEU P 157 57.51 -107.44 -21.01
N GLY P 158 57.25 -106.63 -19.99
CA GLY P 158 58.31 -105.96 -19.26
C GLY P 158 58.47 -104.51 -19.68
N GLY P 159 59.50 -103.89 -19.10
CA GLY P 159 59.77 -102.49 -19.35
C GLY P 159 60.00 -101.70 -18.07
N THR P 160 61.13 -100.99 -17.99
CA THR P 160 61.46 -100.27 -16.77
C THR P 160 61.02 -98.82 -16.83
N ASP P 161 61.21 -98.16 -17.97
CA ASP P 161 60.99 -96.73 -18.09
C ASP P 161 59.64 -96.46 -18.74
N GLN P 162 58.76 -95.79 -18.00
CA GLN P 162 57.47 -95.35 -18.51
C GLN P 162 57.39 -93.84 -18.70
N LYS P 163 58.51 -93.13 -18.63
CA LYS P 163 58.52 -91.69 -18.78
C LYS P 163 58.11 -91.29 -20.19
N ILE P 164 57.27 -90.27 -20.29
CA ILE P 164 56.80 -89.76 -21.58
C ILE P 164 57.92 -88.94 -22.22
N ASP P 165 58.20 -89.22 -23.49
CA ASP P 165 59.25 -88.53 -24.24
C ASP P 165 58.58 -87.61 -25.26
N GLY P 166 58.33 -86.36 -24.85
CA GLY P 166 57.74 -85.39 -25.74
C GLY P 166 56.28 -85.66 -26.03
N ASP P 167 55.77 -84.95 -27.04
CA ASP P 167 54.38 -85.07 -27.44
C ASP P 167 54.16 -86.35 -28.24
N LEU P 168 52.94 -86.86 -28.16
CA LEU P 168 52.57 -88.04 -28.94
C LEU P 168 52.55 -87.70 -30.43
N LYS P 169 53.04 -88.63 -31.25
CA LYS P 169 53.17 -88.41 -32.68
C LYS P 169 52.01 -89.07 -33.42
N PHE P 170 51.28 -88.27 -34.21
CA PHE P 170 50.20 -88.75 -35.06
C PHE P 170 50.36 -88.14 -36.44
N ASP P 171 49.90 -88.86 -37.47
CA ASP P 171 49.92 -88.39 -38.84
C ASP P 171 48.49 -88.11 -39.29
N ASP P 172 48.27 -86.93 -39.88
CA ASP P 172 46.94 -86.55 -40.33
C ASP P 172 46.46 -87.45 -41.47
N THR P 173 47.36 -87.79 -42.40
CA THR P 173 46.95 -88.56 -43.56
C THR P 173 46.57 -89.99 -43.18
N THR P 174 47.43 -90.67 -42.41
CA THR P 174 47.16 -92.06 -42.05
C THR P 174 46.05 -92.15 -41.01
N GLY P 175 46.10 -91.32 -39.97
CA GLY P 175 45.12 -91.37 -38.91
C GLY P 175 45.13 -92.66 -38.10
N LYS P 176 46.25 -93.38 -38.09
CA LYS P 176 46.33 -94.70 -37.46
C LYS P 176 47.09 -94.60 -36.14
N TYR P 177 46.74 -95.49 -35.21
CA TYR P 177 47.36 -95.47 -33.90
C TYR P 177 48.83 -95.84 -33.97
N TYR P 178 49.63 -95.17 -33.14
CA TYR P 178 51.07 -95.39 -33.04
C TYR P 178 51.39 -96.15 -31.76
N ALA P 179 52.31 -97.11 -31.86
CA ALA P 179 52.86 -97.83 -30.72
C ALA P 179 54.32 -97.44 -30.54
N LYS P 180 54.75 -97.34 -29.30
CA LYS P 180 56.12 -96.92 -28.98
C LYS P 180 56.80 -98.03 -28.19
N VAL P 181 58.04 -98.35 -28.58
CA VAL P 181 58.87 -99.32 -27.88
C VAL P 181 60.15 -98.63 -27.45
N THR P 182 60.43 -98.67 -26.15
CA THR P 182 61.66 -98.09 -25.63
C THR P 182 62.83 -99.05 -25.82
N VAL P 183 63.99 -98.50 -26.16
CA VAL P 183 65.20 -99.27 -26.38
C VAL P 183 66.22 -98.88 -25.32
N THR P 184 66.73 -99.88 -24.60
CA THR P 184 67.72 -99.65 -23.56
C THR P 184 69.11 -99.56 -24.16
N GLY P 185 69.89 -98.59 -23.69
CA GLY P 185 71.25 -98.41 -24.16
C GLY P 185 71.41 -97.66 -25.46
N GLY P 186 70.32 -97.15 -26.02
CA GLY P 186 70.40 -96.40 -27.27
C GLY P 186 69.65 -95.09 -27.17
N THR P 187 70.25 -94.04 -27.71
CA THR P 187 69.67 -92.71 -27.68
C THR P 187 69.05 -92.39 -29.04
N GLY P 188 67.77 -92.06 -29.04
CA GLY P 188 67.05 -91.71 -30.25
C GLY P 188 66.49 -92.87 -31.03
N LYS P 189 66.73 -94.11 -30.60
CA LYS P 189 66.19 -95.27 -31.31
C LYS P 189 64.70 -95.46 -31.06
N ASP P 190 64.22 -95.19 -29.85
CA ASP P 190 62.82 -95.36 -29.54
C ASP P 190 61.97 -94.29 -30.23
N GLY P 191 60.81 -94.69 -30.73
CA GLY P 191 59.93 -93.77 -31.43
C GLY P 191 58.58 -94.41 -31.68
N TYR P 192 57.66 -93.58 -32.14
CA TYR P 192 56.29 -94.00 -32.42
C TYR P 192 56.19 -94.55 -33.84
N TYR P 193 55.72 -95.79 -33.95
CA TYR P 193 55.50 -96.43 -35.24
C TYR P 193 54.02 -96.68 -35.44
N GLU P 194 53.47 -96.24 -36.57
CA GLU P 194 52.07 -96.47 -36.86
C GLU P 194 51.81 -97.94 -37.12
N VAL P 195 50.74 -98.47 -36.52
CA VAL P 195 50.41 -99.88 -36.64
C VAL P 195 48.95 -100.03 -37.02
N SER P 196 48.64 -101.16 -37.66
CA SER P 196 47.27 -101.51 -38.00
C SER P 196 46.82 -102.66 -37.10
N VAL P 197 45.80 -102.41 -36.28
CA VAL P 197 45.32 -103.38 -35.30
C VAL P 197 43.87 -103.72 -35.64
N ASP P 198 43.57 -105.02 -35.67
CA ASP P 198 42.22 -105.48 -35.96
C ASP P 198 41.28 -105.05 -34.83
N LYS P 199 40.38 -104.11 -35.12
CA LYS P 199 39.46 -103.61 -34.10
C LYS P 199 38.45 -104.69 -33.72
N THR P 200 38.17 -105.63 -34.62
CA THR P 200 37.26 -106.72 -34.29
C THR P 200 37.82 -107.59 -33.16
N ASN P 201 39.11 -107.93 -33.23
CA ASN P 201 39.73 -108.72 -32.18
C ASN P 201 39.79 -107.93 -30.88
N GLY P 202 40.12 -106.64 -30.95
CA GLY P 202 40.14 -105.78 -29.78
C GLY P 202 41.43 -105.79 -28.99
N GLU P 203 42.42 -106.60 -29.39
CA GLU P 203 43.70 -106.67 -28.70
C GLU P 203 44.83 -106.38 -29.68
N VAL P 204 45.78 -105.57 -29.25
CA VAL P 204 46.94 -105.25 -30.08
C VAL P 204 47.94 -106.38 -30.00
N THR P 205 48.22 -107.01 -31.15
CA THR P 205 49.13 -108.14 -31.23
C THR P 205 50.11 -107.94 -32.37
N LEU P 206 51.39 -108.17 -32.10
CA LEU P 206 52.40 -108.09 -33.15
C LEU P 206 52.23 -109.25 -34.13
N ALA P 207 52.43 -108.95 -35.41
CA ALA P 207 52.24 -109.93 -36.48
C ALA P 207 53.56 -110.63 -36.75
N GLY P 208 53.65 -111.90 -36.36
CA GLY P 208 54.82 -112.71 -36.63
C GLY P 208 55.94 -112.59 -35.62
N GLY P 209 55.83 -111.70 -34.64
CA GLY P 209 56.87 -111.53 -33.65
C GLY P 209 58.19 -111.06 -34.23
N ALA P 210 58.14 -110.10 -35.16
CA ALA P 210 59.34 -109.56 -35.80
C ALA P 210 59.87 -108.41 -34.94
N THR P 211 60.85 -108.71 -34.08
CA THR P 211 61.40 -107.69 -33.22
C THR P 211 62.32 -106.75 -33.99
N SER P 212 62.84 -107.19 -35.12
CA SER P 212 63.69 -106.33 -35.94
C SER P 212 62.87 -105.21 -36.55
N PRO P 213 63.32 -103.95 -36.44
CA PRO P 213 62.57 -102.85 -37.04
C PRO P 213 62.57 -102.92 -38.56
N LEU P 214 61.54 -102.34 -39.15
CA LEU P 214 61.44 -102.28 -40.61
C LEU P 214 62.55 -101.41 -41.18
N THR P 215 62.93 -101.72 -42.43
CA THR P 215 63.98 -100.97 -43.09
C THR P 215 63.62 -99.50 -43.23
N GLY P 216 64.62 -98.64 -43.06
CA GLY P 216 64.44 -97.20 -43.09
C GLY P 216 64.47 -96.53 -41.74
N GLY P 217 64.37 -97.29 -40.65
CA GLY P 217 64.40 -96.68 -39.33
C GLY P 217 63.20 -95.79 -39.11
N LEU P 218 63.47 -94.56 -38.71
CA LEU P 218 62.40 -93.58 -38.52
C LEU P 218 61.73 -93.28 -39.86
N PRO P 219 60.40 -93.30 -39.92
CA PRO P 219 59.72 -93.00 -41.19
C PRO P 219 60.03 -91.59 -41.68
N ALA P 220 60.20 -91.47 -42.99
CA ALA P 220 60.48 -90.19 -43.62
C ALA P 220 59.25 -89.54 -44.25
N THR P 221 58.07 -90.14 -44.09
CA THR P 221 56.88 -89.59 -44.71
C THR P 221 56.50 -88.25 -44.10
N ALA P 222 56.43 -88.17 -42.77
CA ALA P 222 56.04 -86.96 -42.07
C ALA P 222 57.00 -86.71 -40.92
N THR P 223 57.54 -85.49 -40.85
CA THR P 223 58.44 -85.09 -39.78
C THR P 223 57.77 -84.19 -38.75
N GLU P 224 56.47 -83.96 -38.86
CA GLU P 224 55.74 -83.09 -37.95
C GLU P 224 54.52 -83.81 -37.40
N ASP P 225 54.27 -83.63 -36.10
CA ASP P 225 53.10 -84.21 -35.47
C ASP P 225 51.86 -83.37 -35.77
N VAL P 226 50.72 -84.05 -35.88
CA VAL P 226 49.44 -83.41 -36.16
C VAL P 226 48.48 -83.77 -35.03
N LYS P 227 47.86 -82.76 -34.43
CA LYS P 227 46.93 -82.99 -33.33
C LYS P 227 45.63 -83.61 -33.83
N ASN P 228 45.15 -83.19 -34.99
CA ASN P 228 43.91 -83.72 -35.53
C ASN P 228 44.11 -85.14 -36.04
N VAL P 229 43.15 -86.01 -35.72
CA VAL P 229 43.16 -87.40 -36.16
C VAL P 229 41.86 -87.66 -36.91
N GLN P 230 41.98 -88.23 -38.11
CA GLN P 230 40.82 -88.46 -38.97
C GLN P 230 40.75 -89.93 -39.38
N VAL P 231 39.52 -90.39 -39.62
CA VAL P 231 39.25 -91.77 -39.98
C VAL P 231 38.58 -91.76 -41.36
N ALA P 232 38.37 -92.96 -41.91
CA ALA P 232 37.79 -93.08 -43.24
C ALA P 232 36.37 -92.54 -43.28
N ASN P 233 35.97 -92.07 -44.46
CA ASN P 233 34.66 -91.47 -44.70
C ASN P 233 33.55 -92.51 -44.89
N ALA P 234 33.78 -93.77 -44.50
CA ALA P 234 32.79 -94.81 -44.67
C ALA P 234 32.01 -95.11 -43.39
N ASP P 235 32.58 -94.81 -42.22
CA ASP P 235 31.93 -95.16 -40.97
C ASP P 235 30.77 -94.21 -40.65
N LEU P 236 31.07 -92.93 -40.50
CA LEU P 236 30.09 -91.91 -40.10
C LEU P 236 29.38 -92.33 -38.82
N THR P 237 30.18 -92.59 -37.77
CA THR P 237 29.62 -93.06 -36.52
C THR P 237 28.77 -91.98 -35.85
N GLU P 238 29.13 -90.71 -36.02
CA GLU P 238 28.33 -89.62 -35.45
C GLU P 238 26.96 -89.54 -36.13
N ALA P 239 26.93 -89.67 -37.47
CA ALA P 239 25.66 -89.66 -38.19
C ALA P 239 24.81 -90.85 -37.80
N LYS P 240 25.41 -92.03 -37.66
CA LYS P 240 24.66 -93.21 -37.25
C LYS P 240 24.11 -93.04 -35.82
N ALA P 241 24.90 -92.47 -34.92
CA ALA P 241 24.43 -92.24 -33.56
C ALA P 241 23.27 -91.26 -33.55
N ALA P 242 23.36 -90.18 -34.33
CA ALA P 242 22.26 -89.22 -34.41
C ALA P 242 21.01 -89.88 -35.00
N LEU P 243 21.18 -90.70 -36.03
CA LEU P 243 20.05 -91.38 -36.64
C LEU P 243 19.37 -92.33 -35.65
N THR P 244 20.17 -93.10 -34.90
CA THR P 244 19.60 -94.02 -33.92
C THR P 244 18.92 -93.27 -32.79
N ALA P 245 19.47 -92.13 -32.37
CA ALA P 245 18.81 -91.31 -31.37
C ALA P 245 17.47 -90.79 -31.89
N ALA P 246 17.44 -90.37 -33.16
CA ALA P 246 16.18 -89.89 -33.74
C ALA P 246 15.22 -91.04 -34.01
N GLY P 247 15.73 -92.25 -34.16
CA GLY P 247 14.90 -93.40 -34.46
C GLY P 247 14.56 -93.59 -35.92
N VAL P 248 15.22 -92.87 -36.83
CA VAL P 248 14.96 -92.97 -38.25
C VAL P 248 16.21 -93.53 -38.93
N THR P 249 17.01 -94.27 -38.16
CA THR P 249 18.27 -94.80 -38.68
C THR P 249 18.01 -95.83 -39.79
N GLY P 250 18.92 -95.87 -40.75
CA GLY P 250 18.82 -96.82 -41.84
C GLY P 250 19.99 -96.67 -42.79
N THR P 251 20.17 -97.69 -43.63
CA THR P 251 21.22 -97.70 -44.64
C THR P 251 20.57 -97.57 -46.01
N ALA P 252 20.97 -96.55 -46.76
CA ALA P 252 20.41 -96.29 -48.08
C ALA P 252 21.40 -95.42 -48.85
N SER P 253 21.06 -95.13 -50.10
CA SER P 253 21.91 -94.30 -50.93
C SER P 253 21.95 -92.87 -50.41
N VAL P 254 23.16 -92.30 -50.35
CA VAL P 254 23.32 -90.93 -49.90
C VAL P 254 22.78 -89.99 -50.97
N VAL P 255 22.25 -88.84 -50.53
CA VAL P 255 21.66 -87.87 -51.44
C VAL P 255 22.27 -86.50 -51.14
N LYS P 256 22.22 -85.64 -52.14
CA LYS P 256 22.59 -84.24 -52.01
C LYS P 256 21.37 -83.38 -52.26
N MET P 257 21.07 -82.49 -51.33
CA MET P 257 19.83 -81.73 -51.36
C MET P 257 20.05 -80.48 -52.21
N SER P 258 19.46 -80.47 -53.40
CA SER P 258 19.63 -79.37 -54.34
C SER P 258 18.38 -79.27 -55.19
N TYR P 259 18.40 -78.35 -56.15
CA TYR P 259 17.35 -78.26 -57.16
C TYR P 259 17.94 -78.64 -58.52
N THR P 260 17.30 -79.60 -59.19
CA THR P 260 17.82 -80.15 -60.42
C THR P 260 17.21 -79.44 -61.63
N ASP P 261 18.07 -79.03 -62.57
CA ASP P 261 17.66 -78.43 -63.82
C ASP P 261 18.49 -79.06 -64.94
N ASN P 262 18.42 -78.45 -66.13
CA ASN P 262 19.18 -78.96 -67.27
C ASN P 262 20.68 -78.88 -67.00
N ASN P 263 21.14 -77.80 -66.36
CA ASN P 263 22.55 -77.66 -66.05
C ASN P 263 23.04 -78.68 -65.02
N GLY P 264 22.13 -79.30 -64.28
CA GLY P 264 22.52 -80.26 -63.27
C GLY P 264 23.33 -79.68 -62.14
N LYS P 265 22.93 -78.52 -61.62
CA LYS P 265 23.68 -77.88 -60.54
C LYS P 265 23.60 -78.71 -59.27
N THR P 266 24.75 -78.84 -58.60
CA THR P 266 24.85 -79.59 -57.36
C THR P 266 25.26 -78.65 -56.23
N ILE P 267 24.51 -78.69 -55.13
CA ILE P 267 24.81 -77.93 -53.93
C ILE P 267 25.18 -78.90 -52.82
N ASP P 268 26.41 -78.78 -52.32
CA ASP P 268 26.91 -79.66 -51.27
C ASP P 268 26.56 -79.06 -49.92
N GLY P 269 25.30 -79.26 -49.52
CA GLY P 269 24.78 -78.70 -48.29
C GLY P 269 24.84 -79.65 -47.11
N GLY P 270 25.68 -80.66 -47.21
CA GLY P 270 25.80 -81.64 -46.15
C GLY P 270 25.38 -83.03 -46.60
N LEU P 271 25.83 -84.03 -45.85
CA LEU P 271 25.56 -85.43 -46.17
C LEU P 271 24.47 -85.96 -45.24
N ALA P 272 23.32 -86.32 -45.82
CA ALA P 272 22.21 -86.88 -45.06
C ALA P 272 21.77 -88.19 -45.70
N VAL P 273 21.64 -89.22 -44.88
CA VAL P 273 21.23 -90.55 -45.33
C VAL P 273 20.00 -90.92 -44.51
N LYS P 274 18.82 -90.65 -45.06
CA LYS P 274 17.56 -90.94 -44.40
C LYS P 274 16.66 -91.72 -45.33
N VAL P 275 15.95 -92.71 -44.78
CA VAL P 275 15.04 -93.51 -45.58
C VAL P 275 13.83 -92.67 -46.02
N GLY P 276 13.36 -91.78 -45.15
CA GLY P 276 12.21 -90.98 -45.47
C GLY P 276 12.53 -89.87 -46.44
N ASP P 277 11.45 -89.25 -46.97
CA ASP P 277 11.62 -88.14 -47.91
C ASP P 277 12.32 -86.96 -47.25
N ASP P 278 11.94 -86.64 -46.01
CA ASP P 278 12.60 -85.55 -45.29
C ASP P 278 14.03 -85.93 -44.93
N TYR P 279 14.95 -84.98 -45.08
CA TYR P 279 16.36 -85.20 -44.83
C TYR P 279 16.83 -84.20 -43.79
N TYR P 280 17.41 -84.70 -42.70
CA TYR P 280 17.92 -83.84 -41.65
C TYR P 280 19.20 -83.16 -42.12
N SER P 281 19.28 -81.84 -41.89
CA SER P 281 20.44 -81.07 -42.31
C SER P 281 21.65 -81.45 -41.45
N ALA P 282 22.78 -81.66 -42.12
CA ALA P 282 24.06 -81.91 -41.44
C ALA P 282 25.06 -80.87 -41.91
N THR P 283 25.69 -80.18 -40.97
CA THR P 283 26.57 -79.08 -41.32
C THR P 283 27.92 -79.59 -41.81
N GLN P 284 28.31 -79.15 -42.99
CA GLN P 284 29.65 -79.43 -43.50
C GLN P 284 30.60 -78.38 -42.95
N ASN P 285 31.23 -78.70 -41.82
CA ASN P 285 32.10 -77.74 -41.15
C ASN P 285 33.33 -77.45 -41.98
N LYS P 286 33.92 -76.28 -41.75
CA LYS P 286 35.07 -75.82 -42.53
C LYS P 286 36.30 -76.69 -42.34
N ASP P 287 36.34 -77.55 -41.32
CA ASP P 287 37.45 -78.46 -41.13
C ASP P 287 37.46 -79.60 -42.13
N GLY P 288 36.38 -79.78 -42.89
CA GLY P 288 36.28 -80.84 -43.87
C GLY P 288 35.49 -82.05 -43.43
N SER P 289 34.83 -81.99 -42.27
CA SER P 289 34.08 -83.11 -41.74
C SER P 289 32.63 -82.71 -41.51
N ILE P 290 31.71 -83.57 -41.94
CA ILE P 290 30.29 -83.31 -41.76
C ILE P 290 29.88 -83.69 -40.34
N SER P 291 29.11 -82.82 -39.71
CA SER P 291 28.73 -83.00 -38.30
C SER P 291 27.25 -82.71 -38.12
N ILE P 292 26.72 -83.14 -36.98
CA ILE P 292 25.31 -82.98 -36.69
C ILE P 292 24.98 -81.50 -36.53
N ASN P 293 23.87 -81.08 -37.15
CA ASN P 293 23.42 -79.69 -37.10
C ASN P 293 22.53 -79.50 -35.88
N THR P 294 23.15 -79.18 -34.74
CA THR P 294 22.37 -78.88 -33.55
C THR P 294 21.71 -77.52 -33.68
N THR P 295 20.40 -77.47 -33.52
CA THR P 295 19.63 -76.23 -33.62
C THR P 295 19.14 -75.83 -32.24
N LYS P 296 19.24 -74.53 -31.95
CA LYS P 296 18.79 -73.96 -30.69
C LYS P 296 17.72 -72.92 -30.97
N TYR P 297 16.57 -73.06 -30.30
CA TYR P 297 15.42 -72.22 -30.59
C TYR P 297 14.65 -71.95 -29.31
N THR P 298 13.93 -70.82 -29.30
CA THR P 298 13.08 -70.48 -28.17
C THR P 298 11.63 -70.79 -28.49
N ALA P 299 10.93 -71.36 -27.51
CA ALA P 299 9.53 -71.73 -27.68
C ALA P 299 8.83 -71.59 -26.34
N ASP P 300 7.60 -72.11 -26.28
CA ASP P 300 6.86 -72.07 -25.03
C ASP P 300 7.56 -72.86 -23.94
N ASP P 301 8.08 -74.05 -24.27
CA ASP P 301 8.80 -74.84 -23.29
C ASP P 301 10.15 -74.21 -22.94
N GLY P 302 10.79 -73.57 -23.90
CA GLY P 302 12.07 -72.92 -23.68
C GLY P 302 13.28 -73.82 -23.83
N THR P 303 13.09 -75.11 -24.10
CA THR P 303 14.17 -76.06 -24.23
C THR P 303 14.23 -76.59 -25.66
N SER P 304 15.40 -76.49 -26.28
CA SER P 304 15.58 -76.99 -27.63
C SER P 304 15.77 -78.50 -27.61
N LYS P 305 15.10 -79.20 -28.52
CA LYS P 305 15.15 -80.65 -28.60
C LYS P 305 15.78 -81.06 -29.94
N THR P 306 16.72 -81.99 -29.88
CA THR P 306 17.30 -82.54 -31.10
C THR P 306 16.32 -83.51 -31.75
N ALA P 307 15.93 -83.22 -32.99
CA ALA P 307 14.93 -84.04 -33.67
C ALA P 307 15.13 -83.91 -35.18
N LEU P 308 14.50 -84.83 -35.90
CA LEU P 308 14.55 -84.81 -37.36
C LEU P 308 13.80 -83.61 -37.91
N ASN P 309 14.42 -82.92 -38.86
CA ASN P 309 13.86 -81.72 -39.46
C ASN P 309 13.25 -82.06 -40.82
N LYS P 310 11.99 -81.73 -41.00
CA LYS P 310 11.31 -82.01 -42.26
C LYS P 310 11.67 -80.96 -43.31
N LEU P 311 11.39 -81.31 -44.57
CA LEU P 311 11.59 -80.37 -45.65
C LEU P 311 10.52 -79.29 -45.65
N GLY P 312 10.90 -78.08 -46.03
CA GLY P 312 9.96 -76.98 -46.11
C GLY P 312 10.42 -75.97 -47.14
N GLY P 313 9.47 -75.31 -47.76
CA GLY P 313 9.72 -74.39 -48.85
C GLY P 313 9.44 -75.02 -50.20
N ALA P 314 9.37 -74.17 -51.22
CA ALA P 314 9.16 -74.65 -52.58
C ALA P 314 10.31 -75.55 -53.02
N ASP P 315 11.54 -75.15 -52.72
CA ASP P 315 12.69 -76.02 -52.97
C ASP P 315 12.77 -77.14 -51.96
N GLY P 316 12.24 -76.93 -50.74
CA GLY P 316 12.31 -77.91 -49.69
C GLY P 316 13.57 -77.87 -48.85
N LYS P 317 14.50 -76.97 -49.15
CA LYS P 317 15.77 -76.93 -48.42
C LYS P 317 15.63 -76.34 -47.03
N THR P 318 14.49 -75.72 -46.70
CA THR P 318 14.29 -75.25 -45.34
C THR P 318 14.09 -76.44 -44.41
N GLU P 319 14.74 -76.42 -43.26
CA GLU P 319 14.68 -77.52 -42.30
C GLU P 319 13.72 -77.11 -41.19
N VAL P 320 12.47 -77.51 -41.32
CA VAL P 320 11.43 -77.19 -40.33
C VAL P 320 11.55 -78.20 -39.19
N VAL P 321 11.90 -77.72 -38.01
CA VAL P 321 12.07 -78.58 -36.85
C VAL P 321 10.70 -78.99 -36.32
N SER P 322 10.61 -80.22 -35.84
CA SER P 322 9.38 -80.73 -35.25
C SER P 322 9.45 -80.56 -33.73
N ILE P 323 8.58 -79.71 -33.19
CA ILE P 323 8.49 -79.44 -31.76
C ILE P 323 7.13 -79.90 -31.28
N GLY P 324 7.10 -80.54 -30.11
CA GLY P 324 5.85 -81.03 -29.57
C GLY P 324 5.15 -82.05 -30.43
N GLY P 325 5.87 -82.69 -31.35
CA GLY P 325 5.30 -83.63 -32.28
C GLY P 325 4.83 -83.04 -33.59
N LYS P 326 4.84 -81.71 -33.73
CA LYS P 326 4.33 -81.05 -34.92
C LYS P 326 5.43 -80.16 -35.50
N THR P 327 5.52 -80.12 -36.83
CA THR P 327 6.57 -79.34 -37.48
C THR P 327 6.25 -77.86 -37.44
N TYR P 328 7.09 -77.10 -36.72
CA TYR P 328 6.94 -75.67 -36.56
C TYR P 328 8.20 -74.96 -37.04
N ALA P 329 8.00 -73.90 -37.83
CA ALA P 329 9.13 -73.10 -38.30
C ALA P 329 9.78 -72.35 -37.13
N ALA P 330 10.99 -72.78 -36.75
CA ALA P 330 11.65 -72.17 -35.60
C ALA P 330 12.09 -70.75 -35.89
N SER P 331 12.35 -70.42 -37.16
CA SER P 331 12.78 -69.08 -37.51
C SER P 331 11.70 -68.05 -37.22
N LYS P 332 10.44 -68.39 -37.51
CA LYS P 332 9.32 -67.48 -37.30
C LYS P 332 8.71 -67.60 -35.91
N ALA P 333 9.27 -68.45 -35.05
CA ALA P 333 8.70 -68.65 -33.73
C ALA P 333 8.72 -67.37 -32.90
N GLU P 334 9.75 -66.55 -33.07
CA GLU P 334 9.84 -65.30 -32.33
C GLU P 334 8.73 -64.34 -32.76
N GLY P 335 7.96 -63.86 -31.78
CA GLY P 335 6.85 -62.97 -32.05
C GLY P 335 5.59 -63.66 -32.54
N HIS P 336 5.61 -64.98 -32.66
CA HIS P 336 4.46 -65.75 -33.12
C HIS P 336 3.98 -66.65 -32.00
N ASN P 337 2.67 -66.65 -31.76
CA ASN P 337 2.08 -67.42 -30.68
C ASN P 337 1.81 -68.84 -31.16
N PHE P 338 2.42 -69.82 -30.49
CA PHE P 338 2.17 -71.22 -30.82
C PHE P 338 0.74 -71.64 -30.47
N LYS P 339 0.16 -71.07 -29.41
CA LYS P 339 -1.20 -71.42 -29.04
C LYS P 339 -2.21 -70.85 -30.02
N ALA P 340 -1.94 -69.66 -30.55
CA ALA P 340 -2.89 -69.00 -31.44
C ALA P 340 -3.12 -69.83 -32.70
N GLN P 341 -2.05 -70.36 -33.28
CA GLN P 341 -2.14 -71.20 -34.47
C GLN P 341 -1.52 -72.55 -34.18
N PRO P 342 -2.30 -73.54 -33.71
CA PRO P 342 -1.73 -74.86 -33.43
C PRO P 342 -1.16 -75.54 -34.65
N ASP P 343 -1.68 -75.26 -35.84
CA ASP P 343 -1.25 -75.90 -37.08
C ASP P 343 -0.68 -74.82 -38.01
N LEU P 344 0.61 -74.55 -37.86
CA LEU P 344 1.30 -73.64 -38.76
C LEU P 344 1.53 -74.34 -40.09
N ALA P 345 1.26 -73.64 -41.19
CA ALA P 345 1.35 -74.25 -42.50
C ALA P 345 2.77 -74.16 -43.06
N GLU P 346 3.20 -75.25 -43.69
CA GLU P 346 4.48 -75.28 -44.39
C GLU P 346 4.27 -75.97 -45.73
N ALA P 347 5.25 -75.80 -46.62
CA ALA P 347 5.18 -76.43 -47.93
C ALA P 347 5.26 -77.95 -47.79
N ALA P 348 4.24 -78.63 -48.29
CA ALA P 348 4.20 -80.09 -48.20
C ALA P 348 5.21 -80.72 -49.16
N ALA P 349 5.29 -82.04 -49.10
CA ALA P 349 6.18 -82.77 -50.00
C ALA P 349 5.71 -82.61 -51.44
N THR P 350 6.66 -82.74 -52.36
CA THR P 350 6.42 -82.57 -53.81
C THR P 350 5.92 -81.14 -54.02
N THR P 351 4.81 -80.94 -54.72
CA THR P 351 4.30 -79.60 -55.00
C THR P 351 2.82 -79.52 -54.65
N THR P 352 2.38 -78.31 -54.35
CA THR P 352 0.97 -78.01 -54.09
C THR P 352 0.44 -77.16 -55.24
N GLU P 353 -0.34 -77.78 -56.12
CA GLU P 353 -0.78 -77.15 -57.35
C GLU P 353 -2.11 -76.43 -57.15
N ASN P 354 -2.74 -76.05 -58.27
CA ASN P 354 -3.93 -75.21 -58.34
C ASN P 354 -3.74 -73.87 -57.63
N PRO P 355 -2.85 -72.99 -58.12
CA PRO P 355 -2.87 -71.61 -57.62
C PRO P 355 -4.21 -70.93 -57.72
N LEU P 356 -5.05 -71.31 -58.69
CA LEU P 356 -6.23 -70.51 -59.02
C LEU P 356 -7.20 -70.42 -57.86
N GLN P 357 -7.47 -71.54 -57.18
CA GLN P 357 -8.38 -71.50 -56.05
C GLN P 357 -7.79 -70.69 -54.89
N LYS P 358 -6.46 -70.73 -54.72
CA LYS P 358 -5.82 -69.92 -53.70
C LYS P 358 -5.93 -68.43 -54.01
N ILE P 359 -5.79 -68.05 -55.28
CA ILE P 359 -5.96 -66.65 -55.66
C ILE P 359 -7.41 -66.23 -55.46
N ASP P 360 -8.35 -67.12 -55.76
CA ASP P 360 -9.76 -66.82 -55.50
C ASP P 360 -10.00 -66.61 -54.02
N ALA P 361 -9.39 -67.45 -53.17
CA ALA P 361 -9.52 -67.28 -51.73
C ALA P 361 -8.89 -65.96 -51.27
N ALA P 362 -7.75 -65.60 -51.86
CA ALA P 362 -7.09 -64.35 -51.50
C ALA P 362 -7.96 -63.14 -51.86
N LEU P 363 -8.56 -63.15 -53.05
CA LEU P 363 -9.41 -62.03 -53.43
C LEU P 363 -10.69 -62.00 -52.60
N ALA P 364 -11.20 -63.18 -52.21
CA ALA P 364 -12.33 -63.21 -51.28
C ALA P 364 -11.94 -62.62 -49.93
N GLN P 365 -10.72 -62.91 -49.47
CA GLN P 365 -10.23 -62.31 -48.23
C GLN P 365 -10.14 -60.80 -48.34
N VAL P 366 -9.65 -60.31 -49.49
CA VAL P 366 -9.60 -58.86 -49.71
C VAL P 366 -10.99 -58.26 -49.66
N ASP P 367 -11.95 -58.91 -50.32
CA ASP P 367 -13.32 -58.41 -50.36
C ASP P 367 -13.94 -58.39 -48.96
N THR P 368 -13.72 -59.44 -48.18
CA THR P 368 -14.31 -59.47 -46.84
C THR P 368 -13.61 -58.50 -45.89
N LEU P 369 -12.31 -58.24 -46.11
CA LEU P 369 -11.64 -57.21 -45.33
C LEU P 369 -12.20 -55.83 -45.67
N ARG P 370 -12.48 -55.59 -46.96
CA ARG P 370 -13.16 -54.36 -47.34
C ARG P 370 -14.53 -54.24 -46.69
N SER P 371 -15.29 -55.34 -46.67
CA SER P 371 -16.60 -55.33 -46.05
C SER P 371 -16.51 -55.05 -44.55
N ASP P 372 -15.54 -55.66 -43.87
CA ASP P 372 -15.35 -55.40 -42.45
C ASP P 372 -14.94 -53.96 -42.20
N LEU P 373 -14.07 -53.42 -43.07
CA LEU P 373 -13.67 -52.02 -42.94
C LEU P 373 -14.87 -51.10 -43.08
N GLY P 374 -15.73 -51.37 -44.08
CA GLY P 374 -16.93 -50.55 -44.24
C GLY P 374 -17.89 -50.69 -43.08
N ALA P 375 -18.05 -51.89 -42.56
CA ALA P 375 -18.93 -52.11 -41.42
C ALA P 375 -18.45 -51.34 -40.21
N VAL P 376 -17.16 -51.45 -39.89
CA VAL P 376 -16.60 -50.72 -38.76
C VAL P 376 -16.71 -49.22 -38.99
N GLN P 377 -16.48 -48.78 -40.23
CA GLN P 377 -16.54 -47.36 -40.55
C GLN P 377 -17.93 -46.79 -40.28
N ASN P 378 -18.96 -47.42 -40.84
CA ASN P 378 -20.31 -46.94 -40.60
C ASN P 378 -20.72 -47.13 -39.14
N ARG P 379 -20.15 -48.12 -38.46
CA ARG P 379 -20.48 -48.34 -37.06
C ARG P 379 -20.01 -47.17 -36.20
N PHE P 380 -18.73 -46.79 -36.33
CA PHE P 380 -18.31 -45.66 -35.53
C PHE P 380 -18.81 -44.34 -36.10
N ASN P 381 -19.25 -44.30 -37.36
CA ASN P 381 -19.94 -43.10 -37.84
C ASN P 381 -21.27 -42.93 -37.13
N SER P 382 -22.02 -44.02 -36.95
CA SER P 382 -23.25 -43.98 -36.16
C SER P 382 -22.94 -43.60 -34.71
N ALA P 383 -21.87 -44.15 -34.15
CA ALA P 383 -21.47 -43.79 -32.79
C ALA P 383 -21.16 -42.29 -32.70
N ILE P 384 -20.45 -41.76 -33.70
CA ILE P 384 -20.06 -40.36 -33.69
C ILE P 384 -21.27 -39.45 -33.79
N THR P 385 -22.21 -39.77 -34.70
CA THR P 385 -23.40 -38.91 -34.81
C THR P 385 -24.26 -39.01 -33.56
N ASN P 386 -24.33 -40.20 -32.93
CA ASN P 386 -25.08 -40.32 -31.70
C ASN P 386 -24.46 -39.50 -30.58
N LEU P 387 -23.13 -39.54 -30.45
CA LEU P 387 -22.49 -38.76 -29.40
C LEU P 387 -22.55 -37.26 -29.69
N GLY P 388 -22.53 -36.86 -30.96
CA GLY P 388 -22.76 -35.47 -31.29
C GLY P 388 -24.16 -35.01 -30.94
N ASN P 389 -25.15 -35.85 -31.20
CA ASN P 389 -26.52 -35.54 -30.76
C ASN P 389 -26.60 -35.43 -29.25
N THR P 390 -25.92 -36.33 -28.53
CA THR P 390 -25.90 -36.25 -27.08
C THR P 390 -25.25 -34.94 -26.61
N VAL P 391 -24.16 -34.54 -27.25
CA VAL P 391 -23.46 -33.32 -26.84
C VAL P 391 -24.32 -32.09 -27.10
N ASN P 392 -24.98 -32.02 -28.26
CA ASN P 392 -25.79 -30.84 -28.54
C ASN P 392 -27.05 -30.82 -27.69
N ASN P 393 -27.61 -32.00 -27.37
CA ASN P 393 -28.72 -32.04 -26.42
C ASN P 393 -28.27 -31.57 -25.04
N LEU P 394 -27.08 -31.97 -24.61
CA LEU P 394 -26.56 -31.53 -23.32
C LEU P 394 -26.35 -30.02 -23.30
N THR P 395 -25.81 -29.45 -24.38
CA THR P 395 -25.58 -28.00 -24.38
C THR P 395 -26.90 -27.23 -24.49
N SER P 396 -27.90 -27.80 -25.18
CA SER P 396 -29.22 -27.18 -25.19
C SER P 396 -29.84 -27.20 -23.79
N ALA P 397 -29.67 -28.31 -23.07
CA ALA P 397 -30.16 -28.37 -21.70
C ALA P 397 -29.42 -27.38 -20.81
N ARG P 398 -28.11 -27.23 -21.01
CA ARG P 398 -27.33 -26.24 -20.27
C ARG P 398 -27.85 -24.84 -20.52
N SER P 399 -28.11 -24.49 -21.78
CA SER P 399 -28.64 -23.17 -22.10
C SER P 399 -30.03 -22.97 -21.51
N ARG P 400 -30.87 -24.00 -21.57
CA ARG P 400 -32.22 -23.88 -21.03
C ARG P 400 -32.22 -23.83 -19.51
N ILE P 401 -31.35 -24.60 -18.87
CA ILE P 401 -31.29 -24.65 -17.42
C ILE P 401 -30.23 -23.68 -16.91
N ASP Q 1 -19.16 -26.84 11.02
CA ASP Q 1 -19.64 -25.83 11.97
C ASP Q 1 -20.00 -26.47 13.30
N LEU Q 2 -19.30 -27.56 13.65
CA LEU Q 2 -19.56 -28.24 14.91
C LEU Q 2 -18.86 -27.57 16.08
N THR Q 3 -17.91 -26.66 15.82
CA THR Q 3 -17.23 -25.96 16.91
C THR Q 3 -18.20 -25.11 17.71
N LYS Q 4 -19.07 -24.36 17.03
CA LYS Q 4 -20.08 -23.56 17.73
C LYS Q 4 -21.03 -24.46 18.51
N ASN Q 5 -21.41 -25.59 17.92
CA ASN Q 5 -22.30 -26.52 18.61
C ASN Q 5 -21.67 -27.06 19.89
N GLU Q 6 -20.41 -27.47 19.84
CA GLU Q 6 -19.78 -28.00 21.04
C GLU Q 6 -19.53 -26.89 22.07
N LYS Q 7 -19.21 -25.68 21.61
CA LYS Q 7 -19.06 -24.57 22.55
C LYS Q 7 -20.38 -24.28 23.26
N GLY Q 8 -21.50 -24.34 22.54
CA GLY Q 8 -22.79 -24.18 23.18
C GLY Q 8 -23.11 -25.33 24.13
N ARG Q 9 -22.70 -26.54 23.77
CA ARG Q 9 -22.95 -27.71 24.61
C ARG Q 9 -22.01 -27.80 25.81
N LEU Q 10 -20.96 -26.97 25.85
CA LEU Q 10 -20.03 -27.00 26.98
C LEU Q 10 -20.74 -26.80 28.30
N THR Q 11 -21.52 -25.72 28.42
CA THR Q 11 -22.13 -25.31 29.69
C THR Q 11 -23.60 -24.93 29.53
N PRO Q 12 -24.47 -25.92 29.33
CA PRO Q 12 -25.91 -25.67 29.48
C PRO Q 12 -26.40 -25.78 30.92
N ILE Q 13 -25.50 -25.81 31.89
CA ILE Q 13 -25.85 -26.11 33.28
C ILE Q 13 -25.57 -24.95 34.23
N THR Q 14 -24.76 -23.96 33.82
CA THR Q 14 -24.39 -22.88 34.72
C THR Q 14 -25.61 -22.05 35.15
N LYS Q 15 -26.60 -21.92 34.28
CA LYS Q 15 -27.82 -21.22 34.66
C LYS Q 15 -28.53 -21.92 35.81
N GLN Q 16 -28.56 -23.26 35.78
CA GLN Q 16 -29.22 -23.99 36.85
C GLN Q 16 -28.50 -23.82 38.18
N GLN Q 17 -27.17 -23.88 38.19
CA GLN Q 17 -26.45 -23.73 39.45
C GLN Q 17 -26.53 -22.30 39.95
N SER Q 18 -26.55 -21.32 39.04
CA SER Q 18 -26.79 -19.94 39.46
C SER Q 18 -28.16 -19.81 40.11
N ALA Q 19 -29.18 -20.43 39.51
CA ALA Q 19 -30.53 -20.37 40.08
C ALA Q 19 -30.59 -21.02 41.45
N ASN Q 20 -29.91 -22.16 41.62
CA ASN Q 20 -29.93 -22.84 42.92
C ASN Q 20 -29.20 -22.02 43.98
N SER Q 21 -28.07 -21.41 43.62
CA SER Q 21 -27.39 -20.54 44.57
C SER Q 21 -28.24 -19.34 44.94
N ALA Q 22 -28.93 -18.75 43.96
CA ALA Q 22 -29.82 -17.64 44.24
C ALA Q 22 -30.96 -18.08 45.15
N LYS Q 23 -31.46 -19.30 44.97
CA LYS Q 23 -32.51 -19.81 45.85
C LYS Q 23 -32.02 -20.00 47.27
N LEU Q 24 -30.79 -20.50 47.44
CA LEU Q 24 -30.24 -20.62 48.79
C LEU Q 24 -30.06 -19.26 49.45
N THR Q 25 -29.57 -18.28 48.70
CA THR Q 25 -29.47 -16.93 49.24
C THR Q 25 -30.84 -16.36 49.58
N ALA Q 26 -31.84 -16.67 48.75
CA ALA Q 26 -33.20 -16.24 49.02
C ALA Q 26 -33.72 -16.82 50.32
N TYR Q 27 -33.46 -18.10 50.56
CA TYR Q 27 -33.92 -18.71 51.80
C TYR Q 27 -33.18 -18.14 53.00
N GLY Q 28 -31.90 -17.82 52.85
CA GLY Q 28 -31.20 -17.15 53.94
C GLY Q 28 -31.80 -15.80 54.28
N THR Q 29 -32.09 -15.01 53.25
CA THR Q 29 -32.71 -13.70 53.47
C THR Q 29 -34.10 -13.84 54.09
N LEU Q 30 -34.87 -14.83 53.64
CA LEU Q 30 -36.18 -15.09 54.21
C LEU Q 30 -36.07 -15.42 55.69
N LYS Q 31 -35.14 -16.30 56.05
CA LYS Q 31 -34.95 -16.64 57.45
C LYS Q 31 -34.59 -15.41 58.26
N SER Q 32 -33.69 -14.56 57.75
CA SER Q 32 -33.31 -13.37 58.50
C SER Q 32 -34.50 -12.45 58.73
N ALA Q 33 -35.24 -12.14 57.67
CA ALA Q 33 -36.36 -11.22 57.79
C ALA Q 33 -37.43 -11.77 58.73
N LEU Q 34 -37.67 -13.08 58.66
CA LEU Q 34 -38.74 -13.64 59.47
C LEU Q 34 -38.30 -13.79 60.92
N GLU Q 35 -36.99 -13.95 61.17
CA GLU Q 35 -36.48 -13.79 62.54
C GLU Q 35 -36.77 -12.40 63.08
N LYS Q 36 -36.51 -11.37 62.27
CA LYS Q 36 -36.72 -10.01 62.75
C LYS Q 36 -38.19 -9.75 63.05
N PHE Q 37 -39.08 -10.25 62.19
CA PHE Q 37 -40.50 -10.10 62.48
C PHE Q 37 -40.88 -10.87 63.73
N GLN Q 38 -40.30 -12.05 63.95
CA GLN Q 38 -40.58 -12.79 65.18
C GLN Q 38 -40.17 -12.01 66.41
N THR Q 39 -39.01 -11.36 66.37
CA THR Q 39 -38.58 -10.65 67.58
C THR Q 39 -39.45 -9.43 67.84
N ALA Q 40 -39.90 -8.72 66.79
CA ALA Q 40 -40.82 -7.61 67.02
C ALA Q 40 -42.17 -8.11 67.51
N ASN Q 41 -42.64 -9.23 66.99
CA ASN Q 41 -43.90 -9.80 67.45
C ASN Q 41 -43.84 -10.15 68.92
N THR Q 42 -42.74 -10.77 69.37
CA THR Q 42 -42.63 -11.08 70.79
C THR Q 42 -42.46 -9.84 71.62
N ALA Q 43 -41.83 -8.79 71.08
CA ALA Q 43 -41.76 -7.52 71.79
C ALA Q 43 -43.15 -6.94 72.02
N LEU Q 44 -44.09 -7.22 71.11
CA LEU Q 44 -45.46 -6.72 71.33
C LEU Q 44 -46.32 -7.64 72.18
N ASN Q 45 -45.96 -8.92 72.32
CA ASN Q 45 -46.85 -9.84 73.03
C ASN Q 45 -46.83 -9.65 74.54
N LYS Q 46 -46.20 -8.59 75.05
CA LYS Q 46 -46.19 -8.35 76.48
C LYS Q 46 -47.49 -7.70 76.92
N ALA Q 47 -48.24 -8.33 77.82
CA ALA Q 47 -49.56 -7.80 78.24
C ALA Q 47 -49.44 -6.57 79.12
N ASP Q 48 -48.25 -6.27 79.63
CA ASP Q 48 -48.08 -5.16 80.60
C ASP Q 48 -47.83 -3.83 79.89
N LEU Q 49 -47.70 -3.84 78.57
CA LEU Q 49 -47.54 -2.57 77.81
C LEU Q 49 -48.82 -1.75 77.97
N PHE Q 50 -49.96 -2.42 77.93
CA PHE Q 50 -51.28 -1.75 78.06
C PHE Q 50 -51.46 -1.18 79.47
N LYS Q 51 -51.06 -1.93 80.51
CA LYS Q 51 -51.16 -1.46 81.92
C LYS Q 51 -49.91 -0.68 82.29
N SER Q 52 -49.80 0.58 81.85
CA SER Q 52 -48.61 1.42 82.13
C SER Q 52 -49.05 2.80 82.61
N THR Q 53 -48.33 3.39 83.57
CA THR Q 53 -48.75 4.70 84.16
C THR Q 53 -47.52 5.56 84.44
N VAL Q 54 -47.71 6.88 84.60
CA VAL Q 54 -46.59 7.80 84.94
C VAL Q 54 -46.96 8.57 86.21
N ALA Q 55 -46.05 8.64 87.18
CA ALA Q 55 -46.34 9.28 88.46
C ALA Q 55 -45.49 10.52 88.62
N SER Q 56 -46.03 11.50 89.34
CA SER Q 56 -45.33 12.74 89.59
C SER Q 56 -45.62 13.24 90.99
N SER Q 57 -44.62 13.78 91.66
CA SER Q 57 -44.76 14.23 93.04
C SER Q 57 -44.57 15.73 93.12
N THR Q 58 -45.21 16.35 94.12
CA THR Q 58 -45.09 17.79 94.30
C THR Q 58 -43.87 18.18 95.13
N THR Q 59 -43.23 17.22 95.78
CA THR Q 59 -42.08 17.48 96.62
C THR Q 59 -40.84 16.83 96.03
N GLU Q 60 -39.68 17.32 96.44
CA GLU Q 60 -38.41 16.70 96.08
C GLU Q 60 -37.82 15.88 97.22
N ASP Q 61 -38.45 15.88 98.40
CA ASP Q 61 -38.05 14.98 99.47
C ASP Q 61 -38.66 13.60 99.28
N LEU Q 62 -39.64 13.49 98.39
CA LEU Q 62 -40.26 12.21 98.09
C LEU Q 62 -40.06 11.91 96.61
N LYS Q 63 -39.54 10.73 96.31
CA LYS Q 63 -39.34 10.33 94.92
C LYS Q 63 -40.28 9.19 94.60
N VAL Q 64 -40.86 9.20 93.41
CA VAL Q 64 -41.92 8.27 93.05
C VAL Q 64 -41.63 7.67 91.69
N SER Q 65 -41.74 6.35 91.60
CA SER Q 65 -41.60 5.61 90.37
C SER Q 65 -42.74 4.62 90.27
N THR Q 66 -43.07 4.22 89.05
CA THR Q 66 -44.24 3.38 88.85
C THR Q 66 -43.87 2.13 88.08
N THR Q 67 -44.30 0.98 88.57
CA THR Q 67 -44.16 -0.28 87.86
C THR Q 67 -45.41 -0.52 87.00
N ALA Q 68 -45.56 -1.73 86.50
CA ALA Q 68 -46.66 -2.05 85.60
C ALA Q 68 -47.84 -2.58 86.38
N GLY Q 69 -48.97 -1.89 86.28
CA GLY Q 69 -50.19 -2.31 86.91
C GLY Q 69 -50.81 -1.34 87.90
N ALA Q 70 -50.28 -0.12 88.00
CA ALA Q 70 -50.79 0.84 88.95
C ALA Q 70 -52.21 1.28 88.56
N ALA Q 71 -52.80 2.11 89.41
CA ALA Q 71 -54.11 2.69 89.16
C ALA Q 71 -54.00 4.20 89.22
N ALA Q 72 -54.71 4.88 88.34
CA ALA Q 72 -54.65 6.34 88.30
C ALA Q 72 -55.29 6.93 89.55
N GLY Q 73 -54.79 8.09 89.97
CA GLY Q 73 -55.38 8.74 91.11
C GLY Q 73 -54.41 9.72 91.76
N THR Q 74 -54.81 10.19 92.93
CA THR Q 74 -54.03 11.12 93.73
C THR Q 74 -53.90 10.56 95.13
N TYR Q 75 -52.67 10.51 95.64
CA TYR Q 75 -52.37 9.98 96.97
C TYR Q 75 -51.74 11.05 97.81
N LYS Q 76 -52.13 11.13 99.07
CA LYS Q 76 -51.65 12.14 100.01
C LYS Q 76 -50.75 11.48 101.04
N ILE Q 77 -49.46 11.51 100.80
CA ILE Q 77 -48.49 10.83 101.65
C ILE Q 77 -48.06 11.76 102.78
N ASN Q 78 -48.05 11.24 104.00
CA ASN Q 78 -47.42 11.88 105.14
C ASN Q 78 -46.36 10.93 105.69
N VAL Q 79 -45.12 11.39 105.78
CA VAL Q 79 -44.04 10.57 106.31
C VAL Q 79 -43.80 11.00 107.76
N THR Q 80 -43.78 10.03 108.66
CA THR Q 80 -43.66 10.29 110.08
C THR Q 80 -42.28 9.96 110.63
N GLN Q 81 -41.63 8.94 110.08
CA GLN Q 81 -40.35 8.46 110.59
C GLN Q 81 -39.55 7.90 109.43
N LEU Q 82 -38.26 7.74 109.63
CA LEU Q 82 -37.36 7.24 108.61
C LEU Q 82 -36.56 6.06 109.16
N ALA Q 83 -36.31 5.08 108.30
CA ALA Q 83 -35.57 3.91 108.72
C ALA Q 83 -34.13 4.27 109.05
N ALA Q 84 -33.57 3.56 110.03
CA ALA Q 84 -32.18 3.73 110.42
C ALA Q 84 -31.55 2.36 110.53
N ALA Q 85 -30.26 2.34 110.83
CA ALA Q 85 -29.50 1.11 110.86
C ALA Q 85 -28.57 1.10 112.05
N GLN Q 86 -28.43 -0.06 112.69
CA GLN Q 86 -27.67 -0.13 113.92
C GLN Q 86 -26.18 -0.08 113.64
N SER Q 87 -25.46 0.78 114.35
CA SER Q 87 -24.02 0.92 114.20
C SER Q 87 -23.36 0.65 115.54
N LEU Q 88 -22.42 -0.29 115.57
CA LEU Q 88 -21.74 -0.67 116.78
C LEU Q 88 -20.28 -0.27 116.68
N ALA Q 89 -19.78 0.43 117.68
CA ALA Q 89 -18.41 0.89 117.70
C ALA Q 89 -17.66 0.29 118.86
N THR Q 90 -16.43 -0.16 118.62
CA THR Q 90 -15.60 -0.64 119.71
C THR Q 90 -15.29 0.50 120.66
N LYS Q 91 -15.27 0.20 121.95
CA LYS Q 91 -14.97 1.23 122.95
C LYS Q 91 -13.48 1.57 122.97
N THR Q 92 -12.63 0.57 122.79
CA THR Q 92 -11.20 0.71 123.02
C THR Q 92 -10.51 1.12 121.73
N THR Q 93 -10.33 2.42 121.55
CA THR Q 93 -9.62 2.92 120.38
C THR Q 93 -8.18 2.41 120.38
N PHE Q 94 -7.69 2.09 119.18
CA PHE Q 94 -6.39 1.46 119.02
C PHE Q 94 -5.37 2.43 118.44
N ALA Q 95 -4.16 1.92 118.24
CA ALA Q 95 -3.05 2.77 117.81
C ALA Q 95 -2.85 2.73 116.30
N THR Q 96 -2.93 1.54 115.70
CA THR Q 96 -2.71 1.39 114.27
C THR Q 96 -3.71 0.38 113.71
N THR Q 97 -3.93 0.48 112.40
CA THR Q 97 -4.77 -0.47 111.70
C THR Q 97 -4.01 -1.69 111.24
N LYS Q 98 -2.87 -1.99 111.86
CA LYS Q 98 -2.15 -3.23 111.62
C LYS Q 98 -1.69 -3.91 112.90
N GLU Q 99 -1.75 -3.23 114.04
CA GLU Q 99 -1.49 -3.87 115.32
C GLU Q 99 -2.51 -4.97 115.58
N GLN Q 100 -2.03 -6.10 116.09
CA GLN Q 100 -2.88 -7.27 116.27
C GLN Q 100 -3.88 -7.05 117.40
N LEU Q 101 -5.13 -7.47 117.16
CA LEU Q 101 -6.22 -7.30 118.11
C LEU Q 101 -6.51 -8.56 118.92
N GLY Q 102 -6.62 -9.71 118.25
CA GLY Q 102 -6.80 -10.96 118.95
C GLY Q 102 -5.49 -11.63 119.28
N ASP Q 103 -5.57 -12.66 120.12
CA ASP Q 103 -4.34 -13.31 120.58
C ASP Q 103 -3.65 -14.03 119.44
N THR Q 104 -2.33 -14.15 119.55
CA THR Q 104 -1.52 -14.82 118.54
C THR Q 104 -1.29 -16.29 118.86
N SER Q 105 -1.88 -16.80 119.94
CA SER Q 105 -1.78 -18.22 120.25
C SER Q 105 -2.63 -19.06 119.31
N VAL Q 106 -3.81 -18.57 118.94
CA VAL Q 106 -4.77 -19.33 118.15
C VAL Q 106 -4.49 -19.08 116.68
N THR Q 107 -4.72 -20.08 115.84
CA THR Q 107 -4.46 -19.98 114.42
C THR Q 107 -5.73 -19.82 113.58
N SER Q 108 -6.91 -19.91 114.19
CA SER Q 108 -8.15 -19.75 113.45
C SER Q 108 -9.28 -19.44 114.41
N ARG Q 109 -10.09 -18.45 114.08
CA ARG Q 109 -11.19 -18.03 114.93
C ARG Q 109 -12.38 -17.64 114.06
N THR Q 110 -13.54 -17.54 114.68
CA THR Q 110 -14.77 -17.28 113.94
C THR Q 110 -15.54 -16.14 114.57
N ILE Q 111 -16.08 -15.27 113.72
CA ILE Q 111 -17.02 -14.23 114.09
C ILE Q 111 -18.40 -14.70 113.66
N LYS Q 112 -19.33 -14.74 114.59
CA LYS Q 112 -20.66 -15.28 114.35
C LYS Q 112 -21.67 -14.18 114.61
N ILE Q 113 -22.44 -13.83 113.59
CA ILE Q 113 -23.40 -12.73 113.67
C ILE Q 113 -24.79 -13.32 113.47
N GLU Q 114 -25.72 -12.99 114.36
CA GLU Q 114 -27.08 -13.45 114.25
C GLU Q 114 -28.03 -12.26 114.28
N GLN Q 115 -29.00 -12.25 113.38
CA GLN Q 115 -29.98 -11.19 113.29
C GLN Q 115 -31.37 -11.81 113.27
N PRO Q 116 -32.37 -11.11 113.79
CA PRO Q 116 -33.74 -11.65 113.77
C PRO Q 116 -34.28 -11.87 112.37
N GLY Q 117 -33.71 -11.23 111.36
CA GLY Q 117 -34.16 -11.41 110.00
C GLY Q 117 -33.57 -12.62 109.31
N ARG Q 118 -32.24 -12.74 109.30
CA ARG Q 118 -31.61 -13.88 108.67
C ARG Q 118 -31.82 -15.13 109.52
N LYS Q 119 -32.03 -16.26 108.85
CA LYS Q 119 -32.36 -17.49 109.57
C LYS Q 119 -31.10 -18.22 110.04
N GLU Q 120 -30.18 -18.50 109.13
CA GLU Q 120 -28.95 -19.17 109.49
C GLU Q 120 -27.86 -18.15 109.81
N PRO Q 121 -27.17 -18.29 110.94
CA PRO Q 121 -26.22 -17.26 111.36
C PRO Q 121 -25.06 -17.14 110.39
N LEU Q 122 -24.42 -15.97 110.42
CA LEU Q 122 -23.34 -15.66 109.50
C LEU Q 122 -22.01 -15.95 110.18
N GLU Q 123 -21.22 -16.84 109.58
CA GLU Q 123 -19.88 -17.16 110.07
C GLU Q 123 -18.84 -16.53 109.16
N ILE Q 124 -17.94 -15.76 109.76
CA ILE Q 124 -16.79 -15.18 109.08
C ILE Q 124 -15.54 -15.71 109.75
N LYS Q 125 -14.59 -16.18 108.97
CA LYS Q 125 -13.49 -16.98 109.51
C LYS Q 125 -12.17 -16.24 109.32
N LEU Q 126 -11.38 -16.17 110.38
CA LEU Q 126 -10.08 -15.52 110.37
C LEU Q 126 -8.99 -16.55 110.59
N ASP Q 127 -8.06 -16.63 109.63
CA ASP Q 127 -6.96 -17.59 109.67
C ASP Q 127 -5.84 -17.06 110.57
N LYS Q 128 -4.66 -17.68 110.48
CA LYS Q 128 -3.56 -17.34 111.37
C LYS Q 128 -3.02 -15.94 111.09
N GLY Q 129 -2.70 -15.22 112.16
CA GLY Q 129 -1.96 -13.98 112.10
C GLY Q 129 -2.77 -12.76 111.71
N ASP Q 130 -3.85 -12.92 110.97
CA ASP Q 130 -4.68 -11.78 110.58
C ASP Q 130 -5.83 -11.53 111.56
N THR Q 131 -5.51 -10.95 112.71
CA THR Q 131 -6.52 -10.29 113.53
C THR Q 131 -6.26 -8.81 113.64
N SER Q 132 -5.66 -8.20 112.62
CA SER Q 132 -5.50 -6.76 112.61
C SER Q 132 -6.80 -6.10 112.17
N MET Q 133 -6.93 -4.82 112.49
CA MET Q 133 -8.17 -4.11 112.21
C MET Q 133 -8.47 -4.11 110.71
N GLU Q 134 -7.44 -4.00 109.88
CA GLU Q 134 -7.65 -4.08 108.44
C GLU Q 134 -8.00 -5.49 108.00
N ALA Q 135 -7.48 -6.51 108.69
CA ALA Q 135 -7.85 -7.88 108.36
C ALA Q 135 -9.28 -8.19 108.73
N ILE Q 136 -9.73 -7.76 109.91
CA ILE Q 136 -11.12 -7.93 110.30
C ILE Q 136 -12.03 -7.16 109.34
N ARG Q 137 -11.65 -5.94 108.98
CA ARG Q 137 -12.50 -5.17 108.07
C ARG Q 137 -12.60 -5.85 106.72
N ASP Q 138 -11.48 -6.40 106.22
CA ASP Q 138 -11.53 -7.05 104.92
C ASP Q 138 -12.33 -8.34 104.96
N ALA Q 139 -12.23 -9.10 106.05
CA ALA Q 139 -13.03 -10.31 106.17
C ALA Q 139 -14.52 -10.00 106.19
N ILE Q 140 -14.93 -9.08 107.07
CA ILE Q 140 -16.35 -8.76 107.19
C ILE Q 140 -16.88 -8.14 105.91
N ASN Q 141 -16.07 -7.34 105.23
CA ASN Q 141 -16.53 -6.71 104.00
C ASN Q 141 -16.51 -7.64 102.81
N ASP Q 142 -15.71 -8.72 102.85
CA ASP Q 142 -15.69 -9.69 101.77
C ASP Q 142 -16.79 -10.72 101.91
N ALA Q 143 -17.17 -11.09 103.13
CA ALA Q 143 -18.29 -12.02 103.29
C ALA Q 143 -19.53 -11.49 102.59
N ASP Q 144 -19.72 -10.17 102.60
CA ASP Q 144 -20.71 -9.49 101.77
C ASP Q 144 -22.12 -10.00 102.04
N SER Q 145 -22.54 -9.96 103.30
CA SER Q 145 -23.86 -10.46 103.68
C SER Q 145 -24.67 -9.45 104.48
N GLY Q 146 -24.47 -8.16 104.25
CA GLY Q 146 -25.28 -7.17 104.93
C GLY Q 146 -24.52 -6.28 105.89
N ILE Q 147 -23.59 -6.86 106.65
CA ILE Q 147 -22.80 -6.09 107.60
C ILE Q 147 -21.63 -5.45 106.87
N ALA Q 148 -21.26 -4.24 107.29
CA ALA Q 148 -20.27 -3.45 106.57
C ALA Q 148 -19.37 -2.76 107.58
N ALA Q 149 -18.16 -3.29 107.77
CA ALA Q 149 -17.23 -2.74 108.74
C ALA Q 149 -16.47 -1.56 108.17
N SER Q 150 -16.33 -0.51 108.98
CA SER Q 150 -15.60 0.70 108.61
C SER Q 150 -14.46 0.90 109.60
N ILE Q 151 -13.69 1.96 109.39
CA ILE Q 151 -12.70 2.43 110.36
C ILE Q 151 -12.81 3.94 110.45
N VAL Q 152 -12.64 4.47 111.65
CA VAL Q 152 -12.71 5.90 111.91
C VAL Q 152 -11.44 6.30 112.61
N LYS Q 153 -10.81 7.38 112.15
CA LYS Q 153 -9.63 7.94 112.80
C LYS Q 153 -10.09 9.10 113.66
N VAL Q 154 -10.35 8.81 114.94
CA VAL Q 154 -10.83 9.87 115.84
C VAL Q 154 -9.83 11.01 115.88
N LYS Q 155 -8.55 10.67 116.05
CA LYS Q 155 -7.46 11.61 115.87
C LYS Q 155 -6.20 10.78 115.67
N GLU Q 156 -5.07 11.46 115.56
CA GLU Q 156 -3.81 10.78 115.31
C GLU Q 156 -3.54 9.75 116.39
N ASN Q 157 -3.41 8.50 115.98
CA ASN Q 157 -3.18 7.36 116.87
C ASN Q 157 -4.40 7.00 117.71
N GLU Q 158 -5.60 7.17 117.16
CA GLU Q 158 -6.83 6.64 117.78
C GLU Q 158 -7.79 6.22 116.68
N PHE Q 159 -7.81 4.93 116.37
CA PHE Q 159 -8.72 4.37 115.39
C PHE Q 159 -9.83 3.59 116.08
N GLN Q 160 -11.02 3.59 115.49
CA GLN Q 160 -12.14 2.79 115.98
C GLN Q 160 -12.67 1.89 114.88
N LEU Q 161 -13.26 0.78 115.28
CA LEU Q 161 -13.91 -0.16 114.38
C LEU Q 161 -15.41 -0.02 114.53
N VAL Q 162 -16.10 0.16 113.41
CA VAL Q 162 -17.54 0.43 113.36
C VAL Q 162 -18.17 -0.61 112.45
N LEU Q 163 -19.13 -1.36 112.96
CA LEU Q 163 -19.89 -2.35 112.18
C LEU Q 163 -21.31 -1.86 112.03
N THR Q 164 -21.77 -1.73 110.79
CA THR Q 164 -23.10 -1.19 110.51
C THR Q 164 -23.91 -2.25 109.77
N ALA Q 165 -25.17 -2.39 110.14
CA ALA Q 165 -26.05 -3.33 109.46
C ALA Q 165 -26.98 -2.57 108.53
N ASN Q 166 -27.91 -3.28 107.91
CA ASN Q 166 -28.89 -2.66 107.03
C ASN Q 166 -29.97 -1.98 107.86
N SER Q 167 -30.95 -1.41 107.17
CA SER Q 167 -32.02 -0.66 107.84
C SER Q 167 -33.05 -1.59 108.44
N GLY Q 168 -33.79 -1.08 109.42
CA GLY Q 168 -34.88 -1.82 110.02
C GLY Q 168 -34.50 -2.39 111.37
N THR Q 169 -35.52 -2.87 112.09
CA THR Q 169 -35.36 -3.46 113.40
C THR Q 169 -35.30 -4.98 113.37
N ASP Q 170 -35.36 -5.58 112.18
CA ASP Q 170 -35.13 -7.00 112.04
C ASP Q 170 -33.68 -7.29 111.69
N ASN Q 171 -32.82 -6.28 111.75
CA ASN Q 171 -31.42 -6.39 111.39
C ASN Q 171 -30.49 -6.00 112.53
N THR Q 172 -31.00 -5.92 113.75
CA THR Q 172 -30.14 -5.73 114.89
C THR Q 172 -29.24 -6.94 115.06
N MET Q 173 -28.03 -6.73 115.54
CA MET Q 173 -27.01 -7.76 115.52
C MET Q 173 -26.77 -8.33 116.91
N LYS Q 174 -26.44 -9.62 116.94
CA LYS Q 174 -25.91 -10.30 118.12
C LYS Q 174 -24.62 -10.98 117.68
N ILE Q 175 -23.51 -10.50 118.16
CA ILE Q 175 -22.19 -10.90 117.69
C ILE Q 175 -21.54 -11.78 118.74
N THR Q 176 -20.69 -12.70 118.29
CA THR Q 176 -19.92 -13.54 119.19
C THR Q 176 -18.65 -13.97 118.48
N VAL Q 177 -17.59 -14.20 119.25
CA VAL Q 177 -16.31 -14.62 118.70
C VAL Q 177 -15.93 -15.93 119.36
N GLU Q 178 -15.77 -16.98 118.55
CA GLU Q 178 -15.50 -18.32 119.05
C GLU Q 178 -14.13 -18.77 118.56
N GLY Q 179 -13.34 -19.31 119.48
CA GLY Q 179 -11.96 -19.68 119.22
C GLY Q 179 -10.94 -18.68 119.73
N ASP Q 180 -11.37 -17.47 120.06
CA ASP Q 180 -10.50 -16.44 120.58
C ASP Q 180 -11.17 -15.80 121.78
N THR Q 181 -10.37 -15.24 122.68
CA THR Q 181 -10.89 -14.65 123.90
C THR Q 181 -10.66 -13.14 123.98
N LYS Q 182 -9.46 -12.68 123.62
CA LYS Q 182 -9.21 -11.25 123.58
C LYS Q 182 -10.12 -10.58 122.56
N LEU Q 183 -10.22 -11.17 121.37
CA LEU Q 183 -11.10 -10.62 120.35
C LEU Q 183 -12.55 -10.64 120.82
N ASN Q 184 -12.96 -11.72 121.47
CA ASN Q 184 -14.31 -11.77 122.03
C ASN Q 184 -14.51 -10.68 123.07
N ASP Q 185 -13.48 -10.37 123.85
CA ASP Q 185 -13.57 -9.22 124.74
C ASP Q 185 -13.74 -7.94 123.96
N LEU Q 186 -13.28 -7.91 122.71
CA LEU Q 186 -13.42 -6.73 121.87
C LEU Q 186 -14.72 -6.71 121.07
N LEU Q 187 -15.10 -7.82 120.46
CA LEU Q 187 -16.26 -7.93 119.58
C LEU Q 187 -17.29 -8.85 120.22
N ALA Q 188 -18.21 -8.30 121.00
CA ALA Q 188 -19.28 -9.12 121.56
C ALA Q 188 -20.41 -8.22 121.99
N TYR Q 189 -21.57 -8.36 121.35
CA TYR Q 189 -22.73 -7.56 121.65
C TYR Q 189 -23.95 -8.47 121.68
N ASP Q 190 -24.98 -8.06 122.40
CA ASP Q 190 -26.24 -8.78 122.44
C ASP Q 190 -27.35 -7.76 122.46
N SER Q 191 -28.11 -7.67 121.36
CA SER Q 191 -29.10 -6.61 121.22
C SER Q 191 -30.43 -6.95 121.87
N THR Q 192 -30.69 -8.22 122.17
CA THR Q 192 -31.89 -8.56 122.91
C THR Q 192 -31.86 -7.99 124.32
N THR Q 193 -30.69 -8.04 124.97
CA THR Q 193 -30.52 -7.49 126.31
C THR Q 193 -29.83 -6.13 126.31
N ASN Q 194 -29.38 -5.65 125.15
CA ASN Q 194 -28.70 -4.36 125.02
C ASN Q 194 -27.46 -4.27 125.93
N THR Q 195 -26.68 -5.34 125.97
CA THR Q 195 -25.43 -5.35 126.71
C THR Q 195 -24.37 -6.02 125.87
N GLY Q 196 -23.15 -5.50 125.95
CA GLY Q 196 -22.04 -6.11 125.23
C GLY Q 196 -20.76 -5.35 125.48
N ASN Q 197 -19.75 -5.67 124.69
CA ASN Q 197 -18.47 -4.99 124.75
C ASN Q 197 -18.36 -3.83 123.78
N MET Q 198 -19.41 -3.55 123.01
CA MET Q 198 -19.39 -2.56 121.95
C MET Q 198 -20.51 -1.56 122.18
N GLN Q 199 -20.20 -0.28 122.06
CA GLN Q 199 -21.24 0.71 122.24
C GLN Q 199 -22.08 0.85 120.97
N GLU Q 200 -23.23 1.49 121.11
CA GLU Q 200 -24.19 1.61 120.02
C GLU Q 200 -24.34 3.06 119.63
N LEU Q 201 -23.77 3.43 118.47
CA LEU Q 201 -23.84 4.81 118.02
C LEU Q 201 -25.21 5.18 117.47
N VAL Q 202 -25.83 4.28 116.70
CA VAL Q 202 -27.10 4.55 116.03
C VAL Q 202 -28.07 3.46 116.43
N LYS Q 203 -29.36 3.80 116.43
CA LYS Q 203 -30.42 2.90 116.86
C LYS Q 203 -31.31 2.55 115.69
N ALA Q 204 -31.71 1.29 115.61
CA ALA Q 204 -32.47 0.82 114.45
C ALA Q 204 -33.91 1.30 114.51
N GLU Q 205 -34.49 1.58 113.35
CA GLU Q 205 -35.86 2.05 113.28
C GLU Q 205 -36.51 1.54 112.00
N ASN Q 206 -37.83 1.64 111.96
CA ASN Q 206 -38.62 1.29 110.80
C ASN Q 206 -39.24 2.54 110.21
N ALA Q 207 -39.58 2.48 108.93
CA ALA Q 207 -40.22 3.61 108.28
C ALA Q 207 -41.71 3.57 108.54
N LYS Q 208 -42.26 4.67 109.02
CA LYS Q 208 -43.70 4.80 109.23
C LYS Q 208 -44.22 5.90 108.34
N LEU Q 209 -45.27 5.60 107.58
CA LEU Q 209 -45.87 6.63 106.74
C LEU Q 209 -47.37 6.38 106.68
N ASN Q 210 -48.06 7.28 105.98
CA ASN Q 210 -49.52 7.33 105.97
C ASN Q 210 -49.94 7.69 104.54
N VAL Q 211 -50.54 6.74 103.85
CA VAL Q 211 -50.98 6.93 102.47
C VAL Q 211 -52.50 6.91 102.43
N ASN Q 212 -53.10 8.05 102.09
CA ASN Q 212 -54.55 8.17 101.97
C ASN Q 212 -55.26 7.60 103.18
N GLY Q 213 -54.75 7.90 104.37
CA GLY Q 213 -55.38 7.47 105.59
C GLY Q 213 -55.10 6.05 106.03
N ILE Q 214 -54.25 5.31 105.31
CA ILE Q 214 -53.82 3.98 105.73
C ILE Q 214 -52.41 4.08 106.28
N ASP Q 215 -52.18 3.52 107.45
CA ASP Q 215 -50.90 3.63 108.13
C ASP Q 215 -50.01 2.44 107.75
N ILE Q 216 -48.91 2.73 107.06
CA ILE Q 216 -47.99 1.72 106.55
C ILE Q 216 -46.72 1.78 107.37
N GLU Q 217 -46.08 0.62 107.56
CA GLU Q 217 -44.80 0.57 108.26
C GLU Q 217 -43.89 -0.47 107.60
N ARG Q 218 -42.76 -0.01 107.08
CA ARG Q 218 -41.80 -0.81 106.34
C ARG Q 218 -40.47 -0.83 107.07
N GLN Q 219 -39.50 -1.52 106.47
CA GLN Q 219 -38.18 -1.67 107.05
C GLN Q 219 -37.12 -0.80 106.40
N SER Q 220 -37.30 -0.41 105.15
CA SER Q 220 -36.36 0.46 104.48
C SER Q 220 -37.07 1.72 104.02
N ASN Q 221 -36.35 2.56 103.30
CA ASN Q 221 -36.91 3.79 102.78
C ASN Q 221 -37.38 3.66 101.35
N THR Q 222 -37.40 2.45 100.80
CA THR Q 222 -37.94 2.17 99.48
C THR Q 222 -39.23 1.39 99.69
N VAL Q 223 -40.34 2.12 99.84
CA VAL Q 223 -41.64 1.52 100.07
C VAL Q 223 -42.21 1.07 98.73
N THR Q 224 -42.49 -0.22 98.60
CA THR Q 224 -42.90 -0.77 97.32
C THR Q 224 -44.41 -0.98 97.21
N ASP Q 225 -45.02 -1.72 98.13
CA ASP Q 225 -46.40 -2.12 97.97
C ASP Q 225 -47.37 -1.22 98.71
N ALA Q 226 -47.10 0.08 98.76
CA ALA Q 226 -48.04 0.96 99.45
C ALA Q 226 -49.40 0.93 98.78
N PRO Q 227 -49.60 1.51 97.56
CA PRO Q 227 -50.67 0.96 96.71
C PRO Q 227 -50.22 -0.04 95.65
N GLN Q 228 -49.40 -1.02 96.00
CA GLN Q 228 -49.12 -2.23 95.22
C GLN Q 228 -48.60 -1.94 93.82
N GLY Q 229 -48.46 -0.69 93.41
CA GLY Q 229 -47.94 -0.44 92.09
C GLY Q 229 -46.99 0.74 91.99
N ILE Q 230 -46.72 1.38 93.12
CA ILE Q 230 -45.94 2.61 93.16
C ILE Q 230 -44.79 2.42 94.14
N THR Q 231 -43.58 2.74 93.69
CA THR Q 231 -42.37 2.65 94.50
C THR Q 231 -42.02 4.04 94.99
N LEU Q 232 -41.99 4.22 96.30
CA LEU Q 232 -41.69 5.50 96.93
C LEU Q 232 -40.33 5.42 97.59
N THR Q 233 -39.49 6.40 97.33
CA THR Q 233 -38.19 6.53 97.97
C THR Q 233 -38.24 7.73 98.89
N LEU Q 234 -38.01 7.49 100.18
CA LEU Q 234 -38.22 8.48 101.22
C LEU Q 234 -36.90 9.13 101.58
N THR Q 235 -36.89 10.44 101.68
CA THR Q 235 -35.67 11.16 102.02
C THR Q 235 -35.76 11.95 103.32
N LYS Q 236 -36.83 12.70 103.52
CA LYS Q 236 -37.06 13.45 104.75
C LYS Q 236 -38.51 13.29 105.14
N LYS Q 237 -38.87 13.88 106.28
CA LYS Q 237 -40.24 13.81 106.78
C LYS Q 237 -41.06 14.88 106.09
N VAL Q 238 -41.81 14.49 105.07
CA VAL Q 238 -42.69 15.40 104.35
C VAL Q 238 -44.00 15.53 105.11
N THR Q 239 -44.81 16.52 104.73
CA THR Q 239 -46.13 16.71 105.32
C THR Q 239 -47.10 17.08 104.21
N ASP Q 240 -48.15 16.28 104.05
CA ASP Q 240 -49.12 16.45 102.98
C ASP Q 240 -48.45 16.54 101.62
N ALA Q 241 -47.54 15.61 101.35
CA ALA Q 241 -47.04 15.46 100.00
C ALA Q 241 -48.12 14.82 99.14
N THR Q 242 -48.06 15.09 97.84
CA THR Q 242 -49.06 14.57 96.93
C THR Q 242 -48.37 13.85 95.79
N VAL Q 243 -48.93 12.72 95.38
CA VAL Q 243 -48.42 11.93 94.26
C VAL Q 243 -49.58 11.70 93.30
N THR Q 244 -49.36 11.97 92.03
CA THR Q 244 -50.40 11.86 91.02
C THR Q 244 -49.97 10.82 89.99
N VAL Q 245 -50.79 9.79 89.83
CA VAL Q 245 -50.54 8.71 88.88
C VAL Q 245 -51.53 8.86 87.74
N THR Q 246 -51.01 9.05 86.53
CA THR Q 246 -51.84 9.26 85.35
C THR Q 246 -51.54 8.20 84.30
N LYS Q 247 -52.57 7.74 83.62
CA LYS Q 247 -52.41 6.67 82.64
C LYS Q 247 -51.51 7.14 81.49
N ASP Q 248 -50.74 6.20 80.96
CA ASP Q 248 -49.81 6.47 79.88
C ASP Q 248 -49.95 5.39 78.81
N ASP Q 249 -49.68 5.77 77.56
CA ASP Q 249 -49.83 4.83 76.46
C ASP Q 249 -48.71 4.93 75.42
N THR Q 250 -47.70 5.77 75.64
CA THR Q 250 -46.65 5.90 74.63
C THR Q 250 -45.90 4.59 74.43
N LYS Q 251 -45.79 3.78 75.48
CA LYS Q 251 -45.11 2.50 75.34
C LYS Q 251 -45.85 1.58 74.37
N ALA Q 252 -47.19 1.53 74.48
CA ALA Q 252 -47.96 0.69 73.56
C ALA Q 252 -47.89 1.22 72.14
N LYS Q 253 -47.89 2.55 71.98
CA LYS Q 253 -47.77 3.12 70.65
C LYS Q 253 -46.43 2.79 70.01
N GLU Q 254 -45.34 2.89 70.79
CA GLU Q 254 -44.03 2.52 70.24
C GLU Q 254 -43.98 1.05 69.87
N ALA Q 255 -44.52 0.18 70.72
CA ALA Q 255 -44.52 -1.24 70.41
C ALA Q 255 -45.31 -1.53 69.14
N ILE Q 256 -46.50 -0.93 69.01
CA ILE Q 256 -47.33 -1.15 67.83
C ILE Q 256 -46.65 -0.62 66.58
N LYS Q 257 -46.06 0.57 66.68
CA LYS Q 257 -45.39 1.16 65.53
C LYS Q 257 -44.24 0.29 65.05
N SER Q 258 -43.41 -0.19 65.97
CA SER Q 258 -42.31 -1.05 65.56
C SER Q 258 -42.83 -2.37 65.01
N TRP Q 259 -43.98 -2.85 65.50
CA TRP Q 259 -44.56 -4.06 64.93
C TRP Q 259 -44.92 -3.87 63.48
N VAL Q 260 -45.65 -2.79 63.18
CA VAL Q 260 -46.06 -2.59 61.78
C VAL Q 260 -44.85 -2.31 60.91
N ASP Q 261 -43.82 -1.63 61.42
CA ASP Q 261 -42.63 -1.41 60.62
C ASP Q 261 -41.92 -2.72 60.31
N ALA Q 262 -41.82 -3.62 61.30
CA ALA Q 262 -41.23 -4.92 61.03
C ALA Q 262 -42.02 -5.67 59.97
N TYR Q 263 -43.36 -5.61 60.06
CA TYR Q 263 -44.16 -6.31 59.06
C TYR Q 263 -44.01 -5.68 57.68
N ASN Q 264 -43.86 -4.35 57.62
CA ASN Q 264 -43.65 -3.68 56.34
C ASN Q 264 -42.34 -4.12 55.71
N SER Q 265 -41.29 -4.23 56.52
CA SER Q 265 -40.03 -4.74 55.99
C SER Q 265 -40.17 -6.19 55.54
N LEU Q 266 -40.94 -7.00 56.27
CA LEU Q 266 -41.13 -8.39 55.85
C LEU Q 266 -41.87 -8.48 54.53
N VAL Q 267 -42.91 -7.67 54.33
CA VAL Q 267 -43.64 -7.73 53.07
C VAL Q 267 -42.80 -7.15 51.94
N ASP Q 268 -41.93 -6.18 52.24
CA ASP Q 268 -40.97 -5.74 51.23
C ASP Q 268 -40.01 -6.85 50.84
N THR Q 269 -39.56 -7.65 51.80
CA THR Q 269 -38.72 -8.80 51.46
C THR Q 269 -39.49 -9.80 50.60
N PHE Q 270 -40.76 -10.06 50.92
CA PHE Q 270 -41.56 -10.91 50.04
C PHE Q 270 -41.63 -10.34 48.63
N SER Q 271 -41.84 -9.03 48.49
CA SER Q 271 -42.01 -8.46 47.16
C SER Q 271 -40.70 -8.47 46.38
N SER Q 272 -39.60 -8.15 47.03
CA SER Q 272 -38.31 -8.13 46.36
C SER Q 272 -37.83 -9.54 46.01
N LEU Q 273 -38.18 -10.53 46.82
CA LEU Q 273 -37.73 -11.89 46.57
C LEU Q 273 -38.54 -12.58 45.49
N THR Q 274 -39.61 -11.95 45.00
CA THR Q 274 -40.40 -12.48 43.90
C THR Q 274 -40.57 -11.47 42.78
N LYS Q 275 -39.74 -10.43 42.75
CA LYS Q 275 -39.92 -9.34 41.80
C LYS Q 275 -39.75 -9.81 40.36
N TYR Q 276 -40.55 -9.23 39.47
CA TYR Q 276 -40.44 -9.42 38.04
C TYR Q 276 -40.43 -8.07 37.35
N THR Q 277 -39.67 -7.96 36.27
CA THR Q 277 -39.65 -6.76 35.43
C THR Q 277 -40.37 -7.08 34.13
N ALA Q 278 -41.47 -6.38 33.86
CA ALA Q 278 -42.25 -6.64 32.66
C ALA Q 278 -41.43 -6.37 31.40
N VAL Q 279 -41.48 -7.31 30.47
CA VAL Q 279 -40.74 -7.22 29.21
C VAL Q 279 -41.70 -7.54 28.07
N GLU Q 280 -41.40 -6.98 26.90
CA GLU Q 280 -42.21 -7.24 25.72
C GLU Q 280 -42.02 -8.67 25.25
N PRO Q 281 -43.00 -9.22 24.53
CA PRO Q 281 -42.83 -10.58 23.97
C PRO Q 281 -41.63 -10.70 23.04
N GLY Q 282 -41.25 -9.63 22.36
CA GLY Q 282 -40.12 -9.72 21.44
C GLY Q 282 -38.82 -10.03 22.14
N GLU Q 283 -38.56 -9.35 23.26
CA GLU Q 283 -37.33 -9.50 24.00
C GLU Q 283 -37.42 -10.68 24.96
N GLU Q 284 -36.27 -11.12 25.45
CA GLU Q 284 -36.20 -12.25 26.35
C GLU Q 284 -36.75 -11.90 27.73
N ALA Q 285 -36.90 -12.93 28.56
CA ALA Q 285 -37.37 -12.73 29.92
C ALA Q 285 -36.39 -11.87 30.72
N SER Q 286 -36.93 -11.04 31.61
CA SER Q 286 -36.09 -10.18 32.43
C SER Q 286 -35.11 -11.01 33.25
N ASP Q 287 -33.85 -10.58 33.26
CA ASP Q 287 -32.85 -11.28 34.06
C ASP Q 287 -33.17 -11.20 35.55
N LYS Q 288 -33.64 -10.05 36.01
CA LYS Q 288 -34.02 -9.88 37.42
C LYS Q 288 -35.36 -10.55 37.65
N ASN Q 289 -35.32 -11.78 38.16
CA ASN Q 289 -36.51 -12.52 38.54
C ASN Q 289 -36.34 -13.05 39.94
N GLY Q 290 -37.45 -13.15 40.68
CA GLY Q 290 -37.41 -13.74 41.99
C GLY Q 290 -37.03 -15.21 41.96
N ALA Q 291 -36.03 -15.58 42.76
CA ALA Q 291 -35.64 -16.99 42.82
C ALA Q 291 -36.76 -17.86 43.37
N LEU Q 292 -37.74 -17.25 44.03
CA LEU Q 292 -38.91 -17.94 44.56
C LEU Q 292 -40.15 -17.70 43.72
N LEU Q 293 -40.00 -17.17 42.51
CA LEU Q 293 -41.15 -16.93 41.66
C LEU Q 293 -41.71 -18.27 41.18
N GLY Q 294 -43.02 -18.43 41.33
CA GLY Q 294 -43.64 -19.72 41.07
C GLY Q 294 -43.52 -20.71 42.21
N ASP Q 295 -42.91 -20.31 43.32
CA ASP Q 295 -42.78 -21.17 44.50
C ASP Q 295 -43.87 -20.82 45.51
N SER Q 296 -44.46 -21.85 46.10
CA SER Q 296 -45.60 -21.68 46.98
C SER Q 296 -45.22 -21.32 48.42
N VAL Q 297 -43.93 -21.24 48.74
CA VAL Q 297 -43.54 -20.94 50.11
C VAL Q 297 -43.99 -19.54 50.51
N VAL Q 298 -43.67 -18.54 49.68
CA VAL Q 298 -44.05 -17.17 50.00
C VAL Q 298 -45.55 -17.02 50.03
N ARG Q 299 -46.23 -17.71 49.10
CA ARG Q 299 -47.69 -17.70 49.10
C ARG Q 299 -48.25 -18.21 50.42
N THR Q 300 -47.77 -19.36 50.88
CA THR Q 300 -48.27 -19.93 52.12
C THR Q 300 -47.95 -19.04 53.32
N ILE Q 301 -46.74 -18.50 53.37
CA ILE Q 301 -46.36 -17.66 54.50
C ILE Q 301 -47.25 -16.44 54.59
N GLN Q 302 -47.40 -15.72 53.47
CA GLN Q 302 -48.19 -14.50 53.51
C GLN Q 302 -49.65 -14.82 53.82
N THR Q 303 -50.18 -15.91 53.23
CA THR Q 303 -51.58 -16.25 53.49
C THR Q 303 -51.82 -16.58 54.95
N GLY Q 304 -50.95 -17.39 55.56
CA GLY Q 304 -51.15 -17.72 56.96
C GLY Q 304 -51.02 -16.53 57.89
N ILE Q 305 -49.95 -15.73 57.70
CA ILE Q 305 -49.75 -14.57 58.56
C ILE Q 305 -50.94 -13.62 58.48
N ARG Q 306 -51.40 -13.33 57.26
CA ARG Q 306 -52.50 -12.39 57.14
C ARG Q 306 -53.85 -12.99 57.45
N ALA Q 307 -53.99 -14.31 57.40
CA ALA Q 307 -55.24 -14.92 57.83
C ALA Q 307 -55.34 -14.95 59.35
N GLN Q 308 -54.22 -14.83 60.05
CA GLN Q 308 -54.31 -14.72 61.50
C GLN Q 308 -54.79 -13.36 61.99
N PHE Q 309 -54.89 -12.36 61.10
CA PHE Q 309 -55.38 -11.05 61.54
C PHE Q 309 -56.85 -11.04 61.92
N ALA Q 310 -57.60 -12.07 61.57
CA ALA Q 310 -59.02 -12.15 61.89
C ALA Q 310 -59.19 -13.31 62.85
N ASN Q 311 -58.97 -13.03 64.13
CA ASN Q 311 -59.03 -14.02 65.19
C ASN Q 311 -60.48 -14.35 65.50
N SER Q 312 -60.72 -15.57 65.99
CA SER Q 312 -62.00 -15.92 66.58
C SER Q 312 -61.90 -16.16 68.09
N GLY Q 313 -60.70 -16.48 68.58
CA GLY Q 313 -60.57 -16.87 69.98
C GLY Q 313 -60.83 -15.74 70.96
N SER Q 314 -60.32 -14.55 70.67
CA SER Q 314 -60.43 -13.46 71.61
C SER Q 314 -61.89 -13.01 71.74
N ASN Q 315 -62.31 -12.80 72.99
CA ASN Q 315 -63.69 -12.44 73.28
C ASN Q 315 -63.87 -10.94 73.49
N SER Q 316 -62.98 -10.13 72.94
CA SER Q 316 -63.10 -8.68 73.06
C SER Q 316 -64.27 -8.17 72.24
N ALA Q 317 -64.58 -6.89 72.44
CA ALA Q 317 -65.60 -6.24 71.62
C ALA Q 317 -65.16 -6.17 70.16
N PHE Q 318 -63.87 -5.89 69.93
CA PHE Q 318 -63.37 -5.78 68.57
C PHE Q 318 -63.35 -7.14 67.90
N LYS Q 319 -63.25 -7.15 66.57
CA LYS Q 319 -63.14 -8.38 65.82
C LYS Q 319 -62.07 -8.33 64.73
N THR Q 320 -61.41 -7.19 64.52
CA THR Q 320 -60.35 -7.09 63.54
C THR Q 320 -59.47 -5.91 63.92
N MET Q 321 -58.21 -5.99 63.53
CA MET Q 321 -57.27 -4.94 63.90
C MET Q 321 -57.42 -3.68 63.07
N ALA Q 322 -58.40 -3.62 62.17
CA ALA Q 322 -58.77 -2.36 61.56
C ALA Q 322 -59.65 -1.52 62.46
N GLU Q 323 -60.25 -2.13 63.48
CA GLU Q 323 -61.02 -1.38 64.47
C GLU Q 323 -60.13 -0.42 65.22
N ILE Q 324 -58.93 -0.87 65.59
CA ILE Q 324 -57.99 -0.01 66.31
C ILE Q 324 -57.51 1.11 65.40
N GLY Q 325 -57.33 0.83 64.11
CA GLY Q 325 -56.83 1.82 63.20
C GLY Q 325 -55.57 1.36 62.47
N ILE Q 326 -55.40 0.06 62.34
CA ILE Q 326 -54.30 -0.52 61.58
C ILE Q 326 -54.91 -1.22 60.37
N THR Q 327 -54.58 -0.73 59.18
CA THR Q 327 -55.25 -1.15 57.96
C THR Q 327 -54.22 -1.48 56.88
N GLN Q 328 -54.58 -2.42 56.01
CA GLN Q 328 -53.73 -2.73 54.87
C GLN Q 328 -53.98 -1.75 53.73
N ASP Q 329 -52.95 -1.58 52.89
CA ASP Q 329 -53.12 -0.85 51.65
C ASP Q 329 -53.69 -1.76 50.57
N GLY Q 330 -54.52 -1.19 49.70
CA GLY Q 330 -55.23 -2.01 48.74
C GLY Q 330 -54.30 -2.75 47.79
N THR Q 331 -53.34 -2.04 47.21
CA THR Q 331 -52.49 -2.65 46.20
C THR Q 331 -51.56 -3.70 46.82
N SER Q 332 -50.69 -3.28 47.72
CA SER Q 332 -49.81 -4.20 48.43
C SER Q 332 -50.29 -4.31 49.87
N GLY Q 333 -50.23 -5.52 50.41
CA GLY Q 333 -50.72 -5.74 51.76
C GLY Q 333 -49.82 -5.14 52.82
N LYS Q 334 -49.54 -3.84 52.70
CA LYS Q 334 -48.72 -3.11 53.65
C LYS Q 334 -49.61 -2.59 54.77
N LEU Q 335 -49.08 -2.57 55.98
CA LEU Q 335 -49.84 -2.10 57.13
C LEU Q 335 -49.54 -0.64 57.42
N LYS Q 336 -50.59 0.12 57.71
CA LYS Q 336 -50.48 1.53 58.04
C LYS Q 336 -51.42 1.84 59.20
N ILE Q 337 -50.92 2.60 60.17
CA ILE Q 337 -51.68 2.99 61.35
C ILE Q 337 -51.95 4.49 61.27
N ASP Q 338 -53.06 4.90 61.88
CA ASP Q 338 -53.47 6.29 61.90
C ASP Q 338 -53.46 6.82 63.32
N ASP Q 339 -52.98 8.06 63.48
CA ASP Q 339 -52.85 8.63 64.82
C ASP Q 339 -54.19 8.76 65.51
N ASP Q 340 -55.21 9.24 64.79
CA ASP Q 340 -56.48 9.58 65.42
C ASP Q 340 -57.17 8.36 66.03
N LYS Q 341 -57.48 7.37 65.19
CA LYS Q 341 -58.24 6.22 65.66
C LYS Q 341 -57.46 5.42 66.70
N LEU Q 342 -56.17 5.20 66.45
CA LEU Q 342 -55.35 4.43 67.39
C LEU Q 342 -55.26 5.14 68.73
N THR Q 343 -54.92 6.43 68.72
CA THR Q 343 -54.80 7.17 69.97
C THR Q 343 -56.13 7.19 70.71
N LYS Q 344 -57.23 7.38 70.00
CA LYS Q 344 -58.54 7.41 70.64
C LYS Q 344 -58.86 6.08 71.29
N VAL Q 345 -58.56 4.96 70.62
CA VAL Q 345 -58.87 3.66 71.19
C VAL Q 345 -57.97 3.37 72.39
N LEU Q 346 -56.69 3.73 72.30
CA LEU Q 346 -55.79 3.47 73.42
C LEU Q 346 -56.17 4.29 74.64
N LYS Q 347 -56.57 5.55 74.44
CA LYS Q 347 -56.95 6.38 75.58
C LYS Q 347 -58.30 5.96 76.16
N ASP Q 348 -59.30 5.76 75.30
CA ASP Q 348 -60.65 5.52 75.81
C ASP Q 348 -60.87 4.06 76.19
N ASN Q 349 -60.78 3.16 75.22
CA ASN Q 349 -61.11 1.75 75.42
C ASN Q 349 -59.86 0.92 75.14
N THR Q 350 -59.04 0.72 76.18
CA THR Q 350 -57.78 0.00 76.04
C THR Q 350 -57.87 -1.46 76.45
N ALA Q 351 -58.86 -1.85 77.25
CA ALA Q 351 -58.99 -3.25 77.62
C ALA Q 351 -59.32 -4.12 76.42
N ALA Q 352 -60.17 -3.63 75.51
CA ALA Q 352 -60.51 -4.42 74.33
C ALA Q 352 -59.33 -4.48 73.37
N ALA Q 353 -58.57 -3.39 73.25
CA ALA Q 353 -57.36 -3.44 72.43
C ALA Q 353 -56.37 -4.46 72.98
N ARG Q 354 -56.19 -4.51 74.30
CA ARG Q 354 -55.31 -5.50 74.87
C ARG Q 354 -55.83 -6.90 74.66
N GLU Q 355 -57.12 -7.13 74.88
CA GLU Q 355 -57.65 -8.48 74.71
C GLU Q 355 -57.64 -8.92 73.25
N LEU Q 356 -57.61 -7.98 72.30
CA LEU Q 356 -57.51 -8.35 70.90
C LEU Q 356 -56.07 -8.60 70.48
N LEU Q 357 -55.22 -7.59 70.59
CA LEU Q 357 -53.81 -7.73 70.24
C LEU Q 357 -53.14 -8.81 71.07
N VAL Q 358 -53.03 -8.57 72.37
CA VAL Q 358 -52.24 -9.46 73.22
C VAL Q 358 -52.98 -10.75 73.52
N GLY Q 359 -54.27 -10.67 73.74
CA GLY Q 359 -55.02 -11.88 73.97
C GLY Q 359 -54.68 -12.51 75.31
N ASP Q 360 -55.16 -13.73 75.49
CA ASP Q 360 -54.90 -14.48 76.71
C ASP Q 360 -53.41 -14.72 76.95
N GLY Q 361 -52.60 -14.65 75.89
CA GLY Q 361 -51.18 -14.88 76.00
C GLY Q 361 -50.76 -16.31 75.72
N LYS Q 362 -51.70 -17.25 75.66
CA LYS Q 362 -51.38 -18.65 75.45
C LYS Q 362 -51.96 -19.20 74.16
N GLU Q 363 -53.26 -19.01 73.92
CA GLU Q 363 -53.92 -19.63 72.78
C GLU Q 363 -54.90 -18.73 72.06
N THR Q 364 -55.05 -17.47 72.45
CA THR Q 364 -55.95 -16.54 71.79
C THR Q 364 -55.25 -15.20 71.59
N GLY Q 365 -55.81 -14.40 70.72
CA GLY Q 365 -55.25 -13.11 70.40
C GLY Q 365 -54.52 -13.11 69.08
N ILE Q 366 -54.53 -11.96 68.40
CA ILE Q 366 -53.83 -11.85 67.13
C ILE Q 366 -52.35 -12.16 67.31
N THR Q 367 -51.72 -11.50 68.28
CA THR Q 367 -50.28 -11.61 68.43
C THR Q 367 -49.87 -13.02 68.81
N THR Q 368 -50.65 -13.67 69.67
CA THR Q 368 -50.33 -15.04 70.07
C THR Q 368 -50.42 -16.00 68.89
N LYS Q 369 -51.48 -15.91 68.10
CA LYS Q 369 -51.65 -16.82 66.97
C LYS Q 369 -50.56 -16.60 65.94
N ILE Q 370 -50.26 -15.34 65.62
CA ILE Q 370 -49.16 -15.05 64.71
C ILE Q 370 -47.86 -15.61 65.25
N ALA Q 371 -47.65 -15.51 66.57
CA ALA Q 371 -46.41 -15.98 67.17
C ALA Q 371 -46.27 -17.48 66.99
N THR Q 372 -47.31 -18.25 67.30
CA THR Q 372 -47.22 -19.70 67.15
C THR Q 372 -47.05 -20.10 65.69
N GLU Q 373 -47.76 -19.45 64.77
CA GLU Q 373 -47.60 -19.81 63.36
C GLU Q 373 -46.19 -19.50 62.86
N VAL Q 374 -45.71 -18.28 63.06
CA VAL Q 374 -44.39 -17.93 62.58
C VAL Q 374 -43.33 -18.78 63.27
N LYS Q 375 -43.59 -19.23 64.51
CA LYS Q 375 -42.68 -20.19 65.13
C LYS Q 375 -42.69 -21.52 64.38
N SER Q 376 -43.87 -21.97 63.95
CA SER Q 376 -43.96 -23.22 63.19
C SER Q 376 -43.20 -23.11 61.87
N TYR Q 377 -43.38 -22.00 61.16
CA TYR Q 377 -42.74 -21.84 59.85
C TYR Q 377 -41.25 -21.58 60.00
N LEU Q 378 -40.79 -21.28 61.21
CA LEU Q 378 -39.36 -21.05 61.46
C LEU Q 378 -38.67 -22.24 62.08
N ALA Q 379 -39.38 -23.36 62.25
CA ALA Q 379 -38.79 -24.54 62.86
C ALA Q 379 -37.79 -25.19 61.91
N ASP Q 380 -37.00 -26.13 62.45
CA ASP Q 380 -36.06 -26.88 61.63
C ASP Q 380 -36.76 -27.85 60.68
N ASP Q 381 -38.04 -28.13 60.90
CA ASP Q 381 -38.81 -29.04 60.06
C ASP Q 381 -39.98 -28.33 59.37
N GLY Q 382 -39.82 -27.05 59.07
CA GLY Q 382 -40.89 -26.28 58.48
C GLY Q 382 -41.01 -26.51 56.99
N ILE Q 383 -41.92 -25.75 56.38
CA ILE Q 383 -42.02 -25.74 54.92
C ILE Q 383 -40.72 -25.29 54.30
N ILE Q 384 -40.06 -24.32 54.94
CA ILE Q 384 -38.75 -23.87 54.49
C ILE Q 384 -37.77 -25.03 54.46
N ASP Q 385 -37.85 -25.95 55.41
CA ASP Q 385 -36.93 -27.08 55.43
C ASP Q 385 -37.10 -27.98 54.21
N ASN Q 386 -38.34 -28.31 53.87
CA ASN Q 386 -38.59 -29.12 52.69
C ASN Q 386 -38.12 -28.40 51.43
N ALA Q 387 -38.41 -27.11 51.34
CA ALA Q 387 -37.96 -26.35 50.18
C ALA Q 387 -36.44 -26.37 50.07
N GLN Q 388 -35.74 -26.16 51.19
CA GLN Q 388 -34.29 -26.04 51.12
C GLN Q 388 -33.61 -27.38 50.91
N ASP Q 389 -34.13 -28.47 51.46
CA ASP Q 389 -33.46 -29.74 51.21
C ASP Q 389 -33.76 -30.25 49.80
N ASN Q 390 -34.93 -29.89 49.24
CA ASN Q 390 -35.13 -30.13 47.81
C ASN Q 390 -34.14 -29.33 46.98
N VAL Q 391 -33.88 -28.08 47.38
CA VAL Q 391 -32.86 -27.28 46.69
C VAL Q 391 -31.51 -27.97 46.77
N ASN Q 392 -31.14 -28.47 47.94
CA ASN Q 392 -29.84 -29.13 48.09
C ASN Q 392 -29.74 -30.41 47.26
N ALA Q 393 -30.83 -31.20 47.21
CA ALA Q 393 -30.83 -32.39 46.37
C ALA Q 393 -30.68 -32.02 44.89
N THR Q 394 -31.37 -30.96 44.46
CA THR Q 394 -31.18 -30.49 43.09
C THR Q 394 -29.74 -30.07 42.85
N LEU Q 395 -29.12 -29.41 43.84
CA LEU Q 395 -27.72 -29.01 43.70
C LEU Q 395 -26.81 -30.22 43.55
N LYS Q 396 -27.04 -31.27 44.34
CA LYS Q 396 -26.16 -32.44 44.27
C LYS Q 396 -26.35 -33.20 42.96
N SER Q 397 -27.59 -33.30 42.48
CA SER Q 397 -27.82 -33.90 41.17
C SER Q 397 -27.14 -33.07 40.08
N LEU Q 398 -27.23 -31.74 40.19
CA LEU Q 398 -26.55 -30.86 39.25
C LEU Q 398 -25.04 -31.11 39.24
N THR Q 399 -24.46 -31.24 40.43
CA THR Q 399 -23.01 -31.47 40.51
C THR Q 399 -22.63 -32.80 39.87
N LYS Q 400 -23.41 -33.86 40.14
CA LYS Q 400 -23.11 -35.16 39.55
C LYS Q 400 -23.20 -35.11 38.02
N GLN Q 401 -24.29 -34.54 37.51
CA GLN Q 401 -24.46 -34.46 36.06
C GLN Q 401 -23.37 -33.60 35.44
N TYR Q 402 -23.00 -32.51 36.11
CA TYR Q 402 -21.93 -31.65 35.62
C TYR Q 402 -20.62 -32.40 35.54
N LEU Q 403 -20.30 -33.21 36.56
CA LEU Q 403 -19.05 -33.96 36.52
C LEU Q 403 -19.04 -34.98 35.40
N SER Q 404 -20.16 -35.68 35.20
CA SER Q 404 -20.23 -36.68 34.13
C SER Q 404 -20.07 -36.03 32.76
N VAL Q 405 -20.89 -35.00 32.49
CA VAL Q 405 -20.79 -34.32 31.20
C VAL Q 405 -19.45 -33.64 31.07
N SER Q 406 -18.82 -33.29 32.19
CA SER Q 406 -17.52 -32.63 32.14
C SER Q 406 -16.44 -33.59 31.69
N ASN Q 407 -16.41 -34.81 32.22
CA ASN Q 407 -15.43 -35.77 31.75
C ASN Q 407 -15.69 -36.14 30.28
N SER Q 408 -16.97 -36.28 29.91
CA SER Q 408 -17.28 -36.56 28.50
C SER Q 408 -16.79 -35.42 27.60
N ILE Q 409 -17.08 -34.18 27.97
CA ILE Q 409 -16.64 -33.03 27.20
C ILE Q 409 -15.12 -32.98 27.15
N ASP Q 410 -14.47 -33.30 28.27
CA ASP Q 410 -13.03 -33.29 28.35
C ASP Q 410 -12.43 -34.24 27.32
N GLU Q 411 -12.92 -35.48 27.27
CA GLU Q 411 -12.32 -36.43 26.33
C GLU Q 411 -12.65 -36.06 24.89
N THR Q 412 -13.88 -35.59 24.63
CA THR Q 412 -14.24 -35.19 23.27
C THR Q 412 -13.37 -34.03 22.79
N VAL Q 413 -13.27 -32.97 23.59
CA VAL Q 413 -12.49 -31.79 23.22
C VAL Q 413 -11.01 -32.13 23.15
N ALA Q 414 -10.53 -33.05 23.99
CA ALA Q 414 -9.14 -33.50 23.88
C ALA Q 414 -8.89 -34.17 22.53
N ARG Q 415 -9.82 -35.03 22.09
CA ARG Q 415 -9.68 -35.64 20.78
C ARG Q 415 -9.70 -34.59 19.67
N TYR Q 416 -10.60 -33.60 19.80
CA TYR Q 416 -10.68 -32.54 18.79
C TYR Q 416 -9.39 -31.73 18.74
N LYS Q 417 -8.84 -31.38 19.90
CA LYS Q 417 -7.59 -30.62 19.94
C LYS Q 417 -6.44 -31.43 19.37
N ALA Q 418 -6.39 -32.73 19.67
CA ALA Q 418 -5.36 -33.58 19.06
C ALA Q 418 -5.49 -33.59 17.55
N GLN Q 419 -6.72 -33.76 17.03
CA GLN Q 419 -6.95 -33.69 15.59
C GLN Q 419 -6.48 -32.36 15.01
N PHE Q 420 -6.74 -31.27 15.72
CA PHE Q 420 -6.24 -29.97 15.30
C PHE Q 420 -4.71 -29.97 15.24
N THR Q 421 -4.06 -30.62 16.20
CA THR Q 421 -2.60 -30.72 16.16
C THR Q 421 -2.12 -31.49 14.94
N GLN Q 422 -2.71 -32.64 14.62
CA GLN Q 422 -2.23 -33.38 13.46
C GLN Q 422 -2.47 -32.59 12.17
N LEU Q 423 -3.62 -31.91 12.06
CA LEU Q 423 -3.86 -31.13 10.85
C LEU Q 423 -2.94 -29.91 10.76
N ASP Q 424 -2.57 -29.31 11.90
CA ASP Q 424 -1.56 -28.26 11.89
C ASP Q 424 -0.22 -28.80 11.42
N THR Q 425 0.15 -30.00 11.86
CA THR Q 425 1.38 -30.62 11.38
C THR Q 425 1.34 -30.91 9.89
N MET Q 426 0.20 -31.39 9.38
CA MET Q 426 0.08 -31.60 7.94
C MET Q 426 0.19 -30.30 7.15
N MET Q 427 -0.42 -29.20 7.63
CA MET Q 427 -0.24 -27.93 6.95
C MET Q 427 1.18 -27.41 7.08
N SER Q 428 1.89 -27.80 8.14
CA SER Q 428 3.29 -27.41 8.28
C SER Q 428 4.15 -28.07 7.22
N LYS Q 429 3.89 -29.34 6.92
CA LYS Q 429 4.61 -30.04 5.85
C LYS Q 429 3.81 -29.94 4.56
N LEU Q 430 3.89 -28.77 3.94
CA LEU Q 430 3.16 -28.49 2.71
C LEU Q 430 4.03 -28.73 1.49
N PHE R 1 -30.90 -23.32 10.72
CA PHE R 1 -32.35 -23.30 10.85
C PHE R 1 -32.79 -22.31 11.92
N THR R 2 -34.09 -22.03 11.97
CA THR R 2 -34.65 -21.06 12.90
C THR R 2 -35.88 -21.60 13.63
N ALA R 3 -36.47 -22.68 13.15
CA ALA R 3 -37.71 -23.19 13.74
C ALA R 3 -37.55 -23.57 15.20
N ASN R 4 -36.43 -24.23 15.55
CA ASN R 4 -36.17 -24.54 16.94
C ASN R 4 -36.04 -23.26 17.77
N ILE R 5 -35.36 -22.25 17.22
CA ILE R 5 -35.24 -20.98 17.91
C ILE R 5 -36.60 -20.32 18.06
N LYS R 6 -37.44 -20.41 17.04
CA LYS R 6 -38.79 -19.86 17.13
C LYS R 6 -39.59 -20.53 18.24
N GLY R 7 -39.52 -21.86 18.31
CA GLY R 7 -40.22 -22.57 19.38
C GLY R 7 -39.68 -22.22 20.76
N LEU R 8 -38.36 -22.07 20.87
CA LEU R 8 -37.77 -21.67 22.14
C LEU R 8 -38.28 -20.29 22.56
N THR R 9 -38.33 -19.35 21.62
CA THR R 9 -38.84 -18.02 21.93
C THR R 9 -40.30 -18.09 22.34
N GLN R 10 -41.11 -18.91 21.65
CA GLN R 10 -42.52 -19.02 22.01
C GLN R 10 -42.69 -19.60 23.41
N ALA R 11 -41.92 -20.63 23.75
CA ALA R 11 -42.03 -21.23 25.09
C ALA R 11 -41.60 -20.23 26.16
N SER R 12 -40.51 -19.50 25.93
CA SER R 12 -40.10 -18.49 26.89
C SER R 12 -41.15 -17.39 27.02
N ARG R 13 -41.80 -17.03 25.91
CA ARG R 13 -42.82 -16.00 25.96
C ARG R 13 -44.04 -16.47 26.74
N ASN R 14 -44.37 -17.76 26.61
CA ASN R 14 -45.46 -18.32 27.41
C ASN R 14 -45.08 -18.35 28.89
N ALA R 15 -43.81 -18.61 29.20
CA ALA R 15 -43.36 -18.50 30.57
C ALA R 15 -43.53 -17.08 31.11
N ASN R 16 -43.22 -16.08 30.28
CA ASN R 16 -43.46 -14.69 30.66
C ASN R 16 -44.96 -14.45 30.86
N ASP R 17 -45.80 -15.06 30.03
CA ASP R 17 -47.24 -14.96 30.21
C ASP R 17 -47.64 -15.50 31.58
N GLY R 18 -47.08 -16.64 31.97
CA GLY R 18 -47.38 -17.20 33.29
C GLY R 18 -46.90 -16.31 34.42
N ILE R 19 -45.74 -15.67 34.24
CA ILE R 19 -45.28 -14.71 35.24
C ILE R 19 -46.28 -13.57 35.39
N SER R 20 -46.77 -13.04 34.27
CA SER R 20 -47.78 -12.00 34.32
C SER R 20 -49.06 -12.50 34.99
N ILE R 21 -49.41 -13.77 34.76
CA ILE R 21 -50.55 -14.37 35.45
C ILE R 21 -50.36 -14.27 36.96
N ALA R 22 -49.16 -14.65 37.42
CA ALA R 22 -48.88 -14.60 38.85
C ALA R 22 -49.00 -13.19 39.40
N GLN R 23 -48.46 -12.21 38.68
CA GLN R 23 -48.52 -10.83 39.18
C GLN R 23 -49.95 -10.32 39.26
N THR R 24 -50.75 -10.59 38.22
CA THR R 24 -52.14 -10.16 38.24
C THR R 24 -52.91 -10.82 39.38
N THR R 25 -52.70 -12.12 39.59
CA THR R 25 -53.40 -12.81 40.66
C THR R 25 -52.97 -12.30 42.03
N GLU R 26 -51.69 -11.93 42.18
CA GLU R 26 -51.24 -11.35 43.44
C GLU R 26 -51.93 -10.03 43.72
N GLY R 27 -52.00 -9.15 42.72
CA GLY R 27 -52.70 -7.89 42.91
C GLY R 27 -54.17 -8.10 43.26
N ALA R 28 -54.82 -9.02 42.57
CA ALA R 28 -56.23 -9.31 42.86
C ALA R 28 -56.41 -9.82 44.28
N LEU R 29 -55.52 -10.71 44.72
CA LEU R 29 -55.63 -11.27 46.05
C LEU R 29 -55.44 -10.20 47.13
N ASN R 30 -54.45 -9.33 46.95
CA ASN R 30 -54.23 -8.28 47.94
C ASN R 30 -55.44 -7.35 48.05
N GLU R 31 -55.96 -6.92 46.89
CA GLU R 31 -57.09 -6.00 46.93
C GLU R 31 -58.32 -6.68 47.49
N ILE R 32 -58.47 -7.98 47.26
CA ILE R 32 -59.65 -8.65 47.77
C ILE R 32 -59.52 -8.95 49.26
N ASN R 33 -58.30 -9.14 49.77
CA ASN R 33 -58.12 -9.23 51.22
C ASN R 33 -58.46 -7.90 51.88
N ASN R 34 -58.01 -6.80 51.29
CA ASN R 34 -58.46 -5.49 51.76
C ASN R 34 -59.98 -5.42 51.81
N ASN R 35 -60.63 -5.92 50.76
CA ASN R 35 -62.09 -5.97 50.76
C ASN R 35 -62.63 -6.78 51.94
N LEU R 36 -62.03 -7.95 52.19
CA LEU R 36 -62.55 -8.81 53.26
C LEU R 36 -62.42 -8.13 54.62
N GLN R 37 -61.28 -7.49 54.88
CA GLN R 37 -61.12 -6.78 56.15
C GLN R 37 -62.12 -5.64 56.26
N ARG R 38 -62.33 -4.89 55.17
CA ARG R 38 -63.29 -3.78 55.23
C ARG R 38 -64.70 -4.28 55.50
N VAL R 39 -65.09 -5.38 54.87
CA VAL R 39 -66.49 -5.79 54.99
C VAL R 39 -66.73 -6.46 56.34
N ARG R 40 -65.74 -7.17 56.86
CA ARG R 40 -65.85 -7.65 58.25
C ARG R 40 -65.92 -6.49 59.23
N GLU R 41 -65.10 -5.45 59.02
CA GLU R 41 -65.19 -4.28 59.88
C GLU R 41 -66.58 -3.69 59.84
N LEU R 42 -67.19 -3.57 58.65
CA LEU R 42 -68.52 -3.00 58.56
C LEU R 42 -69.57 -3.91 59.18
N ALA R 43 -69.44 -5.22 59.01
CA ALA R 43 -70.40 -6.13 59.62
C ALA R 43 -70.36 -6.01 61.13
N VAL R 44 -69.16 -5.92 61.70
CA VAL R 44 -69.04 -5.71 63.14
C VAL R 44 -69.64 -4.38 63.54
N GLN R 45 -69.34 -3.32 62.78
CA GLN R 45 -69.79 -1.98 63.13
C GLN R 45 -71.32 -1.89 63.09
N SER R 46 -71.93 -2.56 62.11
CA SER R 46 -73.39 -2.66 62.11
C SER R 46 -73.88 -3.48 63.29
N ALA R 47 -73.20 -4.58 63.60
CA ALA R 47 -73.52 -5.32 64.83
C ALA R 47 -73.25 -4.45 66.05
N ASN R 48 -72.22 -3.62 65.99
CA ASN R 48 -71.99 -2.64 67.04
C ASN R 48 -73.13 -1.62 67.08
N SER R 49 -73.57 -1.29 68.29
CA SER R 49 -74.48 -0.14 68.44
C SER R 49 -73.74 1.17 68.25
N THR R 50 -72.40 1.13 68.17
CA THR R 50 -71.62 2.35 68.09
C THR R 50 -71.81 3.06 66.75
N ASN R 51 -71.71 2.32 65.65
CA ASN R 51 -71.62 2.93 64.33
C ASN R 51 -73.01 3.22 63.76
N SER R 52 -73.08 4.31 62.99
CA SER R 52 -74.30 4.71 62.29
C SER R 52 -74.13 4.48 60.80
N GLN R 53 -75.25 4.62 60.08
CA GLN R 53 -75.30 4.23 58.67
C GLN R 53 -74.40 5.07 57.77
N SER R 54 -74.00 6.25 58.21
CA SER R 54 -73.11 7.09 57.40
C SER R 54 -71.78 6.40 57.14
N ASP R 55 -71.17 5.86 58.19
CA ASP R 55 -69.91 5.16 58.02
C ASP R 55 -70.08 3.88 57.23
N LEU R 56 -71.20 3.18 57.42
CA LEU R 56 -71.47 2.00 56.60
C LEU R 56 -71.52 2.38 55.13
N ASP R 57 -72.20 3.48 54.79
CA ASP R 57 -72.26 3.90 53.40
C ASP R 57 -70.89 4.30 52.87
N SER R 58 -70.10 5.00 53.69
CA SER R 58 -68.78 5.43 53.26
C SER R 58 -67.87 4.23 52.98
N ILE R 59 -67.87 3.25 53.88
CA ILE R 59 -66.97 2.13 53.69
C ILE R 59 -67.51 1.15 52.63
N GLN R 60 -68.83 1.12 52.43
CA GLN R 60 -69.37 0.38 51.28
C GLN R 60 -68.96 1.03 49.97
N ALA R 61 -68.93 2.36 49.93
CA ALA R 61 -68.39 3.05 48.78
C ALA R 61 -66.93 2.69 48.58
N GLU R 62 -66.18 2.57 49.68
CA GLU R 62 -64.79 2.12 49.58
C GLU R 62 -64.71 0.71 49.00
N ILE R 63 -65.64 -0.16 49.40
CA ILE R 63 -65.68 -1.53 48.86
C ILE R 63 -65.92 -1.49 47.36
N THR R 64 -66.87 -0.67 46.92
CA THR R 64 -67.16 -0.57 45.49
C THR R 64 -65.96 -0.01 44.73
N GLN R 65 -65.29 0.99 45.30
CA GLN R 65 -64.11 1.55 44.66
C GLN R 65 -63.01 0.50 44.54
N ARG R 66 -62.81 -0.30 45.58
CA ARG R 66 -61.82 -1.37 45.53
C ARG R 66 -62.18 -2.38 44.46
N LEU R 67 -63.45 -2.76 44.36
CA LEU R 67 -63.87 -3.71 43.33
C LEU R 67 -63.63 -3.16 41.92
N ASN R 68 -63.93 -1.87 41.72
CA ASN R 68 -63.68 -1.26 40.43
C ASN R 68 -62.20 -1.21 40.12
N GLU R 69 -61.36 -0.94 41.13
CA GLU R 69 -59.92 -1.00 40.93
C GLU R 69 -59.46 -2.40 40.55
N ILE R 70 -60.07 -3.42 41.17
CA ILE R 70 -59.77 -4.80 40.81
C ILE R 70 -60.07 -5.04 39.33
N ASP R 71 -61.26 -4.63 38.90
CA ASP R 71 -61.63 -4.86 37.50
C ASP R 71 -60.73 -4.07 36.55
N ARG R 72 -60.38 -2.85 36.93
CA ARG R 72 -59.52 -2.02 36.08
C ARG R 72 -58.14 -2.65 35.92
N VAL R 73 -57.51 -3.07 37.01
CA VAL R 73 -56.20 -3.72 36.90
C VAL R 73 -56.33 -5.06 36.19
N SER R 74 -57.50 -5.69 36.29
CA SER R 74 -57.72 -6.94 35.57
C SER R 74 -57.70 -6.71 34.07
N GLY R 75 -58.45 -5.70 33.60
CA GLY R 75 -58.51 -5.43 32.17
C GLY R 75 -57.26 -4.78 31.63
N GLN R 76 -56.47 -4.12 32.49
CA GLN R 76 -55.32 -3.37 32.02
C GLN R 76 -54.24 -4.29 31.45
N THR R 77 -54.05 -5.46 32.06
CA THR R 77 -52.92 -6.31 31.71
C THR R 77 -53.10 -6.92 30.33
N GLN R 78 -52.03 -6.89 29.53
CA GLN R 78 -52.07 -7.36 28.15
C GLN R 78 -50.72 -7.97 27.80
N PHE R 79 -50.77 -9.06 27.04
CA PHE R 79 -49.55 -9.77 26.64
C PHE R 79 -49.84 -10.53 25.36
N ASN R 80 -49.00 -10.30 24.33
CA ASN R 80 -49.18 -10.91 23.01
C ASN R 80 -50.57 -10.66 22.44
N GLY R 81 -51.16 -9.52 22.78
CA GLY R 81 -52.47 -9.18 22.28
C GLY R 81 -53.63 -9.93 22.89
N VAL R 82 -53.37 -10.73 23.92
CA VAL R 82 -54.41 -11.53 24.56
C VAL R 82 -54.36 -11.25 26.06
N LYS R 83 -55.53 -11.34 26.70
CA LYS R 83 -55.67 -11.03 28.11
C LYS R 83 -55.81 -12.32 28.90
N VAL R 84 -55.22 -12.31 30.11
CA VAL R 84 -55.10 -13.52 30.92
C VAL R 84 -56.48 -14.11 31.25
N LEU R 85 -57.46 -13.27 31.53
CA LEU R 85 -58.75 -13.74 32.03
C LEU R 85 -59.92 -13.26 31.20
N ALA R 86 -59.68 -12.69 30.02
CA ALA R 86 -60.79 -12.31 29.14
C ALA R 86 -61.56 -13.53 28.66
N GLN R 87 -60.84 -14.56 28.20
CA GLN R 87 -61.45 -15.78 27.71
C GLN R 87 -60.80 -16.99 28.37
N ASP R 88 -61.59 -18.04 28.55
CA ASP R 88 -61.13 -19.29 29.17
C ASP R 88 -60.76 -20.26 28.05
N ASN R 89 -59.55 -20.10 27.52
CA ASN R 89 -59.05 -20.94 26.44
C ASN R 89 -57.92 -21.81 26.95
N THR R 90 -58.00 -23.11 26.67
CA THR R 90 -56.92 -24.04 26.99
C THR R 90 -55.81 -23.82 25.96
N LEU R 91 -55.05 -22.75 26.17
CA LEU R 91 -54.08 -22.31 25.17
C LEU R 91 -52.96 -23.35 25.03
N THR R 92 -52.70 -23.75 23.80
CA THR R 92 -51.67 -24.73 23.50
C THR R 92 -50.41 -24.00 23.03
N ILE R 93 -49.29 -24.26 23.68
CA ILE R 93 -48.05 -23.58 23.35
C ILE R 93 -47.59 -24.06 21.98
N GLN R 94 -47.45 -23.12 21.04
CA GLN R 94 -46.88 -23.44 19.74
C GLN R 94 -45.40 -23.75 19.92
N VAL R 95 -44.95 -24.85 19.34
CA VAL R 95 -43.59 -25.35 19.53
C VAL R 95 -42.95 -25.56 18.17
N GLY R 96 -41.72 -25.05 18.02
CA GLY R 96 -40.94 -25.25 16.82
C GLY R 96 -40.04 -26.45 16.94
N ALA R 97 -40.60 -27.55 17.44
CA ALA R 97 -39.85 -28.78 17.75
C ALA R 97 -38.79 -28.53 18.81
N ASN R 98 -39.04 -27.57 19.72
CA ASN R 98 -38.15 -27.38 20.85
C ASN R 98 -38.32 -28.47 21.89
N ASP R 99 -39.55 -28.94 22.08
CA ASP R 99 -39.87 -30.00 23.03
C ASP R 99 -40.49 -31.19 22.31
N GLY R 100 -40.49 -32.34 22.99
CA GLY R 100 -41.11 -33.52 22.42
C GLY R 100 -42.61 -33.40 22.27
N GLU R 101 -43.28 -32.85 23.29
CA GLU R 101 -44.72 -32.70 23.29
C GLU R 101 -45.08 -31.28 23.71
N THR R 102 -46.08 -30.70 23.06
CA THR R 102 -46.46 -29.31 23.32
C THR R 102 -47.00 -29.16 24.74
N ILE R 103 -46.90 -27.95 25.26
CA ILE R 103 -47.32 -27.62 26.62
C ILE R 103 -48.65 -26.89 26.58
N ASP R 104 -49.51 -27.18 27.56
CA ASP R 104 -50.85 -26.62 27.62
C ASP R 104 -51.03 -25.75 28.85
N ILE R 105 -51.76 -24.64 28.70
CA ILE R 105 -52.02 -23.69 29.78
C ILE R 105 -53.52 -23.46 29.83
N ASP R 106 -54.15 -23.91 30.91
CA ASP R 106 -55.59 -23.80 31.06
C ASP R 106 -55.92 -22.51 31.81
N LEU R 107 -56.36 -21.50 31.09
CA LEU R 107 -56.76 -20.24 31.70
C LEU R 107 -58.18 -20.36 32.26
N LYS R 108 -58.59 -19.34 33.00
CA LYS R 108 -59.89 -19.35 33.66
C LYS R 108 -60.47 -17.94 33.69
N GLN R 109 -61.77 -17.87 33.90
CA GLN R 109 -62.52 -16.62 33.91
C GLN R 109 -62.66 -16.14 35.34
N ILE R 110 -61.86 -15.15 35.71
CA ILE R 110 -61.92 -14.55 37.04
C ILE R 110 -62.29 -13.08 36.85
N ASN R 111 -63.59 -12.80 36.94
CA ASN R 111 -64.12 -11.46 36.77
C ASN R 111 -64.99 -11.09 37.97
N SER R 112 -65.08 -9.78 38.23
CA SER R 112 -65.90 -9.32 39.35
C SER R 112 -67.36 -9.69 39.16
N GLN R 113 -67.83 -9.71 37.91
CA GLN R 113 -69.17 -10.19 37.64
C GLN R 113 -69.28 -11.70 37.89
N THR R 114 -68.26 -12.46 37.51
CA THR R 114 -68.28 -13.90 37.72
C THR R 114 -68.32 -14.24 39.20
N LEU R 115 -67.46 -13.60 39.98
CA LEU R 115 -67.39 -13.87 41.42
C LEU R 115 -68.63 -13.37 42.16
N GLY R 116 -69.43 -12.51 41.52
CA GLY R 116 -70.66 -12.03 42.13
C GLY R 116 -70.49 -10.96 43.17
N LEU R 117 -69.24 -10.60 43.50
CA LEU R 117 -69.00 -9.58 44.52
C LEU R 117 -69.44 -8.19 44.09
N ASP R 118 -69.73 -7.99 42.81
CA ASP R 118 -70.23 -6.69 42.36
C ASP R 118 -71.58 -6.38 42.99
N THR R 119 -72.45 -7.38 43.09
CA THR R 119 -73.73 -7.21 43.75
C THR R 119 -73.63 -7.35 45.27
N LEU R 120 -72.47 -7.74 45.78
CA LEU R 120 -72.29 -7.90 47.22
C LEU R 120 -72.32 -6.54 47.90
N ASN R 121 -73.32 -6.33 48.75
CA ASN R 121 -73.54 -5.04 49.39
C ASN R 121 -73.64 -5.21 50.90
N VAL R 122 -73.15 -4.21 51.61
CA VAL R 122 -73.15 -4.24 53.07
C VAL R 122 -73.98 -3.12 53.69
N GLN R 123 -74.24 -2.04 52.97
CA GLN R 123 -75.00 -0.92 53.51
C GLN R 123 -76.39 -1.39 53.97
N GLN R 124 -76.77 -0.99 55.18
CA GLN R 124 -78.04 -1.38 55.78
C GLN R 124 -79.09 -0.31 55.52
N LYS R 125 -80.33 -0.75 55.37
CA LYS R 125 -81.43 0.17 55.11
C LYS R 125 -82.14 0.55 56.41
N TYR R 126 -82.25 1.86 56.66
CA TYR R 126 -83.05 2.38 57.76
C TYR R 126 -84.11 3.31 57.22
N LYS R 127 -85.14 3.53 58.04
CA LYS R 127 -86.31 4.29 57.60
C LYS R 127 -85.92 5.71 57.22
N VAL R 128 -86.58 6.21 56.17
CA VAL R 128 -86.29 7.54 55.64
C VAL R 128 -87.22 8.55 56.28
N SER R 129 -86.65 9.65 56.79
CA SER R 129 -87.43 10.74 57.36
C SER R 129 -87.91 11.67 56.25
N ASP R 130 -88.62 11.07 55.30
CA ASP R 130 -89.13 11.80 54.14
C ASP R 130 -90.23 12.77 54.56
N THR R 131 -90.37 13.85 53.79
CA THR R 131 -91.36 14.87 54.03
C THR R 131 -92.44 14.78 52.96
N ALA R 132 -93.63 14.31 53.35
CA ALA R 132 -94.76 14.26 52.44
C ALA R 132 -95.37 15.66 52.30
N ALA R 133 -95.67 16.03 51.05
CA ALA R 133 -96.22 17.34 50.72
C ALA R 133 -95.30 18.46 51.24
N THR R 134 -94.03 18.39 50.83
CA THR R 134 -93.07 19.40 51.25
C THR R 134 -93.39 20.76 50.66
N VAL R 135 -93.92 20.80 49.44
CA VAL R 135 -94.28 22.02 48.72
C VAL R 135 -93.07 22.93 48.66
N THR R 136 -91.98 22.44 48.07
CA THR R 136 -90.76 23.21 47.84
C THR R 136 -90.51 23.24 46.33
N GLY R 137 -91.13 24.18 45.65
CA GLY R 137 -91.06 24.24 44.20
C GLY R 137 -92.31 23.74 43.53
N TYR R 138 -92.59 24.28 42.34
CA TYR R 138 -93.81 23.98 41.60
C TYR R 138 -93.46 23.27 40.31
N ALA R 139 -94.45 22.57 39.76
CA ALA R 139 -94.31 21.97 38.44
C ALA R 139 -94.45 23.02 37.35
N ASP R 140 -93.81 22.76 36.21
CA ASP R 140 -93.79 23.70 35.09
C ASP R 140 -94.51 23.09 33.90
N THR R 141 -95.10 23.96 33.07
CA THR R 141 -95.84 23.53 31.89
C THR R 141 -94.97 23.72 30.65
N THR R 142 -95.10 22.79 29.71
CA THR R 142 -94.41 22.91 28.43
C THR R 142 -95.36 23.20 27.27
N ILE R 143 -96.57 22.64 27.31
CA ILE R 143 -97.52 22.88 26.25
C ILE R 143 -98.12 24.28 26.39
N ALA R 144 -98.71 24.76 25.30
CA ALA R 144 -99.31 26.08 25.25
C ALA R 144 -100.79 25.98 24.91
N LEU R 145 -101.55 26.98 25.33
CA LEU R 145 -102.98 27.01 25.05
C LEU R 145 -103.23 27.27 23.58
N ASP R 146 -104.37 26.76 23.09
CA ASP R 146 -104.73 26.94 21.69
C ASP R 146 -105.14 28.38 21.42
N ASN R 147 -104.58 28.95 20.35
CA ASN R 147 -104.94 30.31 19.96
C ASN R 147 -106.32 30.37 19.32
N SER R 148 -106.80 29.26 18.74
CA SER R 148 -108.11 29.24 18.11
C SER R 148 -109.22 29.45 19.14
N THR R 149 -109.07 28.86 20.32
CA THR R 149 -110.08 29.05 21.37
C THR R 149 -110.15 30.50 21.83
N PHE R 150 -108.99 31.14 21.99
CA PHE R 150 -108.98 32.56 22.38
C PHE R 150 -109.53 33.43 21.27
N LYS R 151 -109.26 33.09 20.01
CA LYS R 151 -109.84 33.83 18.90
C LYS R 151 -111.35 33.71 18.89
N ALA R 152 -111.86 32.50 19.14
CA ALA R 152 -113.31 32.30 19.19
C ALA R 152 -113.92 33.08 20.36
N SER R 153 -113.26 33.07 21.51
CA SER R 153 -113.75 33.83 22.66
C SER R 153 -113.76 35.32 22.36
N ALA R 154 -112.72 35.82 21.69
CA ALA R 154 -112.66 37.23 21.32
C ALA R 154 -113.77 37.59 20.36
N THR R 155 -114.03 36.74 19.37
CA THR R 155 -115.11 37.01 18.42
C THR R 155 -116.47 36.98 19.11
N GLY R 156 -116.67 36.03 20.02
CA GLY R 156 -117.95 35.96 20.72
C GLY R 156 -118.18 37.13 21.65
N LEU R 157 -117.13 37.56 22.35
CA LEU R 157 -117.28 38.66 23.30
C LEU R 157 -117.55 39.98 22.61
N GLY R 158 -117.20 40.09 21.33
CA GLY R 158 -117.47 41.29 20.55
C GLY R 158 -116.19 42.06 20.25
N GLY R 159 -116.36 43.09 19.42
CA GLY R 159 -115.26 43.92 19.00
C GLY R 159 -114.64 43.45 17.70
N THR R 160 -113.85 44.34 17.09
CA THR R 160 -113.18 44.01 15.83
C THR R 160 -112.11 42.95 16.05
N ASP R 161 -111.29 43.11 17.09
CA ASP R 161 -110.21 42.17 17.38
C ASP R 161 -109.84 42.28 18.85
N GLN R 162 -109.74 41.12 19.51
CA GLN R 162 -109.34 41.06 20.91
C GLN R 162 -108.29 39.98 21.15
N LYS R 163 -107.82 39.28 20.12
CA LYS R 163 -106.85 38.23 20.30
C LYS R 163 -105.49 38.81 20.66
N ILE R 164 -104.86 38.21 21.68
CA ILE R 164 -103.56 38.68 22.13
C ILE R 164 -102.48 38.23 21.14
N ASP R 165 -101.63 39.17 20.73
CA ASP R 165 -100.53 38.88 19.83
C ASP R 165 -99.35 38.33 20.62
N GLY R 166 -98.78 37.23 20.14
CA GLY R 166 -97.65 36.61 20.81
C GLY R 166 -98.08 35.68 21.93
N ASP R 167 -97.07 35.19 22.65
CA ASP R 167 -97.30 34.26 23.74
C ASP R 167 -98.02 34.96 24.90
N LEU R 168 -98.87 34.21 25.59
CA LEU R 168 -99.59 34.72 26.75
C LEU R 168 -98.69 34.65 27.99
N LYS R 169 -99.15 35.31 29.05
CA LYS R 169 -98.40 35.42 30.29
C LYS R 169 -99.11 34.64 31.38
N PHE R 170 -98.43 33.62 31.91
CA PHE R 170 -98.97 32.77 32.97
C PHE R 170 -98.07 32.88 34.19
N ASP R 171 -98.69 33.06 35.36
CA ASP R 171 -97.97 33.16 36.62
C ASP R 171 -98.47 32.09 37.59
N ASP R 172 -97.54 31.41 38.26
CA ASP R 172 -97.93 30.38 39.22
C ASP R 172 -98.49 31.00 40.49
N THR R 173 -97.91 32.12 40.94
CA THR R 173 -98.34 32.73 42.19
C THR R 173 -99.75 33.29 42.09
N THR R 174 -100.06 33.96 40.98
CA THR R 174 -101.41 34.52 40.81
C THR R 174 -102.45 33.42 40.74
N GLY R 175 -102.16 32.33 40.04
CA GLY R 175 -103.06 31.21 39.95
C GLY R 175 -104.14 31.32 38.89
N LYS R 176 -104.16 32.40 38.12
CA LYS R 176 -105.15 32.58 37.06
C LYS R 176 -104.45 32.97 35.77
N TYR R 177 -105.02 32.49 34.66
CA TYR R 177 -104.51 32.85 33.35
C TYR R 177 -104.84 34.32 33.03
N TYR R 178 -104.11 34.88 32.08
CA TYR R 178 -104.24 36.28 31.73
C TYR R 178 -104.92 36.42 30.38
N ALA R 179 -105.98 37.24 30.34
CA ALA R 179 -106.69 37.55 29.10
C ALA R 179 -106.72 39.05 28.92
N LYS R 180 -106.37 39.52 27.73
CA LYS R 180 -106.32 40.94 27.43
C LYS R 180 -107.37 41.30 26.38
N VAL R 181 -108.15 42.33 26.66
CA VAL R 181 -109.16 42.84 25.73
C VAL R 181 -108.59 44.10 25.09
N THR R 182 -108.36 44.05 23.78
CA THR R 182 -107.80 45.19 23.07
C THR R 182 -108.79 46.35 23.04
N VAL R 183 -108.27 47.55 23.28
CA VAL R 183 -109.07 48.77 23.27
C VAL R 183 -108.47 49.72 22.26
N THR R 184 -109.33 50.37 21.47
CA THR R 184 -108.92 51.28 20.41
C THR R 184 -109.15 52.72 20.85
N GLY R 185 -108.12 53.54 20.71
CA GLY R 185 -108.22 54.95 21.07
C GLY R 185 -108.42 55.20 22.55
N GLY R 186 -107.75 54.43 23.41
CA GLY R 186 -107.90 54.62 24.84
C GLY R 186 -106.61 54.27 25.56
N THR R 187 -106.48 54.82 26.77
CA THR R 187 -105.32 54.61 27.62
C THR R 187 -105.77 54.03 28.96
N GLY R 188 -105.09 52.97 29.40
CA GLY R 188 -105.39 52.34 30.66
C GLY R 188 -106.56 51.37 30.59
N LYS R 189 -107.42 51.55 29.59
CA LYS R 189 -108.58 50.65 29.44
C LYS R 189 -108.14 49.24 29.06
N ASP R 190 -107.05 49.12 28.28
CA ASP R 190 -106.55 47.83 27.87
C ASP R 190 -105.60 47.29 28.95
N GLY R 191 -105.98 46.19 29.57
CA GLY R 191 -105.16 45.57 30.59
C GLY R 191 -105.43 44.09 30.67
N TYR R 192 -104.43 43.35 31.13
CA TYR R 192 -104.60 41.90 31.31
C TYR R 192 -105.41 41.63 32.58
N TYR R 193 -106.39 40.76 32.46
CA TYR R 193 -107.27 40.40 33.57
C TYR R 193 -107.08 38.92 33.90
N GLU R 194 -107.31 38.60 35.16
CA GLU R 194 -107.17 37.23 35.65
C GLU R 194 -108.46 36.46 35.43
N VAL R 195 -108.37 35.35 34.70
CA VAL R 195 -109.51 34.50 34.41
C VAL R 195 -109.09 33.04 34.60
N SER R 196 -110.10 32.17 34.66
CA SER R 196 -109.91 30.74 34.81
C SER R 196 -110.35 30.05 33.53
N VAL R 197 -109.52 29.11 33.04
CA VAL R 197 -109.80 28.37 31.82
C VAL R 197 -110.06 26.92 32.19
N ASP R 198 -111.19 26.39 31.75
CA ASP R 198 -111.56 25.00 31.98
C ASP R 198 -111.04 24.15 30.83
N LYS R 199 -110.32 23.08 31.15
CA LYS R 199 -109.72 22.24 30.13
C LYS R 199 -110.77 21.51 29.30
N THR R 200 -111.89 21.11 29.91
CA THR R 200 -112.94 20.43 29.17
C THR R 200 -113.57 21.36 28.12
N ASN R 201 -113.88 22.59 28.52
CA ASN R 201 -114.38 23.57 27.55
C ASN R 201 -113.26 24.10 26.67
N GLY R 202 -112.10 24.41 27.26
CA GLY R 202 -110.96 24.89 26.51
C GLY R 202 -111.00 26.36 26.15
N GLU R 203 -112.01 27.10 26.59
CA GLU R 203 -112.19 28.49 26.20
C GLU R 203 -112.34 29.36 27.43
N VAL R 204 -112.01 30.64 27.28
CA VAL R 204 -112.14 31.60 28.37
C VAL R 204 -113.60 31.96 28.54
N THR R 205 -114.20 31.56 29.66
CA THR R 205 -115.59 31.83 29.96
C THR R 205 -115.69 32.63 31.26
N LEU R 206 -116.48 33.69 31.23
CA LEU R 206 -116.62 34.60 32.36
C LEU R 206 -117.90 34.29 33.12
N ALA R 207 -117.79 34.08 34.42
CA ALA R 207 -118.92 33.78 35.27
C ALA R 207 -119.63 35.08 35.66
N GLY R 208 -120.96 35.08 35.55
CA GLY R 208 -121.74 36.26 35.85
C GLY R 208 -122.04 37.16 34.67
N GLY R 209 -121.49 36.86 33.50
CA GLY R 209 -121.73 37.69 32.33
C GLY R 209 -121.18 39.10 32.45
N ALA R 210 -119.95 39.24 32.91
CA ALA R 210 -119.32 40.55 33.11
C ALA R 210 -118.61 40.94 31.83
N THR R 211 -119.35 41.59 30.92
CA THR R 211 -118.75 42.08 29.69
C THR R 211 -117.85 43.28 29.93
N SER R 212 -118.28 44.21 30.78
CA SER R 212 -117.51 45.42 31.03
C SER R 212 -116.25 45.09 31.82
N PRO R 213 -115.09 45.56 31.39
CA PRO R 213 -113.87 45.33 32.18
C PRO R 213 -113.89 46.10 33.49
N LEU R 214 -113.10 45.62 34.44
CA LEU R 214 -113.03 46.26 35.75
C LEU R 214 -112.42 47.65 35.64
N THR R 215 -112.83 48.53 36.54
CA THR R 215 -112.37 49.91 36.55
C THR R 215 -110.96 49.96 37.13
N GLY R 216 -110.45 51.17 37.33
CA GLY R 216 -109.12 51.39 37.87
C GLY R 216 -108.07 51.72 36.83
N GLY R 217 -108.42 51.72 35.55
CA GLY R 217 -107.43 52.03 34.53
C GLY R 217 -106.39 50.93 34.45
N LEU R 218 -105.14 51.30 34.66
CA LEU R 218 -104.04 50.35 34.61
C LEU R 218 -104.17 49.37 35.78
N PRO R 219 -104.20 48.06 35.53
CA PRO R 219 -104.35 47.12 36.65
C PRO R 219 -103.05 46.94 37.41
N ALA R 220 -103.17 46.90 38.74
CA ALA R 220 -102.01 46.71 39.58
C ALA R 220 -101.47 45.28 39.51
N THR R 221 -102.36 44.30 39.37
CA THR R 221 -101.91 42.90 39.31
C THR R 221 -101.24 42.59 37.98
N ALA R 222 -101.55 43.36 36.94
CA ALA R 222 -100.99 43.16 35.60
C ALA R 222 -100.34 44.47 35.17
N THR R 223 -99.08 44.65 35.54
CA THR R 223 -98.31 45.82 35.16
C THR R 223 -96.94 45.47 34.58
N GLU R 224 -96.39 44.30 34.89
CA GLU R 224 -95.07 43.89 34.45
C GLU R 224 -95.19 42.62 33.63
N ASP R 225 -94.46 42.55 32.52
CA ASP R 225 -94.43 41.34 31.70
C ASP R 225 -93.28 40.45 32.15
N VAL R 226 -93.61 39.18 32.42
CA VAL R 226 -92.65 38.21 32.93
C VAL R 226 -92.61 37.02 31.98
N LYS R 227 -91.41 36.60 31.59
CA LYS R 227 -91.24 35.51 30.65
C LYS R 227 -91.14 34.15 31.32
N ASN R 228 -91.29 34.07 32.64
CA ASN R 228 -91.25 32.78 33.32
C ASN R 228 -92.43 31.91 32.92
N VAL R 229 -92.18 30.62 32.77
CA VAL R 229 -93.21 29.64 32.45
C VAL R 229 -93.35 28.71 33.64
N GLN R 230 -94.27 29.05 34.54
CA GLN R 230 -94.47 28.29 35.77
C GLN R 230 -95.97 28.21 36.07
N VAL R 231 -96.39 27.07 36.62
CA VAL R 231 -97.79 26.85 37.00
C VAL R 231 -97.83 26.22 38.39
N ALA R 232 -99.03 25.88 38.83
CA ALA R 232 -99.22 25.31 40.15
C ALA R 232 -98.61 23.90 40.22
N ASN R 233 -98.24 23.51 41.44
CA ASN R 233 -97.66 22.18 41.65
C ASN R 233 -98.65 21.06 41.38
N ALA R 234 -99.96 21.35 41.42
CA ALA R 234 -100.95 20.31 41.20
C ALA R 234 -101.03 19.92 39.73
N ASP R 235 -100.38 20.66 38.84
CA ASP R 235 -100.44 20.37 37.41
C ASP R 235 -99.62 19.13 37.07
N LEU R 236 -98.32 19.18 37.34
CA LEU R 236 -97.42 18.04 37.15
C LEU R 236 -97.47 17.52 35.71
N THR R 237 -97.52 18.45 34.76
CA THR R 237 -97.60 18.06 33.35
C THR R 237 -96.39 17.24 32.94
N GLU R 238 -95.19 17.74 33.20
CA GLU R 238 -93.98 17.01 32.84
C GLU R 238 -93.88 15.70 33.61
N ALA R 239 -94.20 15.73 34.91
CA ALA R 239 -94.11 14.51 35.72
C ALA R 239 -95.09 13.45 35.25
N LYS R 240 -96.35 13.84 35.03
CA LYS R 240 -97.34 12.88 34.54
C LYS R 240 -96.95 12.36 33.15
N ALA R 241 -96.45 13.24 32.28
CA ALA R 241 -96.04 12.79 30.95
C ALA R 241 -94.91 11.77 31.03
N ALA R 242 -93.89 12.04 31.85
CA ALA R 242 -92.78 11.11 31.99
C ALA R 242 -93.24 9.79 32.60
N LEU R 243 -94.09 9.85 33.63
CA LEU R 243 -94.56 8.63 34.27
C LEU R 243 -95.41 7.79 33.32
N THR R 244 -96.26 8.43 32.53
CA THR R 244 -97.05 7.70 31.54
C THR R 244 -96.17 7.13 30.44
N ALA R 245 -95.10 7.85 30.07
CA ALA R 245 -94.13 7.29 29.14
C ALA R 245 -93.49 6.03 29.72
N ALA R 246 -93.19 6.04 31.02
CA ALA R 246 -92.74 4.82 31.68
C ALA R 246 -93.84 3.79 31.76
N GLY R 247 -95.09 4.22 31.84
CA GLY R 247 -96.23 3.32 31.87
C GLY R 247 -96.95 3.19 33.19
N VAL R 248 -96.80 4.14 34.11
CA VAL R 248 -97.42 4.10 35.42
C VAL R 248 -98.18 5.40 35.66
N THR R 249 -99.42 5.28 36.12
CA THR R 249 -100.27 6.43 36.41
C THR R 249 -100.91 6.25 37.78
N GLY R 250 -101.02 7.34 38.51
CA GLY R 250 -101.65 7.30 39.82
C GLY R 250 -101.15 8.45 40.69
N THR R 251 -101.42 8.31 41.98
CA THR R 251 -100.96 9.31 42.95
C THR R 251 -99.47 9.13 43.22
N ALA R 252 -98.74 10.24 43.19
CA ALA R 252 -97.29 10.23 43.31
C ALA R 252 -96.87 10.80 44.66
N SER R 253 -95.91 10.13 45.31
CA SER R 253 -95.45 10.49 46.64
C SER R 253 -94.02 11.01 46.57
N VAL R 254 -93.75 12.07 47.32
CA VAL R 254 -92.43 12.70 47.37
C VAL R 254 -91.69 12.19 48.61
N VAL R 255 -90.37 12.03 48.48
CA VAL R 255 -89.54 11.53 49.57
C VAL R 255 -88.31 12.44 49.70
N LYS R 256 -87.68 12.36 50.86
CA LYS R 256 -86.48 13.12 51.17
C LYS R 256 -85.35 12.16 51.53
N MET R 257 -84.14 12.42 51.01
CA MET R 257 -82.97 11.56 51.30
C MET R 257 -82.62 11.71 52.78
N SER R 258 -83.41 11.11 53.66
CA SER R 258 -83.22 11.32 55.12
C SER R 258 -83.13 9.95 55.82
N TYR R 259 -82.56 9.92 57.02
CA TYR R 259 -82.46 8.65 57.79
C TYR R 259 -83.14 8.81 59.14
N THR R 260 -83.97 7.85 59.53
CA THR R 260 -84.57 7.89 60.89
C THR R 260 -83.62 7.09 61.78
N ASP R 261 -82.86 7.78 62.64
CA ASP R 261 -81.84 7.10 63.47
C ASP R 261 -81.57 7.99 64.68
N ASN R 262 -80.70 7.53 65.59
CA ASN R 262 -80.34 8.33 66.80
C ASN R 262 -80.15 9.81 66.44
N ASN R 263 -79.84 10.14 65.17
CA ASN R 263 -79.57 11.53 64.83
C ASN R 263 -80.77 12.20 64.19
N GLY R 264 -81.62 11.45 63.49
CA GLY R 264 -82.75 12.04 62.81
C GLY R 264 -82.34 12.89 61.63
N LYS R 265 -81.76 12.25 60.61
CA LYS R 265 -81.25 12.99 59.47
C LYS R 265 -82.39 13.55 58.62
N THR R 266 -82.14 14.70 57.99
CA THR R 266 -83.10 15.31 57.08
C THR R 266 -82.33 16.01 55.97
N ILE R 267 -82.30 15.40 54.79
CA ILE R 267 -81.68 15.98 53.61
C ILE R 267 -82.68 15.92 52.46
N ASP R 268 -82.87 17.05 51.78
CA ASP R 268 -83.92 17.16 50.78
C ASP R 268 -83.66 16.22 49.60
N GLY R 269 -84.71 15.56 49.15
CA GLY R 269 -84.63 14.66 48.01
C GLY R 269 -85.24 15.24 46.75
N GLY R 270 -85.44 16.55 46.74
CA GLY R 270 -85.99 17.21 45.57
C GLY R 270 -87.46 16.89 45.36
N LEU R 271 -87.93 17.19 44.15
CA LEU R 271 -89.30 16.93 43.75
C LEU R 271 -89.44 15.48 43.27
N ALA R 272 -89.14 14.55 44.17
CA ALA R 272 -89.25 13.13 43.87
C ALA R 272 -90.68 12.64 44.03
N VAL R 273 -91.61 13.34 43.37
CA VAL R 273 -93.04 13.02 43.47
C VAL R 273 -93.31 11.94 42.43
N LYS R 274 -93.11 10.69 42.82
CA LYS R 274 -93.21 9.56 41.91
C LYS R 274 -94.21 8.54 42.47
N VAL R 275 -94.86 7.84 41.55
CA VAL R 275 -95.80 6.79 41.95
C VAL R 275 -95.06 5.51 42.28
N GLY R 276 -94.30 4.98 41.33
CA GLY R 276 -93.60 3.73 41.54
C GLY R 276 -92.47 3.85 42.54
N ASP R 277 -91.96 2.68 42.94
CA ASP R 277 -90.88 2.63 43.91
C ASP R 277 -89.64 3.38 43.42
N ASP R 278 -89.45 3.48 42.11
CA ASP R 278 -88.36 4.27 41.57
C ASP R 278 -88.68 5.75 41.73
N TYR R 279 -88.13 6.37 42.76
CA TYR R 279 -88.34 7.78 43.04
C TYR R 279 -87.19 8.58 42.42
N TYR R 280 -87.35 8.97 41.16
CA TYR R 280 -86.41 9.91 40.58
C TYR R 280 -86.54 11.26 41.25
N SER R 281 -85.39 11.89 41.50
CA SER R 281 -85.35 13.19 42.17
C SER R 281 -85.27 14.28 41.11
N ALA R 282 -86.31 15.10 41.02
CA ALA R 282 -86.36 16.21 40.09
C ALA R 282 -85.51 17.35 40.63
N THR R 283 -84.67 17.93 39.76
CA THR R 283 -83.71 18.95 40.16
C THR R 283 -84.34 20.33 40.02
N GLN R 284 -84.28 21.12 41.09
CA GLN R 284 -84.83 22.47 41.05
C GLN R 284 -83.95 23.38 40.21
N ASN R 285 -84.60 24.24 39.42
CA ASN R 285 -83.90 25.23 38.63
C ASN R 285 -83.68 26.49 39.45
N LYS R 286 -83.17 27.54 38.81
CA LYS R 286 -82.96 28.81 39.51
C LYS R 286 -84.28 29.41 39.96
N ASP R 287 -85.30 29.36 39.10
CA ASP R 287 -86.60 29.95 39.39
C ASP R 287 -87.56 28.99 40.08
N GLY R 288 -87.13 27.78 40.40
CA GLY R 288 -87.97 26.80 41.05
C GLY R 288 -88.57 25.77 40.12
N SER R 289 -88.43 25.94 38.81
CA SER R 289 -88.95 24.98 37.86
C SER R 289 -88.23 23.64 38.00
N ILE R 290 -88.97 22.55 37.89
CA ILE R 290 -88.39 21.23 38.04
C ILE R 290 -87.76 20.81 36.73
N SER R 291 -86.68 20.03 36.82
CA SER R 291 -86.03 19.42 35.67
C SER R 291 -85.89 17.93 35.91
N ILE R 292 -86.30 17.14 34.91
CA ILE R 292 -86.17 15.69 34.95
C ILE R 292 -84.98 15.32 34.09
N ASN R 293 -83.86 15.03 34.74
CA ASN R 293 -82.62 14.67 34.05
C ASN R 293 -82.47 13.16 34.10
N THR R 294 -82.78 12.51 32.99
CA THR R 294 -82.63 11.07 32.84
C THR R 294 -81.31 10.80 32.13
N THR R 295 -80.45 10.01 32.78
CA THR R 295 -79.12 9.75 32.24
C THR R 295 -79.21 9.08 30.88
N LYS R 296 -78.44 9.60 29.92
CA LYS R 296 -78.43 9.06 28.56
C LYS R 296 -77.44 7.90 28.49
N TYR R 297 -77.81 6.86 27.75
CA TYR R 297 -76.98 5.69 27.58
C TYR R 297 -76.98 5.27 26.12
N THR R 298 -75.83 4.80 25.65
CA THR R 298 -75.71 4.23 24.31
C THR R 298 -75.89 2.73 24.42
N ALA R 299 -77.04 2.23 23.97
CA ALA R 299 -77.41 0.83 24.12
C ALA R 299 -76.84 0.03 22.95
N ASP R 300 -77.32 -1.22 22.80
CA ASP R 300 -76.85 -2.07 21.72
C ASP R 300 -77.22 -1.51 20.34
N ASP R 301 -78.25 -0.66 20.29
CA ASP R 301 -78.61 -0.01 19.03
C ASP R 301 -77.59 1.06 18.63
N GLY R 302 -76.75 1.50 19.56
CA GLY R 302 -75.78 2.54 19.28
C GLY R 302 -76.30 3.95 19.39
N THR R 303 -77.56 4.13 19.78
CA THR R 303 -78.19 5.44 19.86
C THR R 303 -78.39 5.83 21.32
N SER R 304 -78.20 7.12 21.61
CA SER R 304 -78.39 7.63 22.96
C SER R 304 -79.88 7.61 23.31
N LYS R 305 -80.22 6.85 24.35
CA LYS R 305 -81.58 6.75 24.85
C LYS R 305 -81.62 7.15 26.30
N THR R 306 -82.79 7.59 26.75
CA THR R 306 -83.00 8.06 28.12
C THR R 306 -84.07 7.21 28.79
N ALA R 307 -83.80 6.83 30.04
CA ALA R 307 -84.73 6.05 30.84
C ALA R 307 -84.87 6.67 32.22
N LEU R 308 -86.05 6.51 32.80
CA LEU R 308 -86.32 7.09 34.11
C LEU R 308 -85.45 6.43 35.18
N ASN R 309 -84.96 7.25 36.10
CA ASN R 309 -84.03 6.78 37.12
C ASN R 309 -84.76 6.00 38.22
N LYS R 310 -83.97 5.28 39.01
CA LYS R 310 -84.49 4.44 40.08
C LYS R 310 -83.59 4.60 41.29
N LEU R 311 -84.18 4.43 42.47
CA LEU R 311 -83.40 4.51 43.71
C LEU R 311 -82.30 3.46 43.71
N GLY R 312 -81.10 3.87 44.12
CA GLY R 312 -79.95 3.00 44.17
C GLY R 312 -79.52 2.75 45.61
N GLY R 313 -78.87 1.60 45.83
CA GLY R 313 -78.40 1.25 47.15
C GLY R 313 -79.51 0.75 48.05
N ALA R 314 -79.10 0.25 49.22
CA ALA R 314 -80.06 -0.24 50.19
C ALA R 314 -80.97 0.88 50.67
N ASP R 315 -80.39 2.04 50.99
CA ASP R 315 -81.18 3.20 51.36
C ASP R 315 -81.84 3.86 50.16
N GLY R 316 -81.19 3.82 49.00
CA GLY R 316 -81.67 4.51 47.83
C GLY R 316 -81.12 5.90 47.64
N LYS R 317 -80.10 6.30 48.40
CA LYS R 317 -79.51 7.63 48.23
C LYS R 317 -78.95 7.79 46.83
N THR R 318 -78.21 6.79 46.36
CA THR R 318 -77.74 6.84 44.98
C THR R 318 -78.90 6.54 44.03
N GLU R 319 -78.64 6.75 42.74
CA GLU R 319 -79.65 6.54 41.71
C GLU R 319 -79.12 5.59 40.65
N VAL R 320 -80.04 4.84 40.04
CA VAL R 320 -79.71 3.86 39.02
C VAL R 320 -80.70 4.01 37.87
N VAL R 321 -80.27 3.54 36.70
CA VAL R 321 -81.07 3.58 35.48
C VAL R 321 -81.56 2.18 35.17
N SER R 322 -82.87 2.04 34.97
CA SER R 322 -83.49 0.77 34.62
C SER R 322 -83.84 0.79 33.14
N ILE R 323 -83.22 -0.09 32.36
CA ILE R 323 -83.46 -0.22 30.94
C ILE R 323 -84.01 -1.62 30.68
N GLY R 324 -85.21 -1.69 30.11
CA GLY R 324 -85.82 -2.97 29.81
C GLY R 324 -86.06 -3.84 31.02
N GLY R 325 -86.23 -3.23 32.19
CA GLY R 325 -86.39 -3.97 33.42
C GLY R 325 -85.09 -4.43 34.07
N LYS R 326 -83.95 -4.16 33.44
CA LYS R 326 -82.65 -4.52 33.98
C LYS R 326 -81.97 -3.27 34.49
N THR R 327 -81.45 -3.33 35.71
CA THR R 327 -80.94 -2.16 36.40
C THR R 327 -79.42 -2.06 36.27
N TYR R 328 -78.93 -0.85 36.07
CA TYR R 328 -77.51 -0.56 36.10
C TYR R 328 -77.29 0.76 36.83
N ALA R 329 -76.05 0.99 37.25
CA ALA R 329 -75.75 2.21 37.99
C ALA R 329 -75.86 3.43 37.09
N ALA R 330 -76.66 4.41 37.53
CA ALA R 330 -76.82 5.64 36.77
C ALA R 330 -75.51 6.41 36.66
N SER R 331 -74.78 6.50 37.78
CA SER R 331 -73.49 7.18 37.75
C SER R 331 -72.52 6.47 36.81
N LYS R 332 -72.50 5.14 36.84
CA LYS R 332 -71.63 4.38 35.96
C LYS R 332 -72.16 4.33 34.53
N ALA R 333 -73.45 4.60 34.33
CA ALA R 333 -73.99 4.67 32.98
C ALA R 333 -73.46 5.87 32.20
N GLU R 334 -72.91 6.86 32.88
CA GLU R 334 -72.35 8.03 32.20
C GLU R 334 -71.07 7.64 31.48
N GLY R 335 -70.93 8.08 30.23
CA GLY R 335 -69.76 7.74 29.43
C GLY R 335 -69.63 6.26 29.19
N HIS R 336 -70.74 5.56 29.05
CA HIS R 336 -70.76 4.11 28.93
C HIS R 336 -71.47 3.69 27.66
N ASN R 337 -70.94 2.65 27.02
CA ASN R 337 -71.53 2.07 25.82
C ASN R 337 -71.87 0.62 26.09
N PHE R 338 -73.14 0.27 25.93
CA PHE R 338 -73.59 -1.08 26.25
C PHE R 338 -73.05 -2.10 25.25
N LYS R 339 -72.73 -1.66 24.04
CA LYS R 339 -72.16 -2.56 23.05
C LYS R 339 -70.81 -3.10 23.50
N ALA R 340 -69.98 -2.22 24.09
CA ALA R 340 -68.64 -2.63 24.50
C ALA R 340 -68.68 -3.57 25.70
N GLN R 341 -69.54 -3.29 26.69
CA GLN R 341 -69.60 -4.06 27.92
C GLN R 341 -70.89 -4.87 27.97
N PRO R 342 -70.81 -6.21 27.96
CA PRO R 342 -72.04 -7.02 27.92
C PRO R 342 -72.97 -6.83 29.11
N ASP R 343 -72.42 -6.70 30.32
CA ASP R 343 -73.23 -6.57 31.51
C ASP R 343 -72.51 -5.69 32.52
N LEU R 344 -73.31 -5.00 33.34
CA LEU R 344 -72.81 -4.06 34.33
C LEU R 344 -73.45 -4.37 35.67
N ALA R 345 -72.95 -3.70 36.71
CA ALA R 345 -73.45 -3.95 38.07
C ALA R 345 -74.90 -3.52 38.20
N GLU R 346 -75.70 -4.39 38.80
CA GLU R 346 -77.13 -4.17 38.96
C GLU R 346 -77.43 -3.84 40.42
N ALA R 347 -78.34 -2.89 40.63
CA ALA R 347 -78.71 -2.50 41.98
C ALA R 347 -79.28 -3.70 42.74
N ALA R 348 -78.84 -3.84 43.99
CA ALA R 348 -79.23 -4.97 44.82
C ALA R 348 -80.19 -4.48 45.91
N ALA R 349 -81.29 -5.20 46.08
CA ALA R 349 -82.26 -4.84 47.10
C ALA R 349 -81.66 -5.02 48.48
N THR R 350 -81.65 -3.94 49.27
CA THR R 350 -81.06 -3.92 50.60
C THR R 350 -79.60 -4.39 50.58
N THR R 351 -79.06 -4.73 51.75
CA THR R 351 -77.73 -5.30 51.82
C THR R 351 -77.75 -6.71 51.25
N THR R 352 -76.56 -7.31 51.14
CA THR R 352 -76.47 -8.68 50.68
C THR R 352 -77.21 -9.60 51.63
N GLU R 353 -78.15 -10.38 51.08
CA GLU R 353 -78.94 -11.32 51.92
C GLU R 353 -78.00 -12.41 52.43
N ASN R 354 -78.29 -12.97 53.60
CA ASN R 354 -77.36 -13.98 54.19
C ASN R 354 -75.95 -13.38 54.30
N PRO R 355 -75.66 -12.42 55.22
CA PRO R 355 -74.33 -11.83 55.31
C PRO R 355 -73.32 -12.92 55.69
N LEU R 356 -73.78 -13.98 56.34
CA LEU R 356 -72.85 -15.12 56.60
C LEU R 356 -72.40 -15.65 55.24
N GLN R 357 -73.32 -15.72 54.26
CA GLN R 357 -72.95 -16.14 52.89
C GLN R 357 -71.98 -15.11 52.29
N LYS R 358 -72.10 -13.84 52.68
CA LYS R 358 -71.17 -12.79 52.17
C LYS R 358 -69.75 -13.20 52.57
N ILE R 359 -69.57 -13.69 53.80
CA ILE R 359 -68.22 -14.20 54.19
C ILE R 359 -67.93 -15.44 53.35
N ASP R 360 -68.88 -16.37 53.26
CA ASP R 360 -68.65 -17.61 52.54
C ASP R 360 -68.20 -17.33 51.11
N ALA R 361 -68.85 -16.39 50.43
CA ALA R 361 -68.47 -16.06 49.06
C ALA R 361 -67.08 -15.45 49.00
N ALA R 362 -66.77 -14.54 49.92
CA ALA R 362 -65.44 -13.93 49.91
C ALA R 362 -64.35 -14.98 50.14
N LEU R 363 -64.57 -15.86 51.12
CA LEU R 363 -63.59 -16.92 51.39
C LEU R 363 -63.47 -17.86 50.20
N ALA R 364 -64.59 -18.24 49.60
CA ALA R 364 -64.56 -19.18 48.48
C ALA R 364 -63.83 -18.58 47.28
N GLN R 365 -64.06 -17.30 46.98
CA GLN R 365 -63.35 -16.69 45.87
C GLN R 365 -61.87 -16.49 46.16
N VAL R 366 -61.50 -16.18 47.42
CA VAL R 366 -60.08 -16.18 47.78
C VAL R 366 -59.47 -17.55 47.51
N ASP R 367 -60.16 -18.60 47.94
CA ASP R 367 -59.65 -19.96 47.76
C ASP R 367 -59.50 -20.30 46.29
N THR R 368 -60.49 -19.95 45.47
CA THR R 368 -60.41 -20.23 44.04
C THR R 368 -59.26 -19.48 43.39
N LEU R 369 -59.07 -18.21 43.76
CA LEU R 369 -57.96 -17.44 43.20
C LEU R 369 -56.62 -18.07 43.57
N ARG R 370 -56.45 -18.45 44.83
CA ARG R 370 -55.18 -19.03 45.25
C ARG R 370 -54.94 -20.39 44.60
N SER R 371 -55.99 -21.21 44.47
CA SER R 371 -55.84 -22.49 43.80
C SER R 371 -55.46 -22.31 42.34
N ASP R 372 -56.07 -21.32 41.68
CA ASP R 372 -55.70 -21.03 40.30
C ASP R 372 -54.24 -20.62 40.19
N LEU R 373 -53.77 -19.76 41.11
CA LEU R 373 -52.38 -19.36 41.06
C LEU R 373 -51.46 -20.54 41.30
N GLY R 374 -51.84 -21.44 42.23
CA GLY R 374 -51.02 -22.60 42.49
C GLY R 374 -50.91 -23.52 41.29
N ALA R 375 -52.05 -23.77 40.64
CA ALA R 375 -52.04 -24.62 39.44
C ALA R 375 -51.18 -23.99 38.36
N VAL R 376 -51.35 -22.68 38.13
CA VAL R 376 -50.59 -22.00 37.08
C VAL R 376 -49.09 -22.08 37.37
N GLN R 377 -48.71 -21.79 38.62
CA GLN R 377 -47.29 -21.74 38.94
C GLN R 377 -46.64 -23.13 38.86
N ASN R 378 -47.32 -24.17 39.34
CA ASN R 378 -46.70 -25.49 39.26
C ASN R 378 -46.64 -25.98 37.81
N ARG R 379 -47.69 -25.72 37.03
CA ARG R 379 -47.65 -26.08 35.61
C ARG R 379 -46.51 -25.38 34.90
N PHE R 380 -46.29 -24.10 35.19
CA PHE R 380 -45.25 -23.37 34.47
C PHE R 380 -43.86 -23.73 34.95
N ASN R 381 -43.70 -24.08 36.23
CA ASN R 381 -42.42 -24.61 36.68
C ASN R 381 -42.10 -25.93 35.98
N SER R 382 -43.10 -26.81 35.86
CA SER R 382 -42.89 -28.05 35.12
C SER R 382 -42.54 -27.75 33.66
N ALA R 383 -43.20 -26.77 33.07
CA ALA R 383 -42.92 -26.42 31.67
C ALA R 383 -41.49 -25.92 31.50
N ILE R 384 -41.01 -25.07 32.42
CA ILE R 384 -39.66 -24.54 32.29
C ILE R 384 -38.62 -25.63 32.52
N THR R 385 -38.89 -26.55 33.46
CA THR R 385 -37.97 -27.67 33.66
C THR R 385 -37.93 -28.57 32.42
N ASN R 386 -39.09 -28.84 31.82
CA ASN R 386 -39.13 -29.64 30.61
C ASN R 386 -38.38 -28.94 29.47
N LEU R 387 -38.52 -27.61 29.40
CA LEU R 387 -37.77 -26.84 28.42
C LEU R 387 -36.27 -27.05 28.60
N GLY R 388 -35.79 -26.92 29.84
CA GLY R 388 -34.36 -27.11 30.08
C GLY R 388 -33.90 -28.51 29.72
N ASN R 389 -34.66 -29.53 30.13
CA ASN R 389 -34.27 -30.90 29.84
C ASN R 389 -34.24 -31.18 28.34
N THR R 390 -35.28 -30.76 27.62
CA THR R 390 -35.31 -31.01 26.18
C THR R 390 -34.23 -30.21 25.46
N VAL R 391 -33.92 -29.00 25.93
CA VAL R 391 -32.87 -28.21 25.29
C VAL R 391 -31.52 -28.90 25.44
N ASN R 392 -31.19 -29.35 26.66
CA ASN R 392 -29.90 -30.00 26.83
C ASN R 392 -29.84 -31.33 26.10
N ASN R 393 -30.95 -32.10 26.09
CA ASN R 393 -30.96 -33.37 25.37
C ASN R 393 -30.77 -33.16 23.87
N LEU R 394 -31.50 -32.21 23.29
CA LEU R 394 -31.37 -31.95 21.86
C LEU R 394 -29.99 -31.42 21.50
N THR R 395 -29.43 -30.54 22.34
CA THR R 395 -28.10 -30.01 22.06
C THR R 395 -27.04 -31.11 22.16
N SER R 396 -27.16 -32.00 23.15
CA SER R 396 -26.25 -33.13 23.23
C SER R 396 -26.37 -34.03 22.02
N ALA R 397 -27.61 -34.30 21.58
CA ALA R 397 -27.80 -35.16 20.41
C ALA R 397 -27.22 -34.51 19.15
N ARG R 398 -27.36 -33.19 19.01
CA ARG R 398 -26.89 -32.53 17.81
C ARG R 398 -25.38 -32.31 17.81
N SER R 399 -24.75 -32.26 18.99
CA SER R 399 -23.36 -31.81 19.00
C SER R 399 -22.38 -32.83 19.57
N ARG R 400 -22.81 -33.68 20.50
CA ARG R 400 -21.86 -34.54 21.20
C ARG R 400 -21.17 -35.51 20.24
N ILE R 401 -21.93 -36.10 19.32
CA ILE R 401 -21.37 -37.05 18.36
C ILE R 401 -21.20 -36.37 17.00
N ASP S 1 6.86 -31.75 0.69
CA ASP S 1 7.78 -32.31 -0.30
C ASP S 1 7.05 -33.19 -1.31
N LEU S 2 5.76 -32.94 -1.48
CA LEU S 2 4.98 -33.70 -2.45
C LEU S 2 5.43 -33.41 -3.87
N THR S 3 5.62 -32.13 -4.20
CA THR S 3 6.04 -31.74 -5.55
C THR S 3 7.41 -32.31 -5.88
N LYS S 4 8.34 -32.26 -4.94
CA LYS S 4 9.68 -32.80 -5.17
C LYS S 4 9.62 -34.28 -5.46
N ASN S 5 8.87 -35.04 -4.64
CA ASN S 5 8.77 -36.48 -4.85
C ASN S 5 8.11 -36.81 -6.18
N GLU S 6 7.04 -36.10 -6.53
CA GLU S 6 6.35 -36.36 -7.79
C GLU S 6 7.27 -36.06 -8.97
N LYS S 7 7.98 -34.93 -8.93
CA LYS S 7 8.89 -34.59 -10.01
C LYS S 7 10.01 -35.61 -10.13
N GLY S 8 10.53 -36.10 -9.00
CA GLY S 8 11.55 -37.13 -9.05
C GLY S 8 11.03 -38.43 -9.63
N ARG S 9 9.78 -38.78 -9.31
CA ARG S 9 9.24 -40.09 -9.75
C ARG S 9 8.73 -40.01 -11.19
N LEU S 10 8.58 -38.80 -11.74
CA LEU S 10 8.00 -38.66 -13.11
C LEU S 10 8.93 -39.31 -14.14
N THR S 11 10.25 -39.09 -14.02
CA THR S 11 11.20 -39.62 -15.05
C THR S 11 12.39 -40.31 -14.37
N PRO S 12 12.23 -41.50 -13.75
CA PRO S 12 13.32 -42.14 -13.03
C PRO S 12 14.20 -43.12 -13.82
N ILE S 13 13.77 -43.54 -15.02
CA ILE S 13 14.53 -44.58 -15.78
C ILE S 13 14.44 -44.26 -17.28
N THR S 14 13.65 -43.25 -17.66
CA THR S 14 13.43 -42.99 -19.08
C THR S 14 14.73 -42.76 -19.84
N LYS S 15 15.76 -42.23 -19.17
CA LYS S 15 17.02 -41.98 -19.84
C LYS S 15 17.66 -43.27 -20.35
N GLN S 16 17.49 -44.38 -19.63
CA GLN S 16 18.06 -45.64 -20.07
C GLN S 16 17.40 -46.14 -21.36
N GLN S 17 16.07 -46.08 -21.43
CA GLN S 17 15.38 -46.48 -22.65
C GLN S 17 15.72 -45.54 -23.80
N SER S 18 15.86 -44.24 -23.52
CA SER S 18 16.28 -43.30 -24.55
C SER S 18 17.67 -43.64 -25.08
N ALA S 19 18.59 -44.00 -24.17
CA ALA S 19 19.93 -44.39 -24.60
C ALA S 19 19.90 -45.65 -25.44
N ASN S 20 19.05 -46.63 -25.06
CA ASN S 20 18.92 -47.84 -25.84
C ASN S 20 18.38 -47.55 -27.24
N SER S 21 17.39 -46.67 -27.33
CA SER S 21 16.85 -46.30 -28.64
C SER S 21 17.91 -45.58 -29.48
N ALA S 22 18.68 -44.69 -28.86
CA ALA S 22 19.77 -44.02 -29.58
C ALA S 22 20.80 -45.03 -30.08
N LYS S 23 21.12 -46.02 -29.26
CA LYS S 23 22.05 -47.07 -29.68
C LYS S 23 21.48 -47.85 -30.86
N LEU S 24 20.18 -48.16 -30.83
CA LEU S 24 19.56 -48.86 -31.96
C LEU S 24 19.63 -48.03 -33.23
N THR S 25 19.37 -46.73 -33.12
CA THR S 25 19.51 -45.85 -34.27
C THR S 25 20.95 -45.81 -34.77
N ALA S 26 21.92 -45.87 -33.84
CA ALA S 26 23.31 -45.93 -34.23
C ALA S 26 23.62 -47.21 -35.01
N TYR S 27 23.09 -48.35 -34.56
CA TYR S 27 23.25 -49.58 -35.33
C TYR S 27 22.63 -49.46 -36.71
N GLY S 28 21.47 -48.82 -36.81
CA GLY S 28 20.87 -48.61 -38.11
C GLY S 28 21.73 -47.76 -39.03
N THR S 29 22.29 -46.67 -38.49
CA THR S 29 23.14 -45.80 -39.29
C THR S 29 24.40 -46.52 -39.75
N LEU S 30 25.04 -47.28 -38.86
CA LEU S 30 26.23 -48.02 -39.28
C LEU S 30 25.88 -49.13 -40.24
N LYS S 31 24.68 -49.70 -40.14
CA LYS S 31 24.22 -50.66 -41.13
C LYS S 31 24.09 -50.02 -42.50
N SER S 32 23.54 -48.80 -42.54
CA SER S 32 23.47 -48.08 -43.82
C SER S 32 24.87 -47.80 -44.36
N ALA S 33 25.80 -47.42 -43.49
CA ALA S 33 27.16 -47.13 -43.92
C ALA S 33 27.83 -48.37 -44.50
N LEU S 34 27.72 -49.50 -43.80
CA LEU S 34 28.31 -50.73 -44.33
C LEU S 34 27.60 -51.18 -45.59
N GLU S 35 26.31 -50.88 -45.73
CA GLU S 35 25.61 -51.23 -46.96
C GLU S 35 26.12 -50.42 -48.14
N LYS S 36 26.35 -49.12 -47.95
CA LYS S 36 26.91 -48.33 -49.06
C LYS S 36 28.34 -48.76 -49.36
N PHE S 37 29.08 -49.20 -48.33
CA PHE S 37 30.40 -49.76 -48.59
C PHE S 37 30.30 -51.05 -49.41
N GLN S 38 29.28 -51.87 -49.12
CA GLN S 38 29.01 -53.03 -49.96
C GLN S 38 28.71 -52.61 -51.40
N THR S 39 27.96 -51.52 -51.57
CA THR S 39 27.63 -51.07 -52.91
C THR S 39 28.89 -50.70 -53.68
N ALA S 40 29.81 -49.96 -53.05
CA ALA S 40 31.06 -49.62 -53.73
C ALA S 40 31.88 -50.87 -54.02
N ASN S 41 31.97 -51.77 -53.04
CA ASN S 41 32.75 -53.00 -53.22
C ASN S 41 32.24 -53.79 -54.40
N THR S 42 30.92 -54.00 -54.46
CA THR S 42 30.32 -54.72 -55.58
C THR S 42 30.45 -53.94 -56.87
N ALA S 43 30.44 -52.61 -56.79
CA ALA S 43 30.56 -51.79 -57.98
C ALA S 43 31.88 -52.05 -58.69
N LEU S 44 32.97 -52.04 -57.95
CA LEU S 44 34.27 -52.10 -58.63
C LEU S 44 35.03 -53.40 -58.42
N ASN S 45 34.54 -54.33 -57.61
CA ASN S 45 35.25 -55.61 -57.43
C ASN S 45 35.31 -56.41 -58.72
N LYS S 46 34.43 -56.12 -59.68
CA LYS S 46 34.49 -56.78 -60.97
C LYS S 46 35.78 -56.40 -61.68
N ALA S 47 36.65 -57.37 -61.90
CA ALA S 47 37.97 -57.12 -62.46
C ALA S 47 38.02 -57.24 -63.98
N ASP S 48 36.93 -57.65 -64.62
CA ASP S 48 36.91 -57.74 -66.08
C ASP S 48 37.05 -56.39 -66.74
N LEU S 49 36.51 -55.33 -66.12
CA LEU S 49 36.62 -54.00 -66.71
C LEU S 49 38.07 -53.55 -66.79
N PHE S 50 38.93 -54.06 -65.91
CA PHE S 50 40.35 -53.77 -66.00
C PHE S 50 41.00 -54.35 -67.24
N LYS S 51 40.37 -55.35 -67.87
CA LYS S 51 40.86 -55.91 -69.12
C LYS S 51 40.25 -55.20 -70.33
N SER S 52 39.37 -54.23 -70.10
CA SER S 52 38.78 -53.48 -71.20
C SER S 52 39.80 -52.51 -71.79
N THR S 53 39.80 -52.39 -73.11
CA THR S 53 40.74 -51.54 -73.84
C THR S 53 40.01 -50.72 -74.90
N VAL S 54 38.88 -50.11 -74.51
CA VAL S 54 38.12 -49.31 -75.46
C VAL S 54 38.90 -48.05 -75.83
N ALA S 55 38.82 -47.68 -77.10
CA ALA S 55 39.52 -46.50 -77.61
C ALA S 55 38.73 -45.92 -78.78
N SER S 56 39.25 -44.83 -79.34
CA SER S 56 38.58 -44.12 -80.42
C SER S 56 39.43 -44.18 -81.68
N SER S 57 38.75 -44.11 -82.83
CA SER S 57 39.41 -44.16 -84.12
C SER S 57 39.63 -42.76 -84.67
N THR S 58 40.79 -42.57 -85.32
CA THR S 58 41.08 -41.30 -85.96
C THR S 58 40.22 -41.11 -87.21
N THR S 59 39.95 -42.19 -87.93
CA THR S 59 39.14 -42.11 -89.14
C THR S 59 37.69 -41.79 -88.79
N GLU S 60 37.05 -41.02 -89.67
CA GLU S 60 35.67 -40.58 -89.45
C GLU S 60 34.65 -41.35 -90.26
N ASP S 61 35.02 -41.82 -91.45
CA ASP S 61 34.05 -42.47 -92.33
C ASP S 61 33.51 -43.77 -91.73
N LEU S 62 34.39 -44.57 -91.13
CA LEU S 62 34.01 -45.85 -90.55
C LEU S 62 34.14 -45.78 -89.03
N LYS S 63 33.25 -46.51 -88.33
CA LYS S 63 33.19 -46.46 -86.88
C LYS S 63 33.54 -47.84 -86.32
N VAL S 64 34.14 -47.83 -85.13
CA VAL S 64 34.53 -49.05 -84.44
C VAL S 64 33.91 -49.06 -83.06
N SER S 65 33.54 -50.26 -82.60
CA SER S 65 32.94 -50.45 -81.28
C SER S 65 33.56 -51.69 -80.66
N THR S 66 34.38 -51.49 -79.64
CA THR S 66 35.02 -52.59 -78.93
C THR S 66 34.50 -52.63 -77.49
N THR S 67 34.16 -53.82 -77.03
CA THR S 67 33.70 -54.00 -75.66
C THR S 67 34.89 -54.31 -74.74
N ALA S 68 34.57 -54.75 -73.53
CA ALA S 68 35.60 -55.14 -72.58
C ALA S 68 36.34 -56.37 -73.07
N GLY S 69 37.66 -56.40 -72.82
CA GLY S 69 38.48 -57.51 -73.23
C GLY S 69 38.99 -57.45 -74.66
N ALA S 70 38.77 -56.35 -75.36
CA ALA S 70 39.25 -56.22 -76.73
C ALA S 70 40.76 -55.99 -76.76
N ALA S 71 41.34 -56.15 -77.95
CA ALA S 71 42.77 -55.99 -78.11
C ALA S 71 43.08 -54.59 -78.66
N ALA S 72 44.33 -54.17 -78.45
CA ALA S 72 44.80 -52.85 -78.87
C ALA S 72 45.95 -53.01 -79.85
N GLY S 73 45.87 -52.31 -80.98
CA GLY S 73 46.94 -52.36 -81.96
C GLY S 73 46.52 -51.67 -83.23
N THR S 74 47.51 -51.44 -84.09
CA THR S 74 47.24 -50.84 -85.39
C THR S 74 46.45 -51.81 -86.26
N TYR S 75 45.61 -51.25 -87.13
CA TYR S 75 44.73 -52.07 -87.95
C TYR S 75 44.33 -51.27 -89.18
N LYS S 76 44.36 -51.93 -90.34
CA LYS S 76 44.15 -51.29 -91.63
C LYS S 76 42.87 -51.84 -92.25
N ILE S 77 42.01 -50.92 -92.71
CA ILE S 77 40.68 -51.25 -93.21
C ILE S 77 40.51 -50.69 -94.61
N ASN S 78 39.94 -51.50 -95.51
CA ASN S 78 39.50 -51.06 -96.81
C ASN S 78 38.12 -51.62 -97.10
N VAL S 79 37.31 -50.83 -97.81
CA VAL S 79 36.02 -51.27 -98.33
C VAL S 79 35.96 -50.90 -99.81
N THR S 80 35.81 -51.90 -100.66
CA THR S 80 35.81 -51.68 -102.10
C THR S 80 34.38 -51.70 -102.68
N GLN S 81 33.53 -52.59 -102.17
CA GLN S 81 32.17 -52.73 -102.66
C GLN S 81 31.20 -52.29 -101.57
N LEU S 82 30.31 -51.36 -101.91
CA LEU S 82 29.34 -50.85 -100.95
C LEU S 82 28.32 -51.92 -100.58
N ALA S 83 27.99 -51.98 -99.29
CA ALA S 83 27.05 -52.98 -98.80
C ALA S 83 25.69 -52.81 -99.47
N ALA S 84 25.15 -53.91 -99.97
CA ALA S 84 23.86 -53.92 -100.68
C ALA S 84 22.96 -54.97 -100.05
N ALA S 85 21.67 -54.65 -99.94
CA ALA S 85 20.68 -55.55 -99.37
C ALA S 85 19.75 -56.07 -100.44
N GLN S 86 19.62 -57.40 -100.50
CA GLN S 86 18.75 -58.02 -101.48
C GLN S 86 17.29 -57.66 -101.22
N SER S 87 16.56 -57.30 -102.27
CA SER S 87 15.18 -56.84 -102.15
C SER S 87 14.28 -57.66 -103.07
N LEU S 88 13.17 -58.15 -102.53
CA LEU S 88 12.18 -58.90 -103.29
C LEU S 88 10.81 -58.24 -103.09
N ALA S 89 10.13 -57.96 -104.19
CA ALA S 89 8.83 -57.30 -104.17
C ALA S 89 7.72 -58.30 -104.45
N THR S 90 6.73 -58.31 -103.58
CA THR S 90 5.58 -59.21 -103.72
C THR S 90 4.68 -58.71 -104.84
N LYS S 91 4.15 -59.64 -105.62
CA LYS S 91 3.29 -59.31 -106.77
C LYS S 91 1.92 -58.87 -106.25
N THR S 92 1.86 -57.62 -105.83
CA THR S 92 0.63 -56.99 -105.36
C THR S 92 0.37 -55.69 -106.10
N THR S 93 0.85 -55.61 -107.35
CA THR S 93 0.74 -54.40 -108.16
C THR S 93 -0.68 -54.33 -108.73
N PHE S 94 -1.62 -53.93 -107.86
CA PHE S 94 -3.02 -53.80 -108.24
C PHE S 94 -3.50 -52.40 -107.90
N ALA S 95 -4.43 -51.89 -108.72
CA ALA S 95 -5.00 -50.58 -108.46
C ALA S 95 -5.77 -50.56 -107.14
N THR S 96 -6.54 -51.61 -106.87
CA THR S 96 -7.29 -51.75 -105.63
C THR S 96 -6.86 -53.04 -104.95
N THR S 97 -6.41 -52.92 -103.70
CA THR S 97 -5.95 -54.07 -102.93
C THR S 97 -7.02 -54.60 -101.98
N LYS S 98 -8.23 -54.07 -102.05
CA LYS S 98 -9.32 -54.62 -101.24
C LYS S 98 -9.65 -56.05 -101.66
N GLU S 99 -9.32 -56.42 -102.88
CA GLU S 99 -9.45 -57.80 -103.32
C GLU S 99 -8.53 -58.70 -102.51
N GLN S 100 -9.00 -59.92 -102.23
CA GLN S 100 -8.22 -60.86 -101.45
C GLN S 100 -7.09 -61.43 -102.29
N LEU S 101 -5.87 -61.44 -101.73
CA LEU S 101 -4.73 -61.96 -102.46
C LEU S 101 -4.90 -63.44 -102.79
N GLY S 102 -5.40 -64.22 -101.84
CA GLY S 102 -5.71 -65.62 -102.05
C GLY S 102 -7.20 -65.84 -102.01
N ASP S 103 -7.66 -66.91 -102.64
CA ASP S 103 -9.08 -67.21 -102.67
C ASP S 103 -9.57 -67.61 -101.29
N THR S 104 -10.87 -67.40 -101.07
CA THR S 104 -11.48 -67.65 -99.78
C THR S 104 -11.91 -69.10 -99.58
N SER S 105 -11.66 -69.97 -100.56
CA SER S 105 -11.99 -71.39 -100.40
C SER S 105 -11.19 -72.01 -99.25
N VAL S 106 -9.90 -71.70 -99.17
CA VAL S 106 -9.09 -72.20 -98.07
C VAL S 106 -9.37 -71.39 -96.82
N THR S 107 -9.64 -72.10 -95.71
CA THR S 107 -10.04 -71.42 -94.48
C THR S 107 -8.88 -70.73 -93.80
N SER S 108 -7.67 -71.27 -93.93
CA SER S 108 -6.53 -70.81 -93.17
C SER S 108 -5.35 -70.49 -94.08
N ARG S 109 -4.72 -69.35 -93.84
CA ARG S 109 -3.50 -69.00 -94.55
C ARG S 109 -2.34 -69.89 -94.10
N THR S 110 -1.59 -70.39 -95.07
CA THR S 110 -0.48 -71.30 -94.79
C THR S 110 0.80 -70.71 -95.39
N ILE S 111 1.67 -70.21 -94.54
CA ILE S 111 2.96 -69.67 -94.95
C ILE S 111 4.05 -70.30 -94.10
N LYS S 112 5.02 -70.93 -94.73
CA LYS S 112 6.15 -71.57 -94.06
C LYS S 112 7.41 -70.79 -94.37
N ILE S 113 8.08 -70.31 -93.33
CA ILE S 113 9.32 -69.56 -93.46
C ILE S 113 10.42 -70.33 -92.75
N GLU S 114 11.48 -70.67 -93.48
CA GLU S 114 12.59 -71.45 -92.96
C GLU S 114 13.86 -70.62 -92.97
N GLN S 115 14.69 -70.82 -91.95
CA GLN S 115 15.93 -70.11 -91.68
C GLN S 115 17.09 -71.09 -91.54
N PRO S 116 18.29 -70.73 -91.98
CA PRO S 116 19.44 -71.63 -91.81
C PRO S 116 19.87 -71.75 -90.35
N GLY S 117 19.80 -70.64 -89.62
CA GLY S 117 20.25 -70.67 -88.23
C GLY S 117 19.32 -71.46 -87.34
N ARG S 118 18.07 -71.04 -87.22
CA ARG S 118 17.08 -71.75 -86.43
C ARG S 118 16.26 -72.66 -87.33
N LYS S 119 16.30 -73.96 -87.05
CA LYS S 119 15.75 -74.93 -87.98
C LYS S 119 14.23 -74.93 -88.00
N GLU S 120 13.60 -74.72 -86.85
CA GLU S 120 12.15 -74.84 -86.75
C GLU S 120 11.48 -73.76 -87.58
N PRO S 121 10.60 -74.11 -88.51
CA PRO S 121 10.00 -73.09 -89.37
C PRO S 121 8.97 -72.26 -88.64
N LEU S 122 8.62 -71.13 -89.26
CA LEU S 122 7.51 -70.29 -88.82
C LEU S 122 6.32 -70.57 -89.74
N GLU S 123 5.23 -71.06 -89.16
CA GLU S 123 4.03 -71.41 -89.90
C GLU S 123 2.82 -70.86 -89.15
N ILE S 124 1.94 -70.15 -89.86
CA ILE S 124 0.80 -69.49 -89.25
C ILE S 124 -0.47 -70.19 -89.68
N LYS S 125 -1.51 -70.03 -88.86
CA LYS S 125 -2.83 -70.59 -89.11
C LYS S 125 -3.90 -69.51 -88.96
N LEU S 126 -3.65 -68.35 -89.58
CA LEU S 126 -4.57 -67.23 -89.48
C LEU S 126 -5.89 -67.56 -90.18
N ASP S 127 -6.97 -67.00 -89.66
CA ASP S 127 -8.32 -67.26 -90.15
C ASP S 127 -8.58 -66.49 -91.45
N LYS S 128 -9.76 -66.69 -92.01
CA LYS S 128 -10.13 -66.04 -93.25
C LYS S 128 -10.49 -64.57 -93.02
N GLY S 129 -10.42 -63.78 -94.08
CA GLY S 129 -10.77 -62.38 -94.03
C GLY S 129 -9.69 -61.45 -93.54
N ASP S 130 -8.51 -61.98 -93.22
CA ASP S 130 -7.39 -61.20 -92.71
C ASP S 130 -6.18 -61.34 -93.62
N THR S 131 -6.42 -61.32 -94.93
CA THR S 131 -5.37 -61.45 -95.92
C THR S 131 -4.82 -60.09 -96.38
N SER S 132 -5.27 -59.00 -95.77
CA SER S 132 -4.75 -57.69 -96.13
C SER S 132 -3.28 -57.56 -95.74
N MET S 133 -2.53 -56.83 -96.56
CA MET S 133 -1.08 -56.74 -96.37
C MET S 133 -0.72 -56.05 -95.07
N GLU S 134 -1.47 -55.00 -94.68
CA GLU S 134 -1.16 -54.29 -93.45
C GLU S 134 -1.38 -55.18 -92.23
N ALA S 135 -2.43 -56.01 -92.24
CA ALA S 135 -2.63 -56.95 -91.14
C ALA S 135 -1.49 -57.96 -91.08
N ILE S 136 -1.02 -58.42 -92.24
CA ILE S 136 0.10 -59.37 -92.26
C ILE S 136 1.35 -58.72 -91.68
N ARG S 137 1.62 -57.47 -92.05
CA ARG S 137 2.79 -56.78 -91.52
C ARG S 137 2.66 -56.55 -90.02
N ASP S 138 1.45 -56.22 -89.55
CA ASP S 138 1.24 -56.08 -88.12
C ASP S 138 1.49 -57.39 -87.38
N ALA S 139 1.02 -58.50 -87.95
CA ALA S 139 1.29 -59.81 -87.34
C ALA S 139 2.79 -60.11 -87.34
N ILE S 140 3.48 -59.73 -88.41
CA ILE S 140 4.93 -59.93 -88.48
C ILE S 140 5.62 -59.16 -87.37
N ASN S 141 5.21 -57.90 -87.17
CA ASN S 141 5.78 -57.10 -86.09
C ASN S 141 5.47 -57.69 -84.73
N ASP S 142 4.25 -58.20 -84.54
CA ASP S 142 3.87 -58.79 -83.27
C ASP S 142 4.69 -60.05 -82.98
N ALA S 143 4.98 -60.84 -84.01
CA ALA S 143 5.72 -62.08 -83.86
C ALA S 143 7.23 -61.85 -83.81
N ASP S 144 7.69 -60.61 -83.98
CA ASP S 144 9.12 -60.29 -83.97
C ASP S 144 9.88 -61.10 -85.02
N SER S 145 9.23 -61.28 -86.18
CA SER S 145 9.80 -62.10 -87.24
C SER S 145 11.00 -61.41 -87.88
N GLY S 146 11.96 -62.22 -88.33
CA GLY S 146 13.12 -61.66 -89.02
C GLY S 146 12.74 -60.96 -90.31
N ILE S 147 11.69 -61.42 -90.96
CA ILE S 147 11.22 -60.75 -92.18
C ILE S 147 10.77 -59.34 -91.84
N ALA S 148 11.15 -58.39 -92.69
CA ALA S 148 10.85 -56.99 -92.47
C ALA S 148 10.19 -56.41 -93.71
N ALA S 149 9.36 -55.39 -93.49
CA ALA S 149 8.67 -54.69 -94.57
C ALA S 149 9.23 -53.28 -94.69
N SER S 150 9.63 -52.92 -95.92
CA SER S 150 10.14 -51.59 -96.20
C SER S 150 9.05 -50.78 -96.89
N ILE S 151 9.19 -49.46 -96.82
CA ILE S 151 8.22 -48.54 -97.40
C ILE S 151 8.84 -47.93 -98.65
N VAL S 152 8.37 -48.39 -99.81
CA VAL S 152 8.92 -48.00 -101.10
C VAL S 152 7.79 -47.52 -101.98
N LYS S 153 8.00 -46.39 -102.67
CA LYS S 153 7.03 -45.82 -103.61
C LYS S 153 7.47 -46.20 -105.02
N VAL S 154 6.55 -46.79 -105.78
CA VAL S 154 6.84 -47.12 -107.17
C VAL S 154 6.08 -46.21 -108.12
N LYS S 155 4.83 -45.88 -107.78
CA LYS S 155 3.98 -45.04 -108.63
C LYS S 155 2.73 -44.67 -107.85
N GLU S 156 2.00 -43.69 -108.38
CA GLU S 156 0.73 -43.29 -107.79
C GLU S 156 -0.38 -44.24 -108.25
N ASN S 157 -1.44 -44.31 -107.44
CA ASN S 157 -2.59 -45.18 -107.71
C ASN S 157 -2.18 -46.65 -107.78
N GLU S 158 -1.10 -47.00 -107.09
CA GLU S 158 -0.58 -48.36 -107.06
C GLU S 158 -0.17 -48.72 -105.65
N PHE S 159 -0.20 -50.02 -105.34
CA PHE S 159 0.22 -50.54 -104.06
C PHE S 159 1.37 -51.51 -104.28
N GLN S 160 2.47 -51.31 -103.56
CA GLN S 160 3.65 -52.14 -103.68
C GLN S 160 3.93 -52.82 -102.34
N LEU S 161 4.27 -54.10 -102.38
CA LEU S 161 4.58 -54.87 -101.18
C LEU S 161 5.91 -55.57 -101.38
N VAL S 162 6.77 -55.48 -100.37
CA VAL S 162 8.15 -55.95 -100.45
C VAL S 162 8.32 -57.11 -99.48
N LEU S 163 9.35 -57.92 -99.71
CA LEU S 163 9.68 -59.08 -98.88
C LEU S 163 11.18 -59.05 -98.66
N THR S 164 11.61 -58.40 -97.58
CA THR S 164 13.03 -58.19 -97.30
C THR S 164 13.31 -58.56 -95.84
N ALA S 165 13.85 -59.77 -95.64
CA ALA S 165 14.27 -60.16 -94.29
C ALA S 165 15.72 -59.80 -94.05
N ASN S 166 16.62 -60.33 -94.88
CA ASN S 166 18.05 -60.07 -94.78
C ASN S 166 18.64 -60.10 -96.19
N SER S 167 19.96 -60.13 -96.27
CA SER S 167 20.66 -60.17 -97.54
C SER S 167 21.80 -61.17 -97.47
N GLY S 168 22.32 -61.52 -98.64
CA GLY S 168 23.47 -62.39 -98.70
C GLY S 168 23.08 -63.79 -99.14
N THR S 169 24.01 -64.45 -99.85
CA THR S 169 23.76 -65.81 -100.30
C THR S 169 23.87 -66.81 -99.15
N ASP S 170 24.69 -66.50 -98.14
CA ASP S 170 24.85 -67.42 -97.01
C ASP S 170 23.57 -67.51 -96.19
N ASN S 171 22.97 -66.37 -95.85
CA ASN S 171 21.77 -66.32 -95.02
C ASN S 171 20.56 -66.08 -95.92
N THR S 172 19.87 -67.16 -96.27
CA THR S 172 18.71 -67.11 -97.13
C THR S 172 17.46 -67.53 -96.36
N MET S 173 16.40 -66.74 -96.53
CA MET S 173 15.10 -66.97 -95.89
C MET S 173 14.19 -67.62 -96.92
N LYS S 174 13.81 -68.87 -96.70
CA LYS S 174 13.03 -69.61 -97.69
C LYS S 174 11.56 -69.59 -97.26
N ILE S 175 10.74 -68.84 -97.99
CA ILE S 175 9.33 -68.66 -97.69
C ILE S 175 8.51 -69.33 -98.79
N THR S 176 7.58 -70.21 -98.40
CA THR S 176 6.70 -70.89 -99.38
C THR S 176 5.26 -70.95 -98.84
N VAL S 177 4.32 -71.48 -99.62
CA VAL S 177 2.90 -71.62 -99.16
C VAL S 177 2.49 -73.10 -99.29
N GLU S 178 1.79 -73.64 -98.28
CA GLU S 178 1.46 -75.09 -98.31
C GLU S 178 0.06 -75.35 -98.88
N GLY S 179 -0.98 -74.63 -98.43
CA GLY S 179 -2.36 -74.97 -98.86
C GLY S 179 -3.12 -73.89 -99.60
N ASP S 180 -2.79 -72.60 -99.42
CA ASP S 180 -3.62 -71.55 -100.06
C ASP S 180 -3.51 -71.68 -101.58
N THR S 181 -4.63 -71.73 -102.29
CA THR S 181 -4.54 -71.99 -103.76
C THR S 181 -3.87 -70.84 -104.50
N LYS S 182 -4.34 -69.60 -104.28
CA LYS S 182 -3.75 -68.41 -104.96
C LYS S 182 -2.35 -68.12 -104.42
N LEU S 183 -2.17 -68.22 -103.10
CA LEU S 183 -0.86 -67.91 -102.47
C LEU S 183 0.17 -68.97 -102.87
N ASN S 184 -0.27 -70.18 -103.24
CA ASN S 184 0.69 -71.27 -103.56
C ASN S 184 1.57 -70.81 -104.72
N ASP S 185 0.98 -70.14 -105.71
CA ASP S 185 1.77 -69.61 -106.85
C ASP S 185 2.30 -68.22 -106.50
N LEU S 186 1.45 -67.34 -105.96
CA LEU S 186 1.86 -65.96 -105.67
C LEU S 186 3.09 -65.93 -104.76
N LEU S 187 3.11 -66.79 -103.74
CA LEU S 187 4.25 -66.87 -102.84
C LEU S 187 5.23 -67.96 -103.22
N ALA S 188 5.08 -68.56 -104.40
CA ALA S 188 6.01 -69.59 -104.85
C ALA S 188 7.37 -68.95 -105.11
N TYR S 189 8.32 -69.16 -104.19
CA TYR S 189 9.63 -68.56 -104.28
C TYR S 189 10.57 -69.32 -103.36
N ASP S 190 11.78 -69.61 -103.85
CA ASP S 190 12.80 -70.28 -103.05
C ASP S 190 14.02 -69.39 -103.01
N SER S 191 14.50 -69.08 -101.80
CA SER S 191 15.70 -68.26 -101.67
C SER S 191 16.93 -68.99 -102.18
N THR S 192 16.95 -70.33 -102.08
CA THR S 192 18.05 -71.10 -102.66
C THR S 192 18.08 -70.93 -104.17
N THR S 193 16.91 -70.98 -104.82
CA THR S 193 16.84 -70.73 -106.26
C THR S 193 16.94 -69.25 -106.60
N ASN S 194 16.46 -68.38 -105.71
CA ASN S 194 16.44 -66.92 -105.88
C ASN S 194 15.59 -66.48 -107.07
N THR S 195 14.75 -67.37 -107.60
CA THR S 195 13.89 -67.07 -108.74
C THR S 195 12.45 -67.39 -108.37
N GLY S 196 11.53 -66.52 -108.77
CA GLY S 196 10.12 -66.74 -108.54
C GLY S 196 9.29 -65.81 -109.40
N ASN S 197 7.98 -66.06 -109.38
CA ASN S 197 7.06 -65.22 -110.16
C ASN S 197 6.95 -63.81 -109.58
N MET S 198 7.31 -63.64 -108.31
CA MET S 198 7.26 -62.34 -107.66
C MET S 198 8.42 -61.47 -108.15
N GLN S 199 8.17 -60.17 -108.26
CA GLN S 199 9.15 -59.23 -108.78
C GLN S 199 10.35 -59.13 -107.85
N GLU S 200 11.53 -58.99 -108.44
CA GLU S 200 12.77 -58.84 -107.71
C GLU S 200 13.31 -57.44 -107.94
N LEU S 201 13.65 -56.76 -106.83
CA LEU S 201 14.19 -55.40 -106.94
C LEU S 201 15.71 -55.41 -106.90
N VAL S 202 16.30 -55.99 -105.85
CA VAL S 202 17.74 -56.09 -105.70
C VAL S 202 18.11 -57.55 -105.58
N LYS S 203 19.10 -57.99 -106.36
CA LYS S 203 19.56 -59.35 -106.29
C LYS S 203 20.36 -59.59 -105.02
N ALA S 204 20.61 -60.87 -104.73
CA ALA S 204 21.38 -61.22 -103.54
C ALA S 204 22.82 -60.72 -103.67
N GLU S 205 23.23 -59.90 -102.70
CA GLU S 205 24.57 -59.34 -102.71
C GLU S 205 25.14 -59.41 -101.30
N ASN S 206 26.47 -59.40 -101.23
CA ASN S 206 27.19 -59.53 -99.97
C ASN S 206 27.97 -58.25 -99.68
N ALA S 207 28.27 -58.04 -98.41
CA ALA S 207 29.18 -56.97 -98.05
C ALA S 207 30.60 -57.35 -98.45
N LYS S 208 31.52 -56.40 -98.28
CA LYS S 208 32.89 -56.57 -98.76
C LYS S 208 33.81 -55.62 -98.01
N LEU S 209 34.93 -56.15 -97.53
CA LEU S 209 35.98 -55.33 -96.93
C LEU S 209 37.33 -56.00 -97.16
N ASN S 210 38.39 -55.22 -96.99
CA ASN S 210 39.75 -55.71 -97.16
C ASN S 210 40.59 -55.21 -95.99
N VAL S 211 41.20 -56.14 -95.25
CA VAL S 211 42.08 -55.82 -94.14
C VAL S 211 43.30 -56.72 -94.22
N ASN S 212 44.46 -56.19 -93.82
CA ASN S 212 45.72 -56.92 -93.87
C ASN S 212 46.01 -57.47 -95.26
N GLY S 213 45.48 -56.79 -96.28
CA GLY S 213 45.71 -57.20 -97.65
C GLY S 213 44.83 -58.32 -98.14
N ILE S 214 43.91 -58.83 -97.32
CA ILE S 214 43.06 -59.95 -97.69
C ILE S 214 41.60 -59.54 -97.49
N ASP S 215 40.70 -60.16 -98.27
CA ASP S 215 39.32 -59.72 -98.34
C ASP S 215 38.39 -60.61 -97.52
N ILE S 216 37.32 -60.02 -97.01
CA ILE S 216 36.23 -60.72 -96.34
C ILE S 216 34.93 -60.27 -96.99
N GLU S 217 34.08 -61.24 -97.35
CA GLU S 217 32.87 -61.01 -98.13
C GLU S 217 31.59 -61.16 -97.32
N ARG S 218 31.68 -61.28 -96.00
CA ARG S 218 30.49 -61.58 -95.20
C ARG S 218 29.50 -60.43 -95.23
N GLN S 219 28.27 -60.74 -95.66
CA GLN S 219 27.22 -59.73 -95.71
C GLN S 219 26.83 -59.28 -94.31
N SER S 220 26.78 -60.21 -93.36
CA SER S 220 26.35 -59.88 -92.01
C SER S 220 27.25 -58.81 -91.40
N ASN S 221 26.63 -57.76 -90.87
CA ASN S 221 27.40 -56.68 -90.25
C ASN S 221 27.94 -57.11 -88.89
N THR S 222 27.28 -58.05 -88.24
CA THR S 222 27.76 -58.56 -86.96
C THR S 222 29.04 -59.35 -87.17
N VAL S 223 30.08 -59.00 -86.41
CA VAL S 223 31.38 -59.66 -86.50
C VAL S 223 31.83 -60.01 -85.08
N THR S 224 31.60 -61.25 -84.68
CA THR S 224 31.94 -61.71 -83.33
C THR S 224 32.59 -63.08 -83.31
N ASP S 225 32.85 -63.69 -84.47
CA ASP S 225 33.42 -65.03 -84.48
C ASP S 225 34.89 -65.01 -84.08
N ALA S 226 35.71 -64.32 -84.87
CA ALA S 226 37.12 -64.21 -84.51
C ALA S 226 37.34 -63.09 -83.49
N PRO S 227 36.97 -61.83 -83.77
CA PRO S 227 37.26 -60.76 -82.81
C PRO S 227 36.62 -60.96 -81.45
N GLN S 228 35.40 -61.52 -81.41
CA GLN S 228 34.67 -61.76 -80.17
C GLN S 228 34.47 -60.47 -79.37
N GLY S 229 33.80 -59.51 -79.99
CA GLY S 229 33.48 -58.26 -79.32
C GLY S 229 34.02 -57.01 -79.98
N ILE S 230 34.26 -57.07 -81.29
CA ILE S 230 34.75 -55.93 -82.05
C ILE S 230 33.85 -55.79 -83.27
N THR S 231 33.04 -54.74 -83.31
CA THR S 231 32.13 -54.53 -84.42
C THR S 231 32.51 -53.26 -85.18
N LEU S 232 32.59 -53.37 -86.50
CA LEU S 232 32.92 -52.24 -87.36
C LEU S 232 31.68 -51.87 -88.16
N THR S 233 31.30 -50.60 -88.12
CA THR S 233 30.15 -50.08 -88.85
C THR S 233 30.66 -49.20 -89.98
N LEU S 234 30.34 -49.58 -91.21
CA LEU S 234 30.73 -48.84 -92.40
C LEU S 234 29.48 -48.37 -93.12
N THR S 235 29.48 -47.09 -93.51
CA THR S 235 28.40 -46.51 -94.30
C THR S 235 28.78 -46.34 -95.76
N LYS S 236 30.03 -45.98 -96.03
CA LYS S 236 30.55 -45.82 -97.38
C LYS S 236 31.94 -46.44 -97.46
N LYS S 237 32.46 -46.49 -98.68
CA LYS S 237 33.76 -47.10 -98.93
C LYS S 237 34.87 -46.29 -98.25
N VAL S 238 35.89 -47.01 -97.77
CA VAL S 238 37.06 -46.40 -97.16
C VAL S 238 38.30 -46.97 -97.83
N THR S 239 39.36 -46.16 -97.83
CA THR S 239 40.63 -46.53 -98.45
C THR S 239 41.72 -46.53 -97.39
N ASP S 240 42.45 -47.64 -97.30
CA ASP S 240 43.66 -47.83 -96.49
C ASP S 240 43.62 -47.04 -95.18
N ALA S 241 42.50 -47.14 -94.48
CA ALA S 241 42.34 -46.45 -93.21
C ALA S 241 43.12 -47.18 -92.12
N THR S 242 44.14 -46.52 -91.57
CA THR S 242 44.99 -47.10 -90.54
C THR S 242 44.65 -46.47 -89.21
N VAL S 243 44.23 -47.29 -88.25
CA VAL S 243 43.85 -46.83 -86.92
C VAL S 243 44.72 -47.54 -85.90
N THR S 244 45.37 -46.75 -85.04
CA THR S 244 46.20 -47.28 -83.97
C THR S 244 45.44 -47.16 -82.65
N VAL S 245 45.25 -48.29 -81.98
CA VAL S 245 44.50 -48.35 -80.73
C VAL S 245 45.47 -48.12 -79.58
N THR S 246 45.08 -47.25 -78.64
CA THR S 246 45.88 -46.94 -77.47
C THR S 246 45.14 -47.42 -76.22
N LYS S 247 45.89 -47.96 -75.27
CA LYS S 247 45.31 -48.44 -74.02
C LYS S 247 44.77 -47.27 -73.22
N ASP S 248 43.59 -47.44 -72.62
CA ASP S 248 42.95 -46.42 -71.82
C ASP S 248 43.25 -46.68 -70.35
N ASP S 249 43.64 -45.63 -69.63
CA ASP S 249 43.97 -45.74 -68.21
C ASP S 249 43.26 -44.70 -67.34
N THR S 250 42.49 -43.79 -67.95
CA THR S 250 41.75 -42.82 -67.15
C THR S 250 40.56 -43.46 -66.44
N LYS S 251 40.01 -44.53 -67.00
CA LYS S 251 39.00 -45.30 -66.30
C LYS S 251 39.54 -45.86 -64.99
N ALA S 252 40.76 -46.40 -65.02
CA ALA S 252 41.40 -46.84 -63.78
C ALA S 252 41.63 -45.67 -62.84
N LYS S 253 41.92 -44.50 -63.39
CA LYS S 253 42.14 -43.32 -62.55
C LYS S 253 40.87 -42.96 -61.77
N GLU S 254 39.73 -42.88 -62.48
CA GLU S 254 38.49 -42.59 -61.77
C GLU S 254 38.07 -43.75 -60.88
N ALA S 255 38.52 -44.97 -61.20
CA ALA S 255 38.31 -46.09 -60.29
C ALA S 255 39.06 -45.88 -58.98
N ILE S 256 40.30 -45.39 -59.06
CA ILE S 256 41.05 -45.10 -57.84
C ILE S 256 40.37 -44.00 -57.04
N LYS S 257 39.90 -42.95 -57.73
CA LYS S 257 39.02 -42.00 -57.07
C LYS S 257 37.82 -42.67 -56.41
N SER S 258 37.22 -43.67 -57.07
CA SER S 258 36.06 -44.32 -56.47
C SER S 258 36.43 -44.98 -55.14
N TRP S 259 37.54 -45.72 -55.10
CA TRP S 259 37.94 -46.31 -53.82
C TRP S 259 38.32 -45.26 -52.78
N VAL S 260 39.06 -44.22 -53.18
CA VAL S 260 39.45 -43.24 -52.18
C VAL S 260 38.23 -42.53 -51.61
N ASP S 261 37.23 -42.25 -52.44
CA ASP S 261 36.00 -41.66 -51.96
C ASP S 261 35.26 -42.60 -51.02
N ALA S 262 35.18 -43.89 -51.38
CA ALA S 262 34.50 -44.85 -50.51
C ALA S 262 35.19 -44.96 -49.16
N TYR S 263 36.52 -45.08 -49.17
CA TYR S 263 37.28 -45.23 -47.93
C TYR S 263 37.20 -43.98 -47.07
N ASN S 264 37.30 -42.80 -47.70
CA ASN S 264 37.15 -41.56 -46.95
C ASN S 264 35.75 -41.42 -46.39
N SER S 265 34.72 -41.87 -47.11
CA SER S 265 33.37 -41.86 -46.57
C SER S 265 33.25 -42.77 -45.36
N LEU S 266 33.87 -43.95 -45.42
CA LEU S 266 33.84 -44.85 -44.27
C LEU S 266 34.55 -44.23 -43.07
N VAL S 267 35.70 -43.60 -43.30
CA VAL S 267 36.41 -42.94 -42.21
C VAL S 267 35.59 -41.79 -41.65
N ASP S 268 34.89 -41.05 -42.51
CA ASP S 268 34.03 -39.96 -42.04
C ASP S 268 32.88 -40.49 -41.20
N THR S 269 32.28 -41.61 -41.61
CA THR S 269 31.24 -42.22 -40.81
C THR S 269 31.77 -42.67 -39.46
N PHE S 270 32.98 -43.24 -39.44
CA PHE S 270 33.61 -43.63 -38.18
C PHE S 270 33.80 -42.41 -37.29
N SER S 271 34.36 -41.33 -37.84
CA SER S 271 34.63 -40.13 -37.06
C SER S 271 33.37 -39.45 -36.58
N SER S 272 32.27 -39.58 -37.32
CA SER S 272 30.98 -39.05 -36.87
C SER S 272 30.48 -39.74 -35.62
N LEU S 273 30.82 -41.02 -35.43
CA LEU S 273 30.39 -41.76 -34.26
C LEU S 273 31.15 -41.36 -33.00
N THR S 274 32.18 -40.52 -33.11
CA THR S 274 32.97 -40.08 -31.96
C THR S 274 32.17 -39.03 -31.20
N LYS S 275 31.48 -39.46 -30.15
CA LYS S 275 30.74 -38.58 -29.26
C LYS S 275 31.50 -38.50 -27.95
N TYR S 276 31.92 -37.29 -27.57
CA TYR S 276 32.72 -37.09 -26.37
C TYR S 276 32.40 -35.74 -25.74
N THR S 277 32.25 -35.76 -24.41
CA THR S 277 32.10 -34.54 -23.61
C THR S 277 32.97 -34.71 -22.38
N ALA S 278 34.20 -34.21 -22.43
CA ALA S 278 35.12 -34.35 -21.30
C ALA S 278 34.59 -33.59 -20.10
N VAL S 279 34.57 -34.26 -18.95
CA VAL S 279 33.97 -33.72 -17.74
C VAL S 279 34.91 -33.94 -16.56
N GLU S 280 35.17 -32.87 -15.82
CA GLU S 280 35.96 -32.94 -14.60
C GLU S 280 35.10 -33.38 -13.43
N PRO S 281 35.71 -34.00 -12.41
CA PRO S 281 34.94 -34.39 -11.22
C PRO S 281 34.33 -33.21 -10.47
N GLY S 282 34.80 -31.99 -10.71
CA GLY S 282 34.30 -30.85 -9.94
C GLY S 282 32.83 -30.57 -10.18
N GLU S 283 32.31 -30.94 -11.35
CA GLU S 283 30.94 -30.59 -11.69
C GLU S 283 29.95 -31.41 -10.87
N GLU S 284 28.67 -31.07 -11.02
CA GLU S 284 27.58 -31.80 -10.39
C GLU S 284 27.17 -32.96 -11.30
N ALA S 285 26.05 -33.61 -10.97
CA ALA S 285 25.55 -34.71 -11.78
C ALA S 285 25.07 -34.21 -13.14
N SER S 286 25.44 -34.92 -14.19
CA SER S 286 25.06 -34.59 -15.56
C SER S 286 24.24 -35.73 -16.15
N ASP S 287 23.19 -35.39 -16.88
CA ASP S 287 22.27 -36.37 -17.44
C ASP S 287 22.66 -36.82 -18.84
N LYS S 288 23.25 -35.93 -19.64
CA LYS S 288 23.56 -36.25 -21.02
C LYS S 288 24.61 -37.35 -21.12
N ASN S 289 24.39 -38.29 -22.05
CA ASN S 289 25.33 -39.37 -22.31
C ASN S 289 25.68 -39.39 -23.79
N GLY S 290 26.86 -39.92 -24.09
CA GLY S 290 27.30 -40.00 -25.47
C GLY S 290 26.43 -40.93 -26.29
N ALA S 291 26.21 -40.55 -27.55
CA ALA S 291 25.37 -41.37 -28.43
C ALA S 291 26.01 -42.73 -28.70
N LEU S 292 27.31 -42.75 -28.95
CA LEU S 292 28.04 -43.98 -29.19
C LEU S 292 28.91 -44.38 -28.01
N LEU S 293 28.75 -43.73 -26.87
CA LEU S 293 29.52 -44.04 -25.68
C LEU S 293 28.93 -45.25 -24.98
N GLY S 294 29.77 -45.96 -24.23
CA GLY S 294 29.35 -47.16 -23.55
C GLY S 294 28.96 -48.29 -24.48
N ASP S 295 29.65 -48.41 -25.62
CA ASP S 295 29.36 -49.45 -26.61
C ASP S 295 30.64 -49.78 -27.34
N SER S 296 31.16 -51.00 -27.12
CA SER S 296 32.42 -51.42 -27.72
C SER S 296 32.23 -52.17 -29.04
N VAL S 297 30.99 -52.26 -29.54
CA VAL S 297 30.75 -52.98 -30.78
C VAL S 297 31.41 -52.26 -31.96
N VAL S 298 31.30 -50.93 -32.00
CA VAL S 298 31.96 -50.17 -33.05
C VAL S 298 33.47 -50.35 -32.98
N ARG S 299 34.00 -50.48 -31.76
CA ARG S 299 35.41 -50.79 -31.59
C ARG S 299 35.76 -52.12 -32.23
N THR S 300 34.92 -53.14 -32.03
CA THR S 300 35.16 -54.45 -32.64
C THR S 300 35.10 -54.36 -34.16
N ILE S 301 34.14 -53.60 -34.69
CA ILE S 301 34.03 -53.43 -36.14
C ILE S 301 35.27 -52.76 -36.69
N GLN S 302 35.74 -51.71 -36.03
CA GLN S 302 36.95 -51.02 -36.48
C GLN S 302 38.15 -51.96 -36.46
N THR S 303 38.31 -52.72 -35.37
CA THR S 303 39.44 -53.65 -35.29
C THR S 303 39.36 -54.67 -36.42
N GLY S 304 38.16 -55.22 -36.67
CA GLY S 304 38.03 -56.24 -37.70
C GLY S 304 38.34 -55.70 -39.09
N ILE S 305 37.79 -54.52 -39.42
CA ILE S 305 38.01 -53.96 -40.75
C ILE S 305 39.48 -53.60 -40.93
N ARG S 306 40.11 -53.03 -39.89
CA ARG S 306 41.51 -52.67 -40.02
C ARG S 306 42.37 -53.91 -40.18
N ALA S 307 42.08 -54.97 -39.41
CA ALA S 307 42.89 -56.19 -39.47
C ALA S 307 42.75 -56.87 -40.82
N GLN S 308 41.52 -56.94 -41.35
CA GLN S 308 41.35 -57.59 -42.65
C GLN S 308 41.92 -56.72 -43.76
N PHE S 309 42.00 -55.41 -43.55
CA PHE S 309 42.55 -54.53 -44.57
C PHE S 309 43.99 -54.92 -44.91
N ALA S 310 44.73 -55.40 -43.93
CA ALA S 310 46.12 -55.79 -44.15
C ALA S 310 46.18 -57.07 -44.97
N ASN S 311 46.29 -56.94 -46.29
CA ASN S 311 46.30 -58.08 -47.17
C ASN S 311 47.61 -58.86 -47.01
N SER S 312 47.49 -60.18 -46.86
CA SER S 312 48.65 -61.05 -46.79
C SER S 312 48.54 -62.25 -47.72
N GLY S 313 47.38 -62.49 -48.32
CA GLY S 313 47.20 -63.53 -49.30
C GLY S 313 47.29 -63.07 -50.73
N SER S 314 47.86 -61.90 -50.99
CA SER S 314 47.98 -61.41 -52.36
C SER S 314 48.89 -62.33 -53.17
N ASN S 315 48.46 -62.62 -54.41
CA ASN S 315 49.22 -63.52 -55.26
C ASN S 315 50.57 -62.91 -55.65
N SER S 316 50.60 -61.59 -55.86
CA SER S 316 51.84 -60.92 -56.20
C SER S 316 52.75 -60.82 -54.98
N ALA S 317 54.06 -60.71 -55.25
CA ALA S 317 55.03 -60.56 -54.17
C ALA S 317 54.81 -59.28 -53.39
N PHE S 318 54.49 -58.18 -54.09
CA PHE S 318 54.16 -56.91 -53.44
C PHE S 318 52.77 -57.01 -52.84
N LYS S 319 52.71 -57.60 -51.64
CA LYS S 319 51.44 -57.82 -50.98
C LYS S 319 50.75 -56.51 -50.59
N THR S 320 51.53 -55.54 -50.13
CA THR S 320 51.02 -54.31 -49.53
C THR S 320 50.78 -53.24 -50.59
N MET S 321 49.83 -52.34 -50.31
CA MET S 321 49.52 -51.16 -51.11
C MET S 321 50.56 -50.06 -50.96
N ALA S 322 51.74 -50.40 -50.44
CA ALA S 322 52.81 -49.42 -50.21
C ALA S 322 53.18 -48.67 -51.48
N GLU S 323 53.47 -49.40 -52.56
CA GLU S 323 53.87 -48.77 -53.80
C GLU S 323 52.73 -48.02 -54.47
N ILE S 324 51.48 -48.42 -54.20
CA ILE S 324 50.35 -47.79 -54.88
C ILE S 324 50.24 -46.32 -54.49
N GLY S 325 50.31 -46.03 -53.19
CA GLY S 325 50.10 -44.70 -52.68
C GLY S 325 48.94 -44.55 -51.72
N ILE S 326 48.46 -45.64 -51.14
CA ILE S 326 47.36 -45.61 -50.18
C ILE S 326 47.93 -45.20 -48.82
N THR S 327 47.92 -43.91 -48.53
CA THR S 327 48.53 -43.36 -47.33
C THR S 327 47.48 -42.66 -46.49
N GLN S 328 47.27 -43.16 -45.27
CA GLN S 328 46.30 -42.56 -44.37
C GLN S 328 46.95 -41.44 -43.56
N ASP S 329 46.12 -40.53 -43.06
CA ASP S 329 46.61 -39.41 -42.28
C ASP S 329 47.09 -39.87 -40.91
N GLY S 330 47.81 -38.98 -40.22
CA GLY S 330 48.36 -39.33 -38.93
C GLY S 330 47.30 -39.62 -37.88
N THR S 331 46.29 -38.75 -37.79
CA THR S 331 45.21 -38.92 -36.83
C THR S 331 43.88 -39.31 -37.47
N SER S 332 43.82 -39.43 -38.80
CA SER S 332 42.59 -39.77 -39.50
C SER S 332 42.91 -40.82 -40.56
N GLY S 333 41.85 -41.38 -41.14
CA GLY S 333 41.97 -42.32 -42.23
C GLY S 333 41.95 -41.69 -43.61
N LYS S 334 42.05 -40.37 -43.70
CA LYS S 334 42.05 -39.69 -44.98
C LYS S 334 43.21 -40.15 -45.83
N LEU S 335 42.94 -40.43 -47.11
CA LEU S 335 43.96 -40.98 -48.00
C LEU S 335 44.61 -39.85 -48.78
N LYS S 336 45.74 -39.36 -48.28
CA LYS S 336 46.54 -38.34 -48.98
C LYS S 336 47.30 -39.05 -50.10
N ILE S 337 46.57 -39.34 -51.17
CA ILE S 337 47.11 -40.13 -52.27
C ILE S 337 48.09 -39.30 -53.08
N ASP S 338 49.21 -39.91 -53.47
CA ASP S 338 50.17 -39.31 -54.39
C ASP S 338 49.79 -39.68 -55.83
N ASP S 339 49.33 -38.67 -56.58
CA ASP S 339 48.78 -38.92 -57.91
C ASP S 339 49.86 -39.40 -58.87
N ASP S 340 51.09 -38.88 -58.74
CA ASP S 340 52.17 -39.19 -59.71
C ASP S 340 52.61 -40.64 -59.57
N LYS S 341 52.85 -41.08 -58.33
CA LYS S 341 53.21 -42.48 -58.13
C LYS S 341 52.06 -43.40 -58.54
N LEU S 342 50.82 -42.98 -58.27
CA LEU S 342 49.66 -43.69 -58.81
C LEU S 342 49.75 -43.80 -60.32
N THR S 343 50.21 -42.74 -60.98
CA THR S 343 50.34 -42.75 -62.42
C THR S 343 51.34 -43.79 -62.88
N LYS S 344 52.49 -43.87 -62.19
CA LYS S 344 53.51 -44.89 -62.54
C LYS S 344 52.93 -46.29 -62.28
N VAL S 345 52.19 -46.47 -61.18
CA VAL S 345 51.68 -47.79 -60.82
C VAL S 345 50.63 -48.26 -61.84
N LEU S 346 49.74 -47.36 -62.26
CA LEU S 346 48.70 -47.75 -63.21
C LEU S 346 49.24 -47.92 -64.62
N LYS S 347 50.17 -47.06 -65.04
CA LYS S 347 50.69 -47.16 -66.40
C LYS S 347 51.67 -48.31 -66.57
N ASP S 348 52.37 -48.71 -65.51
CA ASP S 348 53.22 -49.89 -65.59
C ASP S 348 52.39 -51.16 -65.71
N ASN S 349 51.39 -51.30 -64.85
CA ASN S 349 50.52 -52.46 -64.90
C ASN S 349 49.28 -52.18 -64.07
N THR S 350 48.10 -52.20 -64.71
CA THR S 350 46.86 -52.15 -63.95
C THR S 350 46.48 -53.53 -63.43
N ALA S 351 46.92 -54.59 -64.11
CA ALA S 351 46.69 -55.93 -63.61
C ALA S 351 47.46 -56.19 -62.32
N ALA S 352 48.55 -55.45 -62.11
CA ALA S 352 49.27 -55.55 -60.84
C ALA S 352 48.38 -55.11 -59.68
N ALA S 353 47.70 -53.98 -59.83
CA ALA S 353 46.75 -53.55 -58.81
C ALA S 353 45.55 -54.49 -58.74
N ARG S 354 45.13 -55.01 -59.89
CA ARG S 354 44.00 -55.93 -59.92
C ARG S 354 44.28 -57.18 -59.12
N GLU S 355 45.48 -57.74 -59.25
CA GLU S 355 45.86 -58.91 -58.47
C GLU S 355 46.32 -58.54 -57.06
N LEU S 356 46.62 -57.26 -56.82
CA LEU S 356 47.10 -56.86 -55.50
C LEU S 356 45.97 -56.87 -54.47
N LEU S 357 44.94 -56.06 -54.71
CA LEU S 357 43.84 -55.91 -53.75
C LEU S 357 42.55 -56.57 -54.20
N VAL S 358 42.20 -56.50 -55.49
CA VAL S 358 41.08 -57.29 -55.98
C VAL S 358 41.46 -58.76 -56.04
N GLY S 359 42.70 -59.06 -56.43
CA GLY S 359 43.14 -60.43 -56.54
C GLY S 359 42.46 -61.16 -57.69
N ASP S 360 42.34 -62.48 -57.53
CA ASP S 360 41.65 -63.27 -58.54
C ASP S 360 40.15 -62.95 -58.58
N GLY S 361 39.59 -62.51 -57.45
CA GLY S 361 38.21 -62.09 -57.39
C GLY S 361 37.24 -63.14 -56.89
N LYS S 362 37.62 -64.42 -56.93
CA LYS S 362 36.72 -65.46 -56.42
C LYS S 362 36.85 -65.61 -54.90
N GLU S 363 38.06 -65.84 -54.41
CA GLU S 363 38.32 -65.87 -52.97
C GLU S 363 39.44 -64.94 -52.56
N THR S 364 40.53 -64.86 -53.33
CA THR S 364 41.62 -63.97 -53.00
C THR S 364 41.24 -62.53 -53.30
N GLY S 365 41.76 -61.61 -52.48
CA GLY S 365 41.46 -60.20 -52.65
C GLY S 365 40.91 -59.56 -51.40
N ILE S 366 41.21 -58.28 -51.21
CA ILE S 366 40.74 -57.57 -50.03
C ILE S 366 39.22 -57.47 -50.03
N THR S 367 38.63 -57.09 -51.18
CA THR S 367 37.19 -56.87 -51.25
C THR S 367 36.41 -58.12 -50.85
N THR S 368 36.94 -59.29 -51.20
CA THR S 368 36.24 -60.54 -50.87
C THR S 368 36.07 -60.69 -49.36
N LYS S 369 37.15 -60.53 -48.59
CA LYS S 369 37.04 -60.68 -47.15
C LYS S 369 36.34 -59.50 -46.50
N ILE S 370 36.47 -58.29 -47.09
CA ILE S 370 35.64 -57.17 -46.64
C ILE S 370 34.17 -57.57 -46.64
N ALA S 371 33.66 -57.92 -47.82
CA ALA S 371 32.26 -58.29 -47.95
C ALA S 371 31.94 -59.53 -47.13
N THR S 372 32.90 -60.44 -46.97
CA THR S 372 32.65 -61.64 -46.18
C THR S 372 32.35 -61.31 -44.73
N GLU S 373 33.19 -60.50 -44.10
CA GLU S 373 32.92 -60.20 -42.70
C GLU S 373 31.74 -59.25 -42.57
N VAL S 374 31.47 -58.42 -43.58
CA VAL S 374 30.28 -57.59 -43.54
C VAL S 374 29.03 -58.46 -43.55
N LYS S 375 29.01 -59.49 -44.41
CA LYS S 375 27.91 -60.45 -44.42
C LYS S 375 27.81 -61.18 -43.09
N SER S 376 28.95 -61.52 -42.49
CA SER S 376 28.93 -62.18 -41.19
C SER S 376 28.28 -61.28 -40.14
N TYR S 377 28.66 -59.99 -40.14
CA TYR S 377 28.10 -59.06 -39.16
C TYR S 377 26.59 -58.88 -39.36
N LEU S 378 26.17 -58.63 -40.60
CA LEU S 378 24.75 -58.33 -40.83
C LEU S 378 23.87 -59.53 -40.51
N ALA S 379 24.43 -60.74 -40.61
CA ALA S 379 23.66 -61.94 -40.31
C ALA S 379 23.36 -62.02 -38.82
N ASP S 380 22.47 -62.96 -38.47
CA ASP S 380 22.05 -63.09 -37.07
C ASP S 380 23.21 -63.44 -36.14
N ASP S 381 24.24 -64.11 -36.67
CA ASP S 381 25.40 -64.45 -35.86
C ASP S 381 26.36 -63.28 -35.65
N GLY S 382 26.15 -62.18 -36.37
CA GLY S 382 27.09 -61.08 -36.35
C GLY S 382 27.13 -60.34 -35.03
N ILE S 383 28.26 -59.66 -34.80
CA ILE S 383 28.45 -58.93 -33.56
C ILE S 383 27.47 -57.77 -33.45
N ILE S 384 27.17 -57.11 -34.57
CA ILE S 384 26.22 -56.00 -34.54
C ILE S 384 24.80 -56.51 -34.27
N ASP S 385 24.42 -57.62 -34.90
CA ASP S 385 23.08 -58.14 -34.70
C ASP S 385 22.92 -58.72 -33.31
N ASN S 386 23.94 -59.43 -32.81
CA ASN S 386 23.93 -59.86 -31.42
C ASN S 386 23.87 -58.68 -30.47
N ALA S 387 24.58 -57.60 -30.81
CA ALA S 387 24.55 -56.40 -29.97
C ALA S 387 23.15 -55.81 -29.89
N GLN S 388 22.47 -55.71 -31.03
CA GLN S 388 21.14 -55.13 -30.99
C GLN S 388 20.12 -56.08 -30.35
N ASP S 389 20.32 -57.40 -30.49
CA ASP S 389 19.50 -58.34 -29.75
C ASP S 389 19.67 -58.16 -28.25
N ASN S 390 20.91 -58.03 -27.80
CA ASN S 390 21.16 -57.82 -26.38
C ASN S 390 20.60 -56.47 -25.93
N VAL S 391 20.65 -55.47 -26.80
CA VAL S 391 20.10 -54.16 -26.47
C VAL S 391 18.59 -54.25 -26.28
N ASN S 392 17.89 -54.96 -27.17
CA ASN S 392 16.44 -55.06 -27.02
C ASN S 392 16.07 -55.89 -25.80
N ALA S 393 16.86 -56.93 -25.50
CA ALA S 393 16.61 -57.71 -24.28
C ALA S 393 16.80 -56.84 -23.04
N THR S 394 17.88 -56.04 -23.01
CA THR S 394 18.13 -55.17 -21.88
C THR S 394 17.04 -54.12 -21.74
N LEU S 395 16.57 -53.55 -22.84
CA LEU S 395 15.53 -52.54 -22.74
C LEU S 395 14.18 -53.14 -22.39
N LYS S 396 13.95 -54.42 -22.73
CA LYS S 396 12.73 -55.07 -22.27
C LYS S 396 12.78 -55.36 -20.78
N SER S 397 13.94 -55.77 -20.26
CA SER S 397 14.08 -55.89 -18.81
C SER S 397 13.88 -54.54 -18.13
N LEU S 398 14.44 -53.48 -18.71
CA LEU S 398 14.24 -52.14 -18.19
C LEU S 398 12.78 -51.71 -18.30
N THR S 399 12.05 -52.20 -19.31
CA THR S 399 10.63 -51.92 -19.42
C THR S 399 9.84 -52.62 -18.33
N LYS S 400 10.25 -53.85 -17.98
CA LYS S 400 9.65 -54.51 -16.82
C LYS S 400 9.90 -53.72 -15.54
N GLN S 401 11.13 -53.23 -15.38
CA GLN S 401 11.44 -52.37 -14.24
C GLN S 401 10.58 -51.10 -14.26
N TYR S 402 10.40 -50.53 -15.46
CA TYR S 402 9.56 -49.35 -15.60
C TYR S 402 8.11 -49.63 -15.20
N LEU S 403 7.60 -50.80 -15.58
CA LEU S 403 6.25 -51.18 -15.18
C LEU S 403 6.14 -51.32 -13.66
N SER S 404 7.15 -51.92 -13.03
CA SER S 404 7.14 -52.05 -11.58
C SER S 404 7.14 -50.69 -10.91
N VAL S 405 8.04 -49.81 -11.35
CA VAL S 405 8.12 -48.47 -10.77
C VAL S 405 6.84 -47.68 -11.05
N SER S 406 6.23 -47.88 -12.22
CA SER S 406 5.01 -47.17 -12.56
C SER S 406 3.85 -47.60 -11.68
N ASN S 407 3.70 -48.91 -11.42
CA ASN S 407 2.62 -49.34 -10.55
C ASN S 407 2.87 -48.90 -9.11
N SER S 408 4.13 -48.90 -8.66
CA SER S 408 4.42 -48.34 -7.33
C SER S 408 4.07 -46.87 -7.26
N ILE S 409 4.40 -46.10 -8.31
CA ILE S 409 4.07 -44.68 -8.35
C ILE S 409 2.56 -44.48 -8.32
N ASP S 410 1.83 -45.30 -9.09
CA ASP S 410 0.37 -45.19 -9.13
C ASP S 410 -0.21 -45.45 -7.75
N GLU S 411 0.26 -46.51 -7.08
CA GLU S 411 -0.25 -46.82 -5.74
C GLU S 411 0.05 -45.69 -4.76
N THR S 412 1.27 -45.15 -4.81
CA THR S 412 1.64 -44.08 -3.88
C THR S 412 0.81 -42.83 -4.13
N VAL S 413 0.60 -42.48 -5.41
CA VAL S 413 -0.21 -41.31 -5.74
C VAL S 413 -1.64 -41.52 -5.28
N ALA S 414 -2.18 -42.72 -5.48
CA ALA S 414 -3.55 -43.02 -5.05
C ALA S 414 -3.67 -42.87 -3.53
N ARG S 415 -2.69 -43.38 -2.79
CA ARG S 415 -2.72 -43.28 -1.33
C ARG S 415 -2.67 -41.82 -0.89
N TYR S 416 -1.78 -41.03 -1.50
CA TYR S 416 -1.65 -39.62 -1.12
C TYR S 416 -2.92 -38.85 -1.47
N LYS S 417 -3.54 -39.15 -2.61
CA LYS S 417 -4.78 -38.48 -2.96
C LYS S 417 -5.93 -38.88 -2.05
N ALA S 418 -5.95 -40.14 -1.61
CA ALA S 418 -6.94 -40.55 -0.63
C ALA S 418 -6.78 -39.77 0.67
N GLN S 419 -5.54 -39.63 1.14
CA GLN S 419 -5.31 -38.82 2.33
C GLN S 419 -5.66 -37.35 2.12
N PHE S 420 -5.37 -36.81 0.94
CA PHE S 420 -5.67 -35.41 0.67
C PHE S 420 -7.17 -35.16 0.66
N THR S 421 -7.94 -36.08 0.04
CA THR S 421 -9.40 -35.97 0.07
C THR S 421 -9.93 -36.15 1.49
N GLN S 422 -9.34 -37.07 2.27
CA GLN S 422 -9.73 -37.23 3.67
C GLN S 422 -9.52 -35.93 4.44
N LEU S 423 -8.36 -35.30 4.26
CA LEU S 423 -8.07 -34.05 4.96
C LEU S 423 -9.02 -32.95 4.54
N ASP S 424 -9.32 -32.87 3.24
CA ASP S 424 -10.27 -31.88 2.75
C ASP S 424 -11.64 -32.09 3.38
N THR S 425 -12.09 -33.35 3.45
CA THR S 425 -13.39 -33.64 4.04
C THR S 425 -13.43 -33.28 5.52
N MET S 426 -12.36 -33.57 6.25
CA MET S 426 -12.34 -33.25 7.68
C MET S 426 -12.19 -31.76 7.95
N MET S 427 -11.60 -30.99 7.03
CA MET S 427 -11.65 -29.54 7.17
C MET S 427 -13.01 -28.98 6.79
N SER S 428 -13.65 -29.53 5.77
CA SER S 428 -14.94 -29.00 5.33
C SER S 428 -16.06 -29.31 6.32
N LYS S 429 -16.10 -30.53 6.84
CA LYS S 429 -17.13 -30.89 7.81
C LYS S 429 -16.97 -30.11 9.11
N LEU S 430 -15.72 -29.88 9.53
CA LEU S 430 -15.45 -29.13 10.75
C LEU S 430 -14.38 -28.07 10.51
N PHE T 1 23.42 -36.70 5.24
CA PHE T 1 23.16 -35.48 4.49
C PHE T 1 23.47 -35.67 3.01
N THR T 2 24.23 -34.73 2.43
CA THR T 2 24.61 -34.75 1.03
C THR T 2 25.84 -35.61 0.78
N ALA T 3 26.43 -36.19 1.83
CA ALA T 3 27.63 -37.00 1.67
C ALA T 3 27.39 -38.18 0.73
N ASN T 4 26.24 -38.84 0.87
CA ASN T 4 25.91 -39.92 -0.07
C ASN T 4 25.75 -39.39 -1.49
N ILE T 5 25.08 -38.24 -1.64
CA ILE T 5 24.89 -37.65 -2.96
C ILE T 5 26.23 -37.24 -3.57
N LYS T 6 27.09 -36.62 -2.75
CA LYS T 6 28.41 -36.24 -3.25
C LYS T 6 29.23 -37.46 -3.63
N GLY T 7 29.16 -38.52 -2.84
CA GLY T 7 29.86 -39.74 -3.18
C GLY T 7 29.36 -40.36 -4.47
N LEU T 8 28.04 -40.36 -4.68
CA LEU T 8 27.49 -40.88 -5.93
C LEU T 8 27.92 -40.03 -7.12
N THR T 9 27.92 -38.70 -6.95
CA THR T 9 28.36 -37.83 -8.05
C THR T 9 29.83 -38.03 -8.38
N GLN T 10 30.67 -38.19 -7.35
CA GLN T 10 32.09 -38.40 -7.63
C GLN T 10 32.37 -39.80 -8.16
N ALA T 11 31.54 -40.79 -7.81
CA ALA T 11 31.65 -42.09 -8.44
C ALA T 11 31.26 -42.03 -9.91
N SER T 12 30.20 -41.28 -10.23
CA SER T 12 29.83 -41.07 -11.63
C SER T 12 30.94 -40.35 -12.38
N ARG T 13 31.60 -39.38 -11.73
CA ARG T 13 32.71 -38.69 -12.36
C ARG T 13 33.92 -39.59 -12.54
N ASN T 14 34.14 -40.54 -11.61
CA ASN T 14 35.20 -41.53 -11.81
C ASN T 14 34.87 -42.44 -12.98
N ALA T 15 33.61 -42.83 -13.12
CA ALA T 15 33.20 -43.61 -14.29
C ALA T 15 33.41 -42.82 -15.58
N ASN T 16 33.10 -41.53 -15.56
CA ASN T 16 33.32 -40.69 -16.74
C ASN T 16 34.82 -40.49 -17.01
N ASP T 17 35.63 -40.47 -15.95
CA ASP T 17 37.08 -40.47 -16.14
C ASP T 17 37.55 -41.76 -16.80
N GLY T 18 36.94 -42.88 -16.41
CA GLY T 18 37.19 -44.13 -17.13
C GLY T 18 36.77 -44.05 -18.58
N ILE T 19 35.67 -43.35 -18.85
CA ILE T 19 35.23 -43.14 -20.23
C ILE T 19 36.28 -42.33 -20.99
N SER T 20 36.83 -41.29 -20.35
CA SER T 20 37.88 -40.49 -20.96
C SER T 20 39.13 -41.33 -21.21
N ILE T 21 39.47 -42.21 -20.27
CA ILE T 21 40.59 -43.12 -20.45
C ILE T 21 40.34 -44.00 -21.67
N ALA T 22 39.13 -44.52 -21.80
CA ALA T 22 38.80 -45.35 -22.96
C ALA T 22 38.94 -44.57 -24.25
N GLN T 23 38.41 -43.34 -24.30
CA GLN T 23 38.42 -42.57 -25.54
C GLN T 23 39.85 -42.20 -25.94
N THR T 24 40.67 -41.77 -24.98
CA THR T 24 42.07 -41.51 -25.32
C THR T 24 42.79 -42.81 -25.66
N THR T 25 42.28 -43.95 -25.18
CA THR T 25 42.84 -45.23 -25.60
C THR T 25 42.56 -45.52 -27.07
N GLU T 26 41.34 -45.27 -27.56
CA GLU T 26 41.13 -45.44 -29.00
C GLU T 26 41.94 -44.43 -29.78
N GLY T 27 42.07 -43.20 -29.26
CA GLY T 27 42.90 -42.22 -29.95
C GLY T 27 44.34 -42.67 -30.09
N ALA T 28 44.94 -43.14 -28.99
CA ALA T 28 46.30 -43.63 -29.04
C ALA T 28 46.42 -44.88 -29.91
N LEU T 29 45.42 -45.77 -29.85
CA LEU T 29 45.45 -46.97 -30.67
C LEU T 29 45.42 -46.63 -32.15
N ASN T 30 44.55 -45.69 -32.54
CA ASN T 30 44.51 -45.26 -33.93
C ASN T 30 45.82 -44.61 -34.34
N GLU T 31 46.41 -43.80 -33.47
CA GLU T 31 47.67 -43.14 -33.80
C GLU T 31 48.77 -44.17 -34.02
N ILE T 32 48.93 -45.11 -33.08
CA ILE T 32 50.00 -46.09 -33.19
C ILE T 32 49.72 -47.05 -34.35
N ASN T 33 48.45 -47.27 -34.68
CA ASN T 33 48.12 -48.12 -35.81
C ASN T 33 48.45 -47.44 -37.14
N ASN T 34 48.21 -46.13 -37.23
CA ASN T 34 48.67 -45.39 -38.39
C ASN T 34 50.19 -45.42 -38.49
N ASN T 35 50.87 -45.32 -37.35
CA ASN T 35 52.33 -45.44 -37.35
C ASN T 35 52.76 -46.82 -37.84
N LEU T 36 52.06 -47.86 -37.41
CA LEU T 36 52.37 -49.22 -37.84
C LEU T 36 52.17 -49.37 -39.34
N GLN T 37 51.09 -48.80 -39.88
CA GLN T 37 50.87 -48.84 -41.31
C GLN T 37 51.98 -48.12 -42.05
N ARG T 38 52.41 -46.97 -41.53
CA ARG T 38 53.47 -46.20 -42.17
C ARG T 38 54.79 -46.99 -42.18
N VAL T 39 55.13 -47.60 -41.05
CA VAL T 39 56.42 -48.31 -40.98
C VAL T 39 56.39 -49.57 -41.83
N ARG T 40 55.25 -50.28 -41.86
CA ARG T 40 55.16 -51.44 -42.73
C ARG T 40 55.21 -51.04 -44.20
N GLU T 41 54.62 -49.89 -44.56
CA GLU T 41 54.75 -49.38 -45.90
C GLU T 41 56.21 -49.08 -46.24
N LEU T 42 56.93 -48.47 -45.30
CA LEU T 42 58.34 -48.20 -45.51
C LEU T 42 59.13 -49.50 -45.68
N ALA T 43 58.82 -50.51 -44.87
CA ALA T 43 59.53 -51.78 -44.96
C ALA T 43 59.27 -52.46 -46.31
N VAL T 44 58.02 -52.44 -46.78
CA VAL T 44 57.70 -53.02 -48.08
C VAL T 44 58.41 -52.25 -49.19
N GLN T 45 58.44 -50.91 -49.09
CA GLN T 45 59.14 -50.11 -50.09
C GLN T 45 60.63 -50.41 -50.11
N SER T 46 61.24 -50.57 -48.94
CA SER T 46 62.67 -50.81 -48.82
C SER T 46 63.07 -52.26 -49.07
N ALA T 47 62.10 -53.18 -49.13
CA ALA T 47 62.43 -54.57 -49.42
C ALA T 47 63.05 -54.69 -50.81
N ASN T 48 62.50 -54.00 -51.80
CA ASN T 48 63.09 -53.95 -53.12
C ASN T 48 64.32 -53.06 -53.12
N SER T 49 65.31 -53.42 -53.93
CA SER T 49 66.56 -52.68 -54.01
C SER T 49 66.57 -51.63 -55.10
N THR T 50 65.49 -51.51 -55.88
CA THR T 50 65.46 -50.54 -56.97
C THR T 50 65.36 -49.10 -56.45
N ASN T 51 64.64 -48.91 -55.35
CA ASN T 51 64.41 -47.56 -54.84
C ASN T 51 65.72 -46.93 -54.34
N SER T 52 65.78 -45.60 -54.42
CA SER T 52 66.98 -44.88 -54.02
C SER T 52 67.19 -44.96 -52.52
N GLN T 53 68.46 -45.07 -52.11
CA GLN T 53 68.79 -45.13 -50.69
C GLN T 53 68.54 -43.82 -49.98
N SER T 54 68.80 -42.68 -50.64
CA SER T 54 68.58 -41.39 -50.02
C SER T 54 67.12 -41.17 -49.69
N ASP T 55 66.22 -41.55 -50.61
CA ASP T 55 64.79 -41.43 -50.35
C ASP T 55 64.36 -42.30 -49.18
N LEU T 56 64.89 -43.53 -49.11
CA LEU T 56 64.56 -44.42 -48.00
C LEU T 56 65.03 -43.84 -46.67
N ASP T 57 66.25 -43.29 -46.65
CA ASP T 57 66.76 -42.69 -45.41
C ASP T 57 65.93 -41.48 -45.01
N SER T 58 65.53 -40.65 -45.98
CA SER T 58 64.70 -39.49 -45.68
C SER T 58 63.35 -39.92 -45.13
N ILE T 59 62.75 -40.97 -45.71
CA ILE T 59 61.47 -41.45 -45.21
C ILE T 59 61.62 -42.01 -43.80
N GLN T 60 62.71 -42.75 -43.53
CA GLN T 60 62.95 -43.25 -42.19
C GLN T 60 63.08 -42.10 -41.19
N ALA T 61 63.83 -41.06 -41.58
CA ALA T 61 64.01 -39.91 -40.69
C ALA T 61 62.69 -39.21 -40.43
N GLU T 62 61.87 -39.03 -41.47
CA GLU T 62 60.57 -38.41 -41.29
C GLU T 62 59.66 -39.25 -40.40
N ILE T 63 59.69 -40.56 -40.57
CA ILE T 63 58.88 -41.46 -39.74
C ILE T 63 59.29 -41.32 -38.28
N THR T 64 60.59 -41.37 -38.02
CA THR T 64 61.07 -41.23 -36.64
C THR T 64 60.69 -39.87 -36.07
N GLN T 65 60.84 -38.80 -36.86
CA GLN T 65 60.60 -37.47 -36.31
C GLN T 65 59.12 -37.23 -36.02
N ARG T 66 58.22 -37.70 -36.89
CA ARG T 66 56.82 -37.42 -36.58
C ARG T 66 56.27 -38.42 -35.56
N LEU T 67 56.85 -39.62 -35.45
CA LEU T 67 56.53 -40.48 -34.32
C LEU T 67 56.94 -39.81 -33.02
N ASN T 68 58.13 -39.21 -32.98
CA ASN T 68 58.55 -38.43 -31.84
C ASN T 68 57.60 -37.27 -31.56
N GLU T 69 57.17 -36.55 -32.60
CA GLU T 69 56.29 -35.41 -32.41
C GLU T 69 54.95 -35.84 -31.83
N ILE T 70 54.36 -36.91 -32.36
CA ILE T 70 53.07 -37.35 -31.84
C ILE T 70 53.22 -37.90 -30.42
N ASP T 71 54.31 -38.61 -30.14
CA ASP T 71 54.53 -39.10 -28.78
C ASP T 71 54.66 -37.95 -27.80
N ARG T 72 55.41 -36.90 -28.17
CA ARG T 72 55.62 -35.80 -27.23
C ARG T 72 54.37 -34.95 -27.08
N VAL T 73 53.58 -34.76 -28.14
CA VAL T 73 52.34 -34.00 -27.97
C VAL T 73 51.32 -34.81 -27.17
N SER T 74 51.34 -36.13 -27.28
CA SER T 74 50.48 -36.94 -26.43
C SER T 74 50.95 -36.93 -24.99
N GLY T 75 52.26 -36.85 -24.77
CA GLY T 75 52.80 -36.79 -23.42
C GLY T 75 52.75 -35.43 -22.76
N GLN T 76 52.52 -34.35 -23.52
CA GLN T 76 52.35 -33.03 -22.94
C GLN T 76 50.89 -32.65 -22.73
N THR T 77 49.95 -33.52 -23.13
CA THR T 77 48.52 -33.29 -22.89
C THR T 77 48.14 -34.05 -21.63
N GLN T 78 47.93 -33.32 -20.54
CA GLN T 78 47.57 -33.91 -19.26
C GLN T 78 46.13 -33.52 -18.92
N PHE T 79 45.27 -34.53 -18.75
CA PHE T 79 43.88 -34.31 -18.41
C PHE T 79 43.61 -35.05 -17.09
N ASN T 80 43.21 -34.30 -16.06
CA ASN T 80 42.85 -34.84 -14.76
C ASN T 80 43.98 -35.63 -14.10
N GLY T 81 45.22 -35.41 -14.54
CA GLY T 81 46.35 -36.08 -13.93
C GLY T 81 46.53 -37.53 -14.31
N VAL T 82 45.86 -38.00 -15.35
CA VAL T 82 45.97 -39.39 -15.81
C VAL T 82 46.51 -39.39 -17.23
N LYS T 83 47.50 -40.23 -17.48
CA LYS T 83 48.15 -40.34 -18.79
C LYS T 83 49.05 -41.57 -18.78
N VAL T 84 49.10 -42.25 -19.93
CA VAL T 84 49.77 -43.55 -20.02
C VAL T 84 51.23 -43.41 -20.46
N LEU T 85 51.46 -42.74 -21.60
CA LEU T 85 52.78 -42.75 -22.21
C LEU T 85 53.81 -41.90 -21.47
N ALA T 86 53.39 -41.11 -20.49
CA ALA T 86 54.31 -40.25 -19.76
C ALA T 86 54.66 -40.78 -18.37
N GLN T 87 53.66 -41.07 -17.55
CA GLN T 87 53.89 -41.53 -16.19
C GLN T 87 53.01 -42.74 -15.90
N ASP T 88 53.42 -43.52 -14.91
CA ASP T 88 52.67 -44.66 -14.42
C ASP T 88 51.90 -44.25 -13.17
N ASN T 89 50.59 -44.46 -13.19
CA ASN T 89 49.77 -44.07 -12.06
C ASN T 89 48.68 -45.09 -11.83
N THR T 90 48.38 -45.35 -10.56
CA THR T 90 47.31 -46.27 -10.16
C THR T 90 46.22 -45.47 -9.46
N LEU T 91 45.00 -45.57 -9.99
CA LEU T 91 43.86 -44.83 -9.47
C LEU T 91 42.89 -45.80 -8.81
N THR T 92 42.50 -45.49 -7.58
CA THR T 92 41.56 -46.31 -6.82
C THR T 92 40.28 -45.53 -6.57
N ILE T 93 39.14 -46.23 -6.70
CA ILE T 93 37.85 -45.58 -6.50
C ILE T 93 37.58 -45.41 -5.01
N GLN T 94 36.91 -44.31 -4.66
CA GLN T 94 36.62 -44.03 -3.26
C GLN T 94 35.66 -45.05 -2.69
N VAL T 95 35.73 -45.26 -1.38
CA VAL T 95 34.81 -46.15 -0.68
C VAL T 95 33.79 -45.26 0.03
N GLY T 96 32.65 -45.05 -0.64
CA GLY T 96 31.56 -44.29 -0.07
C GLY T 96 30.39 -45.17 0.32
N ALA T 97 30.69 -46.44 0.60
CA ALA T 97 29.71 -47.48 0.90
C ALA T 97 28.89 -47.85 -0.35
N ASN T 98 29.13 -47.14 -1.45
CA ASN T 98 28.50 -47.49 -2.72
C ASN T 98 29.18 -48.70 -3.36
N ASP T 99 30.48 -48.85 -3.16
CA ASP T 99 31.23 -50.01 -3.63
C ASP T 99 31.82 -50.73 -2.43
N GLY T 100 31.59 -52.04 -2.35
CA GLY T 100 32.07 -52.79 -1.19
C GLY T 100 33.57 -52.78 -1.06
N GLU T 101 34.27 -52.97 -2.19
CA GLU T 101 35.73 -52.94 -2.22
C GLU T 101 36.16 -52.01 -3.35
N THR T 102 37.31 -51.37 -3.17
CA THR T 102 37.82 -50.43 -4.17
C THR T 102 38.57 -51.18 -5.27
N ILE T 103 38.44 -50.69 -6.49
CA ILE T 103 39.12 -51.27 -7.64
C ILE T 103 40.20 -50.32 -8.11
N ASP T 104 41.30 -50.88 -8.61
CA ASP T 104 42.46 -50.10 -9.02
C ASP T 104 42.66 -50.22 -10.53
N ILE T 105 42.87 -49.07 -11.18
CA ILE T 105 43.17 -49.01 -12.61
C ILE T 105 44.60 -48.50 -12.77
N ASP T 106 45.39 -49.21 -13.57
CA ASP T 106 46.81 -48.96 -13.70
C ASP T 106 47.12 -48.42 -15.09
N LEU T 107 47.76 -47.26 -15.16
CA LEU T 107 48.22 -46.66 -16.41
C LEU T 107 49.74 -46.66 -16.35
N LYS T 108 50.34 -47.71 -16.92
CA LYS T 108 51.77 -47.93 -16.85
C LYS T 108 52.50 -47.26 -18.02
N GLN T 109 53.83 -47.25 -17.93
CA GLN T 109 54.68 -46.68 -18.96
C GLN T 109 54.54 -47.45 -20.28
N ILE T 110 54.02 -46.78 -21.30
CA ILE T 110 53.88 -47.37 -22.64
C ILE T 110 54.41 -46.35 -23.63
N ASN T 111 55.58 -46.62 -24.20
CA ASN T 111 56.18 -45.75 -25.20
C ASN T 111 56.69 -46.57 -26.38
N SER T 112 56.78 -45.91 -27.53
CA SER T 112 57.15 -46.59 -28.78
C SER T 112 58.63 -46.92 -28.87
N GLN T 113 59.49 -46.12 -28.22
CA GLN T 113 60.93 -46.33 -28.36
C GLN T 113 61.40 -47.61 -27.68
N THR T 114 60.63 -48.10 -26.70
CA THR T 114 61.01 -49.36 -26.05
C THR T 114 60.95 -50.52 -27.03
N LEU T 115 59.96 -50.54 -27.91
CA LEU T 115 59.86 -51.59 -28.91
C LEU T 115 61.00 -51.55 -29.93
N GLY T 116 61.69 -50.42 -30.01
CA GLY T 116 62.85 -50.30 -30.89
C GLY T 116 62.54 -50.05 -32.34
N LEU T 117 61.28 -49.74 -32.68
CA LEU T 117 60.94 -49.50 -34.08
C LEU T 117 61.61 -48.24 -34.61
N ASP T 118 61.77 -47.22 -33.76
CA ASP T 118 62.47 -46.01 -34.18
C ASP T 118 63.94 -46.30 -34.48
N THR T 119 64.57 -47.16 -33.66
CA THR T 119 65.98 -47.47 -33.87
C THR T 119 66.21 -48.28 -35.13
N LEU T 120 65.14 -48.79 -35.75
CA LEU T 120 65.28 -49.60 -36.95
C LEU T 120 65.91 -48.80 -38.09
N ASN T 121 66.74 -49.48 -38.87
CA ASN T 121 67.29 -48.91 -40.10
C ASN T 121 67.03 -49.89 -41.23
N VAL T 122 66.46 -49.39 -42.33
CA VAL T 122 66.08 -50.26 -43.44
C VAL T 122 67.29 -50.68 -44.29
N GLN T 123 68.32 -49.84 -44.38
CA GLN T 123 69.47 -50.11 -45.21
C GLN T 123 70.73 -50.28 -44.36
N GLN T 124 71.52 -51.30 -44.67
CA GLN T 124 72.76 -51.53 -43.95
C GLN T 124 73.76 -50.42 -44.24
N LYS T 125 74.58 -50.12 -43.23
CA LYS T 125 75.55 -49.04 -43.33
C LYS T 125 76.60 -49.35 -44.39
N TYR T 126 76.92 -48.35 -45.21
CA TYR T 126 77.95 -48.46 -46.23
C TYR T 126 79.14 -47.59 -45.83
N LYS T 127 80.34 -48.04 -46.17
CA LYS T 127 81.54 -47.28 -45.85
C LYS T 127 81.53 -45.94 -46.58
N VAL T 128 81.97 -44.90 -45.88
CA VAL T 128 81.90 -43.55 -46.41
C VAL T 128 83.05 -43.30 -47.37
N SER T 129 82.81 -42.45 -48.37
CA SER T 129 83.84 -42.10 -49.34
C SER T 129 84.89 -41.21 -48.67
N ASP T 130 86.06 -41.78 -48.38
CA ASP T 130 87.11 -41.08 -47.67
C ASP T 130 88.22 -40.71 -48.65
N THR T 131 88.64 -39.45 -48.60
CA THR T 131 89.74 -38.95 -49.42
C THR T 131 90.94 -38.65 -48.52
N ALA T 132 92.12 -39.10 -48.94
CA ALA T 132 93.34 -38.90 -48.15
C ALA T 132 94.07 -37.65 -48.61
N ALA T 133 94.58 -36.89 -47.63
CA ALA T 133 95.34 -35.67 -47.88
C ALA T 133 94.57 -34.69 -48.75
N THR T 134 93.30 -34.42 -48.38
CA THR T 134 92.50 -33.46 -49.13
C THR T 134 93.03 -32.04 -48.99
N VAL T 135 93.65 -31.72 -47.85
CA VAL T 135 94.28 -30.42 -47.61
C VAL T 135 93.27 -29.30 -47.83
N THR T 136 92.20 -29.29 -47.02
CA THR T 136 91.18 -28.25 -47.09
C THR T 136 90.90 -27.74 -45.68
N GLY T 137 90.47 -26.49 -45.59
CA GLY T 137 90.12 -25.89 -44.31
C GLY T 137 91.34 -25.43 -43.53
N TYR T 138 91.07 -24.87 -42.35
CA TYR T 138 92.10 -24.39 -41.45
C TYR T 138 91.69 -24.67 -40.01
N ALA T 139 92.64 -24.53 -39.11
CA ALA T 139 92.42 -24.70 -37.68
C ALA T 139 92.64 -23.37 -36.97
N ASP T 140 91.71 -23.00 -36.10
CA ASP T 140 91.79 -21.73 -35.40
C ASP T 140 92.82 -21.80 -34.28
N THR T 141 93.61 -20.74 -34.14
CA THR T 141 94.62 -20.65 -33.10
C THR T 141 94.49 -19.32 -32.38
N THR T 142 94.84 -19.32 -31.09
CA THR T 142 94.77 -18.13 -30.26
C THR T 142 96.13 -17.66 -29.77
N ILE T 143 97.21 -18.30 -30.23
CA ILE T 143 98.55 -17.90 -29.79
C ILE T 143 98.93 -16.59 -30.46
N ALA T 144 99.72 -15.78 -29.77
CA ALA T 144 100.15 -14.50 -30.27
C ALA T 144 101.62 -14.29 -29.94
N LEU T 145 102.28 -13.44 -30.73
CA LEU T 145 103.69 -13.17 -30.52
C LEU T 145 103.91 -12.42 -29.22
N ASP T 146 104.97 -12.80 -28.52
CA ASP T 146 105.30 -12.15 -27.24
C ASP T 146 105.84 -10.75 -27.48
N ASN T 147 105.40 -9.81 -26.64
CA ASN T 147 105.83 -8.42 -26.79
C ASN T 147 107.29 -8.26 -26.40
N SER T 148 107.72 -8.92 -25.32
CA SER T 148 109.09 -8.77 -24.85
C SER T 148 110.10 -9.26 -25.88
N THR T 149 109.84 -10.43 -26.47
CA THR T 149 110.76 -10.99 -27.44
C THR T 149 110.87 -10.11 -28.68
N PHE T 150 109.72 -9.62 -29.18
CA PHE T 150 109.74 -8.76 -30.36
C PHE T 150 110.46 -7.45 -30.06
N LYS T 151 110.22 -6.87 -28.88
CA LYS T 151 110.91 -5.64 -28.50
C LYS T 151 112.42 -5.87 -28.38
N ALA T 152 112.82 -6.99 -27.80
CA ALA T 152 114.25 -7.29 -27.68
C ALA T 152 114.89 -7.47 -29.06
N SER T 153 114.20 -8.17 -29.97
CA SER T 153 114.73 -8.33 -31.32
C SER T 153 114.85 -6.98 -32.03
N ALA T 154 113.84 -6.12 -31.87
CA ALA T 154 113.90 -4.80 -32.49
C ALA T 154 115.05 -3.98 -31.94
N THR T 155 115.25 -4.01 -30.63
CA THR T 155 116.36 -3.28 -30.02
C THR T 155 117.70 -3.82 -30.48
N GLY T 156 117.82 -5.14 -30.61
CA GLY T 156 119.05 -5.73 -31.12
C GLY T 156 119.33 -5.33 -32.56
N LEU T 157 118.29 -5.32 -33.40
CA LEU T 157 118.48 -4.93 -34.79
C LEU T 157 118.66 -3.43 -34.96
N GLY T 158 118.25 -2.63 -33.99
CA GLY T 158 118.43 -1.19 -34.04
C GLY T 158 117.15 -0.44 -34.29
N GLY T 159 117.29 0.87 -34.47
CA GLY T 159 116.17 1.74 -34.72
C GLY T 159 116.11 2.95 -33.80
N THR T 160 116.10 4.15 -34.39
CA THR T 160 116.12 5.36 -33.59
C THR T 160 114.75 5.66 -32.97
N ASP T 161 113.69 5.39 -33.71
CA ASP T 161 112.33 5.73 -33.28
C ASP T 161 111.66 4.51 -32.67
N GLN T 162 111.24 4.64 -31.41
CA GLN T 162 110.55 3.58 -30.70
C GLN T 162 109.04 3.78 -30.64
N LYS T 163 108.51 4.78 -31.34
CA LYS T 163 107.08 5.01 -31.34
C LYS T 163 106.35 3.87 -32.06
N ILE T 164 105.42 3.25 -31.35
CA ILE T 164 104.66 2.13 -31.88
C ILE T 164 103.31 2.63 -32.39
N ASP T 165 102.96 2.25 -33.61
CA ASP T 165 101.72 2.66 -34.26
C ASP T 165 100.86 1.42 -34.48
N GLY T 166 99.91 1.20 -33.58
CA GLY T 166 98.96 0.10 -33.73
C GLY T 166 99.56 -1.25 -33.40
N ASP T 167 98.74 -2.28 -33.61
CA ASP T 167 99.14 -3.65 -33.35
C ASP T 167 99.83 -4.25 -34.58
N LEU T 168 100.59 -5.31 -34.35
CA LEU T 168 101.25 -6.01 -35.44
C LEU T 168 100.20 -6.64 -36.36
N LYS T 169 100.44 -6.50 -37.67
CA LYS T 169 99.50 -7.00 -38.68
C LYS T 169 99.97 -8.36 -39.18
N PHE T 170 99.05 -9.32 -39.19
CA PHE T 170 99.33 -10.67 -39.68
C PHE T 170 98.33 -11.01 -40.78
N ASP T 171 98.80 -11.75 -41.79
CA ASP T 171 97.96 -12.20 -42.89
C ASP T 171 97.68 -13.69 -42.72
N ASP T 172 96.40 -14.05 -42.71
CA ASP T 172 96.02 -15.44 -42.51
C ASP T 172 96.40 -16.30 -43.71
N THR T 173 96.33 -15.72 -44.92
CA THR T 173 96.69 -16.47 -46.12
C THR T 173 98.17 -16.84 -46.12
N THR T 174 99.03 -15.90 -45.74
CA THR T 174 100.47 -16.14 -45.78
C THR T 174 100.89 -17.21 -44.78
N GLY T 175 100.32 -17.19 -43.58
CA GLY T 175 100.68 -18.16 -42.57
C GLY T 175 102.00 -17.91 -41.88
N LYS T 176 102.59 -16.73 -42.04
CA LYS T 176 103.86 -16.38 -41.42
C LYS T 176 103.68 -15.14 -40.56
N TYR T 177 104.30 -15.16 -39.38
CA TYR T 177 104.25 -14.00 -38.50
C TYR T 177 105.08 -12.85 -39.07
N TYR T 178 104.58 -11.63 -38.89
CA TYR T 178 105.20 -10.44 -39.43
C TYR T 178 106.05 -9.76 -38.36
N ALA T 179 107.27 -9.40 -38.72
CA ALA T 179 108.19 -8.68 -37.84
C ALA T 179 108.45 -7.31 -38.45
N LYS T 180 108.69 -6.32 -37.58
CA LYS T 180 108.93 -4.95 -38.00
C LYS T 180 110.41 -4.64 -37.87
N VAL T 181 111.02 -4.20 -38.97
CA VAL T 181 112.43 -3.81 -39.01
C VAL T 181 112.50 -2.35 -39.42
N THR T 182 113.10 -1.52 -38.57
CA THR T 182 113.23 -0.10 -38.87
C THR T 182 114.35 0.14 -39.86
N VAL T 183 114.15 1.14 -40.72
CA VAL T 183 115.16 1.56 -41.70
C VAL T 183 115.63 2.96 -41.32
N THR T 184 116.93 3.12 -41.15
CA THR T 184 117.49 4.39 -40.72
C THR T 184 117.66 5.34 -41.91
N GLY T 185 117.32 6.60 -41.70
CA GLY T 185 117.50 7.63 -42.71
C GLY T 185 116.42 7.73 -43.75
N GLY T 186 115.32 7.00 -43.59
CA GLY T 186 114.24 7.03 -44.57
C GLY T 186 112.89 7.22 -43.92
N THR T 187 112.03 7.98 -44.58
CA THR T 187 110.66 8.20 -44.12
C THR T 187 109.71 7.30 -44.90
N GLY T 188 108.92 6.51 -44.19
CA GLY T 188 108.01 5.57 -44.82
C GLY T 188 108.64 4.28 -45.28
N LYS T 189 109.93 4.08 -45.03
CA LYS T 189 110.59 2.85 -45.46
C LYS T 189 110.21 1.66 -44.57
N ASP T 190 109.51 1.91 -43.46
CA ASP T 190 109.15 0.83 -42.55
C ASP T 190 108.14 -0.12 -43.18
N GLY T 191 108.16 -1.36 -42.74
CA GLY T 191 107.22 -2.34 -43.24
C GLY T 191 107.27 -3.61 -42.42
N TYR T 192 106.22 -4.41 -42.55
CA TYR T 192 106.13 -5.70 -41.88
C TYR T 192 106.58 -6.79 -42.84
N TYR T 193 107.52 -7.62 -42.38
CA TYR T 193 108.09 -8.68 -43.20
C TYR T 193 107.72 -10.03 -42.60
N GLU T 194 107.21 -10.93 -43.45
CA GLU T 194 106.84 -12.26 -43.00
C GLU T 194 108.08 -13.12 -42.79
N VAL T 195 108.13 -13.78 -41.63
CA VAL T 195 109.29 -14.60 -41.26
C VAL T 195 108.79 -15.94 -40.73
N SER T 196 109.69 -16.92 -40.71
CA SER T 196 109.39 -18.23 -40.16
C SER T 196 109.95 -18.34 -38.75
N VAL T 197 109.09 -18.65 -37.79
CA VAL T 197 109.46 -18.74 -36.39
C VAL T 197 109.45 -20.19 -35.97
N ASP T 198 110.56 -20.65 -35.39
CA ASP T 198 110.67 -22.03 -34.93
C ASP T 198 109.72 -22.24 -33.77
N LYS T 199 108.73 -23.12 -33.97
CA LYS T 199 107.69 -23.32 -32.96
C LYS T 199 108.27 -23.88 -31.66
N THR T 200 109.14 -24.88 -31.76
CA THR T 200 109.70 -25.49 -30.56
C THR T 200 110.64 -24.53 -29.84
N ASN T 201 111.51 -23.84 -30.60
CA ASN T 201 112.44 -22.89 -29.98
C ASN T 201 111.70 -21.73 -29.35
N GLY T 202 110.70 -21.19 -30.03
CA GLY T 202 109.91 -20.09 -29.51
C GLY T 202 110.53 -18.72 -29.63
N GLU T 203 111.66 -18.60 -30.33
CA GLU T 203 112.34 -17.32 -30.51
C GLU T 203 112.42 -16.97 -31.99
N VAL T 204 112.19 -15.70 -32.30
CA VAL T 204 112.24 -15.23 -33.68
C VAL T 204 113.70 -15.07 -34.09
N THR T 205 114.07 -15.69 -35.20
CA THR T 205 115.44 -15.62 -35.73
C THR T 205 115.39 -15.11 -37.17
N LEU T 206 116.31 -14.21 -37.49
CA LEU T 206 116.35 -13.63 -38.83
C LEU T 206 116.68 -14.70 -39.86
N ALA T 207 115.96 -14.66 -40.99
CA ALA T 207 116.13 -15.64 -42.06
C ALA T 207 117.07 -15.06 -43.11
N GLY T 208 118.29 -15.59 -43.17
CA GLY T 208 119.27 -15.18 -44.15
C GLY T 208 120.10 -13.98 -43.78
N GLY T 209 119.78 -13.30 -42.69
CA GLY T 209 120.56 -12.14 -42.28
C GLY T 209 120.58 -11.01 -43.30
N ALA T 210 119.44 -10.70 -43.89
CA ALA T 210 119.34 -9.67 -44.92
C ALA T 210 118.92 -8.36 -44.26
N THR T 211 119.88 -7.44 -44.13
CA THR T 211 119.57 -6.14 -43.55
C THR T 211 118.80 -5.26 -44.55
N SER T 212 118.99 -5.50 -45.83
CA SER T 212 118.31 -4.72 -46.85
C SER T 212 116.81 -4.97 -46.78
N PRO T 213 115.98 -3.94 -46.84
CA PRO T 213 114.52 -4.16 -46.80
C PRO T 213 114.04 -4.91 -48.03
N LEU T 214 112.99 -5.70 -47.83
CA LEU T 214 112.44 -6.52 -48.91
C LEU T 214 111.77 -5.63 -49.96
N THR T 215 111.90 -6.05 -51.21
CA THR T 215 111.28 -5.33 -52.31
C THR T 215 109.76 -5.47 -52.27
N GLY T 216 109.06 -4.41 -52.66
CA GLY T 216 107.62 -4.38 -52.69
C GLY T 216 106.97 -3.73 -51.49
N GLY T 217 107.70 -3.60 -50.38
CA GLY T 217 107.14 -2.97 -49.20
C GLY T 217 105.96 -3.76 -48.65
N LEU T 218 104.87 -3.06 -48.34
CA LEU T 218 103.70 -3.72 -47.79
C LEU T 218 103.01 -4.56 -48.86
N PRO T 219 102.78 -5.84 -48.59
CA PRO T 219 102.09 -6.68 -49.58
C PRO T 219 100.68 -6.18 -49.86
N ALA T 220 100.25 -6.34 -51.11
CA ALA T 220 98.93 -5.89 -51.53
C ALA T 220 97.87 -6.98 -51.42
N THR T 221 98.23 -8.18 -50.95
CA THR T 221 97.25 -9.25 -50.81
C THR T 221 96.19 -8.89 -49.76
N ALA T 222 96.61 -8.31 -48.64
CA ALA T 222 95.70 -7.93 -47.58
C ALA T 222 95.87 -6.44 -47.28
N THR T 223 94.78 -5.68 -47.39
CA THR T 223 94.79 -4.26 -47.11
C THR T 223 93.96 -3.89 -45.89
N GLU T 224 93.19 -4.82 -45.34
CA GLU T 224 92.32 -4.57 -44.20
C GLU T 224 92.54 -5.63 -43.14
N ASP T 225 92.43 -5.23 -41.88
CA ASP T 225 92.63 -6.14 -40.77
C ASP T 225 91.52 -7.18 -40.72
N VAL T 226 91.86 -8.37 -40.23
CA VAL T 226 90.95 -9.51 -40.16
C VAL T 226 90.82 -9.92 -38.70
N LYS T 227 89.57 -10.08 -38.25
CA LYS T 227 89.34 -10.50 -36.86
C LYS T 227 89.86 -11.91 -36.63
N ASN T 228 89.65 -12.81 -37.60
CA ASN T 228 90.01 -14.21 -37.42
C ASN T 228 91.53 -14.40 -37.52
N VAL T 229 92.05 -15.31 -36.71
CA VAL T 229 93.46 -15.71 -36.76
C VAL T 229 93.50 -17.20 -37.08
N GLN T 230 94.25 -17.55 -38.13
CA GLN T 230 94.29 -18.92 -38.63
C GLN T 230 95.73 -19.43 -38.63
N VAL T 231 95.87 -20.75 -38.51
CA VAL T 231 97.15 -21.42 -38.57
C VAL T 231 97.06 -22.50 -39.65
N ALA T 232 98.21 -23.12 -39.94
CA ALA T 232 98.25 -24.17 -40.95
C ALA T 232 97.38 -25.36 -40.54
N ASN T 233 96.91 -26.10 -41.55
CA ASN T 233 96.01 -27.23 -41.34
C ASN T 233 96.73 -28.51 -40.91
N ALA T 234 97.96 -28.39 -40.42
CA ALA T 234 98.72 -29.54 -39.94
C ALA T 234 98.70 -29.68 -38.42
N ASP T 235 98.50 -28.57 -37.70
CA ASP T 235 98.55 -28.64 -36.24
C ASP T 235 97.28 -29.24 -35.66
N LEU T 236 96.13 -28.61 -35.91
CA LEU T 236 94.85 -29.03 -35.34
C LEU T 236 94.93 -29.17 -33.83
N THR T 237 95.34 -28.08 -33.18
CA THR T 237 95.51 -28.11 -31.73
C THR T 237 94.15 -28.23 -31.02
N GLU T 238 93.12 -27.57 -31.55
CA GLU T 238 91.80 -27.68 -30.93
C GLU T 238 91.23 -29.09 -31.05
N ALA T 239 91.38 -29.71 -32.23
CA ALA T 239 90.90 -31.08 -32.42
C ALA T 239 91.66 -32.05 -31.53
N LYS T 240 92.99 -31.88 -31.42
CA LYS T 240 93.77 -32.76 -30.56
C LYS T 240 93.39 -32.58 -29.09
N ALA T 241 93.17 -31.33 -28.67
CA ALA T 241 92.76 -31.09 -27.30
C ALA T 241 91.40 -31.72 -27.00
N ALA T 242 90.46 -31.58 -27.93
CA ALA T 242 89.15 -32.20 -27.74
C ALA T 242 89.26 -33.72 -27.70
N LEU T 243 90.09 -34.29 -28.57
CA LEU T 243 90.27 -35.75 -28.60
C LEU T 243 90.87 -36.24 -27.29
N THR T 244 91.88 -35.53 -26.77
CA THR T 244 92.48 -35.94 -25.50
C THR T 244 91.51 -35.78 -24.35
N ALA T 245 90.69 -34.72 -24.37
CA ALA T 245 89.69 -34.54 -23.32
C ALA T 245 88.65 -35.64 -23.35
N ALA T 246 88.22 -36.05 -24.55
CA ALA T 246 87.22 -37.10 -24.67
C ALA T 246 87.79 -38.47 -24.29
N GLY T 247 89.11 -38.62 -24.33
CA GLY T 247 89.74 -39.88 -23.99
C GLY T 247 89.81 -40.89 -25.11
N VAL T 248 89.49 -40.49 -26.34
CA VAL T 248 89.52 -41.39 -27.48
C VAL T 248 90.51 -40.85 -28.50
N THR T 249 91.49 -40.09 -28.01
CA THR T 249 92.46 -39.44 -28.89
C THR T 249 93.31 -40.47 -29.62
N GLY T 250 93.74 -40.11 -30.82
CA GLY T 250 94.61 -40.97 -31.60
C GLY T 250 94.97 -40.33 -32.92
N THR T 251 95.95 -40.92 -33.58
CA THR T 251 96.38 -40.47 -34.90
C THR T 251 95.93 -41.48 -35.95
N ALA T 252 95.17 -41.02 -36.93
CA ALA T 252 94.64 -41.88 -37.97
C ALA T 252 94.31 -41.03 -39.19
N SER T 253 94.05 -41.70 -40.31
CA SER T 253 93.73 -41.00 -41.55
C SER T 253 92.37 -40.33 -41.44
N VAL T 254 92.28 -39.11 -41.97
CA VAL T 254 91.03 -38.35 -41.89
C VAL T 254 89.98 -38.99 -42.80
N VAL T 255 88.72 -38.86 -42.40
CA VAL T 255 87.59 -39.35 -43.18
C VAL T 255 86.55 -38.25 -43.25
N LYS T 256 85.69 -38.35 -44.26
CA LYS T 256 84.65 -37.37 -44.51
C LYS T 256 83.28 -38.00 -44.31
N MET T 257 82.36 -37.23 -43.72
CA MET T 257 81.01 -37.71 -43.45
C MET T 257 80.19 -37.54 -44.72
N SER T 258 80.02 -38.62 -45.47
CA SER T 258 79.27 -38.60 -46.71
C SER T 258 78.53 -39.92 -46.84
N TYR T 259 77.64 -40.00 -47.84
CA TYR T 259 76.85 -41.19 -48.08
C TYR T 259 77.30 -41.84 -49.38
N THR T 260 77.61 -43.13 -49.30
CA THR T 260 78.11 -43.87 -50.46
C THR T 260 76.95 -44.44 -51.25
N ASP T 261 76.91 -44.13 -52.54
CA ASP T 261 75.87 -44.62 -53.44
C ASP T 261 76.47 -44.77 -54.84
N ASN T 262 75.62 -45.13 -55.79
CA ASN T 262 76.08 -45.26 -57.18
C ASN T 262 76.55 -43.92 -57.73
N ASN T 263 75.83 -42.84 -57.41
CA ASN T 263 76.21 -41.52 -57.90
C ASN T 263 77.52 -41.03 -57.29
N GLY T 264 77.92 -41.56 -56.14
CA GLY T 264 79.16 -41.15 -55.51
C GLY T 264 79.23 -39.69 -55.13
N LYS T 265 78.18 -39.15 -54.51
CA LYS T 265 78.15 -37.75 -54.13
C LYS T 265 79.20 -37.46 -53.06
N THR T 266 79.87 -36.32 -53.20
CA THR T 266 80.91 -35.89 -52.28
C THR T 266 80.37 -34.78 -51.39
N ILE T 267 80.34 -35.03 -50.09
CA ILE T 267 79.79 -34.10 -49.11
C ILE T 267 80.89 -33.67 -48.15
N ASP T 268 81.05 -32.36 -48.01
CA ASP T 268 82.03 -31.79 -47.08
C ASP T 268 81.39 -31.72 -45.69
N GLY T 269 81.54 -32.81 -44.94
CA GLY T 269 80.91 -32.92 -43.64
C GLY T 269 81.75 -32.37 -42.51
N GLY T 270 82.82 -31.67 -42.85
CA GLY T 270 83.69 -31.09 -41.83
C GLY T 270 84.90 -31.96 -41.56
N LEU T 271 85.91 -31.36 -40.95
CA LEU T 271 87.17 -32.03 -40.66
C LEU T 271 87.09 -32.66 -39.27
N ALA T 272 86.99 -33.99 -39.23
CA ALA T 272 86.99 -34.74 -37.99
C ALA T 272 87.96 -35.90 -38.11
N VAL T 273 88.82 -36.06 -37.12
CA VAL T 273 89.81 -37.14 -37.07
C VAL T 273 89.53 -37.91 -35.80
N LYS T 274 88.72 -38.96 -35.91
CA LYS T 274 88.32 -39.77 -34.75
C LYS T 274 88.54 -41.24 -35.07
N VAL T 275 89.23 -41.93 -34.15
CA VAL T 275 89.55 -43.34 -34.36
C VAL T 275 88.29 -44.19 -34.30
N GLY T 276 87.34 -43.82 -33.44
CA GLY T 276 86.15 -44.62 -33.27
C GLY T 276 85.21 -44.52 -34.45
N ASP T 277 84.26 -45.46 -34.49
CA ASP T 277 83.27 -45.47 -35.56
C ASP T 277 82.40 -44.21 -35.52
N ASP T 278 82.13 -43.71 -34.32
CA ASP T 278 81.36 -42.47 -34.19
C ASP T 278 82.14 -41.29 -34.75
N TYR T 279 81.43 -40.36 -35.36
CA TYR T 279 82.03 -39.16 -35.95
C TYR T 279 81.52 -37.94 -35.20
N TYR T 280 82.43 -37.19 -34.59
CA TYR T 280 82.06 -35.97 -33.89
C TYR T 280 82.01 -34.81 -34.88
N SER T 281 80.93 -34.04 -34.84
CA SER T 281 80.68 -33.02 -35.86
C SER T 281 81.45 -31.74 -35.52
N ALA T 282 82.27 -31.30 -36.47
CA ALA T 282 82.88 -29.97 -36.44
C ALA T 282 82.34 -29.20 -37.63
N THR T 283 81.51 -28.20 -37.37
CA THR T 283 80.70 -27.59 -38.42
C THR T 283 81.51 -26.57 -39.20
N GLN T 284 81.58 -26.77 -40.52
CA GLN T 284 82.21 -25.80 -41.40
C GLN T 284 81.17 -24.76 -41.78
N ASN T 285 81.07 -23.71 -40.98
CA ASN T 285 80.01 -22.72 -41.15
C ASN T 285 80.21 -21.93 -42.44
N LYS T 286 79.12 -21.32 -42.90
CA LYS T 286 79.12 -20.57 -44.15
C LYS T 286 79.98 -19.31 -44.10
N ASP T 287 80.38 -18.86 -42.91
CA ASP T 287 81.23 -17.68 -42.80
C ASP T 287 82.66 -17.94 -43.24
N GLY T 288 83.04 -19.20 -43.47
CA GLY T 288 84.37 -19.54 -43.91
C GLY T 288 85.29 -20.06 -42.82
N SER T 289 84.79 -20.29 -41.61
CA SER T 289 85.58 -20.77 -40.50
C SER T 289 84.93 -21.99 -39.87
N ILE T 290 85.74 -22.98 -39.52
CA ILE T 290 85.23 -24.18 -38.87
C ILE T 290 85.05 -23.91 -37.38
N SER T 291 83.92 -24.34 -36.85
CA SER T 291 83.58 -24.09 -35.45
C SER T 291 83.14 -25.39 -34.79
N ILE T 292 83.44 -25.50 -33.49
CA ILE T 292 83.04 -26.66 -32.72
C ILE T 292 81.53 -26.68 -32.58
N ASN T 293 80.93 -27.84 -32.81
CA ASN T 293 79.47 -27.99 -32.74
C ASN T 293 79.11 -28.17 -31.26
N THR T 294 79.05 -27.05 -30.54
CA THR T 294 78.66 -27.09 -29.13
C THR T 294 77.19 -27.44 -29.01
N THR T 295 76.87 -28.37 -28.11
CA THR T 295 75.51 -28.86 -27.93
C THR T 295 74.85 -28.13 -26.78
N LYS T 296 73.58 -27.79 -26.96
CA LYS T 296 72.77 -27.14 -25.92
C LYS T 296 71.50 -27.95 -25.73
N TYR T 297 71.19 -28.29 -24.48
CA TYR T 297 70.03 -29.11 -24.17
C TYR T 297 69.55 -28.80 -22.77
N THR T 298 68.24 -28.95 -22.56
CA THR T 298 67.66 -28.78 -21.24
C THR T 298 67.44 -30.13 -20.58
N ALA T 299 67.90 -30.26 -19.34
CA ALA T 299 67.80 -31.51 -18.60
C ALA T 299 67.65 -31.18 -17.11
N ASP T 300 67.69 -32.23 -16.29
CA ASP T 300 67.58 -32.04 -14.85
C ASP T 300 68.72 -31.20 -14.30
N ASP T 301 69.96 -31.48 -14.74
CA ASP T 301 71.09 -30.70 -14.27
C ASP T 301 71.08 -29.28 -14.83
N GLY T 302 70.71 -29.13 -16.10
CA GLY T 302 70.65 -27.83 -16.73
C GLY T 302 71.98 -27.29 -17.23
N THR T 303 73.06 -28.04 -17.07
CA THR T 303 74.40 -27.62 -17.49
C THR T 303 74.90 -28.54 -18.58
N SER T 304 75.29 -27.95 -19.72
CA SER T 304 75.81 -28.72 -20.83
C SER T 304 77.27 -29.06 -20.60
N LYS T 305 77.63 -30.32 -20.86
CA LYS T 305 78.99 -30.81 -20.68
C LYS T 305 79.58 -31.19 -22.02
N THR T 306 80.81 -30.73 -22.29
CA THR T 306 81.49 -31.10 -23.52
C THR T 306 81.96 -32.55 -23.43
N ALA T 307 81.54 -33.36 -24.39
CA ALA T 307 81.87 -34.79 -24.37
C ALA T 307 81.87 -35.31 -25.80
N LEU T 308 82.43 -36.50 -25.97
CA LEU T 308 82.41 -37.15 -27.27
C LEU T 308 80.99 -37.57 -27.64
N ASN T 309 80.53 -37.09 -28.79
CA ASN T 309 79.16 -37.30 -29.24
C ASN T 309 79.18 -38.38 -30.33
N LYS T 310 78.36 -39.40 -30.16
CA LYS T 310 78.29 -40.52 -31.09
C LYS T 310 77.30 -40.24 -32.21
N LEU T 311 77.31 -41.13 -33.20
CA LEU T 311 76.35 -41.05 -34.30
C LEU T 311 74.96 -41.51 -33.85
N GLY T 312 73.94 -40.98 -34.50
CA GLY T 312 72.58 -41.40 -34.24
C GLY T 312 71.72 -41.20 -35.47
N GLY T 313 70.74 -42.10 -35.63
CA GLY T 313 69.92 -42.13 -36.82
C GLY T 313 70.44 -43.12 -37.84
N ALA T 314 69.59 -43.39 -38.84
CA ALA T 314 70.01 -44.27 -39.92
C ALA T 314 71.17 -43.68 -40.71
N ASP T 315 71.11 -42.37 -40.97
CA ASP T 315 72.23 -41.70 -41.63
C ASP T 315 73.40 -41.48 -40.68
N GLY T 316 73.13 -41.41 -39.38
CA GLY T 316 74.15 -41.15 -38.39
C GLY T 316 74.45 -39.68 -38.17
N LYS T 317 73.77 -38.77 -38.87
CA LYS T 317 74.06 -37.35 -38.72
C LYS T 317 73.51 -36.76 -37.43
N THR T 318 72.60 -37.46 -36.75
CA THR T 318 72.19 -37.02 -35.41
C THR T 318 73.39 -37.10 -34.48
N GLU T 319 73.64 -36.03 -33.73
CA GLU T 319 74.88 -35.91 -32.96
C GLU T 319 74.51 -36.23 -31.52
N VAL T 320 74.46 -37.51 -31.18
CA VAL T 320 73.92 -37.97 -29.91
C VAL T 320 74.96 -37.71 -28.82
N VAL T 321 74.64 -36.84 -27.88
CA VAL T 321 75.56 -36.46 -26.82
C VAL T 321 75.57 -37.54 -25.75
N SER T 322 76.75 -37.78 -25.17
CA SER T 322 76.89 -38.71 -24.06
C SER T 322 76.94 -37.91 -22.75
N ILE T 323 76.00 -38.20 -21.85
CA ILE T 323 75.94 -37.58 -20.54
C ILE T 323 76.22 -38.65 -19.50
N GLY T 324 77.15 -38.36 -18.59
CA GLY T 324 77.50 -39.31 -17.56
C GLY T 324 78.04 -40.63 -18.07
N GLY T 325 78.55 -40.66 -19.30
CA GLY T 325 79.01 -41.87 -19.92
C GLY T 325 77.96 -42.65 -20.68
N LYS T 326 76.70 -42.20 -20.65
CA LYS T 326 75.61 -42.88 -21.35
C LYS T 326 75.09 -41.96 -22.45
N THR T 327 74.99 -42.49 -23.67
CA THR T 327 74.55 -41.67 -24.79
C THR T 327 73.04 -41.48 -24.76
N TYR T 328 72.62 -40.22 -24.78
CA TYR T 328 71.20 -39.85 -24.80
C TYR T 328 70.94 -38.98 -26.02
N ALA T 329 69.82 -39.24 -26.69
CA ALA T 329 69.49 -38.51 -27.91
C ALA T 329 69.32 -37.02 -27.62
N ALA T 330 70.27 -36.21 -28.08
CA ALA T 330 70.25 -34.78 -27.75
C ALA T 330 69.18 -34.04 -28.54
N SER T 331 68.71 -34.63 -29.64
CA SER T 331 67.72 -33.96 -30.47
C SER T 331 66.42 -33.72 -29.71
N LYS T 332 65.94 -34.73 -28.97
CA LYS T 332 64.71 -34.59 -28.22
C LYS T 332 64.93 -34.56 -26.72
N ALA T 333 66.18 -34.60 -26.25
CA ALA T 333 66.44 -34.56 -24.82
C ALA T 333 65.81 -33.33 -24.17
N GLU T 334 65.78 -32.22 -24.90
CA GLU T 334 65.08 -31.04 -24.43
C GLU T 334 63.58 -31.29 -24.43
N GLY T 335 62.94 -31.05 -23.28
CA GLY T 335 61.52 -31.32 -23.13
C GLY T 335 61.16 -32.75 -22.81
N HIS T 336 62.14 -33.62 -22.61
CA HIS T 336 61.91 -35.03 -22.32
C HIS T 336 62.43 -35.37 -20.93
N ASN T 337 61.71 -36.23 -20.21
CA ASN T 337 62.03 -36.57 -18.84
C ASN T 337 63.05 -37.70 -18.82
N PHE T 338 64.26 -37.40 -18.34
CA PHE T 338 65.30 -38.41 -18.22
C PHE T 338 65.02 -39.40 -17.10
N LYS T 339 64.32 -38.98 -16.05
CA LYS T 339 64.08 -39.87 -14.92
C LYS T 339 63.13 -41.00 -15.29
N ALA T 340 62.12 -40.71 -16.11
CA ALA T 340 61.11 -41.72 -16.45
C ALA T 340 61.75 -42.91 -17.17
N GLN T 341 62.66 -42.63 -18.10
CA GLN T 341 63.34 -43.67 -18.87
C GLN T 341 64.84 -43.58 -18.63
N PRO T 342 65.38 -44.31 -17.65
CA PRO T 342 66.83 -44.26 -17.40
C PRO T 342 67.67 -44.73 -18.58
N ASP T 343 67.16 -45.69 -19.36
CA ASP T 343 67.89 -46.26 -20.50
C ASP T 343 67.12 -45.89 -21.76
N LEU T 344 67.42 -44.71 -22.31
CA LEU T 344 66.76 -44.24 -23.51
C LEU T 344 67.33 -44.95 -24.74
N ALA T 345 66.45 -45.39 -25.64
CA ALA T 345 66.87 -46.05 -26.86
C ALA T 345 67.63 -45.08 -27.76
N GLU T 346 68.58 -45.62 -28.51
CA GLU T 346 69.40 -44.83 -29.41
C GLU T 346 69.74 -45.67 -30.63
N ALA T 347 70.41 -45.04 -31.59
CA ALA T 347 70.88 -45.76 -32.76
C ALA T 347 72.06 -46.64 -32.39
N ALA T 348 71.85 -47.95 -32.43
CA ALA T 348 72.91 -48.89 -32.09
C ALA T 348 73.99 -48.88 -33.17
N ALA T 349 75.13 -49.49 -32.84
CA ALA T 349 76.21 -49.60 -33.81
C ALA T 349 75.78 -50.44 -35.00
N THR T 350 76.32 -50.11 -36.17
CA THR T 350 75.97 -50.75 -37.45
C THR T 350 74.48 -50.52 -37.66
N THR T 351 73.70 -51.55 -37.98
CA THR T 351 72.28 -51.40 -38.29
C THR T 351 71.46 -52.41 -37.52
N THR T 352 70.18 -52.11 -37.36
CA THR T 352 69.23 -52.98 -36.67
C THR T 352 68.32 -53.63 -37.70
N GLU T 353 68.58 -54.89 -38.00
CA GLU T 353 67.85 -55.63 -39.02
C GLU T 353 66.70 -56.42 -38.37
N ASN T 354 66.12 -57.33 -39.16
CA ASN T 354 64.99 -58.17 -38.77
C ASN T 354 63.80 -57.31 -38.37
N PRO T 355 63.18 -56.59 -39.31
CA PRO T 355 62.02 -55.76 -38.93
C PRO T 355 60.79 -56.59 -38.58
N LEU T 356 60.72 -57.84 -39.03
CA LEU T 356 59.49 -58.62 -38.87
C LEU T 356 59.15 -58.86 -37.41
N GLN T 357 60.16 -59.19 -36.59
CA GLN T 357 59.90 -59.41 -35.17
C GLN T 357 59.48 -58.13 -34.47
N LYS T 358 60.01 -56.98 -34.90
CA LYS T 358 59.59 -55.72 -34.31
C LYS T 358 58.17 -55.34 -34.74
N ILE T 359 57.78 -55.67 -35.97
CA ILE T 359 56.38 -55.48 -36.37
C ILE T 359 55.47 -56.39 -35.56
N ASP T 360 55.92 -57.62 -35.30
CA ASP T 360 55.15 -58.52 -34.44
C ASP T 360 55.01 -57.95 -33.04
N ALA T 361 56.08 -57.37 -32.50
CA ALA T 361 56.02 -56.73 -31.19
C ALA T 361 55.04 -55.54 -31.21
N ALA T 362 55.05 -54.76 -32.29
CA ALA T 362 54.14 -53.62 -32.38
C ALA T 362 52.69 -54.08 -32.43
N LEU T 363 52.39 -55.13 -33.20
CA LEU T 363 51.02 -55.63 -33.24
C LEU T 363 50.62 -56.27 -31.91
N ALA T 364 51.58 -56.88 -31.20
CA ALA T 364 51.29 -57.36 -29.85
C ALA T 364 50.98 -56.20 -28.91
N GLN T 365 51.70 -55.09 -29.07
CA GLN T 365 51.39 -53.89 -28.29
C GLN T 365 49.99 -53.39 -28.60
N VAL T 366 49.60 -53.41 -29.88
CA VAL T 366 48.24 -53.04 -30.25
C VAL T 366 47.22 -53.97 -29.60
N ASP T 367 47.52 -55.28 -29.60
CA ASP T 367 46.61 -56.25 -29.00
C ASP T 367 46.46 -56.03 -27.50
N THR T 368 47.56 -55.76 -26.80
CA THR T 368 47.44 -55.53 -25.36
C THR T 368 46.77 -54.19 -25.08
N LEU T 369 46.96 -53.20 -25.96
CA LEU T 369 46.24 -51.94 -25.79
C LEU T 369 44.74 -52.12 -25.95
N ARG T 370 44.31 -52.89 -26.96
CA ARG T 370 42.88 -53.12 -27.12
C ARG T 370 42.32 -53.98 -25.99
N SER T 371 43.14 -54.91 -25.47
CA SER T 371 42.70 -55.70 -24.32
C SER T 371 42.49 -54.82 -23.09
N ASP T 372 43.44 -53.92 -22.82
CA ASP T 372 43.26 -52.98 -21.72
C ASP T 372 42.07 -52.05 -21.96
N LEU T 373 41.86 -51.67 -23.22
CA LEU T 373 40.71 -50.84 -23.56
C LEU T 373 39.40 -51.55 -23.22
N GLY T 374 39.30 -52.83 -23.60
CA GLY T 374 38.10 -53.60 -23.27
C GLY T 374 37.93 -53.80 -21.77
N ALA T 375 39.05 -54.02 -21.06
CA ALA T 375 39.00 -54.15 -19.62
C ALA T 375 38.46 -52.87 -18.97
N VAL T 376 38.99 -51.72 -19.38
CA VAL T 376 38.51 -50.45 -18.83
C VAL T 376 37.06 -50.22 -19.23
N GLN T 377 36.68 -50.63 -20.45
CA GLN T 377 35.31 -50.43 -20.91
C GLN T 377 34.33 -51.19 -20.03
N ASN T 378 34.56 -52.49 -19.83
CA ASN T 378 33.66 -53.24 -18.94
C ASN T 378 33.77 -52.75 -17.51
N ARG T 379 34.93 -52.21 -17.12
CA ARG T 379 35.09 -51.66 -15.78
C ARG T 379 34.13 -50.50 -15.54
N PHE T 380 34.13 -49.49 -16.42
CA PHE T 380 33.20 -48.40 -16.14
C PHE T 380 31.78 -48.74 -16.56
N ASN T 381 31.57 -49.77 -17.38
CA ASN T 381 30.21 -50.23 -17.62
C ASN T 381 29.61 -50.82 -16.34
N SER T 382 30.40 -51.64 -15.62
CA SER T 382 29.95 -52.14 -14.33
C SER T 382 29.75 -51.00 -13.35
N ALA T 383 30.66 -50.03 -13.34
CA ALA T 383 30.48 -48.87 -12.46
C ALA T 383 29.20 -48.12 -12.79
N ILE T 384 28.91 -47.93 -14.08
CA ILE T 384 27.73 -47.18 -14.48
C ILE T 384 26.45 -47.91 -14.09
N THR T 385 26.39 -49.22 -14.33
CA THR T 385 25.17 -49.94 -13.96
C THR T 385 25.01 -49.97 -12.44
N ASN T 386 26.11 -50.10 -11.70
CA ASN T 386 26.01 -50.09 -10.24
C ASN T 386 25.52 -48.73 -9.73
N LEU T 387 26.04 -47.64 -10.28
CA LEU T 387 25.61 -46.33 -9.81
C LEU T 387 24.17 -46.03 -10.22
N GLY T 388 23.76 -46.50 -11.39
CA GLY T 388 22.36 -46.34 -11.78
C GLY T 388 21.43 -47.10 -10.84
N ASN T 389 21.78 -48.35 -10.51
CA ASN T 389 20.98 -49.10 -9.56
C ASN T 389 20.94 -48.41 -8.21
N THR T 390 22.10 -47.90 -7.76
CA THR T 390 22.14 -47.21 -6.47
C THR T 390 21.24 -45.96 -6.49
N VAL T 391 21.29 -45.19 -7.58
CA VAL T 391 20.50 -43.97 -7.66
C VAL T 391 19.01 -44.28 -7.67
N ASN T 392 18.59 -45.27 -8.46
CA ASN T 392 17.16 -45.58 -8.52
C ASN T 392 16.68 -46.19 -7.20
N ASN T 393 17.51 -47.01 -6.56
CA ASN T 393 17.15 -47.53 -5.24
C ASN T 393 17.02 -46.40 -4.22
N LEU T 394 17.95 -45.45 -4.25
CA LEU T 394 17.90 -44.32 -3.33
C LEU T 394 16.64 -43.48 -3.55
N THR T 395 16.31 -43.20 -4.81
CA THR T 395 15.13 -42.38 -5.07
C THR T 395 13.84 -43.12 -4.73
N SER T 396 13.79 -44.43 -4.96
CA SER T 396 12.62 -45.20 -4.55
C SER T 396 12.47 -45.21 -3.04
N ALA T 397 13.58 -45.38 -2.31
CA ALA T 397 13.53 -45.36 -0.85
C ALA T 397 13.09 -43.98 -0.35
N ARG T 398 13.62 -42.91 -0.93
CA ARG T 398 13.25 -41.56 -0.50
C ARG T 398 11.78 -41.29 -0.77
N SER T 399 11.27 -41.74 -1.93
CA SER T 399 9.84 -41.61 -2.20
C SER T 399 9.01 -42.40 -1.21
N ARG T 400 9.46 -43.61 -0.86
CA ARG T 400 8.74 -44.42 0.12
C ARG T 400 8.74 -43.77 1.49
N ILE T 401 9.86 -43.19 1.90
CA ILE T 401 9.96 -42.53 3.19
C ILE T 401 9.35 -41.14 3.12
#